data_2VDA
#
_entry.id   2VDA
#
_cell.length_a   1.000
_cell.length_b   1.000
_cell.length_c   1.000
_cell.angle_alpha   90.00
_cell.angle_beta   90.00
_cell.angle_gamma   90.00
#
_symmetry.space_group_name_H-M   'P 1'
#
loop_
_entity.id
_entity.type
_entity.pdbx_description
1 polymer 'TRANSLOCASE SUBUNIT SECA'
2 polymer MALTOPORIN
#
loop_
_entity_poly.entity_id
_entity_poly.type
_entity_poly.pdbx_seq_one_letter_code
_entity_poly.pdbx_strand_id
1 'polypeptide(L)'
;VFGSRNDRTLRRMRKVVNIINAMEPEMEKLSDEELKGKTAEFRARLEKGEVLENLIPEAFAVVREASKRVFGMRHFDVQL
LGGMVLNERCIAEMRTGEGKTLTATLPAYLNALTGKGVHVVTVNDYLAQRDAENNRPLFEFLGLTVGINLPGMPAPAKRE
AYAADITYGTNNEYGFDYLRDNMAFSPEERVQRKLHYALVDEVDSILIDEARTPLIISGPAEDSSEMYKRVNKIIPHLIR
QEKEDSETFQGEGHFSVDEKSRQVNLTERGLVLIEELLVKEGIMDEGESLYSPANIMLMHHVTAALRAHALFTRDVDYIV
KDGEVIIVDEHTGRTMQGRRWSDGLHQAVEAKEGVQIQNENQTLASITFQNYFRLYEKLAGMTGTADTEAFEFSSIYKLD
TVVVPTNRPMIRKDLPDLVYMTEAEKIQAIIEDIKERTAKGQPVLVGTISIEKSELVSNELTKAGIKHNVLNAKFHANEA
AIVAQAGYPAAVTIATNMAGRGTDIVLGGSWQAEVAALENPTAEQIEKIKADWQVRHDAVLEAGGLHIIGTERHESRRID
NQLRGRSGRQGDAGSSRFYLSMEDALMRIFASDRVSGMMRKLGMKPGEAIEHPWVTKAIANAQRKVESRNFDIRKQLLEY
DDVANDQRRAIYSQRNELLDVSDVSETINSIREDVFKATIDAYIPPQSLEEMWDIPGLQERLKNDFDLDLPIAEWLDKEP
ELHEETLRERILAQSIEVYQRKEEVVGAEMMRHFEKGVMLQTLDSLWKEHLAAMDYLRQGIHLRGYAQKDPKQEYKRESF
SMFAAMLESLKYEVISTLSKVQVRMPEE
;
A
2 'polypeptide(L)' MMITLRKRRKLPLAVAVAAGVMSAQAMA B
#
# COMPACT_ATOMS: atom_id res chain seq x y z
N VAL A 1 12.76 14.74 -21.07
CA VAL A 1 12.02 16.02 -21.12
C VAL A 1 12.99 17.18 -21.08
N PHE A 2 12.59 18.31 -21.66
CA PHE A 2 13.43 19.50 -21.68
C PHE A 2 12.60 20.73 -21.37
N GLY A 3 13.21 21.68 -20.67
CA GLY A 3 12.53 22.90 -20.31
C GLY A 3 12.33 23.02 -18.82
N SER A 4 12.56 24.22 -18.29
CA SER A 4 12.41 24.49 -16.87
C SER A 4 11.06 24.03 -16.36
N ARG A 5 11.09 23.25 -15.29
CA ARG A 5 9.88 22.71 -14.69
C ARG A 5 8.98 23.82 -14.15
N ASN A 6 7.67 23.62 -14.30
CA ASN A 6 6.64 24.55 -13.84
C ASN A 6 6.59 25.81 -14.70
N ASP A 7 7.49 26.76 -14.41
CA ASP A 7 7.54 28.05 -15.11
C ASP A 7 7.55 27.89 -16.63
N ARG A 8 8.60 27.31 -17.18
CA ARG A 8 8.72 27.14 -18.62
C ARG A 8 7.74 26.09 -19.14
N THR A 9 7.39 25.14 -18.29
CA THR A 9 6.46 24.08 -18.67
C THR A 9 5.09 24.65 -19.05
N LEU A 10 4.66 25.67 -18.32
CA LEU A 10 3.36 26.30 -18.57
C LEU A 10 3.28 26.87 -19.98
N ARG A 11 4.29 27.65 -20.39
CA ARG A 11 4.28 28.24 -21.73
C ARG A 11 4.61 27.20 -22.80
N ARG A 12 5.40 26.20 -22.43
CA ARG A 12 5.77 25.14 -23.38
C ARG A 12 4.52 24.37 -23.79
N MET A 13 3.65 24.11 -22.83
CA MET A 13 2.41 23.40 -23.09
C MET A 13 1.48 24.26 -23.94
N ARG A 14 1.52 25.57 -23.70
CA ARG A 14 0.69 26.52 -24.43
C ARG A 14 1.02 26.48 -25.92
N LYS A 15 2.29 26.28 -26.24
CA LYS A 15 2.75 26.22 -27.62
C LYS A 15 2.03 25.11 -28.37
N VAL A 16 1.85 23.97 -27.70
CA VAL A 16 1.17 22.83 -28.30
C VAL A 16 -0.33 23.07 -28.36
N VAL A 17 -0.87 23.67 -27.29
CA VAL A 17 -2.30 23.99 -27.21
C VAL A 17 -2.73 24.86 -28.38
N ASN A 18 -1.86 25.80 -28.77
CA ASN A 18 -2.14 26.69 -29.88
C ASN A 18 -2.30 25.89 -31.17
N ILE A 19 -1.38 24.95 -31.39
CA ILE A 19 -1.42 24.10 -32.57
C ILE A 19 -2.71 23.30 -32.62
N ILE A 20 -3.09 22.73 -31.48
CA ILE A 20 -4.31 21.94 -31.37
C ILE A 20 -5.53 22.79 -31.72
N ASN A 21 -5.55 24.02 -31.22
CA ASN A 21 -6.64 24.95 -31.47
C ASN A 21 -6.72 25.35 -32.94
N ALA A 22 -5.56 25.44 -33.57
CA ALA A 22 -5.49 25.82 -34.97
C ALA A 22 -5.90 24.66 -35.89
N MET A 23 -5.57 23.45 -35.47
CA MET A 23 -5.88 22.26 -36.25
C MET A 23 -7.32 21.80 -36.00
N GLU A 24 -7.97 22.39 -35.00
CA GLU A 24 -9.35 22.03 -34.67
C GLU A 24 -10.31 22.25 -35.85
N PRO A 25 -10.31 23.45 -36.50
CA PRO A 25 -11.18 23.71 -37.65
C PRO A 25 -10.99 22.68 -38.75
N GLU A 26 -9.76 22.18 -38.88
CA GLU A 26 -9.42 21.17 -39.87
C GLU A 26 -10.03 19.82 -39.48
N MET A 27 -10.00 19.51 -38.19
CA MET A 27 -10.55 18.26 -37.68
C MET A 27 -12.06 18.23 -37.89
N GLU A 28 -12.71 19.40 -37.78
CA GLU A 28 -14.15 19.50 -37.95
C GLU A 28 -14.55 19.18 -39.39
N LYS A 29 -13.57 19.16 -40.28
CA LYS A 29 -13.80 18.86 -41.68
C LYS A 29 -13.58 17.38 -41.96
N LEU A 30 -13.06 16.68 -40.96
CA LEU A 30 -12.81 15.25 -41.09
C LEU A 30 -14.04 14.47 -40.67
N SER A 31 -14.32 13.39 -41.37
CA SER A 31 -15.48 12.57 -41.06
C SER A 31 -15.23 11.75 -39.80
N ASP A 32 -16.30 11.16 -39.26
CA ASP A 32 -16.21 10.36 -38.04
C ASP A 32 -15.26 9.18 -38.22
N GLU A 33 -15.34 8.52 -39.37
CA GLU A 33 -14.48 7.39 -39.64
C GLU A 33 -13.02 7.82 -39.85
N GLU A 34 -12.83 9.10 -40.16
CA GLU A 34 -11.48 9.63 -40.37
C GLU A 34 -10.78 9.80 -39.03
N LEU A 35 -11.53 10.20 -38.01
CA LEU A 35 -10.97 10.36 -36.68
C LEU A 35 -10.46 9.01 -36.20
N LYS A 36 -11.25 7.99 -36.49
CA LYS A 36 -10.93 6.62 -36.15
C LYS A 36 -9.69 6.18 -36.93
N GLY A 37 -9.57 6.68 -38.15
CA GLY A 37 -8.44 6.37 -39.00
C GLY A 37 -7.16 7.02 -38.51
N LYS A 38 -7.29 8.16 -37.84
CA LYS A 38 -6.13 8.86 -37.32
C LYS A 38 -5.57 8.11 -36.13
N THR A 39 -6.46 7.53 -35.33
CA THR A 39 -6.05 6.75 -34.17
C THR A 39 -5.19 5.57 -34.60
N ALA A 40 -5.65 4.87 -35.65
CA ALA A 40 -4.91 3.73 -36.19
C ALA A 40 -3.62 4.21 -36.83
N GLU A 41 -3.67 5.40 -37.41
CA GLU A 41 -2.51 5.99 -38.06
C GLU A 41 -1.40 6.23 -37.04
N PHE A 42 -1.78 6.76 -35.88
CA PHE A 42 -0.82 7.04 -34.82
C PHE A 42 -0.14 5.75 -34.38
N ARG A 43 -0.91 4.67 -34.34
CA ARG A 43 -0.39 3.36 -33.94
C ARG A 43 0.72 2.94 -34.89
N ALA A 44 0.47 3.12 -36.18
CA ALA A 44 1.44 2.77 -37.21
C ALA A 44 2.65 3.70 -37.17
N ARG A 45 2.38 5.00 -37.02
CA ARG A 45 3.43 6.00 -36.97
C ARG A 45 4.36 5.78 -35.77
N LEU A 46 3.79 5.34 -34.66
CA LEU A 46 4.56 5.07 -33.45
C LEU A 46 5.62 4.01 -33.70
N GLU A 47 5.26 3.00 -34.49
CA GLU A 47 6.18 1.92 -34.81
C GLU A 47 7.06 2.28 -36.01
N LYS A 48 6.66 3.32 -36.71
CA LYS A 48 7.40 3.79 -37.87
C LYS A 48 8.62 4.58 -37.41
N GLY A 49 8.37 5.56 -36.56
CA GLY A 49 9.44 6.40 -36.03
C GLY A 49 8.90 7.73 -35.54
N GLU A 50 7.81 7.68 -34.80
CA GLU A 50 7.19 8.89 -34.27
C GLU A 50 7.21 8.87 -32.74
N VAL A 51 7.50 10.01 -32.14
CA VAL A 51 7.54 10.13 -30.70
C VAL A 51 6.14 10.40 -30.16
N LEU A 52 5.79 9.75 -29.06
CA LEU A 52 4.47 9.92 -28.45
C LEU A 52 4.23 11.39 -28.09
N GLU A 53 5.22 12.02 -27.51
CA GLU A 53 5.16 13.42 -27.12
C GLU A 53 5.01 14.34 -28.34
N ASN A 54 5.33 13.81 -29.51
CA ASN A 54 5.23 14.60 -30.75
C ASN A 54 3.86 14.40 -31.38
N LEU A 55 3.15 13.39 -30.93
CA LEU A 55 1.82 13.08 -31.45
C LEU A 55 0.74 13.86 -30.71
N ILE A 56 1.13 14.53 -29.62
CA ILE A 56 0.21 15.30 -28.80
C ILE A 56 -0.66 16.28 -29.61
N PRO A 57 -0.06 17.14 -30.49
CA PRO A 57 -0.84 18.11 -31.30
C PRO A 57 -1.99 17.47 -32.05
N GLU A 58 -1.71 16.37 -32.74
CA GLU A 58 -2.72 15.69 -33.53
C GLU A 58 -3.65 14.86 -32.66
N ALA A 59 -3.09 14.14 -31.70
CA ALA A 59 -3.85 13.29 -30.80
C ALA A 59 -4.90 14.07 -30.02
N PHE A 60 -4.47 15.14 -29.36
CA PHE A 60 -5.37 15.96 -28.55
C PHE A 60 -6.44 16.61 -29.42
N ALA A 61 -6.09 16.93 -30.66
CA ALA A 61 -7.04 17.53 -31.59
C ALA A 61 -8.15 16.55 -31.89
N VAL A 62 -7.78 15.29 -32.12
CA VAL A 62 -8.76 14.25 -32.42
C VAL A 62 -9.70 14.06 -31.24
N VAL A 63 -9.13 14.06 -30.03
CA VAL A 63 -9.92 13.89 -28.82
C VAL A 63 -10.92 15.04 -28.66
N ARG A 64 -10.45 16.25 -28.91
CA ARG A 64 -11.31 17.44 -28.81
C ARG A 64 -12.45 17.35 -29.82
N GLU A 65 -12.12 16.89 -31.02
CA GLU A 65 -13.11 16.75 -32.09
C GLU A 65 -14.13 15.67 -31.77
N ALA A 66 -13.64 14.47 -31.44
CA ALA A 66 -14.50 13.33 -31.12
C ALA A 66 -15.44 13.66 -29.96
N SER A 67 -14.93 14.33 -28.94
CA SER A 67 -15.74 14.69 -27.78
C SER A 67 -16.90 15.61 -28.15
N LYS A 68 -16.71 16.45 -29.16
CA LYS A 68 -17.76 17.37 -29.60
C LYS A 68 -18.88 16.62 -30.31
N ARG A 69 -18.59 15.42 -30.80
CA ARG A 69 -19.58 14.63 -31.53
C ARG A 69 -20.18 13.54 -30.64
N VAL A 70 -19.42 13.09 -29.64
CA VAL A 70 -19.89 12.04 -28.74
C VAL A 70 -20.62 12.63 -27.53
N PHE A 71 -19.98 13.58 -26.85
CA PHE A 71 -20.57 14.20 -25.67
C PHE A 71 -21.09 15.59 -25.98
N GLY A 72 -20.48 16.23 -26.97
CA GLY A 72 -20.86 17.57 -27.34
C GLY A 72 -20.15 18.60 -26.51
N MET A 73 -19.16 18.16 -25.76
CA MET A 73 -18.39 19.05 -24.91
C MET A 73 -16.97 19.20 -25.41
N ARG A 74 -16.58 20.44 -25.69
CA ARG A 74 -15.24 20.72 -26.18
C ARG A 74 -14.26 20.83 -25.01
N HIS A 75 -13.11 20.18 -25.14
CA HIS A 75 -12.10 20.23 -24.09
C HIS A 75 -11.48 21.62 -24.03
N PHE A 76 -11.69 22.30 -22.91
CA PHE A 76 -11.17 23.65 -22.73
C PHE A 76 -9.65 23.69 -22.82
N ASP A 77 -9.11 24.86 -23.15
CA ASP A 77 -7.66 25.03 -23.29
C ASP A 77 -6.95 24.73 -21.98
N VAL A 78 -7.57 25.11 -20.86
CA VAL A 78 -6.99 24.86 -19.55
C VAL A 78 -6.90 23.35 -19.28
N GLN A 79 -7.86 22.61 -19.82
CA GLN A 79 -7.88 21.16 -19.66
C GLN A 79 -6.80 20.53 -20.51
N LEU A 80 -6.53 21.13 -21.66
CA LEU A 80 -5.50 20.64 -22.58
C LEU A 80 -4.15 20.72 -21.89
N LEU A 81 -3.94 21.79 -21.13
CA LEU A 81 -2.69 21.99 -20.40
C LEU A 81 -2.50 20.88 -19.38
N GLY A 82 -3.52 20.67 -18.54
CA GLY A 82 -3.46 19.66 -17.52
C GLY A 82 -3.31 18.26 -18.11
N GLY A 83 -4.12 17.97 -19.12
CA GLY A 83 -4.07 16.66 -19.76
C GLY A 83 -2.72 16.39 -20.40
N MET A 84 -2.08 17.44 -20.88
CA MET A 84 -0.78 17.32 -21.52
C MET A 84 0.30 17.02 -20.48
N VAL A 85 0.17 17.66 -19.32
CA VAL A 85 1.12 17.46 -18.23
C VAL A 85 1.00 16.04 -17.66
N LEU A 86 -0.21 15.50 -17.73
CA LEU A 86 -0.49 14.16 -17.23
C LEU A 86 0.17 13.08 -18.10
N ASN A 87 0.82 13.50 -19.19
CA ASN A 87 1.52 12.56 -20.05
C ASN A 87 2.90 12.27 -19.49
N GLU A 88 3.37 13.18 -18.64
CA GLU A 88 4.66 13.05 -18.01
C GLU A 88 4.51 12.37 -16.66
N ARG A 89 5.53 12.49 -15.81
CA ARG A 89 5.49 11.90 -14.49
C ARG A 89 5.33 13.02 -13.47
N CYS A 90 4.24 13.77 -13.62
CA CYS A 90 3.98 14.91 -12.75
C CYS A 90 2.55 14.86 -12.21
N ILE A 91 2.30 15.65 -11.18
CA ILE A 91 0.98 15.73 -10.57
C ILE A 91 0.37 17.10 -10.88
N ALA A 92 -0.84 17.09 -11.42
CA ALA A 92 -1.52 18.33 -11.77
C ALA A 92 -2.65 18.67 -10.81
N GLU A 93 -2.62 19.89 -10.30
CA GLU A 93 -3.65 20.37 -9.38
C GLU A 93 -4.85 20.84 -10.17
N MET A 94 -6.02 20.28 -9.85
CA MET A 94 -7.24 20.63 -10.54
C MET A 94 -8.26 21.19 -9.56
N ARG A 95 -8.74 22.40 -9.85
CA ARG A 95 -9.72 23.06 -9.00
C ARG A 95 -11.08 22.35 -9.11
N THR A 96 -11.86 22.44 -8.05
CA THR A 96 -13.16 21.82 -8.00
C THR A 96 -14.14 22.45 -9.01
N GLY A 97 -14.41 21.72 -10.09
CA GLY A 97 -15.33 22.21 -11.09
C GLY A 97 -14.74 22.26 -12.49
N GLU A 98 -13.42 22.24 -12.60
CA GLU A 98 -12.75 22.31 -13.91
C GLU A 98 -13.17 21.16 -14.82
N GLY A 99 -13.27 19.95 -14.28
CA GLY A 99 -13.67 18.81 -15.08
C GLY A 99 -12.57 17.77 -15.18
N LYS A 100 -12.52 16.88 -14.19
CA LYS A 100 -11.50 15.84 -14.16
C LYS A 100 -11.67 14.85 -15.30
N THR A 101 -12.89 14.39 -15.52
CA THR A 101 -13.17 13.43 -16.58
C THR A 101 -12.90 14.03 -17.97
N LEU A 102 -13.05 15.34 -18.09
CA LEU A 102 -12.84 16.01 -19.36
C LEU A 102 -11.37 16.40 -19.53
N THR A 103 -10.52 15.96 -18.62
CA THR A 103 -9.10 16.24 -18.69
C THR A 103 -8.29 14.96 -18.76
N ALA A 104 -8.66 13.98 -17.94
CA ALA A 104 -7.98 12.70 -17.89
C ALA A 104 -8.15 11.88 -19.16
N THR A 105 -9.13 12.27 -19.98
CA THR A 105 -9.40 11.57 -21.22
C THR A 105 -8.33 11.83 -22.28
N LEU A 106 -7.61 12.93 -22.13
CA LEU A 106 -6.57 13.31 -23.08
C LEU A 106 -5.30 12.44 -22.94
N PRO A 107 -4.66 12.39 -21.75
CA PRO A 107 -3.45 11.58 -21.56
C PRO A 107 -3.71 10.09 -21.74
N ALA A 108 -4.95 9.69 -21.46
CA ALA A 108 -5.35 8.30 -21.60
C ALA A 108 -5.30 7.87 -23.05
N TYR A 109 -5.90 8.66 -23.93
CA TYR A 109 -5.92 8.36 -25.36
C TYR A 109 -4.51 8.35 -25.93
N LEU A 110 -3.72 9.34 -25.54
CA LEU A 110 -2.36 9.47 -26.02
C LEU A 110 -1.51 8.26 -25.66
N ASN A 111 -1.47 7.90 -24.39
CA ASN A 111 -0.67 6.76 -23.93
C ASN A 111 -1.27 5.44 -24.39
N ALA A 112 -2.57 5.43 -24.68
CA ALA A 112 -3.25 4.22 -25.13
C ALA A 112 -2.76 3.81 -26.52
N LEU A 113 -2.32 4.79 -27.29
CA LEU A 113 -1.83 4.55 -28.64
C LEU A 113 -0.63 3.61 -28.64
N THR A 114 0.10 3.55 -27.54
CA THR A 114 1.26 2.68 -27.43
C THR A 114 0.84 1.21 -27.35
N GLY A 115 -0.41 0.98 -26.95
CA GLY A 115 -0.94 -0.36 -26.84
C GLY A 115 -0.41 -1.10 -25.62
N LYS A 116 0.33 -0.39 -24.77
CA LYS A 116 0.89 -1.02 -23.58
C LYS A 116 -0.17 -1.13 -22.48
N GLY A 117 -1.18 -0.28 -22.54
CA GLY A 117 -2.25 -0.33 -21.56
C GLY A 117 -2.20 0.80 -20.56
N VAL A 118 -3.23 1.62 -20.57
CA VAL A 118 -3.34 2.75 -19.64
C VAL A 118 -4.01 2.28 -18.36
N HIS A 119 -3.28 2.30 -17.27
CA HIS A 119 -3.82 1.86 -15.99
C HIS A 119 -4.39 3.03 -15.20
N VAL A 120 -5.71 3.17 -15.23
CA VAL A 120 -6.39 4.23 -14.51
C VAL A 120 -6.75 3.76 -13.10
N VAL A 121 -6.26 4.50 -12.12
CA VAL A 121 -6.51 4.16 -10.73
C VAL A 121 -7.61 5.05 -10.14
N THR A 122 -8.68 4.43 -9.69
CA THR A 122 -9.79 5.17 -9.11
C THR A 122 -9.88 4.93 -7.60
N VAL A 123 -10.52 5.85 -6.89
CA VAL A 123 -10.65 5.75 -5.43
C VAL A 123 -11.64 4.65 -5.03
N ASN A 124 -12.65 4.41 -5.87
CA ASN A 124 -13.64 3.40 -5.58
C ASN A 124 -14.13 2.72 -6.85
N ASP A 125 -14.93 1.67 -6.70
CA ASP A 125 -15.45 0.92 -7.84
C ASP A 125 -16.55 1.70 -8.55
N TYR A 126 -17.24 2.57 -7.81
CA TYR A 126 -18.31 3.37 -8.36
C TYR A 126 -17.80 4.22 -9.52
N LEU A 127 -16.82 5.07 -9.23
CA LEU A 127 -16.26 5.95 -10.24
C LEU A 127 -15.53 5.15 -11.31
N ALA A 128 -14.89 4.06 -10.90
CA ALA A 128 -14.16 3.20 -11.83
C ALA A 128 -15.08 2.69 -12.94
N GLN A 129 -16.23 2.13 -12.54
CA GLN A 129 -17.18 1.60 -13.50
C GLN A 129 -17.98 2.73 -14.15
N ARG A 130 -18.09 3.86 -13.46
CA ARG A 130 -18.81 5.01 -13.98
C ARG A 130 -18.11 5.58 -15.20
N ASP A 131 -16.88 6.02 -15.01
CA ASP A 131 -16.10 6.62 -16.09
C ASP A 131 -15.75 5.60 -17.16
N ALA A 132 -15.62 4.34 -16.78
CA ALA A 132 -15.29 3.28 -17.73
C ALA A 132 -16.36 3.16 -18.81
N GLU A 133 -17.62 3.08 -18.39
CA GLU A 133 -18.73 2.95 -19.33
C GLU A 133 -19.07 4.31 -19.95
N ASN A 134 -18.81 5.38 -19.22
CA ASN A 134 -19.10 6.72 -19.71
C ASN A 134 -18.16 7.14 -20.81
N ASN A 135 -16.87 6.88 -20.62
CA ASN A 135 -15.86 7.25 -21.61
C ASN A 135 -15.69 6.16 -22.66
N ARG A 136 -16.41 5.05 -22.49
CA ARG A 136 -16.33 3.94 -23.42
C ARG A 136 -16.74 4.35 -24.85
N PRO A 137 -17.91 5.02 -25.04
CA PRO A 137 -18.37 5.45 -26.38
C PRO A 137 -17.43 6.47 -27.02
N LEU A 138 -16.44 6.92 -26.27
CA LEU A 138 -15.48 7.88 -26.78
C LEU A 138 -14.23 7.17 -27.28
N PHE A 139 -13.63 6.37 -26.42
CA PHE A 139 -12.41 5.63 -26.77
C PHE A 139 -12.70 4.57 -27.82
N GLU A 140 -13.79 3.82 -27.65
CA GLU A 140 -14.15 2.76 -28.58
C GLU A 140 -14.62 3.34 -29.91
N PHE A 141 -14.96 4.64 -29.90
CA PHE A 141 -15.41 5.32 -31.10
C PHE A 141 -14.22 5.54 -32.03
N LEU A 142 -13.04 5.63 -31.43
CA LEU A 142 -11.81 5.86 -32.18
C LEU A 142 -11.10 4.54 -32.47
N GLY A 143 -11.60 3.45 -31.88
CA GLY A 143 -11.01 2.15 -32.11
C GLY A 143 -10.35 1.56 -30.89
N LEU A 144 -10.10 2.39 -29.87
CA LEU A 144 -9.47 1.93 -28.65
C LEU A 144 -10.40 1.04 -27.84
N THR A 145 -9.83 0.19 -27.00
CA THR A 145 -10.62 -0.71 -26.17
C THR A 145 -10.59 -0.28 -24.71
N VAL A 146 -11.75 -0.31 -24.07
CA VAL A 146 -11.87 0.07 -22.67
C VAL A 146 -12.16 -1.16 -21.82
N GLY A 147 -11.30 -1.42 -20.85
CA GLY A 147 -11.47 -2.56 -19.98
C GLY A 147 -11.67 -2.14 -18.54
N ILE A 148 -12.59 -2.81 -17.85
CA ILE A 148 -12.86 -2.51 -16.45
C ILE A 148 -12.42 -3.66 -15.55
N ASN A 149 -11.68 -3.34 -14.50
CA ASN A 149 -11.20 -4.34 -13.56
C ASN A 149 -11.80 -4.09 -12.20
N LEU A 150 -12.74 -4.95 -11.82
CA LEU A 150 -13.40 -4.83 -10.53
C LEU A 150 -12.83 -5.82 -9.53
N PRO A 151 -12.75 -5.45 -8.24
CA PRO A 151 -12.24 -6.33 -7.19
C PRO A 151 -13.04 -7.62 -7.08
N GLY A 152 -12.38 -8.73 -7.41
CA GLY A 152 -13.04 -10.03 -7.34
C GLY A 152 -13.38 -10.57 -8.71
N MET A 153 -13.03 -9.81 -9.75
CA MET A 153 -13.30 -10.23 -11.12
C MET A 153 -12.46 -11.46 -11.47
N PRO A 154 -13.07 -12.44 -12.18
CA PRO A 154 -12.35 -13.66 -12.58
C PRO A 154 -11.17 -13.37 -13.49
N ALA A 155 -10.16 -14.25 -13.46
CA ALA A 155 -8.96 -14.10 -14.26
C ALA A 155 -9.26 -13.92 -15.77
N PRO A 156 -10.15 -14.75 -16.38
CA PRO A 156 -10.48 -14.60 -17.80
C PRO A 156 -10.91 -13.19 -18.17
N ALA A 157 -11.83 -12.62 -17.39
CA ALA A 157 -12.33 -11.27 -17.64
C ALA A 157 -11.24 -10.24 -17.40
N LYS A 158 -10.41 -10.46 -16.38
CA LYS A 158 -9.32 -9.55 -16.07
C LYS A 158 -8.36 -9.43 -17.24
N ARG A 159 -8.02 -10.58 -17.83
CA ARG A 159 -7.11 -10.62 -18.97
C ARG A 159 -7.64 -9.80 -20.13
N GLU A 160 -8.96 -9.81 -20.30
CA GLU A 160 -9.58 -9.05 -21.38
C GLU A 160 -9.48 -7.56 -21.11
N ALA A 161 -9.66 -7.18 -19.85
CA ALA A 161 -9.61 -5.79 -19.44
C ALA A 161 -8.18 -5.26 -19.43
N TYR A 162 -7.24 -6.10 -19.02
CA TYR A 162 -5.84 -5.73 -18.95
C TYR A 162 -5.21 -5.68 -20.34
N ALA A 163 -5.77 -6.45 -21.27
CA ALA A 163 -5.27 -6.49 -22.64
C ALA A 163 -5.84 -5.34 -23.46
N ALA A 164 -6.70 -4.55 -22.83
CA ALA A 164 -7.32 -3.42 -23.48
C ALA A 164 -6.37 -2.23 -23.51
N ASP A 165 -6.72 -1.22 -24.29
CA ASP A 165 -5.90 -0.02 -24.41
C ASP A 165 -5.97 0.79 -23.11
N ILE A 166 -7.16 0.87 -22.53
CA ILE A 166 -7.36 1.60 -21.29
C ILE A 166 -8.06 0.71 -20.26
N THR A 167 -7.47 0.62 -19.08
CA THR A 167 -8.02 -0.21 -18.01
C THR A 167 -8.40 0.64 -16.80
N TYR A 168 -9.65 0.52 -16.37
CA TYR A 168 -10.15 1.25 -15.21
C TYR A 168 -10.24 0.31 -14.02
N GLY A 169 -9.67 0.70 -12.89
CA GLY A 169 -9.72 -0.16 -11.71
C GLY A 169 -9.34 0.57 -10.44
N THR A 170 -9.53 -0.11 -9.32
CA THR A 170 -9.20 0.45 -8.02
C THR A 170 -7.78 0.07 -7.60
N ASN A 171 -7.16 0.92 -6.80
CA ASN A 171 -5.79 0.69 -6.34
C ASN A 171 -5.67 -0.60 -5.53
N ASN A 172 -6.69 -0.91 -4.74
CA ASN A 172 -6.70 -2.11 -3.91
C ASN A 172 -6.53 -3.37 -4.76
N GLU A 173 -7.41 -3.54 -5.74
CA GLU A 173 -7.36 -4.70 -6.62
C GLU A 173 -6.11 -4.68 -7.49
N TYR A 174 -5.70 -3.48 -7.91
CA TYR A 174 -4.51 -3.31 -8.74
C TYR A 174 -3.29 -3.94 -8.11
N GLY A 175 -3.15 -3.77 -6.80
CA GLY A 175 -2.02 -4.33 -6.09
C GLY A 175 -2.15 -5.83 -5.90
N PHE A 176 -3.37 -6.28 -5.59
CA PHE A 176 -3.62 -7.70 -5.39
C PHE A 176 -3.38 -8.48 -6.68
N ASP A 177 -3.79 -7.88 -7.81
CA ASP A 177 -3.61 -8.51 -9.12
C ASP A 177 -2.13 -8.71 -9.39
N TYR A 178 -1.34 -7.72 -9.03
CA TYR A 178 0.11 -7.78 -9.22
C TYR A 178 0.70 -8.91 -8.38
N LEU A 179 0.18 -9.07 -7.17
CA LEU A 179 0.65 -10.11 -6.26
C LEU A 179 0.30 -11.49 -6.80
N ARG A 180 -0.94 -11.66 -7.25
CA ARG A 180 -1.40 -12.93 -7.80
C ARG A 180 -0.61 -13.30 -9.06
N ASP A 181 -0.33 -12.28 -9.87
CA ASP A 181 0.40 -12.46 -11.12
C ASP A 181 1.84 -12.93 -10.85
N ASN A 182 2.48 -12.28 -9.90
CA ASN A 182 3.86 -12.60 -9.54
C ASN A 182 3.97 -13.91 -8.78
N MET A 183 2.87 -14.34 -8.18
CA MET A 183 2.87 -15.58 -7.40
C MET A 183 2.28 -16.73 -8.22
N ALA A 184 2.38 -16.63 -9.53
CA ALA A 184 1.87 -17.66 -10.42
C ALA A 184 2.93 -18.73 -10.67
N PHE A 185 2.51 -19.90 -11.13
CA PHE A 185 3.43 -20.99 -11.39
C PHE A 185 3.70 -21.11 -12.89
N SER A 186 2.72 -20.71 -13.69
CA SER A 186 2.84 -20.75 -15.13
C SER A 186 2.64 -19.34 -15.68
N PRO A 187 3.42 -18.94 -16.71
CA PRO A 187 3.32 -17.61 -17.32
C PRO A 187 1.93 -17.34 -17.90
N GLU A 188 1.24 -18.40 -18.29
CA GLU A 188 -0.10 -18.27 -18.87
C GLU A 188 -1.14 -17.97 -17.80
N GLU A 189 -0.75 -18.08 -16.53
CA GLU A 189 -1.66 -17.81 -15.41
C GLU A 189 -1.75 -16.31 -15.15
N ARG A 190 -0.83 -15.56 -15.74
CA ARG A 190 -0.75 -14.11 -15.58
C ARG A 190 -2.07 -13.41 -15.91
N VAL A 191 -2.25 -12.23 -15.32
CA VAL A 191 -3.43 -11.42 -15.52
C VAL A 191 -3.04 -9.99 -15.85
N GLN A 192 -1.82 -9.61 -15.48
CA GLN A 192 -1.32 -8.27 -15.74
C GLN A 192 -0.64 -8.19 -17.10
N ARG A 193 -0.13 -7.02 -17.44
CA ARG A 193 0.54 -6.82 -18.73
C ARG A 193 1.87 -6.08 -18.54
N LYS A 194 1.79 -4.76 -18.40
CA LYS A 194 2.98 -3.95 -18.22
C LYS A 194 2.66 -2.69 -17.43
N LEU A 195 3.59 -2.29 -16.57
CA LEU A 195 3.41 -1.10 -15.75
C LEU A 195 4.03 0.11 -16.45
N HIS A 196 3.51 0.41 -17.62
CA HIS A 196 4.01 1.52 -18.42
C HIS A 196 3.46 2.87 -17.96
N TYR A 197 2.15 3.00 -17.93
CA TYR A 197 1.51 4.26 -17.55
C TYR A 197 0.39 4.04 -16.54
N ALA A 198 0.36 4.89 -15.53
CA ALA A 198 -0.66 4.83 -14.49
C ALA A 198 -1.21 6.23 -14.24
N LEU A 199 -2.53 6.35 -14.26
CA LEU A 199 -3.18 7.62 -14.03
C LEU A 199 -4.16 7.49 -12.87
N VAL A 200 -3.82 8.09 -11.75
CA VAL A 200 -4.69 8.02 -10.58
C VAL A 200 -5.57 9.27 -10.47
N ASP A 201 -6.85 9.04 -10.22
CA ASP A 201 -7.86 10.09 -10.11
C ASP A 201 -7.55 11.05 -8.95
N GLU A 202 -7.38 10.50 -7.75
CA GLU A 202 -7.10 11.31 -6.58
C GLU A 202 -5.82 10.87 -5.90
N VAL A 203 -4.79 11.69 -6.02
CA VAL A 203 -3.51 11.38 -5.41
C VAL A 203 -3.49 11.82 -3.95
N ASP A 204 -4.38 12.75 -3.61
CA ASP A 204 -4.49 13.29 -2.26
C ASP A 204 -4.67 12.18 -1.23
N SER A 205 -5.36 11.12 -1.62
CA SER A 205 -5.61 10.01 -0.73
C SER A 205 -4.78 8.78 -1.10
N ILE A 206 -4.95 8.32 -2.34
CA ILE A 206 -4.25 7.13 -2.82
C ILE A 206 -2.72 7.22 -2.74
N LEU A 207 -2.17 8.40 -3.03
CA LEU A 207 -0.71 8.54 -3.01
C LEU A 207 -0.19 9.04 -1.66
N ILE A 208 -0.99 9.82 -0.94
CA ILE A 208 -0.54 10.36 0.34
C ILE A 208 -0.92 9.46 1.52
N ASP A 209 -2.21 9.27 1.73
CA ASP A 209 -2.69 8.45 2.86
C ASP A 209 -2.39 6.98 2.65
N GLU A 210 -2.69 6.47 1.46
CA GLU A 210 -2.49 5.06 1.15
C GLU A 210 -1.04 4.74 0.79
N ALA A 211 -0.13 5.67 1.04
CA ALA A 211 1.28 5.47 0.73
C ALA A 211 1.88 4.32 1.55
N ARG A 212 1.54 4.27 2.84
CA ARG A 212 2.08 3.25 3.72
C ARG A 212 1.06 2.14 3.99
N THR A 213 0.16 1.91 3.05
CA THR A 213 -0.84 0.86 3.21
C THR A 213 -0.37 -0.42 2.51
N PRO A 214 -0.03 -1.46 3.28
CA PRO A 214 0.42 -2.73 2.73
C PRO A 214 -0.72 -3.71 2.49
N LEU A 215 -0.82 -4.21 1.27
CA LEU A 215 -1.85 -5.18 0.92
C LEU A 215 -1.43 -6.56 1.42
N ILE A 216 -1.84 -6.87 2.64
CA ILE A 216 -1.51 -8.14 3.27
C ILE A 216 -2.54 -9.21 2.95
N ILE A 217 -2.08 -10.26 2.27
CA ILE A 217 -2.95 -11.38 1.94
C ILE A 217 -2.75 -12.48 2.98
N SER A 218 -3.79 -12.74 3.76
CA SER A 218 -3.74 -13.77 4.77
C SER A 218 -4.40 -15.05 4.27
N GLY A 219 -3.70 -15.77 3.41
CA GLY A 219 -4.24 -17.00 2.87
C GLY A 219 -3.45 -18.22 3.31
N PRO A 220 -3.80 -18.82 4.45
CA PRO A 220 -3.10 -20.00 4.97
C PRO A 220 -3.51 -21.28 4.24
N ALA A 221 -2.77 -22.35 4.49
CA ALA A 221 -3.05 -23.64 3.87
C ALA A 221 -3.94 -24.49 4.76
N GLU A 222 -4.25 -23.96 5.94
CA GLU A 222 -5.08 -24.64 6.93
C GLU A 222 -4.47 -25.99 7.32
N ASP A 223 -5.18 -27.07 7.00
CA ASP A 223 -4.72 -28.43 7.31
C ASP A 223 -4.43 -28.56 8.81
N SER A 224 -3.27 -29.09 9.15
CA SER A 224 -2.88 -29.26 10.55
C SER A 224 -1.37 -29.12 10.69
N SER A 225 -0.93 -27.95 11.13
CA SER A 225 0.49 -27.69 11.31
C SER A 225 0.96 -28.23 12.66
N GLU A 226 0.93 -29.55 12.80
CA GLU A 226 1.36 -30.22 14.03
C GLU A 226 2.86 -30.07 14.26
N MET A 227 3.55 -29.47 13.29
CA MET A 227 4.99 -29.26 13.38
C MET A 227 5.34 -28.40 14.60
N TYR A 228 4.44 -27.48 14.95
CA TYR A 228 4.67 -26.58 16.09
C TYR A 228 4.69 -27.34 17.41
N LYS A 229 3.90 -28.40 17.51
CA LYS A 229 3.81 -29.20 18.73
C LYS A 229 5.12 -29.93 19.00
N ARG A 230 5.91 -30.13 17.95
CA ARG A 230 7.18 -30.82 18.08
C ARG A 230 8.23 -29.87 18.65
N VAL A 231 7.96 -28.58 18.55
CA VAL A 231 8.88 -27.57 19.07
C VAL A 231 8.67 -27.39 20.57
N ASN A 232 7.41 -27.24 20.96
CA ASN A 232 7.05 -27.06 22.36
C ASN A 232 7.32 -28.35 23.16
N LYS A 233 7.53 -29.44 22.44
CA LYS A 233 7.79 -30.75 23.05
C LYS A 233 9.12 -30.78 23.83
N ILE A 234 10.00 -29.82 23.56
CA ILE A 234 11.29 -29.78 24.24
C ILE A 234 11.21 -29.00 25.55
N ILE A 235 10.14 -28.22 25.71
CA ILE A 235 9.97 -27.40 26.92
C ILE A 235 9.74 -28.24 28.20
N PRO A 236 8.86 -29.28 28.18
CA PRO A 236 8.60 -30.12 29.36
C PRO A 236 9.86 -30.81 29.90
N HIS A 237 10.97 -30.70 29.18
CA HIS A 237 12.23 -31.29 29.60
C HIS A 237 12.98 -30.32 30.50
N LEU A 238 12.43 -29.12 30.64
CA LEU A 238 13.05 -28.08 31.45
C LEU A 238 12.18 -27.75 32.66
N ILE A 239 12.75 -27.00 33.59
CA ILE A 239 12.06 -26.61 34.82
C ILE A 239 12.07 -25.10 34.98
N ARG A 240 10.90 -24.51 35.22
CA ARG A 240 10.79 -23.06 35.38
C ARG A 240 11.49 -22.60 36.66
N GLN A 241 12.78 -22.34 36.53
CA GLN A 241 13.63 -21.89 37.62
C GLN A 241 15.04 -21.71 37.08
N GLU A 242 15.44 -22.66 36.26
CA GLU A 242 16.75 -22.65 35.63
C GLU A 242 16.71 -23.55 34.40
N LYS A 243 17.63 -23.31 33.47
CA LYS A 243 17.71 -24.09 32.23
C LYS A 243 16.53 -23.74 31.31
N GLU A 244 16.70 -22.64 30.57
CA GLU A 244 15.70 -22.15 29.61
C GLU A 244 14.42 -21.65 30.28
N ASP A 245 13.49 -22.57 30.53
CA ASP A 245 12.19 -22.25 31.14
C ASP A 245 12.34 -21.46 32.43
N SER A 246 12.07 -20.16 32.35
CA SER A 246 12.15 -19.26 33.49
C SER A 246 11.43 -17.95 33.17
N GLU A 247 10.46 -17.58 33.99
CA GLU A 247 9.73 -16.33 33.77
C GLU A 247 10.60 -15.13 34.14
N THR A 248 11.36 -14.64 33.16
CA THR A 248 12.26 -13.49 33.33
C THR A 248 13.51 -13.87 34.12
N PHE A 249 13.31 -14.27 35.38
CA PHE A 249 14.40 -14.67 36.27
C PHE A 249 15.36 -13.51 36.55
N GLN A 250 16.35 -13.32 35.68
CA GLN A 250 17.34 -12.25 35.83
C GLN A 250 18.06 -12.35 37.18
N GLY A 251 18.26 -13.57 37.65
CA GLY A 251 18.95 -13.77 38.92
C GLY A 251 17.97 -13.89 40.08
N GLU A 252 16.99 -13.00 40.12
CA GLU A 252 16.00 -12.99 41.18
C GLU A 252 14.59 -12.94 40.61
N GLY A 253 14.19 -11.76 40.16
CA GLY A 253 12.86 -11.59 39.59
C GLY A 253 11.85 -11.16 40.64
N HIS A 254 11.50 -12.10 41.52
CA HIS A 254 10.53 -11.84 42.58
C HIS A 254 10.58 -12.94 43.63
N PHE A 255 9.82 -12.78 44.71
CA PHE A 255 9.78 -13.78 45.76
C PHE A 255 8.98 -14.99 45.29
N SER A 256 9.10 -16.10 46.01
CA SER A 256 8.40 -17.33 45.66
C SER A 256 6.92 -17.27 46.07
N VAL A 257 6.16 -16.43 45.38
CA VAL A 257 4.73 -16.26 45.64
C VAL A 257 4.00 -15.95 44.34
N ASP A 258 3.90 -16.96 43.47
CA ASP A 258 3.25 -16.82 42.16
C ASP A 258 3.94 -15.69 41.40
N GLU A 259 5.17 -15.96 41.02
CA GLU A 259 6.03 -15.00 40.33
C GLU A 259 5.79 -14.97 38.82
N LYS A 260 4.60 -15.40 38.39
CA LYS A 260 4.27 -15.41 36.97
C LYS A 260 4.24 -13.99 36.41
N SER A 261 5.26 -13.63 35.67
CA SER A 261 5.36 -12.32 35.06
C SER A 261 4.50 -12.24 33.81
N ARG A 262 3.22 -11.92 33.99
CA ARG A 262 2.27 -11.84 32.88
C ARG A 262 2.41 -10.54 32.07
N GLN A 263 3.47 -9.78 32.32
CA GLN A 263 3.69 -8.54 31.58
C GLN A 263 4.54 -8.82 30.34
N VAL A 264 4.73 -10.11 30.07
CA VAL A 264 5.51 -10.59 28.93
C VAL A 264 6.96 -10.13 29.03
N ASN A 265 7.31 -9.09 28.27
CA ASN A 265 8.66 -8.53 28.25
C ASN A 265 9.68 -9.51 27.67
N LEU A 266 10.10 -10.50 28.49
CA LEU A 266 11.10 -11.51 28.10
C LEU A 266 12.48 -10.85 28.00
N THR A 267 13.52 -11.56 28.44
CA THR A 267 14.86 -10.99 28.40
C THR A 267 15.97 -12.03 28.26
N GLU A 268 16.26 -12.74 29.35
CA GLU A 268 17.35 -13.73 29.39
C GLU A 268 18.66 -13.01 29.13
N ARG A 269 19.06 -12.18 30.08
CA ARG A 269 20.29 -11.41 29.96
C ARG A 269 21.46 -12.18 30.57
N GLY A 270 21.26 -13.46 30.82
CA GLY A 270 22.31 -14.28 31.37
C GLY A 270 23.08 -14.98 30.28
N LEU A 271 22.36 -15.35 29.21
CA LEU A 271 22.95 -16.02 28.06
C LEU A 271 23.45 -17.40 28.47
N VAL A 272 22.85 -17.95 29.50
CA VAL A 272 23.23 -19.26 30.00
C VAL A 272 22.01 -20.20 30.03
N LEU A 273 20.82 -19.61 29.93
CA LEU A 273 19.60 -20.40 29.93
C LEU A 273 19.27 -20.83 28.52
N ILE A 274 19.41 -19.91 27.59
CA ILE A 274 19.15 -20.17 26.17
C ILE A 274 20.06 -21.28 25.64
N GLU A 275 21.18 -21.49 26.33
CA GLU A 275 22.15 -22.50 25.94
C GLU A 275 21.60 -23.92 26.13
N GLU A 276 20.44 -24.01 26.77
CA GLU A 276 19.81 -25.31 27.01
C GLU A 276 18.91 -25.69 25.84
N LEU A 277 18.37 -24.70 25.15
CA LEU A 277 17.51 -24.95 24.01
C LEU A 277 18.35 -25.27 22.79
N LEU A 278 19.40 -24.49 22.58
CA LEU A 278 20.29 -24.67 21.44
C LEU A 278 21.04 -26.00 21.56
N VAL A 279 21.41 -26.56 20.41
CA VAL A 279 22.14 -27.83 20.34
C VAL A 279 21.23 -29.01 20.71
N LYS A 280 21.56 -30.18 20.15
CA LYS A 280 20.83 -31.44 20.38
C LYS A 280 19.48 -31.46 19.66
N GLU A 281 18.93 -32.67 19.52
CA GLU A 281 17.64 -32.92 18.86
C GLU A 281 17.76 -32.80 17.34
N GLY A 282 17.86 -31.58 16.84
CA GLY A 282 17.98 -31.38 15.41
C GLY A 282 17.51 -30.01 14.99
N ILE A 283 18.34 -29.34 14.17
CA ILE A 283 18.06 -27.99 13.68
C ILE A 283 18.36 -26.99 14.79
N MET A 284 19.20 -26.00 14.47
CA MET A 284 19.62 -25.01 15.46
C MET A 284 20.53 -25.71 16.47
N ASP A 285 21.07 -26.83 16.03
CA ASP A 285 21.95 -27.65 16.84
C ASP A 285 23.29 -27.88 16.14
N GLU A 286 23.46 -27.26 14.98
CA GLU A 286 24.68 -27.41 14.21
C GLU A 286 25.77 -26.50 14.78
N GLY A 287 25.34 -25.40 15.36
CA GLY A 287 26.26 -24.44 15.96
C GLY A 287 25.85 -23.01 15.68
N GLU A 288 24.61 -22.85 15.27
CA GLU A 288 24.06 -21.54 14.96
C GLU A 288 23.58 -20.84 16.23
N SER A 289 23.52 -19.51 16.18
CA SER A 289 23.07 -18.74 17.32
C SER A 289 21.63 -18.31 17.09
N LEU A 290 20.89 -18.09 18.16
CA LEU A 290 19.50 -17.69 18.05
C LEU A 290 19.37 -16.17 17.98
N TYR A 291 20.48 -15.47 18.13
CA TYR A 291 20.48 -14.02 18.07
C TYR A 291 21.17 -13.53 16.81
N SER A 292 20.91 -14.24 15.72
CA SER A 292 21.49 -13.91 14.42
C SER A 292 20.38 -13.71 13.40
N PRO A 293 20.60 -12.83 12.40
CA PRO A 293 19.61 -12.55 11.36
C PRO A 293 19.26 -13.78 10.53
N ALA A 294 20.10 -14.81 10.62
CA ALA A 294 19.88 -16.05 9.89
C ALA A 294 19.11 -17.06 10.72
N ASN A 295 18.61 -16.62 11.88
CA ASN A 295 17.84 -17.49 12.77
C ASN A 295 16.84 -16.67 13.58
N ILE A 296 16.29 -15.64 12.95
CA ILE A 296 15.33 -14.79 13.64
C ILE A 296 13.93 -15.40 13.61
N MET A 297 13.67 -16.25 12.63
CA MET A 297 12.36 -16.89 12.49
C MET A 297 12.11 -17.85 13.65
N LEU A 298 13.09 -18.69 13.96
CA LEU A 298 12.96 -19.66 15.04
C LEU A 298 12.92 -18.95 16.40
N MET A 299 13.67 -17.85 16.50
CA MET A 299 13.73 -17.07 17.72
C MET A 299 12.33 -16.59 18.14
N HIS A 300 11.53 -16.18 17.16
CA HIS A 300 10.18 -15.71 17.44
C HIS A 300 9.20 -16.87 17.60
N HIS A 301 9.69 -18.09 17.42
CA HIS A 301 8.83 -19.27 17.53
C HIS A 301 9.05 -19.96 18.87
N VAL A 302 10.30 -20.08 19.30
CA VAL A 302 10.61 -20.73 20.56
C VAL A 302 10.14 -19.89 21.74
N THR A 303 10.24 -18.57 21.61
CA THR A 303 9.82 -17.66 22.66
C THR A 303 8.30 -17.70 22.84
N ALA A 304 7.61 -18.09 21.77
CA ALA A 304 6.17 -18.19 21.79
C ALA A 304 5.72 -19.28 22.75
N ALA A 305 6.46 -20.39 22.75
CA ALA A 305 6.16 -21.51 23.63
C ALA A 305 6.44 -21.14 25.08
N LEU A 306 7.46 -20.30 25.28
CA LEU A 306 7.83 -19.85 26.61
C LEU A 306 6.76 -18.91 27.15
N ARG A 307 6.32 -17.97 26.33
CA ARG A 307 5.30 -17.01 26.73
C ARG A 307 3.90 -17.62 26.65
N ALA A 308 3.86 -18.95 26.61
CA ALA A 308 2.60 -19.68 26.58
C ALA A 308 2.56 -20.67 27.73
N HIS A 309 3.60 -20.64 28.56
CA HIS A 309 3.71 -21.53 29.70
C HIS A 309 3.34 -20.81 30.99
N ALA A 310 4.25 -20.00 31.51
CA ALA A 310 4.01 -19.26 32.75
C ALA A 310 3.34 -17.91 32.47
N LEU A 311 3.30 -17.54 31.20
CA LEU A 311 2.69 -16.28 30.78
C LEU A 311 1.17 -16.41 30.73
N PHE A 312 0.70 -17.47 30.10
CA PHE A 312 -0.73 -17.73 29.97
C PHE A 312 -1.10 -18.98 30.75
N THR A 313 -1.74 -18.78 31.89
CA THR A 313 -2.15 -19.89 32.72
C THR A 313 -3.49 -20.47 32.27
N ARG A 314 -3.57 -21.79 32.25
CA ARG A 314 -4.77 -22.50 31.83
C ARG A 314 -5.93 -22.28 32.81
N ASP A 315 -7.13 -22.13 32.24
CA ASP A 315 -8.38 -21.95 32.98
C ASP A 315 -8.59 -20.54 33.52
N VAL A 316 -7.54 -19.74 33.54
CA VAL A 316 -7.67 -18.37 34.03
C VAL A 316 -7.39 -17.35 32.93
N ASP A 317 -6.34 -17.58 32.16
CA ASP A 317 -5.99 -16.66 31.06
C ASP A 317 -6.64 -17.14 29.76
N TYR A 318 -6.91 -18.43 29.69
CA TYR A 318 -7.53 -19.04 28.52
C TYR A 318 -8.12 -20.40 28.88
N ILE A 319 -9.12 -20.83 28.14
CA ILE A 319 -9.75 -22.12 28.38
C ILE A 319 -9.98 -22.85 27.06
N VAL A 320 -9.61 -24.12 27.02
CA VAL A 320 -9.80 -24.93 25.82
C VAL A 320 -10.77 -26.05 26.13
N LYS A 321 -11.92 -26.04 25.48
CA LYS A 321 -12.93 -27.06 25.69
C LYS A 321 -13.31 -27.73 24.38
N ASP A 322 -13.05 -29.03 24.31
CA ASP A 322 -13.35 -29.85 23.13
C ASP A 322 -12.62 -29.32 21.89
N GLY A 323 -11.42 -28.81 22.10
CA GLY A 323 -10.64 -28.29 21.01
C GLY A 323 -10.92 -26.83 20.71
N GLU A 324 -11.95 -26.28 21.35
CA GLU A 324 -12.30 -24.89 21.15
C GLU A 324 -11.54 -24.00 22.13
N VAL A 325 -10.69 -23.14 21.59
CA VAL A 325 -9.90 -22.23 22.40
C VAL A 325 -10.65 -20.93 22.65
N ILE A 326 -10.88 -20.63 23.91
CA ILE A 326 -11.57 -19.42 24.30
C ILE A 326 -10.71 -18.61 25.27
N ILE A 327 -10.56 -17.32 24.99
CA ILE A 327 -9.76 -16.45 25.86
C ILE A 327 -10.58 -16.04 27.07
N VAL A 328 -10.00 -16.18 28.25
CA VAL A 328 -10.68 -15.82 29.48
C VAL A 328 -10.12 -14.51 30.03
N ASP A 329 -10.98 -13.52 30.14
CA ASP A 329 -10.57 -12.22 30.64
C ASP A 329 -10.67 -12.20 32.16
N GLU A 330 -9.56 -11.88 32.82
CA GLU A 330 -9.51 -11.84 34.27
C GLU A 330 -9.86 -10.44 34.80
N HIS A 331 -10.02 -9.48 33.90
CA HIS A 331 -10.31 -8.10 34.31
C HIS A 331 -11.80 -7.92 34.62
N THR A 332 -12.65 -8.36 33.72
CA THR A 332 -14.09 -8.21 33.90
C THR A 332 -14.81 -9.55 33.83
N GLY A 333 -14.06 -10.63 33.69
CA GLY A 333 -14.66 -11.95 33.62
C GLY A 333 -15.44 -12.14 32.34
N ARG A 334 -14.78 -11.92 31.21
CA ARG A 334 -15.42 -12.07 29.91
C ARG A 334 -14.77 -13.22 29.14
N THR A 335 -15.55 -13.85 28.28
CA THR A 335 -15.05 -14.96 27.49
C THR A 335 -15.06 -14.62 25.99
N MET A 336 -13.90 -14.69 25.37
CA MET A 336 -13.77 -14.39 23.95
C MET A 336 -13.53 -15.67 23.17
N GLN A 337 -14.59 -16.20 22.59
CA GLN A 337 -14.50 -17.45 21.83
C GLN A 337 -14.28 -17.19 20.34
N GLY A 338 -14.38 -15.93 19.95
CA GLY A 338 -14.18 -15.58 18.55
C GLY A 338 -12.98 -14.67 18.37
N ARG A 339 -11.99 -14.83 19.24
CA ARG A 339 -10.78 -14.02 19.19
C ARG A 339 -9.58 -14.86 19.58
N ARG A 340 -8.42 -14.53 19.01
CA ARG A 340 -7.19 -15.24 19.29
C ARG A 340 -5.99 -14.33 19.10
N TRP A 341 -5.09 -14.32 20.07
CA TRP A 341 -3.89 -13.48 20.01
C TRP A 341 -3.00 -13.86 18.82
N SER A 342 -2.78 -12.91 17.94
CA SER A 342 -1.96 -13.10 16.75
C SER A 342 -0.46 -13.22 17.09
N ASP A 343 0.39 -13.02 16.08
CA ASP A 343 1.85 -13.09 16.26
C ASP A 343 2.28 -14.50 16.66
N GLY A 344 1.43 -15.47 16.31
CA GLY A 344 1.72 -16.86 16.61
C GLY A 344 1.55 -17.21 18.08
N LEU A 345 1.05 -16.26 18.87
CA LEU A 345 0.84 -16.51 20.30
C LEU A 345 -0.20 -17.60 20.52
N HIS A 346 -1.35 -17.46 19.86
CA HIS A 346 -2.42 -18.45 19.98
C HIS A 346 -1.96 -19.81 19.48
N GLN A 347 -1.10 -19.82 18.47
CA GLN A 347 -0.62 -21.06 17.89
C GLN A 347 0.27 -21.81 18.89
N ALA A 348 1.02 -21.08 19.68
CA ALA A 348 1.89 -21.69 20.68
C ALA A 348 1.05 -22.38 21.75
N VAL A 349 -0.05 -21.74 22.10
CA VAL A 349 -0.96 -22.29 23.10
C VAL A 349 -1.65 -23.54 22.55
N GLU A 350 -2.10 -23.45 21.31
CA GLU A 350 -2.77 -24.56 20.64
C GLU A 350 -1.80 -25.72 20.40
N ALA A 351 -0.51 -25.42 20.44
CA ALA A 351 0.52 -26.43 20.24
C ALA A 351 1.02 -26.98 21.57
N LYS A 352 0.71 -26.27 22.65
CA LYS A 352 1.14 -26.69 23.98
C LYS A 352 0.24 -27.80 24.49
N GLU A 353 -1.07 -27.58 24.39
CA GLU A 353 -2.03 -28.57 24.84
C GLU A 353 -2.44 -29.49 23.68
N GLY A 354 -3.33 -30.43 23.96
CA GLY A 354 -3.78 -31.36 22.94
C GLY A 354 -4.82 -30.76 22.01
N VAL A 355 -4.47 -29.63 21.41
CA VAL A 355 -5.36 -28.94 20.50
C VAL A 355 -4.86 -29.08 19.07
N GLN A 356 -5.77 -28.96 18.11
CA GLN A 356 -5.42 -29.06 16.71
C GLN A 356 -4.79 -27.75 16.27
N ILE A 357 -3.49 -27.80 16.00
CA ILE A 357 -2.75 -26.62 15.57
C ILE A 357 -3.23 -26.16 14.20
N GLN A 358 -3.51 -24.87 14.10
CA GLN A 358 -3.98 -24.28 12.84
C GLN A 358 -2.78 -23.92 11.96
N ASN A 359 -3.05 -23.18 10.90
CA ASN A 359 -2.00 -22.78 9.98
C ASN A 359 -1.68 -21.29 10.15
N GLU A 360 -2.06 -20.77 11.31
CA GLU A 360 -1.83 -19.36 11.66
C GLU A 360 -2.53 -18.42 10.69
N ASN A 361 -2.12 -17.17 10.71
CA ASN A 361 -2.67 -16.14 9.83
C ASN A 361 -1.69 -14.99 9.74
N GLN A 362 -0.70 -15.14 8.88
CA GLN A 362 0.32 -14.12 8.71
C GLN A 362 0.42 -13.66 7.26
N THR A 363 1.51 -12.96 6.96
CA THR A 363 1.73 -12.41 5.64
C THR A 363 2.10 -13.47 4.59
N LEU A 364 1.15 -13.82 3.74
CA LEU A 364 1.39 -14.79 2.67
C LEU A 364 1.95 -14.04 1.46
N ALA A 365 1.53 -12.80 1.34
CA ALA A 365 1.95 -11.90 0.27
C ALA A 365 1.55 -10.49 0.64
N SER A 366 2.45 -9.54 0.49
CA SER A 366 2.15 -8.15 0.84
C SER A 366 2.96 -7.18 0.01
N ILE A 367 2.37 -6.02 -0.25
CA ILE A 367 3.03 -4.96 -1.00
C ILE A 367 2.42 -3.61 -0.65
N THR A 368 3.27 -2.60 -0.51
CA THR A 368 2.82 -1.26 -0.19
C THR A 368 2.47 -0.51 -1.48
N PHE A 369 1.45 0.34 -1.44
CA PHE A 369 1.04 1.09 -2.62
C PHE A 369 2.19 1.94 -3.15
N GLN A 370 2.94 2.55 -2.23
CA GLN A 370 4.09 3.37 -2.61
C GLN A 370 5.11 2.54 -3.37
N ASN A 371 5.30 1.32 -2.91
CA ASN A 371 6.26 0.39 -3.51
C ASN A 371 5.68 -0.29 -4.75
N TYR A 372 4.44 0.03 -5.05
CA TYR A 372 3.76 -0.53 -6.22
C TYR A 372 3.73 0.49 -7.35
N PHE A 373 3.33 1.71 -7.03
CA PHE A 373 3.26 2.77 -8.03
C PHE A 373 4.65 3.22 -8.47
N ARG A 374 5.65 2.95 -7.63
CA ARG A 374 7.02 3.32 -7.95
C ARG A 374 7.60 2.42 -9.04
N LEU A 375 6.89 1.34 -9.34
CA LEU A 375 7.32 0.40 -10.36
C LEU A 375 6.87 0.86 -11.74
N TYR A 376 5.89 1.76 -11.78
CA TYR A 376 5.37 2.28 -13.02
C TYR A 376 6.33 3.32 -13.60
N GLU A 377 6.47 3.34 -14.92
CA GLU A 377 7.36 4.29 -15.56
C GLU A 377 6.74 5.69 -15.55
N LYS A 378 5.62 5.82 -16.24
CA LYS A 378 4.92 7.10 -16.29
C LYS A 378 3.82 7.12 -15.24
N LEU A 379 4.11 7.73 -14.11
CA LEU A 379 3.16 7.83 -13.02
C LEU A 379 2.64 9.25 -12.91
N ALA A 380 1.37 9.45 -13.25
CA ALA A 380 0.76 10.75 -13.20
C ALA A 380 -0.57 10.68 -12.45
N GLY A 381 -1.08 11.83 -12.05
CA GLY A 381 -2.33 11.86 -11.33
C GLY A 381 -2.82 13.26 -11.09
N MET A 382 -4.06 13.36 -10.65
CA MET A 382 -4.66 14.65 -10.37
C MET A 382 -4.75 14.88 -8.87
N THR A 383 -4.49 16.10 -8.44
CA THR A 383 -4.55 16.44 -7.03
C THR A 383 -5.50 17.62 -6.85
N GLY A 384 -6.05 17.74 -5.66
CA GLY A 384 -6.96 18.83 -5.37
C GLY A 384 -6.22 20.04 -4.83
N THR A 385 -6.95 21.13 -4.64
CA THR A 385 -6.38 22.35 -4.12
C THR A 385 -6.12 22.21 -2.62
N ALA A 386 -5.24 21.30 -2.27
CA ALA A 386 -4.91 21.04 -0.88
C ALA A 386 -3.46 21.42 -0.58
N ASP A 387 -2.55 21.04 -1.48
CA ASP A 387 -1.13 21.33 -1.33
C ASP A 387 -0.61 20.67 -0.04
N THR A 388 0.04 21.45 0.83
CA THR A 388 0.56 20.95 2.10
C THR A 388 1.56 19.81 1.90
N GLU A 389 1.10 18.56 1.94
CA GLU A 389 1.98 17.40 1.78
C GLU A 389 2.36 17.20 0.32
N ALA A 390 1.91 18.11 -0.54
CA ALA A 390 2.20 18.05 -1.97
C ALA A 390 3.70 18.10 -2.23
N PHE A 391 4.45 18.69 -1.32
CA PHE A 391 5.89 18.78 -1.48
C PHE A 391 6.54 17.41 -1.34
N GLU A 392 5.86 16.50 -0.66
CA GLU A 392 6.37 15.15 -0.45
C GLU A 392 6.25 14.29 -1.70
N PHE A 393 5.48 14.76 -2.67
CA PHE A 393 5.30 14.02 -3.92
C PHE A 393 6.64 13.80 -4.60
N SER A 394 7.51 14.80 -4.52
CA SER A 394 8.82 14.73 -5.14
C SER A 394 9.79 13.87 -4.32
N SER A 395 9.48 13.64 -3.06
CA SER A 395 10.35 12.85 -2.19
C SER A 395 9.86 11.40 -2.03
N ILE A 396 8.55 11.20 -2.07
CA ILE A 396 8.00 9.87 -1.91
C ILE A 396 7.90 9.13 -3.24
N TYR A 397 7.33 9.77 -4.25
CA TYR A 397 7.18 9.14 -5.56
C TYR A 397 8.07 9.80 -6.62
N LYS A 398 8.72 10.89 -6.22
CA LYS A 398 9.61 11.64 -7.11
C LYS A 398 8.83 12.23 -8.28
N LEU A 399 7.70 12.87 -7.97
CA LEU A 399 6.86 13.49 -8.98
C LEU A 399 6.95 15.00 -8.88
N ASP A 400 6.72 15.68 -9.99
CA ASP A 400 6.77 17.14 -10.02
C ASP A 400 5.38 17.71 -9.83
N THR A 401 5.28 18.73 -8.98
CA THR A 401 4.01 19.37 -8.70
C THR A 401 3.72 20.49 -9.70
N VAL A 402 2.62 20.36 -10.44
CA VAL A 402 2.22 21.35 -11.43
C VAL A 402 0.80 21.83 -11.15
N VAL A 403 0.57 23.12 -11.26
CA VAL A 403 -0.75 23.70 -11.02
C VAL A 403 -1.44 24.02 -12.33
N VAL A 404 -2.73 23.75 -12.40
CA VAL A 404 -3.51 24.01 -13.60
C VAL A 404 -4.45 25.21 -13.40
N PRO A 405 -4.46 26.16 -14.35
CA PRO A 405 -5.34 27.34 -14.26
C PRO A 405 -6.82 26.98 -14.37
N THR A 406 -7.67 27.80 -13.77
CA THR A 406 -9.10 27.58 -13.79
C THR A 406 -9.72 28.00 -15.11
N ASN A 407 -10.87 27.44 -15.42
CA ASN A 407 -11.59 27.76 -16.64
C ASN A 407 -12.03 29.22 -16.59
N ARG A 408 -12.47 29.66 -15.42
CA ARG A 408 -12.91 31.03 -15.22
C ARG A 408 -12.12 31.66 -14.07
N PRO A 409 -12.04 33.00 -14.02
CA PRO A 409 -11.33 33.71 -12.95
C PRO A 409 -11.97 33.48 -11.59
N MET A 410 -11.20 32.94 -10.65
CA MET A 410 -11.70 32.67 -9.31
C MET A 410 -11.90 33.96 -8.53
N ILE A 411 -13.16 34.29 -8.25
CA ILE A 411 -13.48 35.49 -7.50
C ILE A 411 -13.87 35.11 -6.07
N ARG A 412 -12.97 34.38 -5.42
CA ARG A 412 -13.19 33.94 -4.05
C ARG A 412 -12.45 34.87 -3.09
N LYS A 413 -13.22 35.73 -2.43
CA LYS A 413 -12.66 36.68 -1.48
C LYS A 413 -12.22 35.99 -0.20
N ASP A 414 -10.93 35.71 -0.10
CA ASP A 414 -10.38 35.06 1.08
C ASP A 414 -10.09 36.10 2.16
N LEU A 415 -10.82 36.01 3.26
CA LEU A 415 -10.66 36.95 4.36
C LEU A 415 -9.76 36.35 5.45
N PRO A 416 -9.11 37.20 6.27
CA PRO A 416 -8.23 36.74 7.35
C PRO A 416 -8.98 36.02 8.47
N ASP A 417 -8.22 35.54 9.44
CA ASP A 417 -8.79 34.82 10.57
C ASP A 417 -9.06 35.77 11.73
N LEU A 418 -10.26 35.71 12.27
CA LEU A 418 -10.63 36.56 13.39
C LEU A 418 -10.55 35.78 14.69
N VAL A 419 -9.41 35.85 15.35
CA VAL A 419 -9.19 35.15 16.61
C VAL A 419 -9.73 35.95 17.79
N TYR A 420 -10.60 35.33 18.56
CA TYR A 420 -11.18 35.97 19.72
C TYR A 420 -10.71 35.24 20.99
N MET A 421 -11.11 35.76 22.15
CA MET A 421 -10.69 35.16 23.41
C MET A 421 -11.52 33.91 23.73
N THR A 422 -12.76 34.11 24.16
CA THR A 422 -13.62 33.00 24.50
C THR A 422 -14.42 32.53 23.29
N GLU A 423 -14.96 31.33 23.38
CA GLU A 423 -15.78 30.74 22.32
C GLU A 423 -17.02 31.59 22.08
N ALA A 424 -17.55 32.19 23.14
CA ALA A 424 -18.74 33.03 23.05
C ALA A 424 -18.52 34.17 22.06
N GLU A 425 -17.34 34.77 22.11
CA GLU A 425 -16.98 35.87 21.23
C GLU A 425 -16.91 35.37 19.79
N LYS A 426 -16.22 34.25 19.61
CA LYS A 426 -16.04 33.65 18.30
C LYS A 426 -17.38 33.32 17.65
N ILE A 427 -18.21 32.58 18.36
CA ILE A 427 -19.53 32.18 17.86
C ILE A 427 -20.39 33.41 17.56
N GLN A 428 -20.42 34.37 18.49
CA GLN A 428 -21.23 35.58 18.32
C GLN A 428 -20.79 36.37 17.08
N ALA A 429 -19.49 36.39 16.83
CA ALA A 429 -18.95 37.08 15.67
C ALA A 429 -19.42 36.41 14.40
N ILE A 430 -19.50 35.07 14.45
CA ILE A 430 -19.97 34.29 13.31
C ILE A 430 -21.43 34.62 13.01
N ILE A 431 -22.23 34.64 14.08
CA ILE A 431 -23.65 34.93 13.96
C ILE A 431 -23.87 36.31 13.31
N GLU A 432 -23.04 37.27 13.71
CA GLU A 432 -23.13 38.62 13.19
C GLU A 432 -22.78 38.66 11.70
N ASP A 433 -21.70 37.98 11.33
CA ASP A 433 -21.25 37.93 9.94
C ASP A 433 -22.34 37.31 9.06
N ILE A 434 -22.99 36.29 9.60
CA ILE A 434 -24.06 35.60 8.89
C ILE A 434 -25.31 36.48 8.79
N LYS A 435 -25.71 37.03 9.93
CA LYS A 435 -26.90 37.88 10.01
C LYS A 435 -26.86 39.03 9.01
N GLU A 436 -25.69 39.66 8.89
CA GLU A 436 -25.53 40.77 7.96
C GLU A 436 -25.72 40.32 6.52
N ARG A 437 -25.30 39.10 6.23
CA ARG A 437 -25.41 38.53 4.90
C ARG A 437 -26.81 37.97 4.63
N THR A 438 -27.56 37.74 5.69
CA THR A 438 -28.93 37.23 5.55
C THR A 438 -29.81 38.31 4.92
N ALA A 439 -29.45 39.57 5.18
CA ALA A 439 -30.18 40.71 4.64
C ALA A 439 -29.72 41.02 3.22
N LYS A 440 -28.49 40.63 2.90
CA LYS A 440 -27.92 40.86 1.58
C LYS A 440 -28.29 39.74 0.62
N GLY A 441 -28.78 38.64 1.16
CA GLY A 441 -29.16 37.52 0.33
C GLY A 441 -27.97 36.69 -0.11
N GLN A 442 -26.99 36.54 0.78
CA GLN A 442 -25.81 35.75 0.46
C GLN A 442 -25.85 34.41 1.19
N PRO A 443 -25.69 33.29 0.45
CA PRO A 443 -25.70 31.95 1.04
C PRO A 443 -24.49 31.75 1.94
N VAL A 444 -24.71 31.14 3.10
CA VAL A 444 -23.65 30.91 4.06
C VAL A 444 -23.47 29.42 4.33
N LEU A 445 -22.25 28.95 4.13
CA LEU A 445 -21.93 27.56 4.38
C LEU A 445 -20.97 27.46 5.57
N VAL A 446 -21.49 26.97 6.69
CA VAL A 446 -20.69 26.83 7.89
C VAL A 446 -20.04 25.46 7.94
N GLY A 447 -18.73 25.43 7.89
CA GLY A 447 -18.00 24.18 7.92
C GLY A 447 -17.52 23.82 9.31
N THR A 448 -18.42 23.30 10.14
CA THR A 448 -18.08 22.92 11.49
C THR A 448 -17.44 21.53 11.51
N ILE A 449 -16.21 21.44 12.00
CA ILE A 449 -15.52 20.16 12.06
C ILE A 449 -15.80 19.46 13.38
N SER A 450 -16.42 20.19 14.30
CA SER A 450 -16.75 19.65 15.61
C SER A 450 -18.26 19.62 15.81
N ILE A 451 -18.79 18.46 16.17
CA ILE A 451 -20.23 18.29 16.39
C ILE A 451 -20.72 19.17 17.53
N GLU A 452 -19.86 19.38 18.52
CA GLU A 452 -20.21 20.20 19.68
C GLU A 452 -20.47 21.64 19.25
N LYS A 453 -19.76 22.09 18.23
CA LYS A 453 -19.92 23.45 17.73
C LYS A 453 -21.09 23.53 16.77
N SER A 454 -21.36 22.43 16.05
CA SER A 454 -22.48 22.39 15.11
C SER A 454 -23.81 22.66 15.82
N GLU A 455 -24.02 22.00 16.95
CA GLU A 455 -25.24 22.19 17.71
C GLU A 455 -25.23 23.55 18.40
N LEU A 456 -24.05 23.99 18.81
CA LEU A 456 -23.90 25.28 19.49
C LEU A 456 -24.30 26.42 18.57
N VAL A 457 -23.70 26.45 17.37
CA VAL A 457 -24.01 27.50 16.41
C VAL A 457 -25.47 27.44 15.97
N SER A 458 -26.02 26.23 15.90
CA SER A 458 -27.41 26.05 15.51
C SER A 458 -28.33 26.68 16.54
N ASN A 459 -28.02 26.49 17.82
CA ASN A 459 -28.82 27.06 18.90
C ASN A 459 -28.71 28.57 18.89
N GLU A 460 -27.51 29.07 18.65
CA GLU A 460 -27.25 30.51 18.61
C GLU A 460 -27.99 31.16 17.44
N LEU A 461 -27.97 30.49 16.29
CA LEU A 461 -28.65 31.00 15.10
C LEU A 461 -30.15 31.11 15.35
N THR A 462 -30.70 30.17 16.10
CA THR A 462 -32.12 30.18 16.43
C THR A 462 -32.41 31.31 17.42
N LYS A 463 -31.44 31.58 18.28
CA LYS A 463 -31.56 32.63 19.29
C LYS A 463 -31.61 34.01 18.62
N ALA A 464 -30.80 34.19 17.58
CA ALA A 464 -30.75 35.45 16.86
C ALA A 464 -31.88 35.55 15.83
N GLY A 465 -32.42 34.40 15.43
CA GLY A 465 -33.50 34.39 14.46
C GLY A 465 -33.00 34.31 13.04
N ILE A 466 -32.16 33.32 12.76
CA ILE A 466 -31.60 33.13 11.43
C ILE A 466 -31.88 31.71 10.94
N LYS A 467 -32.46 31.62 9.75
CA LYS A 467 -32.79 30.35 9.13
C LYS A 467 -31.52 29.54 8.89
N HIS A 468 -31.58 28.24 9.15
CA HIS A 468 -30.43 27.38 8.98
C HIS A 468 -30.85 25.92 8.79
N ASN A 469 -30.07 25.20 8.00
CA ASN A 469 -30.33 23.79 7.74
C ASN A 469 -29.05 23.00 7.97
N VAL A 470 -29.09 22.06 8.90
CA VAL A 470 -27.93 21.25 9.22
C VAL A 470 -27.87 19.99 8.37
N LEU A 471 -26.69 19.71 7.82
CA LEU A 471 -26.48 18.53 6.98
C LEU A 471 -26.18 17.32 7.86
N ASN A 472 -27.23 16.67 8.35
CA ASN A 472 -27.06 15.49 9.19
C ASN A 472 -26.76 14.29 8.32
N ALA A 473 -25.54 13.76 8.46
CA ALA A 473 -25.09 12.61 7.67
C ALA A 473 -25.91 11.34 7.94
N LYS A 474 -26.77 11.38 8.95
CA LYS A 474 -27.61 10.23 9.27
C LYS A 474 -28.83 10.22 8.36
N PHE A 475 -29.02 11.31 7.61
CA PHE A 475 -30.14 11.42 6.69
C PHE A 475 -29.64 12.01 5.37
N HIS A 476 -29.15 11.14 4.51
CA HIS A 476 -28.60 11.54 3.21
C HIS A 476 -29.67 12.22 2.35
N ALA A 477 -30.91 11.78 2.50
CA ALA A 477 -32.01 12.37 1.74
C ALA A 477 -32.21 13.82 2.15
N ASN A 478 -32.00 14.09 3.43
CA ASN A 478 -32.13 15.45 3.97
C ASN A 478 -31.00 16.31 3.42
N GLU A 479 -29.78 15.76 3.42
CA GLU A 479 -28.62 16.46 2.92
C GLU A 479 -28.81 16.85 1.46
N ALA A 480 -29.24 15.88 0.66
CA ALA A 480 -29.47 16.09 -0.77
C ALA A 480 -30.51 17.18 -1.01
N ALA A 481 -31.50 17.26 -0.13
CA ALA A 481 -32.55 18.27 -0.25
C ALA A 481 -32.01 19.66 0.04
N ILE A 482 -31.12 19.75 1.03
CA ILE A 482 -30.53 21.02 1.41
C ILE A 482 -29.48 21.46 0.39
N VAL A 483 -28.62 20.53 -0.01
CA VAL A 483 -27.57 20.80 -0.99
C VAL A 483 -28.14 21.39 -2.28
N ALA A 484 -29.33 20.93 -2.64
CA ALA A 484 -30.01 21.39 -3.85
C ALA A 484 -30.20 22.91 -3.83
N GLN A 485 -30.38 23.47 -2.63
CA GLN A 485 -30.60 24.90 -2.48
C GLN A 485 -29.57 25.50 -1.53
N ALA A 486 -28.40 24.86 -1.43
CA ALA A 486 -27.34 25.35 -0.54
C ALA A 486 -26.75 26.66 -1.06
N GLY A 487 -26.94 26.92 -2.35
CA GLY A 487 -26.44 28.14 -2.94
C GLY A 487 -27.54 29.17 -3.08
N TYR A 488 -28.66 28.93 -2.42
CA TYR A 488 -29.80 29.83 -2.47
C TYR A 488 -29.53 31.08 -1.62
N PRO A 489 -29.95 32.27 -2.09
CA PRO A 489 -29.75 33.52 -1.37
C PRO A 489 -30.26 33.49 0.07
N ALA A 490 -29.38 33.83 1.01
CA ALA A 490 -29.70 33.87 2.45
C ALA A 490 -29.90 32.49 3.05
N ALA A 491 -29.45 31.45 2.36
CA ALA A 491 -29.57 30.10 2.88
C ALA A 491 -28.35 29.75 3.72
N VAL A 492 -28.58 29.52 5.00
CA VAL A 492 -27.49 29.17 5.92
C VAL A 492 -27.43 27.66 6.09
N THR A 493 -26.40 27.06 5.51
CA THR A 493 -26.21 25.62 5.57
C THR A 493 -25.07 25.28 6.53
N ILE A 494 -25.33 24.35 7.45
CA ILE A 494 -24.33 23.94 8.41
C ILE A 494 -23.86 22.52 8.09
N ALA A 495 -22.58 22.37 7.81
CA ALA A 495 -22.00 21.08 7.50
C ALA A 495 -21.12 20.58 8.63
N THR A 496 -21.33 19.34 9.05
CA THR A 496 -20.54 18.75 10.12
C THR A 496 -19.47 17.82 9.55
N ASN A 497 -18.28 18.38 9.35
CA ASN A 497 -17.14 17.64 8.82
C ASN A 497 -17.47 16.97 7.48
N MET A 498 -17.45 17.77 6.41
CA MET A 498 -17.76 17.26 5.09
C MET A 498 -16.52 16.64 4.45
N ALA A 499 -16.71 15.56 3.71
CA ALA A 499 -15.61 14.86 3.05
C ALA A 499 -15.06 15.69 1.89
N GLY A 500 -13.96 15.23 1.31
CA GLY A 500 -13.34 15.93 0.20
C GLY A 500 -14.24 16.04 -1.01
N ARG A 501 -13.96 17.04 -1.85
CA ARG A 501 -14.72 17.30 -3.08
C ARG A 501 -16.11 17.85 -2.75
N GLY A 502 -17.04 16.96 -2.45
CA GLY A 502 -18.39 17.36 -2.15
C GLY A 502 -19.18 17.63 -3.42
N THR A 503 -20.49 17.81 -3.27
CA THR A 503 -21.35 18.09 -4.41
C THR A 503 -21.06 19.48 -4.98
N ASP A 504 -21.23 19.63 -6.28
CA ASP A 504 -21.00 20.90 -6.94
C ASP A 504 -22.18 21.83 -6.70
N ILE A 505 -22.10 22.60 -5.62
CA ILE A 505 -23.15 23.53 -5.25
C ILE A 505 -23.22 24.71 -6.21
N VAL A 506 -24.32 24.79 -6.94
CA VAL A 506 -24.53 25.87 -7.90
C VAL A 506 -25.20 27.06 -7.22
N LEU A 507 -24.67 28.24 -7.47
CA LEU A 507 -25.23 29.45 -6.88
C LEU A 507 -26.64 29.71 -7.39
N GLY A 508 -27.56 29.98 -6.48
CA GLY A 508 -28.94 30.23 -6.86
C GLY A 508 -29.79 29.00 -6.68
N GLY A 509 -29.14 27.84 -6.58
CA GLY A 509 -29.86 26.60 -6.41
C GLY A 509 -29.63 25.69 -7.60
N SER A 510 -30.46 24.67 -7.73
CA SER A 510 -30.33 23.73 -8.84
C SER A 510 -31.69 23.44 -9.45
N TRP A 511 -31.96 24.07 -10.59
CA TRP A 511 -33.24 23.90 -11.29
C TRP A 511 -33.49 22.43 -11.62
N GLN A 512 -32.41 21.66 -11.79
CA GLN A 512 -32.52 20.24 -12.09
C GLN A 512 -33.24 19.50 -10.96
N ALA A 513 -32.89 19.84 -9.73
CA ALA A 513 -33.49 19.21 -8.55
C ALA A 513 -34.91 19.71 -8.35
N GLU A 514 -35.21 20.88 -8.89
CA GLU A 514 -36.54 21.47 -8.78
C GLU A 514 -37.49 20.84 -9.78
N VAL A 515 -37.05 20.72 -11.03
CA VAL A 515 -37.89 20.10 -12.08
C VAL A 515 -38.05 18.60 -11.84
N ALA A 516 -37.11 18.02 -11.11
CA ALA A 516 -37.15 16.60 -10.79
C ALA A 516 -38.14 16.31 -9.66
N ALA A 517 -38.60 17.37 -9.01
CA ALA A 517 -39.55 17.24 -7.92
C ALA A 517 -40.97 17.39 -8.42
N LEU A 518 -41.11 17.68 -9.70
CA LEU A 518 -42.42 17.85 -10.31
C LEU A 518 -42.86 16.56 -11.00
N GLU A 519 -44.16 16.37 -11.08
CA GLU A 519 -44.72 15.16 -11.72
C GLU A 519 -44.36 15.13 -13.19
N ASN A 520 -44.82 16.12 -13.94
CA ASN A 520 -44.53 16.21 -15.37
C ASN A 520 -44.02 17.61 -15.71
N PRO A 521 -42.70 17.78 -15.78
CA PRO A 521 -42.10 19.07 -16.11
C PRO A 521 -42.10 19.34 -17.61
N THR A 522 -43.13 20.02 -18.09
CA THR A 522 -43.23 20.35 -19.50
C THR A 522 -42.20 21.41 -19.89
N ALA A 523 -42.04 21.64 -21.18
CA ALA A 523 -41.08 22.62 -21.68
C ALA A 523 -41.34 24.00 -21.05
N GLU A 524 -42.61 24.35 -20.94
CA GLU A 524 -43.01 25.63 -20.36
C GLU A 524 -42.54 25.74 -18.91
N GLN A 525 -42.73 24.66 -18.15
CA GLN A 525 -42.33 24.63 -16.75
C GLN A 525 -40.81 24.75 -16.61
N ILE A 526 -40.10 23.98 -17.40
CA ILE A 526 -38.64 23.97 -17.38
C ILE A 526 -38.07 25.35 -17.69
N GLU A 527 -38.57 25.98 -18.76
CA GLU A 527 -38.11 27.30 -19.15
C GLU A 527 -38.40 28.34 -18.07
N LYS A 528 -39.59 28.24 -17.48
CA LYS A 528 -40.00 29.17 -16.43
C LYS A 528 -39.06 29.07 -15.24
N ILE A 529 -38.81 27.85 -14.79
CA ILE A 529 -37.94 27.63 -13.64
C ILE A 529 -36.52 28.09 -13.95
N LYS A 530 -36.06 27.83 -15.17
CA LYS A 530 -34.72 28.25 -15.59
C LYS A 530 -34.60 29.77 -15.53
N ALA A 531 -35.66 30.45 -15.95
CA ALA A 531 -35.68 31.91 -15.94
C ALA A 531 -35.56 32.43 -14.52
N ASP A 532 -36.31 31.81 -13.60
CA ASP A 532 -36.28 32.21 -12.20
C ASP A 532 -34.92 31.88 -11.60
N TRP A 533 -34.40 30.71 -11.95
CA TRP A 533 -33.10 30.26 -11.46
C TRP A 533 -32.01 31.22 -11.88
N GLN A 534 -32.10 31.72 -13.11
CA GLN A 534 -31.13 32.67 -13.65
C GLN A 534 -31.04 33.90 -12.76
N VAL A 535 -32.20 34.43 -12.37
CA VAL A 535 -32.27 35.60 -11.51
C VAL A 535 -31.65 35.28 -10.15
N ARG A 536 -31.97 34.10 -9.65
CA ARG A 536 -31.45 33.63 -8.36
C ARG A 536 -29.93 33.52 -8.41
N HIS A 537 -29.40 33.06 -9.53
CA HIS A 537 -27.97 32.91 -9.71
C HIS A 537 -27.28 34.26 -9.72
N ASP A 538 -27.84 35.19 -10.50
CA ASP A 538 -27.29 36.55 -10.60
C ASP A 538 -27.37 37.27 -9.25
N ALA A 539 -28.42 36.96 -8.49
CA ALA A 539 -28.62 37.56 -7.18
C ALA A 539 -27.48 37.19 -6.23
N VAL A 540 -27.08 35.92 -6.27
CA VAL A 540 -26.00 35.43 -5.43
C VAL A 540 -24.68 36.09 -5.82
N LEU A 541 -24.51 36.34 -7.11
CA LEU A 541 -23.31 36.98 -7.61
C LEU A 541 -23.16 38.38 -7.02
N GLU A 542 -24.27 39.12 -6.98
CA GLU A 542 -24.26 40.47 -6.43
C GLU A 542 -24.15 40.44 -4.91
N ALA A 543 -24.45 39.28 -4.32
CA ALA A 543 -24.37 39.12 -2.88
C ALA A 543 -22.93 38.87 -2.45
N GLY A 544 -22.15 38.26 -3.34
CA GLY A 544 -20.76 37.97 -3.02
C GLY A 544 -20.41 36.52 -3.19
N GLY A 545 -21.22 35.79 -3.94
CA GLY A 545 -20.96 34.38 -4.16
C GLY A 545 -21.23 33.53 -2.93
N LEU A 546 -20.71 32.30 -2.93
CA LEU A 546 -20.90 31.40 -1.81
C LEU A 546 -19.95 31.77 -0.67
N HIS A 547 -20.53 32.09 0.48
CA HIS A 547 -19.75 32.47 1.65
C HIS A 547 -19.46 31.26 2.54
N ILE A 548 -18.18 30.94 2.65
CA ILE A 548 -17.75 29.82 3.46
C ILE A 548 -17.27 30.31 4.82
N ILE A 549 -17.72 29.67 5.89
CA ILE A 549 -17.32 30.05 7.23
C ILE A 549 -16.71 28.86 7.96
N GLY A 550 -15.48 29.02 8.42
CA GLY A 550 -14.82 27.96 9.15
C GLY A 550 -14.74 28.26 10.62
N THR A 551 -15.39 27.45 11.43
CA THR A 551 -15.39 27.63 12.88
C THR A 551 -14.06 27.24 13.48
N GLU A 552 -13.53 26.11 13.01
CA GLU A 552 -12.26 25.61 13.47
C GLU A 552 -11.43 25.12 12.30
N ARG A 553 -10.12 25.31 12.38
CA ARG A 553 -9.23 24.87 11.31
C ARG A 553 -8.68 23.49 11.65
N HIS A 554 -8.08 22.85 10.66
CA HIS A 554 -7.49 21.53 10.85
C HIS A 554 -5.98 21.64 10.86
N GLU A 555 -5.31 20.75 11.59
CA GLU A 555 -3.84 20.76 11.66
C GLU A 555 -3.27 20.65 10.25
N SER A 556 -3.50 19.51 9.62
CA SER A 556 -3.04 19.30 8.25
C SER A 556 -3.83 20.21 7.32
N ARG A 557 -3.13 21.12 6.66
CA ARG A 557 -3.73 22.08 5.74
C ARG A 557 -4.43 21.39 4.57
N ARG A 558 -4.15 20.10 4.36
CA ARG A 558 -4.76 19.34 3.28
C ARG A 558 -6.28 19.42 3.35
N ILE A 559 -6.82 19.24 4.55
CA ILE A 559 -8.26 19.29 4.75
C ILE A 559 -8.74 20.73 4.84
N ASP A 560 -7.88 21.59 5.39
CA ASP A 560 -8.19 23.02 5.54
C ASP A 560 -8.44 23.65 4.17
N ASN A 561 -7.49 23.44 3.27
CA ASN A 561 -7.59 23.98 1.91
C ASN A 561 -8.76 23.35 1.16
N GLN A 562 -9.10 22.12 1.53
CA GLN A 562 -10.21 21.41 0.91
C GLN A 562 -11.53 22.15 1.17
N LEU A 563 -11.63 22.72 2.37
CA LEU A 563 -12.82 23.47 2.76
C LEU A 563 -12.82 24.84 2.10
N ARG A 564 -11.64 25.43 1.97
CA ARG A 564 -11.49 26.74 1.35
C ARG A 564 -11.79 26.66 -0.15
N GLY A 565 -11.50 25.51 -0.74
CA GLY A 565 -11.72 25.31 -2.16
C GLY A 565 -13.14 24.87 -2.50
N ARG A 566 -14.06 24.98 -1.55
CA ARG A 566 -15.45 24.60 -1.78
C ARG A 566 -16.15 25.65 -2.63
N SER A 567 -15.75 26.90 -2.46
CA SER A 567 -16.32 28.00 -3.20
C SER A 567 -15.55 28.26 -4.49
N GLY A 568 -16.13 29.04 -5.38
CA GLY A 568 -15.48 29.33 -6.64
C GLY A 568 -15.36 28.12 -7.55
N ARG A 569 -16.49 27.47 -7.79
CA ARG A 569 -16.53 26.28 -8.64
C ARG A 569 -16.24 26.66 -10.08
N GLN A 570 -15.15 26.12 -10.63
CA GLN A 570 -14.73 26.39 -12.00
C GLN A 570 -14.45 27.88 -12.21
N GLY A 571 -14.08 28.56 -11.12
CA GLY A 571 -13.79 29.98 -11.21
C GLY A 571 -15.03 30.84 -11.04
N ASP A 572 -15.73 30.65 -9.94
CA ASP A 572 -16.94 31.42 -9.67
C ASP A 572 -16.68 32.42 -8.54
N ALA A 573 -17.73 33.03 -8.04
CA ALA A 573 -17.61 34.01 -6.96
C ALA A 573 -17.84 33.38 -5.60
N GLY A 574 -17.20 33.93 -4.57
CA GLY A 574 -17.34 33.41 -3.23
C GLY A 574 -16.55 34.22 -2.23
N SER A 575 -16.61 33.81 -0.96
CA SER A 575 -15.89 34.49 0.11
C SER A 575 -15.62 33.53 1.25
N SER A 576 -14.38 33.45 1.69
CA SER A 576 -14.01 32.56 2.78
C SER A 576 -13.67 33.33 4.05
N ARG A 577 -14.33 33.00 5.14
CA ARG A 577 -14.10 33.65 6.41
C ARG A 577 -13.88 32.60 7.50
N PHE A 578 -12.73 32.67 8.16
CA PHE A 578 -12.41 31.71 9.21
C PHE A 578 -12.36 32.40 10.58
N TYR A 579 -12.69 31.65 11.61
CA TYR A 579 -12.69 32.16 12.97
C TYR A 579 -11.90 31.22 13.87
N LEU A 580 -11.50 31.71 15.02
CA LEU A 580 -10.74 30.92 15.98
C LEU A 580 -10.79 31.56 17.36
N SER A 581 -10.74 30.75 18.39
CA SER A 581 -10.76 31.26 19.76
C SER A 581 -9.52 30.77 20.50
N MET A 582 -9.29 31.32 21.69
CA MET A 582 -8.15 30.93 22.50
C MET A 582 -8.48 29.67 23.29
N GLU A 583 -9.69 29.17 23.12
CA GLU A 583 -10.14 27.98 23.80
C GLU A 583 -10.07 26.76 22.89
N ASP A 584 -9.97 27.00 21.59
CA ASP A 584 -9.91 25.92 20.62
C ASP A 584 -8.58 25.18 20.69
N ALA A 585 -8.64 23.88 20.41
CA ALA A 585 -7.45 23.01 20.46
C ALA A 585 -6.41 23.39 19.42
N LEU A 586 -6.80 24.18 18.41
CA LEU A 586 -5.88 24.58 17.37
C LEU A 586 -4.75 25.45 17.91
N MET A 587 -4.99 26.09 19.06
CA MET A 587 -3.97 26.96 19.66
C MET A 587 -2.87 26.15 20.33
N ARG A 588 -3.01 24.82 20.32
CA ARG A 588 -2.02 23.94 20.92
C ARG A 588 -1.01 23.44 19.89
N ILE A 589 -1.24 23.75 18.61
CA ILE A 589 -0.34 23.29 17.55
C ILE A 589 0.89 24.19 17.46
N PHE A 590 0.84 25.33 18.13
CA PHE A 590 1.95 26.28 18.13
C PHE A 590 2.96 25.91 19.21
N ALA A 591 3.37 24.63 19.20
CA ALA A 591 4.33 24.07 20.18
C ALA A 591 3.70 23.96 21.56
N SER A 592 3.21 25.07 22.07
CA SER A 592 2.57 25.13 23.38
C SER A 592 1.60 26.31 23.41
N ASP A 593 0.42 26.09 23.99
CA ASP A 593 -0.62 27.13 24.06
C ASP A 593 -0.17 28.34 24.88
N ARG A 594 0.88 28.16 25.68
CA ARG A 594 1.41 29.26 26.49
C ARG A 594 1.95 30.36 25.58
N VAL A 595 2.53 29.95 24.45
CA VAL A 595 3.09 30.89 23.49
C VAL A 595 1.97 31.64 22.79
N SER A 596 0.97 30.89 22.35
CA SER A 596 -0.19 31.46 21.66
C SER A 596 -0.95 32.44 22.56
N GLY A 597 -0.74 32.31 23.87
CA GLY A 597 -1.39 33.18 24.82
C GLY A 597 -1.02 34.64 24.66
N MET A 598 0.05 34.91 23.92
CA MET A 598 0.50 36.28 23.69
C MET A 598 -0.52 37.04 22.85
N MET A 599 -1.34 36.29 22.11
CA MET A 599 -2.36 36.89 21.26
C MET A 599 -3.56 37.32 22.09
N ARG A 600 -3.61 36.89 23.35
CA ARG A 600 -4.70 37.25 24.25
C ARG A 600 -4.64 38.73 24.59
N LYS A 601 -3.49 39.34 24.35
CA LYS A 601 -3.29 40.76 24.63
C LYS A 601 -3.35 41.57 23.35
N LEU A 602 -4.09 41.09 22.37
CA LEU A 602 -4.24 41.79 21.10
C LEU A 602 -5.40 42.77 21.18
N GLY A 603 -6.23 42.62 22.20
CA GLY A 603 -7.37 43.49 22.40
C GLY A 603 -8.68 42.78 22.17
N MET A 604 -8.76 42.06 21.06
CA MET A 604 -9.96 41.30 20.67
C MET A 604 -11.13 42.21 20.34
N LYS A 605 -11.78 42.75 21.37
CA LYS A 605 -12.92 43.65 21.23
C LYS A 605 -14.07 42.96 20.48
N PRO A 606 -14.90 42.18 21.20
CA PRO A 606 -16.02 41.45 20.61
C PRO A 606 -17.00 42.38 19.90
N GLY A 607 -16.96 42.37 18.57
CA GLY A 607 -17.83 43.22 17.79
C GLY A 607 -17.05 44.08 16.83
N GLU A 608 -15.75 44.17 17.06
CA GLU A 608 -14.87 44.95 16.20
C GLU A 608 -13.96 44.03 15.40
N ALA A 609 -13.90 44.24 14.10
CA ALA A 609 -13.07 43.42 13.24
C ALA A 609 -11.64 43.93 13.24
N ILE A 610 -10.78 43.28 14.00
CA ILE A 610 -9.37 43.67 14.10
C ILE A 610 -8.66 43.44 12.77
N GLU A 611 -9.15 42.45 12.00
CA GLU A 611 -8.62 42.09 10.69
C GLU A 611 -7.09 42.13 10.61
N HIS A 612 -6.45 41.06 11.05
CA HIS A 612 -4.99 40.98 11.01
C HIS A 612 -4.56 39.80 10.15
N PRO A 613 -4.16 40.07 8.89
CA PRO A 613 -3.74 39.03 7.94
C PRO A 613 -2.57 38.18 8.43
N TRP A 614 -1.70 38.76 9.26
CA TRP A 614 -0.55 38.02 9.78
C TRP A 614 -0.97 36.84 10.65
N VAL A 615 -2.19 36.90 11.18
CA VAL A 615 -2.70 35.82 12.01
C VAL A 615 -2.89 34.56 11.16
N THR A 616 -3.55 34.74 10.02
CA THR A 616 -3.79 33.64 9.10
C THR A 616 -2.47 33.05 8.62
N LYS A 617 -1.52 33.93 8.34
CA LYS A 617 -0.21 33.51 7.88
C LYS A 617 0.54 32.75 8.96
N ALA A 618 0.31 33.11 10.21
CA ALA A 618 0.94 32.44 11.33
C ALA A 618 0.36 31.04 11.50
N ILE A 619 -0.96 30.93 11.38
CA ILE A 619 -1.64 29.65 11.51
C ILE A 619 -1.25 28.74 10.35
N ALA A 620 -1.25 29.28 9.13
CA ALA A 620 -0.89 28.53 7.94
C ALA A 620 0.54 28.00 8.05
N ASN A 621 1.41 28.79 8.68
CA ASN A 621 2.80 28.42 8.87
C ASN A 621 2.88 27.20 9.78
N ALA A 622 2.18 27.26 10.91
CA ALA A 622 2.15 26.17 11.86
C ALA A 622 1.48 24.94 11.27
N GLN A 623 0.44 25.17 10.47
CA GLN A 623 -0.30 24.09 9.83
C GLN A 623 0.62 23.24 8.95
N ARG A 624 1.47 23.90 8.18
CA ARG A 624 2.39 23.19 7.32
C ARG A 624 3.52 22.58 8.14
N LYS A 625 3.79 23.17 9.30
CA LYS A 625 4.83 22.67 10.19
C LYS A 625 4.43 21.34 10.78
N VAL A 626 3.14 21.19 11.09
CA VAL A 626 2.62 19.94 11.64
C VAL A 626 2.93 18.79 10.70
N GLU A 627 2.63 18.99 9.42
CA GLU A 627 2.88 17.97 8.42
C GLU A 627 4.38 17.79 8.19
N SER A 628 5.15 18.86 8.39
CA SER A 628 6.60 18.78 8.24
C SER A 628 7.16 17.80 9.26
N ARG A 629 6.54 17.78 10.43
CA ARG A 629 6.94 16.88 11.49
C ARG A 629 6.56 15.45 11.11
N ASN A 630 5.37 15.31 10.53
CA ASN A 630 4.88 14.02 10.09
C ASN A 630 5.73 13.49 8.94
N PHE A 631 6.18 14.41 8.09
CA PHE A 631 7.03 14.06 6.96
C PHE A 631 8.29 13.35 7.43
N ASP A 632 8.89 13.89 8.50
CA ASP A 632 10.10 13.30 9.06
C ASP A 632 9.81 11.87 9.52
N ILE A 633 8.64 11.68 10.12
CA ILE A 633 8.22 10.37 10.59
C ILE A 633 7.97 9.42 9.40
N ARG A 634 7.26 9.93 8.40
CA ARG A 634 6.96 9.16 7.20
C ARG A 634 8.25 8.71 6.53
N LYS A 635 9.21 9.62 6.46
CA LYS A 635 10.51 9.34 5.88
C LYS A 635 11.23 8.23 6.65
N GLN A 636 11.20 8.33 7.97
CA GLN A 636 11.85 7.33 8.83
C GLN A 636 11.23 5.95 8.61
N LEU A 637 9.92 5.92 8.46
CA LEU A 637 9.21 4.67 8.24
C LEU A 637 9.50 4.12 6.85
N LEU A 638 9.54 5.00 5.86
CA LEU A 638 9.82 4.61 4.49
C LEU A 638 11.25 4.10 4.35
N GLU A 639 12.12 4.55 5.25
CA GLU A 639 13.51 4.13 5.27
C GLU A 639 13.61 2.62 5.41
N TYR A 640 12.80 2.08 6.31
CA TYR A 640 12.77 0.65 6.56
C TYR A 640 11.97 -0.06 5.47
N ASP A 641 10.98 0.64 4.93
CA ASP A 641 10.13 0.09 3.89
C ASP A 641 10.90 -0.16 2.60
N ASP A 642 11.72 0.81 2.21
CA ASP A 642 12.50 0.70 0.97
C ASP A 642 13.50 -0.45 1.06
N VAL A 643 13.96 -0.77 2.27
CA VAL A 643 14.90 -1.86 2.47
C VAL A 643 14.25 -3.17 2.01
N ALA A 644 13.05 -3.41 2.50
CA ALA A 644 12.30 -4.61 2.14
C ALA A 644 11.84 -4.52 0.69
N ASN A 645 11.66 -3.30 0.23
CA ASN A 645 11.23 -3.03 -1.14
C ASN A 645 12.26 -3.52 -2.14
N ASP A 646 13.51 -3.11 -1.96
CA ASP A 646 14.59 -3.50 -2.86
C ASP A 646 14.78 -5.01 -2.85
N GLN A 647 14.78 -5.61 -1.66
CA GLN A 647 14.94 -7.05 -1.53
C GLN A 647 13.81 -7.77 -2.24
N ARG A 648 12.60 -7.25 -2.08
CA ARG A 648 11.42 -7.82 -2.73
C ARG A 648 11.55 -7.71 -4.24
N ARG A 649 11.96 -6.53 -4.70
CA ARG A 649 12.13 -6.29 -6.12
C ARG A 649 13.17 -7.24 -6.72
N ALA A 650 14.26 -7.43 -6.00
CA ALA A 650 15.34 -8.31 -6.44
C ALA A 650 14.88 -9.76 -6.54
N ILE A 651 14.31 -10.28 -5.46
CA ILE A 651 13.86 -11.66 -5.44
C ILE A 651 12.70 -11.89 -6.42
N TYR A 652 11.87 -10.86 -6.62
CA TYR A 652 10.75 -10.96 -7.55
C TYR A 652 11.25 -11.02 -8.98
N SER A 653 12.37 -10.36 -9.25
CA SER A 653 12.95 -10.35 -10.58
C SER A 653 13.42 -11.75 -10.94
N GLN A 654 14.11 -12.39 -10.01
CA GLN A 654 14.63 -13.74 -10.21
C GLN A 654 13.46 -14.72 -10.38
N ARG A 655 12.45 -14.58 -9.53
CA ARG A 655 11.28 -15.45 -9.59
C ARG A 655 10.54 -15.28 -10.93
N ASN A 656 10.51 -14.04 -11.41
CA ASN A 656 9.86 -13.74 -12.68
C ASN A 656 10.59 -14.40 -13.84
N GLU A 657 11.91 -14.37 -13.78
CA GLU A 657 12.72 -14.98 -14.82
C GLU A 657 12.43 -16.47 -14.92
N LEU A 658 12.46 -17.13 -13.76
CA LEU A 658 12.20 -18.58 -13.69
C LEU A 658 10.75 -18.88 -14.04
N LEU A 659 9.90 -17.86 -13.99
CA LEU A 659 8.50 -18.01 -14.31
C LEU A 659 8.28 -17.94 -15.82
N ASP A 660 8.93 -16.98 -16.47
CA ASP A 660 8.80 -16.78 -17.90
C ASP A 660 9.48 -17.89 -18.70
N VAL A 661 10.72 -18.21 -18.36
CA VAL A 661 11.47 -19.24 -19.08
C VAL A 661 10.88 -20.64 -18.83
N SER A 662 11.02 -21.50 -19.83
CA SER A 662 10.51 -22.86 -19.72
C SER A 662 11.57 -23.81 -19.19
N ASP A 663 12.79 -23.65 -19.68
CA ASP A 663 13.91 -24.49 -19.26
C ASP A 663 14.69 -23.81 -18.15
N VAL A 664 15.13 -24.60 -17.18
CA VAL A 664 15.87 -24.09 -16.04
C VAL A 664 17.09 -24.97 -15.73
N SER A 665 17.41 -25.88 -16.65
CA SER A 665 18.54 -26.80 -16.47
C SER A 665 19.84 -26.03 -16.21
N GLU A 666 20.01 -24.91 -16.89
CA GLU A 666 21.21 -24.10 -16.74
C GLU A 666 21.38 -23.62 -15.30
N THR A 667 20.33 -23.04 -14.75
CA THR A 667 20.36 -22.55 -13.38
C THR A 667 20.54 -23.69 -12.39
N ILE A 668 19.79 -24.76 -12.58
CA ILE A 668 19.84 -25.92 -11.70
C ILE A 668 21.25 -26.52 -11.65
N ASN A 669 21.89 -26.66 -12.79
CA ASN A 669 23.23 -27.24 -12.85
C ASN A 669 24.28 -26.29 -12.28
N SER A 670 24.15 -25.00 -12.59
CA SER A 670 25.09 -23.99 -12.11
C SER A 670 25.08 -23.90 -10.59
N ILE A 671 23.91 -24.01 -9.99
CA ILE A 671 23.80 -23.93 -8.52
C ILE A 671 24.08 -25.29 -7.89
N ARG A 672 23.93 -26.36 -8.68
CA ARG A 672 24.18 -27.72 -8.19
C ARG A 672 25.61 -27.86 -7.69
N GLU A 673 26.55 -27.46 -8.53
CA GLU A 673 27.96 -27.55 -8.19
C GLU A 673 28.30 -26.64 -7.00
N ASP A 674 27.64 -25.49 -6.93
CA ASP A 674 27.88 -24.54 -5.85
C ASP A 674 27.39 -25.11 -4.52
N VAL A 675 26.18 -25.67 -4.52
CA VAL A 675 25.61 -26.27 -3.33
C VAL A 675 26.49 -27.40 -2.82
N PHE A 676 26.93 -28.26 -3.73
CA PHE A 676 27.79 -29.37 -3.37
C PHE A 676 29.10 -28.87 -2.79
N LYS A 677 29.70 -27.88 -3.44
CA LYS A 677 30.96 -27.31 -2.99
C LYS A 677 30.80 -26.74 -1.58
N ALA A 678 29.77 -25.94 -1.37
CA ALA A 678 29.51 -25.34 -0.07
C ALA A 678 29.30 -26.40 1.01
N THR A 679 28.57 -27.46 0.67
CA THR A 679 28.31 -28.53 1.60
C THR A 679 29.61 -29.29 1.91
N ILE A 680 30.43 -29.50 0.89
CA ILE A 680 31.69 -30.21 1.06
C ILE A 680 32.66 -29.36 1.87
N ASP A 681 32.72 -28.06 1.57
CA ASP A 681 33.62 -27.14 2.27
C ASP A 681 33.30 -27.06 3.76
N ALA A 682 32.09 -27.48 4.13
CA ALA A 682 31.67 -27.46 5.52
C ALA A 682 32.23 -28.64 6.31
N TYR A 683 32.62 -29.69 5.60
CA TYR A 683 33.17 -30.88 6.24
C TYR A 683 34.62 -31.12 5.81
N ILE A 684 34.94 -30.69 4.59
CA ILE A 684 36.27 -30.85 4.03
C ILE A 684 36.83 -29.49 3.59
N PRO A 685 37.78 -28.94 4.34
CA PRO A 685 38.41 -27.66 4.01
C PRO A 685 39.34 -27.78 2.81
N PRO A 686 39.32 -26.80 1.90
CA PRO A 686 40.18 -26.82 0.71
C PRO A 686 41.67 -26.68 1.04
N GLN A 687 42.48 -27.56 0.46
CA GLN A 687 43.93 -27.56 0.64
C GLN A 687 44.33 -27.84 2.09
N SER A 688 43.64 -28.79 2.71
CA SER A 688 43.95 -29.14 4.10
C SER A 688 44.63 -30.51 4.15
N LEU A 689 44.44 -31.24 5.23
CA LEU A 689 45.04 -32.55 5.39
C LEU A 689 43.95 -33.62 5.42
N GLU A 690 44.33 -34.86 5.12
CA GLU A 690 43.41 -35.98 5.09
C GLU A 690 42.71 -36.19 6.44
N GLU A 691 43.45 -35.99 7.52
CA GLU A 691 42.90 -36.17 8.87
C GLU A 691 42.03 -34.99 9.27
N MET A 692 41.88 -34.03 8.37
CA MET A 692 41.07 -32.84 8.63
C MET A 692 39.75 -32.95 7.89
N TRP A 693 39.51 -34.10 7.28
CA TRP A 693 38.30 -34.32 6.51
C TRP A 693 37.31 -35.19 7.26
N ASP A 694 36.12 -34.67 7.50
CA ASP A 694 35.08 -35.42 8.20
C ASP A 694 34.33 -36.26 7.18
N ILE A 695 34.89 -37.40 6.85
CA ILE A 695 34.28 -38.32 5.89
C ILE A 695 32.90 -38.81 6.36
N PRO A 696 32.75 -39.29 7.62
CA PRO A 696 31.46 -39.78 8.12
C PRO A 696 30.38 -38.71 8.06
N GLY A 697 30.72 -37.49 8.46
CA GLY A 697 29.77 -36.40 8.43
C GLY A 697 29.29 -36.09 7.04
N LEU A 698 30.22 -36.06 6.09
CA LEU A 698 29.87 -35.77 4.70
C LEU A 698 29.05 -36.91 4.10
N GLN A 699 29.47 -38.15 4.39
CA GLN A 699 28.77 -39.33 3.89
C GLN A 699 27.33 -39.36 4.38
N GLU A 700 27.16 -39.09 5.67
CA GLU A 700 25.82 -39.08 6.26
C GLU A 700 24.95 -38.00 5.63
N ARG A 701 25.53 -36.83 5.41
CA ARG A 701 24.80 -35.73 4.79
C ARG A 701 24.38 -36.08 3.37
N LEU A 702 25.28 -36.71 2.63
CA LEU A 702 25.00 -37.12 1.26
C LEU A 702 23.86 -38.13 1.24
N LYS A 703 23.87 -39.02 2.23
CA LYS A 703 22.86 -40.05 2.35
C LYS A 703 21.64 -39.55 3.11
N ASN A 704 21.55 -38.24 3.31
CA ASN A 704 20.43 -37.65 4.03
C ASN A 704 19.75 -36.56 3.21
N ASP A 705 20.53 -35.61 2.72
CA ASP A 705 19.97 -34.50 1.97
C ASP A 705 20.07 -34.69 0.46
N PHE A 706 20.99 -35.51 -0.01
CA PHE A 706 21.15 -35.71 -1.44
C PHE A 706 20.69 -37.08 -1.89
N ASP A 707 20.34 -37.94 -0.93
CA ASP A 707 19.85 -39.30 -1.23
C ASP A 707 20.89 -40.06 -2.06
N LEU A 708 22.17 -39.78 -1.82
CA LEU A 708 23.23 -40.44 -2.56
C LEU A 708 24.16 -41.20 -1.63
N ASP A 709 24.21 -42.51 -1.80
CA ASP A 709 25.06 -43.37 -0.99
C ASP A 709 26.42 -43.53 -1.63
N LEU A 710 27.39 -42.76 -1.14
CA LEU A 710 28.75 -42.81 -1.67
C LEU A 710 29.74 -43.15 -0.57
N PRO A 711 30.52 -44.23 -0.76
CA PRO A 711 31.52 -44.66 0.21
C PRO A 711 32.84 -43.93 0.01
N ILE A 712 32.87 -42.66 0.40
CA ILE A 712 34.06 -41.83 0.27
C ILE A 712 35.25 -42.45 1.01
N ALA A 713 34.97 -43.04 2.16
CA ALA A 713 36.01 -43.68 2.96
C ALA A 713 36.66 -44.84 2.21
N GLU A 714 35.87 -45.46 1.33
CA GLU A 714 36.35 -46.58 0.53
C GLU A 714 37.11 -46.06 -0.68
N TRP A 715 36.63 -44.96 -1.24
CA TRP A 715 37.24 -44.35 -2.41
C TRP A 715 38.66 -43.91 -2.12
N LEU A 716 38.83 -43.07 -1.10
CA LEU A 716 40.15 -42.57 -0.73
C LEU A 716 41.06 -43.70 -0.24
N ASP A 717 40.45 -44.77 0.26
CA ASP A 717 41.18 -45.91 0.77
C ASP A 717 41.93 -46.63 -0.36
N LYS A 718 41.28 -46.74 -1.51
CA LYS A 718 41.88 -47.44 -2.65
C LYS A 718 42.49 -46.47 -3.66
N GLU A 719 41.93 -45.27 -3.75
CA GLU A 719 42.41 -44.27 -4.71
C GLU A 719 43.00 -43.07 -3.98
N PRO A 720 44.29 -43.10 -3.62
CA PRO A 720 44.96 -42.01 -2.93
C PRO A 720 45.20 -40.81 -3.85
N GLU A 721 45.23 -41.05 -5.15
CA GLU A 721 45.46 -39.99 -6.14
C GLU A 721 44.23 -39.11 -6.31
N LEU A 722 43.18 -39.37 -5.54
CA LEU A 722 41.97 -38.56 -5.61
C LEU A 722 42.26 -37.15 -5.12
N HIS A 723 43.25 -37.03 -4.24
CA HIS A 723 43.67 -35.75 -3.68
C HIS A 723 42.49 -35.05 -3.00
N GLU A 724 41.89 -34.07 -3.66
CA GLU A 724 40.77 -33.34 -3.08
C GLU A 724 39.79 -32.86 -4.14
N GLU A 725 40.31 -32.13 -5.13
CA GLU A 725 39.50 -31.59 -6.20
C GLU A 725 38.80 -32.71 -6.96
N THR A 726 39.57 -33.71 -7.36
CA THR A 726 39.04 -34.86 -8.08
C THR A 726 37.98 -35.57 -7.25
N LEU A 727 38.19 -35.60 -5.93
CA LEU A 727 37.25 -36.24 -5.01
C LEU A 727 35.92 -35.49 -5.02
N ARG A 728 36.01 -34.16 -5.00
CA ARG A 728 34.82 -33.30 -5.02
C ARG A 728 34.06 -33.50 -6.33
N GLU A 729 34.80 -33.50 -7.43
CA GLU A 729 34.21 -33.67 -8.76
C GLU A 729 33.57 -35.04 -8.90
N ARG A 730 34.20 -36.06 -8.32
CA ARG A 730 33.67 -37.42 -8.37
C ARG A 730 32.26 -37.46 -7.78
N ILE A 731 32.12 -36.88 -6.59
CA ILE A 731 30.83 -36.83 -5.91
C ILE A 731 29.80 -36.14 -6.80
N LEU A 732 30.19 -35.01 -7.37
CA LEU A 732 29.32 -34.23 -8.24
C LEU A 732 28.92 -35.03 -9.47
N ALA A 733 29.89 -35.66 -10.11
CA ALA A 733 29.64 -36.47 -11.30
C ALA A 733 28.67 -37.61 -11.03
N GLN A 734 28.90 -38.31 -9.92
CA GLN A 734 28.04 -39.42 -9.53
C GLN A 734 26.61 -38.93 -9.29
N SER A 735 26.50 -37.72 -8.75
CA SER A 735 25.22 -37.12 -8.48
C SER A 735 24.48 -36.83 -9.78
N ILE A 736 25.21 -36.26 -10.75
CA ILE A 736 24.63 -35.92 -12.04
C ILE A 736 24.19 -37.18 -12.78
N GLU A 737 24.97 -38.24 -12.65
CA GLU A 737 24.65 -39.51 -13.30
C GLU A 737 23.33 -40.07 -12.76
N VAL A 738 23.24 -40.23 -11.45
CA VAL A 738 22.04 -40.75 -10.82
C VAL A 738 20.85 -39.83 -11.06
N TYR A 739 21.12 -38.52 -11.08
CA TYR A 739 20.08 -37.53 -11.32
C TYR A 739 19.42 -37.78 -12.67
N GLN A 740 20.23 -37.95 -13.72
CA GLN A 740 19.72 -38.19 -15.05
C GLN A 740 18.97 -39.52 -15.11
N ARG A 741 19.48 -40.49 -14.36
CA ARG A 741 18.86 -41.81 -14.32
C ARG A 741 17.46 -41.71 -13.70
N LYS A 742 17.31 -40.85 -12.70
CA LYS A 742 16.02 -40.64 -12.06
C LYS A 742 15.10 -39.89 -13.03
N GLU A 743 15.71 -38.96 -13.76
CA GLU A 743 15.00 -38.13 -14.74
C GLU A 743 14.32 -38.97 -15.83
N GLU A 744 15.05 -39.94 -16.36
CA GLU A 744 14.54 -40.80 -17.44
C GLU A 744 13.27 -41.54 -17.05
N VAL A 745 13.12 -41.82 -15.76
CA VAL A 745 11.94 -42.54 -15.28
C VAL A 745 10.73 -41.62 -15.17
N VAL A 746 10.98 -40.35 -14.86
CA VAL A 746 9.90 -39.38 -14.72
C VAL A 746 9.56 -38.75 -16.07
N GLY A 747 10.58 -38.36 -16.80
CA GLY A 747 10.39 -37.74 -18.10
C GLY A 747 11.19 -36.47 -18.21
N ALA A 748 11.82 -36.26 -19.36
CA ALA A 748 12.64 -35.07 -19.59
C ALA A 748 11.85 -33.78 -19.40
N GLU A 749 10.79 -33.61 -20.18
CA GLU A 749 9.96 -32.40 -20.10
C GLU A 749 9.30 -32.28 -18.72
N MET A 750 8.92 -33.42 -18.16
CA MET A 750 8.28 -33.45 -16.85
C MET A 750 9.24 -33.00 -15.76
N MET A 751 10.49 -33.47 -15.83
CA MET A 751 11.50 -33.10 -14.84
C MET A 751 11.78 -31.60 -14.91
N ARG A 752 11.86 -31.07 -16.12
CA ARG A 752 12.12 -29.64 -16.30
C ARG A 752 11.00 -28.84 -15.66
N HIS A 753 9.78 -29.33 -15.81
CA HIS A 753 8.61 -28.67 -15.23
C HIS A 753 8.64 -28.81 -13.71
N PHE A 754 9.09 -29.97 -13.25
CA PHE A 754 9.21 -30.25 -11.82
C PHE A 754 10.23 -29.32 -11.18
N GLU A 755 11.41 -29.24 -11.79
CA GLU A 755 12.48 -28.37 -11.28
C GLU A 755 12.01 -26.92 -11.25
N LYS A 756 11.38 -26.49 -12.34
CA LYS A 756 10.85 -25.13 -12.44
C LYS A 756 9.86 -24.86 -11.31
N GLY A 757 8.97 -25.82 -11.08
CA GLY A 757 7.98 -25.67 -10.03
C GLY A 757 8.59 -25.67 -8.65
N VAL A 758 9.50 -26.61 -8.41
CA VAL A 758 10.17 -26.72 -7.12
C VAL A 758 10.93 -25.44 -6.79
N MET A 759 11.61 -24.88 -7.78
CA MET A 759 12.37 -23.65 -7.58
C MET A 759 11.44 -22.53 -7.13
N LEU A 760 10.33 -22.36 -7.84
CA LEU A 760 9.36 -21.33 -7.52
C LEU A 760 8.74 -21.57 -6.16
N GLN A 761 8.40 -22.84 -5.89
CA GLN A 761 7.79 -23.22 -4.62
C GLN A 761 8.73 -22.95 -3.45
N THR A 762 9.98 -23.37 -3.58
CA THR A 762 10.97 -23.17 -2.52
C THR A 762 11.21 -21.67 -2.30
N LEU A 763 11.26 -20.93 -3.40
CA LEU A 763 11.46 -19.49 -3.35
C LEU A 763 10.31 -18.85 -2.58
N ASP A 764 9.09 -19.25 -2.94
CA ASP A 764 7.90 -18.73 -2.29
C ASP A 764 7.87 -19.11 -0.81
N SER A 765 8.20 -20.37 -0.52
CA SER A 765 8.22 -20.86 0.85
C SER A 765 9.12 -20.00 1.73
N LEU A 766 10.31 -19.69 1.22
CA LEU A 766 11.27 -18.87 1.96
C LEU A 766 10.84 -17.41 1.97
N TRP A 767 10.06 -17.03 0.96
CA TRP A 767 9.57 -15.65 0.86
C TRP A 767 8.58 -15.38 1.98
N LYS A 768 7.75 -16.36 2.31
CA LYS A 768 6.78 -16.22 3.39
C LYS A 768 7.53 -16.01 4.69
N GLU A 769 8.61 -16.77 4.85
CA GLU A 769 9.46 -16.68 6.02
C GLU A 769 10.08 -15.30 6.09
N HIS A 770 10.72 -14.90 5.00
CA HIS A 770 11.39 -13.61 4.90
C HIS A 770 10.44 -12.46 5.22
N LEU A 771 9.18 -12.58 4.81
CA LEU A 771 8.19 -11.54 5.07
C LEU A 771 8.00 -11.36 6.57
N ALA A 772 7.91 -12.48 7.28
CA ALA A 772 7.74 -12.43 8.73
C ALA A 772 9.05 -12.07 9.42
N ALA A 773 10.15 -12.60 8.87
CA ALA A 773 11.48 -12.33 9.41
C ALA A 773 11.81 -10.85 9.40
N MET A 774 11.46 -10.18 8.30
CA MET A 774 11.70 -8.74 8.17
C MET A 774 10.99 -7.98 9.27
N ASP A 775 9.79 -8.43 9.62
CA ASP A 775 9.00 -7.80 10.67
C ASP A 775 9.61 -8.09 12.04
N TYR A 776 9.97 -9.35 12.26
CA TYR A 776 10.58 -9.77 13.53
C TYR A 776 11.80 -8.91 13.83
N LEU A 777 12.61 -8.67 12.81
CA LEU A 777 13.82 -7.87 12.96
C LEU A 777 13.49 -6.37 12.99
N ARG A 778 12.43 -5.99 12.29
CA ARG A 778 12.01 -4.58 12.23
C ARG A 778 11.70 -4.04 13.62
N GLN A 779 10.98 -4.83 14.41
CA GLN A 779 10.65 -4.41 15.77
C GLN A 779 11.74 -4.84 16.75
N GLY A 780 12.39 -5.96 16.45
CA GLY A 780 13.43 -6.48 17.32
C GLY A 780 14.70 -5.64 17.28
N ILE A 781 14.92 -4.94 16.18
CA ILE A 781 16.11 -4.11 16.01
C ILE A 781 16.16 -2.98 17.05
N HIS A 782 15.02 -2.70 17.67
CA HIS A 782 14.94 -1.66 18.68
C HIS A 782 15.80 -2.02 19.90
N LEU A 783 15.98 -3.32 20.11
CA LEU A 783 16.77 -3.81 21.22
C LEU A 783 18.19 -4.16 20.75
N ARG A 784 18.46 -3.92 19.48
CA ARG A 784 19.77 -4.22 18.91
C ARG A 784 20.50 -2.92 18.59
N GLY A 785 19.75 -1.84 18.44
CA GLY A 785 20.35 -0.56 18.13
C GLY A 785 20.99 0.09 19.35
N TYR A 786 22.24 -0.24 19.59
CA TYR A 786 22.98 0.31 20.72
C TYR A 786 23.49 1.71 20.43
N ALA A 787 24.22 2.29 21.37
CA ALA A 787 24.77 3.63 21.19
C ALA A 787 25.95 3.60 20.23
N GLN A 788 26.24 4.75 19.61
CA GLN A 788 27.34 4.88 18.66
C GLN A 788 27.08 4.07 17.40
N LYS A 789 25.81 4.02 17.00
CA LYS A 789 25.42 3.28 15.80
C LYS A 789 23.99 3.63 15.41
N ASP A 790 23.75 3.83 14.13
CA ASP A 790 22.42 4.16 13.64
C ASP A 790 21.55 2.91 13.53
N PRO A 791 20.34 2.95 14.12
CA PRO A 791 19.42 1.81 14.12
C PRO A 791 18.91 1.42 12.74
N LYS A 792 18.91 2.36 11.80
CA LYS A 792 18.45 2.08 10.45
C LYS A 792 19.55 1.42 9.64
N GLN A 793 20.74 1.97 9.74
CA GLN A 793 21.89 1.45 9.03
C GLN A 793 22.23 0.04 9.47
N GLU A 794 22.22 -0.21 10.78
CA GLU A 794 22.52 -1.54 11.30
C GLU A 794 21.43 -2.52 10.87
N TYR A 795 20.19 -2.04 10.81
CA TYR A 795 19.06 -2.87 10.39
C TYR A 795 19.27 -3.34 8.96
N LYS A 796 19.63 -2.40 8.09
CA LYS A 796 19.87 -2.71 6.69
C LYS A 796 20.96 -3.76 6.56
N ARG A 797 21.99 -3.63 7.38
CA ARG A 797 23.10 -4.57 7.40
C ARG A 797 22.60 -5.98 7.72
N GLU A 798 21.89 -6.10 8.84
CA GLU A 798 21.35 -7.38 9.28
C GLU A 798 20.39 -7.95 8.23
N SER A 799 19.61 -7.06 7.60
CA SER A 799 18.66 -7.46 6.58
C SER A 799 19.37 -8.02 5.36
N PHE A 800 20.51 -7.45 5.02
CA PHE A 800 21.29 -7.90 3.86
C PHE A 800 21.85 -9.29 4.14
N SER A 801 22.32 -9.50 5.35
CA SER A 801 22.87 -10.80 5.76
C SER A 801 21.76 -11.85 5.76
N MET A 802 20.58 -11.44 6.20
CA MET A 802 19.41 -12.32 6.23
C MET A 802 19.04 -12.76 4.81
N PHE A 803 19.08 -11.81 3.88
CA PHE A 803 18.74 -12.10 2.49
C PHE A 803 19.76 -13.06 1.88
N ALA A 804 21.04 -12.83 2.17
CA ALA A 804 22.11 -13.68 1.67
C ALA A 804 21.95 -15.10 2.17
N ALA A 805 21.68 -15.22 3.47
CA ALA A 805 21.48 -16.53 4.10
C ALA A 805 20.27 -17.24 3.49
N MET A 806 19.25 -16.46 3.18
CA MET A 806 18.03 -16.98 2.58
C MET A 806 18.34 -17.56 1.19
N LEU A 807 19.19 -16.86 0.45
CA LEU A 807 19.58 -17.30 -0.89
C LEU A 807 20.36 -18.61 -0.82
N GLU A 808 21.23 -18.72 0.18
CA GLU A 808 22.02 -19.93 0.38
C GLU A 808 21.11 -21.10 0.73
N SER A 809 20.13 -20.83 1.57
CA SER A 809 19.18 -21.86 1.98
C SER A 809 18.29 -22.26 0.80
N LEU A 810 18.04 -21.30 -0.09
CA LEU A 810 17.22 -21.53 -1.27
C LEU A 810 17.87 -22.56 -2.19
N LYS A 811 19.10 -22.27 -2.61
CA LYS A 811 19.82 -23.18 -3.50
C LYS A 811 20.04 -24.55 -2.83
N TYR A 812 20.23 -24.53 -1.51
CA TYR A 812 20.44 -25.74 -0.74
C TYR A 812 19.25 -26.70 -0.84
N GLU A 813 18.09 -26.24 -0.38
CA GLU A 813 16.89 -27.08 -0.41
C GLU A 813 16.42 -27.40 -1.82
N VAL A 814 16.63 -26.49 -2.76
CA VAL A 814 16.21 -26.73 -4.13
C VAL A 814 16.91 -27.97 -4.70
N ILE A 815 18.24 -27.97 -4.63
CA ILE A 815 19.02 -29.09 -5.14
C ILE A 815 18.78 -30.34 -4.31
N SER A 816 18.70 -30.17 -2.99
CA SER A 816 18.46 -31.29 -2.09
C SER A 816 17.13 -31.97 -2.41
N THR A 817 16.06 -31.20 -2.50
CA THR A 817 14.73 -31.73 -2.78
C THR A 817 14.69 -32.46 -4.13
N LEU A 818 15.40 -31.91 -5.12
CA LEU A 818 15.45 -32.51 -6.45
C LEU A 818 16.17 -33.86 -6.42
N SER A 819 16.94 -34.10 -5.38
CA SER A 819 17.67 -35.35 -5.24
C SER A 819 16.97 -36.27 -4.23
N LYS A 820 16.35 -35.66 -3.22
CA LYS A 820 15.63 -36.38 -2.17
C LYS A 820 14.43 -37.15 -2.73
N VAL A 821 13.92 -36.70 -3.88
CA VAL A 821 12.77 -37.33 -4.50
C VAL A 821 13.02 -38.82 -4.73
N GLN A 822 12.13 -39.64 -4.17
CA GLN A 822 12.24 -41.09 -4.30
C GLN A 822 11.54 -41.55 -5.57
N VAL A 823 12.31 -41.65 -6.64
CA VAL A 823 11.78 -42.09 -7.93
C VAL A 823 11.90 -43.60 -8.03
N ARG A 824 10.87 -44.25 -8.55
CA ARG A 824 10.86 -45.70 -8.71
C ARG A 824 11.78 -46.10 -9.85
N MET A 825 13.02 -46.41 -9.51
CA MET A 825 14.02 -46.79 -10.49
C MET A 825 14.13 -48.31 -10.57
N PRO A 826 13.92 -48.87 -11.77
CA PRO A 826 14.02 -50.31 -12.00
C PRO A 826 15.48 -50.75 -12.11
N GLU A 827 15.70 -52.06 -12.13
CA GLU A 827 17.05 -52.61 -12.24
C GLU A 827 17.65 -52.29 -13.60
N GLU A 828 18.63 -51.38 -13.60
CA GLU A 828 19.30 -50.99 -14.82
C GLU A 828 20.53 -51.87 -15.04
N MET B 1 31.92 -54.19 17.35
CA MET B 1 32.35 -53.28 16.27
C MET B 1 32.11 -51.84 16.67
N MET B 2 32.57 -50.90 15.84
CA MET B 2 32.39 -49.49 16.12
C MET B 2 30.99 -49.04 15.73
N ILE B 3 30.17 -48.77 16.72
CA ILE B 3 28.80 -48.33 16.48
C ILE B 3 28.68 -46.82 16.55
N THR B 4 28.84 -46.19 15.39
CA THR B 4 28.77 -44.74 15.30
C THR B 4 27.32 -44.25 15.35
N LEU B 5 26.87 -43.88 16.53
CA LEU B 5 25.50 -43.40 16.70
C LEU B 5 25.45 -41.89 16.54
N ARG B 6 24.49 -41.41 15.76
CA ARG B 6 24.34 -39.99 15.51
C ARG B 6 22.87 -39.62 15.33
N LYS B 7 22.51 -38.42 15.77
CA LYS B 7 21.14 -37.95 15.63
C LYS B 7 20.93 -37.31 14.26
N ARG B 8 21.03 -38.13 13.22
CA ARG B 8 20.86 -37.65 11.86
C ARG B 8 19.39 -37.33 11.59
N ARG B 9 18.52 -37.90 12.42
CA ARG B 9 17.09 -37.66 12.28
C ARG B 9 16.72 -36.36 12.97
N LYS B 10 17.19 -35.25 12.41
CA LYS B 10 16.93 -33.94 12.96
C LYS B 10 15.48 -33.53 12.69
N LEU B 11 14.90 -32.77 13.59
CA LEU B 11 13.51 -32.34 13.45
C LEU B 11 13.42 -30.91 12.91
N PRO B 12 13.14 -30.76 11.60
CA PRO B 12 13.01 -29.47 10.96
C PRO B 12 11.58 -28.93 11.07
N LEU B 13 10.82 -29.48 12.00
CA LEU B 13 9.43 -29.08 12.21
C LEU B 13 9.32 -27.61 12.59
N ALA B 14 10.32 -27.09 13.28
CA ALA B 14 10.32 -25.69 13.68
C ALA B 14 10.44 -24.77 12.48
N VAL B 15 11.17 -25.22 11.47
CA VAL B 15 11.37 -24.45 10.26
C VAL B 15 10.18 -24.60 9.32
N ALA B 16 9.57 -25.79 9.34
CA ALA B 16 8.42 -26.10 8.49
C ALA B 16 7.23 -25.20 8.80
N VAL B 17 7.24 -24.55 9.97
CA VAL B 17 6.16 -23.67 10.36
C VAL B 17 6.10 -22.44 9.44
N ALA B 18 7.26 -21.97 9.02
CA ALA B 18 7.34 -20.80 8.15
C ALA B 18 6.78 -21.10 6.77
N ALA B 19 7.09 -22.28 6.26
CA ALA B 19 6.63 -22.69 4.94
C ALA B 19 5.24 -23.30 5.03
N GLY B 20 4.77 -23.47 6.26
CA GLY B 20 3.45 -24.06 6.49
C GLY B 20 2.32 -23.23 5.91
N VAL B 21 2.53 -21.91 5.89
CA VAL B 21 1.51 -20.99 5.38
C VAL B 21 1.20 -21.28 3.91
N MET B 22 2.21 -21.70 3.17
CA MET B 22 2.05 -22.00 1.74
C MET B 22 2.69 -23.34 1.41
N SER B 23 2.27 -24.38 2.10
CA SER B 23 2.82 -25.70 1.89
C SER B 23 2.13 -26.41 0.72
N ALA B 24 2.68 -26.24 -0.46
CA ALA B 24 2.14 -26.89 -1.64
C ALA B 24 2.78 -28.26 -1.79
N GLN B 25 2.12 -29.15 -2.50
CA GLN B 25 2.65 -30.49 -2.67
C GLN B 25 2.41 -31.00 -4.09
N ALA B 26 3.35 -31.78 -4.58
CA ALA B 26 3.25 -32.36 -5.92
C ALA B 26 2.91 -33.84 -5.80
N MET B 27 3.75 -34.70 -6.37
CA MET B 27 3.51 -36.14 -6.29
C MET B 27 4.08 -36.70 -5.00
N ALA B 28 5.16 -36.10 -4.52
CA ALA B 28 5.81 -36.52 -3.29
C ALA B 28 6.55 -35.35 -2.65
N VAL A 1 10.48 16.38 -19.01
CA VAL A 1 10.13 17.53 -19.87
C VAL A 1 11.12 18.67 -19.64
N PHE A 2 11.57 19.30 -20.72
CA PHE A 2 12.51 20.40 -20.63
C PHE A 2 11.79 21.70 -20.32
N GLY A 3 12.23 22.36 -19.26
CA GLY A 3 11.62 23.62 -18.87
C GLY A 3 11.40 23.71 -17.37
N SER A 4 11.45 24.93 -16.85
CA SER A 4 11.24 25.18 -15.42
C SER A 4 9.81 24.78 -15.02
N ARG A 5 9.67 24.33 -13.79
CA ARG A 5 8.38 23.89 -13.28
C ARG A 5 7.38 25.03 -13.14
N ASN A 6 6.12 24.70 -13.43
CA ASN A 6 4.99 25.63 -13.33
C ASN A 6 5.04 26.74 -14.39
N ASP A 7 5.82 27.78 -14.10
CA ASP A 7 5.94 28.95 -14.97
C ASP A 7 6.29 28.59 -16.42
N ARG A 8 7.41 27.94 -16.63
CA ARG A 8 7.85 27.59 -17.97
C ARG A 8 7.01 26.48 -18.61
N THR A 9 6.68 25.46 -17.83
CA THR A 9 5.91 24.34 -18.34
C THR A 9 4.55 24.77 -18.90
N LEU A 10 3.80 25.53 -18.10
CA LEU A 10 2.47 26.00 -18.52
C LEU A 10 2.58 26.92 -19.72
N ARG A 11 3.61 27.75 -19.75
CA ARG A 11 3.81 28.67 -20.85
C ARG A 11 4.10 27.91 -22.14
N ARG A 12 4.98 26.91 -22.05
CA ARG A 12 5.34 26.10 -23.21
C ARG A 12 4.11 25.33 -23.70
N MET A 13 3.34 24.81 -22.77
CA MET A 13 2.13 24.06 -23.10
C MET A 13 1.10 24.98 -23.75
N ARG A 14 1.06 26.22 -23.30
CA ARG A 14 0.13 27.21 -23.85
C ARG A 14 0.41 27.44 -25.33
N LYS A 15 1.68 27.34 -25.71
CA LYS A 15 2.08 27.51 -27.10
C LYS A 15 1.53 26.36 -27.93
N VAL A 16 1.49 25.18 -27.32
CA VAL A 16 0.96 23.99 -27.97
C VAL A 16 -0.54 24.10 -28.09
N VAL A 17 -1.17 24.64 -27.04
CA VAL A 17 -2.61 24.83 -27.01
C VAL A 17 -3.07 25.70 -28.17
N ASN A 18 -2.26 26.69 -28.53
CA ASN A 18 -2.58 27.58 -29.64
C ASN A 18 -2.70 26.78 -30.93
N ILE A 19 -1.83 25.79 -31.09
CA ILE A 19 -1.85 24.93 -32.27
C ILE A 19 -3.14 24.12 -32.28
N ILE A 20 -3.49 23.59 -31.12
CA ILE A 20 -4.71 22.79 -30.95
C ILE A 20 -5.94 23.65 -31.24
N ASN A 21 -5.87 24.92 -30.86
CA ASN A 21 -6.97 25.86 -31.09
C ASN A 21 -7.19 26.06 -32.58
N ALA A 22 -6.10 26.05 -33.34
CA ALA A 22 -6.18 26.22 -34.78
C ALA A 22 -6.55 24.91 -35.47
N MET A 23 -6.22 23.81 -34.80
CA MET A 23 -6.51 22.48 -35.34
C MET A 23 -7.98 22.11 -35.10
N GLU A 24 -8.61 22.78 -34.16
CA GLU A 24 -10.02 22.52 -33.84
C GLU A 24 -10.91 22.73 -35.08
N PRO A 25 -10.89 23.93 -35.72
CA PRO A 25 -11.71 24.19 -36.91
C PRO A 25 -11.31 23.29 -38.07
N GLU A 26 -10.10 22.75 -38.00
CA GLU A 26 -9.61 21.87 -39.04
C GLU A 26 -10.28 20.51 -38.93
N MET A 27 -10.38 20.01 -37.70
CA MET A 27 -11.02 18.72 -37.44
C MET A 27 -12.52 18.81 -37.68
N GLU A 28 -13.05 20.03 -37.59
CA GLU A 28 -14.47 20.26 -37.81
C GLU A 28 -14.84 19.97 -39.27
N LYS A 29 -13.85 20.03 -40.15
CA LYS A 29 -14.08 19.76 -41.57
C LYS A 29 -13.97 18.26 -41.84
N LEU A 30 -13.59 17.52 -40.82
CA LEU A 30 -13.43 16.08 -40.92
C LEU A 30 -14.66 15.39 -40.35
N SER A 31 -15.05 14.31 -41.01
CA SER A 31 -16.21 13.54 -40.58
C SER A 31 -15.86 12.71 -39.35
N ASP A 32 -16.87 12.12 -38.73
CA ASP A 32 -16.68 11.31 -37.53
C ASP A 32 -15.74 10.14 -37.81
N GLU A 33 -15.89 9.56 -38.99
CA GLU A 33 -15.05 8.43 -39.39
C GLU A 33 -13.61 8.87 -39.59
N GLU A 34 -13.43 10.10 -40.04
CA GLU A 34 -12.10 10.64 -40.28
C GLU A 34 -11.37 10.88 -38.96
N LEU A 35 -12.12 11.27 -37.94
CA LEU A 35 -11.55 11.49 -36.61
C LEU A 35 -10.94 10.19 -36.10
N LYS A 36 -11.67 9.11 -36.29
CA LYS A 36 -11.24 7.78 -35.89
C LYS A 36 -10.05 7.36 -36.73
N GLY A 37 -10.04 7.81 -37.98
CA GLY A 37 -8.95 7.49 -38.89
C GLY A 37 -7.64 8.06 -38.39
N LYS A 38 -7.70 9.22 -37.76
CA LYS A 38 -6.51 9.86 -37.21
C LYS A 38 -5.96 9.02 -36.06
N THR A 39 -6.87 8.44 -35.28
CA THR A 39 -6.50 7.59 -34.16
C THR A 39 -5.68 6.39 -34.65
N ALA A 40 -6.16 5.77 -35.73
CA ALA A 40 -5.48 4.63 -36.33
C ALA A 40 -4.15 5.06 -36.93
N GLU A 41 -4.11 6.28 -37.44
CA GLU A 41 -2.90 6.85 -38.05
C GLU A 41 -1.81 7.02 -36.99
N PHE A 42 -2.21 7.48 -35.80
CA PHE A 42 -1.27 7.68 -34.71
C PHE A 42 -0.59 6.38 -34.31
N ARG A 43 -1.37 5.31 -34.26
CA ARG A 43 -0.82 3.99 -33.90
C ARG A 43 0.26 3.57 -34.88
N ALA A 44 0.01 3.81 -36.17
CA ALA A 44 0.95 3.46 -37.22
C ALA A 44 2.19 4.37 -37.15
N ARG A 45 1.95 5.66 -36.91
CA ARG A 45 3.03 6.62 -36.82
C ARG A 45 3.98 6.29 -35.68
N LEU A 46 3.43 5.81 -34.57
CA LEU A 46 4.22 5.44 -33.41
C LEU A 46 5.17 4.29 -33.74
N GLU A 47 4.66 3.33 -34.51
CA GLU A 47 5.47 2.18 -34.92
C GLU A 47 6.55 2.60 -35.90
N LYS A 48 6.24 3.61 -36.72
CA LYS A 48 7.18 4.12 -37.70
C LYS A 48 8.33 4.84 -37.02
N GLY A 49 8.02 5.91 -36.30
CA GLY A 49 9.06 6.66 -35.62
C GLY A 49 8.58 7.99 -35.07
N GLU A 50 7.29 8.07 -34.75
CA GLU A 50 6.73 9.30 -34.20
C GLU A 50 6.73 9.22 -32.67
N VAL A 51 7.03 10.34 -32.04
CA VAL A 51 7.06 10.41 -30.58
C VAL A 51 5.66 10.73 -30.07
N LEU A 52 5.28 10.08 -28.98
CA LEU A 52 3.97 10.29 -28.38
C LEU A 52 3.75 11.76 -28.03
N GLU A 53 4.79 12.39 -27.52
CA GLU A 53 4.74 13.80 -27.15
C GLU A 53 4.49 14.70 -28.36
N ASN A 54 4.79 14.20 -29.55
CA ASN A 54 4.59 14.98 -30.78
C ASN A 54 3.14 14.88 -31.23
N LEU A 55 2.45 13.85 -30.76
CA LEU A 55 1.07 13.62 -31.13
C LEU A 55 0.12 14.47 -30.28
N ILE A 56 0.64 15.11 -29.25
CA ILE A 56 -0.16 15.94 -28.35
C ILE A 56 -1.07 16.94 -29.11
N PRO A 57 -0.53 17.78 -30.02
CA PRO A 57 -1.34 18.76 -30.75
C PRO A 57 -2.47 18.13 -31.57
N GLU A 58 -2.12 17.12 -32.36
CA GLU A 58 -3.09 16.44 -33.22
C GLU A 58 -4.09 15.62 -32.41
N ALA A 59 -3.59 14.88 -31.41
CA ALA A 59 -4.45 14.04 -30.58
C ALA A 59 -5.45 14.85 -29.76
N PHE A 60 -4.96 15.90 -29.11
CA PHE A 60 -5.82 16.75 -28.29
C PHE A 60 -6.91 17.41 -29.13
N ALA A 61 -6.57 17.73 -30.38
CA ALA A 61 -7.51 18.33 -31.30
C ALA A 61 -8.64 17.35 -31.61
N VAL A 62 -8.28 16.10 -31.87
CA VAL A 62 -9.25 15.06 -32.17
C VAL A 62 -10.21 14.86 -31.00
N VAL A 63 -9.64 14.76 -29.81
CA VAL A 63 -10.44 14.58 -28.59
C VAL A 63 -11.36 15.77 -28.38
N ARG A 64 -10.83 16.97 -28.60
CA ARG A 64 -11.59 18.19 -28.45
C ARG A 64 -12.79 18.20 -29.39
N GLU A 65 -12.55 17.83 -30.64
CA GLU A 65 -13.61 17.77 -31.64
C GLU A 65 -14.64 16.72 -31.27
N ALA A 66 -14.16 15.56 -30.84
CA ALA A 66 -15.03 14.47 -30.43
C ALA A 66 -15.91 14.90 -29.26
N SER A 67 -15.36 15.75 -28.40
CA SER A 67 -16.08 16.25 -27.24
C SER A 67 -17.28 17.08 -27.70
N LYS A 68 -17.12 17.83 -28.78
CA LYS A 68 -18.18 18.69 -29.30
C LYS A 68 -19.29 17.88 -29.97
N ARG A 69 -19.03 16.60 -30.21
CA ARG A 69 -20.02 15.75 -30.87
C ARG A 69 -20.61 14.70 -29.91
N VAL A 70 -19.78 14.12 -29.06
CA VAL A 70 -20.23 13.10 -28.12
C VAL A 70 -20.88 13.72 -26.87
N PHE A 71 -20.23 14.73 -26.32
CA PHE A 71 -20.74 15.39 -25.13
C PHE A 71 -21.44 16.70 -25.47
N GLY A 72 -21.02 17.32 -26.57
CA GLY A 72 -21.60 18.57 -26.99
C GLY A 72 -20.93 19.76 -26.34
N MET A 73 -19.88 19.48 -25.58
CA MET A 73 -19.14 20.52 -24.89
C MET A 73 -17.71 20.56 -25.41
N ARG A 74 -17.16 21.76 -25.58
CA ARG A 74 -15.81 21.91 -26.07
C ARG A 74 -14.81 21.81 -24.93
N HIS A 75 -13.71 21.11 -25.17
CA HIS A 75 -12.66 20.96 -24.18
C HIS A 75 -12.01 22.32 -23.94
N PHE A 76 -12.17 22.84 -22.73
CA PHE A 76 -11.63 24.14 -22.36
C PHE A 76 -10.13 24.24 -22.60
N ASP A 77 -9.66 25.45 -22.85
CA ASP A 77 -8.24 25.72 -23.11
C ASP A 77 -7.40 25.35 -21.89
N VAL A 78 -7.90 25.67 -20.71
CA VAL A 78 -7.18 25.39 -19.47
C VAL A 78 -7.11 23.88 -19.21
N GLN A 79 -8.09 23.15 -19.72
CA GLN A 79 -8.14 21.70 -19.56
C GLN A 79 -7.04 21.05 -20.38
N LEU A 80 -6.69 21.67 -21.51
CA LEU A 80 -5.64 21.15 -22.37
C LEU A 80 -4.31 21.20 -21.64
N LEU A 81 -4.12 22.25 -20.83
CA LEU A 81 -2.90 22.40 -20.05
C LEU A 81 -2.81 21.29 -19.01
N GLY A 82 -3.89 21.10 -18.27
CA GLY A 82 -3.93 20.06 -17.25
C GLY A 82 -3.73 18.68 -17.85
N GLY A 83 -4.38 18.43 -18.98
CA GLY A 83 -4.26 17.15 -19.64
C GLY A 83 -2.85 16.90 -20.15
N MET A 84 -2.18 17.98 -20.57
CA MET A 84 -0.83 17.88 -21.08
C MET A 84 0.15 17.56 -19.96
N VAL A 85 -0.12 18.11 -18.79
CA VAL A 85 0.72 17.87 -17.61
C VAL A 85 0.64 16.40 -17.18
N LEU A 86 -0.53 15.82 -17.38
CA LEU A 86 -0.77 14.43 -17.00
C LEU A 86 -0.09 13.45 -17.97
N ASN A 87 0.57 13.97 -19.00
CA ASN A 87 1.27 13.11 -19.95
C ASN A 87 2.62 12.69 -19.37
N GLU A 88 3.17 13.55 -18.53
CA GLU A 88 4.45 13.29 -17.91
C GLU A 88 4.26 12.84 -16.47
N ARG A 89 5.36 12.48 -15.82
CA ARG A 89 5.31 12.03 -14.43
C ARG A 89 5.19 13.22 -13.48
N CYS A 90 3.98 13.77 -13.37
CA CYS A 90 3.74 14.90 -12.49
C CYS A 90 2.30 14.93 -11.99
N ILE A 91 2.09 15.66 -10.89
CA ILE A 91 0.78 15.80 -10.29
C ILE A 91 0.17 17.14 -10.70
N ALA A 92 -1.10 17.13 -11.08
CA ALA A 92 -1.77 18.34 -11.50
C ALA A 92 -2.83 18.77 -10.48
N GLU A 93 -2.58 19.89 -9.82
CA GLU A 93 -3.51 20.42 -8.83
C GLU A 93 -4.53 21.30 -9.54
N MET A 94 -5.79 20.90 -9.49
CA MET A 94 -6.85 21.63 -10.17
C MET A 94 -7.79 22.30 -9.16
N ARG A 95 -8.77 23.02 -9.69
CA ARG A 95 -9.75 23.71 -8.87
C ARG A 95 -11.10 23.00 -9.01
N THR A 96 -11.84 22.92 -7.93
CA THR A 96 -13.14 22.27 -7.94
C THR A 96 -14.12 23.06 -8.81
N GLY A 97 -14.47 22.48 -9.95
CA GLY A 97 -15.39 23.12 -10.86
C GLY A 97 -14.85 23.22 -12.27
N GLU A 98 -13.53 23.18 -12.40
CA GLU A 98 -12.89 23.27 -13.71
C GLU A 98 -13.03 21.95 -14.48
N GLY A 99 -12.86 20.85 -13.77
CA GLY A 99 -12.97 19.55 -14.39
C GLY A 99 -12.19 18.50 -13.63
N LYS A 100 -12.65 17.26 -13.67
CA LYS A 100 -11.97 16.17 -12.98
C LYS A 100 -11.57 15.08 -13.97
N THR A 101 -12.51 14.22 -14.34
CA THR A 101 -12.23 13.14 -15.26
C THR A 101 -12.25 13.64 -16.70
N LEU A 102 -12.97 14.74 -16.92
CA LEU A 102 -13.08 15.34 -18.24
C LEU A 102 -11.70 15.83 -18.72
N THR A 103 -10.83 16.11 -17.76
CA THR A 103 -9.49 16.58 -18.07
C THR A 103 -8.53 15.41 -18.27
N ALA A 104 -8.90 14.25 -17.75
CA ALA A 104 -8.06 13.06 -17.83
C ALA A 104 -8.23 12.32 -19.16
N THR A 105 -9.22 12.73 -19.95
CA THR A 105 -9.48 12.09 -21.23
C THR A 105 -8.34 12.32 -22.23
N LEU A 106 -7.71 13.50 -22.13
CA LEU A 106 -6.62 13.86 -23.03
C LEU A 106 -5.39 12.97 -22.84
N PRO A 107 -4.80 12.89 -21.62
CA PRO A 107 -3.63 12.04 -21.38
C PRO A 107 -3.93 10.56 -21.59
N ALA A 108 -5.17 10.18 -21.30
CA ALA A 108 -5.60 8.79 -21.46
C ALA A 108 -5.59 8.39 -22.94
N TYR A 109 -6.27 9.19 -23.76
CA TYR A 109 -6.33 8.92 -25.19
C TYR A 109 -4.94 8.92 -25.81
N LEU A 110 -4.14 9.91 -25.42
CA LEU A 110 -2.78 10.05 -25.93
C LEU A 110 -1.94 8.81 -25.61
N ASN A 111 -1.87 8.46 -24.33
CA ASN A 111 -1.08 7.32 -23.90
C ASN A 111 -1.67 6.00 -24.37
N ALA A 112 -2.97 5.99 -24.64
CA ALA A 112 -3.65 4.78 -25.10
C ALA A 112 -3.17 4.39 -26.49
N LEU A 113 -2.72 5.39 -27.25
CA LEU A 113 -2.22 5.18 -28.60
C LEU A 113 -1.04 4.22 -28.62
N THR A 114 -0.31 4.15 -27.52
CA THR A 114 0.86 3.27 -27.42
C THR A 114 0.44 1.81 -27.39
N GLY A 115 -0.83 1.57 -27.05
CA GLY A 115 -1.34 0.20 -26.99
C GLY A 115 -0.80 -0.57 -25.79
N LYS A 116 -0.18 0.14 -24.86
CA LYS A 116 0.39 -0.48 -23.68
C LYS A 116 -0.66 -0.63 -22.58
N GLY A 117 -1.72 0.18 -22.66
CA GLY A 117 -2.78 0.11 -21.68
C GLY A 117 -2.68 1.18 -20.62
N VAL A 118 -3.66 2.06 -20.60
CA VAL A 118 -3.71 3.14 -19.62
C VAL A 118 -4.33 2.62 -18.33
N HIS A 119 -3.53 2.55 -17.28
CA HIS A 119 -4.01 2.06 -16.00
C HIS A 119 -4.61 3.20 -15.19
N VAL A 120 -5.93 3.33 -15.25
CA VAL A 120 -6.63 4.37 -14.51
C VAL A 120 -6.95 3.90 -13.10
N VAL A 121 -6.43 4.62 -12.12
CA VAL A 121 -6.63 4.28 -10.73
C VAL A 121 -7.75 5.12 -10.13
N THR A 122 -8.84 4.48 -9.78
CA THR A 122 -9.99 5.17 -9.20
C THR A 122 -10.04 4.97 -7.69
N VAL A 123 -10.62 5.95 -7.00
CA VAL A 123 -10.73 5.89 -5.54
C VAL A 123 -11.73 4.81 -5.10
N ASN A 124 -12.90 4.81 -5.72
CA ASN A 124 -13.93 3.84 -5.39
C ASN A 124 -14.41 3.13 -6.65
N ASP A 125 -14.99 1.95 -6.47
CA ASP A 125 -15.46 1.14 -7.59
C ASP A 125 -16.70 1.74 -8.24
N TYR A 126 -17.36 2.65 -7.54
CA TYR A 126 -18.55 3.30 -8.06
C TYR A 126 -18.19 4.22 -9.23
N LEU A 127 -17.27 5.14 -8.97
CA LEU A 127 -16.83 6.10 -10.00
C LEU A 127 -16.11 5.37 -11.12
N ALA A 128 -15.42 4.28 -10.76
CA ALA A 128 -14.68 3.49 -11.74
C ALA A 128 -15.57 3.03 -12.89
N GLN A 129 -16.76 2.57 -12.55
CA GLN A 129 -17.71 2.12 -13.56
C GLN A 129 -18.45 3.30 -14.19
N ARG A 130 -18.80 4.26 -13.34
CA ARG A 130 -19.53 5.45 -13.77
C ARG A 130 -18.83 6.15 -14.94
N ASP A 131 -17.61 6.60 -14.70
CA ASP A 131 -16.85 7.32 -15.71
C ASP A 131 -16.41 6.41 -16.85
N ALA A 132 -16.24 5.13 -16.57
CA ALA A 132 -15.84 4.19 -17.60
C ALA A 132 -16.92 4.05 -18.66
N GLU A 133 -18.14 3.81 -18.21
CA GLU A 133 -19.28 3.66 -19.11
C GLU A 133 -19.65 4.99 -19.74
N ASN A 134 -19.48 6.08 -19.00
CA ASN A 134 -19.83 7.41 -19.50
C ASN A 134 -18.85 7.87 -20.58
N ASN A 135 -17.57 7.53 -20.43
CA ASN A 135 -16.57 7.93 -21.41
C ASN A 135 -16.37 6.86 -22.48
N ARG A 136 -17.06 5.74 -22.33
CA ARG A 136 -16.96 4.65 -23.30
C ARG A 136 -17.36 5.09 -24.71
N PRO A 137 -18.53 5.77 -24.90
CA PRO A 137 -18.98 6.22 -26.23
C PRO A 137 -18.03 7.25 -26.85
N LEU A 138 -17.07 7.72 -26.07
CA LEU A 138 -16.10 8.69 -26.55
C LEU A 138 -14.85 7.98 -27.07
N PHE A 139 -14.29 7.11 -26.23
CA PHE A 139 -13.08 6.38 -26.59
C PHE A 139 -13.36 5.31 -27.63
N GLU A 140 -14.43 4.54 -27.44
CA GLU A 140 -14.77 3.47 -28.38
C GLU A 140 -15.18 4.04 -29.73
N PHE A 141 -15.62 5.29 -29.73
CA PHE A 141 -16.04 5.96 -30.96
C PHE A 141 -14.81 6.20 -31.85
N LEU A 142 -13.66 6.30 -31.21
CA LEU A 142 -12.40 6.53 -31.91
C LEU A 142 -11.70 5.21 -32.19
N GLY A 143 -12.30 4.10 -31.75
CA GLY A 143 -11.73 2.80 -31.98
C GLY A 143 -10.93 2.26 -30.81
N LEU A 144 -10.89 3.02 -29.72
CA LEU A 144 -10.15 2.60 -28.53
C LEU A 144 -10.97 1.61 -27.71
N THR A 145 -10.30 0.61 -27.18
CA THR A 145 -10.95 -0.41 -26.36
C THR A 145 -10.95 0.00 -24.89
N VAL A 146 -12.15 0.06 -24.30
CA VAL A 146 -12.28 0.43 -22.90
C VAL A 146 -12.58 -0.80 -22.04
N GLY A 147 -11.69 -1.08 -21.09
CA GLY A 147 -11.88 -2.22 -20.22
C GLY A 147 -12.10 -1.82 -18.78
N ILE A 148 -12.90 -2.59 -18.06
CA ILE A 148 -13.18 -2.32 -16.67
C ILE A 148 -12.74 -3.48 -15.79
N ASN A 149 -11.94 -3.19 -14.78
CA ASN A 149 -11.45 -4.20 -13.87
C ASN A 149 -12.13 -4.07 -12.51
N LEU A 150 -13.05 -4.99 -12.23
CA LEU A 150 -13.77 -4.96 -10.97
C LEU A 150 -13.13 -5.90 -9.95
N PRO A 151 -13.18 -5.54 -8.67
CA PRO A 151 -12.62 -6.35 -7.59
C PRO A 151 -13.28 -7.72 -7.48
N GLY A 152 -12.51 -8.77 -7.70
CA GLY A 152 -13.03 -10.11 -7.61
C GLY A 152 -13.44 -10.68 -8.95
N MET A 153 -13.15 -9.94 -10.02
CA MET A 153 -13.49 -10.37 -11.37
C MET A 153 -12.65 -11.59 -11.78
N PRO A 154 -13.19 -12.47 -12.63
CA PRO A 154 -12.47 -13.66 -13.10
C PRO A 154 -11.21 -13.30 -13.91
N ALA A 155 -10.23 -14.20 -13.88
CA ALA A 155 -8.97 -14.00 -14.59
C ALA A 155 -9.16 -13.68 -16.09
N PRO A 156 -9.95 -14.46 -16.86
CA PRO A 156 -10.17 -14.20 -18.28
C PRO A 156 -10.74 -12.81 -18.54
N ALA A 157 -11.72 -12.42 -17.73
CA ALA A 157 -12.36 -11.11 -17.86
C ALA A 157 -11.35 -10.00 -17.64
N LYS A 158 -10.49 -10.18 -16.64
CA LYS A 158 -9.45 -9.20 -16.32
C LYS A 158 -8.47 -9.04 -17.46
N ARG A 159 -8.09 -10.17 -18.07
CA ARG A 159 -7.14 -10.17 -19.17
C ARG A 159 -7.64 -9.31 -20.33
N GLU A 160 -8.94 -9.33 -20.57
CA GLU A 160 -9.51 -8.53 -21.66
C GLU A 160 -9.47 -7.05 -21.30
N ALA A 161 -9.72 -6.76 -20.02
CA ALA A 161 -9.71 -5.40 -19.53
C ALA A 161 -8.32 -4.79 -19.58
N TYR A 162 -7.32 -5.56 -19.18
CA TYR A 162 -5.94 -5.10 -19.18
C TYR A 162 -5.38 -5.06 -20.60
N ALA A 163 -5.91 -5.93 -21.47
CA ALA A 163 -5.46 -5.97 -22.86
C ALA A 163 -6.04 -4.82 -23.67
N ALA A 164 -6.97 -4.10 -23.08
CA ALA A 164 -7.60 -2.97 -23.73
C ALA A 164 -6.65 -1.77 -23.75
N ASP A 165 -7.07 -0.70 -24.42
CA ASP A 165 -6.27 0.50 -24.51
C ASP A 165 -6.32 1.27 -23.20
N ILE A 166 -7.49 1.29 -22.59
CA ILE A 166 -7.68 1.98 -21.31
C ILE A 166 -8.37 1.06 -20.31
N THR A 167 -7.76 0.88 -19.15
CA THR A 167 -8.32 0.02 -18.12
C THR A 167 -8.71 0.80 -16.87
N TYR A 168 -9.99 0.79 -16.56
CA TYR A 168 -10.51 1.47 -15.37
C TYR A 168 -10.63 0.50 -14.22
N GLY A 169 -10.12 0.87 -13.05
CA GLY A 169 -10.20 0.00 -11.90
C GLY A 169 -9.86 0.71 -10.60
N THR A 170 -10.05 0.00 -9.49
CA THR A 170 -9.76 0.55 -8.18
C THR A 170 -8.31 0.28 -7.78
N ASN A 171 -7.77 1.14 -6.91
CA ASN A 171 -6.39 1.01 -6.45
C ASN A 171 -6.16 -0.31 -5.71
N ASN A 172 -7.16 -0.74 -4.95
CA ASN A 172 -7.07 -1.97 -4.19
C ASN A 172 -6.90 -3.18 -5.10
N GLU A 173 -7.85 -3.36 -6.01
CA GLU A 173 -7.81 -4.48 -6.93
C GLU A 173 -6.57 -4.43 -7.83
N TYR A 174 -6.19 -3.22 -8.25
CA TYR A 174 -5.02 -3.04 -9.10
C TYR A 174 -3.75 -3.58 -8.43
N GLY A 175 -3.70 -3.45 -7.11
CA GLY A 175 -2.56 -3.93 -6.36
C GLY A 175 -2.66 -5.42 -6.11
N PHE A 176 -3.85 -5.89 -5.78
CA PHE A 176 -4.09 -7.31 -5.51
C PHE A 176 -3.83 -8.14 -6.76
N ASP A 177 -4.19 -7.60 -7.92
CA ASP A 177 -3.98 -8.28 -9.19
C ASP A 177 -2.51 -8.54 -9.42
N TYR A 178 -1.68 -7.55 -9.08
CA TYR A 178 -0.23 -7.67 -9.23
C TYR A 178 0.30 -8.81 -8.38
N LEU A 179 -0.26 -8.97 -7.19
CA LEU A 179 0.15 -10.04 -6.28
C LEU A 179 -0.21 -11.41 -6.85
N ARG A 180 -1.41 -11.50 -7.42
CA ARG A 180 -1.88 -12.75 -8.00
C ARG A 180 -1.06 -13.12 -9.24
N ASP A 181 -0.77 -12.13 -10.07
CA ASP A 181 0.01 -12.35 -11.28
C ASP A 181 1.43 -12.79 -10.95
N ASN A 182 1.89 -12.44 -9.76
CA ASN A 182 3.24 -12.80 -9.32
C ASN A 182 3.24 -14.14 -8.60
N MET A 183 2.07 -14.76 -8.51
CA MET A 183 1.93 -16.05 -7.84
C MET A 183 1.68 -17.17 -8.84
N ALA A 184 1.48 -16.78 -10.10
CA ALA A 184 1.20 -17.73 -11.17
C ALA A 184 2.37 -18.68 -11.39
N PHE A 185 2.09 -19.81 -12.03
CA PHE A 185 3.11 -20.82 -12.30
C PHE A 185 3.40 -20.86 -13.80
N SER A 186 2.52 -20.26 -14.57
CA SER A 186 2.65 -20.21 -16.02
C SER A 186 2.49 -18.76 -16.49
N PRO A 187 3.33 -18.30 -17.43
CA PRO A 187 3.26 -16.94 -17.96
C PRO A 187 1.89 -16.60 -18.56
N GLU A 188 1.21 -17.61 -19.10
CA GLU A 188 -0.09 -17.41 -19.71
C GLU A 188 -1.17 -17.11 -18.67
N GLU A 189 -0.86 -17.39 -17.41
CA GLU A 189 -1.82 -17.17 -16.33
C GLU A 189 -1.92 -15.68 -15.96
N ARG A 190 -0.94 -14.90 -16.40
CA ARG A 190 -0.90 -13.46 -16.12
C ARG A 190 -2.16 -12.76 -16.63
N VAL A 191 -2.73 -11.90 -15.80
CA VAL A 191 -3.93 -11.16 -16.16
C VAL A 191 -3.62 -9.69 -16.42
N GLN A 192 -2.49 -9.20 -15.89
CA GLN A 192 -2.12 -7.80 -16.06
C GLN A 192 -1.30 -7.59 -17.33
N ARG A 193 -0.89 -6.34 -17.54
CA ARG A 193 -0.10 -5.96 -18.70
C ARG A 193 1.00 -5.00 -18.27
N LYS A 194 1.80 -4.55 -19.22
CA LYS A 194 2.92 -3.64 -18.96
C LYS A 194 2.48 -2.40 -18.18
N LEU A 195 3.25 -2.06 -17.15
CA LEU A 195 2.97 -0.90 -16.31
C LEU A 195 3.63 0.34 -16.91
N HIS A 196 3.20 0.70 -18.11
CA HIS A 196 3.77 1.85 -18.80
C HIS A 196 3.20 3.17 -18.30
N TYR A 197 1.87 3.28 -18.24
CA TYR A 197 1.23 4.51 -17.80
C TYR A 197 0.17 4.25 -16.74
N ALA A 198 0.15 5.11 -15.74
CA ALA A 198 -0.81 5.03 -14.66
C ALA A 198 -1.38 6.41 -14.37
N LEU A 199 -2.69 6.51 -14.40
CA LEU A 199 -3.37 7.78 -14.15
C LEU A 199 -4.34 7.62 -12.99
N VAL A 200 -4.00 8.21 -11.86
CA VAL A 200 -4.85 8.13 -10.68
C VAL A 200 -5.75 9.36 -10.57
N ASP A 201 -7.04 9.10 -10.37
CA ASP A 201 -8.05 10.16 -10.27
C ASP A 201 -7.74 11.12 -9.11
N GLU A 202 -7.61 10.57 -7.92
CA GLU A 202 -7.34 11.38 -6.73
C GLU A 202 -6.11 10.87 -6.00
N VAL A 203 -5.06 11.69 -5.97
CA VAL A 203 -3.82 11.33 -5.29
C VAL A 203 -3.90 11.66 -3.81
N ASP A 204 -4.95 12.39 -3.44
CA ASP A 204 -5.20 12.81 -2.06
C ASP A 204 -5.16 11.62 -1.11
N SER A 205 -6.14 10.74 -1.23
CA SER A 205 -6.22 9.57 -0.38
C SER A 205 -5.34 8.43 -0.88
N ILE A 206 -5.47 8.10 -2.16
CA ILE A 206 -4.73 6.99 -2.77
C ILE A 206 -3.21 7.08 -2.62
N LEU A 207 -2.63 8.26 -2.78
CA LEU A 207 -1.18 8.37 -2.69
C LEU A 207 -0.69 8.85 -1.33
N ILE A 208 -1.22 9.94 -0.83
CA ILE A 208 -0.76 10.51 0.44
C ILE A 208 -1.16 9.66 1.65
N ASP A 209 -2.45 9.40 1.81
CA ASP A 209 -2.93 8.66 2.96
C ASP A 209 -2.64 7.16 2.86
N GLU A 210 -2.82 6.59 1.68
CA GLU A 210 -2.58 5.17 1.49
C GLU A 210 -1.15 4.87 1.06
N ALA A 211 -0.22 5.74 1.46
CA ALA A 211 1.19 5.58 1.09
C ALA A 211 1.81 4.34 1.75
N ARG A 212 1.66 4.24 3.07
CA ARG A 212 2.23 3.13 3.81
C ARG A 212 1.21 2.00 4.00
N THR A 213 0.15 2.03 3.22
CA THR A 213 -0.88 1.02 3.32
C THR A 213 -0.44 -0.25 2.59
N PRO A 214 -0.29 -1.37 3.31
CA PRO A 214 0.11 -2.64 2.74
C PRO A 214 -1.07 -3.52 2.34
N LEU A 215 -0.92 -4.20 1.22
CA LEU A 215 -1.96 -5.10 0.72
C LEU A 215 -1.57 -6.53 1.04
N ILE A 216 -2.34 -7.16 1.92
CA ILE A 216 -2.07 -8.54 2.32
C ILE A 216 -3.21 -9.45 1.88
N ILE A 217 -2.88 -10.48 1.12
CA ILE A 217 -3.87 -11.43 0.63
C ILE A 217 -4.20 -12.49 1.69
N SER A 218 -5.18 -13.31 1.41
CA SER A 218 -5.60 -14.36 2.33
C SER A 218 -4.70 -15.60 2.20
N GLY A 219 -4.65 -16.41 3.26
CA GLY A 219 -3.84 -17.60 3.26
C GLY A 219 -4.38 -18.66 4.19
N PRO A 220 -4.04 -19.94 3.96
CA PRO A 220 -4.52 -21.04 4.78
C PRO A 220 -3.76 -21.22 6.10
N ALA A 221 -2.52 -20.74 6.15
CA ALA A 221 -1.72 -20.87 7.36
C ALA A 221 -0.54 -19.90 7.37
N GLU A 222 0.38 -20.10 8.30
CA GLU A 222 1.56 -19.26 8.44
C GLU A 222 2.72 -20.11 8.93
N ASP A 223 3.93 -19.78 8.48
CA ASP A 223 5.13 -20.51 8.86
C ASP A 223 5.01 -21.98 8.48
N SER A 224 4.89 -22.87 9.47
CA SER A 224 4.77 -24.29 9.23
C SER A 224 4.48 -25.04 10.53
N SER A 225 3.30 -25.65 10.61
CA SER A 225 2.89 -26.39 11.79
C SER A 225 3.89 -27.50 12.13
N GLU A 226 4.51 -28.06 11.09
CA GLU A 226 5.50 -29.13 11.27
C GLU A 226 6.70 -28.61 12.05
N MET A 227 7.03 -27.34 11.85
CA MET A 227 8.16 -26.74 12.53
C MET A 227 7.87 -26.59 14.03
N TYR A 228 6.63 -26.21 14.34
CA TYR A 228 6.22 -26.00 15.73
C TYR A 228 6.17 -27.32 16.51
N LYS A 229 5.52 -28.34 15.94
CA LYS A 229 5.39 -29.62 16.63
C LYS A 229 6.75 -30.27 16.85
N ARG A 230 7.71 -29.97 16.00
CA ARG A 230 9.04 -30.55 16.12
C ARG A 230 9.93 -29.69 17.03
N VAL A 231 9.82 -28.37 16.91
CA VAL A 231 10.63 -27.45 17.70
C VAL A 231 10.25 -27.51 19.19
N ASN A 232 9.01 -27.86 19.47
CA ASN A 232 8.55 -27.95 20.86
C ASN A 232 9.05 -29.25 21.49
N LYS A 233 9.49 -30.17 20.65
CA LYS A 233 9.99 -31.45 21.12
C LYS A 233 11.52 -31.42 21.21
N ILE A 234 12.08 -30.23 21.27
CA ILE A 234 13.52 -30.06 21.37
C ILE A 234 13.96 -30.05 22.84
N ILE A 235 12.98 -30.07 23.74
CA ILE A 235 13.24 -30.05 25.18
C ILE A 235 12.71 -31.35 25.82
N PRO A 236 13.39 -32.48 25.61
CA PRO A 236 12.97 -33.76 26.15
C PRO A 236 13.80 -34.24 27.35
N HIS A 237 14.69 -33.40 27.86
CA HIS A 237 15.53 -33.81 29.00
C HIS A 237 15.90 -32.65 29.91
N LEU A 238 15.22 -31.52 29.78
CA LEU A 238 15.53 -30.37 30.62
C LEU A 238 14.57 -30.26 31.79
N ILE A 239 15.02 -29.65 32.87
CA ILE A 239 14.20 -29.48 34.06
C ILE A 239 14.06 -28.01 34.40
N ARG A 240 13.12 -27.68 35.29
CA ARG A 240 12.87 -26.29 35.66
C ARG A 240 13.90 -25.77 36.66
N GLN A 241 14.95 -26.55 36.90
CA GLN A 241 15.98 -26.14 37.83
C GLN A 241 17.07 -25.34 37.11
N GLU A 242 17.26 -25.63 35.83
CA GLU A 242 18.25 -24.92 35.02
C GLU A 242 18.02 -25.24 33.55
N LYS A 243 18.56 -24.38 32.68
CA LYS A 243 18.42 -24.51 31.23
C LYS A 243 17.05 -24.02 30.78
N GLU A 244 16.81 -24.06 29.47
CA GLU A 244 15.56 -23.60 28.89
C GLU A 244 14.35 -24.42 29.33
N ASP A 245 13.66 -23.89 30.33
CA ASP A 245 12.45 -24.49 30.89
C ASP A 245 11.72 -23.43 31.70
N SER A 246 12.48 -22.72 32.51
CA SER A 246 11.96 -21.65 33.35
C SER A 246 11.64 -20.40 32.52
N GLU A 247 11.15 -19.36 33.17
CA GLU A 247 10.80 -18.12 32.49
C GLU A 247 12.03 -17.22 32.36
N THR A 248 12.89 -17.25 33.37
CA THR A 248 14.10 -16.46 33.38
C THR A 248 15.07 -17.03 34.42
N PHE A 249 14.52 -17.37 35.60
CA PHE A 249 15.29 -17.93 36.72
C PHE A 249 16.38 -16.96 37.21
N GLN A 250 17.44 -16.81 36.42
CA GLN A 250 18.57 -15.94 36.75
C GLN A 250 19.25 -16.40 38.03
N GLY A 251 20.16 -15.59 38.56
CA GLY A 251 20.84 -15.93 39.79
C GLY A 251 20.04 -15.51 41.01
N GLU A 252 19.14 -14.57 40.79
CA GLU A 252 18.30 -14.05 41.86
C GLU A 252 17.25 -15.06 42.26
N GLY A 253 16.49 -15.54 41.28
CA GLY A 253 15.45 -16.50 41.55
C GLY A 253 14.22 -15.83 42.13
N HIS A 254 13.28 -16.62 42.63
CA HIS A 254 12.06 -16.08 43.22
C HIS A 254 11.82 -16.71 44.58
N PHE A 255 11.04 -17.78 44.61
CA PHE A 255 10.73 -18.48 45.85
C PHE A 255 10.43 -19.93 45.56
N SER A 256 10.36 -20.74 46.60
CA SER A 256 10.05 -22.15 46.44
C SER A 256 8.54 -22.36 46.37
N VAL A 257 7.79 -21.29 46.65
CA VAL A 257 6.35 -21.33 46.59
C VAL A 257 5.87 -21.46 45.15
N ASP A 258 6.19 -20.45 44.36
CA ASP A 258 5.84 -20.44 42.95
C ASP A 258 7.00 -19.88 42.16
N GLU A 259 7.91 -20.75 41.75
CA GLU A 259 9.08 -20.35 41.00
C GLU A 259 8.69 -19.80 39.64
N LYS A 260 7.82 -20.53 38.96
CA LYS A 260 7.34 -20.13 37.63
C LYS A 260 6.62 -18.79 37.70
N SER A 261 7.28 -17.75 37.24
CA SER A 261 6.72 -16.42 37.26
C SER A 261 6.03 -16.11 35.94
N ARG A 262 4.78 -15.68 36.02
CA ARG A 262 4.00 -15.36 34.84
C ARG A 262 4.04 -13.86 34.56
N GLN A 263 5.15 -13.41 33.97
CA GLN A 263 5.31 -12.01 33.61
C GLN A 263 5.56 -11.88 32.11
N VAL A 264 4.86 -10.96 31.46
CA VAL A 264 5.00 -10.76 30.04
C VAL A 264 6.25 -9.94 29.73
N ASN A 265 7.36 -10.65 29.55
CA ASN A 265 8.64 -10.02 29.26
C ASN A 265 9.66 -11.07 28.81
N LEU A 266 9.57 -12.26 29.41
CA LEU A 266 10.46 -13.38 29.11
C LEU A 266 11.87 -13.09 29.62
N THR A 267 12.87 -13.74 29.04
CA THR A 267 14.25 -13.56 29.46
C THR A 267 15.16 -13.35 28.25
N GLU A 268 16.46 -13.23 28.50
CA GLU A 268 17.45 -13.01 27.45
C GLU A 268 18.86 -13.30 27.97
N ARG A 269 19.09 -12.98 29.24
CA ARG A 269 20.39 -13.18 29.86
C ARG A 269 20.60 -14.63 30.29
N GLY A 270 20.68 -15.52 29.31
CA GLY A 270 20.90 -16.92 29.60
C GLY A 270 22.37 -17.30 29.49
N LEU A 271 23.04 -16.71 28.51
CA LEU A 271 24.46 -16.93 28.25
C LEU A 271 24.78 -18.42 28.05
N VAL A 272 25.20 -19.09 29.12
CA VAL A 272 25.57 -20.51 29.06
C VAL A 272 24.33 -21.39 28.85
N LEU A 273 23.17 -20.90 29.26
CA LEU A 273 21.93 -21.65 29.14
C LEU A 273 21.59 -21.91 27.67
N ILE A 274 21.35 -20.82 26.93
CA ILE A 274 20.99 -20.89 25.51
C ILE A 274 22.06 -21.58 24.69
N GLU A 275 23.28 -21.64 25.22
CA GLU A 275 24.40 -22.26 24.53
C GLU A 275 24.21 -23.79 24.50
N GLU A 276 23.46 -24.30 25.47
CA GLU A 276 23.19 -25.73 25.54
C GLU A 276 21.93 -26.08 24.74
N LEU A 277 21.03 -25.10 24.61
CA LEU A 277 19.80 -25.30 23.86
C LEU A 277 20.13 -25.41 22.37
N LEU A 278 21.14 -24.66 21.95
CA LEU A 278 21.59 -24.65 20.56
C LEU A 278 22.15 -26.02 20.17
N VAL A 279 22.32 -26.25 18.87
CA VAL A 279 22.85 -27.51 18.34
C VAL A 279 21.80 -28.63 18.52
N LYS A 280 21.96 -29.72 17.76
CA LYS A 280 21.07 -30.89 17.79
C LYS A 280 19.82 -30.63 16.94
N GLU A 281 19.17 -31.73 16.55
CA GLU A 281 17.96 -31.69 15.72
C GLU A 281 18.28 -31.34 14.27
N GLY A 282 17.31 -31.56 13.39
CA GLY A 282 17.49 -31.28 11.98
C GLY A 282 17.28 -29.82 11.64
N ILE A 283 17.83 -29.40 10.49
CA ILE A 283 17.72 -28.02 9.99
C ILE A 283 18.71 -27.11 10.72
N MET A 284 18.74 -27.21 12.04
CA MET A 284 19.67 -26.43 12.84
C MET A 284 20.92 -27.28 13.08
N ASP A 285 21.06 -28.30 12.24
CA ASP A 285 22.17 -29.24 12.32
C ASP A 285 23.44 -28.64 11.71
N GLU A 286 23.31 -27.49 11.07
CA GLU A 286 24.46 -26.84 10.45
C GLU A 286 25.14 -25.89 11.46
N GLY A 287 26.24 -25.29 11.04
CA GLY A 287 26.98 -24.39 11.90
C GLY A 287 26.43 -22.98 11.88
N GLU A 288 25.25 -22.80 12.45
CA GLU A 288 24.62 -21.49 12.51
C GLU A 288 24.27 -21.14 13.94
N SER A 289 23.80 -19.92 14.15
CA SER A 289 23.44 -19.45 15.48
C SER A 289 21.93 -19.23 15.57
N LEU A 290 21.40 -19.23 16.79
CA LEU A 290 19.97 -19.03 16.98
C LEU A 290 19.62 -17.54 17.02
N TYR A 291 20.60 -16.70 17.32
CA TYR A 291 20.35 -15.26 17.40
C TYR A 291 20.62 -14.56 16.06
N SER A 292 20.90 -15.35 15.04
CA SER A 292 21.16 -14.80 13.71
C SER A 292 19.87 -14.22 13.13
N PRO A 293 19.96 -13.08 12.42
CA PRO A 293 18.79 -12.43 11.82
C PRO A 293 18.09 -13.33 10.80
N ALA A 294 18.87 -14.23 10.20
CA ALA A 294 18.34 -15.15 9.21
C ALA A 294 17.75 -16.39 9.89
N ASN A 295 17.89 -16.46 11.21
CA ASN A 295 17.36 -17.59 11.96
C ASN A 295 16.39 -17.10 13.02
N ILE A 296 15.90 -15.88 12.85
CA ILE A 296 14.95 -15.28 13.78
C ILE A 296 13.65 -16.08 13.80
N MET A 297 13.37 -16.77 12.69
CA MET A 297 12.18 -17.59 12.57
C MET A 297 12.23 -18.72 13.58
N LEU A 298 13.37 -19.41 13.65
CA LEU A 298 13.54 -20.51 14.58
C LEU A 298 13.61 -19.99 16.01
N MET A 299 14.26 -18.85 16.19
CA MET A 299 14.39 -18.22 17.50
C MET A 299 13.00 -17.87 18.04
N HIS A 300 12.15 -17.34 17.16
CA HIS A 300 10.80 -16.98 17.55
C HIS A 300 9.98 -18.23 17.88
N HIS A 301 10.40 -19.36 17.32
CA HIS A 301 9.71 -20.63 17.54
C HIS A 301 9.97 -21.11 18.97
N VAL A 302 11.23 -21.12 19.38
CA VAL A 302 11.59 -21.57 20.73
C VAL A 302 11.09 -20.58 21.77
N THR A 303 10.95 -19.32 21.36
CA THR A 303 10.46 -18.29 22.25
C THR A 303 9.03 -18.62 22.70
N ALA A 304 8.24 -19.12 21.75
CA ALA A 304 6.86 -19.49 22.03
C ALA A 304 6.81 -20.74 22.90
N ALA A 305 7.71 -21.68 22.62
CA ALA A 305 7.79 -22.94 23.37
C ALA A 305 8.14 -22.66 24.83
N LEU A 306 9.03 -21.70 25.04
CA LEU A 306 9.45 -21.31 26.39
C LEU A 306 8.32 -20.54 27.08
N ARG A 307 7.60 -19.77 26.28
CA ARG A 307 6.48 -18.97 26.78
C ARG A 307 5.37 -19.89 27.29
N ALA A 308 5.10 -20.95 26.55
CA ALA A 308 4.07 -21.91 26.94
C ALA A 308 4.67 -22.99 27.83
N HIS A 309 5.80 -22.69 28.43
CA HIS A 309 6.48 -23.63 29.30
C HIS A 309 6.38 -23.21 30.78
N ALA A 310 6.87 -22.03 31.10
CA ALA A 310 6.82 -21.56 32.49
C ALA A 310 5.85 -20.39 32.66
N LEU A 311 5.53 -19.69 31.58
CA LEU A 311 4.63 -18.56 31.65
C LEU A 311 3.17 -19.05 31.71
N PHE A 312 2.79 -19.85 30.73
CA PHE A 312 1.44 -20.38 30.66
C PHE A 312 1.42 -21.81 31.19
N THR A 313 0.75 -22.01 32.32
CA THR A 313 0.67 -23.30 32.94
C THR A 313 -0.65 -24.01 32.60
N ARG A 314 -0.56 -25.31 32.42
CA ARG A 314 -1.72 -26.14 32.10
C ARG A 314 -2.72 -26.18 33.24
N ASP A 315 -4.01 -26.10 32.88
CA ASP A 315 -5.15 -26.16 33.80
C ASP A 315 -5.47 -24.82 34.45
N VAL A 316 -4.49 -23.96 34.62
CA VAL A 316 -4.73 -22.66 35.24
C VAL A 316 -4.77 -21.54 34.19
N ASP A 317 -3.82 -21.54 33.26
CA ASP A 317 -3.76 -20.53 32.23
C ASP A 317 -4.62 -20.93 31.03
N TYR A 318 -4.55 -22.21 30.70
CA TYR A 318 -5.32 -22.75 29.58
C TYR A 318 -5.80 -24.15 29.92
N ILE A 319 -6.95 -24.52 29.41
CA ILE A 319 -7.49 -25.84 29.65
C ILE A 319 -7.75 -26.56 28.34
N VAL A 320 -7.00 -27.63 28.10
CA VAL A 320 -7.15 -28.42 26.90
C VAL A 320 -8.16 -29.52 27.13
N LYS A 321 -9.38 -29.30 26.70
CA LYS A 321 -10.45 -30.26 26.88
C LYS A 321 -10.96 -30.78 25.54
N ASP A 322 -11.06 -32.09 25.43
CA ASP A 322 -11.55 -32.79 24.22
C ASP A 322 -10.99 -32.20 22.92
N GLY A 323 -9.70 -31.88 22.92
CA GLY A 323 -9.06 -31.37 21.72
C GLY A 323 -9.13 -29.85 21.57
N GLU A 324 -9.92 -29.20 22.39
CA GLU A 324 -10.05 -27.74 22.30
C GLU A 324 -9.27 -27.05 23.42
N VAL A 325 -8.46 -26.07 23.04
CA VAL A 325 -7.66 -25.33 24.00
C VAL A 325 -8.38 -24.04 24.39
N ILE A 326 -8.98 -24.04 25.57
CA ILE A 326 -9.69 -22.87 26.06
C ILE A 326 -8.82 -22.07 27.02
N ILE A 327 -8.74 -20.78 26.80
CA ILE A 327 -7.94 -19.91 27.66
C ILE A 327 -8.72 -19.51 28.90
N VAL A 328 -8.06 -19.57 30.05
CA VAL A 328 -8.70 -19.22 31.31
C VAL A 328 -8.15 -17.90 31.83
N ASP A 329 -9.03 -16.98 32.17
CA ASP A 329 -8.63 -15.68 32.69
C ASP A 329 -8.20 -15.80 34.14
N GLU A 330 -7.00 -15.34 34.45
CA GLU A 330 -6.47 -15.39 35.82
C GLU A 330 -7.22 -14.42 36.73
N HIS A 331 -7.70 -13.33 36.16
CA HIS A 331 -8.40 -12.31 36.94
C HIS A 331 -9.80 -12.75 37.35
N THR A 332 -10.69 -12.93 36.39
CA THR A 332 -12.07 -13.31 36.67
C THR A 332 -12.24 -14.82 36.83
N GLY A 333 -11.39 -15.60 36.18
CA GLY A 333 -11.50 -17.04 36.28
C GLY A 333 -12.61 -17.59 35.41
N ARG A 334 -12.68 -17.10 34.18
CA ARG A 334 -13.71 -17.55 33.24
C ARG A 334 -13.07 -18.19 32.03
N THR A 335 -13.71 -19.22 31.49
CA THR A 335 -13.21 -19.91 30.33
C THR A 335 -13.56 -19.15 29.05
N MET A 336 -12.54 -18.68 28.35
CA MET A 336 -12.76 -17.94 27.11
C MET A 336 -12.23 -18.73 25.92
N GLN A 337 -13.12 -19.45 25.25
CA GLN A 337 -12.75 -20.23 24.08
C GLN A 337 -12.70 -19.34 22.85
N GLY A 338 -13.49 -18.26 22.87
CA GLY A 338 -13.52 -17.35 21.74
C GLY A 338 -12.43 -16.31 21.82
N ARG A 339 -11.21 -16.77 22.05
CA ARG A 339 -10.05 -15.89 22.13
C ARG A 339 -8.85 -16.53 21.45
N ARG A 340 -8.25 -15.80 20.52
CA ARG A 340 -7.10 -16.30 19.78
C ARG A 340 -5.93 -15.34 19.87
N TRP A 341 -4.88 -15.74 20.56
CA TRP A 341 -3.69 -14.90 20.70
C TRP A 341 -2.72 -15.16 19.56
N SER A 342 -2.13 -14.08 19.06
CA SER A 342 -1.17 -14.15 17.96
C SER A 342 0.23 -14.51 18.47
N ASP A 343 1.23 -14.25 17.62
CA ASP A 343 2.65 -14.51 17.94
C ASP A 343 2.90 -16.00 18.19
N GLY A 344 1.96 -16.83 17.76
CA GLY A 344 2.08 -18.27 17.94
C GLY A 344 2.01 -18.70 19.39
N LEU A 345 1.33 -17.92 20.22
CA LEU A 345 1.18 -18.23 21.63
C LEU A 345 0.50 -19.58 21.84
N HIS A 346 -0.66 -19.75 21.22
CA HIS A 346 -1.39 -21.01 21.34
C HIS A 346 -0.80 -22.10 20.45
N GLN A 347 0.07 -21.71 19.53
CA GLN A 347 0.70 -22.66 18.62
C GLN A 347 1.62 -23.59 19.40
N ALA A 348 2.38 -23.02 20.32
CA ALA A 348 3.28 -23.80 21.15
C ALA A 348 2.50 -24.67 22.11
N VAL A 349 1.35 -24.16 22.55
CA VAL A 349 0.49 -24.89 23.46
C VAL A 349 0.00 -26.18 22.80
N GLU A 350 -0.48 -26.06 21.57
CA GLU A 350 -0.98 -27.19 20.81
C GLU A 350 0.14 -28.18 20.50
N ALA A 351 1.36 -27.65 20.32
CA ALA A 351 2.52 -28.48 20.01
C ALA A 351 3.09 -29.13 21.27
N LYS A 352 2.78 -28.56 22.43
CA LYS A 352 3.27 -29.10 23.69
C LYS A 352 2.31 -30.13 24.26
N GLU A 353 1.02 -29.79 24.26
CA GLU A 353 0.00 -30.69 24.77
C GLU A 353 -0.31 -31.78 23.76
N GLY A 354 -1.05 -32.78 24.18
CA GLY A 354 -1.41 -33.87 23.30
C GLY A 354 -2.58 -33.53 22.40
N VAL A 355 -2.33 -32.64 21.46
CA VAL A 355 -3.36 -32.22 20.51
C VAL A 355 -2.74 -31.86 19.16
N GLN A 356 -3.56 -31.39 18.24
CA GLN A 356 -3.08 -30.99 16.93
C GLN A 356 -3.00 -29.47 16.85
N ILE A 357 -2.05 -28.97 16.07
CA ILE A 357 -1.89 -27.54 15.90
C ILE A 357 -2.99 -26.98 15.01
N GLN A 358 -3.46 -25.78 15.34
CA GLN A 358 -4.51 -25.12 14.57
C GLN A 358 -3.98 -24.56 13.25
N ASN A 359 -4.73 -23.65 12.65
CA ASN A 359 -4.36 -23.03 11.37
C ASN A 359 -3.25 -21.98 11.55
N GLU A 360 -2.69 -21.93 12.76
CA GLU A 360 -1.62 -21.00 13.10
C GLU A 360 -2.02 -19.53 12.91
N ASN A 361 -1.67 -18.95 11.77
CA ASN A 361 -1.99 -17.55 11.51
C ASN A 361 -2.29 -17.31 10.02
N GLN A 362 -1.56 -16.39 9.38
CA GLN A 362 -1.78 -16.08 7.97
C GLN A 362 -0.72 -15.12 7.42
N THR A 363 0.21 -15.65 6.63
CA THR A 363 1.26 -14.84 6.03
C THR A 363 1.87 -15.54 4.80
N LEU A 364 1.77 -14.89 3.64
CA LEU A 364 2.34 -15.44 2.40
C LEU A 364 3.01 -14.34 1.58
N ALA A 365 2.21 -13.42 1.06
CA ALA A 365 2.74 -12.33 0.26
C ALA A 365 2.05 -11.01 0.61
N SER A 366 2.80 -9.92 0.49
CA SER A 366 2.28 -8.59 0.78
C SER A 366 3.04 -7.52 -0.01
N ILE A 367 2.39 -6.40 -0.28
CA ILE A 367 3.02 -5.31 -1.02
C ILE A 367 2.49 -3.96 -0.53
N THR A 368 3.36 -2.96 -0.54
CA THR A 368 2.98 -1.62 -0.11
C THR A 368 2.47 -0.82 -1.31
N PHE A 369 1.45 0.00 -1.10
CA PHE A 369 0.88 0.81 -2.17
C PHE A 369 1.92 1.70 -2.83
N GLN A 370 2.66 2.47 -2.03
CA GLN A 370 3.69 3.35 -2.54
C GLN A 370 4.71 2.57 -3.37
N ASN A 371 5.07 1.39 -2.87
CA ASN A 371 6.04 0.52 -3.54
C ASN A 371 5.48 -0.07 -4.83
N TYR A 372 4.16 -0.09 -4.93
CA TYR A 372 3.48 -0.62 -6.12
C TYR A 372 3.44 0.45 -7.21
N PHE A 373 3.13 1.67 -6.82
CA PHE A 373 3.04 2.78 -7.77
C PHE A 373 4.43 3.16 -8.30
N ARG A 374 5.47 2.74 -7.59
CA ARG A 374 6.83 3.04 -8.00
C ARG A 374 7.28 2.11 -9.13
N LEU A 375 6.44 1.14 -9.44
CA LEU A 375 6.74 0.18 -10.50
C LEU A 375 6.23 0.68 -11.85
N TYR A 376 5.56 1.83 -11.81
CA TYR A 376 5.01 2.43 -13.02
C TYR A 376 5.96 3.48 -13.59
N GLU A 377 6.12 3.48 -14.90
CA GLU A 377 7.00 4.43 -15.57
C GLU A 377 6.37 5.83 -15.53
N LYS A 378 5.35 6.04 -16.33
CA LYS A 378 4.66 7.31 -16.37
C LYS A 378 3.54 7.32 -15.33
N LEU A 379 3.82 7.90 -14.18
CA LEU A 379 2.84 7.97 -13.11
C LEU A 379 2.36 9.40 -12.95
N ALA A 380 1.09 9.63 -13.28
CA ALA A 380 0.50 10.95 -13.18
C ALA A 380 -0.76 10.88 -12.32
N GLY A 381 -1.12 11.99 -11.72
CA GLY A 381 -2.29 12.03 -10.88
C GLY A 381 -2.88 13.41 -10.75
N MET A 382 -4.15 13.46 -10.38
CA MET A 382 -4.85 14.72 -10.21
C MET A 382 -5.27 14.91 -8.77
N THR A 383 -5.55 16.14 -8.39
CA THR A 383 -5.99 16.45 -7.04
C THR A 383 -6.60 17.84 -7.00
N GLY A 384 -7.22 18.15 -5.88
CA GLY A 384 -7.83 19.44 -5.71
C GLY A 384 -6.88 20.40 -5.04
N THR A 385 -7.20 21.69 -5.08
CA THR A 385 -6.37 22.71 -4.46
C THR A 385 -6.25 22.47 -2.96
N ALA A 386 -5.12 21.93 -2.53
CA ALA A 386 -4.90 21.63 -1.12
C ALA A 386 -3.47 21.91 -0.68
N ASP A 387 -2.51 21.80 -1.59
CA ASP A 387 -1.10 22.04 -1.27
C ASP A 387 -0.66 21.13 -0.11
N THR A 388 -0.23 21.73 1.00
CA THR A 388 0.20 21.02 2.19
C THR A 388 1.25 19.93 1.90
N GLU A 389 0.82 18.67 1.85
CA GLU A 389 1.73 17.54 1.61
C GLU A 389 2.16 17.43 0.15
N ALA A 390 1.81 18.44 -0.65
CA ALA A 390 2.16 18.45 -2.07
C ALA A 390 3.67 18.35 -2.31
N PHE A 391 4.45 18.87 -1.38
CA PHE A 391 5.92 18.85 -1.52
C PHE A 391 6.49 17.45 -1.32
N GLU A 392 5.71 16.56 -0.73
CA GLU A 392 6.16 15.20 -0.47
C GLU A 392 6.03 14.33 -1.72
N PHE A 393 5.29 14.82 -2.71
CA PHE A 393 5.08 14.07 -3.95
C PHE A 393 6.40 13.80 -4.67
N SER A 394 7.24 14.82 -4.75
CA SER A 394 8.52 14.71 -5.44
C SER A 394 9.55 13.92 -4.63
N SER A 395 9.20 13.53 -3.42
CA SER A 395 10.11 12.78 -2.56
C SER A 395 9.65 11.35 -2.36
N ILE A 396 8.43 11.17 -1.89
CA ILE A 396 7.89 9.84 -1.61
C ILE A 396 7.60 9.05 -2.89
N TYR A 397 6.92 9.68 -3.83
CA TYR A 397 6.57 9.00 -5.08
C TYR A 397 7.41 9.48 -6.26
N LYS A 398 8.23 10.50 -6.01
CA LYS A 398 9.09 11.08 -7.05
C LYS A 398 8.25 11.62 -8.19
N LEU A 399 7.22 12.39 -7.83
CA LEU A 399 6.32 12.99 -8.81
C LEU A 399 6.40 14.51 -8.72
N ASP A 400 6.48 15.18 -9.85
CA ASP A 400 6.55 16.64 -9.85
C ASP A 400 5.17 17.23 -9.55
N THR A 401 5.07 18.53 -9.43
CA THR A 401 3.80 19.17 -9.11
C THR A 401 3.58 20.44 -9.92
N VAL A 402 2.44 20.49 -10.62
CA VAL A 402 2.09 21.65 -11.43
C VAL A 402 0.65 22.07 -11.13
N VAL A 403 0.43 23.38 -11.01
CA VAL A 403 -0.90 23.91 -10.73
C VAL A 403 -1.63 24.24 -12.03
N VAL A 404 -2.89 23.84 -12.12
CA VAL A 404 -3.68 24.09 -13.32
C VAL A 404 -4.51 25.37 -13.17
N PRO A 405 -4.41 26.28 -14.16
CA PRO A 405 -5.18 27.54 -14.15
C PRO A 405 -6.68 27.29 -14.25
N THR A 406 -7.47 28.23 -13.74
CA THR A 406 -8.92 28.11 -13.76
C THR A 406 -9.49 28.58 -15.10
N ASN A 407 -10.66 28.07 -15.45
CA ASN A 407 -11.32 28.45 -16.70
C ASN A 407 -11.75 29.91 -16.62
N ARG A 408 -12.17 30.31 -15.44
CA ARG A 408 -12.59 31.68 -15.19
C ARG A 408 -11.88 32.21 -13.95
N PRO A 409 -11.69 33.53 -13.85
CA PRO A 409 -11.03 34.14 -12.70
C PRO A 409 -11.80 33.92 -11.40
N MET A 410 -11.20 33.17 -10.47
CA MET A 410 -11.83 32.88 -9.20
C MET A 410 -11.80 34.08 -8.27
N ILE A 411 -12.93 34.74 -8.12
CA ILE A 411 -13.03 35.91 -7.24
C ILE A 411 -13.56 35.52 -5.88
N ARG A 412 -12.83 34.67 -5.18
CA ARG A 412 -13.21 34.25 -3.84
C ARG A 412 -12.45 35.07 -2.81
N LYS A 413 -13.17 35.85 -2.04
CA LYS A 413 -12.56 36.70 -1.03
C LYS A 413 -12.29 35.93 0.25
N ASP A 414 -11.04 35.54 0.44
CA ASP A 414 -10.63 34.82 1.63
C ASP A 414 -10.21 35.83 2.69
N LEU A 415 -11.10 36.07 3.64
CA LEU A 415 -10.86 37.04 4.70
C LEU A 415 -10.01 36.44 5.83
N PRO A 416 -9.26 37.28 6.56
CA PRO A 416 -8.40 36.84 7.66
C PRO A 416 -9.16 36.15 8.80
N ASP A 417 -8.41 35.54 9.69
CA ASP A 417 -8.99 34.82 10.83
C ASP A 417 -9.17 35.76 12.01
N LEU A 418 -10.39 35.83 12.51
CA LEU A 418 -10.69 36.68 13.65
C LEU A 418 -10.70 35.82 14.92
N VAL A 419 -9.52 35.66 15.50
CA VAL A 419 -9.37 34.87 16.72
C VAL A 419 -9.76 35.67 17.95
N TYR A 420 -10.62 35.08 18.77
CA TYR A 420 -11.08 35.71 20.00
C TYR A 420 -10.55 34.95 21.21
N MET A 421 -10.92 35.39 22.40
CA MET A 421 -10.44 34.74 23.62
C MET A 421 -11.26 33.48 23.92
N THR A 422 -12.47 33.68 24.40
CA THR A 422 -13.33 32.54 24.75
C THR A 422 -14.17 32.10 23.55
N GLU A 423 -14.71 30.89 23.63
CA GLU A 423 -15.54 30.33 22.58
C GLU A 423 -16.80 31.17 22.40
N ALA A 424 -17.25 31.78 23.49
CA ALA A 424 -18.43 32.63 23.48
C ALA A 424 -18.27 33.78 22.50
N GLU A 425 -17.10 34.43 22.56
CA GLU A 425 -16.80 35.55 21.68
C GLU A 425 -16.82 35.11 20.23
N LYS A 426 -16.20 33.95 19.98
CA LYS A 426 -16.13 33.38 18.64
C LYS A 426 -17.53 33.14 18.09
N ILE A 427 -18.37 32.48 18.88
CA ILE A 427 -19.74 32.19 18.48
C ILE A 427 -20.52 33.47 18.23
N GLN A 428 -20.40 34.43 19.14
CA GLN A 428 -21.09 35.72 19.03
C GLN A 428 -20.70 36.42 17.73
N ALA A 429 -19.41 36.40 17.41
CA ALA A 429 -18.91 37.03 16.21
C ALA A 429 -19.44 36.33 14.96
N ILE A 430 -19.54 35.01 15.04
CA ILE A 430 -20.06 34.21 13.93
C ILE A 430 -21.50 34.60 13.63
N ILE A 431 -22.32 34.63 14.68
CA ILE A 431 -23.72 35.00 14.55
C ILE A 431 -23.85 36.41 13.99
N GLU A 432 -22.96 37.30 14.43
CA GLU A 432 -22.96 38.68 13.98
C GLU A 432 -22.70 38.74 12.47
N ASP A 433 -21.74 37.98 12.00
CA ASP A 433 -21.41 37.95 10.57
C ASP A 433 -22.60 37.40 9.80
N ILE A 434 -23.17 36.32 10.30
CA ILE A 434 -24.32 35.68 9.67
C ILE A 434 -25.49 36.65 9.55
N LYS A 435 -25.69 37.46 10.59
CA LYS A 435 -26.77 38.45 10.60
C LYS A 435 -26.63 39.40 9.41
N GLU A 436 -25.41 39.80 9.13
CA GLU A 436 -25.14 40.71 8.01
C GLU A 436 -25.39 40.01 6.68
N ARG A 437 -24.99 38.75 6.59
CA ARG A 437 -25.16 37.96 5.36
C ARG A 437 -26.63 37.75 5.08
N THR A 438 -27.38 37.38 6.11
CA THR A 438 -28.82 37.14 5.97
C THR A 438 -29.54 38.41 5.56
N ALA A 439 -29.10 39.55 6.12
CA ALA A 439 -29.71 40.84 5.81
C ALA A 439 -29.45 41.23 4.36
N LYS A 440 -28.31 40.81 3.83
CA LYS A 440 -27.95 41.14 2.45
C LYS A 440 -28.53 40.13 1.47
N GLY A 441 -28.82 38.93 1.97
CA GLY A 441 -29.37 37.88 1.12
C GLY A 441 -28.29 36.96 0.60
N GLN A 442 -27.23 36.80 1.39
CA GLN A 442 -26.12 35.95 1.01
C GLN A 442 -26.18 34.61 1.74
N PRO A 443 -26.04 33.50 0.99
CA PRO A 443 -26.04 32.15 1.57
C PRO A 443 -24.81 31.92 2.43
N VAL A 444 -24.99 31.24 3.55
CA VAL A 444 -23.90 30.98 4.48
C VAL A 444 -23.69 29.49 4.71
N LEU A 445 -22.45 29.05 4.64
CA LEU A 445 -22.10 27.66 4.88
C LEU A 445 -21.13 27.58 6.04
N VAL A 446 -21.63 27.12 7.18
CA VAL A 446 -20.82 27.00 8.38
C VAL A 446 -20.26 25.59 8.52
N GLY A 447 -18.95 25.49 8.71
CA GLY A 447 -18.31 24.20 8.85
C GLY A 447 -17.70 24.03 10.23
N THR A 448 -18.22 23.08 10.99
CA THR A 448 -17.74 22.81 12.33
C THR A 448 -16.88 21.56 12.35
N ILE A 449 -15.89 21.52 13.25
CA ILE A 449 -15.01 20.36 13.36
C ILE A 449 -15.52 19.38 14.41
N SER A 450 -16.60 19.76 15.09
CA SER A 450 -17.18 18.92 16.12
C SER A 450 -18.69 19.14 16.19
N ILE A 451 -19.44 18.09 16.51
CA ILE A 451 -20.89 18.18 16.60
C ILE A 451 -21.33 19.14 17.69
N GLU A 452 -20.58 19.16 18.79
CA GLU A 452 -20.87 20.04 19.92
C GLU A 452 -20.90 21.50 19.45
N LYS A 453 -20.00 21.83 18.53
CA LYS A 453 -19.93 23.18 17.98
C LYS A 453 -21.18 23.48 17.16
N SER A 454 -21.63 22.49 16.41
CA SER A 454 -22.82 22.64 15.57
C SER A 454 -24.05 22.84 16.45
N GLU A 455 -24.15 22.06 17.51
CA GLU A 455 -25.28 22.16 18.43
C GLU A 455 -25.32 23.53 19.09
N LEU A 456 -24.15 24.02 19.49
CA LEU A 456 -24.05 25.32 20.13
C LEU A 456 -24.43 26.45 19.18
N VAL A 457 -23.85 26.46 17.98
CA VAL A 457 -24.14 27.51 17.01
C VAL A 457 -25.61 27.47 16.56
N SER A 458 -26.19 26.27 16.48
CA SER A 458 -27.58 26.13 16.07
C SER A 458 -28.50 26.75 17.11
N ASN A 459 -28.15 26.58 18.38
CA ASN A 459 -28.93 27.14 19.47
C ASN A 459 -28.94 28.66 19.41
N GLU A 460 -27.75 29.24 19.23
CA GLU A 460 -27.61 30.68 19.15
C GLU A 460 -28.34 31.22 17.92
N LEU A 461 -28.26 30.49 16.81
CA LEU A 461 -28.93 30.89 15.58
C LEU A 461 -30.44 30.91 15.78
N THR A 462 -30.94 29.95 16.56
CA THR A 462 -32.37 29.85 16.85
C THR A 462 -32.79 31.02 17.73
N LYS A 463 -31.92 31.33 18.69
CA LYS A 463 -32.15 32.43 19.63
C LYS A 463 -32.19 33.76 18.88
N ALA A 464 -31.41 33.86 17.82
CA ALA A 464 -31.35 35.07 17.01
C ALA A 464 -32.43 35.08 15.93
N GLY A 465 -33.17 33.98 15.84
CA GLY A 465 -34.24 33.86 14.85
C GLY A 465 -33.73 33.81 13.43
N ILE A 466 -32.55 33.24 13.25
CA ILE A 466 -31.95 33.14 11.92
C ILE A 466 -32.15 31.74 11.36
N LYS A 467 -32.51 31.67 10.07
CA LYS A 467 -32.72 30.39 9.39
C LYS A 467 -31.44 29.59 9.39
N HIS A 468 -31.54 28.30 9.70
CA HIS A 468 -30.38 27.45 9.74
C HIS A 468 -30.74 25.99 9.47
N ASN A 469 -30.09 25.41 8.48
CA ASN A 469 -30.32 24.03 8.12
C ASN A 469 -29.11 23.19 8.52
N VAL A 470 -29.36 22.16 9.31
CA VAL A 470 -28.28 21.29 9.78
C VAL A 470 -28.13 20.07 8.88
N LEU A 471 -26.93 19.91 8.32
CA LEU A 471 -26.65 18.79 7.43
C LEU A 471 -26.38 17.52 8.24
N ASN A 472 -27.45 16.98 8.82
CA ASN A 472 -27.37 15.78 9.63
C ASN A 472 -27.04 14.56 8.76
N ALA A 473 -25.99 13.85 9.14
CA ALA A 473 -25.54 12.68 8.40
C ALA A 473 -26.56 11.54 8.49
N LYS A 474 -27.45 11.62 9.47
CA LYS A 474 -28.47 10.60 9.66
C LYS A 474 -29.54 10.71 8.57
N PHE A 475 -29.75 11.93 8.08
CA PHE A 475 -30.74 12.18 7.05
C PHE A 475 -30.08 12.46 5.71
N HIS A 476 -29.55 11.42 5.08
CA HIS A 476 -28.89 11.59 3.78
C HIS A 476 -29.89 12.01 2.72
N ALA A 477 -31.13 11.55 2.86
CA ALA A 477 -32.18 11.89 1.91
C ALA A 477 -32.49 13.38 1.97
N ASN A 478 -32.47 13.95 3.18
CA ASN A 478 -32.74 15.36 3.37
C ASN A 478 -31.48 16.18 3.06
N GLU A 479 -30.33 15.56 3.27
CA GLU A 479 -29.04 16.21 3.01
C GLU A 479 -28.96 16.70 1.57
N ALA A 480 -29.35 15.83 0.65
CA ALA A 480 -29.34 16.16 -0.78
C ALA A 480 -30.15 17.41 -1.07
N ALA A 481 -31.32 17.51 -0.43
CA ALA A 481 -32.19 18.65 -0.63
C ALA A 481 -31.59 19.92 -0.04
N ILE A 482 -30.99 19.80 1.14
CA ILE A 482 -30.36 20.94 1.80
C ILE A 482 -29.19 21.47 0.98
N VAL A 483 -28.31 20.58 0.52
CA VAL A 483 -27.15 20.96 -0.27
C VAL A 483 -27.58 21.59 -1.59
N ALA A 484 -28.65 21.06 -2.18
CA ALA A 484 -29.16 21.56 -3.44
C ALA A 484 -29.63 23.00 -3.33
N GLN A 485 -30.16 23.38 -2.17
CA GLN A 485 -30.65 24.73 -1.96
C GLN A 485 -29.80 25.47 -0.93
N ALA A 486 -28.56 25.02 -0.76
CA ALA A 486 -27.64 25.62 0.20
C ALA A 486 -27.15 26.98 -0.30
N GLY A 487 -27.28 27.19 -1.61
CA GLY A 487 -26.85 28.44 -2.20
C GLY A 487 -27.99 29.43 -2.30
N TYR A 488 -29.07 29.15 -1.58
CA TYR A 488 -30.26 30.00 -1.59
C TYR A 488 -29.96 31.30 -0.84
N PRO A 489 -30.48 32.44 -1.34
CA PRO A 489 -30.27 33.74 -0.70
C PRO A 489 -30.76 33.76 0.75
N ALA A 490 -29.88 34.20 1.65
CA ALA A 490 -30.19 34.30 3.09
C ALA A 490 -30.44 32.93 3.70
N ALA A 491 -29.76 31.91 3.21
CA ALA A 491 -29.90 30.57 3.74
C ALA A 491 -28.62 30.14 4.45
N VAL A 492 -28.73 29.81 5.73
CA VAL A 492 -27.58 29.39 6.50
C VAL A 492 -27.55 27.88 6.67
N THR A 493 -26.51 27.26 6.15
CA THR A 493 -26.34 25.82 6.23
C THR A 493 -25.21 25.46 7.18
N ILE A 494 -25.43 24.48 8.04
CA ILE A 494 -24.42 24.06 8.99
C ILE A 494 -23.97 22.62 8.71
N ALA A 495 -22.68 22.44 8.51
CA ALA A 495 -22.13 21.12 8.22
C ALA A 495 -21.07 20.76 9.24
N THR A 496 -21.10 19.52 9.70
CA THR A 496 -20.14 19.04 10.68
C THR A 496 -19.15 18.08 10.04
N ASN A 497 -17.86 18.42 10.14
CA ASN A 497 -16.78 17.61 9.56
C ASN A 497 -17.04 17.32 8.09
N MET A 498 -16.96 18.38 7.28
CA MET A 498 -17.20 18.26 5.85
C MET A 498 -16.19 17.31 5.21
N ALA A 499 -16.69 16.43 4.35
CA ALA A 499 -15.85 15.46 3.66
C ALA A 499 -15.08 16.12 2.54
N GLY A 500 -14.17 15.36 1.94
CA GLY A 500 -13.36 15.89 0.85
C GLY A 500 -14.18 16.13 -0.40
N ARG A 501 -13.58 16.86 -1.36
CA ARG A 501 -14.23 17.19 -2.63
C ARG A 501 -15.44 18.11 -2.41
N GLY A 502 -16.60 17.50 -2.15
CA GLY A 502 -17.80 18.28 -1.93
C GLY A 502 -18.58 18.52 -3.21
N THR A 503 -19.88 18.30 -3.14
CA THR A 503 -20.76 18.49 -4.28
C THR A 503 -20.82 19.96 -4.70
N ASP A 504 -21.11 20.21 -5.97
CA ASP A 504 -21.19 21.58 -6.48
C ASP A 504 -22.50 22.22 -6.05
N ILE A 505 -22.39 23.23 -5.19
CA ILE A 505 -23.56 23.95 -4.70
C ILE A 505 -23.96 25.04 -5.69
N VAL A 506 -25.21 25.01 -6.13
CA VAL A 506 -25.71 26.00 -7.08
C VAL A 506 -26.20 27.24 -6.36
N LEU A 507 -25.68 28.39 -6.76
CA LEU A 507 -26.06 29.66 -6.15
C LEU A 507 -27.44 30.09 -6.63
N GLY A 508 -28.28 30.48 -5.68
CA GLY A 508 -29.63 30.90 -6.01
C GLY A 508 -30.60 29.74 -5.94
N GLY A 509 -30.07 28.56 -5.70
CA GLY A 509 -30.87 27.36 -5.63
C GLY A 509 -30.55 26.44 -6.78
N SER A 510 -31.29 25.35 -6.89
CA SER A 510 -31.06 24.39 -7.96
C SER A 510 -32.31 24.19 -8.79
N TRP A 511 -32.43 24.94 -9.87
CA TRP A 511 -33.59 24.82 -10.76
C TRP A 511 -33.70 23.40 -11.31
N GLN A 512 -32.55 22.77 -11.52
CA GLN A 512 -32.48 21.42 -12.05
C GLN A 512 -33.07 20.40 -11.06
N ALA A 513 -33.08 20.76 -9.78
CA ALA A 513 -33.63 19.88 -8.76
C ALA A 513 -35.09 20.21 -8.53
N GLU A 514 -35.42 21.49 -8.66
CA GLU A 514 -36.79 21.95 -8.47
C GLU A 514 -37.70 21.43 -9.58
N VAL A 515 -37.21 21.41 -10.81
CA VAL A 515 -37.99 20.90 -11.92
C VAL A 515 -38.08 19.37 -11.85
N ALA A 516 -37.12 18.76 -11.17
CA ALA A 516 -37.08 17.31 -11.02
C ALA A 516 -38.02 16.86 -9.90
N ALA A 517 -38.23 17.73 -8.93
CA ALA A 517 -39.10 17.44 -7.80
C ALA A 517 -40.55 17.29 -8.28
N LEU A 518 -40.87 17.97 -9.37
CA LEU A 518 -42.21 17.92 -9.94
C LEU A 518 -42.41 16.59 -10.67
N GLU A 519 -43.57 15.97 -10.48
CA GLU A 519 -43.88 14.71 -11.12
C GLU A 519 -44.07 14.92 -12.62
N ASN A 520 -44.57 16.09 -12.98
CA ASN A 520 -44.78 16.43 -14.38
C ASN A 520 -44.28 17.84 -14.66
N PRO A 521 -42.99 17.97 -15.00
CA PRO A 521 -42.40 19.27 -15.31
C PRO A 521 -42.64 19.69 -16.76
N THR A 522 -43.58 20.60 -16.96
CA THR A 522 -43.91 21.08 -18.29
C THR A 522 -42.84 22.06 -18.78
N ALA A 523 -42.80 22.30 -20.08
CA ALA A 523 -41.83 23.22 -20.66
C ALA A 523 -42.00 24.61 -20.08
N GLU A 524 -43.25 24.96 -19.78
CA GLU A 524 -43.56 26.27 -19.20
C GLU A 524 -42.97 26.36 -17.80
N GLN A 525 -43.17 25.32 -17.01
CA GLN A 525 -42.66 25.30 -15.64
C GLN A 525 -41.13 25.30 -15.63
N ILE A 526 -40.53 24.52 -16.52
CA ILE A 526 -39.08 24.45 -16.62
C ILE A 526 -38.49 25.83 -16.94
N GLU A 527 -39.13 26.55 -17.85
CA GLU A 527 -38.66 27.87 -18.23
C GLU A 527 -38.94 28.87 -17.11
N LYS A 528 -40.08 28.72 -16.44
CA LYS A 528 -40.46 29.60 -15.34
C LYS A 528 -39.48 29.45 -14.19
N ILE A 529 -39.21 28.22 -13.77
CA ILE A 529 -38.29 27.97 -12.68
C ILE A 529 -36.88 28.43 -13.07
N LYS A 530 -36.54 28.25 -14.34
CA LYS A 530 -35.24 28.67 -14.84
C LYS A 530 -35.08 30.19 -14.71
N ALA A 531 -36.13 30.91 -15.11
CA ALA A 531 -36.13 32.38 -15.02
C ALA A 531 -36.14 32.83 -13.57
N ASP A 532 -36.93 32.14 -12.76
CA ASP A 532 -37.04 32.43 -11.33
C ASP A 532 -35.68 32.27 -10.67
N TRP A 533 -35.01 31.18 -11.02
CA TRP A 533 -33.69 30.87 -10.51
C TRP A 533 -32.68 31.95 -10.91
N GLN A 534 -32.82 32.47 -12.12
CA GLN A 534 -31.92 33.50 -12.62
C GLN A 534 -31.92 34.72 -11.70
N VAL A 535 -33.11 35.14 -11.28
CA VAL A 535 -33.25 36.28 -10.39
C VAL A 535 -32.60 35.99 -9.04
N ARG A 536 -32.83 34.78 -8.54
CA ARG A 536 -32.26 34.36 -7.26
C ARG A 536 -30.75 34.20 -7.36
N HIS A 537 -30.30 33.69 -8.50
CA HIS A 537 -28.88 33.48 -8.75
C HIS A 537 -28.12 34.80 -8.75
N ASP A 538 -28.67 35.81 -9.40
CA ASP A 538 -28.04 37.12 -9.48
C ASP A 538 -27.98 37.78 -8.11
N ALA A 539 -29.01 37.54 -7.29
CA ALA A 539 -29.07 38.11 -5.95
C ALA A 539 -27.89 37.64 -5.10
N VAL A 540 -27.51 36.38 -5.27
CA VAL A 540 -26.39 35.80 -4.54
C VAL A 540 -25.08 36.40 -5.03
N LEU A 541 -24.97 36.61 -6.34
CA LEU A 541 -23.77 37.18 -6.94
C LEU A 541 -23.54 38.59 -6.42
N GLU A 542 -24.59 39.39 -6.39
CA GLU A 542 -24.50 40.77 -5.91
C GLU A 542 -24.26 40.83 -4.40
N ALA A 543 -24.49 39.70 -3.74
CA ALA A 543 -24.29 39.63 -2.29
C ALA A 543 -22.84 39.31 -1.96
N GLY A 544 -22.16 38.64 -2.89
CA GLY A 544 -20.77 38.28 -2.67
C GLY A 544 -20.52 36.80 -2.80
N GLY A 545 -21.40 36.11 -3.53
CA GLY A 545 -21.25 34.68 -3.73
C GLY A 545 -21.52 33.88 -2.48
N LEU A 546 -21.08 32.63 -2.46
CA LEU A 546 -21.27 31.75 -1.32
C LEU A 546 -20.34 32.15 -0.18
N HIS A 547 -20.91 32.38 0.99
CA HIS A 547 -20.14 32.79 2.16
C HIS A 547 -19.82 31.61 3.05
N ILE A 548 -18.54 31.25 3.10
CA ILE A 548 -18.09 30.13 3.92
C ILE A 548 -17.63 30.63 5.29
N ILE A 549 -18.08 29.97 6.35
CA ILE A 549 -17.70 30.34 7.70
C ILE A 549 -17.15 29.13 8.44
N GLY A 550 -15.94 29.27 8.97
CA GLY A 550 -15.32 28.20 9.70
C GLY A 550 -15.24 28.52 11.17
N THR A 551 -15.68 27.60 12.01
CA THR A 551 -15.65 27.80 13.46
C THR A 551 -14.25 27.52 14.00
N GLU A 552 -13.57 26.57 13.38
CA GLU A 552 -12.23 26.18 13.78
C GLU A 552 -11.39 25.86 12.55
N ARG A 553 -10.08 25.89 12.73
CA ARG A 553 -9.17 25.57 11.64
C ARG A 553 -8.72 24.13 11.78
N HIS A 554 -8.41 23.49 10.66
CA HIS A 554 -7.96 22.12 10.69
C HIS A 554 -6.44 22.06 10.71
N GLU A 555 -5.89 21.08 11.41
CA GLU A 555 -4.45 20.91 11.51
C GLU A 555 -3.87 20.65 10.12
N SER A 556 -4.37 19.60 9.48
CA SER A 556 -3.94 19.27 8.14
C SER A 556 -4.56 20.26 7.16
N ARG A 557 -3.73 21.14 6.63
CA ARG A 557 -4.19 22.17 5.69
C ARG A 557 -4.81 21.58 4.42
N ARG A 558 -4.56 20.29 4.17
CA ARG A 558 -5.11 19.62 3.00
C ARG A 558 -6.63 19.73 2.99
N ILE A 559 -7.23 19.57 4.15
CA ILE A 559 -8.67 19.66 4.29
C ILE A 559 -9.10 21.12 4.45
N ASP A 560 -8.22 21.92 5.04
CA ASP A 560 -8.50 23.34 5.25
C ASP A 560 -8.72 24.05 3.93
N ASN A 561 -7.81 23.81 2.99
CA ASN A 561 -7.91 24.42 1.65
C ASN A 561 -9.15 23.94 0.92
N GLN A 562 -9.50 22.68 1.13
CA GLN A 562 -10.68 22.10 0.49
C GLN A 562 -11.96 22.66 1.07
N LEU A 563 -11.91 23.05 2.35
CA LEU A 563 -13.07 23.60 3.03
C LEU A 563 -13.46 24.96 2.41
N ARG A 564 -12.46 25.75 2.07
CA ARG A 564 -12.70 27.05 1.45
C ARG A 564 -12.94 26.88 -0.05
N GLY A 565 -12.54 25.71 -0.55
CA GLY A 565 -12.70 25.43 -1.97
C GLY A 565 -14.15 25.15 -2.37
N ARG A 566 -15.07 25.28 -1.43
CA ARG A 566 -16.48 25.05 -1.70
C ARG A 566 -17.06 26.25 -2.45
N SER A 567 -16.42 27.40 -2.27
CA SER A 567 -16.86 28.62 -2.91
C SER A 567 -15.90 28.99 -4.04
N GLY A 568 -16.35 29.86 -4.94
CA GLY A 568 -15.52 30.27 -6.06
C GLY A 568 -15.23 29.13 -7.02
N ARG A 569 -16.25 28.32 -7.29
CA ARG A 569 -16.10 27.20 -8.20
C ARG A 569 -16.35 27.64 -9.62
N GLN A 570 -15.62 27.06 -10.57
CA GLN A 570 -15.73 27.39 -11.98
C GLN A 570 -15.31 28.84 -12.23
N GLY A 571 -14.51 29.36 -11.32
CA GLY A 571 -14.04 30.73 -11.43
C GLY A 571 -15.15 31.73 -11.19
N ASP A 572 -15.93 31.51 -10.15
CA ASP A 572 -17.03 32.40 -9.80
C ASP A 572 -16.70 33.19 -8.55
N ALA A 573 -17.71 33.85 -7.98
CA ALA A 573 -17.51 34.67 -6.79
C ALA A 573 -17.67 33.86 -5.51
N GLY A 574 -17.28 34.46 -4.40
CA GLY A 574 -17.39 33.78 -3.12
C GLY A 574 -16.63 34.53 -2.04
N SER A 575 -16.89 34.19 -0.78
CA SER A 575 -16.22 34.83 0.34
C SER A 575 -16.13 33.90 1.52
N SER A 576 -15.02 33.94 2.25
CA SER A 576 -14.84 33.09 3.41
C SER A 576 -14.47 33.94 4.63
N ARG A 577 -15.04 33.58 5.77
CA ARG A 577 -14.76 34.28 7.02
C ARG A 577 -14.56 33.24 8.12
N PHE A 578 -13.33 33.11 8.57
CA PHE A 578 -13.01 32.15 9.62
C PHE A 578 -12.85 32.81 10.97
N TYR A 579 -13.27 32.09 12.01
CA TYR A 579 -13.18 32.56 13.37
C TYR A 579 -12.48 31.52 14.22
N LEU A 580 -12.03 31.92 15.40
CA LEU A 580 -11.34 31.01 16.30
C LEU A 580 -11.31 31.59 17.71
N SER A 581 -10.96 30.77 18.67
CA SER A 581 -10.86 31.21 20.05
C SER A 581 -9.63 30.59 20.69
N MET A 582 -9.05 31.29 21.65
CA MET A 582 -7.85 30.81 22.34
C MET A 582 -8.15 29.60 23.20
N GLU A 583 -9.42 29.27 23.35
CA GLU A 583 -9.84 28.14 24.14
C GLU A 583 -10.00 26.90 23.27
N ASP A 584 -9.70 27.03 21.99
CA ASP A 584 -9.82 25.91 21.06
C ASP A 584 -8.60 24.99 21.15
N ALA A 585 -8.80 23.72 20.80
CA ALA A 585 -7.73 22.72 20.85
C ALA A 585 -6.65 23.00 19.82
N LEU A 586 -6.97 23.82 18.82
CA LEU A 586 -6.02 24.16 17.77
C LEU A 586 -4.84 24.96 18.33
N MET A 587 -5.06 25.63 19.45
CA MET A 587 -4.04 26.45 20.08
C MET A 587 -2.97 25.59 20.75
N ARG A 588 -3.13 24.27 20.65
CA ARG A 588 -2.17 23.35 21.24
C ARG A 588 -1.14 22.87 20.22
N ILE A 589 -1.30 23.30 18.97
CA ILE A 589 -0.37 22.90 17.92
C ILE A 589 0.87 23.81 17.89
N PHE A 590 0.86 24.81 18.76
CA PHE A 590 1.97 25.75 18.85
C PHE A 590 3.00 25.26 19.86
N ALA A 591 2.74 24.09 20.43
CA ALA A 591 3.62 23.46 21.42
C ALA A 591 3.65 24.24 22.74
N SER A 592 4.19 25.45 22.69
CA SER A 592 4.30 26.28 23.86
C SER A 592 3.02 27.10 24.06
N ASP A 593 2.38 26.91 25.21
CA ASP A 593 1.14 27.61 25.53
C ASP A 593 1.41 29.10 25.74
N ARG A 594 2.68 29.43 26.00
CA ARG A 594 3.07 30.82 26.21
C ARG A 594 2.79 31.65 24.95
N VAL A 595 2.94 31.04 23.79
CA VAL A 595 2.70 31.72 22.53
C VAL A 595 1.22 32.09 22.42
N SER A 596 0.36 31.11 22.67
CA SER A 596 -1.07 31.30 22.61
C SER A 596 -1.52 32.27 23.72
N GLY A 597 -0.86 32.18 24.87
CA GLY A 597 -1.18 33.06 25.99
C GLY A 597 -0.90 34.51 25.68
N MET A 598 0.20 34.76 24.97
CA MET A 598 0.59 36.11 24.60
C MET A 598 -0.40 36.71 23.61
N MET A 599 -1.03 35.84 22.82
CA MET A 599 -2.01 36.28 21.82
C MET A 599 -3.26 36.83 22.50
N ARG A 600 -3.50 36.39 23.72
CA ARG A 600 -4.67 36.82 24.48
C ARG A 600 -4.53 38.29 24.88
N LYS A 601 -3.31 38.80 24.84
CA LYS A 601 -3.05 40.19 25.21
C LYS A 601 -3.34 41.13 24.04
N LEU A 602 -3.95 40.60 23.00
CA LEU A 602 -4.31 41.39 21.83
C LEU A 602 -5.57 42.21 22.10
N GLY A 603 -6.24 41.90 23.19
CA GLY A 603 -7.45 42.62 23.54
C GLY A 603 -8.68 41.99 22.91
N MET A 604 -8.55 41.68 21.62
CA MET A 604 -9.62 41.04 20.84
C MET A 604 -10.74 42.02 20.51
N LYS A 605 -11.33 42.62 21.54
CA LYS A 605 -12.42 43.58 21.38
C LYS A 605 -13.63 42.94 20.70
N PRO A 606 -14.44 42.22 21.47
CA PRO A 606 -15.65 41.54 20.97
C PRO A 606 -16.63 42.51 20.33
N GLY A 607 -16.71 42.48 19.01
CA GLY A 607 -17.62 43.34 18.29
C GLY A 607 -16.89 44.25 17.33
N GLU A 608 -15.60 44.47 17.58
CA GLU A 608 -14.79 45.33 16.73
C GLU A 608 -13.85 44.48 15.90
N ALA A 609 -14.02 44.54 14.58
CA ALA A 609 -13.19 43.78 13.66
C ALA A 609 -11.77 44.33 13.63
N ILE A 610 -10.87 43.64 14.33
CA ILE A 610 -9.47 44.04 14.39
C ILE A 610 -8.76 43.81 13.05
N GLU A 611 -9.17 42.74 12.35
CA GLU A 611 -8.61 42.38 11.05
C GLU A 611 -7.08 42.36 11.04
N HIS A 612 -6.50 41.23 11.43
CA HIS A 612 -5.05 41.10 11.45
C HIS A 612 -4.61 39.95 10.54
N PRO A 613 -4.22 40.26 9.29
CA PRO A 613 -3.79 39.27 8.30
C PRO A 613 -2.62 38.39 8.74
N TRP A 614 -1.74 38.91 9.59
CA TRP A 614 -0.59 38.14 10.04
C TRP A 614 -1.03 36.90 10.83
N VAL A 615 -2.22 36.96 11.41
CA VAL A 615 -2.74 35.84 12.18
C VAL A 615 -2.99 34.65 11.26
N THR A 616 -3.66 34.90 10.14
CA THR A 616 -3.94 33.86 9.16
C THR A 616 -2.65 33.26 8.62
N LYS A 617 -1.65 34.11 8.40
CA LYS A 617 -0.37 33.67 7.90
C LYS A 617 0.34 32.79 8.93
N ALA A 618 0.15 33.13 10.20
CA ALA A 618 0.75 32.38 11.29
C ALA A 618 0.11 31.00 11.40
N ILE A 619 -1.22 30.98 11.32
CA ILE A 619 -1.97 29.73 11.40
C ILE A 619 -1.68 28.84 10.19
N ALA A 620 -1.60 29.45 9.01
CA ALA A 620 -1.33 28.73 7.79
C ALA A 620 0.03 28.03 7.86
N ASN A 621 1.01 28.74 8.41
CA ASN A 621 2.34 28.18 8.58
C ASN A 621 2.34 27.09 9.64
N ALA A 622 1.57 27.31 10.71
CA ALA A 622 1.45 26.34 11.79
C ALA A 622 0.87 25.04 11.26
N GLN A 623 -0.14 25.16 10.40
CA GLN A 623 -0.79 24.00 9.79
C GLN A 623 0.24 23.19 9.00
N ARG A 624 1.09 23.89 8.28
CA ARG A 624 2.13 23.26 7.48
C ARG A 624 3.20 22.65 8.38
N LYS A 625 3.47 23.31 9.51
CA LYS A 625 4.47 22.82 10.46
C LYS A 625 4.09 21.44 10.98
N VAL A 626 2.79 21.25 11.18
CA VAL A 626 2.28 19.97 11.66
C VAL A 626 2.68 18.84 10.72
N GLU A 627 2.40 19.02 9.43
CA GLU A 627 2.74 18.01 8.44
C GLU A 627 4.24 17.98 8.16
N SER A 628 4.92 19.10 8.40
CA SER A 628 6.36 19.15 8.20
C SER A 628 7.04 18.21 9.19
N ARG A 629 6.51 18.17 10.40
CA ARG A 629 7.02 17.28 11.44
C ARG A 629 6.54 15.85 11.17
N ASN A 630 5.32 15.77 10.66
CA ASN A 630 4.70 14.48 10.34
C ASN A 630 5.47 13.77 9.23
N PHE A 631 5.91 14.54 8.24
CA PHE A 631 6.67 14.01 7.11
C PHE A 631 7.97 13.38 7.59
N ASP A 632 8.60 14.01 8.59
CA ASP A 632 9.84 13.51 9.13
C ASP A 632 9.64 12.12 9.73
N ILE A 633 8.42 11.84 10.18
CA ILE A 633 8.08 10.55 10.73
C ILE A 633 7.77 9.57 9.60
N ARG A 634 7.13 10.09 8.55
CA ARG A 634 6.80 9.29 7.37
C ARG A 634 8.07 8.75 6.72
N LYS A 635 9.11 9.58 6.68
CA LYS A 635 10.38 9.20 6.07
C LYS A 635 11.03 8.06 6.86
N GLN A 636 10.74 7.98 8.15
CA GLN A 636 11.29 6.93 9.00
C GLN A 636 10.77 5.58 8.54
N LEU A 637 9.48 5.53 8.23
CA LEU A 637 8.84 4.31 7.77
C LEU A 637 9.35 3.94 6.39
N LEU A 638 9.50 4.94 5.53
CA LEU A 638 9.99 4.74 4.18
C LEU A 638 11.39 4.15 4.18
N GLU A 639 12.24 4.64 5.09
CA GLU A 639 13.61 4.16 5.21
C GLU A 639 13.65 2.65 5.44
N TYR A 640 12.68 2.16 6.21
CA TYR A 640 12.59 0.74 6.52
C TYR A 640 11.90 -0.05 5.41
N ASP A 641 10.83 0.51 4.87
CA ASP A 641 10.05 -0.15 3.82
C ASP A 641 10.82 -0.20 2.49
N ASP A 642 11.64 0.81 2.22
CA ASP A 642 12.39 0.86 0.97
C ASP A 642 13.38 -0.31 0.91
N VAL A 643 13.89 -0.71 2.07
CA VAL A 643 14.82 -1.83 2.13
C VAL A 643 14.14 -3.10 1.67
N ALA A 644 12.90 -3.28 2.14
CA ALA A 644 12.11 -4.45 1.78
C ALA A 644 11.61 -4.32 0.35
N ASN A 645 11.52 -3.08 -0.13
CA ASN A 645 11.06 -2.81 -1.48
C ASN A 645 12.01 -3.43 -2.51
N ASP A 646 13.29 -3.15 -2.35
CA ASP A 646 14.30 -3.66 -3.27
C ASP A 646 14.34 -5.19 -3.21
N GLN A 647 14.30 -5.73 -2.00
CA GLN A 647 14.33 -7.17 -1.81
C GLN A 647 13.11 -7.82 -2.46
N ARG A 648 11.95 -7.22 -2.25
CA ARG A 648 10.70 -7.70 -2.82
C ARG A 648 10.78 -7.67 -4.34
N ARG A 649 11.32 -6.58 -4.87
CA ARG A 649 11.46 -6.41 -6.32
C ARG A 649 12.44 -7.42 -6.88
N ALA A 650 13.55 -7.60 -6.18
CA ALA A 650 14.59 -8.54 -6.62
C ALA A 650 14.09 -9.98 -6.62
N ILE A 651 13.44 -10.40 -5.55
CA ILE A 651 12.95 -11.77 -5.45
C ILE A 651 11.82 -12.03 -6.46
N TYR A 652 10.93 -11.06 -6.63
CA TYR A 652 9.83 -11.23 -7.57
C TYR A 652 10.36 -11.20 -9.00
N SER A 653 11.43 -10.45 -9.21
CA SER A 653 12.06 -10.36 -10.52
C SER A 653 12.55 -11.73 -10.94
N GLN A 654 13.30 -12.38 -10.05
CA GLN A 654 13.83 -13.72 -10.32
C GLN A 654 12.69 -14.70 -10.59
N ARG A 655 11.67 -14.64 -9.73
CA ARG A 655 10.51 -15.52 -9.86
C ARG A 655 9.80 -15.31 -11.19
N ASN A 656 9.64 -14.04 -11.58
CA ASN A 656 8.96 -13.71 -12.82
C ASN A 656 9.83 -14.00 -14.05
N GLU A 657 11.14 -13.79 -13.91
CA GLU A 657 12.07 -14.05 -15.00
C GLU A 657 12.08 -15.53 -15.33
N LEU A 658 12.09 -16.37 -14.30
CA LEU A 658 12.10 -17.82 -14.47
C LEU A 658 10.70 -18.29 -14.85
N LEU A 659 9.72 -17.44 -14.61
CA LEU A 659 8.33 -17.74 -14.93
C LEU A 659 8.08 -17.59 -16.42
N ASP A 660 8.73 -16.59 -17.01
CA ASP A 660 8.59 -16.30 -18.43
C ASP A 660 9.17 -17.43 -19.28
N VAL A 661 10.42 -17.77 -19.03
CA VAL A 661 11.09 -18.84 -19.78
C VAL A 661 10.62 -20.22 -19.34
N SER A 662 10.63 -21.16 -20.27
CA SER A 662 10.22 -22.53 -19.98
C SER A 662 11.44 -23.39 -19.67
N ASP A 663 12.59 -22.97 -20.18
CA ASP A 663 13.84 -23.69 -19.97
C ASP A 663 14.44 -23.32 -18.62
N VAL A 664 14.39 -24.25 -17.68
CA VAL A 664 14.95 -24.02 -16.36
C VAL A 664 16.15 -24.95 -16.15
N SER A 665 16.41 -25.81 -17.13
CA SER A 665 17.51 -26.76 -17.07
C SER A 665 18.84 -26.06 -16.82
N GLU A 666 19.04 -24.94 -17.50
CA GLU A 666 20.26 -24.16 -17.35
C GLU A 666 20.43 -23.67 -15.92
N THR A 667 19.36 -23.11 -15.36
CA THR A 667 19.38 -22.59 -14.00
C THR A 667 19.62 -23.71 -12.98
N ILE A 668 18.88 -24.80 -13.11
CA ILE A 668 19.01 -25.95 -12.21
C ILE A 668 20.44 -26.49 -12.19
N ASN A 669 21.05 -26.60 -13.35
CA ASN A 669 22.41 -27.13 -13.44
C ASN A 669 23.42 -26.13 -12.87
N SER A 670 23.21 -24.84 -13.16
CA SER A 670 24.11 -23.80 -12.68
C SER A 670 24.15 -23.75 -11.15
N ILE A 671 22.98 -23.84 -10.51
CA ILE A 671 22.93 -23.79 -9.06
C ILE A 671 23.35 -25.12 -8.44
N ARG A 672 23.22 -26.19 -9.21
CA ARG A 672 23.60 -27.53 -8.74
C ARG A 672 25.06 -27.58 -8.38
N GLU A 673 25.90 -27.03 -9.25
CA GLU A 673 27.34 -27.01 -9.04
C GLU A 673 27.70 -26.17 -7.81
N ASP A 674 26.98 -25.08 -7.61
CA ASP A 674 27.22 -24.19 -6.48
C ASP A 674 26.81 -24.84 -5.16
N VAL A 675 25.61 -25.42 -5.14
CA VAL A 675 25.09 -26.08 -3.96
C VAL A 675 26.00 -27.22 -3.52
N PHE A 676 26.41 -28.06 -4.47
CA PHE A 676 27.29 -29.16 -4.18
C PHE A 676 28.64 -28.67 -3.67
N LYS A 677 29.15 -27.63 -4.32
CA LYS A 677 30.43 -27.05 -3.92
C LYS A 677 30.35 -26.53 -2.50
N ALA A 678 29.34 -25.72 -2.21
CA ALA A 678 29.15 -25.16 -0.88
C ALA A 678 29.01 -26.26 0.17
N THR A 679 28.27 -27.30 -0.18
CA THR A 679 28.06 -28.43 0.73
C THR A 679 29.39 -29.13 1.01
N ILE A 680 30.17 -29.38 -0.03
CA ILE A 680 31.46 -30.04 0.12
C ILE A 680 32.42 -29.14 0.90
N ASP A 681 32.41 -27.84 0.59
CA ASP A 681 33.29 -26.86 1.24
C ASP A 681 33.12 -26.86 2.76
N ALA A 682 31.92 -27.20 3.22
CA ALA A 682 31.61 -27.22 4.64
C ALA A 682 32.27 -28.41 5.35
N TYR A 683 32.58 -29.46 4.59
CA TYR A 683 33.19 -30.65 5.17
C TYR A 683 34.63 -30.82 4.69
N ILE A 684 34.90 -30.35 3.48
CA ILE A 684 36.22 -30.44 2.88
C ILE A 684 36.68 -29.07 2.39
N PRO A 685 37.65 -28.45 3.08
CA PRO A 685 38.19 -27.15 2.69
C PRO A 685 39.03 -27.27 1.42
N PRO A 686 38.80 -26.39 0.43
CA PRO A 686 39.54 -26.41 -0.85
C PRO A 686 41.06 -26.41 -0.64
N GLN A 687 41.70 -27.50 -1.07
CA GLN A 687 43.15 -27.67 -0.95
C GLN A 687 43.57 -27.72 0.52
N SER A 688 43.28 -28.83 1.17
CA SER A 688 43.62 -29.02 2.57
C SER A 688 44.23 -30.40 2.80
N LEU A 689 44.25 -30.84 4.06
CA LEU A 689 44.80 -32.15 4.40
C LEU A 689 43.68 -33.19 4.55
N GLU A 690 44.05 -34.46 4.43
CA GLU A 690 43.10 -35.56 4.54
C GLU A 690 42.32 -35.53 5.86
N GLU A 691 43.01 -35.17 6.94
CA GLU A 691 42.40 -35.11 8.26
C GLU A 691 41.36 -34.00 8.37
N MET A 692 41.40 -33.07 7.42
CA MET A 692 40.46 -31.96 7.41
C MET A 692 39.23 -32.29 6.58
N TRP A 693 39.27 -33.45 5.91
CA TRP A 693 38.18 -33.89 5.07
C TRP A 693 37.20 -34.73 5.87
N ASP A 694 36.07 -34.13 6.22
CA ASP A 694 35.05 -34.86 6.98
C ASP A 694 34.22 -35.73 6.05
N ILE A 695 34.81 -36.86 5.65
CA ILE A 695 34.14 -37.80 4.78
C ILE A 695 32.85 -38.35 5.40
N PRO A 696 32.89 -38.81 6.68
CA PRO A 696 31.69 -39.33 7.36
C PRO A 696 30.54 -38.31 7.34
N GLY A 697 30.86 -37.08 7.71
CA GLY A 697 29.86 -36.02 7.73
C GLY A 697 29.32 -35.71 6.35
N LEU A 698 30.22 -35.64 5.38
CA LEU A 698 29.85 -35.35 4.00
C LEU A 698 28.92 -36.44 3.47
N GLN A 699 29.29 -37.70 3.70
CA GLN A 699 28.51 -38.84 3.25
C GLN A 699 27.14 -38.84 3.93
N GLU A 700 27.11 -38.52 5.22
CA GLU A 700 25.88 -38.49 5.99
C GLU A 700 24.87 -37.55 5.35
N ARG A 701 25.35 -36.40 4.89
CA ARG A 701 24.49 -35.40 4.26
C ARG A 701 24.11 -35.83 2.85
N LEU A 702 25.10 -36.25 2.06
CA LEU A 702 24.87 -36.64 0.68
C LEU A 702 23.90 -37.81 0.56
N LYS A 703 24.10 -38.83 1.38
CA LYS A 703 23.27 -40.03 1.34
C LYS A 703 21.90 -39.80 1.95
N ASN A 704 21.67 -38.64 2.55
CA ASN A 704 20.38 -38.37 3.18
C ASN A 704 19.62 -37.22 2.53
N ASP A 705 20.24 -36.05 2.47
CA ASP A 705 19.57 -34.87 1.91
C ASP A 705 19.77 -34.73 0.40
N PHE A 706 20.75 -35.42 -0.15
CA PHE A 706 20.99 -35.32 -1.58
C PHE A 706 20.59 -36.59 -2.31
N ASP A 707 20.23 -37.62 -1.55
CA ASP A 707 19.80 -38.91 -2.12
C ASP A 707 20.93 -39.52 -2.94
N LEU A 708 22.17 -39.20 -2.59
CA LEU A 708 23.32 -39.70 -3.31
C LEU A 708 24.08 -40.72 -2.48
N ASP A 709 23.87 -42.00 -2.79
CA ASP A 709 24.54 -43.08 -2.09
C ASP A 709 25.89 -43.36 -2.74
N LEU A 710 26.86 -42.50 -2.45
CA LEU A 710 28.20 -42.64 -3.02
C LEU A 710 29.21 -43.09 -1.97
N PRO A 711 30.01 -44.11 -2.30
CA PRO A 711 31.03 -44.64 -1.41
C PRO A 711 32.33 -43.84 -1.47
N ILE A 712 32.27 -42.58 -1.04
CA ILE A 712 33.42 -41.69 -1.06
C ILE A 712 34.58 -42.24 -0.23
N ALA A 713 34.26 -42.75 0.95
CA ALA A 713 35.27 -43.31 1.85
C ALA A 713 35.90 -44.56 1.25
N GLU A 714 35.13 -45.25 0.41
CA GLU A 714 35.61 -46.47 -0.22
C GLU A 714 36.11 -46.20 -1.64
N TRP A 715 36.56 -44.98 -1.86
CA TRP A 715 37.09 -44.57 -3.16
C TRP A 715 38.58 -44.24 -3.06
N LEU A 716 38.93 -43.44 -2.06
CA LEU A 716 40.32 -43.03 -1.85
C LEU A 716 41.24 -44.21 -1.54
N ASP A 717 40.67 -45.31 -1.08
CA ASP A 717 41.44 -46.50 -0.75
C ASP A 717 41.81 -47.27 -2.01
N LYS A 718 41.12 -46.99 -3.10
CA LYS A 718 41.36 -47.65 -4.36
C LYS A 718 42.04 -46.71 -5.34
N GLU A 719 41.77 -45.43 -5.21
CA GLU A 719 42.36 -44.42 -6.07
C GLU A 719 43.09 -43.36 -5.25
N PRO A 720 44.37 -43.60 -4.92
CA PRO A 720 45.19 -42.67 -4.14
C PRO A 720 45.39 -41.33 -4.86
N GLU A 721 45.42 -41.38 -6.19
CA GLU A 721 45.61 -40.17 -7.00
C GLU A 721 44.27 -39.54 -7.36
N LEU A 722 43.23 -39.86 -6.61
CA LEU A 722 41.90 -39.30 -6.84
C LEU A 722 41.93 -37.80 -6.55
N HIS A 723 42.78 -37.41 -5.60
CA HIS A 723 42.95 -36.01 -5.20
C HIS A 723 41.65 -35.45 -4.61
N GLU A 724 41.62 -34.14 -4.45
CA GLU A 724 40.45 -33.46 -3.90
C GLU A 724 39.55 -32.91 -5.01
N GLU A 725 40.17 -32.28 -6.01
CA GLU A 725 39.41 -31.69 -7.11
C GLU A 725 38.63 -32.76 -7.88
N THR A 726 39.34 -33.78 -8.35
CA THR A 726 38.73 -34.87 -9.10
C THR A 726 37.64 -35.55 -8.27
N LEU A 727 37.84 -35.59 -6.95
CA LEU A 727 36.86 -36.19 -6.04
C LEU A 727 35.56 -35.38 -6.10
N ARG A 728 35.69 -34.06 -6.10
CA ARG A 728 34.54 -33.17 -6.18
C ARG A 728 33.80 -33.39 -7.50
N GLU A 729 34.57 -33.47 -8.58
CA GLU A 729 34.02 -33.67 -9.91
C GLU A 729 33.28 -35.00 -9.99
N ARG A 730 33.80 -36.02 -9.31
CA ARG A 730 33.17 -37.34 -9.29
C ARG A 730 31.76 -37.23 -8.69
N ILE A 731 31.67 -36.60 -7.53
CA ILE A 731 30.39 -36.43 -6.85
C ILE A 731 29.43 -35.63 -7.72
N LEU A 732 29.95 -34.57 -8.34
CA LEU A 732 29.15 -33.72 -9.21
C LEU A 732 28.65 -34.48 -10.42
N ALA A 733 29.54 -35.22 -11.08
CA ALA A 733 29.16 -36.00 -12.26
C ALA A 733 28.17 -37.09 -11.88
N GLN A 734 28.39 -37.73 -10.74
CA GLN A 734 27.52 -38.80 -10.28
C GLN A 734 26.11 -38.27 -10.02
N SER A 735 26.01 -37.06 -9.47
CA SER A 735 24.70 -36.47 -9.19
C SER A 735 23.91 -36.29 -10.47
N ILE A 736 24.60 -35.91 -11.55
CA ILE A 736 23.96 -35.72 -12.83
C ILE A 736 23.53 -37.05 -13.42
N GLU A 737 24.39 -38.06 -13.29
CA GLU A 737 24.10 -39.39 -13.80
C GLU A 737 22.87 -39.96 -13.11
N VAL A 738 22.81 -39.84 -11.79
CA VAL A 738 21.68 -40.34 -11.02
C VAL A 738 20.43 -39.49 -11.29
N TYR A 739 20.63 -38.19 -11.45
CA TYR A 739 19.54 -37.27 -11.73
C TYR A 739 18.85 -37.64 -13.05
N GLN A 740 19.65 -37.79 -14.09
CA GLN A 740 19.13 -38.14 -15.40
C GLN A 740 18.50 -39.53 -15.36
N ARG A 741 19.00 -40.37 -14.47
CA ARG A 741 18.48 -41.71 -14.31
C ARG A 741 17.04 -41.66 -13.81
N LYS A 742 16.81 -40.83 -12.80
CA LYS A 742 15.47 -40.68 -12.24
C LYS A 742 14.55 -40.02 -13.26
N GLU A 743 15.14 -39.13 -14.06
CA GLU A 743 14.40 -38.41 -15.10
C GLU A 743 13.83 -39.37 -16.15
N GLU A 744 14.47 -40.53 -16.30
CA GLU A 744 14.04 -41.53 -17.28
C GLU A 744 12.63 -42.04 -17.00
N VAL A 745 12.20 -41.95 -15.74
CA VAL A 745 10.87 -42.41 -15.36
C VAL A 745 9.91 -41.23 -15.19
N VAL A 746 10.40 -40.04 -15.51
CA VAL A 746 9.59 -38.84 -15.38
C VAL A 746 9.31 -38.23 -16.75
N GLY A 747 10.36 -38.06 -17.54
CA GLY A 747 10.22 -37.47 -18.86
C GLY A 747 11.10 -36.25 -19.01
N ALA A 748 11.63 -36.03 -20.21
CA ALA A 748 12.51 -34.89 -20.46
C ALA A 748 11.81 -33.57 -20.18
N GLU A 749 10.81 -33.24 -20.98
CA GLU A 749 10.08 -32.00 -20.81
C GLU A 749 9.26 -32.00 -19.53
N MET A 750 8.88 -33.20 -19.09
CA MET A 750 8.10 -33.35 -17.87
C MET A 750 8.92 -32.94 -16.64
N MET A 751 10.16 -33.42 -16.57
CA MET A 751 11.03 -33.12 -15.44
C MET A 751 11.31 -31.62 -15.39
N ARG A 752 11.48 -31.00 -16.55
CA ARG A 752 11.74 -29.56 -16.62
C ARG A 752 10.59 -28.79 -15.98
N HIS A 753 9.37 -29.30 -16.13
CA HIS A 753 8.19 -28.67 -15.56
C HIS A 753 8.23 -28.82 -14.04
N PHE A 754 8.68 -29.98 -13.60
CA PHE A 754 8.79 -30.29 -12.18
C PHE A 754 9.82 -29.37 -11.53
N GLU A 755 10.97 -29.22 -12.19
CA GLU A 755 12.04 -28.38 -11.68
C GLU A 755 11.57 -26.94 -11.51
N LYS A 756 10.93 -26.42 -12.55
CA LYS A 756 10.40 -25.05 -12.50
C LYS A 756 9.40 -24.90 -11.37
N GLY A 757 8.53 -25.90 -11.23
CA GLY A 757 7.53 -25.88 -10.18
C GLY A 757 8.16 -25.89 -8.80
N VAL A 758 9.13 -26.78 -8.60
CA VAL A 758 9.83 -26.89 -7.33
C VAL A 758 10.54 -25.58 -7.00
N MET A 759 11.17 -24.98 -7.99
CA MET A 759 11.89 -23.72 -7.81
C MET A 759 10.94 -22.64 -7.30
N LEU A 760 9.80 -22.51 -7.96
CA LEU A 760 8.80 -21.51 -7.57
C LEU A 760 8.27 -21.80 -6.18
N GLN A 761 7.95 -23.07 -5.93
CA GLN A 761 7.43 -23.50 -4.62
C GLN A 761 8.41 -23.17 -3.51
N THR A 762 9.69 -23.49 -3.73
CA THR A 762 10.72 -23.22 -2.74
C THR A 762 10.89 -21.72 -2.55
N LEU A 763 10.84 -20.98 -3.65
CA LEU A 763 10.98 -19.54 -3.62
C LEU A 763 9.86 -18.92 -2.80
N ASP A 764 8.64 -19.33 -3.10
CA ASP A 764 7.45 -18.84 -2.40
C ASP A 764 7.48 -19.26 -0.94
N SER A 765 8.09 -20.41 -0.68
CA SER A 765 8.19 -20.92 0.68
C SER A 765 9.06 -19.99 1.53
N LEU A 766 10.25 -19.70 1.03
CA LEU A 766 11.18 -18.84 1.75
C LEU A 766 10.73 -17.38 1.71
N TRP A 767 9.99 -17.01 0.66
CA TRP A 767 9.49 -15.65 0.52
C TRP A 767 8.60 -15.27 1.70
N LYS A 768 7.67 -16.15 2.06
CA LYS A 768 6.77 -15.88 3.17
C LYS A 768 7.53 -15.92 4.49
N GLU A 769 8.56 -16.77 4.55
CA GLU A 769 9.40 -16.87 5.74
C GLU A 769 10.15 -15.56 5.92
N HIS A 770 10.72 -15.10 4.82
CA HIS A 770 11.48 -13.86 4.79
C HIS A 770 10.59 -12.69 5.20
N LEU A 771 9.35 -12.69 4.73
CA LEU A 771 8.41 -11.63 5.06
C LEU A 771 8.13 -11.61 6.55
N ALA A 772 7.87 -12.78 7.12
CA ALA A 772 7.59 -12.90 8.54
C ALA A 772 8.83 -12.53 9.35
N ALA A 773 9.98 -13.03 8.90
CA ALA A 773 11.25 -12.76 9.56
C ALA A 773 11.57 -11.28 9.56
N MET A 774 11.39 -10.64 8.40
CA MET A 774 11.65 -9.22 8.26
C MET A 774 10.72 -8.40 9.15
N ASP A 775 9.45 -8.80 9.18
CA ASP A 775 8.46 -8.10 10.01
C ASP A 775 8.85 -8.17 11.48
N TYR A 776 9.20 -9.37 11.94
CA TYR A 776 9.59 -9.58 13.33
C TYR A 776 10.88 -8.82 13.63
N LEU A 777 11.80 -8.83 12.67
CA LEU A 777 13.07 -8.14 12.81
C LEU A 777 12.86 -6.63 12.86
N ARG A 778 11.94 -6.14 12.04
CA ARG A 778 11.63 -4.72 11.97
C ARG A 778 11.22 -4.17 13.34
N GLN A 779 10.39 -4.91 14.06
CA GLN A 779 9.93 -4.48 15.37
C GLN A 779 10.95 -4.82 16.47
N GLY A 780 11.67 -5.92 16.29
CA GLY A 780 12.65 -6.33 17.27
C GLY A 780 13.94 -5.55 17.18
N ILE A 781 14.24 -5.04 16.00
CA ILE A 781 15.46 -4.26 15.74
C ILE A 781 15.55 -3.04 16.66
N HIS A 782 14.40 -2.59 17.17
CA HIS A 782 14.35 -1.44 18.05
C HIS A 782 15.16 -1.69 19.32
N LEU A 783 15.17 -2.95 19.76
CA LEU A 783 15.92 -3.33 20.95
C LEU A 783 17.41 -3.44 20.65
N ARG A 784 17.72 -3.87 19.42
CA ARG A 784 19.10 -4.03 18.99
C ARG A 784 19.75 -2.67 18.71
N GLY A 785 18.93 -1.63 18.62
CA GLY A 785 19.44 -0.30 18.37
C GLY A 785 19.98 0.32 19.64
N TYR A 786 21.17 -0.10 20.04
CA TYR A 786 21.81 0.39 21.25
C TYR A 786 22.46 1.74 21.02
N ALA A 787 23.14 2.26 22.05
CA ALA A 787 23.82 3.54 21.95
C ALA A 787 24.93 3.48 20.91
N GLN A 788 25.11 4.58 20.18
CA GLN A 788 26.12 4.68 19.13
C GLN A 788 25.81 3.75 17.97
N LYS A 789 24.61 3.19 17.98
CA LYS A 789 24.17 2.28 16.93
C LYS A 789 22.90 2.80 16.27
N ASP A 790 22.93 2.91 14.96
CA ASP A 790 21.77 3.39 14.20
C ASP A 790 20.82 2.24 13.93
N PRO A 791 19.56 2.37 14.41
CA PRO A 791 18.55 1.32 14.24
C PRO A 791 18.11 1.14 12.79
N LYS A 792 18.42 2.11 11.93
CA LYS A 792 18.04 2.03 10.54
C LYS A 792 19.16 1.37 9.73
N GLN A 793 20.37 1.86 9.93
CA GLN A 793 21.54 1.34 9.23
C GLN A 793 21.82 -0.11 9.62
N GLU A 794 21.66 -0.41 10.90
CA GLU A 794 21.87 -1.76 11.40
C GLU A 794 20.83 -2.70 10.78
N TYR A 795 19.60 -2.23 10.74
CA TYR A 795 18.49 -2.98 10.18
C TYR A 795 18.75 -3.32 8.72
N LYS A 796 19.37 -2.39 8.00
CA LYS A 796 19.70 -2.57 6.59
C LYS A 796 20.74 -3.66 6.39
N ARG A 797 21.56 -3.90 7.41
CA ARG A 797 22.58 -4.93 7.33
C ARG A 797 21.96 -6.30 7.60
N GLU A 798 21.17 -6.36 8.67
CA GLU A 798 20.50 -7.60 9.06
C GLU A 798 19.61 -8.13 7.94
N SER A 799 18.87 -7.22 7.30
CA SER A 799 17.96 -7.59 6.22
C SER A 799 18.74 -8.08 5.00
N PHE A 800 19.88 -7.45 4.72
CA PHE A 800 20.71 -7.82 3.58
C PHE A 800 21.27 -9.22 3.78
N SER A 801 21.84 -9.47 4.96
CA SER A 801 22.41 -10.78 5.26
C SER A 801 21.32 -11.83 5.25
N MET A 802 20.13 -11.45 5.69
CA MET A 802 18.99 -12.35 5.71
C MET A 802 18.58 -12.72 4.29
N PHE A 803 18.69 -11.75 3.39
CA PHE A 803 18.34 -11.96 1.99
C PHE A 803 19.37 -12.88 1.33
N ALA A 804 20.64 -12.62 1.60
CA ALA A 804 21.72 -13.41 1.03
C ALA A 804 21.58 -14.88 1.45
N ALA A 805 21.34 -15.08 2.75
CA ALA A 805 21.18 -16.43 3.29
C ALA A 805 19.94 -17.10 2.70
N MET A 806 18.90 -16.31 2.46
CA MET A 806 17.65 -16.82 1.90
C MET A 806 17.90 -17.37 0.49
N LEU A 807 18.79 -16.72 -0.25
CA LEU A 807 19.12 -17.16 -1.60
C LEU A 807 19.94 -18.44 -1.53
N GLU A 808 20.70 -18.59 -0.46
CA GLU A 808 21.53 -19.77 -0.26
C GLU A 808 20.66 -21.00 0.01
N SER A 809 19.68 -20.84 0.88
CA SER A 809 18.78 -21.93 1.22
C SER A 809 17.87 -22.26 0.04
N LEU A 810 17.59 -21.25 -0.78
CA LEU A 810 16.73 -21.42 -1.96
C LEU A 810 17.28 -22.52 -2.87
N LYS A 811 18.48 -22.29 -3.39
CA LYS A 811 19.12 -23.25 -4.29
C LYS A 811 19.40 -24.56 -3.56
N TYR A 812 19.67 -24.47 -2.26
CA TYR A 812 19.96 -25.64 -1.44
C TYR A 812 18.77 -26.60 -1.41
N GLU A 813 17.63 -26.11 -0.95
CA GLU A 813 16.42 -26.94 -0.85
C GLU A 813 15.91 -27.34 -2.23
N VAL A 814 16.10 -26.47 -3.23
CA VAL A 814 15.66 -26.77 -4.59
C VAL A 814 16.37 -28.02 -5.11
N ILE A 815 17.70 -28.02 -5.03
CA ILE A 815 18.49 -29.15 -5.49
C ILE A 815 18.22 -30.38 -4.63
N SER A 816 18.05 -30.15 -3.33
CA SER A 816 17.76 -31.23 -2.39
C SER A 816 16.49 -31.97 -2.80
N THR A 817 15.39 -31.22 -2.89
CA THR A 817 14.09 -31.79 -3.26
C THR A 817 14.12 -32.47 -4.63
N LEU A 818 14.77 -31.84 -5.61
CA LEU A 818 14.83 -32.38 -6.96
C LEU A 818 15.62 -33.69 -7.02
N SER A 819 16.74 -33.75 -6.32
CA SER A 819 17.57 -34.95 -6.33
C SER A 819 16.94 -36.05 -5.47
N LYS A 820 16.14 -35.64 -4.49
CA LYS A 820 15.51 -36.58 -3.59
C LYS A 820 14.16 -37.09 -4.12
N VAL A 821 13.88 -36.82 -5.39
CA VAL A 821 12.64 -37.29 -5.99
C VAL A 821 12.63 -38.82 -6.01
N GLN A 822 11.57 -39.40 -5.50
CA GLN A 822 11.46 -40.86 -5.45
C GLN A 822 10.58 -41.38 -6.57
N VAL A 823 11.18 -42.14 -7.47
CA VAL A 823 10.48 -42.73 -8.59
C VAL A 823 10.90 -44.19 -8.75
N ARG A 824 10.04 -44.99 -9.36
CA ARG A 824 10.33 -46.40 -9.57
C ARG A 824 11.36 -46.56 -10.69
N MET A 825 12.63 -46.62 -10.32
CA MET A 825 13.71 -46.77 -11.29
C MET A 825 13.84 -48.23 -11.71
N PRO A 826 14.08 -48.47 -13.01
CA PRO A 826 14.23 -49.82 -13.56
C PRO A 826 15.51 -50.48 -13.06
N GLU A 827 15.47 -51.79 -12.89
CA GLU A 827 16.63 -52.52 -12.42
C GLU A 827 17.60 -52.77 -13.58
N GLU A 828 18.68 -52.01 -13.59
CA GLU A 828 19.70 -52.13 -14.63
C GLU A 828 20.50 -53.41 -14.44
N MET B 1 35.65 -25.17 18.23
CA MET B 1 35.34 -24.40 19.47
C MET B 1 33.90 -24.63 19.89
N MET B 2 33.17 -25.45 19.12
CA MET B 2 31.79 -25.74 19.43
C MET B 2 31.46 -27.17 19.03
N ILE B 3 30.30 -27.65 19.46
CA ILE B 3 29.85 -29.01 19.15
C ILE B 3 29.63 -29.17 17.66
N THR B 4 30.63 -29.73 16.98
CA THR B 4 30.55 -29.94 15.55
C THR B 4 29.82 -31.24 15.23
N LEU B 5 29.96 -32.21 16.12
CA LEU B 5 29.31 -33.50 15.94
C LEU B 5 27.91 -33.48 16.54
N ARG B 6 26.90 -33.52 15.68
CA ARG B 6 25.52 -33.51 16.12
C ARG B 6 24.63 -34.21 15.10
N LYS B 7 23.36 -34.42 15.47
CA LYS B 7 22.39 -35.06 14.58
C LYS B 7 22.33 -34.35 13.24
N ARG B 8 22.72 -35.03 12.18
CA ARG B 8 22.74 -34.44 10.85
C ARG B 8 21.52 -34.85 10.04
N ARG B 9 20.52 -35.41 10.71
CA ARG B 9 19.31 -35.85 10.05
C ARG B 9 18.35 -34.68 9.87
N LYS B 10 18.52 -33.98 8.75
CA LYS B 10 17.67 -32.83 8.44
C LYS B 10 16.34 -33.30 7.87
N LEU B 11 15.26 -32.64 8.28
CA LEU B 11 13.93 -32.98 7.82
C LEU B 11 13.38 -31.87 6.92
N PRO B 12 13.46 -32.04 5.59
CA PRO B 12 12.98 -31.05 4.62
C PRO B 12 11.45 -30.89 4.63
N LEU B 13 10.78 -31.85 5.25
CA LEU B 13 9.32 -31.85 5.33
C LEU B 13 8.81 -30.58 6.01
N ALA B 14 9.55 -30.09 7.00
CA ALA B 14 9.18 -28.90 7.74
C ALA B 14 9.08 -27.67 6.84
N VAL B 15 10.10 -27.44 6.02
CA VAL B 15 10.11 -26.28 5.14
C VAL B 15 9.26 -26.51 3.89
N ALA B 16 8.89 -27.76 3.66
CA ALA B 16 8.06 -28.12 2.52
C ALA B 16 6.62 -27.67 2.75
N VAL B 17 6.21 -27.68 4.01
CA VAL B 17 4.86 -27.27 4.38
C VAL B 17 4.64 -25.80 4.05
N ALA B 18 5.64 -24.97 4.31
CA ALA B 18 5.57 -23.54 4.06
C ALA B 18 5.37 -23.25 2.58
N ALA B 19 5.80 -24.19 1.73
CA ALA B 19 5.65 -24.03 0.29
C ALA B 19 4.20 -24.26 -0.09
N GLY B 20 3.63 -25.35 0.40
CA GLY B 20 2.25 -25.68 0.12
C GLY B 20 1.27 -24.60 0.55
N VAL B 21 1.66 -23.82 1.54
CA VAL B 21 0.83 -22.74 2.05
C VAL B 21 0.59 -21.67 0.97
N MET B 22 1.46 -21.63 -0.03
CA MET B 22 1.35 -20.65 -1.10
C MET B 22 0.39 -21.13 -2.19
N SER B 23 -0.09 -22.35 -2.05
CA SER B 23 -0.99 -22.91 -3.04
C SER B 23 -2.16 -23.60 -2.33
N ALA B 24 -3.00 -24.27 -3.11
CA ALA B 24 -4.14 -24.97 -2.54
C ALA B 24 -3.71 -26.39 -2.17
N GLN B 25 -2.77 -26.48 -1.23
CA GLN B 25 -2.26 -27.76 -0.79
C GLN B 25 -3.22 -28.39 0.22
N ALA B 26 -3.79 -29.53 -0.16
CA ALA B 26 -4.72 -30.23 0.71
C ALA B 26 -4.07 -31.47 1.31
N MET B 27 -2.84 -31.75 0.89
CA MET B 27 -2.09 -32.90 1.38
C MET B 27 -1.40 -32.58 2.70
N ALA B 28 -2.18 -32.36 3.74
CA ALA B 28 -1.64 -32.04 5.05
C ALA B 28 -2.13 -33.04 6.08
N VAL A 1 10.30 16.26 -18.55
CA VAL A 1 10.27 17.74 -18.50
C VAL A 1 11.69 18.28 -18.52
N PHE A 2 11.92 19.31 -19.33
CA PHE A 2 13.25 19.91 -19.45
C PHE A 2 13.19 21.41 -19.21
N GLY A 3 13.92 21.88 -18.20
CA GLY A 3 13.94 23.29 -17.88
C GLY A 3 13.24 23.58 -16.57
N SER A 4 13.00 24.86 -16.30
CA SER A 4 12.31 25.29 -15.09
C SER A 4 10.94 24.61 -14.98
N ARG A 5 10.56 24.22 -13.78
CA ARG A 5 9.30 23.53 -13.57
C ARG A 5 8.17 24.52 -13.29
N ASN A 6 6.94 24.02 -13.41
CA ASN A 6 5.72 24.79 -13.16
C ASN A 6 5.53 25.93 -14.15
N ASP A 7 6.10 27.10 -13.82
CA ASP A 7 5.96 28.30 -14.65
C ASP A 7 6.40 28.09 -16.10
N ARG A 8 7.66 27.72 -16.28
CA ARG A 8 8.21 27.50 -17.62
C ARG A 8 7.51 26.34 -18.32
N THR A 9 7.20 25.29 -17.56
CA THR A 9 6.54 24.12 -18.11
C THR A 9 5.21 24.49 -18.76
N LEU A 10 4.37 25.22 -18.03
CA LEU A 10 3.07 25.63 -18.52
C LEU A 10 3.22 26.60 -19.70
N ARG A 11 4.25 27.44 -19.66
CA ARG A 11 4.50 28.40 -20.72
C ARG A 11 4.89 27.70 -22.02
N ARG A 12 5.77 26.71 -21.91
CA ARG A 12 6.22 25.96 -23.08
C ARG A 12 5.06 25.16 -23.66
N MET A 13 4.25 24.60 -22.78
CA MET A 13 3.10 23.80 -23.19
C MET A 13 2.01 24.70 -23.77
N ARG A 14 1.96 25.95 -23.31
CA ARG A 14 0.98 26.92 -23.78
C ARG A 14 1.13 27.14 -25.28
N LYS A 15 2.35 26.99 -25.77
CA LYS A 15 2.63 27.14 -27.19
C LYS A 15 2.04 25.96 -27.96
N VAL A 16 2.16 24.78 -27.38
CA VAL A 16 1.62 23.57 -27.99
C VAL A 16 0.10 23.64 -28.04
N VAL A 17 -0.48 24.21 -26.98
CA VAL A 17 -1.92 24.38 -26.90
C VAL A 17 -2.42 25.24 -28.06
N ASN A 18 -1.63 26.24 -28.44
CA ASN A 18 -1.97 27.12 -29.54
C ASN A 18 -2.05 26.34 -30.84
N ILE A 19 -1.10 25.43 -31.04
CA ILE A 19 -1.06 24.60 -32.24
C ILE A 19 -2.31 23.74 -32.31
N ILE A 20 -2.67 23.14 -31.18
CA ILE A 20 -3.86 22.30 -31.09
C ILE A 20 -5.12 23.12 -31.38
N ASN A 21 -5.17 24.31 -30.79
CA ASN A 21 -6.31 25.20 -30.96
C ASN A 21 -6.44 25.65 -32.42
N ALA A 22 -5.30 25.89 -33.07
CA ALA A 22 -5.29 26.32 -34.46
C ALA A 22 -5.60 25.16 -35.41
N MET A 23 -5.31 23.95 -34.98
CA MET A 23 -5.56 22.76 -35.79
C MET A 23 -7.01 22.29 -35.64
N GLU A 24 -7.71 22.83 -34.65
CA GLU A 24 -9.10 22.47 -34.41
C GLU A 24 -9.98 22.74 -35.64
N PRO A 25 -9.93 23.96 -36.24
CA PRO A 25 -10.73 24.28 -37.44
C PRO A 25 -10.49 23.28 -38.57
N GLU A 26 -9.28 22.73 -38.63
CA GLU A 26 -8.94 21.76 -39.66
C GLU A 26 -9.67 20.45 -39.39
N MET A 27 -9.68 20.04 -38.13
CA MET A 27 -10.35 18.80 -37.73
C MET A 27 -11.86 18.92 -37.90
N GLU A 28 -12.38 20.14 -37.74
CA GLU A 28 -13.81 20.39 -37.88
C GLU A 28 -14.28 20.09 -39.30
N LYS A 29 -13.33 20.09 -40.23
CA LYS A 29 -13.64 19.83 -41.64
C LYS A 29 -13.40 18.36 -41.98
N LEU A 30 -13.00 17.59 -40.97
CA LEU A 30 -12.73 16.17 -41.16
C LEU A 30 -13.91 15.35 -40.66
N SER A 31 -14.13 14.21 -41.28
CA SER A 31 -15.22 13.34 -40.90
C SER A 31 -14.81 12.49 -39.70
N ASP A 32 -15.77 11.84 -39.06
CA ASP A 32 -15.50 11.02 -37.90
C ASP A 32 -14.51 9.91 -38.22
N GLU A 33 -14.63 9.34 -39.42
CA GLU A 33 -13.75 8.28 -39.86
C GLU A 33 -12.34 8.81 -40.11
N GLU A 34 -12.24 10.05 -40.55
CA GLU A 34 -10.95 10.66 -40.81
C GLU A 34 -10.20 10.90 -39.50
N LEU A 35 -10.96 11.23 -38.46
CA LEU A 35 -10.38 11.45 -37.13
C LEU A 35 -9.84 10.13 -36.61
N LYS A 36 -10.66 9.09 -36.72
CA LYS A 36 -10.29 7.75 -36.28
C LYS A 36 -9.06 7.26 -37.04
N GLY A 37 -8.96 7.67 -38.30
CA GLY A 37 -7.84 7.29 -39.13
C GLY A 37 -6.54 7.85 -38.59
N LYS A 38 -6.60 9.03 -37.99
CA LYS A 38 -5.42 9.65 -37.42
C LYS A 38 -4.95 8.87 -36.20
N THR A 39 -5.90 8.35 -35.43
CA THR A 39 -5.58 7.56 -34.25
C THR A 39 -4.77 6.32 -34.64
N ALA A 40 -5.22 5.64 -35.69
CA ALA A 40 -4.53 4.47 -36.19
C ALA A 40 -3.18 4.85 -36.77
N GLU A 41 -3.13 6.04 -37.38
CA GLU A 41 -1.91 6.57 -37.96
C GLU A 41 -0.85 6.77 -36.87
N PHE A 42 -1.28 7.35 -35.74
CA PHE A 42 -0.37 7.59 -34.62
C PHE A 42 0.19 6.27 -34.11
N ARG A 43 -0.68 5.26 -34.02
CA ARG A 43 -0.30 3.93 -33.57
C ARG A 43 0.81 3.35 -34.45
N ALA A 44 0.72 3.60 -35.75
CA ALA A 44 1.70 3.12 -36.69
C ALA A 44 2.96 3.97 -36.67
N ARG A 45 2.78 5.29 -36.56
CA ARG A 45 3.88 6.23 -36.53
C ARG A 45 4.81 5.99 -35.35
N LEU A 46 4.23 5.67 -34.20
CA LEU A 46 5.01 5.42 -32.99
C LEU A 46 5.88 4.18 -33.15
N GLU A 47 5.54 3.32 -34.08
CA GLU A 47 6.30 2.10 -34.32
C GLU A 47 7.11 2.21 -35.60
N LYS A 48 7.16 3.42 -36.16
CA LYS A 48 7.90 3.67 -37.38
C LYS A 48 9.02 4.68 -37.12
N GLY A 49 8.66 5.80 -36.50
CA GLY A 49 9.64 6.82 -36.22
C GLY A 49 9.00 8.12 -35.78
N GLU A 50 8.34 8.08 -34.63
CA GLU A 50 7.69 9.26 -34.07
C GLU A 50 7.80 9.23 -32.56
N VAL A 51 7.85 10.42 -31.96
CA VAL A 51 7.97 10.53 -30.51
C VAL A 51 6.60 10.74 -29.87
N LEU A 52 6.38 10.14 -28.71
CA LEU A 52 5.11 10.26 -28.01
C LEU A 52 4.82 11.72 -27.64
N GLU A 53 5.81 12.38 -27.07
CA GLU A 53 5.67 13.77 -26.66
C GLU A 53 5.65 14.71 -27.87
N ASN A 54 5.74 14.15 -29.06
CA ASN A 54 5.72 14.95 -30.28
C ASN A 54 4.38 14.79 -30.98
N LEU A 55 3.60 13.83 -30.51
CA LEU A 55 2.28 13.57 -31.06
C LEU A 55 1.20 14.31 -30.30
N ILE A 56 1.62 15.00 -29.23
CA ILE A 56 0.70 15.76 -28.38
C ILE A 56 -0.21 16.70 -29.19
N PRO A 57 0.35 17.62 -30.02
CA PRO A 57 -0.46 18.56 -30.81
C PRO A 57 -1.51 17.86 -31.69
N GLU A 58 -1.09 16.83 -32.41
CA GLU A 58 -1.98 16.11 -33.30
C GLU A 58 -3.01 15.27 -32.53
N ALA A 59 -2.56 14.60 -31.48
CA ALA A 59 -3.44 13.75 -30.68
C ALA A 59 -4.49 14.56 -29.94
N PHE A 60 -4.07 15.64 -29.28
CA PHE A 60 -4.98 16.48 -28.52
C PHE A 60 -6.00 17.14 -29.43
N ALA A 61 -5.61 17.43 -30.67
CA ALA A 61 -6.51 18.05 -31.64
C ALA A 61 -7.67 17.13 -31.94
N VAL A 62 -7.36 15.85 -32.16
CA VAL A 62 -8.39 14.85 -32.44
C VAL A 62 -9.35 14.71 -31.26
N VAL A 63 -8.80 14.68 -30.06
CA VAL A 63 -9.62 14.55 -28.85
C VAL A 63 -10.51 15.78 -28.67
N ARG A 64 -9.94 16.97 -28.88
CA ARG A 64 -10.69 18.21 -28.74
C ARG A 64 -11.88 18.21 -29.71
N GLU A 65 -11.65 17.71 -30.91
CA GLU A 65 -12.69 17.63 -31.93
C GLU A 65 -13.75 16.62 -31.54
N ALA A 66 -13.32 15.42 -31.16
CA ALA A 66 -14.22 14.35 -30.78
C ALA A 66 -15.07 14.75 -29.57
N SER A 67 -14.52 15.59 -28.71
CA SER A 67 -15.23 16.03 -27.51
C SER A 67 -16.55 16.72 -27.88
N LYS A 68 -16.53 17.52 -28.93
CA LYS A 68 -17.73 18.25 -29.37
C LYS A 68 -18.70 17.36 -30.13
N ARG A 69 -18.21 16.21 -30.60
CA ARG A 69 -19.03 15.30 -31.36
C ARG A 69 -19.63 14.20 -30.48
N VAL A 70 -18.92 13.84 -29.42
CA VAL A 70 -19.40 12.80 -28.52
C VAL A 70 -20.16 13.38 -27.33
N PHE A 71 -19.52 14.29 -26.61
CA PHE A 71 -20.13 14.90 -25.44
C PHE A 71 -20.87 16.18 -25.82
N GLY A 72 -20.25 16.97 -26.69
CA GLY A 72 -20.87 18.21 -27.13
C GLY A 72 -20.21 19.41 -26.49
N MET A 73 -19.08 19.17 -25.83
CA MET A 73 -18.34 20.23 -25.16
C MET A 73 -16.91 20.26 -25.69
N ARG A 74 -16.30 21.42 -25.67
CA ARG A 74 -14.94 21.56 -26.18
C ARG A 74 -13.92 21.54 -25.05
N HIS A 75 -12.82 20.84 -25.29
CA HIS A 75 -11.75 20.73 -24.31
C HIS A 75 -11.06 22.09 -24.17
N PHE A 76 -11.25 22.71 -23.01
CA PHE A 76 -10.69 24.03 -22.73
C PHE A 76 -9.17 24.04 -22.87
N ASP A 77 -8.64 25.24 -23.10
CA ASP A 77 -7.19 25.43 -23.28
C ASP A 77 -6.43 24.97 -22.05
N VAL A 78 -6.98 25.23 -20.88
CA VAL A 78 -6.33 24.84 -19.62
C VAL A 78 -6.31 23.32 -19.46
N GLN A 79 -7.34 22.66 -19.99
CA GLN A 79 -7.43 21.21 -19.92
C GLN A 79 -6.33 20.58 -20.74
N LEU A 80 -5.98 21.24 -21.85
CA LEU A 80 -4.92 20.76 -22.72
C LEU A 80 -3.59 20.82 -21.98
N LEU A 81 -3.43 21.85 -21.15
CA LEU A 81 -2.23 22.02 -20.36
C LEU A 81 -2.13 20.91 -19.33
N GLY A 82 -3.23 20.70 -18.60
CA GLY A 82 -3.27 19.66 -17.60
C GLY A 82 -3.02 18.29 -18.19
N GLY A 83 -3.66 18.02 -19.32
CA GLY A 83 -3.49 16.75 -19.98
C GLY A 83 -2.08 16.54 -20.46
N MET A 84 -1.42 17.61 -20.84
CA MET A 84 -0.05 17.56 -21.31
C MET A 84 0.88 17.22 -20.16
N VAL A 85 0.62 17.83 -19.01
CA VAL A 85 1.41 17.58 -17.80
C VAL A 85 1.21 16.15 -17.33
N LEU A 86 -0.01 15.65 -17.49
CA LEU A 86 -0.36 14.30 -17.08
C LEU A 86 0.33 13.24 -17.93
N ASN A 87 0.98 13.66 -19.01
CA ASN A 87 1.70 12.72 -19.87
C ASN A 87 3.06 12.44 -19.25
N GLU A 88 3.50 13.33 -18.39
CA GLU A 88 4.77 13.20 -17.71
C GLU A 88 4.57 12.70 -16.29
N ARG A 89 5.67 12.43 -15.60
CA ARG A 89 5.62 11.97 -14.21
C ARG A 89 5.49 13.17 -13.28
N CYS A 90 4.34 13.83 -13.34
CA CYS A 90 4.08 15.01 -12.52
C CYS A 90 2.64 15.02 -12.01
N ILE A 91 2.40 15.82 -10.98
CA ILE A 91 1.07 15.96 -10.40
C ILE A 91 0.44 17.28 -10.85
N ALA A 92 -0.80 17.22 -11.33
CA ALA A 92 -1.48 18.41 -11.80
C ALA A 92 -2.63 18.81 -10.87
N GLU A 93 -2.58 20.04 -10.38
CA GLU A 93 -3.61 20.55 -9.48
C GLU A 93 -4.66 21.33 -10.28
N MET A 94 -5.93 21.01 -10.05
CA MET A 94 -7.04 21.67 -10.77
C MET A 94 -8.25 21.82 -9.86
N ARG A 95 -9.30 22.47 -10.37
CA ARG A 95 -10.54 22.66 -9.62
C ARG A 95 -11.61 21.73 -10.15
N THR A 96 -12.77 21.72 -9.50
CA THR A 96 -13.87 20.86 -9.92
C THR A 96 -14.59 21.40 -11.15
N GLY A 97 -14.71 22.72 -11.22
CA GLY A 97 -15.40 23.36 -12.32
C GLY A 97 -14.63 23.32 -13.63
N GLU A 98 -13.37 22.91 -13.57
CA GLU A 98 -12.56 22.85 -14.79
C GLU A 98 -12.66 21.49 -15.45
N GLY A 99 -13.45 20.60 -14.83
CA GLY A 99 -13.62 19.26 -15.36
C GLY A 99 -12.36 18.43 -15.31
N LYS A 100 -11.89 18.20 -14.09
CA LYS A 100 -10.66 17.42 -13.86
C LYS A 100 -10.71 16.06 -14.56
N THR A 101 -11.83 15.36 -14.43
CA THR A 101 -12.02 14.05 -15.05
C THR A 101 -11.96 14.13 -16.57
N LEU A 102 -12.45 15.23 -17.13
CA LEU A 102 -12.46 15.40 -18.58
C LEU A 102 -11.04 15.62 -19.09
N THR A 103 -10.19 16.19 -18.25
CA THR A 103 -8.80 16.44 -18.62
C THR A 103 -8.01 15.14 -18.71
N ALA A 104 -8.41 14.16 -17.91
CA ALA A 104 -7.72 12.86 -17.85
C ALA A 104 -7.84 12.06 -19.15
N THR A 105 -8.76 12.44 -20.02
CA THR A 105 -8.94 11.71 -21.27
C THR A 105 -7.81 11.97 -22.26
N LEU A 106 -7.16 13.12 -22.13
CA LEU A 106 -6.07 13.49 -23.03
C LEU A 106 -4.83 12.60 -22.87
N PRO A 107 -4.24 12.51 -21.65
CA PRO A 107 -3.05 11.66 -21.42
C PRO A 107 -3.34 10.19 -21.68
N ALA A 108 -4.58 9.80 -21.41
CA ALA A 108 -5.01 8.42 -21.61
C ALA A 108 -4.98 8.07 -23.09
N TYR A 109 -5.57 8.93 -23.92
CA TYR A 109 -5.61 8.71 -25.36
C TYR A 109 -4.20 8.71 -25.94
N LEU A 110 -3.40 9.68 -25.52
CA LEU A 110 -2.03 9.82 -25.99
C LEU A 110 -1.20 8.59 -25.67
N ASN A 111 -1.24 8.14 -24.42
CA ASN A 111 -0.47 6.98 -24.01
C ASN A 111 -1.04 5.68 -24.57
N ALA A 112 -2.34 5.67 -24.85
CA ALA A 112 -3.00 4.49 -25.39
C ALA A 112 -2.48 4.17 -26.80
N LEU A 113 -2.01 5.20 -27.49
CA LEU A 113 -1.50 5.05 -28.85
C LEU A 113 -0.30 4.10 -28.90
N THR A 114 0.36 3.90 -27.77
CA THR A 114 1.52 3.01 -27.71
C THR A 114 1.08 1.55 -27.63
N GLY A 115 -0.19 1.33 -27.26
CA GLY A 115 -0.72 -0.03 -27.16
C GLY A 115 -0.15 -0.78 -25.97
N LYS A 116 0.62 -0.09 -25.14
CA LYS A 116 1.24 -0.72 -23.97
C LYS A 116 0.24 -0.87 -22.84
N GLY A 117 -0.79 -0.04 -22.83
CA GLY A 117 -1.79 -0.13 -21.80
C GLY A 117 -1.76 1.02 -20.82
N VAL A 118 -2.90 1.70 -20.69
CA VAL A 118 -3.04 2.82 -19.78
C VAL A 118 -3.79 2.35 -18.53
N HIS A 119 -3.14 2.45 -17.39
CA HIS A 119 -3.77 2.02 -16.14
C HIS A 119 -4.33 3.21 -15.37
N VAL A 120 -5.65 3.34 -15.37
CA VAL A 120 -6.31 4.42 -14.67
C VAL A 120 -6.76 3.96 -13.29
N VAL A 121 -6.28 4.66 -12.27
CA VAL A 121 -6.62 4.33 -10.90
C VAL A 121 -7.68 5.29 -10.37
N THR A 122 -8.89 4.78 -10.15
CA THR A 122 -9.98 5.59 -9.65
C THR A 122 -10.11 5.43 -8.14
N VAL A 123 -10.82 6.36 -7.50
CA VAL A 123 -11.01 6.31 -6.04
C VAL A 123 -11.88 5.14 -5.63
N ASN A 124 -12.92 4.86 -6.40
CA ASN A 124 -13.82 3.76 -6.10
C ASN A 124 -14.34 3.12 -7.38
N ASP A 125 -14.83 1.90 -7.27
CA ASP A 125 -15.35 1.17 -8.42
C ASP A 125 -16.57 1.87 -9.01
N TYR A 126 -17.26 2.64 -8.17
CA TYR A 126 -18.45 3.38 -8.59
C TYR A 126 -18.12 4.33 -9.73
N LEU A 127 -17.14 5.20 -9.50
CA LEU A 127 -16.73 6.16 -10.52
C LEU A 127 -15.94 5.48 -11.62
N ALA A 128 -15.21 4.42 -11.25
CA ALA A 128 -14.42 3.67 -12.21
C ALA A 128 -15.29 3.12 -13.33
N GLN A 129 -16.37 2.44 -12.96
CA GLN A 129 -17.29 1.88 -13.94
C GLN A 129 -18.08 2.99 -14.63
N ARG A 130 -18.36 4.04 -13.88
CA ARG A 130 -19.10 5.18 -14.41
C ARG A 130 -18.35 5.80 -15.60
N ASP A 131 -17.11 6.19 -15.36
CA ASP A 131 -16.29 6.82 -16.40
C ASP A 131 -15.90 5.82 -17.48
N ALA A 132 -15.79 4.55 -17.10
CA ALA A 132 -15.43 3.51 -18.06
C ALA A 132 -16.47 3.43 -19.17
N GLU A 133 -17.74 3.53 -18.80
CA GLU A 133 -18.83 3.46 -19.77
C GLU A 133 -19.16 4.84 -20.33
N ASN A 134 -18.87 5.87 -19.55
CA ASN A 134 -19.15 7.25 -19.97
C ASN A 134 -18.15 7.73 -21.00
N ASN A 135 -16.88 7.43 -20.78
CA ASN A 135 -15.83 7.86 -21.70
C ASN A 135 -15.58 6.81 -22.78
N ARG A 136 -16.30 5.70 -22.69
CA ARG A 136 -16.18 4.61 -23.66
C ARG A 136 -16.52 5.07 -25.08
N PRO A 137 -17.66 5.77 -25.31
CA PRO A 137 -18.05 6.22 -26.66
C PRO A 137 -17.04 7.20 -27.27
N LEU A 138 -16.13 7.69 -26.45
CA LEU A 138 -15.12 8.62 -26.92
C LEU A 138 -13.89 7.87 -27.42
N PHE A 139 -13.36 6.99 -26.58
CA PHE A 139 -12.17 6.23 -26.92
C PHE A 139 -12.48 5.16 -27.96
N GLU A 140 -13.60 4.47 -27.81
CA GLU A 140 -13.98 3.41 -28.74
C GLU A 140 -14.41 3.98 -30.09
N PHE A 141 -14.57 5.29 -30.15
CA PHE A 141 -14.96 5.95 -31.39
C PHE A 141 -13.73 6.21 -32.24
N LEU A 142 -12.58 6.32 -31.57
CA LEU A 142 -11.32 6.57 -32.25
C LEU A 142 -10.58 5.25 -32.51
N GLY A 143 -11.09 4.16 -31.95
CA GLY A 143 -10.48 2.87 -32.16
C GLY A 143 -9.73 2.34 -30.95
N LEU A 144 -9.97 2.93 -29.80
CA LEU A 144 -9.31 2.49 -28.58
C LEU A 144 -10.26 1.65 -27.75
N THR A 145 -9.77 0.55 -27.21
CA THR A 145 -10.58 -0.35 -26.40
C THR A 145 -10.54 0.03 -24.93
N VAL A 146 -11.71 0.14 -24.32
CA VAL A 146 -11.81 0.50 -22.92
C VAL A 146 -12.11 -0.74 -22.08
N GLY A 147 -11.23 -1.06 -21.16
CA GLY A 147 -11.41 -2.21 -20.31
C GLY A 147 -11.69 -1.81 -18.87
N ILE A 148 -12.60 -2.51 -18.24
CA ILE A 148 -12.94 -2.23 -16.86
C ILE A 148 -12.62 -3.43 -15.98
N ASN A 149 -11.92 -3.17 -14.89
CA ASN A 149 -11.54 -4.22 -13.95
C ASN A 149 -12.22 -3.99 -12.61
N LEU A 150 -12.85 -5.03 -12.10
CA LEU A 150 -13.55 -4.94 -10.82
C LEU A 150 -13.00 -5.96 -9.84
N PRO A 151 -13.00 -5.63 -8.54
CA PRO A 151 -12.48 -6.52 -7.48
C PRO A 151 -13.24 -7.85 -7.42
N GLY A 152 -12.62 -8.89 -7.97
CA GLY A 152 -13.24 -10.20 -7.97
C GLY A 152 -13.66 -10.64 -9.36
N MET A 153 -13.32 -9.84 -10.35
CA MET A 153 -13.64 -10.14 -11.74
C MET A 153 -12.91 -11.40 -12.21
N PRO A 154 -13.58 -12.27 -12.97
CA PRO A 154 -12.97 -13.50 -13.50
C PRO A 154 -11.66 -13.24 -14.23
N ALA A 155 -10.72 -14.17 -14.09
CA ALA A 155 -9.40 -14.05 -14.72
C ALA A 155 -9.48 -13.80 -16.24
N PRO A 156 -10.28 -14.58 -17.01
CA PRO A 156 -10.40 -14.38 -18.46
C PRO A 156 -10.81 -12.96 -18.82
N ALA A 157 -11.75 -12.40 -18.06
CA ALA A 157 -12.22 -11.04 -18.30
C ALA A 157 -11.14 -10.03 -17.96
N LYS A 158 -10.41 -10.28 -16.88
CA LYS A 158 -9.33 -9.40 -16.45
C LYS A 158 -8.28 -9.28 -17.54
N ARG A 159 -7.93 -10.42 -18.12
CA ARG A 159 -6.93 -10.47 -19.19
C ARG A 159 -7.35 -9.64 -20.39
N GLU A 160 -8.66 -9.51 -20.60
CA GLU A 160 -9.17 -8.72 -21.72
C GLU A 160 -9.12 -7.23 -21.38
N ALA A 161 -9.52 -6.90 -20.16
CA ALA A 161 -9.54 -5.53 -19.69
C ALA A 161 -8.13 -4.94 -19.65
N TYR A 162 -7.17 -5.76 -19.23
CA TYR A 162 -5.78 -5.32 -19.14
C TYR A 162 -5.12 -5.29 -20.51
N ALA A 163 -5.61 -6.12 -21.42
CA ALA A 163 -5.05 -6.16 -22.77
C ALA A 163 -5.59 -5.00 -23.61
N ALA A 164 -6.60 -4.33 -23.07
CA ALA A 164 -7.20 -3.19 -23.74
C ALA A 164 -6.26 -2.00 -23.75
N ASP A 165 -6.68 -0.92 -24.37
CA ASP A 165 -5.86 0.28 -24.45
C ASP A 165 -5.87 1.03 -23.13
N ILE A 166 -7.06 1.19 -22.56
CA ILE A 166 -7.21 1.88 -21.29
C ILE A 166 -7.98 1.02 -20.31
N THR A 167 -7.41 0.80 -19.13
CA THR A 167 -8.04 -0.01 -18.11
C THR A 167 -8.46 0.84 -16.90
N TYR A 168 -9.73 0.73 -16.52
CA TYR A 168 -10.26 1.46 -15.38
C TYR A 168 -10.40 0.50 -14.20
N GLY A 169 -10.02 0.96 -13.01
CA GLY A 169 -10.13 0.12 -11.84
C GLY A 169 -9.66 0.81 -10.57
N THR A 170 -9.78 0.12 -9.45
CA THR A 170 -9.37 0.67 -8.16
C THR A 170 -7.94 0.24 -7.83
N ASN A 171 -7.30 0.99 -6.93
CA ASN A 171 -5.93 0.69 -6.53
C ASN A 171 -5.87 -0.61 -5.74
N ASN A 172 -6.94 -0.88 -4.98
CA ASN A 172 -7.01 -2.08 -4.15
C ASN A 172 -6.90 -3.35 -5.01
N GLU A 173 -7.75 -3.46 -6.02
CA GLU A 173 -7.73 -4.62 -6.91
C GLU A 173 -6.45 -4.63 -7.75
N TYR A 174 -5.98 -3.45 -8.14
CA TYR A 174 -4.77 -3.31 -8.94
C TYR A 174 -3.59 -4.01 -8.25
N GLY A 175 -3.48 -3.82 -6.95
CA GLY A 175 -2.41 -4.43 -6.19
C GLY A 175 -2.61 -5.92 -6.02
N PHE A 176 -3.85 -6.32 -5.75
CA PHE A 176 -4.17 -7.73 -5.57
C PHE A 176 -3.95 -8.51 -6.85
N ASP A 177 -4.27 -7.88 -7.98
CA ASP A 177 -4.07 -8.49 -9.29
C ASP A 177 -2.61 -8.77 -9.52
N TYR A 178 -1.76 -7.81 -9.13
CA TYR A 178 -0.32 -7.96 -9.28
C TYR A 178 0.17 -9.13 -8.46
N LEU A 179 -0.35 -9.25 -7.25
CA LEU A 179 0.03 -10.34 -6.35
C LEU A 179 -0.33 -11.70 -6.95
N ARG A 180 -1.54 -11.79 -7.49
CA ARG A 180 -2.00 -13.04 -8.11
C ARG A 180 -1.21 -13.36 -9.38
N ASP A 181 -0.91 -12.31 -10.14
CA ASP A 181 -0.18 -12.43 -11.39
C ASP A 181 1.24 -12.97 -11.16
N ASN A 182 1.95 -12.34 -10.23
CA ASN A 182 3.32 -12.71 -9.92
C ASN A 182 3.40 -13.96 -9.05
N MET A 183 2.26 -14.55 -8.71
CA MET A 183 2.23 -15.75 -7.87
C MET A 183 1.89 -16.97 -8.72
N ALA A 184 1.73 -16.76 -10.02
CA ALA A 184 1.39 -17.85 -10.93
C ALA A 184 2.58 -18.77 -11.16
N PHE A 185 2.31 -19.92 -11.77
CA PHE A 185 3.37 -20.90 -12.05
C PHE A 185 3.69 -20.88 -13.54
N SER A 186 2.70 -20.55 -14.35
CA SER A 186 2.88 -20.48 -15.78
C SER A 186 2.61 -19.06 -16.27
N PRO A 187 3.34 -18.59 -17.29
CA PRO A 187 3.15 -17.23 -17.83
C PRO A 187 1.77 -17.01 -18.42
N GLU A 188 1.13 -18.10 -18.85
CA GLU A 188 -0.20 -18.02 -19.43
C GLU A 188 -1.27 -17.79 -18.37
N GLU A 189 -0.88 -17.91 -17.10
CA GLU A 189 -1.82 -17.70 -15.99
C GLU A 189 -1.85 -16.23 -15.58
N ARG A 190 -1.00 -15.44 -16.23
CA ARG A 190 -0.90 -14.01 -15.92
C ARG A 190 -2.22 -13.29 -16.19
N VAL A 191 -2.38 -12.13 -15.56
CA VAL A 191 -3.58 -11.33 -15.72
C VAL A 191 -3.22 -9.86 -15.89
N GLN A 192 -2.00 -9.50 -15.50
CA GLN A 192 -1.54 -8.13 -15.60
C GLN A 192 -0.89 -7.86 -16.96
N ARG A 193 -0.48 -6.62 -17.15
CA ARG A 193 0.17 -6.21 -18.40
C ARG A 193 1.36 -5.32 -18.08
N LYS A 194 2.10 -4.92 -19.11
CA LYS A 194 3.27 -4.07 -18.93
C LYS A 194 2.89 -2.74 -18.28
N LEU A 195 3.58 -2.42 -17.20
CA LEU A 195 3.34 -1.19 -16.47
C LEU A 195 4.04 -0.03 -17.18
N HIS A 196 3.32 0.62 -18.08
CA HIS A 196 3.90 1.73 -18.82
C HIS A 196 3.44 3.07 -18.23
N TYR A 197 2.15 3.31 -18.29
CA TYR A 197 1.60 4.57 -17.78
C TYR A 197 0.45 4.31 -16.81
N ALA A 198 0.44 5.07 -15.73
CA ALA A 198 -0.60 4.97 -14.72
C ALA A 198 -1.09 6.37 -14.36
N LEU A 199 -2.40 6.54 -14.38
CA LEU A 199 -3.01 7.81 -14.05
C LEU A 199 -3.93 7.66 -12.86
N VAL A 200 -3.53 8.24 -11.74
CA VAL A 200 -4.34 8.17 -10.52
C VAL A 200 -5.26 9.38 -10.42
N ASP A 201 -6.55 9.10 -10.25
CA ASP A 201 -7.57 10.14 -10.15
C ASP A 201 -7.28 11.09 -8.99
N GLU A 202 -7.34 10.58 -7.77
CA GLU A 202 -7.08 11.39 -6.60
C GLU A 202 -5.80 10.96 -5.91
N VAL A 203 -4.81 11.83 -5.91
CA VAL A 203 -3.52 11.53 -5.28
C VAL A 203 -3.62 11.65 -3.77
N ASP A 204 -4.70 12.28 -3.31
CA ASP A 204 -4.95 12.51 -1.88
C ASP A 204 -4.71 11.26 -1.05
N SER A 205 -5.65 10.35 -1.09
CA SER A 205 -5.58 9.12 -0.32
C SER A 205 -4.81 8.03 -1.06
N ILE A 206 -5.15 7.83 -2.33
CA ILE A 206 -4.54 6.78 -3.15
C ILE A 206 -3.00 6.81 -3.17
N LEU A 207 -2.40 7.99 -3.06
CA LEU A 207 -0.95 8.08 -3.09
C LEU A 207 -0.34 8.36 -1.72
N ILE A 208 -0.73 9.46 -1.11
CA ILE A 208 -0.17 9.86 0.18
C ILE A 208 -0.59 8.93 1.33
N ASP A 209 -1.88 8.74 1.50
CA ASP A 209 -2.39 7.91 2.60
C ASP A 209 -2.16 6.42 2.38
N GLU A 210 -2.43 5.94 1.18
CA GLU A 210 -2.28 4.52 0.86
C GLU A 210 -0.80 4.11 0.71
N ALA A 211 0.10 5.07 0.93
CA ALA A 211 1.52 4.79 0.82
C ALA A 211 2.00 3.77 1.85
N ARG A 212 1.28 3.67 2.95
CA ARG A 212 1.64 2.75 4.01
C ARG A 212 0.60 1.65 4.18
N THR A 213 -0.23 1.45 3.16
CA THR A 213 -1.25 0.41 3.21
C THR A 213 -0.77 -0.85 2.50
N PRO A 214 -0.43 -1.90 3.26
CA PRO A 214 0.05 -3.16 2.71
C PRO A 214 -1.07 -4.18 2.50
N LEU A 215 -1.10 -4.77 1.32
CA LEU A 215 -2.09 -5.78 0.98
C LEU A 215 -1.60 -7.14 1.46
N ILE A 216 -2.40 -7.80 2.29
CA ILE A 216 -2.02 -9.10 2.84
C ILE A 216 -2.99 -10.20 2.39
N ILE A 217 -2.44 -11.30 1.90
CA ILE A 217 -3.25 -12.44 1.46
C ILE A 217 -3.14 -13.56 2.51
N SER A 218 -4.27 -14.19 2.79
CA SER A 218 -4.31 -15.25 3.79
C SER A 218 -3.82 -16.60 3.23
N GLY A 219 -3.40 -17.48 4.14
CA GLY A 219 -2.91 -18.79 3.77
C GLY A 219 -2.72 -19.66 4.99
N PRO A 220 -3.55 -20.68 5.20
CA PRO A 220 -3.46 -21.56 6.37
C PRO A 220 -2.65 -22.85 6.14
N ALA A 221 -1.44 -22.86 6.73
CA ALA A 221 -0.49 -23.99 6.69
C ALA A 221 0.89 -23.47 7.07
N GLU A 222 1.03 -23.12 8.34
CA GLU A 222 2.26 -22.53 8.86
C GLU A 222 3.25 -23.57 9.36
N ASP A 223 4.43 -23.08 9.73
CA ASP A 223 5.50 -23.93 10.23
C ASP A 223 5.25 -24.35 11.67
N SER A 224 4.50 -23.53 12.40
CA SER A 224 4.18 -23.78 13.80
C SER A 224 3.55 -25.15 13.99
N SER A 225 2.70 -25.54 13.03
CA SER A 225 2.01 -26.82 13.08
C SER A 225 3.00 -27.99 13.16
N GLU A 226 4.21 -27.79 12.66
CA GLU A 226 5.23 -28.82 12.66
C GLU A 226 6.33 -28.52 13.68
N MET A 227 6.85 -27.30 13.64
CA MET A 227 7.93 -26.85 14.50
C MET A 227 7.61 -26.99 15.98
N TYR A 228 6.41 -26.60 16.39
CA TYR A 228 6.04 -26.67 17.80
C TYR A 228 5.88 -28.10 18.30
N LYS A 229 5.74 -29.05 17.37
CA LYS A 229 5.58 -30.46 17.74
C LYS A 229 6.87 -30.99 18.35
N ARG A 230 8.00 -30.39 17.98
CA ARG A 230 9.29 -30.83 18.50
C ARG A 230 9.86 -29.83 19.51
N VAL A 231 9.62 -28.54 19.28
CA VAL A 231 10.13 -27.51 20.17
C VAL A 231 9.50 -27.59 21.56
N ASN A 232 8.19 -27.76 21.62
CA ASN A 232 7.49 -27.83 22.90
C ASN A 232 7.77 -29.14 23.64
N LYS A 233 8.49 -30.03 22.99
CA LYS A 233 8.82 -31.31 23.60
C LYS A 233 10.22 -31.28 24.22
N ILE A 234 10.94 -30.18 24.00
CA ILE A 234 12.28 -30.01 24.53
C ILE A 234 12.25 -29.17 25.81
N ILE A 235 11.30 -28.25 25.86
CA ILE A 235 11.13 -27.37 27.01
C ILE A 235 11.00 -28.12 28.35
N PRO A 236 10.15 -29.17 28.44
CA PRO A 236 9.97 -29.95 29.69
C PRO A 236 11.22 -30.76 30.08
N HIS A 237 12.35 -30.47 29.43
CA HIS A 237 13.60 -31.16 29.72
C HIS A 237 14.61 -30.19 30.32
N LEU A 238 14.15 -28.99 30.63
CA LEU A 238 15.00 -27.95 31.19
C LEU A 238 15.00 -28.03 32.72
N ILE A 239 15.88 -27.28 33.34
CA ILE A 239 15.99 -27.27 34.80
C ILE A 239 15.11 -26.18 35.40
N ARG A 240 14.26 -26.57 36.34
CA ARG A 240 13.35 -25.64 36.99
C ARG A 240 14.09 -24.72 37.97
N GLN A 241 14.86 -23.80 37.42
CA GLN A 241 15.64 -22.86 38.21
C GLN A 241 16.45 -21.96 37.29
N GLU A 242 17.00 -22.55 36.24
CA GLU A 242 17.82 -21.80 35.30
C GLU A 242 17.81 -22.50 33.94
N LYS A 243 18.16 -21.75 32.90
CA LYS A 243 18.22 -22.24 31.52
C LYS A 243 16.84 -22.40 30.90
N GLU A 244 16.37 -21.29 30.31
CA GLU A 244 15.10 -21.21 29.59
C GLU A 244 13.86 -21.63 30.42
N ASP A 245 14.01 -21.79 31.73
CA ASP A 245 12.85 -22.16 32.54
C ASP A 245 12.01 -20.94 32.85
N SER A 246 12.69 -19.85 33.16
CA SER A 246 12.04 -18.59 33.46
C SER A 246 12.11 -17.67 32.24
N GLU A 247 11.29 -16.64 32.22
CA GLU A 247 11.26 -15.71 31.09
C GLU A 247 12.32 -14.61 31.27
N THR A 248 12.70 -14.37 32.51
CA THR A 248 13.71 -13.37 32.82
C THR A 248 14.47 -13.77 34.09
N PHE A 249 13.81 -13.59 35.24
CA PHE A 249 14.40 -13.92 36.56
C PHE A 249 15.58 -12.99 36.89
N GLN A 250 16.69 -13.19 36.19
CA GLN A 250 17.91 -12.41 36.38
C GLN A 250 18.47 -12.61 37.80
N GLY A 251 19.56 -11.93 38.11
CA GLY A 251 20.16 -12.05 39.43
C GLY A 251 19.50 -11.11 40.42
N GLU A 252 18.17 -11.15 40.46
CA GLU A 252 17.41 -10.29 41.36
C GLU A 252 16.21 -11.04 41.93
N GLY A 253 15.28 -11.41 41.05
CA GLY A 253 14.10 -12.12 41.50
C GLY A 253 13.07 -11.19 42.09
N HIS A 254 12.19 -11.73 42.93
CA HIS A 254 11.15 -10.95 43.59
C HIS A 254 10.62 -11.71 44.80
N PHE A 255 9.43 -11.33 45.28
CA PHE A 255 8.81 -11.98 46.44
C PHE A 255 8.72 -13.49 46.26
N SER A 256 8.92 -14.22 47.36
CA SER A 256 8.88 -15.68 47.34
C SER A 256 7.45 -16.23 47.28
N VAL A 257 6.66 -15.72 46.34
CA VAL A 257 5.28 -16.17 46.19
C VAL A 257 5.06 -16.66 44.75
N ASP A 258 5.64 -15.93 43.81
CA ASP A 258 5.52 -16.27 42.39
C ASP A 258 6.89 -16.16 41.75
N GLU A 259 7.18 -17.04 40.79
CA GLU A 259 8.48 -17.03 40.13
C GLU A 259 8.36 -16.61 38.67
N LYS A 260 7.14 -16.32 38.23
CA LYS A 260 6.92 -15.91 36.85
C LYS A 260 6.58 -14.43 36.75
N SER A 261 7.06 -13.82 35.68
CA SER A 261 6.82 -12.41 35.43
C SER A 261 5.56 -12.24 34.59
N ARG A 262 4.41 -12.39 35.25
CA ARG A 262 3.11 -12.30 34.60
C ARG A 262 2.75 -10.87 34.17
N GLN A 263 3.70 -9.95 34.26
CA GLN A 263 3.45 -8.57 33.85
C GLN A 263 3.84 -8.36 32.38
N VAL A 264 4.43 -9.41 31.79
CA VAL A 264 4.86 -9.39 30.38
C VAL A 264 6.12 -8.55 30.17
N ASN A 265 7.11 -9.13 29.48
CA ASN A 265 8.36 -8.45 29.17
C ASN A 265 9.13 -9.22 28.11
N LEU A 266 9.71 -10.36 28.51
CA LEU A 266 10.48 -11.23 27.61
C LEU A 266 11.71 -10.51 27.04
N THR A 267 12.77 -10.45 27.83
CA THR A 267 14.01 -9.82 27.41
C THR A 267 15.22 -10.65 27.82
N GLU A 268 16.00 -11.09 26.85
CA GLU A 268 17.19 -11.88 27.12
C GLU A 268 18.29 -10.99 27.68
N ARG A 269 18.96 -11.46 28.72
CA ARG A 269 20.04 -10.70 29.35
C ARG A 269 20.92 -11.62 30.19
N GLY A 270 20.98 -12.89 29.79
CA GLY A 270 21.78 -13.86 30.49
C GLY A 270 22.93 -14.36 29.65
N LEU A 271 22.64 -14.66 28.38
CA LEU A 271 23.65 -15.16 27.42
C LEU A 271 24.06 -16.59 27.73
N VAL A 272 24.47 -16.84 28.97
CA VAL A 272 24.90 -18.16 29.42
C VAL A 272 23.75 -19.17 29.31
N LEU A 273 22.53 -18.66 29.31
CA LEU A 273 21.34 -19.51 29.23
C LEU A 273 21.18 -20.08 27.83
N ILE A 274 20.95 -19.20 26.86
CA ILE A 274 20.74 -19.58 25.46
C ILE A 274 21.93 -20.36 24.89
N GLU A 275 23.09 -20.23 25.53
CA GLU A 275 24.29 -20.93 25.08
C GLU A 275 24.15 -22.44 25.31
N GLU A 276 23.26 -22.82 26.21
CA GLU A 276 23.03 -24.22 26.50
C GLU A 276 21.69 -24.68 25.93
N LEU A 277 20.96 -23.74 25.34
CA LEU A 277 19.67 -24.06 24.72
C LEU A 277 19.94 -24.78 23.41
N LEU A 278 21.03 -24.38 22.76
CA LEU A 278 21.43 -24.96 21.50
C LEU A 278 22.40 -26.11 21.75
N VAL A 279 23.23 -26.43 20.75
CA VAL A 279 24.22 -27.50 20.84
C VAL A 279 23.53 -28.85 21.16
N LYS A 280 22.41 -29.10 20.49
CA LYS A 280 21.66 -30.33 20.68
C LYS A 280 20.60 -30.43 19.59
N GLU A 281 19.84 -31.53 19.59
CA GLU A 281 18.79 -31.78 18.60
C GLU A 281 19.40 -32.03 17.22
N GLY A 282 18.60 -31.90 16.18
CA GLY A 282 19.09 -32.13 14.84
C GLY A 282 18.76 -31.00 13.90
N ILE A 283 18.75 -29.79 14.43
CA ILE A 283 18.45 -28.59 13.65
C ILE A 283 18.85 -27.34 14.44
N MET A 284 19.63 -26.47 13.80
CA MET A 284 20.11 -25.23 14.42
C MET A 284 21.03 -25.56 15.59
N ASP A 285 21.70 -26.69 15.50
CA ASP A 285 22.61 -27.16 16.54
C ASP A 285 24.04 -26.74 16.27
N GLU A 286 24.25 -26.02 15.19
CA GLU A 286 25.58 -25.56 14.81
C GLU A 286 26.03 -24.39 15.70
N GLY A 287 27.20 -23.85 15.40
CA GLY A 287 27.72 -22.75 16.18
C GLY A 287 27.05 -21.44 15.86
N GLU A 288 25.80 -21.30 16.27
CA GLU A 288 25.02 -20.10 16.04
C GLU A 288 24.50 -19.54 17.35
N SER A 289 23.82 -18.41 17.25
CA SER A 289 23.26 -17.77 18.43
C SER A 289 21.79 -17.45 18.20
N LEU A 290 21.10 -17.02 19.26
CA LEU A 290 19.68 -16.69 19.15
C LEU A 290 19.52 -15.23 18.73
N TYR A 291 20.64 -14.59 18.42
CA TYR A 291 20.63 -13.19 17.98
C TYR A 291 20.87 -13.10 16.48
N SER A 292 21.15 -14.26 15.87
CA SER A 292 21.40 -14.33 14.44
C SER A 292 20.18 -13.89 13.64
N PRO A 293 20.35 -12.90 12.76
CA PRO A 293 19.26 -12.38 11.92
C PRO A 293 18.93 -13.29 10.76
N ALA A 294 19.59 -14.44 10.71
CA ALA A 294 19.38 -15.41 9.64
C ALA A 294 17.97 -15.97 9.70
N ASN A 295 17.46 -16.16 10.91
CA ASN A 295 16.12 -16.69 11.09
C ASN A 295 15.54 -16.22 12.42
N ILE A 296 14.56 -15.32 12.35
CA ILE A 296 13.92 -14.79 13.54
C ILE A 296 12.67 -15.61 13.87
N MET A 297 12.27 -16.47 12.94
CA MET A 297 11.09 -17.31 13.12
C MET A 297 11.28 -18.21 14.32
N LEU A 298 12.39 -18.94 14.34
CA LEU A 298 12.70 -19.83 15.44
C LEU A 298 12.81 -19.07 16.75
N MET A 299 13.40 -17.86 16.67
CA MET A 299 13.57 -17.01 17.84
C MET A 299 12.23 -16.63 18.48
N HIS A 300 11.28 -16.19 17.65
CA HIS A 300 9.97 -15.80 18.15
C HIS A 300 9.14 -17.03 18.51
N HIS A 301 9.45 -18.17 17.89
CA HIS A 301 8.71 -19.40 18.14
C HIS A 301 9.05 -19.96 19.53
N VAL A 302 10.32 -19.97 19.89
CA VAL A 302 10.73 -20.50 21.20
C VAL A 302 10.28 -19.59 22.34
N THR A 303 10.33 -18.28 22.13
CA THR A 303 9.91 -17.33 23.15
C THR A 303 8.40 -17.42 23.38
N ALA A 304 7.67 -17.64 22.30
CA ALA A 304 6.22 -17.77 22.37
C ALA A 304 5.85 -19.03 23.13
N ALA A 305 6.70 -20.04 23.03
CA ALA A 305 6.46 -21.31 23.71
C ALA A 305 6.81 -21.17 25.19
N LEU A 306 7.79 -20.33 25.49
CA LEU A 306 8.22 -20.11 26.86
C LEU A 306 7.16 -19.33 27.63
N ARG A 307 6.59 -18.32 27.00
CA ARG A 307 5.55 -17.50 27.63
C ARG A 307 4.29 -18.32 27.86
N ALA A 308 4.17 -19.45 27.16
CA ALA A 308 3.02 -20.33 27.31
C ALA A 308 3.26 -21.33 28.43
N HIS A 309 4.32 -21.10 29.19
CA HIS A 309 4.67 -21.97 30.30
C HIS A 309 4.64 -21.21 31.61
N ALA A 310 5.17 -19.99 31.60
CA ALA A 310 5.21 -19.17 32.79
C ALA A 310 4.22 -18.01 32.73
N LEU A 311 4.25 -17.25 31.65
CA LEU A 311 3.37 -16.11 31.48
C LEU A 311 1.89 -16.52 31.52
N PHE A 312 1.52 -17.45 30.65
CA PHE A 312 0.14 -17.91 30.60
C PHE A 312 0.03 -19.28 31.26
N THR A 313 -0.98 -19.41 32.12
CA THR A 313 -1.19 -20.64 32.85
C THR A 313 -2.50 -21.31 32.46
N ARG A 314 -2.43 -22.62 32.28
CA ARG A 314 -3.61 -23.41 31.92
C ARG A 314 -4.63 -23.41 33.06
N ASP A 315 -5.88 -23.71 32.71
CA ASP A 315 -6.99 -23.81 33.66
C ASP A 315 -7.51 -22.44 34.09
N VAL A 316 -6.68 -21.42 34.01
CA VAL A 316 -7.10 -20.07 34.39
C VAL A 316 -7.12 -19.13 33.19
N ASP A 317 -6.13 -19.24 32.32
CA ASP A 317 -6.07 -18.37 31.13
C ASP A 317 -6.71 -19.04 29.93
N TYR A 318 -6.79 -20.37 29.97
CA TYR A 318 -7.39 -21.14 28.89
C TYR A 318 -7.73 -22.54 29.36
N ILE A 319 -8.63 -23.20 28.66
CA ILE A 319 -9.03 -24.54 28.99
C ILE A 319 -9.21 -25.37 27.72
N VAL A 320 -8.76 -26.61 27.76
CA VAL A 320 -8.87 -27.49 26.61
C VAL A 320 -10.01 -28.47 26.81
N LYS A 321 -11.12 -28.24 26.12
CA LYS A 321 -12.29 -29.10 26.22
C LYS A 321 -12.31 -30.11 25.08
N ASP A 322 -11.64 -31.24 25.30
CA ASP A 322 -11.56 -32.32 24.31
C ASP A 322 -11.08 -31.81 22.96
N GLY A 323 -9.91 -31.19 22.96
CA GLY A 323 -9.34 -30.67 21.73
C GLY A 323 -9.69 -29.22 21.48
N GLU A 324 -10.85 -28.80 21.98
CA GLU A 324 -11.31 -27.42 21.82
C GLU A 324 -10.62 -26.49 22.81
N VAL A 325 -9.62 -25.76 22.34
CA VAL A 325 -8.92 -24.81 23.18
C VAL A 325 -9.73 -23.53 23.32
N ILE A 326 -10.22 -23.29 24.52
CA ILE A 326 -11.03 -22.11 24.80
C ILE A 326 -10.31 -21.16 25.75
N ILE A 327 -10.36 -19.87 25.45
CA ILE A 327 -9.71 -18.87 26.29
C ILE A 327 -10.61 -18.52 27.48
N VAL A 328 -10.02 -18.45 28.66
CA VAL A 328 -10.77 -18.12 29.86
C VAL A 328 -10.44 -16.70 30.31
N ASP A 329 -11.44 -15.83 30.23
CA ASP A 329 -11.27 -14.43 30.62
C ASP A 329 -11.05 -14.32 32.13
N GLU A 330 -9.98 -13.61 32.52
CA GLU A 330 -9.61 -13.45 33.92
C GLU A 330 -10.38 -12.30 34.60
N HIS A 331 -11.17 -11.57 33.83
CA HIS A 331 -11.92 -10.44 34.37
C HIS A 331 -13.24 -10.89 34.99
N THR A 332 -14.06 -11.58 34.21
CA THR A 332 -15.35 -12.05 34.68
C THR A 332 -15.48 -13.57 34.60
N GLY A 333 -14.72 -14.18 33.70
CA GLY A 333 -14.78 -15.62 33.53
C GLY A 333 -15.48 -15.99 32.24
N ARG A 334 -15.38 -15.09 31.26
CA ARG A 334 -16.02 -15.31 29.97
C ARG A 334 -15.23 -16.33 29.16
N THR A 335 -15.92 -17.37 28.70
CA THR A 335 -15.29 -18.41 27.91
C THR A 335 -15.27 -18.04 26.44
N MET A 336 -14.11 -17.60 25.96
CA MET A 336 -13.96 -17.22 24.56
C MET A 336 -13.60 -18.44 23.74
N GLN A 337 -14.62 -19.08 23.18
CA GLN A 337 -14.44 -20.29 22.39
C GLN A 337 -14.15 -19.96 20.92
N GLY A 338 -14.58 -18.79 20.47
CA GLY A 338 -14.37 -18.42 19.09
C GLY A 338 -13.14 -17.54 18.90
N ARG A 339 -12.24 -17.55 19.87
CA ARG A 339 -11.03 -16.75 19.80
C ARG A 339 -9.85 -17.51 20.40
N ARG A 340 -8.68 -17.31 19.82
CA ARG A 340 -7.47 -17.96 20.30
C ARG A 340 -6.27 -17.02 20.17
N TRP A 341 -5.36 -17.10 21.13
CA TRP A 341 -4.18 -16.23 21.17
C TRP A 341 -3.38 -16.20 19.86
N SER A 342 -3.16 -14.99 19.35
CA SER A 342 -2.40 -14.80 18.13
C SER A 342 -0.91 -14.61 18.44
N ASP A 343 -0.15 -14.09 17.47
CA ASP A 343 1.29 -13.84 17.64
C ASP A 343 2.07 -15.15 17.84
N GLY A 344 1.44 -16.26 17.49
CA GLY A 344 2.07 -17.55 17.64
C GLY A 344 1.96 -18.10 19.05
N LEU A 345 0.97 -17.64 19.80
CA LEU A 345 0.78 -18.10 21.16
C LEU A 345 -0.15 -19.31 21.24
N HIS A 346 -1.23 -19.32 20.46
CA HIS A 346 -2.17 -20.45 20.49
C HIS A 346 -1.47 -21.73 20.03
N GLN A 347 -0.47 -21.59 19.18
CA GLN A 347 0.28 -22.73 18.67
C GLN A 347 1.11 -23.35 19.78
N ALA A 348 1.53 -22.52 20.72
CA ALA A 348 2.32 -22.99 21.86
C ALA A 348 1.45 -23.78 22.81
N VAL A 349 0.16 -23.45 22.83
CA VAL A 349 -0.79 -24.13 23.68
C VAL A 349 -1.22 -25.45 23.05
N GLU A 350 -1.54 -25.38 21.77
CA GLU A 350 -1.99 -26.54 21.00
C GLU A 350 -0.87 -27.57 20.82
N ALA A 351 0.36 -27.18 21.14
CA ALA A 351 1.50 -28.06 21.01
C ALA A 351 2.04 -28.49 22.38
N LYS A 352 1.46 -27.93 23.43
CA LYS A 352 1.87 -28.26 24.79
C LYS A 352 0.99 -29.34 25.37
N GLU A 353 -0.31 -29.10 25.35
CA GLU A 353 -1.28 -30.06 25.84
C GLU A 353 -1.40 -31.23 24.87
N GLY A 354 -2.23 -32.22 25.22
CA GLY A 354 -2.39 -33.39 24.37
C GLY A 354 -3.31 -33.12 23.19
N VAL A 355 -2.97 -32.13 22.38
CA VAL A 355 -3.77 -31.76 21.21
C VAL A 355 -2.85 -31.45 20.04
N GLN A 356 -3.44 -30.97 18.95
CA GLN A 356 -2.68 -30.62 17.76
C GLN A 356 -2.95 -29.17 17.35
N ILE A 357 -1.95 -28.55 16.75
CA ILE A 357 -2.06 -27.17 16.29
C ILE A 357 -3.12 -27.06 15.20
N GLN A 358 -3.83 -25.94 15.19
CA GLN A 358 -4.89 -25.69 14.22
C GLN A 358 -4.32 -25.43 12.82
N ASN A 359 -5.19 -25.02 11.90
CA ASN A 359 -4.79 -24.76 10.52
C ASN A 359 -3.95 -23.48 10.40
N GLU A 360 -4.13 -22.57 11.35
CA GLU A 360 -3.40 -21.29 11.38
C GLU A 360 -3.75 -20.39 10.20
N ASN A 361 -2.87 -19.41 9.94
CA ASN A 361 -3.04 -18.44 8.85
C ASN A 361 -1.93 -17.39 8.91
N GLN A 362 -1.13 -17.28 7.86
CA GLN A 362 -0.04 -16.30 7.84
C GLN A 362 -0.08 -15.46 6.56
N THR A 363 0.86 -14.52 6.47
CA THR A 363 0.96 -13.65 5.31
C THR A 363 1.81 -14.31 4.22
N LEU A 364 1.14 -14.84 3.20
CA LEU A 364 1.84 -15.49 2.10
C LEU A 364 2.68 -14.47 1.33
N ALA A 365 2.06 -13.34 1.03
CA ALA A 365 2.73 -12.27 0.31
C ALA A 365 2.09 -10.94 0.66
N SER A 366 2.85 -9.86 0.53
CA SER A 366 2.35 -8.54 0.85
C SER A 366 3.09 -7.48 0.04
N ILE A 367 2.42 -6.36 -0.19
CA ILE A 367 3.00 -5.27 -0.95
C ILE A 367 2.30 -3.96 -0.61
N THR A 368 3.09 -2.89 -0.50
CA THR A 368 2.55 -1.58 -0.20
C THR A 368 2.28 -0.84 -1.51
N PHE A 369 1.27 0.02 -1.52
CA PHE A 369 0.91 0.76 -2.73
C PHE A 369 2.07 1.63 -3.20
N GLN A 370 2.80 2.21 -2.25
CA GLN A 370 3.95 3.05 -2.57
C GLN A 370 4.99 2.25 -3.34
N ASN A 371 5.15 1.00 -2.95
CA ASN A 371 6.12 0.11 -3.56
C ASN A 371 5.55 -0.54 -4.82
N TYR A 372 4.29 -0.24 -5.11
CA TYR A 372 3.63 -0.78 -6.29
C TYR A 372 3.60 0.26 -7.41
N PHE A 373 3.23 1.49 -7.05
CA PHE A 373 3.16 2.58 -8.01
C PHE A 373 4.55 3.00 -8.48
N ARG A 374 5.56 2.67 -7.69
CA ARG A 374 6.94 3.02 -8.02
C ARG A 374 7.48 2.09 -9.11
N LEU A 375 6.73 1.04 -9.41
CA LEU A 375 7.14 0.08 -10.44
C LEU A 375 6.75 0.60 -11.81
N TYR A 376 5.81 1.53 -11.83
CA TYR A 376 5.34 2.12 -13.09
C TYR A 376 6.36 3.15 -13.60
N GLU A 377 6.54 3.17 -14.90
CA GLU A 377 7.47 4.10 -15.54
C GLU A 377 6.92 5.52 -15.47
N LYS A 378 5.83 5.77 -16.19
CA LYS A 378 5.22 7.08 -16.20
C LYS A 378 4.00 7.08 -15.29
N LEU A 379 4.17 7.64 -14.10
CA LEU A 379 3.09 7.73 -13.13
C LEU A 379 2.65 9.18 -12.97
N ALA A 380 1.41 9.46 -13.33
CA ALA A 380 0.88 10.79 -13.22
C ALA A 380 -0.36 10.78 -12.34
N GLY A 381 -0.70 11.94 -11.78
CA GLY A 381 -1.85 12.02 -10.92
C GLY A 381 -2.46 13.40 -10.89
N MET A 382 -3.71 13.47 -10.50
CA MET A 382 -4.42 14.74 -10.42
C MET A 382 -4.80 15.02 -8.98
N THR A 383 -4.96 16.30 -8.66
CA THR A 383 -5.32 16.70 -7.32
C THR A 383 -6.14 17.98 -7.35
N GLY A 384 -6.87 18.23 -6.28
CA GLY A 384 -7.64 19.45 -6.19
C GLY A 384 -6.81 20.55 -5.58
N THR A 385 -7.18 21.79 -5.82
CA THR A 385 -6.45 22.94 -5.28
C THR A 385 -6.36 22.87 -3.76
N ALA A 386 -5.20 22.40 -3.27
CA ALA A 386 -4.98 22.26 -1.84
C ALA A 386 -3.50 22.21 -1.49
N ASP A 387 -2.67 21.72 -2.43
CA ASP A 387 -1.22 21.58 -2.22
C ASP A 387 -0.93 20.67 -1.02
N THR A 388 -0.73 21.27 0.14
CA THR A 388 -0.47 20.54 1.38
C THR A 388 0.73 19.59 1.27
N GLU A 389 0.47 18.29 1.18
CA GLU A 389 1.54 17.30 1.13
C GLU A 389 2.07 17.10 -0.28
N ALA A 390 1.94 18.12 -1.12
CA ALA A 390 2.42 18.05 -2.49
C ALA A 390 3.93 17.98 -2.54
N PHE A 391 4.58 18.60 -1.55
CA PHE A 391 6.04 18.63 -1.47
C PHE A 391 6.61 17.22 -1.21
N GLU A 392 5.77 16.33 -0.73
CA GLU A 392 6.20 14.96 -0.44
C GLU A 392 6.18 14.09 -1.70
N PHE A 393 5.43 14.52 -2.71
CA PHE A 393 5.32 13.77 -3.96
C PHE A 393 6.68 13.60 -4.64
N SER A 394 7.47 14.66 -4.65
CA SER A 394 8.77 14.63 -5.30
C SER A 394 9.78 13.77 -4.54
N SER A 395 9.52 13.52 -3.27
CA SER A 395 10.42 12.72 -2.45
C SER A 395 9.96 11.27 -2.34
N ILE A 396 8.67 11.06 -2.12
CA ILE A 396 8.12 9.72 -1.95
C ILE A 396 7.95 8.98 -3.28
N TYR A 397 7.11 9.51 -4.16
CA TYR A 397 6.84 8.84 -5.44
C TYR A 397 7.68 9.42 -6.58
N LYS A 398 8.47 10.44 -6.27
CA LYS A 398 9.33 11.09 -7.25
C LYS A 398 8.49 11.74 -8.37
N LEU A 399 7.47 12.48 -7.96
CA LEU A 399 6.59 13.15 -8.90
C LEU A 399 6.75 14.66 -8.78
N ASP A 400 6.71 15.36 -9.90
CA ASP A 400 6.84 16.81 -9.90
C ASP A 400 5.53 17.49 -9.52
N THR A 401 5.58 18.77 -9.20
CA THR A 401 4.40 19.53 -8.81
C THR A 401 4.13 20.67 -9.78
N VAL A 402 3.07 20.53 -10.58
CA VAL A 402 2.71 21.56 -11.55
C VAL A 402 1.30 22.08 -11.30
N VAL A 403 1.20 23.36 -10.96
CA VAL A 403 -0.10 23.96 -10.70
C VAL A 403 -0.73 24.42 -12.01
N VAL A 404 -1.78 23.72 -12.42
CA VAL A 404 -2.47 24.03 -13.66
C VAL A 404 -3.41 25.21 -13.48
N PRO A 405 -3.34 26.19 -14.38
CA PRO A 405 -4.21 27.37 -14.32
C PRO A 405 -5.67 27.01 -14.57
N THR A 406 -6.57 27.73 -13.93
CA THR A 406 -7.99 27.45 -14.09
C THR A 406 -8.58 28.26 -15.24
N ASN A 407 -9.59 27.71 -15.88
CA ASN A 407 -10.25 28.39 -16.98
C ASN A 407 -11.28 29.34 -16.40
N ARG A 408 -11.77 28.98 -15.23
CA ARG A 408 -12.75 29.77 -14.52
C ARG A 408 -12.03 30.61 -13.47
N PRO A 409 -12.27 31.94 -13.46
CA PRO A 409 -11.62 32.84 -12.52
C PRO A 409 -12.07 32.65 -11.07
N MET A 410 -11.10 32.43 -10.20
CA MET A 410 -11.37 32.26 -8.78
C MET A 410 -11.33 33.60 -8.08
N ILE A 411 -12.43 34.34 -8.17
CA ILE A 411 -12.53 35.65 -7.56
C ILE A 411 -13.10 35.57 -6.14
N ARG A 412 -12.64 34.59 -5.40
CA ARG A 412 -13.10 34.38 -4.03
C ARG A 412 -12.50 35.43 -3.11
N LYS A 413 -13.32 35.95 -2.21
CA LYS A 413 -12.86 36.97 -1.27
C LYS A 413 -12.42 36.31 0.03
N ASP A 414 -11.11 36.07 0.14
CA ASP A 414 -10.55 35.45 1.33
C ASP A 414 -10.37 36.48 2.43
N LEU A 415 -10.94 36.20 3.60
CA LEU A 415 -10.84 37.10 4.73
C LEU A 415 -9.93 36.47 5.80
N PRO A 416 -9.25 37.31 6.61
CA PRO A 416 -8.35 36.83 7.67
C PRO A 416 -9.08 36.04 8.76
N ASP A 417 -8.32 35.25 9.51
CA ASP A 417 -8.86 34.45 10.59
C ASP A 417 -9.01 35.32 11.84
N LEU A 418 -10.22 35.46 12.34
CA LEU A 418 -10.46 36.26 13.51
C LEU A 418 -10.59 35.38 14.75
N VAL A 419 -9.53 35.34 15.54
CA VAL A 419 -9.51 34.55 16.75
C VAL A 419 -9.90 35.39 17.97
N TYR A 420 -10.90 34.93 18.69
CA TYR A 420 -11.37 35.62 19.88
C TYR A 420 -10.88 34.89 21.13
N MET A 421 -11.22 35.39 22.31
CA MET A 421 -10.76 34.77 23.54
C MET A 421 -11.51 33.47 23.82
N THR A 422 -12.75 33.59 24.29
CA THR A 422 -13.54 32.41 24.60
C THR A 422 -14.31 31.92 23.38
N GLU A 423 -14.73 30.66 23.42
CA GLU A 423 -15.48 30.04 22.34
C GLU A 423 -16.80 30.78 22.12
N ALA A 424 -17.36 31.33 23.19
CA ALA A 424 -18.62 32.07 23.12
C ALA A 424 -18.48 33.29 22.21
N GLU A 425 -17.32 33.94 22.27
CA GLU A 425 -17.04 35.11 21.45
C GLU A 425 -17.00 34.72 19.98
N LYS A 426 -16.41 33.56 19.71
CA LYS A 426 -16.30 33.06 18.35
C LYS A 426 -17.69 32.88 17.74
N ILE A 427 -18.57 32.24 18.49
CA ILE A 427 -19.94 32.01 18.05
C ILE A 427 -20.66 33.34 17.82
N GLN A 428 -20.47 34.27 18.74
CA GLN A 428 -21.09 35.59 18.65
C GLN A 428 -20.70 36.27 17.35
N ALA A 429 -19.41 36.21 17.01
CA ALA A 429 -18.92 36.81 15.78
C ALA A 429 -19.51 36.12 14.55
N ILE A 430 -19.64 34.80 14.64
CA ILE A 430 -20.21 34.01 13.55
C ILE A 430 -21.65 34.42 13.29
N ILE A 431 -22.46 34.48 14.35
CA ILE A 431 -23.87 34.84 14.23
C ILE A 431 -24.02 36.23 13.62
N GLU A 432 -23.20 37.17 14.06
CA GLU A 432 -23.25 38.54 13.56
C GLU A 432 -22.92 38.59 12.06
N ASP A 433 -21.88 37.86 11.67
CA ASP A 433 -21.48 37.81 10.26
C ASP A 433 -22.58 37.19 9.41
N ILE A 434 -23.14 36.08 9.90
CA ILE A 434 -24.22 35.40 9.21
C ILE A 434 -25.42 36.32 9.02
N LYS A 435 -25.73 37.07 10.08
CA LYS A 435 -26.84 38.01 10.05
C LYS A 435 -26.66 39.03 8.92
N GLU A 436 -25.43 39.50 8.76
CA GLU A 436 -25.09 40.47 7.72
C GLU A 436 -25.33 39.86 6.34
N ARG A 437 -24.94 38.60 6.19
CA ARG A 437 -25.10 37.89 4.92
C ARG A 437 -26.58 37.66 4.63
N THR A 438 -27.33 37.33 5.66
CA THR A 438 -28.75 37.08 5.53
C THR A 438 -29.49 38.34 5.07
N ALA A 439 -29.04 39.49 5.57
CA ALA A 439 -29.64 40.77 5.22
C ALA A 439 -29.38 41.13 3.76
N LYS A 440 -28.22 40.71 3.25
CA LYS A 440 -27.85 40.98 1.87
C LYS A 440 -28.41 39.93 0.92
N GLY A 441 -28.79 38.78 1.47
CA GLY A 441 -29.33 37.72 0.65
C GLY A 441 -28.23 36.81 0.14
N GLN A 442 -27.20 36.63 0.95
CA GLN A 442 -26.07 35.80 0.59
C GLN A 442 -26.10 34.47 1.35
N PRO A 443 -25.99 33.35 0.64
CA PRO A 443 -25.98 32.02 1.24
C PRO A 443 -24.75 31.81 2.13
N VAL A 444 -24.95 31.13 3.25
CA VAL A 444 -23.86 30.89 4.18
C VAL A 444 -23.65 29.41 4.43
N LEU A 445 -22.42 28.95 4.26
CA LEU A 445 -22.08 27.57 4.51
C LEU A 445 -21.12 27.48 5.68
N VAL A 446 -21.62 26.97 6.80
CA VAL A 446 -20.82 26.84 8.01
C VAL A 446 -20.23 25.43 8.11
N GLY A 447 -18.93 25.35 8.30
CA GLY A 447 -18.27 24.07 8.41
C GLY A 447 -17.78 23.78 9.81
N THR A 448 -18.42 22.84 10.48
CA THR A 448 -18.06 22.46 11.83
C THR A 448 -17.31 21.12 11.82
N ILE A 449 -16.37 20.94 12.75
CA ILE A 449 -15.61 19.69 12.82
C ILE A 449 -16.23 18.73 13.82
N SER A 450 -17.08 19.25 14.69
CA SER A 450 -17.74 18.44 15.70
C SER A 450 -19.24 18.72 15.71
N ILE A 451 -20.03 17.67 15.83
CA ILE A 451 -21.49 17.78 15.84
C ILE A 451 -21.95 18.65 17.01
N GLU A 452 -21.21 18.58 18.11
CA GLU A 452 -21.52 19.35 19.30
C GLU A 452 -21.52 20.84 19.00
N LYS A 453 -20.66 21.26 18.09
CA LYS A 453 -20.55 22.65 17.71
C LYS A 453 -21.67 23.04 16.76
N SER A 454 -22.07 22.08 15.91
CA SER A 454 -23.14 22.30 14.94
C SER A 454 -24.44 22.64 15.66
N GLU A 455 -24.73 21.89 16.72
CA GLU A 455 -25.94 22.11 17.49
C GLU A 455 -25.85 23.44 18.23
N LEU A 456 -24.65 23.76 18.71
CA LEU A 456 -24.42 25.00 19.44
C LEU A 456 -24.70 26.21 18.55
N VAL A 457 -24.06 26.26 17.38
CA VAL A 457 -24.26 27.36 16.46
C VAL A 457 -25.71 27.38 15.95
N SER A 458 -26.31 26.20 15.82
CA SER A 458 -27.68 26.09 15.37
C SER A 458 -28.61 26.71 16.40
N ASN A 459 -28.34 26.43 17.67
CA ASN A 459 -29.12 26.97 18.77
C ASN A 459 -29.06 28.49 18.78
N GLU A 460 -27.85 29.03 18.69
CA GLU A 460 -27.65 30.48 18.67
C GLU A 460 -28.34 31.10 17.46
N LEU A 461 -28.27 30.42 16.32
CA LEU A 461 -28.90 30.90 15.10
C LEU A 461 -30.41 30.98 15.27
N THR A 462 -30.96 30.00 15.99
CA THR A 462 -32.39 29.96 16.25
C THR A 462 -32.77 31.04 17.26
N LYS A 463 -31.85 31.29 18.18
CA LYS A 463 -32.04 32.31 19.21
C LYS A 463 -32.14 33.69 18.56
N ALA A 464 -31.36 33.89 17.51
CA ALA A 464 -31.36 35.15 16.79
C ALA A 464 -32.56 35.23 15.83
N GLY A 465 -32.97 34.07 15.33
CA GLY A 465 -34.09 34.02 14.42
C GLY A 465 -33.65 33.96 12.97
N ILE A 466 -32.53 33.29 12.72
CA ILE A 466 -32.00 33.16 11.37
C ILE A 466 -32.30 31.78 10.80
N LYS A 467 -32.88 31.76 9.61
CA LYS A 467 -33.22 30.50 8.93
C LYS A 467 -31.95 29.73 8.61
N HIS A 468 -31.92 28.46 8.98
CA HIS A 468 -30.74 27.63 8.74
C HIS A 468 -31.11 26.15 8.68
N ASN A 469 -30.31 25.38 7.97
CA ASN A 469 -30.54 23.96 7.84
C ASN A 469 -29.25 23.20 8.13
N VAL A 470 -29.34 22.16 8.95
CA VAL A 470 -28.18 21.36 9.32
C VAL A 470 -28.14 20.08 8.49
N LEU A 471 -26.99 19.80 7.89
CA LEU A 471 -26.83 18.60 7.08
C LEU A 471 -26.69 17.37 7.97
N ASN A 472 -27.80 16.70 8.23
CA ASN A 472 -27.80 15.50 9.05
C ASN A 472 -27.31 14.31 8.23
N ALA A 473 -26.09 13.86 8.53
CA ALA A 473 -25.47 12.75 7.81
C ALA A 473 -26.21 11.43 8.01
N LYS A 474 -27.18 11.40 8.90
CA LYS A 474 -27.96 10.20 9.14
C LYS A 474 -29.14 10.12 8.18
N PHE A 475 -29.40 11.23 7.49
CA PHE A 475 -30.49 11.30 6.54
C PHE A 475 -29.97 11.78 5.18
N HIS A 476 -29.59 10.82 4.34
CA HIS A 476 -29.07 11.14 3.01
C HIS A 476 -30.09 11.89 2.17
N ALA A 477 -31.36 11.61 2.41
CA ALA A 477 -32.44 12.29 1.68
C ALA A 477 -32.44 13.77 2.02
N ASN A 478 -32.14 14.08 3.27
CA ASN A 478 -32.10 15.46 3.74
C ASN A 478 -30.86 16.14 3.19
N GLU A 479 -29.75 15.39 3.17
CA GLU A 479 -28.47 15.88 2.65
C GLU A 479 -28.65 16.47 1.26
N ALA A 480 -29.09 15.63 0.33
CA ALA A 480 -29.29 16.02 -1.06
C ALA A 480 -30.31 17.15 -1.19
N ALA A 481 -31.34 17.12 -0.35
CA ALA A 481 -32.37 18.15 -0.39
C ALA A 481 -31.83 19.51 0.01
N ILE A 482 -31.03 19.54 1.06
CA ILE A 482 -30.44 20.78 1.55
C ILE A 482 -29.36 21.30 0.59
N VAL A 483 -28.48 20.41 0.14
CA VAL A 483 -27.40 20.79 -0.76
C VAL A 483 -27.96 21.40 -2.06
N ALA A 484 -29.09 20.88 -2.51
CA ALA A 484 -29.72 21.36 -3.74
C ALA A 484 -30.06 22.84 -3.66
N GLN A 485 -30.40 23.32 -2.48
CA GLN A 485 -30.76 24.73 -2.31
C GLN A 485 -29.84 25.40 -1.30
N ALA A 486 -28.65 24.86 -1.13
CA ALA A 486 -27.67 25.41 -0.19
C ALA A 486 -27.12 26.75 -0.68
N GLY A 487 -27.25 26.99 -1.98
CA GLY A 487 -26.77 28.22 -2.57
C GLY A 487 -27.87 29.24 -2.73
N TYR A 488 -29.00 29.01 -2.06
CA TYR A 488 -30.14 29.91 -2.13
C TYR A 488 -29.84 31.18 -1.33
N PRO A 489 -30.30 32.35 -1.80
CA PRO A 489 -30.08 33.63 -1.11
C PRO A 489 -30.53 33.60 0.35
N ALA A 490 -29.59 33.94 1.24
CA ALA A 490 -29.84 34.00 2.69
C ALA A 490 -30.07 32.63 3.32
N ALA A 491 -29.68 31.57 2.62
CA ALA A 491 -29.83 30.22 3.15
C ALA A 491 -28.58 29.80 3.92
N VAL A 492 -28.72 29.62 5.22
CA VAL A 492 -27.61 29.22 6.06
C VAL A 492 -27.56 27.70 6.19
N THR A 493 -26.53 27.09 5.61
CA THR A 493 -26.36 25.66 5.66
C THR A 493 -25.20 25.28 6.59
N ILE A 494 -25.44 24.33 7.47
CA ILE A 494 -24.41 23.89 8.40
C ILE A 494 -23.95 22.48 8.04
N ALA A 495 -22.68 22.36 7.70
CA ALA A 495 -22.10 21.07 7.33
C ALA A 495 -21.10 20.61 8.37
N THR A 496 -21.33 19.42 8.92
CA THR A 496 -20.44 18.87 9.94
C THR A 496 -19.54 17.79 9.35
N ASN A 497 -18.23 17.97 9.52
CA ASN A 497 -17.23 17.03 9.02
C ASN A 497 -17.43 16.74 7.54
N MET A 498 -17.18 17.75 6.72
CA MET A 498 -17.36 17.61 5.28
C MET A 498 -16.18 16.88 4.65
N ALA A 499 -16.48 15.90 3.80
CA ALA A 499 -15.47 15.11 3.14
C ALA A 499 -14.82 15.90 2.01
N GLY A 500 -13.82 15.29 1.36
CA GLY A 500 -13.13 15.94 0.27
C GLY A 500 -14.01 16.14 -0.95
N ARG A 501 -13.57 17.02 -1.84
CA ARG A 501 -14.30 17.35 -3.06
C ARG A 501 -15.64 18.02 -2.74
N GLY A 502 -16.69 17.22 -2.63
CA GLY A 502 -18.00 17.76 -2.35
C GLY A 502 -18.73 18.20 -3.59
N THR A 503 -20.02 17.94 -3.63
CA THR A 503 -20.86 18.32 -4.76
C THR A 503 -20.84 19.83 -4.98
N ASP A 504 -20.73 20.23 -6.24
CA ASP A 504 -20.70 21.65 -6.59
C ASP A 504 -22.03 22.31 -6.31
N ILE A 505 -22.02 23.26 -5.38
CA ILE A 505 -23.23 23.99 -5.00
C ILE A 505 -23.53 25.08 -6.01
N VAL A 506 -24.72 25.04 -6.59
CA VAL A 506 -25.14 26.02 -7.57
C VAL A 506 -25.68 27.28 -6.88
N LEU A 507 -25.23 28.43 -7.35
CA LEU A 507 -25.65 29.71 -6.79
C LEU A 507 -27.10 29.99 -7.15
N GLY A 508 -27.89 30.35 -6.14
CA GLY A 508 -29.29 30.64 -6.36
C GLY A 508 -30.11 29.37 -6.33
N GLY A 509 -29.48 28.28 -5.92
CA GLY A 509 -30.14 27.01 -5.87
C GLY A 509 -29.91 26.23 -7.15
N SER A 510 -30.53 25.08 -7.29
CA SER A 510 -30.35 24.30 -8.48
C SER A 510 -31.69 23.99 -9.13
N TRP A 511 -31.94 24.59 -10.29
CA TRP A 511 -33.19 24.37 -11.01
C TRP A 511 -33.33 22.90 -11.37
N GLN A 512 -32.20 22.19 -11.38
CA GLN A 512 -32.16 20.77 -11.68
C GLN A 512 -33.01 20.00 -10.69
N ALA A 513 -32.94 20.38 -9.42
CA ALA A 513 -33.70 19.72 -8.37
C ALA A 513 -35.17 20.12 -8.44
N GLU A 514 -35.42 21.34 -8.87
CA GLU A 514 -36.78 21.85 -8.98
C GLU A 514 -37.52 21.17 -10.13
N VAL A 515 -36.86 21.04 -11.29
CA VAL A 515 -37.49 20.38 -12.43
C VAL A 515 -37.64 18.89 -12.16
N ALA A 516 -36.75 18.35 -11.34
CA ALA A 516 -36.78 16.93 -10.99
C ALA A 516 -37.90 16.66 -9.99
N ALA A 517 -38.31 17.71 -9.28
CA ALA A 517 -39.38 17.59 -8.30
C ALA A 517 -40.73 17.58 -9.00
N LEU A 518 -40.76 18.16 -10.20
CA LEU A 518 -41.97 18.20 -10.99
C LEU A 518 -42.24 16.84 -11.61
N GLU A 519 -43.51 16.48 -11.74
CA GLU A 519 -43.88 15.21 -12.31
C GLU A 519 -43.70 15.24 -13.83
N ASN A 520 -44.19 16.31 -14.45
CA ASN A 520 -44.08 16.47 -15.89
C ASN A 520 -43.70 17.90 -16.23
N PRO A 521 -42.40 18.23 -16.20
CA PRO A 521 -41.91 19.57 -16.50
C PRO A 521 -41.85 19.85 -18.00
N THR A 522 -42.81 20.63 -18.49
CA THR A 522 -42.87 20.99 -19.90
C THR A 522 -41.93 22.16 -20.18
N ALA A 523 -41.80 22.53 -21.45
CA ALA A 523 -40.93 23.63 -21.85
C ALA A 523 -41.28 24.92 -21.12
N GLU A 524 -42.58 25.16 -20.96
CA GLU A 524 -43.07 26.36 -20.28
C GLU A 524 -42.58 26.42 -18.84
N GLN A 525 -42.64 25.28 -18.17
CA GLN A 525 -42.20 25.19 -16.77
C GLN A 525 -40.70 25.36 -16.66
N ILE A 526 -39.96 24.58 -17.44
CA ILE A 526 -38.51 24.63 -17.43
C ILE A 526 -38.00 26.03 -17.78
N GLU A 527 -38.61 26.64 -18.79
CA GLU A 527 -38.22 27.97 -19.22
C GLU A 527 -38.49 28.99 -18.11
N LYS A 528 -39.62 28.83 -17.43
CA LYS A 528 -40.00 29.72 -16.34
C LYS A 528 -39.04 29.55 -15.16
N ILE A 529 -38.72 28.31 -14.83
CA ILE A 529 -37.82 28.02 -13.73
C ILE A 529 -36.43 28.58 -14.00
N LYS A 530 -35.95 28.43 -15.23
CA LYS A 530 -34.63 28.95 -15.60
C LYS A 530 -34.58 30.46 -15.39
N ALA A 531 -35.66 31.14 -15.76
CA ALA A 531 -35.72 32.59 -15.61
C ALA A 531 -35.76 32.96 -14.14
N ASP A 532 -36.59 32.26 -13.38
CA ASP A 532 -36.72 32.51 -11.95
C ASP A 532 -35.40 32.22 -11.26
N TRP A 533 -34.76 31.13 -11.66
CA TRP A 533 -33.49 30.71 -11.12
C TRP A 533 -32.40 31.74 -11.43
N GLN A 534 -32.45 32.30 -12.63
CA GLN A 534 -31.48 33.31 -13.05
C GLN A 534 -31.46 34.48 -12.07
N VAL A 535 -32.65 34.93 -11.67
CA VAL A 535 -32.78 36.03 -10.72
C VAL A 535 -32.11 35.67 -9.40
N ARG A 536 -32.38 34.47 -8.92
CA ARG A 536 -31.81 33.97 -7.68
C ARG A 536 -30.30 33.80 -7.81
N HIS A 537 -29.89 33.22 -8.94
CA HIS A 537 -28.49 32.96 -9.26
C HIS A 537 -27.66 34.24 -9.25
N ASP A 538 -28.10 35.23 -9.99
CA ASP A 538 -27.37 36.49 -10.10
C ASP A 538 -27.46 37.30 -8.81
N ALA A 539 -28.52 37.09 -8.04
CA ALA A 539 -28.68 37.80 -6.78
C ALA A 539 -27.58 37.38 -5.80
N VAL A 540 -27.25 36.09 -5.83
CA VAL A 540 -26.21 35.54 -4.98
C VAL A 540 -24.85 36.13 -5.37
N LEU A 541 -24.60 36.20 -6.66
CA LEU A 541 -23.35 36.76 -7.17
C LEU A 541 -23.24 38.23 -6.76
N GLU A 542 -24.34 38.94 -6.86
CA GLU A 542 -24.39 40.36 -6.50
C GLU A 542 -24.17 40.53 -5.00
N ALA A 543 -24.70 39.61 -4.21
CA ALA A 543 -24.56 39.67 -2.77
C ALA A 543 -23.11 39.44 -2.35
N GLY A 544 -22.43 38.54 -3.04
CA GLY A 544 -21.05 38.26 -2.72
C GLY A 544 -20.64 36.82 -2.98
N GLY A 545 -21.53 36.04 -3.58
CA GLY A 545 -21.21 34.65 -3.88
C GLY A 545 -21.44 33.75 -2.68
N LEU A 546 -20.89 32.55 -2.72
CA LEU A 546 -21.05 31.59 -1.63
C LEU A 546 -20.18 31.99 -0.43
N HIS A 547 -20.82 32.28 0.70
CA HIS A 547 -20.10 32.68 1.90
C HIS A 547 -19.76 31.46 2.75
N ILE A 548 -18.47 31.24 2.96
CA ILE A 548 -18.01 30.12 3.77
C ILE A 548 -17.57 30.58 5.15
N ILE A 549 -18.03 29.89 6.18
CA ILE A 549 -17.66 30.23 7.55
C ILE A 549 -17.15 28.98 8.26
N GLY A 550 -15.93 29.06 8.78
CA GLY A 550 -15.35 27.94 9.48
C GLY A 550 -15.31 28.19 10.97
N THR A 551 -15.80 27.22 11.74
CA THR A 551 -15.83 27.33 13.20
C THR A 551 -14.51 26.85 13.78
N GLU A 552 -13.92 25.86 13.15
CA GLU A 552 -12.66 25.29 13.60
C GLU A 552 -11.70 25.12 12.43
N ARG A 553 -10.44 24.97 12.74
CA ARG A 553 -9.41 24.78 11.72
C ARG A 553 -8.90 23.35 11.79
N HIS A 554 -8.69 22.73 10.63
CA HIS A 554 -8.20 21.37 10.58
C HIS A 554 -6.66 21.36 10.63
N GLU A 555 -6.11 20.39 11.35
CA GLU A 555 -4.66 20.27 11.50
C GLU A 555 -3.97 20.25 10.15
N SER A 556 -4.25 19.24 9.35
CA SER A 556 -3.68 19.13 8.02
C SER A 556 -4.34 20.13 7.07
N ARG A 557 -3.53 20.87 6.33
CA ARG A 557 -4.03 21.87 5.40
C ARG A 557 -4.85 21.24 4.28
N ARG A 558 -4.66 19.94 4.07
CA ARG A 558 -5.37 19.20 3.03
C ARG A 558 -6.87 19.41 3.11
N ILE A 559 -7.47 18.96 4.20
CA ILE A 559 -8.91 19.09 4.38
C ILE A 559 -9.27 20.52 4.76
N ASP A 560 -8.35 21.22 5.41
CA ASP A 560 -8.58 22.60 5.83
C ASP A 560 -8.83 23.51 4.63
N ASN A 561 -7.96 23.41 3.63
CA ASN A 561 -8.10 24.22 2.43
C ASN A 561 -9.25 23.71 1.57
N GLN A 562 -9.50 22.41 1.62
CA GLN A 562 -10.59 21.82 0.85
C GLN A 562 -11.94 22.28 1.39
N LEU A 563 -11.99 22.56 2.68
CA LEU A 563 -13.23 23.04 3.30
C LEU A 563 -13.57 24.42 2.76
N ARG A 564 -12.54 25.19 2.47
CA ARG A 564 -12.70 26.54 1.93
C ARG A 564 -12.90 26.47 0.41
N GLY A 565 -12.43 25.37 -0.19
CA GLY A 565 -12.54 25.20 -1.62
C GLY A 565 -13.95 24.92 -2.11
N ARG A 566 -14.95 25.13 -1.25
CA ARG A 566 -16.33 24.91 -1.63
C ARG A 566 -16.83 26.07 -2.48
N SER A 567 -16.34 27.26 -2.17
CA SER A 567 -16.72 28.46 -2.91
C SER A 567 -15.66 28.74 -3.98
N GLY A 568 -16.00 29.60 -4.93
CA GLY A 568 -15.07 29.92 -5.99
C GLY A 568 -15.02 28.81 -7.02
N ARG A 569 -16.18 28.24 -7.31
CA ARG A 569 -16.27 27.16 -8.27
C ARG A 569 -17.00 27.63 -9.51
N GLN A 570 -16.47 27.25 -10.67
CA GLN A 570 -17.07 27.59 -11.96
C GLN A 570 -17.17 29.10 -12.18
N GLY A 571 -16.35 29.86 -11.46
CA GLY A 571 -16.38 31.31 -11.63
C GLY A 571 -17.06 32.03 -10.48
N ASP A 572 -17.50 31.29 -9.49
CA ASP A 572 -18.16 31.88 -8.31
C ASP A 572 -17.17 32.72 -7.53
N ALA A 573 -17.67 33.78 -6.90
CA ALA A 573 -16.84 34.64 -6.10
C ALA A 573 -16.71 34.05 -4.71
N GLY A 574 -17.67 34.35 -3.85
CA GLY A 574 -17.67 33.81 -2.52
C GLY A 574 -16.81 34.61 -1.56
N SER A 575 -16.86 34.22 -0.29
CA SER A 575 -16.10 34.89 0.75
C SER A 575 -15.81 33.92 1.89
N SER A 576 -14.53 33.71 2.18
CA SER A 576 -14.13 32.79 3.23
C SER A 576 -13.83 33.55 4.52
N ARG A 577 -14.68 33.37 5.51
CA ARG A 577 -14.52 34.01 6.80
C ARG A 577 -14.37 32.96 7.88
N PHE A 578 -13.19 32.89 8.48
CA PHE A 578 -12.94 31.92 9.53
C PHE A 578 -12.87 32.60 10.89
N TYR A 579 -13.49 31.97 11.88
CA TYR A 579 -13.50 32.48 13.24
C TYR A 579 -12.96 31.41 14.16
N LEU A 580 -12.19 31.82 15.16
CA LEU A 580 -11.62 30.87 16.10
C LEU A 580 -11.59 31.45 17.51
N SER A 581 -11.26 30.61 18.47
CA SER A 581 -11.19 31.03 19.86
C SER A 581 -9.88 30.55 20.48
N MET A 582 -9.43 31.23 21.52
CA MET A 582 -8.18 30.87 22.19
C MET A 582 -8.36 29.58 22.99
N GLU A 583 -9.58 29.08 23.03
CA GLU A 583 -9.89 27.83 23.73
C GLU A 583 -9.96 26.67 22.76
N ASP A 584 -9.83 26.97 21.47
CA ASP A 584 -9.90 25.95 20.43
C ASP A 584 -8.65 25.09 20.42
N ALA A 585 -8.82 23.84 20.01
CA ALA A 585 -7.73 22.86 19.95
C ALA A 585 -6.62 23.31 19.00
N LEU A 586 -6.92 24.27 18.12
CA LEU A 586 -5.94 24.78 17.17
C LEU A 586 -4.79 25.47 17.90
N MET A 587 -5.07 26.01 19.07
CA MET A 587 -4.05 26.71 19.85
C MET A 587 -3.19 25.74 20.65
N ARG A 588 -3.41 24.45 20.42
CA ARG A 588 -2.66 23.42 21.12
C ARG A 588 -1.52 22.89 20.26
N ILE A 589 -1.56 23.17 18.96
CA ILE A 589 -0.52 22.71 18.06
C ILE A 589 0.65 23.71 18.02
N PHE A 590 0.63 24.65 18.95
CA PHE A 590 1.66 25.67 19.03
C PHE A 590 2.79 25.21 19.93
N ALA A 591 2.91 23.89 20.09
CA ALA A 591 3.95 23.25 20.91
C ALA A 591 3.70 23.47 22.41
N SER A 592 3.64 24.73 22.81
CA SER A 592 3.41 25.07 24.21
C SER A 592 2.25 26.06 24.33
N ASP A 593 1.39 25.82 25.31
CA ASP A 593 0.22 26.66 25.56
C ASP A 593 0.64 28.09 25.92
N ARG A 594 1.88 28.25 26.36
CA ARG A 594 2.40 29.56 26.74
C ARG A 594 2.46 30.49 25.52
N VAL A 595 2.73 29.92 24.36
CA VAL A 595 2.81 30.70 23.13
C VAL A 595 1.45 31.25 22.77
N SER A 596 0.46 30.37 22.75
CA SER A 596 -0.91 30.74 22.45
C SER A 596 -1.45 31.67 23.54
N GLY A 597 -1.04 31.41 24.78
CA GLY A 597 -1.49 32.21 25.90
C GLY A 597 -1.06 33.67 25.77
N MET A 598 0.04 33.91 25.08
CA MET A 598 0.54 35.28 24.90
C MET A 598 -0.43 36.06 24.02
N MET A 599 -1.07 35.36 23.09
CA MET A 599 -2.03 35.99 22.19
C MET A 599 -3.33 36.31 22.91
N ARG A 600 -3.48 35.80 24.13
CA ARG A 600 -4.67 36.04 24.93
C ARG A 600 -4.63 37.43 25.54
N LYS A 601 -3.54 38.16 25.28
CA LYS A 601 -3.37 39.51 25.79
C LYS A 601 -3.52 40.51 24.64
N LEU A 602 -4.21 40.08 23.59
CA LEU A 602 -4.44 40.90 22.42
C LEU A 602 -5.62 41.85 22.61
N GLY A 603 -6.39 41.60 23.67
CA GLY A 603 -7.54 42.44 23.96
C GLY A 603 -8.82 41.88 23.38
N MET A 604 -8.81 41.69 22.06
CA MET A 604 -9.96 41.14 21.32
C MET A 604 -11.16 42.09 21.32
N LYS A 605 -11.89 42.11 22.43
CA LYS A 605 -13.09 42.93 22.59
C LYS A 605 -14.20 42.45 21.65
N PRO A 606 -15.12 41.60 22.16
CA PRO A 606 -16.21 41.03 21.39
C PRO A 606 -17.03 42.08 20.64
N GLY A 607 -16.92 42.08 19.32
CA GLY A 607 -17.65 43.02 18.50
C GLY A 607 -16.72 43.93 17.72
N GLU A 608 -15.51 44.08 18.20
CA GLU A 608 -14.52 44.93 17.54
C GLU A 608 -13.68 44.12 16.57
N ALA A 609 -14.04 44.18 15.30
CA ALA A 609 -13.32 43.45 14.27
C ALA A 609 -12.27 44.35 13.62
N ILE A 610 -11.08 44.38 14.20
CA ILE A 610 -10.00 45.19 13.68
C ILE A 610 -9.22 44.43 12.60
N GLU A 611 -9.48 43.12 12.51
CA GLU A 611 -8.84 42.24 11.53
C GLU A 611 -7.36 42.01 11.85
N HIS A 612 -6.87 40.80 11.62
CA HIS A 612 -5.48 40.47 11.88
C HIS A 612 -4.96 39.49 10.84
N PRO A 613 -4.35 40.00 9.76
CA PRO A 613 -3.83 39.17 8.66
C PRO A 613 -2.71 38.21 9.09
N TRP A 614 -1.94 38.60 10.10
CA TRP A 614 -0.84 37.76 10.57
C TRP A 614 -1.33 36.49 11.26
N VAL A 615 -2.59 36.47 11.65
CA VAL A 615 -3.17 35.30 12.31
C VAL A 615 -3.21 34.12 11.34
N THR A 616 -3.79 34.37 10.16
CA THR A 616 -3.89 33.34 9.13
C THR A 616 -2.50 32.83 8.75
N LYS A 617 -1.53 33.72 8.77
CA LYS A 617 -0.15 33.39 8.44
C LYS A 617 0.43 32.48 9.51
N ALA A 618 0.14 32.80 10.76
CA ALA A 618 0.62 32.00 11.88
C ALA A 618 0.00 30.61 11.86
N ILE A 619 -1.30 30.56 11.59
CA ILE A 619 -2.02 29.29 11.54
C ILE A 619 -1.49 28.41 10.40
N ALA A 620 -1.29 29.03 9.23
CA ALA A 620 -0.77 28.30 8.08
C ALA A 620 0.59 27.69 8.38
N ASN A 621 1.44 28.48 9.04
CA ASN A 621 2.77 28.00 9.40
C ASN A 621 2.69 26.90 10.45
N ALA A 622 1.77 27.06 11.40
CA ALA A 622 1.58 26.08 12.46
C ALA A 622 1.13 24.75 11.86
N GLN A 623 0.27 24.83 10.85
CA GLN A 623 -0.21 23.64 10.16
C GLN A 623 0.96 22.92 9.51
N ARG A 624 1.80 23.69 8.84
CA ARG A 624 2.98 23.15 8.16
C ARG A 624 3.88 22.41 9.15
N LYS A 625 3.93 22.90 10.39
CA LYS A 625 4.75 22.28 11.43
C LYS A 625 4.27 20.86 11.71
N VAL A 626 2.96 20.72 11.89
CA VAL A 626 2.36 19.43 12.17
C VAL A 626 2.58 18.47 11.00
N GLU A 627 2.39 18.98 9.79
CA GLU A 627 2.56 18.19 8.58
C GLU A 627 4.01 17.76 8.43
N SER A 628 4.94 18.68 8.68
CA SER A 628 6.37 18.38 8.58
C SER A 628 6.75 17.30 9.60
N ARG A 629 6.07 17.32 10.75
CA ARG A 629 6.31 16.33 11.80
C ARG A 629 5.85 14.97 11.32
N ASN A 630 4.68 14.94 10.67
CA ASN A 630 4.13 13.70 10.14
C ASN A 630 5.04 13.18 9.03
N PHE A 631 5.53 14.11 8.21
CA PHE A 631 6.43 13.79 7.11
C PHE A 631 7.70 13.12 7.65
N ASP A 632 8.20 13.62 8.77
CA ASP A 632 9.40 13.05 9.39
C ASP A 632 9.15 11.59 9.75
N ILE A 633 7.98 11.34 10.31
CA ILE A 633 7.59 9.99 10.69
C ILE A 633 7.42 9.11 9.45
N ARG A 634 6.79 9.66 8.42
CA ARG A 634 6.59 8.95 7.17
C ARG A 634 7.93 8.57 6.57
N LYS A 635 8.89 9.49 6.65
CA LYS A 635 10.24 9.27 6.15
C LYS A 635 10.90 8.10 6.86
N GLN A 636 10.71 8.02 8.18
CA GLN A 636 11.28 6.94 8.97
C GLN A 636 10.69 5.60 8.56
N LEU A 637 9.38 5.58 8.35
CA LEU A 637 8.69 4.35 7.96
C LEU A 637 9.15 3.88 6.58
N LEU A 638 9.27 4.81 5.65
CA LEU A 638 9.70 4.48 4.29
C LEU A 638 11.14 3.99 4.26
N GLU A 639 11.95 4.48 5.19
CA GLU A 639 13.35 4.09 5.28
C GLU A 639 13.51 2.59 5.52
N TYR A 640 12.51 1.99 6.16
CA TYR A 640 12.54 0.57 6.44
C TYR A 640 11.68 -0.20 5.44
N ASP A 641 10.62 0.44 4.97
CA ASP A 641 9.70 -0.19 4.01
C ASP A 641 10.39 -0.41 2.67
N ASP A 642 11.26 0.53 2.29
CA ASP A 642 11.97 0.43 1.02
C ASP A 642 12.99 -0.71 1.05
N VAL A 643 13.41 -1.08 2.26
CA VAL A 643 14.37 -2.16 2.41
C VAL A 643 13.73 -3.47 1.94
N ALA A 644 12.51 -3.69 2.39
CA ALA A 644 11.77 -4.88 2.01
C ALA A 644 11.35 -4.78 0.55
N ASN A 645 11.18 -3.53 0.10
CA ASN A 645 10.79 -3.25 -1.28
C ASN A 645 11.85 -3.77 -2.25
N ASP A 646 13.10 -3.40 -2.01
CA ASP A 646 14.20 -3.82 -2.86
C ASP A 646 14.32 -5.33 -2.87
N GLN A 647 14.26 -5.94 -1.69
CA GLN A 647 14.36 -7.39 -1.57
C GLN A 647 13.21 -8.08 -2.31
N ARG A 648 12.01 -7.52 -2.18
CA ARG A 648 10.85 -8.06 -2.85
C ARG A 648 11.03 -7.94 -4.36
N ARG A 649 11.42 -6.76 -4.80
CA ARG A 649 11.64 -6.51 -6.22
C ARG A 649 12.69 -7.47 -6.80
N ALA A 650 13.77 -7.67 -6.07
CA ALA A 650 14.85 -8.54 -6.50
C ALA A 650 14.38 -9.99 -6.62
N ILE A 651 13.79 -10.52 -5.55
CA ILE A 651 13.33 -11.90 -5.56
C ILE A 651 12.17 -12.10 -6.55
N TYR A 652 11.34 -11.08 -6.72
CA TYR A 652 10.22 -11.16 -7.65
C TYR A 652 10.72 -11.18 -9.08
N SER A 653 11.82 -10.47 -9.34
CA SER A 653 12.40 -10.43 -10.67
C SER A 653 12.92 -11.82 -11.04
N GLN A 654 13.49 -12.51 -10.06
CA GLN A 654 14.00 -13.85 -10.25
C GLN A 654 12.83 -14.81 -10.47
N ARG A 655 11.79 -14.66 -9.65
CA ARG A 655 10.61 -15.50 -9.75
C ARG A 655 9.92 -15.29 -11.10
N ASN A 656 9.91 -14.05 -11.56
CA ASN A 656 9.30 -13.72 -12.85
C ASN A 656 10.11 -14.33 -13.99
N GLU A 657 11.43 -14.35 -13.82
CA GLU A 657 12.32 -14.92 -14.83
C GLU A 657 12.03 -16.40 -14.98
N LEU A 658 12.01 -17.11 -13.85
CA LEU A 658 11.74 -18.54 -13.82
C LEU A 658 10.30 -18.82 -14.25
N LEU A 659 9.48 -17.78 -14.20
CA LEU A 659 8.09 -17.88 -14.59
C LEU A 659 7.95 -17.81 -16.10
N ASP A 660 8.67 -16.87 -16.70
CA ASP A 660 8.61 -16.67 -18.15
C ASP A 660 9.34 -17.77 -18.93
N VAL A 661 10.52 -18.17 -18.45
CA VAL A 661 11.29 -19.20 -19.13
C VAL A 661 10.62 -20.56 -19.05
N SER A 662 10.83 -21.38 -20.08
CA SER A 662 10.24 -22.71 -20.14
C SER A 662 11.25 -23.76 -19.68
N ASP A 663 12.53 -23.50 -19.94
CA ASP A 663 13.60 -24.41 -19.57
C ASP A 663 14.30 -23.91 -18.31
N VAL A 664 14.75 -24.83 -17.49
CA VAL A 664 15.43 -24.48 -16.25
C VAL A 664 16.58 -25.47 -15.95
N SER A 665 16.90 -26.31 -16.94
CA SER A 665 17.96 -27.30 -16.78
C SER A 665 19.29 -26.65 -16.42
N GLU A 666 19.59 -25.56 -17.11
CA GLU A 666 20.82 -24.82 -16.87
C GLU A 666 20.87 -24.28 -15.45
N THR A 667 19.79 -23.60 -15.06
CA THR A 667 19.68 -23.01 -13.72
C THR A 667 19.86 -24.07 -12.63
N ILE A 668 19.18 -25.21 -12.79
CA ILE A 668 19.27 -26.30 -11.83
C ILE A 668 20.70 -26.83 -11.73
N ASN A 669 21.33 -27.01 -12.88
CA ASN A 669 22.70 -27.53 -12.92
C ASN A 669 23.69 -26.54 -12.33
N SER A 670 23.51 -25.26 -12.64
CA SER A 670 24.40 -24.21 -12.14
C SER A 670 24.38 -24.10 -10.62
N ILE A 671 23.18 -24.13 -10.04
CA ILE A 671 23.06 -24.04 -8.59
C ILE A 671 23.47 -25.35 -7.92
N ARG A 672 23.33 -26.45 -8.67
CA ARG A 672 23.70 -27.77 -8.17
C ARG A 672 25.17 -27.81 -7.79
N GLU A 673 25.99 -27.21 -8.65
CA GLU A 673 27.42 -27.15 -8.43
C GLU A 673 27.75 -26.41 -7.13
N ASP A 674 27.11 -25.26 -6.95
CA ASP A 674 27.34 -24.44 -5.76
C ASP A 674 26.88 -25.16 -4.50
N VAL A 675 25.67 -25.72 -4.54
CA VAL A 675 25.10 -26.44 -3.40
C VAL A 675 25.98 -27.60 -2.99
N PHE A 676 26.33 -28.45 -3.94
CA PHE A 676 27.16 -29.61 -3.66
C PHE A 676 28.52 -29.20 -3.10
N LYS A 677 29.11 -28.17 -3.69
CA LYS A 677 30.41 -27.68 -3.23
C LYS A 677 30.30 -27.15 -1.80
N ALA A 678 29.32 -26.30 -1.56
CA ALA A 678 29.10 -25.71 -0.23
C ALA A 678 28.86 -26.79 0.82
N THR A 679 28.08 -27.79 0.47
CA THR A 679 27.78 -28.88 1.39
C THR A 679 29.04 -29.69 1.69
N ILE A 680 29.86 -29.91 0.67
CA ILE A 680 31.10 -30.65 0.83
C ILE A 680 32.09 -29.85 1.68
N ASP A 681 32.17 -28.55 1.42
CA ASP A 681 33.09 -27.65 2.15
C ASP A 681 32.83 -27.68 3.66
N ALA A 682 31.62 -28.04 4.06
CA ALA A 682 31.26 -28.09 5.47
C ALA A 682 31.85 -29.31 6.17
N TYR A 683 32.05 -30.39 5.42
CA TYR A 683 32.59 -31.62 5.98
C TYR A 683 34.02 -31.85 5.53
N ILE A 684 34.37 -31.28 4.39
CA ILE A 684 35.69 -31.39 3.82
C ILE A 684 36.18 -30.01 3.38
N PRO A 685 37.02 -29.36 4.20
CA PRO A 685 37.55 -28.03 3.89
C PRO A 685 38.39 -28.05 2.61
N PRO A 686 38.26 -27.01 1.77
CA PRO A 686 39.00 -26.92 0.51
C PRO A 686 40.51 -27.05 0.69
N GLN A 687 41.06 -28.14 0.14
CA GLN A 687 42.48 -28.44 0.21
C GLN A 687 43.00 -28.51 1.64
N SER A 688 42.54 -29.53 2.36
CA SER A 688 42.95 -29.72 3.74
C SER A 688 43.48 -31.14 3.95
N LEU A 689 43.93 -31.45 5.15
CA LEU A 689 44.44 -32.77 5.46
C LEU A 689 43.29 -33.76 5.60
N GLU A 690 43.57 -35.04 5.37
CA GLU A 690 42.54 -36.08 5.46
C GLU A 690 41.93 -36.15 6.86
N GLU A 691 42.70 -35.73 7.86
CA GLU A 691 42.24 -35.72 9.24
C GLU A 691 41.11 -34.71 9.46
N MET A 692 40.93 -33.82 8.50
CA MET A 692 39.89 -32.80 8.59
C MET A 692 38.71 -33.13 7.68
N TRP A 693 38.75 -34.32 7.08
CA TRP A 693 37.68 -34.74 6.17
C TRP A 693 36.72 -35.69 6.86
N ASP A 694 35.53 -35.20 7.19
CA ASP A 694 34.51 -36.03 7.83
C ASP A 694 33.78 -36.83 6.76
N ILE A 695 34.43 -37.89 6.30
CA ILE A 695 33.86 -38.77 5.28
C ILE A 695 32.52 -39.36 5.73
N PRO A 696 32.43 -39.95 6.95
CA PRO A 696 31.17 -40.52 7.45
C PRO A 696 30.07 -39.47 7.53
N GLY A 697 30.43 -38.28 8.02
CA GLY A 697 29.47 -37.21 8.15
C GLY A 697 28.92 -36.76 6.81
N LEU A 698 29.81 -36.59 5.83
CA LEU A 698 29.40 -36.17 4.51
C LEU A 698 28.53 -37.23 3.85
N GLN A 699 28.90 -38.49 4.04
CA GLN A 699 28.14 -39.61 3.48
C GLN A 699 26.74 -39.64 4.07
N GLU A 700 26.65 -39.53 5.39
CA GLU A 700 25.36 -39.53 6.08
C GLU A 700 24.50 -38.38 5.59
N ARG A 701 25.13 -37.22 5.41
CA ARG A 701 24.42 -36.04 4.94
C ARG A 701 23.88 -36.26 3.53
N LEU A 702 24.71 -36.84 2.68
CA LEU A 702 24.33 -37.11 1.30
C LEU A 702 23.18 -38.11 1.22
N LYS A 703 23.25 -39.15 2.05
CA LYS A 703 22.22 -40.19 2.06
C LYS A 703 20.95 -39.72 2.78
N ASN A 704 21.01 -38.53 3.38
CA ASN A 704 19.85 -38.01 4.11
C ASN A 704 19.23 -36.79 3.43
N ASP A 705 20.03 -35.77 3.20
CA ASP A 705 19.55 -34.52 2.61
C ASP A 705 19.49 -34.58 1.09
N PHE A 706 20.20 -35.51 0.47
CA PHE A 706 20.20 -35.61 -0.98
C PHE A 706 19.76 -36.98 -1.47
N ASP A 707 19.63 -37.93 -0.55
CA ASP A 707 19.21 -39.29 -0.88
C ASP A 707 20.23 -39.96 -1.80
N LEU A 708 21.45 -39.45 -1.79
CA LEU A 708 22.51 -39.96 -2.64
C LEU A 708 23.40 -40.93 -1.86
N ASP A 709 23.30 -42.21 -2.19
CA ASP A 709 24.07 -43.23 -1.51
C ASP A 709 25.40 -43.47 -2.22
N LEU A 710 26.43 -42.77 -1.78
CA LEU A 710 27.75 -42.91 -2.38
C LEU A 710 28.80 -43.29 -1.32
N PRO A 711 29.49 -44.41 -1.53
CA PRO A 711 30.53 -44.88 -0.62
C PRO A 711 31.88 -44.19 -0.86
N ILE A 712 31.99 -42.96 -0.39
CA ILE A 712 33.21 -42.17 -0.55
C ILE A 712 34.40 -42.86 0.12
N ALA A 713 34.15 -43.48 1.27
CA ALA A 713 35.19 -44.16 2.02
C ALA A 713 35.60 -45.48 1.36
N GLU A 714 35.05 -45.74 0.19
CA GLU A 714 35.37 -46.97 -0.55
C GLU A 714 36.19 -46.64 -1.78
N TRP A 715 36.46 -45.35 -1.98
CA TRP A 715 37.23 -44.90 -3.14
C TRP A 715 38.56 -44.29 -2.72
N LEU A 716 38.52 -43.43 -1.70
CA LEU A 716 39.71 -42.72 -1.21
C LEU A 716 40.82 -43.66 -0.71
N ASP A 717 40.48 -44.92 -0.46
CA ASP A 717 41.45 -45.89 0.01
C ASP A 717 42.13 -46.61 -1.14
N LYS A 718 41.39 -46.80 -2.23
CA LYS A 718 41.91 -47.50 -3.40
C LYS A 718 42.50 -46.54 -4.42
N GLU A 719 42.07 -45.30 -4.39
CA GLU A 719 42.55 -44.28 -5.32
C GLU A 719 43.43 -43.27 -4.60
N PRO A 720 44.75 -43.48 -4.62
CA PRO A 720 45.72 -42.58 -3.97
C PRO A 720 45.86 -41.25 -4.71
N GLU A 721 45.40 -41.22 -5.95
CA GLU A 721 45.49 -40.01 -6.75
C GLU A 721 44.12 -39.36 -6.92
N LEU A 722 43.20 -39.68 -6.01
CA LEU A 722 41.87 -39.10 -6.07
C LEU A 722 41.93 -37.61 -5.74
N HIS A 723 42.94 -37.25 -4.93
CA HIS A 723 43.17 -35.86 -4.53
C HIS A 723 41.96 -35.34 -3.74
N GLU A 724 41.51 -34.13 -4.05
CA GLU A 724 40.38 -33.54 -3.34
C GLU A 724 39.33 -33.06 -4.33
N GLU A 725 39.75 -32.19 -5.25
CA GLU A 725 38.86 -31.62 -6.24
C GLU A 725 38.23 -32.68 -7.14
N THR A 726 39.02 -33.70 -7.50
CA THR A 726 38.53 -34.78 -8.35
C THR A 726 37.44 -35.58 -7.63
N LEU A 727 37.50 -35.60 -6.30
CA LEU A 727 36.52 -36.32 -5.51
C LEU A 727 35.18 -35.59 -5.61
N ARG A 728 35.24 -34.26 -5.58
CA ARG A 728 34.03 -33.44 -5.69
C ARG A 728 33.39 -33.65 -7.05
N GLU A 729 34.24 -33.71 -8.09
CA GLU A 729 33.78 -33.90 -9.46
C GLU A 729 33.02 -35.22 -9.59
N ARG A 730 33.53 -36.26 -8.94
CA ARG A 730 32.90 -37.58 -8.97
C ARG A 730 31.50 -37.53 -8.39
N ILE A 731 31.39 -36.95 -7.20
CA ILE A 731 30.10 -36.83 -6.52
C ILE A 731 29.12 -36.01 -7.36
N LEU A 732 29.61 -34.92 -7.93
CA LEU A 732 28.79 -34.05 -8.76
C LEU A 732 28.32 -34.79 -10.01
N ALA A 733 29.27 -35.39 -10.72
CA ALA A 733 28.96 -36.12 -11.95
C ALA A 733 27.98 -37.26 -11.69
N GLN A 734 28.17 -37.95 -10.57
CA GLN A 734 27.29 -39.06 -10.20
C GLN A 734 25.88 -38.57 -9.95
N SER A 735 25.74 -37.42 -9.30
CA SER A 735 24.43 -36.85 -9.01
C SER A 735 23.69 -36.53 -10.32
N ILE A 736 24.46 -36.13 -11.33
CA ILE A 736 23.89 -35.81 -12.63
C ILE A 736 23.42 -37.09 -13.31
N GLU A 737 24.25 -38.12 -13.22
CA GLU A 737 23.96 -39.42 -13.82
C GLU A 737 22.67 -40.01 -13.23
N VAL A 738 22.57 -40.02 -11.91
CA VAL A 738 21.39 -40.55 -11.24
C VAL A 738 20.16 -39.72 -11.58
N TYR A 739 20.37 -38.41 -11.71
CA TYR A 739 19.28 -37.49 -12.04
C TYR A 739 18.72 -37.81 -13.42
N GLN A 740 19.61 -38.08 -14.37
CA GLN A 740 19.21 -38.42 -15.74
C GLN A 740 18.32 -39.65 -15.75
N ARG A 741 18.63 -40.60 -14.88
CA ARG A 741 17.86 -41.83 -14.78
C ARG A 741 16.43 -41.52 -14.36
N LYS A 742 16.28 -40.68 -13.35
CA LYS A 742 14.96 -40.31 -12.85
C LYS A 742 14.20 -39.53 -13.92
N GLU A 743 14.94 -38.69 -14.64
CA GLU A 743 14.38 -37.87 -15.70
C GLU A 743 13.84 -38.74 -16.84
N GLU A 744 14.58 -39.77 -17.20
CA GLU A 744 14.17 -40.66 -18.27
C GLU A 744 12.89 -41.42 -17.94
N VAL A 745 12.66 -41.67 -16.65
CA VAL A 745 11.48 -42.40 -16.22
C VAL A 745 10.26 -41.49 -16.19
N VAL A 746 10.39 -40.32 -15.59
CA VAL A 746 9.29 -39.38 -15.48
C VAL A 746 9.01 -38.68 -16.81
N GLY A 747 10.05 -38.12 -17.41
CA GLY A 747 9.89 -37.42 -18.66
C GLY A 747 10.72 -36.16 -18.68
N ALA A 748 11.32 -35.86 -19.84
CA ALA A 748 12.15 -34.66 -19.98
C ALA A 748 11.35 -33.39 -19.72
N GLU A 749 10.34 -33.13 -20.56
CA GLU A 749 9.52 -31.94 -20.41
C GLU A 749 8.82 -31.93 -19.05
N MET A 750 8.40 -33.11 -18.61
CA MET A 750 7.74 -33.25 -17.32
C MET A 750 8.66 -32.82 -16.19
N MET A 751 9.91 -33.27 -16.25
CA MET A 751 10.90 -32.90 -15.24
C MET A 751 11.18 -31.42 -15.28
N ARG A 752 11.30 -30.87 -16.48
CA ARG A 752 11.55 -29.44 -16.65
C ARG A 752 10.45 -28.63 -15.99
N HIS A 753 9.22 -29.08 -16.17
CA HIS A 753 8.06 -28.42 -15.57
C HIS A 753 8.07 -28.63 -14.07
N PHE A 754 8.55 -29.80 -13.65
CA PHE A 754 8.64 -30.15 -12.25
C PHE A 754 9.64 -29.23 -11.55
N GLU A 755 10.85 -29.14 -12.11
CA GLU A 755 11.90 -28.30 -11.56
C GLU A 755 11.43 -26.84 -11.51
N LYS A 756 10.83 -26.40 -12.61
CA LYS A 756 10.31 -25.05 -12.72
C LYS A 756 9.31 -24.77 -11.59
N GLY A 757 8.39 -25.71 -11.38
CA GLY A 757 7.41 -25.55 -10.33
C GLY A 757 8.03 -25.66 -8.95
N VAL A 758 9.00 -26.55 -8.79
CA VAL A 758 9.68 -26.73 -7.52
C VAL A 758 10.41 -25.45 -7.12
N MET A 759 11.11 -24.84 -8.06
CA MET A 759 11.85 -23.62 -7.79
C MET A 759 10.90 -22.52 -7.31
N LEU A 760 9.78 -22.37 -8.01
CA LEU A 760 8.78 -21.37 -7.65
C LEU A 760 8.17 -21.68 -6.28
N GLN A 761 7.78 -22.93 -6.09
CA GLN A 761 7.18 -23.38 -4.83
C GLN A 761 8.14 -23.14 -3.66
N THR A 762 9.40 -23.51 -3.84
CA THR A 762 10.40 -23.33 -2.80
C THR A 762 10.62 -21.85 -2.52
N LEU A 763 10.60 -21.04 -3.58
CA LEU A 763 10.77 -19.60 -3.44
C LEU A 763 9.65 -19.02 -2.59
N ASP A 764 8.42 -19.37 -2.95
CA ASP A 764 7.24 -18.89 -2.22
C ASP A 764 7.23 -19.40 -0.78
N SER A 765 7.83 -20.57 -0.59
CA SER A 765 7.91 -21.16 0.74
C SER A 765 8.83 -20.35 1.65
N LEU A 766 9.97 -19.94 1.12
CA LEU A 766 10.93 -19.16 1.90
C LEU A 766 10.54 -17.68 1.92
N TRP A 767 9.82 -17.24 0.89
CA TRP A 767 9.40 -15.85 0.79
C TRP A 767 8.46 -15.48 1.94
N LYS A 768 7.44 -16.30 2.17
CA LYS A 768 6.49 -16.04 3.24
C LYS A 768 7.19 -15.99 4.59
N GLU A 769 8.17 -16.88 4.78
CA GLU A 769 8.92 -16.92 6.02
C GLU A 769 9.80 -15.67 6.15
N HIS A 770 10.38 -15.27 5.03
CA HIS A 770 11.23 -14.09 4.99
C HIS A 770 10.43 -12.84 5.36
N LEU A 771 9.18 -12.80 4.91
CA LEU A 771 8.30 -11.67 5.21
C LEU A 771 8.00 -11.60 6.70
N ALA A 772 7.66 -12.75 7.28
CA ALA A 772 7.35 -12.83 8.70
C ALA A 772 8.58 -12.50 9.54
N ALA A 773 9.71 -13.08 9.16
CA ALA A 773 10.97 -12.84 9.87
C ALA A 773 11.35 -11.37 9.84
N MET A 774 11.18 -10.75 8.68
CA MET A 774 11.50 -9.33 8.51
C MET A 774 10.64 -8.47 9.42
N ASP A 775 9.36 -8.79 9.49
CA ASP A 775 8.42 -8.04 10.32
C ASP A 775 8.73 -8.23 11.80
N TYR A 776 9.12 -9.44 12.16
CA TYR A 776 9.46 -9.74 13.55
C TYR A 776 10.75 -9.03 13.96
N LEU A 777 11.66 -8.89 13.00
CA LEU A 777 12.92 -8.21 13.24
C LEU A 777 12.70 -6.70 13.31
N ARG A 778 11.79 -6.21 12.47
CA ARG A 778 11.46 -4.81 12.40
C ARG A 778 10.91 -4.31 13.74
N GLN A 779 9.92 -5.02 14.28
CA GLN A 779 9.31 -4.64 15.54
C GLN A 779 10.27 -4.87 16.71
N GLY A 780 11.32 -5.67 16.45
CA GLY A 780 12.30 -5.96 17.48
C GLY A 780 13.52 -5.07 17.36
N ILE A 781 13.43 -4.05 16.53
CA ILE A 781 14.53 -3.10 16.32
C ILE A 781 14.89 -2.38 17.62
N HIS A 782 13.96 -2.38 18.56
CA HIS A 782 14.16 -1.72 19.86
C HIS A 782 15.28 -2.40 20.66
N LEU A 783 15.51 -3.68 20.39
CA LEU A 783 16.54 -4.43 21.08
C LEU A 783 17.81 -4.51 20.24
N ARG A 784 17.66 -4.22 18.95
CA ARG A 784 18.78 -4.27 18.02
C ARG A 784 19.58 -2.97 18.09
N GLY A 785 18.88 -1.84 18.09
CA GLY A 785 19.54 -0.56 18.16
C GLY A 785 20.08 -0.25 19.53
N TYR A 786 21.39 -0.31 19.68
CA TYR A 786 22.03 -0.04 20.97
C TYR A 786 22.60 1.38 21.00
N ALA A 787 23.15 1.76 22.16
CA ALA A 787 23.72 3.08 22.35
C ALA A 787 24.90 3.31 21.42
N GLN A 788 25.11 4.57 21.04
CA GLN A 788 26.20 4.96 20.16
C GLN A 788 26.04 4.35 18.77
N LYS A 789 24.80 4.04 18.40
CA LYS A 789 24.53 3.46 17.09
C LYS A 789 23.17 3.92 16.58
N ASP A 790 23.04 3.95 15.26
CA ASP A 790 21.79 4.37 14.63
C ASP A 790 20.98 3.16 14.19
N PRO A 791 19.67 3.15 14.47
CA PRO A 791 18.78 2.05 14.08
C PRO A 791 18.75 1.84 12.56
N LYS A 792 18.98 2.92 11.82
CA LYS A 792 18.99 2.86 10.37
C LYS A 792 20.34 2.34 9.90
N GLN A 793 20.35 1.75 8.71
CA GLN A 793 21.56 1.19 8.11
C GLN A 793 21.97 -0.12 8.81
N GLU A 794 22.02 -0.09 10.14
CA GLU A 794 22.38 -1.27 10.91
C GLU A 794 21.30 -2.35 10.74
N TYR A 795 20.04 -1.95 10.88
CA TYR A 795 18.92 -2.86 10.71
C TYR A 795 18.91 -3.42 9.29
N LYS A 796 19.31 -2.58 8.34
CA LYS A 796 19.35 -2.98 6.94
C LYS A 796 20.37 -4.11 6.75
N ARG A 797 21.46 -4.04 7.51
CA ARG A 797 22.50 -5.07 7.46
C ARG A 797 21.89 -6.43 7.80
N GLU A 798 21.07 -6.43 8.83
CA GLU A 798 20.39 -7.65 9.28
C GLU A 798 19.48 -8.17 8.19
N SER A 799 18.73 -7.26 7.58
CA SER A 799 17.80 -7.61 6.51
C SER A 799 18.54 -8.22 5.32
N PHE A 800 19.71 -7.67 5.00
CA PHE A 800 20.52 -8.17 3.90
C PHE A 800 21.14 -9.51 4.24
N SER A 801 21.57 -9.66 5.50
CA SER A 801 22.17 -10.91 5.95
C SER A 801 21.15 -12.04 5.86
N MET A 802 19.91 -11.73 6.22
CA MET A 802 18.82 -12.70 6.16
C MET A 802 18.53 -13.09 4.71
N PHE A 803 18.63 -12.11 3.82
CA PHE A 803 18.39 -12.33 2.41
C PHE A 803 19.44 -13.26 1.82
N ALA A 804 20.69 -13.05 2.21
CA ALA A 804 21.79 -13.88 1.75
C ALA A 804 21.59 -15.33 2.16
N ALA A 805 21.22 -15.52 3.42
CA ALA A 805 20.98 -16.86 3.96
C ALA A 805 19.82 -17.52 3.22
N MET A 806 18.82 -16.71 2.89
CA MET A 806 17.65 -17.19 2.18
C MET A 806 18.03 -17.71 0.79
N LEU A 807 18.90 -16.96 0.10
CA LEU A 807 19.35 -17.34 -1.23
C LEU A 807 20.10 -18.67 -1.19
N GLU A 808 20.94 -18.84 -0.17
CA GLU A 808 21.71 -20.06 0.00
C GLU A 808 20.77 -21.24 0.26
N SER A 809 19.81 -21.03 1.15
CA SER A 809 18.84 -22.07 1.49
C SER A 809 17.97 -22.41 0.28
N LEU A 810 17.65 -21.41 -0.52
CA LEU A 810 16.82 -21.60 -1.71
C LEU A 810 17.44 -22.66 -2.62
N LYS A 811 18.72 -22.50 -2.93
CA LYS A 811 19.41 -23.44 -3.79
C LYS A 811 19.46 -24.82 -3.14
N TYR A 812 19.71 -24.82 -1.84
CA TYR A 812 19.82 -26.06 -1.05
C TYR A 812 18.52 -26.86 -1.12
N GLU A 813 17.42 -26.24 -0.71
CA GLU A 813 16.11 -26.89 -0.70
C GLU A 813 15.69 -27.37 -2.10
N VAL A 814 15.91 -26.53 -3.11
CA VAL A 814 15.54 -26.89 -4.48
C VAL A 814 16.26 -28.16 -4.91
N ILE A 815 17.58 -28.19 -4.75
CA ILE A 815 18.36 -29.35 -5.14
C ILE A 815 17.98 -30.56 -4.29
N SER A 816 17.78 -30.34 -3.00
CA SER A 816 17.40 -31.41 -2.08
C SER A 816 16.12 -32.10 -2.55
N THR A 817 15.11 -31.32 -2.86
CA THR A 817 13.83 -31.85 -3.30
C THR A 817 13.96 -32.61 -4.62
N LEU A 818 14.80 -32.11 -5.52
CA LEU A 818 15.01 -32.74 -6.82
C LEU A 818 15.87 -33.99 -6.71
N SER A 819 16.57 -34.13 -5.60
CA SER A 819 17.42 -35.29 -5.38
C SER A 819 16.68 -36.35 -4.57
N LYS A 820 15.96 -35.90 -3.54
CA LYS A 820 15.21 -36.79 -2.66
C LYS A 820 13.91 -37.29 -3.29
N VAL A 821 13.61 -36.85 -4.51
CA VAL A 821 12.41 -37.29 -5.19
C VAL A 821 12.47 -38.79 -5.46
N GLN A 822 11.53 -39.53 -4.88
CA GLN A 822 11.48 -40.97 -5.03
C GLN A 822 10.85 -41.36 -6.36
N VAL A 823 11.68 -41.81 -7.28
CA VAL A 823 11.23 -42.23 -8.59
C VAL A 823 11.60 -43.70 -8.80
N ARG A 824 10.69 -44.47 -9.37
CA ARG A 824 10.93 -45.88 -9.62
C ARG A 824 12.07 -46.06 -10.62
N MET A 825 12.99 -46.97 -10.30
CA MET A 825 14.12 -47.22 -11.16
C MET A 825 13.82 -48.37 -12.11
N PRO A 826 14.20 -48.23 -13.39
CA PRO A 826 13.96 -49.26 -14.40
C PRO A 826 14.97 -50.40 -14.32
N GLU A 827 15.06 -51.16 -15.40
CA GLU A 827 15.97 -52.30 -15.46
C GLU A 827 17.42 -51.81 -15.58
N GLU A 828 18.17 -51.92 -14.50
CA GLU A 828 19.56 -51.51 -14.48
C GLU A 828 20.42 -52.54 -15.19
N MET B 1 40.44 -35.86 12.96
CA MET B 1 40.69 -34.67 13.80
C MET B 1 39.45 -33.78 13.84
N MET B 2 38.93 -33.44 12.67
CA MET B 2 37.74 -32.60 12.59
C MET B 2 36.56 -33.38 12.05
N ILE B 3 35.58 -33.65 12.92
CA ILE B 3 34.39 -34.38 12.52
C ILE B 3 33.15 -33.71 13.12
N THR B 4 32.00 -33.98 12.53
CA THR B 4 30.75 -33.41 13.02
C THR B 4 30.08 -34.38 13.99
N LEU B 5 29.28 -33.84 14.89
CA LEU B 5 28.58 -34.66 15.86
C LEU B 5 27.57 -35.55 15.16
N ARG B 6 27.57 -36.83 15.48
CA ARG B 6 26.66 -37.77 14.87
C ARG B 6 25.42 -37.94 15.75
N LYS B 7 24.45 -37.06 15.55
CA LYS B 7 23.22 -37.10 16.31
C LYS B 7 22.23 -38.07 15.67
N ARG B 8 21.32 -38.58 16.49
CA ARG B 8 20.30 -39.50 16.00
C ARG B 8 19.18 -38.70 15.35
N ARG B 9 19.05 -37.45 15.79
CA ARG B 9 18.06 -36.54 15.25
C ARG B 9 18.72 -35.70 14.17
N LYS B 10 18.20 -35.78 12.95
CA LYS B 10 18.75 -35.03 11.83
C LYS B 10 17.64 -34.54 10.91
N LEU B 11 17.40 -33.23 10.93
CA LEU B 11 16.37 -32.64 10.08
C LEU B 11 16.51 -31.12 10.06
N PRO B 12 17.58 -30.61 9.40
CA PRO B 12 17.82 -29.17 9.30
C PRO B 12 16.82 -28.49 8.37
N LEU B 13 16.31 -29.26 7.42
CA LEU B 13 15.36 -28.75 6.43
C LEU B 13 13.96 -28.64 7.03
N ALA B 14 13.82 -28.98 8.31
CA ALA B 14 12.53 -28.94 9.00
C ALA B 14 11.86 -27.57 8.87
N VAL B 15 12.66 -26.51 8.89
CA VAL B 15 12.13 -25.15 8.78
C VAL B 15 11.48 -24.93 7.42
N ALA B 16 12.27 -25.07 6.37
CA ALA B 16 11.80 -24.86 5.01
C ALA B 16 10.64 -25.80 4.66
N VAL B 17 10.75 -27.06 5.06
CA VAL B 17 9.69 -28.04 4.80
C VAL B 17 8.38 -27.63 5.48
N ALA B 18 8.48 -27.16 6.72
CA ALA B 18 7.32 -26.73 7.48
C ALA B 18 6.68 -25.49 6.86
N ALA B 19 7.52 -24.56 6.41
CA ALA B 19 7.03 -23.33 5.78
C ALA B 19 6.58 -23.60 4.34
N GLY B 20 6.96 -24.76 3.83
CA GLY B 20 6.61 -25.15 2.48
C GLY B 20 5.28 -25.87 2.40
N VAL B 21 4.70 -26.17 3.56
CA VAL B 21 3.42 -26.87 3.61
C VAL B 21 2.35 -26.03 2.91
N MET B 22 2.40 -24.72 3.10
CA MET B 22 1.46 -23.81 2.48
C MET B 22 1.84 -23.59 1.02
N SER B 23 1.51 -24.57 0.19
CA SER B 23 1.79 -24.54 -1.23
C SER B 23 0.67 -25.26 -1.98
N ALA B 24 0.91 -25.59 -3.25
CA ALA B 24 -0.08 -26.29 -4.07
C ALA B 24 -0.38 -27.66 -3.47
N GLN B 25 -1.65 -27.90 -3.20
CA GLN B 25 -2.08 -29.16 -2.61
C GLN B 25 -2.44 -30.16 -3.71
N ALA B 26 -1.55 -31.12 -3.95
CA ALA B 26 -1.78 -32.14 -4.97
C ALA B 26 -2.79 -33.18 -4.47
N MET B 27 -4.05 -32.87 -4.65
CA MET B 27 -5.14 -33.75 -4.23
C MET B 27 -5.35 -34.86 -5.23
N ALA B 28 -5.07 -36.10 -4.81
CA ALA B 28 -5.25 -37.25 -5.67
C ALA B 28 -6.48 -38.03 -5.25
N VAL A 1 10.15 17.14 -19.89
CA VAL A 1 10.77 18.35 -20.46
C VAL A 1 11.61 19.08 -19.42
N PHE A 2 12.82 19.47 -19.80
CA PHE A 2 13.73 20.17 -18.90
C PHE A 2 13.32 21.62 -18.74
N GLY A 3 13.61 22.19 -17.57
CA GLY A 3 13.29 23.56 -17.31
C GLY A 3 12.84 23.76 -15.87
N SER A 4 12.81 25.02 -15.43
CA SER A 4 12.41 25.36 -14.08
C SER A 4 11.00 24.84 -13.79
N ARG A 5 10.83 24.21 -12.64
CA ARG A 5 9.55 23.64 -12.24
C ARG A 5 8.45 24.71 -12.19
N ASN A 6 7.28 24.34 -12.71
CA ASN A 6 6.10 25.21 -12.75
C ASN A 6 6.28 26.40 -13.69
N ASP A 7 6.92 27.45 -13.21
CA ASP A 7 7.13 28.70 -13.97
C ASP A 7 7.50 28.50 -15.44
N ARG A 8 8.68 27.96 -15.69
CA ARG A 8 9.17 27.76 -17.06
C ARG A 8 8.33 26.75 -17.83
N THR A 9 7.96 25.65 -17.18
CA THR A 9 7.18 24.62 -17.83
C THR A 9 5.81 25.14 -18.30
N LEU A 10 5.19 26.00 -17.49
CA LEU A 10 3.87 26.55 -17.80
C LEU A 10 3.89 27.36 -19.09
N ARG A 11 4.79 28.34 -19.18
CA ARG A 11 4.86 29.19 -20.38
C ARG A 11 5.32 28.37 -21.58
N ARG A 12 6.03 27.27 -21.34
CA ARG A 12 6.50 26.41 -22.41
C ARG A 12 5.32 25.59 -22.94
N MET A 13 4.50 25.09 -22.02
CA MET A 13 3.33 24.30 -22.38
C MET A 13 2.30 25.20 -23.06
N ARG A 14 2.28 26.46 -22.64
CA ARG A 14 1.38 27.45 -23.20
C ARG A 14 1.58 27.58 -24.71
N LYS A 15 2.82 27.40 -25.15
CA LYS A 15 3.16 27.47 -26.57
C LYS A 15 2.43 26.37 -27.34
N VAL A 16 2.44 25.18 -26.76
CA VAL A 16 1.78 24.02 -27.35
C VAL A 16 0.27 24.25 -27.38
N VAL A 17 -0.25 24.78 -26.29
CA VAL A 17 -1.67 25.07 -26.17
C VAL A 17 -2.09 26.07 -27.26
N ASN A 18 -1.21 27.02 -27.55
CA ASN A 18 -1.48 28.02 -28.58
C ASN A 18 -1.60 27.33 -29.94
N ILE A 19 -0.71 26.38 -30.19
CA ILE A 19 -0.71 25.62 -31.43
C ILE A 19 -2.01 24.83 -31.55
N ILE A 20 -2.40 24.18 -30.46
CA ILE A 20 -3.64 23.40 -30.42
C ILE A 20 -4.84 24.30 -30.72
N ASN A 21 -4.81 25.51 -30.16
CA ASN A 21 -5.88 26.48 -30.37
C ASN A 21 -5.98 26.88 -31.83
N ALA A 22 -4.83 26.92 -32.49
CA ALA A 22 -4.78 27.29 -33.91
C ALA A 22 -5.11 26.11 -34.81
N MET A 23 -4.86 24.90 -34.33
CA MET A 23 -5.12 23.70 -35.10
C MET A 23 -6.59 23.29 -34.96
N GLU A 24 -7.27 23.83 -33.95
CA GLU A 24 -8.68 23.52 -33.71
C GLU A 24 -9.56 23.90 -34.91
N PRO A 25 -9.47 25.15 -35.44
CA PRO A 25 -10.27 25.56 -36.60
C PRO A 25 -10.05 24.64 -37.80
N GLU A 26 -8.85 24.06 -37.86
CA GLU A 26 -8.51 23.15 -38.94
C GLU A 26 -9.22 21.82 -38.76
N MET A 27 -9.27 21.35 -37.52
CA MET A 27 -9.93 20.09 -37.20
C MET A 27 -11.43 20.21 -37.42
N GLU A 28 -11.96 21.43 -37.29
CA GLU A 28 -13.38 21.68 -37.50
C GLU A 28 -13.79 21.35 -38.94
N LYS A 29 -12.82 21.39 -39.85
CA LYS A 29 -13.07 21.10 -41.26
C LYS A 29 -13.00 19.60 -41.52
N LEU A 30 -12.45 18.87 -40.56
CA LEU A 30 -12.30 17.44 -40.68
C LEU A 30 -13.56 16.73 -40.17
N SER A 31 -13.96 15.68 -40.86
CA SER A 31 -15.14 14.93 -40.47
C SER A 31 -14.83 14.04 -39.27
N ASP A 32 -15.87 13.43 -38.72
CA ASP A 32 -15.73 12.56 -37.56
C ASP A 32 -14.81 11.38 -37.89
N GLU A 33 -14.92 10.86 -39.11
CA GLU A 33 -14.08 9.74 -39.53
C GLU A 33 -12.64 10.19 -39.71
N GLU A 34 -12.45 11.44 -40.12
CA GLU A 34 -11.12 11.99 -40.32
C GLU A 34 -10.38 12.10 -38.99
N LEU A 35 -11.14 12.41 -37.93
CA LEU A 35 -10.55 12.51 -36.60
C LEU A 35 -10.01 11.15 -36.20
N LYS A 36 -10.80 10.11 -36.45
CA LYS A 36 -10.41 8.74 -36.16
C LYS A 36 -9.19 8.35 -36.99
N GLY A 37 -9.07 8.98 -38.15
CA GLY A 37 -7.95 8.72 -39.03
C GLY A 37 -6.66 9.26 -38.46
N LYS A 38 -6.75 10.38 -37.75
CA LYS A 38 -5.57 10.98 -37.13
C LYS A 38 -5.08 10.10 -36.00
N THR A 39 -6.01 9.53 -35.24
CA THR A 39 -5.67 8.65 -34.14
C THR A 39 -4.88 7.45 -34.66
N ALA A 40 -5.37 6.89 -35.77
CA ALA A 40 -4.72 5.75 -36.40
C ALA A 40 -3.35 6.16 -36.94
N GLU A 41 -3.28 7.38 -37.47
CA GLU A 41 -2.04 7.93 -38.00
C GLU A 41 -0.98 8.01 -36.91
N PHE A 42 -1.39 8.40 -35.71
CA PHE A 42 -0.48 8.51 -34.58
C PHE A 42 0.12 7.15 -34.25
N ARG A 43 -0.74 6.13 -34.25
CA ARG A 43 -0.31 4.77 -33.95
C ARG A 43 0.77 4.32 -34.92
N ALA A 44 0.52 4.58 -36.21
CA ALA A 44 1.47 4.21 -37.25
C ALA A 44 2.73 5.05 -37.18
N ARG A 45 2.56 6.35 -37.00
CA ARG A 45 3.69 7.28 -36.91
C ARG A 45 4.66 6.91 -35.80
N LEU A 46 4.12 6.49 -34.66
CA LEU A 46 4.94 6.11 -33.51
C LEU A 46 5.81 4.90 -33.87
N GLU A 47 5.23 3.97 -34.61
CA GLU A 47 5.95 2.76 -35.02
C GLU A 47 7.01 3.08 -36.07
N LYS A 48 6.81 4.17 -36.80
CA LYS A 48 7.76 4.58 -37.83
C LYS A 48 8.92 5.35 -37.20
N GLY A 49 8.61 6.54 -36.69
CA GLY A 49 9.63 7.37 -36.08
C GLY A 49 9.06 8.70 -35.60
N GLU A 50 8.20 8.62 -34.59
CA GLU A 50 7.59 9.82 -34.04
C GLU A 50 7.66 9.78 -32.51
N VAL A 51 7.71 10.95 -31.91
CA VAL A 51 7.79 11.07 -30.47
C VAL A 51 6.41 11.40 -29.90
N LEU A 52 6.02 10.70 -28.85
CA LEU A 52 4.72 10.92 -28.23
C LEU A 52 4.60 12.35 -27.71
N GLU A 53 5.68 12.84 -27.12
CA GLU A 53 5.74 14.20 -26.59
C GLU A 53 5.69 15.24 -27.71
N ASN A 54 5.80 14.77 -28.95
CA ASN A 54 5.75 15.65 -30.11
C ASN A 54 4.37 15.61 -30.75
N LEU A 55 3.59 14.61 -30.37
CA LEU A 55 2.24 14.44 -30.89
C LEU A 55 1.21 15.20 -30.06
N ILE A 56 1.65 15.78 -28.96
CA ILE A 56 0.77 16.53 -28.05
C ILE A 56 -0.12 17.55 -28.78
N PRO A 57 0.45 18.44 -29.64
CA PRO A 57 -0.35 19.46 -30.36
C PRO A 57 -1.47 18.85 -31.20
N GLU A 58 -1.11 17.83 -31.99
CA GLU A 58 -2.07 17.18 -32.87
C GLU A 58 -3.09 16.33 -32.08
N ALA A 59 -2.59 15.59 -31.10
CA ALA A 59 -3.44 14.74 -30.28
C ALA A 59 -4.49 15.53 -29.51
N PHE A 60 -4.06 16.56 -28.80
CA PHE A 60 -4.96 17.38 -28.00
C PHE A 60 -6.00 18.07 -28.88
N ALA A 61 -5.60 18.44 -30.10
CA ALA A 61 -6.50 19.10 -31.04
C ALA A 61 -7.64 18.17 -31.42
N VAL A 62 -7.31 16.92 -31.70
CA VAL A 62 -8.31 15.92 -32.07
C VAL A 62 -9.30 15.72 -30.93
N VAL A 63 -8.77 15.59 -29.71
CA VAL A 63 -9.61 15.39 -28.54
C VAL A 63 -10.55 16.58 -28.34
N ARG A 64 -10.00 17.79 -28.45
CA ARG A 64 -10.79 19.01 -28.29
C ARG A 64 -11.92 19.07 -29.30
N GLU A 65 -11.60 18.71 -30.54
CA GLU A 65 -12.58 18.71 -31.62
C GLU A 65 -13.67 17.68 -31.36
N ALA A 66 -13.26 16.47 -31.00
CA ALA A 66 -14.20 15.39 -30.72
C ALA A 66 -15.08 15.70 -29.51
N SER A 67 -14.53 16.46 -28.56
CA SER A 67 -15.27 16.84 -27.35
C SER A 67 -16.55 17.59 -27.71
N LYS A 68 -16.46 18.49 -28.68
CA LYS A 68 -17.59 19.31 -29.08
C LYS A 68 -18.66 18.49 -29.82
N ARG A 69 -18.27 17.35 -30.36
CA ARG A 69 -19.21 16.52 -31.10
C ARG A 69 -19.80 15.42 -30.23
N VAL A 70 -18.95 14.76 -29.44
CA VAL A 70 -19.39 13.68 -28.57
C VAL A 70 -20.16 14.21 -27.35
N PHE A 71 -19.55 15.13 -26.63
CA PHE A 71 -20.19 15.69 -25.44
C PHE A 71 -20.85 17.03 -25.74
N GLY A 72 -20.12 17.90 -26.41
CA GLY A 72 -20.63 19.20 -26.73
C GLY A 72 -19.78 20.29 -26.12
N MET A 73 -19.26 20.01 -24.94
CA MET A 73 -18.41 20.95 -24.24
C MET A 73 -17.01 20.95 -24.84
N ARG A 74 -16.43 22.13 -24.96
CA ARG A 74 -15.09 22.25 -25.53
C ARG A 74 -14.03 22.18 -24.44
N HIS A 75 -12.95 21.47 -24.73
CA HIS A 75 -11.86 21.32 -23.78
C HIS A 75 -11.24 22.68 -23.47
N PHE A 76 -11.37 23.11 -22.22
CA PHE A 76 -10.85 24.41 -21.78
C PHE A 76 -9.34 24.51 -21.97
N ASP A 77 -8.87 25.74 -22.16
CA ASP A 77 -7.44 26.01 -22.35
C ASP A 77 -6.61 25.57 -21.14
N VAL A 78 -7.12 25.83 -19.94
CA VAL A 78 -6.43 25.45 -18.72
C VAL A 78 -6.29 23.94 -18.61
N GLN A 79 -7.28 23.23 -19.15
CA GLN A 79 -7.27 21.77 -19.11
C GLN A 79 -6.19 21.23 -20.03
N LEU A 80 -5.91 21.95 -21.11
CA LEU A 80 -4.89 21.56 -22.05
C LEU A 80 -3.52 21.59 -21.38
N LEU A 81 -3.37 22.51 -20.43
CA LEU A 81 -2.13 22.64 -19.68
C LEU A 81 -2.02 21.49 -18.69
N GLY A 82 -3.10 21.27 -17.94
CA GLY A 82 -3.11 20.20 -16.97
C GLY A 82 -2.94 18.83 -17.60
N GLY A 83 -3.59 18.63 -18.74
CA GLY A 83 -3.50 17.38 -19.45
C GLY A 83 -2.09 17.10 -19.94
N MET A 84 -1.35 18.17 -20.20
CA MET A 84 0.01 18.05 -20.68
C MET A 84 0.93 17.64 -19.53
N VAL A 85 0.64 18.17 -18.34
CA VAL A 85 1.41 17.84 -17.15
C VAL A 85 1.20 16.39 -16.77
N LEU A 86 -0.01 15.90 -17.03
CA LEU A 86 -0.37 14.52 -16.70
C LEU A 86 0.26 13.52 -17.68
N ASN A 87 0.98 14.01 -18.68
CA ASN A 87 1.64 13.13 -19.63
C ASN A 87 2.96 12.64 -19.05
N GLU A 88 3.61 13.53 -18.31
CA GLU A 88 4.89 13.22 -17.70
C GLU A 88 4.68 12.77 -16.26
N ARG A 89 5.77 12.42 -15.60
CA ARG A 89 5.72 11.97 -14.21
C ARG A 89 5.60 13.16 -13.27
N CYS A 90 4.43 13.79 -13.26
CA CYS A 90 4.20 14.95 -12.42
C CYS A 90 2.76 14.98 -11.88
N ILE A 91 2.58 15.62 -10.75
CA ILE A 91 1.27 15.75 -10.12
C ILE A 91 0.72 17.15 -10.38
N ALA A 92 -0.55 17.24 -10.73
CA ALA A 92 -1.16 18.52 -11.01
C ALA A 92 -2.27 18.85 -10.02
N GLU A 93 -2.18 20.02 -9.40
CA GLU A 93 -3.18 20.48 -8.45
C GLU A 93 -4.30 21.19 -9.21
N MET A 94 -5.51 20.69 -9.08
CA MET A 94 -6.65 21.28 -9.79
C MET A 94 -7.63 21.93 -8.81
N ARG A 95 -8.44 22.84 -9.33
CA ARG A 95 -9.44 23.52 -8.53
C ARG A 95 -10.79 22.82 -8.65
N THR A 96 -11.66 23.02 -7.67
CA THR A 96 -12.97 22.41 -7.69
C THR A 96 -13.89 23.14 -8.67
N GLY A 97 -14.18 22.49 -9.79
CA GLY A 97 -15.04 23.11 -10.79
C GLY A 97 -14.48 23.00 -12.19
N GLU A 98 -13.16 22.96 -12.31
CA GLU A 98 -12.51 22.87 -13.61
C GLU A 98 -12.94 21.60 -14.35
N GLY A 99 -12.84 20.47 -13.67
CA GLY A 99 -13.24 19.21 -14.26
C GLY A 99 -12.07 18.26 -14.45
N LYS A 100 -11.92 17.32 -13.53
CA LYS A 100 -10.83 16.36 -13.59
C LYS A 100 -11.03 15.37 -14.75
N THR A 101 -12.25 14.87 -14.90
CA THR A 101 -12.57 13.92 -15.96
C THR A 101 -12.37 14.57 -17.33
N LEU A 102 -12.64 15.86 -17.41
CA LEU A 102 -12.50 16.60 -18.66
C LEU A 102 -11.05 17.00 -18.90
N THR A 103 -10.17 16.67 -17.96
CA THR A 103 -8.77 16.99 -18.11
C THR A 103 -7.95 15.72 -18.31
N ALA A 104 -8.27 14.69 -17.54
CA ALA A 104 -7.57 13.41 -17.61
C ALA A 104 -7.79 12.71 -18.95
N THR A 105 -8.75 13.19 -19.72
CA THR A 105 -9.08 12.60 -21.01
C THR A 105 -7.96 12.87 -22.04
N LEU A 106 -7.20 13.94 -21.82
CA LEU A 106 -6.13 14.30 -22.75
C LEU A 106 -4.91 13.37 -22.62
N PRO A 107 -4.31 13.22 -21.42
CA PRO A 107 -3.14 12.35 -21.22
C PRO A 107 -3.46 10.90 -21.52
N ALA A 108 -4.70 10.51 -21.24
CA ALA A 108 -5.15 9.14 -21.47
C ALA A 108 -5.12 8.83 -22.97
N TYR A 109 -5.68 9.73 -23.77
CA TYR A 109 -5.71 9.55 -25.22
C TYR A 109 -4.29 9.54 -25.78
N LEU A 110 -3.49 10.50 -25.35
CA LEU A 110 -2.11 10.63 -25.81
C LEU A 110 -1.29 9.37 -25.51
N ASN A 111 -1.33 8.92 -24.26
CA ASN A 111 -0.57 7.74 -23.87
C ASN A 111 -1.18 6.45 -24.43
N ALA A 112 -2.46 6.50 -24.78
CA ALA A 112 -3.13 5.33 -25.34
C ALA A 112 -2.62 5.04 -26.75
N LEU A 113 -2.14 6.08 -27.43
CA LEU A 113 -1.62 5.94 -28.78
C LEU A 113 -0.47 4.95 -28.84
N THR A 114 0.30 4.88 -27.76
CA THR A 114 1.45 3.97 -27.68
C THR A 114 1.00 2.52 -27.75
N GLY A 115 -0.15 2.23 -27.15
CA GLY A 115 -0.66 0.88 -27.15
C GLY A 115 -0.09 0.05 -26.01
N LYS A 116 0.45 0.72 -25.00
CA LYS A 116 1.03 0.02 -23.85
C LYS A 116 -0.03 -0.27 -22.79
N GLY A 117 -1.07 0.54 -22.77
CA GLY A 117 -2.14 0.35 -21.81
C GLY A 117 -2.17 1.42 -20.73
N VAL A 118 -3.13 2.32 -20.82
CA VAL A 118 -3.29 3.39 -19.85
C VAL A 118 -3.98 2.85 -18.61
N HIS A 119 -3.28 2.86 -17.48
CA HIS A 119 -3.84 2.36 -16.23
C HIS A 119 -4.46 3.49 -15.43
N VAL A 120 -5.77 3.62 -15.53
CA VAL A 120 -6.50 4.66 -14.81
C VAL A 120 -6.97 4.13 -13.46
N VAL A 121 -6.50 4.75 -12.40
CA VAL A 121 -6.84 4.35 -11.05
C VAL A 121 -7.85 5.33 -10.43
N THR A 122 -9.01 4.81 -10.07
CA THR A 122 -10.05 5.64 -9.46
C THR A 122 -10.18 5.34 -7.97
N VAL A 123 -10.70 6.31 -7.22
CA VAL A 123 -10.88 6.15 -5.77
C VAL A 123 -11.90 5.06 -5.43
N ASN A 124 -12.94 4.95 -6.24
CA ASN A 124 -13.96 3.94 -6.02
C ASN A 124 -14.41 3.32 -7.33
N ASP A 125 -15.06 2.16 -7.24
CA ASP A 125 -15.52 1.42 -8.41
C ASP A 125 -16.67 2.15 -9.10
N TYR A 126 -17.38 2.97 -8.35
CA TYR A 126 -18.51 3.72 -8.89
C TYR A 126 -18.04 4.68 -9.98
N LEU A 127 -17.09 5.53 -9.64
CA LEU A 127 -16.56 6.50 -10.59
C LEU A 127 -15.77 5.80 -11.70
N ALA A 128 -15.11 4.70 -11.34
CA ALA A 128 -14.32 3.93 -12.29
C ALA A 128 -15.17 3.51 -13.49
N GLN A 129 -16.32 2.91 -13.22
CA GLN A 129 -17.21 2.47 -14.27
C GLN A 129 -17.90 3.67 -14.94
N ARG A 130 -18.19 4.68 -14.14
CA ARG A 130 -18.85 5.88 -14.64
C ARG A 130 -18.00 6.54 -15.72
N ASP A 131 -16.76 6.88 -15.37
CA ASP A 131 -15.85 7.53 -16.31
C ASP A 131 -15.50 6.60 -17.46
N ALA A 132 -15.44 5.30 -17.18
CA ALA A 132 -15.13 4.31 -18.21
C ALA A 132 -16.17 4.33 -19.32
N GLU A 133 -17.44 4.29 -18.93
CA GLU A 133 -18.53 4.27 -19.90
C GLU A 133 -18.79 5.67 -20.45
N ASN A 134 -18.50 6.69 -19.65
CA ASN A 134 -18.72 8.07 -20.08
C ASN A 134 -17.70 8.48 -21.15
N ASN A 135 -16.45 8.10 -20.95
CA ASN A 135 -15.39 8.45 -21.90
C ASN A 135 -15.26 7.39 -22.98
N ARG A 136 -16.08 6.34 -22.90
CA ARG A 136 -16.04 5.25 -23.87
C ARG A 136 -16.46 5.72 -25.27
N PRO A 137 -17.62 6.42 -25.43
CA PRO A 137 -18.07 6.88 -26.76
C PRO A 137 -17.08 7.82 -27.43
N LEU A 138 -16.13 8.32 -26.66
CA LEU A 138 -15.12 9.22 -27.17
C LEU A 138 -13.92 8.44 -27.69
N PHE A 139 -13.33 7.62 -26.81
CA PHE A 139 -12.16 6.83 -27.17
C PHE A 139 -12.48 5.78 -28.23
N GLU A 140 -13.57 5.04 -28.05
CA GLU A 140 -13.94 3.99 -29.00
C GLU A 140 -14.28 4.57 -30.37
N PHE A 141 -14.71 5.82 -30.40
CA PHE A 141 -15.06 6.47 -31.65
C PHE A 141 -13.80 6.89 -32.40
N LEU A 142 -12.72 7.06 -31.66
CA LEU A 142 -11.44 7.45 -32.24
C LEU A 142 -10.60 6.23 -32.59
N GLY A 143 -11.08 5.05 -32.19
CA GLY A 143 -10.36 3.83 -32.49
C GLY A 143 -9.62 3.25 -31.29
N LEU A 144 -9.83 3.83 -30.12
CA LEU A 144 -9.15 3.35 -28.93
C LEU A 144 -10.05 2.40 -28.14
N THR A 145 -9.46 1.32 -27.63
CA THR A 145 -10.20 0.32 -26.88
C THR A 145 -10.30 0.71 -25.41
N VAL A 146 -11.51 0.65 -24.86
CA VAL A 146 -11.73 0.99 -23.46
C VAL A 146 -12.11 -0.26 -22.66
N GLY A 147 -11.33 -0.55 -21.62
CA GLY A 147 -11.60 -1.69 -20.79
C GLY A 147 -11.84 -1.32 -19.35
N ILE A 148 -12.63 -2.12 -18.67
CA ILE A 148 -12.95 -1.87 -17.27
C ILE A 148 -12.58 -3.09 -16.42
N ASN A 149 -11.91 -2.85 -15.30
CA ASN A 149 -11.51 -3.93 -14.42
C ASN A 149 -12.13 -3.75 -13.05
N LEU A 150 -12.98 -4.71 -12.66
CA LEU A 150 -13.65 -4.65 -11.38
C LEU A 150 -13.09 -5.72 -10.44
N PRO A 151 -13.03 -5.43 -9.14
CA PRO A 151 -12.52 -6.37 -8.13
C PRO A 151 -13.31 -7.68 -8.12
N GLY A 152 -12.63 -8.76 -8.48
CA GLY A 152 -13.27 -10.06 -8.50
C GLY A 152 -13.72 -10.47 -9.90
N MET A 153 -13.38 -9.66 -10.89
CA MET A 153 -13.74 -9.96 -12.28
C MET A 153 -13.02 -11.22 -12.77
N PRO A 154 -13.62 -11.94 -13.74
CA PRO A 154 -13.02 -13.16 -14.30
C PRO A 154 -11.67 -12.88 -14.97
N ALA A 155 -10.76 -13.84 -14.90
CA ALA A 155 -9.43 -13.69 -15.48
C ALA A 155 -9.49 -13.30 -16.97
N PRO A 156 -10.28 -14.01 -17.82
CA PRO A 156 -10.39 -13.67 -19.25
C PRO A 156 -10.83 -12.23 -19.47
N ALA A 157 -11.84 -11.80 -18.71
CA ALA A 157 -12.38 -10.45 -18.81
C ALA A 157 -11.30 -9.43 -18.46
N LYS A 158 -10.53 -9.73 -17.41
CA LYS A 158 -9.46 -8.85 -16.97
C LYS A 158 -8.41 -8.70 -18.06
N ARG A 159 -8.05 -9.82 -18.67
CA ARG A 159 -7.05 -9.83 -19.73
C ARG A 159 -7.48 -8.95 -20.89
N GLU A 160 -8.75 -9.01 -21.24
CA GLU A 160 -9.29 -8.22 -22.33
C GLU A 160 -9.31 -6.74 -21.95
N ALA A 161 -9.58 -6.47 -20.67
CA ALA A 161 -9.63 -5.10 -20.17
C ALA A 161 -8.24 -4.48 -20.17
N TYR A 162 -7.24 -5.27 -19.81
CA TYR A 162 -5.86 -4.80 -19.78
C TYR A 162 -5.25 -4.81 -21.18
N ALA A 163 -5.94 -5.48 -22.11
CA ALA A 163 -5.49 -5.54 -23.49
C ALA A 163 -5.99 -4.32 -24.24
N ALA A 164 -6.87 -3.57 -23.59
CA ALA A 164 -7.42 -2.37 -24.16
C ALA A 164 -6.43 -1.22 -24.02
N ASP A 165 -6.66 -0.14 -24.76
CA ASP A 165 -5.77 1.02 -24.71
C ASP A 165 -5.90 1.75 -23.39
N ILE A 166 -7.12 1.81 -22.87
CA ILE A 166 -7.38 2.47 -21.60
C ILE A 166 -8.11 1.52 -20.65
N THR A 167 -7.52 1.28 -19.49
CA THR A 167 -8.11 0.39 -18.50
C THR A 167 -8.48 1.16 -17.23
N TYR A 168 -9.75 1.11 -16.87
CA TYR A 168 -10.25 1.78 -15.67
C TYR A 168 -10.40 0.75 -14.54
N GLY A 169 -10.07 1.15 -13.32
CA GLY A 169 -10.19 0.24 -12.20
C GLY A 169 -9.82 0.87 -10.87
N THR A 170 -10.06 0.14 -9.80
CA THR A 170 -9.75 0.62 -8.46
C THR A 170 -8.32 0.26 -8.07
N ASN A 171 -7.74 1.06 -7.18
CA ASN A 171 -6.37 0.83 -6.72
C ASN A 171 -6.25 -0.50 -6.00
N ASN A 172 -7.29 -0.86 -5.25
CA ASN A 172 -7.32 -2.12 -4.50
C ASN A 172 -7.14 -3.32 -5.41
N GLU A 173 -7.97 -3.39 -6.46
CA GLU A 173 -7.90 -4.51 -7.40
C GLU A 173 -6.62 -4.45 -8.24
N TYR A 174 -6.21 -3.24 -8.61
CA TYR A 174 -5.00 -3.04 -9.41
C TYR A 174 -3.79 -3.66 -8.71
N GLY A 175 -3.77 -3.56 -7.38
CA GLY A 175 -2.68 -4.13 -6.61
C GLY A 175 -2.82 -5.63 -6.47
N PHE A 176 -4.05 -6.09 -6.26
CA PHE A 176 -4.33 -7.51 -6.11
C PHE A 176 -4.01 -8.27 -7.41
N ASP A 177 -4.35 -7.65 -8.54
CA ASP A 177 -4.09 -8.25 -9.84
C ASP A 177 -2.59 -8.46 -10.02
N TYR A 178 -1.82 -7.47 -9.59
CA TYR A 178 -0.36 -7.53 -9.69
C TYR A 178 0.18 -8.69 -8.86
N LEU A 179 -0.41 -8.91 -7.69
CA LEU A 179 0.01 -10.00 -6.81
C LEU A 179 -0.30 -11.36 -7.43
N ARG A 180 -1.50 -11.48 -7.98
CA ARG A 180 -1.93 -12.73 -8.60
C ARG A 180 -1.08 -13.05 -9.83
N ASP A 181 -0.83 -12.03 -10.65
CA ASP A 181 -0.04 -12.21 -11.87
C ASP A 181 1.39 -12.63 -11.57
N ASN A 182 1.91 -12.17 -10.45
CA ASN A 182 3.28 -12.49 -10.05
C ASN A 182 3.35 -13.82 -9.32
N MET A 183 2.20 -14.46 -9.14
CA MET A 183 2.16 -15.73 -8.44
C MET A 183 1.56 -16.82 -9.33
N ALA A 184 1.39 -16.50 -10.62
CA ALA A 184 0.83 -17.44 -11.58
C ALA A 184 1.79 -18.58 -11.87
N PHE A 185 1.33 -19.58 -12.61
CA PHE A 185 2.16 -20.73 -12.93
C PHE A 185 2.59 -20.69 -14.40
N SER A 186 1.73 -20.10 -15.21
CA SER A 186 2.00 -19.96 -16.64
C SER A 186 2.13 -18.48 -16.99
N PRO A 187 3.09 -18.13 -17.86
CA PRO A 187 3.32 -16.73 -18.28
C PRO A 187 2.09 -16.10 -18.94
N GLU A 188 1.27 -16.91 -19.59
CA GLU A 188 0.08 -16.41 -20.26
C GLU A 188 -1.10 -16.30 -19.31
N GLU A 189 -0.89 -16.66 -18.04
CA GLU A 189 -1.95 -16.60 -17.05
C GLU A 189 -2.12 -15.17 -16.54
N ARG A 190 -1.16 -14.31 -16.88
CA ARG A 190 -1.19 -12.91 -16.47
C ARG A 190 -2.47 -12.24 -16.97
N VAL A 191 -3.03 -11.36 -16.15
CA VAL A 191 -4.24 -10.64 -16.52
C VAL A 191 -3.89 -9.29 -17.14
N GLN A 192 -2.74 -8.75 -16.76
CA GLN A 192 -2.31 -7.46 -17.28
C GLN A 192 -1.17 -7.63 -18.27
N ARG A 193 -0.96 -6.64 -19.11
CA ARG A 193 0.11 -6.68 -20.08
C ARG A 193 1.43 -6.26 -19.45
N LYS A 194 1.52 -4.99 -19.04
CA LYS A 194 2.72 -4.47 -18.41
C LYS A 194 2.46 -3.10 -17.81
N LEU A 195 3.44 -2.59 -17.08
CA LEU A 195 3.32 -1.27 -16.46
C LEU A 195 4.11 -0.25 -17.26
N HIS A 196 3.44 0.82 -17.68
CA HIS A 196 4.07 1.87 -18.46
C HIS A 196 3.57 3.24 -18.01
N TYR A 197 2.26 3.43 -18.07
CA TYR A 197 1.65 4.69 -17.68
C TYR A 197 0.55 4.46 -16.65
N ALA A 198 0.53 5.29 -15.64
CA ALA A 198 -0.47 5.20 -14.59
C ALA A 198 -1.07 6.58 -14.32
N LEU A 199 -2.39 6.66 -14.36
CA LEU A 199 -3.09 7.92 -14.12
C LEU A 199 -4.12 7.72 -13.02
N VAL A 200 -3.86 8.31 -11.87
CA VAL A 200 -4.76 8.19 -10.73
C VAL A 200 -5.64 9.43 -10.59
N ASP A 201 -6.94 9.19 -10.42
CA ASP A 201 -7.95 10.25 -10.29
C ASP A 201 -7.68 11.17 -9.10
N GLU A 202 -7.43 10.60 -7.93
CA GLU A 202 -7.16 11.39 -6.74
C GLU A 202 -5.93 10.84 -6.01
N VAL A 203 -4.82 11.53 -6.15
CA VAL A 203 -3.57 11.11 -5.52
C VAL A 203 -3.58 11.36 -4.02
N ASP A 204 -4.49 12.24 -3.58
CA ASP A 204 -4.62 12.61 -2.18
C ASP A 204 -4.62 11.40 -1.25
N SER A 205 -5.72 10.67 -1.22
CA SER A 205 -5.82 9.51 -0.35
C SER A 205 -5.27 8.23 -0.97
N ILE A 206 -5.14 8.20 -2.30
CA ILE A 206 -4.66 7.00 -2.96
C ILE A 206 -3.13 6.86 -2.85
N LEU A 207 -2.41 7.97 -2.96
CA LEU A 207 -0.95 7.90 -2.89
C LEU A 207 -0.41 8.25 -1.51
N ILE A 208 -0.97 9.27 -0.88
CA ILE A 208 -0.49 9.69 0.45
C ILE A 208 -1.07 8.84 1.58
N ASP A 209 -2.38 8.82 1.69
CA ASP A 209 -3.05 8.09 2.77
C ASP A 209 -2.89 6.57 2.65
N GLU A 210 -2.86 6.05 1.43
CA GLU A 210 -2.72 4.61 1.23
C GLU A 210 -1.28 4.21 0.93
N ALA A 211 -0.34 5.12 1.21
CA ALA A 211 1.07 4.86 0.97
C ALA A 211 1.58 3.65 1.75
N ARG A 212 1.28 3.61 3.05
CA ARG A 212 1.74 2.53 3.89
C ARG A 212 0.65 1.47 4.09
N THR A 213 -0.17 1.28 3.07
CA THR A 213 -1.22 0.29 3.14
C THR A 213 -0.85 -0.92 2.29
N PRO A 214 -0.49 -2.04 2.94
CA PRO A 214 -0.10 -3.27 2.26
C PRO A 214 -1.27 -4.22 2.02
N LEU A 215 -1.44 -4.60 0.77
CA LEU A 215 -2.51 -5.54 0.41
C LEU A 215 -2.06 -6.95 0.75
N ILE A 216 -2.68 -7.54 1.75
CA ILE A 216 -2.30 -8.88 2.17
C ILE A 216 -3.36 -9.91 1.81
N ILE A 217 -2.92 -11.00 1.20
CA ILE A 217 -3.81 -12.08 0.80
C ILE A 217 -3.69 -13.22 1.82
N SER A 218 -4.79 -13.90 2.09
CA SER A 218 -4.80 -14.99 3.05
C SER A 218 -4.29 -16.30 2.43
N GLY A 219 -3.22 -16.84 3.00
CA GLY A 219 -2.65 -18.08 2.51
C GLY A 219 -2.89 -19.25 3.43
N PRO A 220 -2.06 -20.30 3.36
CA PRO A 220 -2.20 -21.49 4.20
C PRO A 220 -1.48 -21.40 5.54
N ALA A 221 -0.35 -20.68 5.57
CA ALA A 221 0.45 -20.51 6.79
C ALA A 221 1.07 -21.84 7.24
N GLU A 222 1.46 -21.92 8.52
CA GLU A 222 2.06 -23.12 9.06
C GLU A 222 1.05 -24.26 9.14
N ASP A 223 1.14 -25.18 8.18
CA ASP A 223 0.24 -26.33 8.12
C ASP A 223 0.74 -27.47 9.00
N SER A 224 2.02 -27.78 8.87
CA SER A 224 2.61 -28.87 9.64
C SER A 224 3.46 -28.33 10.79
N SER A 225 2.83 -28.09 11.94
CA SER A 225 3.53 -27.59 13.12
C SER A 225 4.30 -28.70 13.84
N GLU A 226 4.92 -29.57 13.05
CA GLU A 226 5.69 -30.69 13.58
C GLU A 226 6.91 -30.21 14.35
N MET A 227 7.39 -29.02 14.01
CA MET A 227 8.55 -28.44 14.67
C MET A 227 8.22 -28.03 16.10
N TYR A 228 6.97 -27.63 16.32
CA TYR A 228 6.52 -27.20 17.64
C TYR A 228 6.61 -28.34 18.66
N LYS A 229 6.09 -29.51 18.30
CA LYS A 229 6.09 -30.67 19.19
C LYS A 229 7.51 -31.20 19.43
N ARG A 230 8.47 -30.66 18.70
CA ARG A 230 9.85 -31.08 18.83
C ARG A 230 10.64 -30.11 19.72
N VAL A 231 10.38 -28.82 19.57
CA VAL A 231 11.08 -27.81 20.36
C VAL A 231 10.42 -27.63 21.73
N ASN A 232 9.11 -27.77 21.79
CA ASN A 232 8.38 -27.61 23.04
C ASN A 232 8.60 -28.78 23.99
N LYS A 233 9.28 -29.81 23.51
CA LYS A 233 9.54 -30.99 24.34
C LYS A 233 10.95 -30.98 24.91
N ILE A 234 11.81 -30.09 24.43
CA ILE A 234 13.17 -30.02 24.93
C ILE A 234 13.28 -29.05 26.12
N ILE A 235 12.33 -28.14 26.21
CA ILE A 235 12.30 -27.15 27.29
C ILE A 235 12.02 -27.77 28.67
N PRO A 236 11.02 -28.70 28.79
CA PRO A 236 10.72 -29.35 30.08
C PRO A 236 11.84 -30.29 30.55
N HIS A 237 13.05 -30.06 30.06
CA HIS A 237 14.20 -30.86 30.42
C HIS A 237 15.27 -29.94 31.00
N LEU A 238 14.90 -28.68 31.24
CA LEU A 238 15.81 -27.69 31.78
C LEU A 238 15.58 -27.50 33.29
N ILE A 239 16.34 -26.59 33.87
CA ILE A 239 16.24 -26.31 35.29
C ILE A 239 15.80 -24.87 35.51
N ARG A 240 14.75 -24.70 36.33
CA ARG A 240 14.20 -23.36 36.62
C ARG A 240 15.18 -22.52 37.42
N GLN A 241 16.21 -22.01 36.75
CA GLN A 241 17.22 -21.18 37.39
C GLN A 241 18.18 -20.60 36.36
N GLU A 242 18.45 -21.35 35.30
CA GLU A 242 19.38 -20.90 34.27
C GLU A 242 19.10 -21.64 32.96
N LYS A 243 19.88 -21.31 31.93
CA LYS A 243 19.75 -21.93 30.61
C LYS A 243 18.36 -21.71 30.01
N GLU A 244 18.06 -20.44 29.73
CA GLU A 244 16.78 -20.01 29.13
C GLU A 244 15.62 -20.13 30.11
N ASP A 245 15.61 -21.16 30.94
CA ASP A 245 14.55 -21.38 31.90
C ASP A 245 14.67 -20.39 33.06
N SER A 246 15.62 -19.47 32.95
CA SER A 246 15.85 -18.45 33.96
C SER A 246 14.95 -17.24 33.68
N GLU A 247 14.22 -17.32 32.57
CA GLU A 247 13.30 -16.26 32.15
C GLU A 247 14.04 -14.92 32.03
N THR A 248 13.36 -13.84 32.42
CA THR A 248 13.94 -12.52 32.35
C THR A 248 14.59 -12.13 33.68
N PHE A 249 14.68 -13.08 34.60
CA PHE A 249 15.29 -12.82 35.90
C PHE A 249 16.78 -12.60 35.74
N GLN A 250 17.39 -13.39 34.87
CA GLN A 250 18.83 -13.31 34.58
C GLN A 250 19.66 -13.40 35.85
N GLY A 251 20.18 -12.26 36.30
CA GLY A 251 20.98 -12.23 37.50
C GLY A 251 20.51 -11.18 38.48
N GLU A 252 19.22 -10.88 38.44
CA GLU A 252 18.64 -9.88 39.32
C GLU A 252 17.24 -10.30 39.76
N GLY A 253 16.34 -10.38 38.80
CA GLY A 253 14.97 -10.75 39.09
C GLY A 253 14.19 -9.59 39.66
N HIS A 254 13.73 -9.75 40.90
CA HIS A 254 12.96 -8.72 41.58
C HIS A 254 12.81 -9.05 43.06
N PHE A 255 11.87 -9.93 43.36
CA PHE A 255 11.63 -10.37 44.72
C PHE A 255 10.79 -11.64 44.72
N SER A 256 10.81 -12.36 45.83
CA SER A 256 10.06 -13.61 45.94
C SER A 256 8.55 -13.32 45.99
N VAL A 257 7.84 -13.81 44.98
CA VAL A 257 6.40 -13.63 44.89
C VAL A 257 5.79 -14.66 43.94
N ASP A 258 6.54 -15.02 42.91
CA ASP A 258 6.10 -15.98 41.93
C ASP A 258 7.32 -16.63 41.28
N GLU A 259 7.11 -17.37 40.22
CA GLU A 259 8.19 -18.04 39.51
C GLU A 259 8.24 -17.56 38.06
N LYS A 260 7.30 -16.68 37.72
CA LYS A 260 7.21 -16.14 36.37
C LYS A 260 6.81 -14.67 36.41
N SER A 261 7.33 -13.90 35.49
CA SER A 261 7.03 -12.48 35.41
C SER A 261 5.78 -12.25 34.56
N ARG A 262 4.98 -11.25 34.95
CA ARG A 262 3.76 -10.94 34.22
C ARG A 262 4.05 -9.94 33.09
N GLN A 263 5.33 -9.64 32.91
CA GLN A 263 5.75 -8.70 31.87
C GLN A 263 6.65 -9.42 30.88
N VAL A 264 7.82 -9.85 31.36
CA VAL A 264 8.82 -10.57 30.57
C VAL A 264 9.50 -9.67 29.54
N ASN A 265 8.70 -9.10 28.62
CA ASN A 265 9.17 -8.20 27.55
C ASN A 265 10.35 -8.78 26.76
N LEU A 266 10.52 -10.11 26.83
CA LEU A 266 11.57 -10.85 26.12
C LEU A 266 12.96 -10.54 26.70
N THR A 267 13.94 -11.36 26.31
CA THR A 267 15.31 -11.19 26.81
C THR A 267 16.31 -10.99 25.67
N GLU A 268 16.60 -12.05 24.91
CA GLU A 268 17.55 -12.00 23.80
C GLU A 268 18.96 -11.64 24.27
N ARG A 269 19.24 -11.89 25.54
CA ARG A 269 20.53 -11.59 26.11
C ARG A 269 20.92 -12.62 27.17
N GLY A 270 22.21 -12.73 27.44
CA GLY A 270 22.70 -13.68 28.42
C GLY A 270 23.90 -14.45 27.91
N LEU A 271 23.76 -15.04 26.73
CA LEU A 271 24.82 -15.81 26.07
C LEU A 271 25.09 -17.15 26.76
N VAL A 272 25.46 -17.08 28.04
CA VAL A 272 25.79 -18.26 28.83
C VAL A 272 24.63 -19.27 28.88
N LEU A 273 23.41 -18.79 28.68
CA LEU A 273 22.24 -19.66 28.74
C LEU A 273 22.03 -20.44 27.44
N ILE A 274 22.18 -19.76 26.30
CA ILE A 274 21.97 -20.38 25.00
C ILE A 274 23.19 -21.20 24.56
N GLU A 275 24.26 -21.16 25.35
CA GLU A 275 25.51 -21.87 25.05
C GLU A 275 25.26 -23.34 24.69
N GLU A 276 24.66 -24.09 25.61
CA GLU A 276 24.40 -25.51 25.37
C GLU A 276 22.94 -25.74 24.99
N LEU A 277 22.21 -24.65 24.83
CA LEU A 277 20.81 -24.74 24.44
C LEU A 277 20.73 -25.03 22.94
N LEU A 278 21.61 -24.38 22.20
CA LEU A 278 21.68 -24.55 20.75
C LEU A 278 22.27 -25.91 20.39
N VAL A 279 22.01 -26.34 19.15
CA VAL A 279 22.52 -27.62 18.62
C VAL A 279 21.92 -28.82 19.38
N LYS A 280 22.00 -30.00 18.75
CA LYS A 280 21.50 -31.27 19.33
C LYS A 280 19.99 -31.40 19.25
N GLU A 281 19.54 -32.62 18.91
CA GLU A 281 18.12 -32.99 18.80
C GLU A 281 17.43 -32.31 17.61
N GLY A 282 17.43 -30.99 17.60
CA GLY A 282 16.77 -30.27 16.52
C GLY A 282 17.64 -30.17 15.28
N ILE A 283 17.49 -29.08 14.55
CA ILE A 283 18.25 -28.86 13.34
C ILE A 283 19.57 -28.17 13.68
N MET A 284 20.54 -28.24 12.77
CA MET A 284 21.86 -27.64 12.95
C MET A 284 22.71 -28.46 13.91
N ASP A 285 23.54 -29.32 13.34
CA ASP A 285 24.44 -30.17 14.11
C ASP A 285 25.87 -29.71 13.91
N GLU A 286 26.01 -28.63 13.15
CA GLU A 286 27.31 -28.03 12.86
C GLU A 286 27.70 -27.09 13.98
N GLY A 287 26.99 -25.98 14.09
CA GLY A 287 27.28 -24.99 15.12
C GLY A 287 27.01 -23.57 14.65
N GLU A 288 26.02 -22.93 15.27
CA GLU A 288 25.66 -21.57 14.93
C GLU A 288 25.14 -20.84 16.16
N SER A 289 24.82 -19.56 15.99
CA SER A 289 24.33 -18.76 17.10
C SER A 289 22.83 -18.50 16.98
N LEU A 290 22.18 -18.27 18.11
CA LEU A 290 20.75 -18.02 18.14
C LEU A 290 20.42 -16.66 17.54
N TYR A 291 21.35 -15.72 17.65
CA TYR A 291 21.14 -14.37 17.15
C TYR A 291 21.59 -14.22 15.69
N SER A 292 21.70 -15.32 14.98
CA SER A 292 22.10 -15.28 13.58
C SER A 292 20.90 -14.92 12.70
N PRO A 293 21.10 -14.05 11.69
CA PRO A 293 20.00 -13.63 10.79
C PRO A 293 19.34 -14.80 10.08
N ALA A 294 20.08 -15.89 9.90
CA ALA A 294 19.55 -17.08 9.24
C ALA A 294 18.54 -17.80 10.13
N ASN A 295 18.49 -17.40 11.40
CA ASN A 295 17.58 -17.99 12.36
C ASN A 295 16.44 -17.03 12.68
N ILE A 296 15.34 -17.18 11.98
CA ILE A 296 14.18 -16.32 12.21
C ILE A 296 12.92 -17.16 12.44
N MET A 297 12.63 -18.08 11.52
CA MET A 297 11.46 -18.94 11.66
C MET A 297 11.62 -19.83 12.88
N LEU A 298 12.78 -20.47 12.97
CA LEU A 298 13.09 -21.35 14.10
C LEU A 298 13.12 -20.52 15.39
N MET A 299 13.71 -19.33 15.31
CA MET A 299 13.81 -18.43 16.45
C MET A 299 12.43 -18.07 16.99
N HIS A 300 11.54 -17.64 16.10
CA HIS A 300 10.20 -17.25 16.50
C HIS A 300 9.44 -18.42 17.11
N HIS A 301 9.90 -19.64 16.81
CA HIS A 301 9.26 -20.83 17.34
C HIS A 301 9.70 -21.07 18.78
N VAL A 302 10.99 -20.86 19.06
CA VAL A 302 11.51 -21.07 20.41
C VAL A 302 11.03 -19.97 21.35
N THR A 303 10.88 -18.76 20.82
CA THR A 303 10.41 -17.63 21.62
C THR A 303 8.97 -17.89 22.09
N ALA A 304 8.21 -18.55 21.22
CA ALA A 304 6.82 -18.87 21.51
C ALA A 304 6.74 -19.92 22.62
N ALA A 305 7.60 -20.92 22.53
CA ALA A 305 7.63 -22.01 23.51
C ALA A 305 8.05 -21.49 24.90
N LEU A 306 8.80 -20.39 24.92
CA LEU A 306 9.26 -19.81 26.16
C LEU A 306 8.17 -18.95 26.80
N ARG A 307 7.50 -18.13 25.99
CA ARG A 307 6.44 -17.26 26.50
C ARG A 307 5.27 -18.08 27.03
N ALA A 308 5.13 -19.31 26.55
CA ALA A 308 4.07 -20.20 26.98
C ALA A 308 4.52 -21.03 28.18
N HIS A 309 5.63 -20.63 28.78
CA HIS A 309 6.18 -21.34 29.93
C HIS A 309 6.34 -20.40 31.12
N ALA A 310 6.00 -19.13 30.92
CA ALA A 310 6.13 -18.14 31.99
C ALA A 310 4.98 -17.15 31.97
N LEU A 311 4.88 -16.40 30.88
CA LEU A 311 3.83 -15.39 30.74
C LEU A 311 2.46 -16.05 30.76
N PHE A 312 2.22 -16.98 29.84
CA PHE A 312 0.94 -17.66 29.77
C PHE A 312 0.93 -18.86 30.72
N THR A 313 0.11 -18.77 31.75
CA THR A 313 0.01 -19.84 32.73
C THR A 313 -1.26 -20.65 32.54
N ARG A 314 -1.13 -21.97 32.67
CA ARG A 314 -2.26 -22.89 32.52
C ARG A 314 -3.36 -22.63 33.55
N ASP A 315 -4.61 -22.75 33.09
CA ASP A 315 -5.81 -22.59 33.93
C ASP A 315 -6.16 -21.12 34.20
N VAL A 316 -5.17 -20.32 34.55
CA VAL A 316 -5.44 -18.91 34.85
C VAL A 316 -5.47 -18.05 33.58
N ASP A 317 -4.62 -18.36 32.62
CA ASP A 317 -4.57 -17.60 31.37
C ASP A 317 -5.40 -18.27 30.30
N TYR A 318 -5.46 -19.59 30.35
CA TYR A 318 -6.21 -20.35 29.38
C TYR A 318 -6.71 -21.66 29.98
N ILE A 319 -7.91 -22.05 29.61
CA ILE A 319 -8.49 -23.29 30.10
C ILE A 319 -8.70 -24.23 28.91
N VAL A 320 -8.12 -25.42 29.01
CA VAL A 320 -8.24 -26.40 27.94
C VAL A 320 -9.26 -27.47 28.27
N LYS A 321 -10.29 -27.56 27.43
CA LYS A 321 -11.33 -28.55 27.61
C LYS A 321 -11.49 -29.36 26.34
N ASP A 322 -11.29 -30.68 26.46
CA ASP A 322 -11.38 -31.64 25.33
C ASP A 322 -10.61 -31.20 24.10
N GLY A 323 -9.54 -30.44 24.32
CA GLY A 323 -8.73 -29.97 23.21
C GLY A 323 -8.99 -28.52 22.86
N GLU A 324 -10.16 -28.03 23.23
CA GLU A 324 -10.52 -26.65 22.95
C GLU A 324 -9.84 -25.71 23.95
N VAL A 325 -8.96 -24.88 23.43
CA VAL A 325 -8.23 -23.92 24.25
C VAL A 325 -9.01 -22.62 24.36
N ILE A 326 -9.59 -22.38 25.53
CA ILE A 326 -10.34 -21.17 25.78
C ILE A 326 -9.49 -20.17 26.54
N ILE A 327 -9.41 -18.95 26.04
CA ILE A 327 -8.62 -17.91 26.67
C ILE A 327 -9.36 -17.32 27.86
N VAL A 328 -8.67 -17.19 28.98
CA VAL A 328 -9.26 -16.63 30.18
C VAL A 328 -8.81 -15.19 30.34
N ASP A 329 -9.75 -14.27 30.26
CA ASP A 329 -9.46 -12.84 30.40
C ASP A 329 -8.98 -12.54 31.82
N GLU A 330 -7.84 -11.89 31.93
CA GLU A 330 -7.25 -11.56 33.22
C GLU A 330 -7.89 -10.30 33.83
N HIS A 331 -8.73 -9.64 33.05
CA HIS A 331 -9.38 -8.42 33.52
C HIS A 331 -10.63 -8.71 34.33
N THR A 332 -11.61 -9.35 33.69
CA THR A 332 -12.86 -9.66 34.37
C THR A 332 -13.05 -11.15 34.60
N GLY A 333 -12.03 -11.94 34.25
CA GLY A 333 -12.10 -13.38 34.43
C GLY A 333 -13.16 -14.01 33.54
N ARG A 334 -13.24 -13.55 32.31
CA ARG A 334 -14.22 -14.08 31.36
C ARG A 334 -13.56 -15.06 30.40
N THR A 335 -14.25 -16.14 30.12
CA THR A 335 -13.75 -17.16 29.22
C THR A 335 -14.11 -16.84 27.77
N MET A 336 -13.10 -16.65 26.95
CA MET A 336 -13.30 -16.33 25.54
C MET A 336 -12.97 -17.54 24.68
N GLN A 337 -14.00 -18.28 24.29
CA GLN A 337 -13.82 -19.47 23.46
C GLN A 337 -13.88 -19.11 21.99
N GLY A 338 -14.47 -17.96 21.70
CA GLY A 338 -14.58 -17.50 20.33
C GLY A 338 -13.54 -16.44 20.02
N ARG A 339 -12.39 -16.57 20.66
CA ARG A 339 -11.29 -15.64 20.47
C ARG A 339 -9.97 -16.38 20.55
N ARG A 340 -9.05 -16.09 19.65
CA ARG A 340 -7.75 -16.75 19.64
C ARG A 340 -6.68 -15.80 19.12
N TRP A 341 -5.59 -15.69 19.87
CA TRP A 341 -4.48 -14.83 19.49
C TRP A 341 -3.68 -15.45 18.36
N SER A 342 -3.09 -14.60 17.52
CA SER A 342 -2.29 -15.05 16.40
C SER A 342 -0.82 -15.15 16.79
N ASP A 343 0.06 -15.18 15.79
CA ASP A 343 1.52 -15.26 16.01
C ASP A 343 1.91 -16.59 16.66
N GLY A 344 0.95 -17.51 16.74
CA GLY A 344 1.20 -18.79 17.36
C GLY A 344 1.33 -18.65 18.87
N LEU A 345 0.68 -17.64 19.42
CA LEU A 345 0.71 -17.38 20.86
C LEU A 345 0.22 -18.60 21.65
N HIS A 346 -0.84 -19.23 21.16
CA HIS A 346 -1.39 -20.41 21.83
C HIS A 346 -0.90 -21.69 21.16
N GLN A 347 -0.19 -21.53 20.05
CA GLN A 347 0.33 -22.69 19.32
C GLN A 347 1.37 -23.42 20.16
N ALA A 348 2.17 -22.63 20.86
CA ALA A 348 3.20 -23.17 21.73
C ALA A 348 2.57 -23.84 22.94
N VAL A 349 1.34 -23.44 23.24
CA VAL A 349 0.60 -24.01 24.36
C VAL A 349 0.16 -25.43 24.00
N GLU A 350 -0.45 -25.56 22.84
CA GLU A 350 -0.93 -26.85 22.35
C GLU A 350 0.25 -27.79 22.09
N ALA A 351 1.40 -27.21 21.82
CA ALA A 351 2.61 -28.00 21.56
C ALA A 351 3.25 -28.44 22.86
N LYS A 352 3.07 -27.63 23.90
CA LYS A 352 3.63 -27.91 25.22
C LYS A 352 2.84 -29.00 25.93
N GLU A 353 1.52 -28.87 25.91
CA GLU A 353 0.66 -29.84 26.56
C GLU A 353 0.18 -30.90 25.57
N GLY A 354 -0.56 -31.87 26.07
CA GLY A 354 -1.05 -32.94 25.22
C GLY A 354 -2.32 -32.59 24.48
N VAL A 355 -2.19 -31.77 23.45
CA VAL A 355 -3.32 -31.36 22.64
C VAL A 355 -2.90 -31.15 21.20
N GLN A 356 -3.86 -31.02 20.30
CA GLN A 356 -3.60 -30.82 18.88
C GLN A 356 -3.39 -29.33 18.60
N ILE A 357 -2.24 -29.02 18.03
CA ILE A 357 -1.91 -27.64 17.69
C ILE A 357 -2.86 -27.11 16.63
N GLN A 358 -3.49 -25.99 16.91
CA GLN A 358 -4.42 -25.37 15.98
C GLN A 358 -3.66 -24.80 14.79
N ASN A 359 -4.04 -25.23 13.60
CA ASN A 359 -3.37 -24.76 12.39
C ASN A 359 -3.69 -23.29 12.11
N GLU A 360 -2.65 -22.49 11.98
CA GLU A 360 -2.79 -21.07 11.71
C GLU A 360 -3.07 -20.88 10.22
N ASN A 361 -3.73 -19.78 9.87
CA ASN A 361 -4.05 -19.51 8.48
C ASN A 361 -3.57 -18.12 8.07
N GLN A 362 -3.90 -17.72 6.84
CA GLN A 362 -3.52 -16.41 6.28
C GLN A 362 -2.06 -16.42 5.85
N THR A 363 -1.57 -15.26 5.42
CA THR A 363 -0.18 -15.10 4.97
C THR A 363 0.07 -15.73 3.60
N LEU A 364 -0.05 -14.93 2.56
CA LEU A 364 0.18 -15.39 1.19
C LEU A 364 1.05 -14.39 0.44
N ALA A 365 0.49 -13.22 0.16
CA ALA A 365 1.22 -12.18 -0.55
C ALA A 365 0.93 -10.83 0.08
N SER A 366 1.88 -9.91 0.00
CA SER A 366 1.72 -8.58 0.58
C SER A 366 2.54 -7.54 -0.17
N ILE A 367 1.94 -6.39 -0.44
CA ILE A 367 2.64 -5.31 -1.13
C ILE A 367 1.99 -3.96 -0.79
N THR A 368 2.82 -2.96 -0.54
CA THR A 368 2.34 -1.62 -0.21
C THR A 368 2.06 -0.83 -1.49
N PHE A 369 1.05 0.02 -1.46
CA PHE A 369 0.69 0.84 -2.63
C PHE A 369 1.89 1.68 -3.07
N GLN A 370 2.63 2.19 -2.08
CA GLN A 370 3.81 3.00 -2.35
C GLN A 370 4.80 2.23 -3.23
N ASN A 371 4.94 0.94 -2.94
CA ASN A 371 5.86 0.08 -3.67
C ASN A 371 5.31 -0.25 -5.05
N TYR A 372 4.01 -0.47 -5.11
CA TYR A 372 3.34 -0.81 -6.37
C TYR A 372 3.43 0.34 -7.38
N PHE A 373 3.16 1.56 -6.92
CA PHE A 373 3.20 2.72 -7.80
C PHE A 373 4.62 3.14 -8.12
N ARG A 374 5.58 2.66 -7.33
CA ARG A 374 6.99 2.98 -7.57
C ARG A 374 7.56 2.11 -8.68
N LEU A 375 6.75 1.18 -9.17
CA LEU A 375 7.16 0.28 -10.23
C LEU A 375 6.65 0.77 -11.57
N TYR A 376 6.02 1.95 -11.57
CA TYR A 376 5.48 2.55 -12.77
C TYR A 376 6.43 3.61 -13.31
N GLU A 377 6.54 3.71 -14.62
CA GLU A 377 7.41 4.70 -15.24
C GLU A 377 6.76 6.07 -15.24
N LYS A 378 5.73 6.24 -16.06
CA LYS A 378 5.01 7.50 -16.13
C LYS A 378 3.88 7.51 -15.10
N LEU A 379 4.19 8.01 -13.92
CA LEU A 379 3.21 8.07 -12.86
C LEU A 379 2.69 9.50 -12.71
N ALA A 380 1.44 9.71 -13.08
CA ALA A 380 0.83 11.01 -13.01
C ALA A 380 -0.51 10.92 -12.28
N GLY A 381 -1.00 12.05 -11.81
CA GLY A 381 -2.26 12.05 -11.10
C GLY A 381 -2.72 13.44 -10.77
N MET A 382 -3.99 13.57 -10.40
CA MET A 382 -4.57 14.86 -10.05
C MET A 382 -4.80 14.93 -8.55
N THR A 383 -4.59 16.12 -8.00
CA THR A 383 -4.78 16.34 -6.58
C THR A 383 -5.66 17.57 -6.39
N GLY A 384 -6.35 17.63 -5.24
CA GLY A 384 -7.20 18.76 -4.97
C GLY A 384 -6.42 19.95 -4.46
N THR A 385 -7.05 21.13 -4.49
CA THR A 385 -6.41 22.34 -4.02
C THR A 385 -6.23 22.29 -2.51
N ALA A 386 -5.08 21.80 -2.07
CA ALA A 386 -4.80 21.67 -0.65
C ALA A 386 -3.32 21.75 -0.35
N ASP A 387 -2.47 21.35 -1.30
CA ASP A 387 -1.02 21.36 -1.11
C ASP A 387 -0.66 20.48 0.09
N THR A 388 -0.24 21.11 1.18
CA THR A 388 0.10 20.41 2.42
C THR A 388 1.21 19.37 2.25
N GLU A 389 0.84 18.13 1.93
CA GLU A 389 1.80 17.04 1.78
C GLU A 389 2.34 16.95 0.35
N ALA A 390 2.26 18.05 -0.38
CA ALA A 390 2.74 18.10 -1.76
C ALA A 390 4.23 17.79 -1.83
N PHE A 391 4.96 18.25 -0.81
CA PHE A 391 6.40 18.04 -0.74
C PHE A 391 6.75 16.56 -0.57
N GLU A 392 5.79 15.77 -0.12
CA GLU A 392 6.02 14.34 0.08
C GLU A 392 5.94 13.60 -1.25
N PHE A 393 5.27 14.19 -2.23
CA PHE A 393 5.14 13.57 -3.55
C PHE A 393 6.51 13.42 -4.20
N SER A 394 7.28 14.49 -4.17
CA SER A 394 8.61 14.51 -4.77
C SER A 394 9.61 13.74 -3.92
N SER A 395 9.29 13.57 -2.64
CA SER A 395 10.19 12.88 -1.72
C SER A 395 9.96 11.37 -1.72
N ILE A 396 8.70 10.95 -1.73
CA ILE A 396 8.38 9.53 -1.68
C ILE A 396 8.23 8.91 -3.08
N TYR A 397 7.28 9.40 -3.86
CA TYR A 397 7.03 8.85 -5.19
C TYR A 397 7.88 9.52 -6.26
N LYS A 398 8.64 10.54 -5.86
CA LYS A 398 9.51 11.28 -6.78
C LYS A 398 8.71 11.93 -7.91
N LEU A 399 7.59 12.54 -7.54
CA LEU A 399 6.72 13.19 -8.51
C LEU A 399 6.76 14.71 -8.36
N ASP A 400 6.75 15.42 -9.47
CA ASP A 400 6.76 16.88 -9.45
C ASP A 400 5.38 17.39 -9.07
N THR A 401 5.26 18.67 -8.74
CA THR A 401 3.97 19.23 -8.36
C THR A 401 3.74 20.57 -9.05
N VAL A 402 2.93 20.55 -10.11
CA VAL A 402 2.61 21.75 -10.86
C VAL A 402 1.18 22.19 -10.56
N VAL A 403 1.00 23.48 -10.30
CA VAL A 403 -0.31 24.02 -10.01
C VAL A 403 -1.04 24.40 -11.29
N VAL A 404 -2.24 23.88 -11.47
CA VAL A 404 -3.04 24.16 -12.65
C VAL A 404 -3.85 25.44 -12.45
N PRO A 405 -3.76 26.38 -13.41
CA PRO A 405 -4.49 27.64 -13.33
C PRO A 405 -6.00 27.44 -13.44
N THR A 406 -6.75 28.28 -12.75
CA THR A 406 -8.19 28.19 -12.75
C THR A 406 -8.77 28.69 -14.08
N ASN A 407 -9.86 28.08 -14.53
CA ASN A 407 -10.52 28.47 -15.78
C ASN A 407 -10.90 29.94 -15.75
N ARG A 408 -11.33 30.39 -14.58
CA ARG A 408 -11.73 31.78 -14.38
C ARG A 408 -11.03 32.33 -13.14
N PRO A 409 -10.77 33.64 -13.10
CA PRO A 409 -10.12 34.29 -11.96
C PRO A 409 -10.95 34.15 -10.69
N MET A 410 -10.40 33.46 -9.69
CA MET A 410 -11.09 33.26 -8.43
C MET A 410 -11.29 34.57 -7.71
N ILE A 411 -12.54 34.93 -7.49
CA ILE A 411 -12.88 36.16 -6.79
C ILE A 411 -13.42 35.85 -5.40
N ARG A 412 -12.93 34.77 -4.83
CA ARG A 412 -13.33 34.34 -3.49
C ARG A 412 -12.61 35.21 -2.45
N LYS A 413 -13.39 35.85 -1.61
CA LYS A 413 -12.83 36.73 -0.58
C LYS A 413 -12.53 35.95 0.69
N ASP A 414 -11.26 35.62 0.89
CA ASP A 414 -10.84 34.88 2.08
C ASP A 414 -10.51 35.85 3.20
N LEU A 415 -11.29 35.79 4.27
CA LEU A 415 -11.09 36.68 5.41
C LEU A 415 -10.22 35.99 6.47
N PRO A 416 -9.54 36.78 7.33
CA PRO A 416 -8.67 36.25 8.37
C PRO A 416 -9.44 35.48 9.45
N ASP A 417 -8.69 34.81 10.31
CA ASP A 417 -9.27 34.02 11.40
C ASP A 417 -9.54 34.90 12.61
N LEU A 418 -10.75 34.83 13.12
CA LEU A 418 -11.11 35.62 14.29
C LEU A 418 -11.15 34.73 15.53
N VAL A 419 -10.03 34.66 16.21
CA VAL A 419 -9.91 33.85 17.42
C VAL A 419 -10.33 34.66 18.64
N TYR A 420 -11.33 34.16 19.35
CA TYR A 420 -11.82 34.81 20.55
C TYR A 420 -11.34 34.04 21.78
N MET A 421 -11.75 34.48 22.96
CA MET A 421 -11.32 33.81 24.18
C MET A 421 -12.09 32.52 24.42
N THR A 422 -13.33 32.66 24.83
CA THR A 422 -14.17 31.50 25.12
C THR A 422 -14.93 31.02 23.88
N GLU A 423 -15.63 29.90 24.03
CA GLU A 423 -16.39 29.32 22.94
C GLU A 423 -17.64 30.17 22.66
N ALA A 424 -18.23 30.72 23.73
CA ALA A 424 -19.42 31.55 23.59
C ALA A 424 -19.14 32.74 22.69
N GLU A 425 -17.96 33.33 22.86
CA GLU A 425 -17.55 34.48 22.06
C GLU A 425 -17.46 34.09 20.59
N LYS A 426 -16.84 32.94 20.35
CA LYS A 426 -16.67 32.42 18.99
C LYS A 426 -18.03 32.22 18.32
N ILE A 427 -18.93 31.55 19.01
CA ILE A 427 -20.27 31.29 18.48
C ILE A 427 -21.02 32.59 18.24
N GLN A 428 -20.94 33.52 19.18
CA GLN A 428 -21.62 34.81 19.06
C GLN A 428 -21.14 35.55 17.82
N ALA A 429 -19.84 35.49 17.56
CA ALA A 429 -19.25 36.15 16.40
C ALA A 429 -19.77 35.54 15.11
N ILE A 430 -19.97 34.22 15.13
CA ILE A 430 -20.48 33.51 13.97
C ILE A 430 -21.92 33.95 13.69
N ILE A 431 -22.72 34.02 14.75
CA ILE A 431 -24.12 34.43 14.65
C ILE A 431 -24.23 35.82 14.04
N GLU A 432 -23.34 36.72 14.45
CA GLU A 432 -23.34 38.09 13.95
C GLU A 432 -23.05 38.12 12.45
N ASP A 433 -21.98 37.44 12.04
CA ASP A 433 -21.59 37.37 10.63
C ASP A 433 -22.72 36.80 9.78
N ILE A 434 -23.37 35.75 10.30
CA ILE A 434 -24.47 35.11 9.62
C ILE A 434 -25.68 36.04 9.55
N LYS A 435 -26.05 36.61 10.69
CA LYS A 435 -27.19 37.52 10.80
C LYS A 435 -27.12 38.62 9.76
N GLU A 436 -25.95 39.25 9.66
CA GLU A 436 -25.73 40.33 8.71
C GLU A 436 -26.01 39.90 7.28
N ARG A 437 -25.48 38.74 6.91
CA ARG A 437 -25.64 38.21 5.57
C ARG A 437 -27.04 37.66 5.32
N THR A 438 -27.74 37.32 6.41
CA THR A 438 -29.09 36.81 6.30
C THR A 438 -30.03 37.92 5.85
N ALA A 439 -29.81 39.12 6.39
CA ALA A 439 -30.63 40.27 6.03
C ALA A 439 -30.26 40.75 4.63
N LYS A 440 -28.98 40.62 4.30
CA LYS A 440 -28.47 41.03 2.99
C LYS A 440 -28.99 40.12 1.89
N GLY A 441 -28.68 38.83 2.01
CA GLY A 441 -29.11 37.87 1.01
C GLY A 441 -27.96 37.03 0.49
N GLN A 442 -27.02 36.71 1.38
CA GLN A 442 -25.87 35.91 1.00
C GLN A 442 -25.91 34.55 1.69
N PRO A 443 -25.82 33.46 0.92
CA PRO A 443 -25.84 32.09 1.47
C PRO A 443 -24.62 31.82 2.33
N VAL A 444 -24.82 31.12 3.43
CA VAL A 444 -23.73 30.81 4.34
C VAL A 444 -23.63 29.31 4.60
N LEU A 445 -22.44 28.77 4.38
CA LEU A 445 -22.19 27.36 4.60
C LEU A 445 -21.22 27.20 5.76
N VAL A 446 -21.74 26.73 6.89
CA VAL A 446 -20.93 26.53 8.08
C VAL A 446 -20.42 25.10 8.14
N GLY A 447 -19.11 24.95 8.26
CA GLY A 447 -18.52 23.62 8.34
C GLY A 447 -18.06 23.27 9.73
N THR A 448 -18.76 22.35 10.37
CA THR A 448 -18.43 21.92 11.72
C THR A 448 -17.61 20.64 11.69
N ILE A 449 -16.63 20.53 12.58
CA ILE A 449 -15.79 19.34 12.64
C ILE A 449 -16.44 18.24 13.47
N SER A 450 -17.37 18.62 14.32
CA SER A 450 -18.06 17.67 15.18
C SER A 450 -19.57 17.91 15.18
N ILE A 451 -20.33 16.83 15.27
CA ILE A 451 -21.79 16.90 15.27
C ILE A 451 -22.27 17.67 16.50
N GLU A 452 -21.52 17.52 17.59
CA GLU A 452 -21.84 18.19 18.84
C GLU A 452 -21.87 19.71 18.68
N LYS A 453 -20.97 20.22 17.83
CA LYS A 453 -20.89 21.65 17.60
C LYS A 453 -22.02 22.11 16.66
N SER A 454 -22.46 21.22 15.78
CA SER A 454 -23.54 21.53 14.86
C SER A 454 -24.82 21.81 15.62
N GLU A 455 -25.07 21.01 16.66
CA GLU A 455 -26.25 21.16 17.49
C GLU A 455 -26.17 22.44 18.31
N LEU A 456 -24.95 22.84 18.65
CA LEU A 456 -24.71 24.05 19.42
C LEU A 456 -25.02 25.31 18.61
N VAL A 457 -24.41 25.41 17.44
CA VAL A 457 -24.62 26.57 16.57
C VAL A 457 -26.08 26.65 16.11
N SER A 458 -26.71 25.49 15.96
CA SER A 458 -28.10 25.43 15.54
C SER A 458 -29.00 26.03 16.62
N ASN A 459 -28.65 25.76 17.87
CA ASN A 459 -29.41 26.27 19.01
C ASN A 459 -29.42 27.79 19.02
N GLU A 460 -28.23 28.37 18.89
CA GLU A 460 -28.08 29.82 18.91
C GLU A 460 -28.77 30.46 17.71
N LEU A 461 -28.64 29.83 16.53
CA LEU A 461 -29.28 30.35 15.33
C LEU A 461 -30.79 30.38 15.50
N THR A 462 -31.32 29.40 16.21
CA THR A 462 -32.75 29.32 16.47
C THR A 462 -33.17 30.42 17.46
N LYS A 463 -32.28 30.73 18.40
CA LYS A 463 -32.54 31.76 19.40
C LYS A 463 -32.62 33.13 18.74
N ALA A 464 -31.77 33.35 17.75
CA ALA A 464 -31.74 34.63 17.04
C ALA A 464 -32.89 34.72 16.04
N GLY A 465 -33.41 33.57 15.62
CA GLY A 465 -34.50 33.54 14.68
C GLY A 465 -34.01 33.57 13.23
N ILE A 466 -32.85 32.96 13.00
CA ILE A 466 -32.25 32.92 11.69
C ILE A 466 -32.53 31.58 11.01
N LYS A 467 -32.99 31.64 9.76
CA LYS A 467 -33.27 30.44 8.98
C LYS A 467 -32.00 29.65 8.76
N HIS A 468 -32.02 28.38 9.15
CA HIS A 468 -30.84 27.53 9.00
C HIS A 468 -31.23 26.06 8.91
N ASN A 469 -30.34 25.26 8.37
CA ASN A 469 -30.57 23.82 8.25
C ASN A 469 -29.28 23.06 8.52
N VAL A 470 -29.36 22.03 9.35
CA VAL A 470 -28.20 21.23 9.70
C VAL A 470 -28.15 19.95 8.85
N LEU A 471 -27.05 19.76 8.15
CA LEU A 471 -26.87 18.58 7.32
C LEU A 471 -26.44 17.41 8.18
N ASN A 472 -26.87 16.21 7.82
CA ASN A 472 -26.54 15.02 8.59
C ASN A 472 -26.66 13.78 7.71
N ALA A 473 -25.68 12.89 7.81
CA ALA A 473 -25.68 11.66 7.03
C ALA A 473 -26.91 10.81 7.33
N LYS A 474 -27.47 10.97 8.53
CA LYS A 474 -28.66 10.23 8.93
C LYS A 474 -29.84 10.57 8.02
N PHE A 475 -29.87 11.81 7.57
CA PHE A 475 -30.91 12.30 6.68
C PHE A 475 -30.32 12.69 5.34
N HIS A 476 -29.30 11.94 4.91
CA HIS A 476 -28.60 12.20 3.66
C HIS A 476 -29.55 12.18 2.45
N ALA A 477 -30.66 11.47 2.58
CA ALA A 477 -31.63 11.39 1.50
C ALA A 477 -32.23 12.75 1.20
N ASN A 478 -32.55 13.50 2.25
CA ASN A 478 -33.11 14.83 2.09
C ASN A 478 -32.01 15.87 1.95
N GLU A 479 -30.85 15.56 2.52
CA GLU A 479 -29.69 16.43 2.47
C GLU A 479 -29.31 16.76 1.02
N ALA A 480 -29.41 15.76 0.15
CA ALA A 480 -29.07 15.92 -1.27
C ALA A 480 -29.91 17.01 -1.92
N ALA A 481 -31.12 17.21 -1.42
CA ALA A 481 -32.02 18.23 -1.97
C ALA A 481 -31.69 19.60 -1.36
N ILE A 482 -31.34 19.59 -0.09
CA ILE A 482 -31.01 20.82 0.62
C ILE A 482 -29.70 21.41 0.12
N VAL A 483 -28.67 20.56 -0.04
CA VAL A 483 -27.37 20.99 -0.52
C VAL A 483 -27.46 21.59 -1.92
N ALA A 484 -28.36 21.05 -2.72
CA ALA A 484 -28.56 21.52 -4.09
C ALA A 484 -29.10 22.95 -4.11
N GLN A 485 -29.76 23.35 -3.04
CA GLN A 485 -30.34 24.69 -2.96
C GLN A 485 -29.66 25.50 -1.84
N ALA A 486 -28.49 25.03 -1.39
CA ALA A 486 -27.75 25.69 -0.33
C ALA A 486 -27.15 27.01 -0.81
N GLY A 487 -27.15 27.22 -2.11
CA GLY A 487 -26.62 28.44 -2.67
C GLY A 487 -27.67 29.53 -2.77
N TYR A 488 -28.84 29.28 -2.21
CA TYR A 488 -29.94 30.23 -2.24
C TYR A 488 -29.63 31.44 -1.34
N PRO A 489 -30.01 32.66 -1.78
CA PRO A 489 -29.78 33.88 -1.01
C PRO A 489 -30.29 33.79 0.43
N ALA A 490 -29.39 34.09 1.38
CA ALA A 490 -29.70 34.07 2.81
C ALA A 490 -29.99 32.66 3.34
N ALA A 491 -29.46 31.65 2.67
CA ALA A 491 -29.65 30.28 3.12
C ALA A 491 -28.48 29.84 3.98
N VAL A 492 -28.73 29.67 5.27
CA VAL A 492 -27.71 29.24 6.20
C VAL A 492 -27.72 27.72 6.33
N THR A 493 -26.69 27.09 5.79
CA THR A 493 -26.59 25.65 5.84
C THR A 493 -25.38 25.22 6.65
N ILE A 494 -25.60 24.30 7.58
CA ILE A 494 -24.52 23.79 8.43
C ILE A 494 -24.15 22.39 7.99
N ALA A 495 -22.92 22.22 7.51
CA ALA A 495 -22.45 20.94 7.04
C ALA A 495 -21.51 20.29 8.04
N THR A 496 -21.98 19.21 8.65
CA THR A 496 -21.18 18.49 9.63
C THR A 496 -20.21 17.55 8.93
N ASN A 497 -18.92 17.87 9.01
CA ASN A 497 -17.86 17.07 8.39
C ASN A 497 -18.01 17.04 6.88
N MET A 498 -17.36 17.98 6.21
CA MET A 498 -17.43 18.06 4.76
C MET A 498 -16.58 16.97 4.11
N ALA A 499 -17.24 16.04 3.43
CA ALA A 499 -16.57 14.94 2.75
C ALA A 499 -15.69 15.45 1.62
N GLY A 500 -14.84 14.58 1.09
CA GLY A 500 -13.94 14.96 0.00
C GLY A 500 -14.68 15.48 -1.22
N ARG A 501 -14.10 16.49 -1.86
CA ARG A 501 -14.65 17.12 -3.07
C ARG A 501 -15.94 17.89 -2.75
N GLY A 502 -17.04 17.19 -2.63
CA GLY A 502 -18.30 17.84 -2.34
C GLY A 502 -19.05 18.22 -3.60
N THR A 503 -20.38 18.09 -3.54
CA THR A 503 -21.24 18.43 -4.67
C THR A 503 -21.07 19.89 -5.07
N ASP A 504 -21.21 20.14 -6.37
CA ASP A 504 -21.08 21.49 -6.89
C ASP A 504 -22.32 22.31 -6.58
N ILE A 505 -22.27 23.04 -5.48
CA ILE A 505 -23.38 23.88 -5.05
C ILE A 505 -23.55 25.07 -5.99
N VAL A 506 -24.72 25.18 -6.59
CA VAL A 506 -25.00 26.27 -7.52
C VAL A 506 -25.58 27.47 -6.78
N LEU A 507 -25.05 28.65 -7.08
CA LEU A 507 -25.51 29.88 -6.46
C LEU A 507 -26.91 30.24 -6.94
N GLY A 508 -27.77 30.62 -6.02
CA GLY A 508 -29.13 30.98 -6.36
C GLY A 508 -30.04 29.77 -6.41
N GLY A 509 -29.46 28.61 -6.12
CA GLY A 509 -30.21 27.37 -6.15
C GLY A 509 -29.85 26.54 -7.36
N SER A 510 -30.61 25.49 -7.62
CA SER A 510 -30.33 24.65 -8.77
C SER A 510 -31.58 24.45 -9.62
N TRP A 511 -31.68 25.22 -10.70
CA TRP A 511 -32.83 25.13 -11.60
C TRP A 511 -32.94 23.72 -12.17
N GLN A 512 -31.78 23.05 -12.28
CA GLN A 512 -31.72 21.69 -12.81
C GLN A 512 -32.50 20.74 -11.92
N ALA A 513 -32.53 21.01 -10.62
CA ALA A 513 -33.24 20.18 -9.67
C ALA A 513 -34.71 20.58 -9.61
N GLU A 514 -34.96 21.88 -9.74
CA GLU A 514 -36.31 22.41 -9.70
C GLU A 514 -37.14 21.89 -10.87
N VAL A 515 -36.56 21.91 -12.07
CA VAL A 515 -37.27 21.42 -13.25
C VAL A 515 -37.41 19.91 -13.21
N ALA A 516 -36.54 19.25 -12.45
CA ALA A 516 -36.57 17.81 -12.30
C ALA A 516 -37.63 17.38 -11.30
N ALA A 517 -37.98 18.30 -10.40
CA ALA A 517 -38.99 18.03 -9.37
C ALA A 517 -40.38 18.01 -10.00
N LEU A 518 -40.51 18.64 -11.15
CA LEU A 518 -41.77 18.69 -11.86
C LEU A 518 -42.01 17.39 -12.61
N GLU A 519 -43.16 16.77 -12.39
CA GLU A 519 -43.50 15.52 -13.07
C GLU A 519 -43.61 15.77 -14.57
N ASN A 520 -44.07 16.97 -14.91
CA ASN A 520 -44.20 17.38 -16.29
C ASN A 520 -43.35 18.63 -16.53
N PRO A 521 -42.10 18.43 -17.00
CA PRO A 521 -41.19 19.54 -17.26
C PRO A 521 -41.46 20.19 -18.60
N THR A 522 -42.51 20.98 -18.66
CA THR A 522 -42.88 21.67 -19.88
C THR A 522 -41.84 22.74 -20.21
N ALA A 523 -41.60 22.94 -21.51
CA ALA A 523 -40.61 23.92 -21.99
C ALA A 523 -40.82 25.30 -21.36
N GLU A 524 -42.07 25.74 -21.29
CA GLU A 524 -42.41 27.04 -20.72
C GLU A 524 -41.95 27.13 -19.26
N GLN A 525 -42.21 26.06 -18.51
CA GLN A 525 -41.85 26.02 -17.11
C GLN A 525 -40.33 26.02 -16.95
N ILE A 526 -39.64 25.27 -17.82
CA ILE A 526 -38.20 25.19 -17.78
C ILE A 526 -37.59 26.57 -18.02
N GLU A 527 -38.15 27.29 -18.98
CA GLU A 527 -37.68 28.62 -19.31
C GLU A 527 -37.97 29.59 -18.17
N LYS A 528 -39.16 29.46 -17.57
CA LYS A 528 -39.56 30.31 -16.45
C LYS A 528 -38.62 30.10 -15.27
N ILE A 529 -38.36 28.83 -14.94
CA ILE A 529 -37.49 28.49 -13.83
C ILE A 529 -36.05 28.93 -14.12
N LYS A 530 -35.67 28.86 -15.39
CA LYS A 530 -34.33 29.26 -15.81
C LYS A 530 -34.16 30.76 -15.55
N ALA A 531 -35.13 31.56 -16.01
CA ALA A 531 -35.10 33.00 -15.83
C ALA A 531 -35.23 33.35 -14.35
N ASP A 532 -36.04 32.56 -13.65
CA ASP A 532 -36.25 32.76 -12.22
C ASP A 532 -34.93 32.56 -11.47
N TRP A 533 -34.30 31.42 -11.73
CA TRP A 533 -33.03 31.07 -11.12
C TRP A 533 -31.94 32.08 -11.48
N GLN A 534 -31.97 32.56 -12.72
CA GLN A 534 -31.00 33.52 -13.22
C GLN A 534 -30.89 34.72 -12.27
N VAL A 535 -32.03 35.30 -11.91
CA VAL A 535 -32.07 36.45 -11.01
C VAL A 535 -31.55 36.08 -9.62
N ARG A 536 -32.00 34.94 -9.12
CA ARG A 536 -31.58 34.47 -7.79
C ARG A 536 -30.09 34.17 -7.76
N HIS A 537 -29.57 33.66 -8.86
CA HIS A 537 -28.16 33.33 -9.01
C HIS A 537 -27.30 34.59 -9.02
N ASP A 538 -27.68 35.54 -9.84
CA ASP A 538 -26.93 36.79 -10.00
C ASP A 538 -27.00 37.64 -8.74
N ALA A 539 -28.07 37.48 -7.97
CA ALA A 539 -28.21 38.23 -6.73
C ALA A 539 -27.13 37.82 -5.74
N VAL A 540 -26.80 36.53 -5.77
CA VAL A 540 -25.77 35.98 -4.89
C VAL A 540 -24.39 36.49 -5.30
N LEU A 541 -24.20 36.71 -6.60
CA LEU A 541 -22.93 37.19 -7.12
C LEU A 541 -22.58 38.56 -6.55
N GLU A 542 -23.55 39.46 -6.57
CA GLU A 542 -23.36 40.80 -6.06
C GLU A 542 -23.37 40.81 -4.52
N ALA A 543 -23.93 39.75 -3.95
CA ALA A 543 -24.01 39.63 -2.51
C ALA A 543 -22.65 39.25 -1.93
N GLY A 544 -21.89 38.46 -2.69
CA GLY A 544 -20.57 38.05 -2.25
C GLY A 544 -20.30 36.58 -2.44
N GLY A 545 -21.18 35.90 -3.18
CA GLY A 545 -21.00 34.48 -3.45
C GLY A 545 -21.28 33.62 -2.24
N LEU A 546 -20.92 32.35 -2.31
CA LEU A 546 -21.13 31.42 -1.22
C LEU A 546 -20.17 31.72 -0.08
N HIS A 547 -20.71 32.09 1.07
CA HIS A 547 -19.90 32.42 2.23
C HIS A 547 -19.69 31.21 3.12
N ILE A 548 -18.45 30.75 3.20
CA ILE A 548 -18.11 29.59 4.02
C ILE A 548 -17.64 30.03 5.40
N ILE A 549 -18.08 29.34 6.44
CA ILE A 549 -17.69 29.66 7.80
C ILE A 549 -17.17 28.42 8.51
N GLY A 550 -15.98 28.53 9.10
CA GLY A 550 -15.40 27.43 9.81
C GLY A 550 -15.46 27.64 11.31
N THR A 551 -16.12 26.73 12.01
CA THR A 551 -16.26 26.84 13.45
C THR A 551 -14.96 26.47 14.15
N GLU A 552 -14.27 25.48 13.60
CA GLU A 552 -13.01 25.01 14.14
C GLU A 552 -12.03 24.73 13.02
N ARG A 553 -10.76 25.07 13.23
CA ARG A 553 -9.73 24.82 12.25
C ARG A 553 -9.26 23.39 12.39
N HIS A 554 -8.99 22.74 11.27
CA HIS A 554 -8.53 21.35 11.30
C HIS A 554 -7.03 21.29 11.46
N GLU A 555 -6.54 20.22 12.08
CA GLU A 555 -5.11 20.04 12.28
C GLU A 555 -4.45 19.73 10.94
N SER A 556 -5.12 18.87 10.18
CA SER A 556 -4.64 18.51 8.85
C SER A 556 -5.02 19.60 7.86
N ARG A 557 -4.04 20.26 7.30
CA ARG A 557 -4.26 21.36 6.36
C ARG A 557 -4.91 20.86 5.07
N ARG A 558 -4.65 19.60 4.71
CA ARG A 558 -5.23 19.03 3.48
C ARG A 558 -6.75 19.04 3.57
N ILE A 559 -7.28 18.77 4.76
CA ILE A 559 -8.72 18.76 4.96
C ILE A 559 -9.22 20.15 5.33
N ASP A 560 -8.37 20.91 6.01
CA ASP A 560 -8.71 22.27 6.43
C ASP A 560 -8.90 23.19 5.24
N ASN A 561 -7.98 23.11 4.28
CA ASN A 561 -8.05 23.94 3.08
C ASN A 561 -9.19 23.51 2.17
N GLN A 562 -9.60 22.25 2.31
CA GLN A 562 -10.69 21.70 1.52
C GLN A 562 -11.99 22.43 1.81
N LEU A 563 -12.14 22.94 3.03
CA LEU A 563 -13.33 23.67 3.42
C LEU A 563 -13.37 25.03 2.73
N ARG A 564 -12.21 25.64 2.57
CA ARG A 564 -12.11 26.93 1.92
C ARG A 564 -12.27 26.78 0.41
N GLY A 565 -11.84 25.63 -0.11
CA GLY A 565 -11.93 25.36 -1.53
C GLY A 565 -13.34 24.99 -1.97
N ARG A 566 -14.28 24.99 -1.03
CA ARG A 566 -15.67 24.66 -1.35
C ARG A 566 -16.30 25.77 -2.18
N SER A 567 -15.87 26.99 -1.93
CA SER A 567 -16.38 28.16 -2.64
C SER A 567 -15.42 28.55 -3.76
N GLY A 568 -15.85 29.46 -4.62
CA GLY A 568 -15.01 29.90 -5.73
C GLY A 568 -14.73 28.75 -6.69
N ARG A 569 -15.78 28.08 -7.10
CA ARG A 569 -15.66 26.95 -8.01
C ARG A 569 -15.48 27.41 -9.45
N GLN A 570 -14.42 26.91 -10.09
CA GLN A 570 -14.08 27.27 -11.46
C GLN A 570 -13.92 28.78 -11.61
N GLY A 571 -13.44 29.41 -10.55
CA GLY A 571 -13.23 30.84 -10.56
C GLY A 571 -14.52 31.62 -10.37
N ASP A 572 -15.34 31.17 -9.44
CA ASP A 572 -16.60 31.84 -9.17
C ASP A 572 -16.49 32.72 -7.93
N ALA A 573 -17.63 33.22 -7.46
CA ALA A 573 -17.68 34.10 -6.31
C ALA A 573 -17.69 33.28 -5.01
N GLY A 574 -17.58 33.99 -3.90
CA GLY A 574 -17.59 33.33 -2.61
C GLY A 574 -16.71 34.03 -1.60
N SER A 575 -16.75 33.57 -0.37
CA SER A 575 -15.95 34.15 0.70
C SER A 575 -15.77 33.13 1.82
N SER A 576 -14.71 33.27 2.60
CA SER A 576 -14.46 32.36 3.70
C SER A 576 -14.16 33.13 4.97
N ARG A 577 -14.75 32.69 6.08
CA ARG A 577 -14.54 33.32 7.37
C ARG A 577 -14.43 32.24 8.44
N PHE A 578 -13.27 32.16 9.08
CA PHE A 578 -13.04 31.17 10.11
C PHE A 578 -12.99 31.80 11.49
N TYR A 579 -13.43 31.04 12.48
CA TYR A 579 -13.45 31.51 13.85
C TYR A 579 -12.79 30.47 14.74
N LEU A 580 -12.34 30.89 15.92
CA LEU A 580 -11.68 29.99 16.85
C LEU A 580 -11.75 30.53 18.28
N SER A 581 -11.39 29.70 19.23
CA SER A 581 -11.37 30.08 20.63
C SER A 581 -9.98 29.84 21.21
N MET A 582 -9.64 30.56 22.26
CA MET A 582 -8.33 30.42 22.90
C MET A 582 -8.24 29.11 23.65
N GLU A 583 -9.39 28.50 23.88
CA GLU A 583 -9.49 27.22 24.57
C GLU A 583 -10.11 26.20 23.62
N ASP A 584 -9.87 26.39 22.34
CA ASP A 584 -10.41 25.52 21.30
C ASP A 584 -9.56 24.26 21.13
N ALA A 585 -10.02 23.38 20.25
CA ALA A 585 -9.34 22.12 19.98
C ALA A 585 -8.01 22.34 19.25
N LEU A 586 -7.98 23.34 18.37
CA LEU A 586 -6.75 23.63 17.63
C LEU A 586 -5.67 24.19 18.54
N MET A 587 -6.09 24.73 19.68
CA MET A 587 -5.16 25.31 20.64
C MET A 587 -4.44 24.23 21.44
N ARG A 588 -4.60 22.98 21.04
CA ARG A 588 -3.95 21.88 21.73
C ARG A 588 -2.79 21.34 20.89
N ILE A 589 -2.73 21.74 19.63
CA ILE A 589 -1.67 21.27 18.74
C ILE A 589 -0.43 22.16 18.82
N PHE A 590 -0.50 23.20 19.63
CA PHE A 590 0.61 24.12 19.79
C PHE A 590 1.63 23.58 20.79
N ALA A 591 1.25 22.50 21.47
CA ALA A 591 2.10 21.82 22.46
C ALA A 591 2.27 22.66 23.73
N SER A 592 2.81 23.86 23.57
CA SER A 592 3.02 24.76 24.71
C SER A 592 1.80 25.63 24.94
N ASP A 593 1.15 25.43 26.09
CA ASP A 593 -0.04 26.20 26.46
C ASP A 593 0.32 27.67 26.62
N ARG A 594 1.59 27.94 26.89
CA ARG A 594 2.07 29.30 27.07
C ARG A 594 1.83 30.15 25.82
N VAL A 595 1.70 29.49 24.67
CA VAL A 595 1.45 30.20 23.43
C VAL A 595 0.04 30.78 23.46
N SER A 596 -0.93 29.93 23.82
CA SER A 596 -2.32 30.34 23.93
C SER A 596 -2.48 31.36 25.05
N GLY A 597 -1.72 31.17 26.13
CA GLY A 597 -1.79 32.09 27.25
C GLY A 597 -1.33 33.49 26.87
N MET A 598 -0.28 33.55 26.04
CA MET A 598 0.27 34.83 25.59
C MET A 598 -0.65 35.46 24.55
N MET A 599 -1.38 34.63 23.83
CA MET A 599 -2.30 35.11 22.80
C MET A 599 -3.54 35.72 23.46
N ARG A 600 -3.77 35.37 24.72
CA ARG A 600 -4.91 35.89 25.47
C ARG A 600 -4.65 37.33 25.93
N LYS A 601 -3.54 37.89 25.49
CA LYS A 601 -3.16 39.25 25.85
C LYS A 601 -3.63 40.23 24.79
N LEU A 602 -4.31 39.73 23.77
CA LEU A 602 -4.80 40.59 22.70
C LEU A 602 -6.10 41.28 23.11
N GLY A 603 -6.66 40.87 24.23
CA GLY A 603 -7.90 41.47 24.71
C GLY A 603 -9.12 40.84 24.06
N MET A 604 -9.09 40.78 22.73
CA MET A 604 -10.15 40.19 21.91
C MET A 604 -11.38 41.09 21.86
N LYS A 605 -11.98 41.36 23.02
CA LYS A 605 -13.17 42.21 23.12
C LYS A 605 -14.34 41.58 22.36
N PRO A 606 -15.17 40.80 23.07
CA PRO A 606 -16.35 40.12 22.49
C PRO A 606 -17.30 41.11 21.83
N GLY A 607 -17.14 41.28 20.53
CA GLY A 607 -17.99 42.19 19.79
C GLY A 607 -17.22 42.93 18.72
N GLU A 608 -15.93 43.14 18.93
CA GLU A 608 -15.10 43.84 17.96
C GLU A 608 -14.21 42.88 17.21
N ALA A 609 -14.04 43.12 15.92
CA ALA A 609 -13.21 42.28 15.08
C ALA A 609 -11.82 42.88 14.96
N ILE A 610 -10.83 42.19 15.50
CA ILE A 610 -9.45 42.66 15.45
C ILE A 610 -8.92 42.63 14.01
N GLU A 611 -9.31 41.59 13.28
CA GLU A 611 -8.91 41.41 11.88
C GLU A 611 -7.39 41.49 11.72
N HIS A 612 -6.69 40.45 12.13
CA HIS A 612 -5.24 40.43 12.03
C HIS A 612 -4.77 39.15 11.33
N PRO A 613 -4.35 39.28 10.06
CA PRO A 613 -3.88 38.15 9.24
C PRO A 613 -2.75 37.34 9.86
N TRP A 614 -2.01 37.92 10.81
CA TRP A 614 -0.91 37.20 11.45
C TRP A 614 -1.42 35.94 12.15
N VAL A 615 -2.68 36.00 12.60
CA VAL A 615 -3.29 34.87 13.27
C VAL A 615 -3.44 33.71 12.28
N THR A 616 -3.98 34.01 11.12
CA THR A 616 -4.18 33.01 10.07
C THR A 616 -2.83 32.44 9.63
N LYS A 617 -1.82 33.30 9.58
CA LYS A 617 -0.48 32.87 9.18
C LYS A 617 0.08 31.91 10.21
N ALA A 618 -0.13 32.21 11.49
CA ALA A 618 0.36 31.36 12.57
C ALA A 618 -0.34 30.01 12.53
N ILE A 619 -1.63 30.02 12.24
CA ILE A 619 -2.41 28.79 12.15
C ILE A 619 -1.91 27.91 11.01
N ALA A 620 -1.77 28.51 9.83
CA ALA A 620 -1.30 27.77 8.66
C ALA A 620 0.13 27.27 8.87
N ASN A 621 0.92 28.08 9.57
CA ASN A 621 2.30 27.74 9.88
C ASN A 621 2.34 26.53 10.81
N ALA A 622 1.48 26.54 11.83
CA ALA A 622 1.41 25.45 12.79
C ALA A 622 0.87 24.18 12.14
N GLN A 623 -0.14 24.33 11.29
CA GLN A 623 -0.74 23.20 10.58
C GLN A 623 0.31 22.49 9.74
N ARG A 624 1.16 23.28 9.10
CA ARG A 624 2.23 22.73 8.26
C ARG A 624 3.17 21.87 9.11
N LYS A 625 3.44 22.32 10.34
CA LYS A 625 4.34 21.60 11.23
C LYS A 625 3.77 20.25 11.62
N VAL A 626 2.46 20.19 11.82
CA VAL A 626 1.79 18.95 12.19
C VAL A 626 1.95 17.91 11.09
N GLU A 627 1.71 18.33 9.85
CA GLU A 627 1.82 17.45 8.71
C GLU A 627 3.28 17.09 8.44
N SER A 628 4.18 18.05 8.68
CA SER A 628 5.61 17.81 8.49
C SER A 628 6.10 16.75 9.47
N ARG A 629 5.54 16.77 10.68
CA ARG A 629 5.90 15.81 11.71
C ARG A 629 5.40 14.43 11.30
N ASN A 630 4.28 14.41 10.58
CA ASN A 630 3.70 13.16 10.10
C ASN A 630 4.63 12.54 9.07
N PHE A 631 5.23 13.39 8.23
CA PHE A 631 6.18 12.94 7.21
C PHE A 631 7.41 12.33 7.87
N ASP A 632 7.81 12.94 8.98
CA ASP A 632 8.98 12.45 9.72
C ASP A 632 8.73 11.03 10.19
N ILE A 633 7.49 10.74 10.54
CA ILE A 633 7.10 9.40 10.98
C ILE A 633 6.89 8.48 9.78
N ARG A 634 6.32 9.03 8.71
CA ARG A 634 6.08 8.26 7.49
C ARG A 634 7.39 7.77 6.89
N LYS A 635 8.39 8.65 6.86
CA LYS A 635 9.70 8.30 6.33
C LYS A 635 10.38 7.23 7.17
N GLN A 636 10.04 7.18 8.46
CA GLN A 636 10.61 6.19 9.36
C GLN A 636 10.17 4.80 8.92
N LEU A 637 8.88 4.67 8.64
CA LEU A 637 8.32 3.40 8.20
C LEU A 637 8.88 3.02 6.84
N LEU A 638 8.99 4.01 5.97
CA LEU A 638 9.53 3.80 4.62
C LEU A 638 10.98 3.34 4.66
N GLU A 639 11.71 3.76 5.69
CA GLU A 639 13.11 3.38 5.85
C GLU A 639 13.26 1.86 6.01
N TYR A 640 12.22 1.24 6.56
CA TYR A 640 12.23 -0.20 6.77
C TYR A 640 11.51 -0.91 5.63
N ASP A 641 10.56 -0.21 5.03
CA ASP A 641 9.78 -0.77 3.92
C ASP A 641 10.58 -0.81 2.64
N ASP A 642 11.45 0.19 2.44
CA ASP A 642 12.28 0.25 1.24
C ASP A 642 13.28 -0.89 1.22
N VAL A 643 13.58 -1.43 2.40
CA VAL A 643 14.50 -2.55 2.51
C VAL A 643 13.88 -3.78 1.87
N ALA A 644 12.59 -3.96 2.14
CA ALA A 644 11.85 -5.09 1.58
C ALA A 644 11.58 -4.86 0.11
N ASN A 645 11.61 -3.59 -0.29
CA ASN A 645 11.40 -3.21 -1.68
C ASN A 645 12.46 -3.83 -2.58
N ASP A 646 13.72 -3.68 -2.19
CA ASP A 646 14.83 -4.22 -2.96
C ASP A 646 14.73 -5.74 -3.04
N GLN A 647 14.48 -6.38 -1.90
CA GLN A 647 14.36 -7.83 -1.83
C GLN A 647 13.19 -8.32 -2.68
N ARG A 648 12.05 -7.64 -2.55
CA ARG A 648 10.85 -8.00 -3.31
C ARG A 648 11.10 -7.81 -4.80
N ARG A 649 11.79 -6.73 -5.15
CA ARG A 649 12.09 -6.43 -6.53
C ARG A 649 12.96 -7.53 -7.15
N ALA A 650 14.03 -7.87 -6.45
CA ALA A 650 14.96 -8.91 -6.91
C ALA A 650 14.28 -10.26 -7.03
N ILE A 651 13.56 -10.67 -5.99
CA ILE A 651 12.89 -11.96 -5.98
C ILE A 651 11.76 -12.01 -7.02
N TYR A 652 11.09 -10.88 -7.25
CA TYR A 652 10.00 -10.82 -8.23
C TYR A 652 10.56 -10.93 -9.64
N SER A 653 11.75 -10.38 -9.84
CA SER A 653 12.40 -10.43 -11.14
C SER A 653 12.69 -11.87 -11.52
N GLN A 654 13.39 -12.58 -10.65
CA GLN A 654 13.75 -13.98 -10.89
C GLN A 654 12.49 -14.84 -11.01
N ARG A 655 11.50 -14.55 -10.18
CA ARG A 655 10.24 -15.28 -10.19
C ARG A 655 9.56 -15.16 -11.55
N ASN A 656 9.72 -14.00 -12.19
CA ASN A 656 9.12 -13.76 -13.49
C ASN A 656 9.99 -14.33 -14.60
N GLU A 657 11.31 -14.21 -14.43
CA GLU A 657 12.26 -14.72 -15.41
C GLU A 657 12.05 -16.22 -15.64
N LEU A 658 11.96 -16.96 -14.53
CA LEU A 658 11.75 -18.41 -14.58
C LEU A 658 10.33 -18.74 -15.03
N LEU A 659 9.45 -17.75 -14.99
CA LEU A 659 8.07 -17.94 -15.37
C LEU A 659 7.90 -17.76 -16.88
N ASP A 660 8.53 -16.72 -17.40
CA ASP A 660 8.45 -16.40 -18.83
C ASP A 660 9.16 -17.45 -19.69
N VAL A 661 10.43 -17.71 -19.37
CA VAL A 661 11.23 -18.67 -20.13
C VAL A 661 10.62 -20.07 -20.11
N SER A 662 10.87 -20.82 -21.18
CA SER A 662 10.37 -22.18 -21.30
C SER A 662 11.41 -23.18 -20.79
N ASP A 663 12.63 -23.06 -21.29
CA ASP A 663 13.71 -23.95 -20.88
C ASP A 663 14.34 -23.45 -19.58
N VAL A 664 14.86 -24.38 -18.79
CA VAL A 664 15.47 -24.04 -17.52
C VAL A 664 16.73 -24.90 -17.26
N SER A 665 17.14 -25.65 -18.28
CA SER A 665 18.32 -26.52 -18.18
C SER A 665 19.53 -25.79 -17.62
N GLU A 666 19.81 -24.62 -18.18
CA GLU A 666 20.94 -23.79 -17.78
C GLU A 666 20.87 -23.43 -16.30
N THR A 667 19.74 -22.89 -15.88
CA THR A 667 19.54 -22.49 -14.50
C THR A 667 19.68 -23.65 -13.52
N ILE A 668 18.97 -24.74 -13.79
CA ILE A 668 19.02 -25.91 -12.91
C ILE A 668 20.42 -26.49 -12.83
N ASN A 669 21.14 -26.52 -13.94
CA ASN A 669 22.49 -27.06 -13.96
C ASN A 669 23.45 -26.20 -13.16
N SER A 670 23.33 -24.88 -13.34
CA SER A 670 24.19 -23.94 -12.63
C SER A 670 24.07 -24.12 -11.12
N ILE A 671 22.84 -24.26 -10.63
CA ILE A 671 22.63 -24.44 -9.20
C ILE A 671 22.90 -25.89 -8.78
N ARG A 672 22.78 -26.83 -9.73
CA ARG A 672 23.04 -28.24 -9.45
C ARG A 672 24.48 -28.43 -9.02
N GLU A 673 25.40 -27.87 -9.80
CA GLU A 673 26.82 -27.96 -9.53
C GLU A 673 27.19 -27.12 -8.31
N ASP A 674 26.51 -25.99 -8.15
CA ASP A 674 26.76 -25.07 -7.03
C ASP A 674 26.37 -25.71 -5.70
N VAL A 675 25.19 -26.30 -5.65
CA VAL A 675 24.68 -26.93 -4.44
C VAL A 675 25.58 -28.08 -3.99
N PHE A 676 25.96 -28.93 -4.93
CA PHE A 676 26.82 -30.06 -4.62
C PHE A 676 28.14 -29.59 -4.03
N LYS A 677 28.70 -28.54 -4.61
CA LYS A 677 29.96 -27.99 -4.13
C LYS A 677 29.79 -27.47 -2.70
N ALA A 678 28.70 -26.73 -2.48
CA ALA A 678 28.42 -26.16 -1.17
C ALA A 678 28.19 -27.26 -0.12
N THR A 679 27.46 -28.29 -0.50
CA THR A 679 27.17 -29.41 0.39
C THR A 679 28.45 -30.16 0.75
N ILE A 680 29.27 -30.44 -0.25
CA ILE A 680 30.53 -31.14 -0.03
C ILE A 680 31.48 -30.29 0.81
N ASP A 681 31.48 -28.99 0.54
CA ASP A 681 32.33 -28.02 1.25
C ASP A 681 32.09 -28.05 2.75
N ALA A 682 30.88 -28.41 3.16
CA ALA A 682 30.52 -28.45 4.57
C ALA A 682 31.22 -29.58 5.32
N TYR A 683 31.65 -30.61 4.60
CA TYR A 683 32.31 -31.75 5.23
C TYR A 683 33.72 -31.95 4.70
N ILE A 684 33.99 -31.38 3.54
CA ILE A 684 35.29 -31.48 2.92
C ILE A 684 35.79 -30.08 2.52
N PRO A 685 36.72 -29.53 3.30
CA PRO A 685 37.29 -28.20 3.03
C PRO A 685 38.13 -28.19 1.75
N PRO A 686 38.02 -27.13 0.95
CA PRO A 686 38.77 -27.00 -0.31
C PRO A 686 40.26 -27.26 -0.15
N GLN A 687 40.70 -28.41 -0.64
CA GLN A 687 42.10 -28.83 -0.58
C GLN A 687 42.58 -28.96 0.85
N SER A 688 42.37 -30.13 1.43
CA SER A 688 42.78 -30.40 2.80
C SER A 688 43.27 -31.85 2.93
N LEU A 689 43.41 -32.33 4.15
CA LEU A 689 43.87 -33.69 4.39
C LEU A 689 42.70 -34.62 4.66
N GLU A 690 42.94 -35.92 4.53
CA GLU A 690 41.92 -36.94 4.74
C GLU A 690 41.34 -36.86 6.16
N GLU A 691 42.18 -36.44 7.10
CA GLU A 691 41.77 -36.30 8.49
C GLU A 691 40.71 -35.20 8.66
N MET A 692 40.71 -34.27 7.72
CA MET A 692 39.77 -33.15 7.77
C MET A 692 38.53 -33.42 6.92
N TRP A 693 38.44 -34.62 6.37
CA TRP A 693 37.30 -34.98 5.53
C TRP A 693 36.33 -35.87 6.28
N ASP A 694 35.14 -35.33 6.57
CA ASP A 694 34.11 -36.10 7.26
C ASP A 694 33.38 -36.95 6.23
N ILE A 695 34.02 -38.06 5.86
CA ILE A 695 33.47 -38.99 4.89
C ILE A 695 32.08 -39.49 5.30
N PRO A 696 31.90 -40.02 6.53
CA PRO A 696 30.59 -40.52 6.97
C PRO A 696 29.54 -39.41 6.97
N GLY A 697 29.91 -38.24 7.47
CA GLY A 697 29.00 -37.12 7.53
C GLY A 697 28.53 -36.69 6.16
N LEU A 698 29.43 -36.71 5.18
CA LEU A 698 29.09 -36.31 3.82
C LEU A 698 28.35 -37.42 3.09
N GLN A 699 28.84 -38.65 3.21
CA GLN A 699 28.23 -39.80 2.55
C GLN A 699 26.78 -39.98 3.00
N GLU A 700 26.56 -39.98 4.32
CA GLU A 700 25.23 -40.14 4.86
C GLU A 700 24.35 -38.95 4.48
N ARG A 701 24.99 -37.78 4.34
CA ARG A 701 24.29 -36.56 3.96
C ARG A 701 23.68 -36.72 2.57
N LEU A 702 24.48 -37.17 1.62
CA LEU A 702 24.02 -37.35 0.25
C LEU A 702 22.98 -38.47 0.17
N LYS A 703 23.09 -39.44 1.07
CA LYS A 703 22.17 -40.57 1.10
C LYS A 703 20.84 -40.18 1.75
N ASN A 704 20.84 -39.08 2.49
CA ASN A 704 19.63 -38.64 3.19
C ASN A 704 19.03 -37.38 2.54
N ASP A 705 19.84 -36.35 2.39
CA ASP A 705 19.40 -35.09 1.82
C ASP A 705 19.14 -35.21 0.32
N PHE A 706 19.95 -36.00 -0.37
CA PHE A 706 19.79 -36.17 -1.81
C PHE A 706 19.20 -37.53 -2.14
N ASP A 707 19.17 -38.42 -1.14
CA ASP A 707 18.61 -39.76 -1.28
C ASP A 707 19.37 -40.61 -2.29
N LEU A 708 20.64 -40.28 -2.51
CA LEU A 708 21.44 -41.01 -3.47
C LEU A 708 22.56 -41.75 -2.76
N ASP A 709 22.66 -43.06 -3.01
CA ASP A 709 23.69 -43.88 -2.40
C ASP A 709 25.01 -43.74 -3.14
N LEU A 710 25.91 -42.94 -2.58
CA LEU A 710 27.21 -42.71 -3.18
C LEU A 710 28.31 -43.28 -2.30
N PRO A 711 29.02 -44.31 -2.78
CA PRO A 711 30.10 -44.97 -2.04
C PRO A 711 31.40 -44.16 -2.05
N ILE A 712 31.37 -43.00 -1.41
CA ILE A 712 32.53 -42.11 -1.35
C ILE A 712 33.70 -42.81 -0.66
N ALA A 713 33.41 -43.45 0.47
CA ALA A 713 34.43 -44.15 1.24
C ALA A 713 35.00 -45.32 0.45
N GLU A 714 34.17 -45.91 -0.40
CA GLU A 714 34.59 -47.04 -1.21
C GLU A 714 35.58 -46.58 -2.28
N TRP A 715 35.32 -45.43 -2.87
CA TRP A 715 36.15 -44.86 -3.92
C TRP A 715 37.52 -44.46 -3.38
N LEU A 716 37.52 -43.64 -2.33
CA LEU A 716 38.75 -43.14 -1.74
C LEU A 716 39.61 -44.26 -1.15
N ASP A 717 38.99 -45.41 -0.91
CA ASP A 717 39.68 -46.56 -0.36
C ASP A 717 40.52 -47.27 -1.40
N LYS A 718 40.00 -47.35 -2.63
CA LYS A 718 40.70 -48.05 -3.71
C LYS A 718 41.40 -47.08 -4.66
N GLU A 719 40.89 -45.86 -4.75
CA GLU A 719 41.49 -44.85 -5.61
C GLU A 719 41.89 -43.62 -4.80
N PRO A 720 43.02 -43.69 -4.08
CA PRO A 720 43.51 -42.59 -3.24
C PRO A 720 44.05 -41.43 -4.07
N GLU A 721 44.19 -41.64 -5.37
CA GLU A 721 44.71 -40.61 -6.27
C GLU A 721 43.64 -39.58 -6.59
N LEU A 722 42.39 -39.88 -6.23
CA LEU A 722 41.28 -38.95 -6.46
C LEU A 722 41.41 -37.74 -5.55
N HIS A 723 42.03 -37.97 -4.40
CA HIS A 723 42.26 -36.96 -3.38
C HIS A 723 40.98 -36.21 -3.01
N GLU A 724 40.76 -35.05 -3.64
CA GLU A 724 39.59 -34.25 -3.32
C GLU A 724 38.90 -33.75 -4.60
N GLU A 725 39.67 -33.05 -5.45
CA GLU A 725 39.13 -32.50 -6.68
C GLU A 725 38.49 -33.57 -7.56
N THR A 726 39.25 -34.62 -7.87
CA THR A 726 38.74 -35.70 -8.70
C THR A 726 37.59 -36.42 -8.00
N LEU A 727 37.60 -36.39 -6.67
CA LEU A 727 36.54 -37.02 -5.89
C LEU A 727 35.24 -36.27 -6.11
N ARG A 728 35.31 -34.94 -6.10
CA ARG A 728 34.14 -34.10 -6.32
C ARG A 728 33.58 -34.37 -7.72
N GLU A 729 34.48 -34.52 -8.67
CA GLU A 729 34.12 -34.80 -10.06
C GLU A 729 33.33 -36.10 -10.16
N ARG A 730 33.82 -37.13 -9.47
CA ARG A 730 33.15 -38.44 -9.48
C ARG A 730 31.74 -38.33 -8.90
N ILE A 731 31.63 -37.63 -7.78
CA ILE A 731 30.33 -37.44 -7.13
C ILE A 731 29.36 -36.70 -8.04
N LEU A 732 29.80 -35.57 -8.56
CA LEU A 732 28.98 -34.75 -9.45
C LEU A 732 28.53 -35.52 -10.68
N ALA A 733 29.47 -36.22 -11.31
CA ALA A 733 29.17 -37.00 -12.51
C ALA A 733 28.16 -38.10 -12.22
N GLN A 734 28.33 -38.76 -11.08
CA GLN A 734 27.45 -39.85 -10.68
C GLN A 734 26.02 -39.36 -10.48
N SER A 735 25.86 -38.20 -9.85
CA SER A 735 24.52 -37.64 -9.62
C SER A 735 23.83 -37.35 -10.95
N ILE A 736 24.57 -36.80 -11.91
CA ILE A 736 24.02 -36.49 -13.22
C ILE A 736 23.65 -37.76 -13.96
N GLU A 737 24.53 -38.75 -13.88
CA GLU A 737 24.32 -40.04 -14.54
C GLU A 737 23.02 -40.68 -14.06
N VAL A 738 22.79 -40.65 -12.76
CA VAL A 738 21.58 -41.23 -12.18
C VAL A 738 20.36 -40.39 -12.54
N TYR A 739 20.52 -39.07 -12.51
CA TYR A 739 19.45 -38.14 -12.83
C TYR A 739 18.94 -38.37 -14.25
N GLN A 740 19.86 -38.61 -15.17
CA GLN A 740 19.52 -38.83 -16.57
C GLN A 740 18.61 -40.06 -16.73
N ARG A 741 18.79 -41.05 -15.86
CA ARG A 741 17.97 -42.25 -15.91
C ARG A 741 16.52 -41.89 -15.58
N LYS A 742 16.36 -41.10 -14.52
CA LYS A 742 15.03 -40.67 -14.10
C LYS A 742 14.42 -39.78 -15.18
N GLU A 743 15.27 -38.97 -15.79
CA GLU A 743 14.85 -38.06 -16.84
C GLU A 743 14.32 -38.84 -18.04
N GLU A 744 14.99 -39.92 -18.40
CA GLU A 744 14.59 -40.75 -19.54
C GLU A 744 13.21 -41.37 -19.32
N VAL A 745 12.97 -41.82 -18.09
CA VAL A 745 11.70 -42.46 -17.76
C VAL A 745 10.53 -41.47 -17.80
N VAL A 746 10.70 -40.30 -17.18
CA VAL A 746 9.65 -39.30 -17.15
C VAL A 746 9.55 -38.56 -18.49
N GLY A 747 10.71 -38.23 -19.04
CA GLY A 747 10.77 -37.51 -20.29
C GLY A 747 11.50 -36.20 -20.11
N ALA A 748 12.57 -36.00 -20.88
CA ALA A 748 13.38 -34.79 -20.80
C ALA A 748 12.53 -33.52 -20.90
N GLU A 749 11.61 -33.49 -21.84
CA GLU A 749 10.73 -32.33 -22.04
C GLU A 749 9.90 -32.07 -20.79
N MET A 750 9.32 -33.13 -20.25
CA MET A 750 8.50 -33.01 -19.05
C MET A 750 9.35 -32.61 -17.86
N MET A 751 10.55 -33.19 -17.79
CA MET A 751 11.48 -32.90 -16.69
C MET A 751 11.87 -31.43 -16.68
N ARG A 752 12.11 -30.86 -17.85
CA ARG A 752 12.48 -29.45 -17.96
C ARG A 752 11.37 -28.58 -17.39
N HIS A 753 10.13 -28.97 -17.64
CA HIS A 753 8.98 -28.23 -17.15
C HIS A 753 8.84 -28.49 -15.65
N PHE A 754 9.18 -29.70 -15.23
CA PHE A 754 9.11 -30.08 -13.83
C PHE A 754 10.12 -29.30 -13.01
N GLU A 755 11.37 -29.27 -13.49
CA GLU A 755 12.44 -28.54 -12.82
C GLU A 755 12.06 -27.08 -12.64
N LYS A 756 11.54 -26.48 -13.72
CA LYS A 756 11.12 -25.09 -13.69
C LYS A 756 10.02 -24.89 -12.66
N GLY A 757 9.08 -25.83 -12.62
CA GLY A 757 7.99 -25.77 -11.67
C GLY A 757 8.50 -25.88 -10.24
N VAL A 758 9.42 -26.82 -10.03
CA VAL A 758 10.00 -27.03 -8.71
C VAL A 758 10.71 -25.76 -8.25
N MET A 759 11.46 -25.14 -9.15
CA MET A 759 12.16 -23.90 -8.83
C MET A 759 11.19 -22.83 -8.42
N LEU A 760 10.13 -22.66 -9.22
CA LEU A 760 9.11 -21.67 -8.94
C LEU A 760 8.44 -21.94 -7.61
N GLN A 761 8.07 -23.20 -7.38
CA GLN A 761 7.41 -23.60 -6.14
C GLN A 761 8.30 -23.33 -4.93
N THR A 762 9.53 -23.84 -4.98
CA THR A 762 10.47 -23.66 -3.86
C THR A 762 10.74 -22.18 -3.59
N LEU A 763 10.96 -21.42 -4.66
CA LEU A 763 11.22 -19.99 -4.56
C LEU A 763 10.00 -19.27 -3.97
N ASP A 764 8.83 -19.65 -4.46
CA ASP A 764 7.58 -19.07 -4.01
C ASP A 764 7.36 -19.32 -2.52
N SER A 765 7.49 -20.58 -2.11
CA SER A 765 7.30 -20.97 -0.72
C SER A 765 8.26 -20.24 0.22
N LEU A 766 9.53 -20.16 -0.16
CA LEU A 766 10.53 -19.50 0.68
C LEU A 766 10.26 -18.01 0.77
N TRP A 767 9.75 -17.42 -0.32
CA TRP A 767 9.43 -16.00 -0.33
C TRP A 767 8.32 -15.70 0.67
N LYS A 768 7.36 -16.62 0.76
CA LYS A 768 6.24 -16.47 1.67
C LYS A 768 6.72 -16.52 3.12
N GLU A 769 7.63 -17.44 3.40
CA GLU A 769 8.20 -17.57 4.74
C GLU A 769 8.94 -16.30 5.09
N HIS A 770 9.76 -15.85 4.16
CA HIS A 770 10.55 -14.64 4.33
C HIS A 770 9.66 -13.43 4.58
N LEU A 771 8.50 -13.40 3.92
CA LEU A 771 7.55 -12.30 4.09
C LEU A 771 7.12 -12.19 5.54
N ALA A 772 6.75 -13.32 6.14
CA ALA A 772 6.32 -13.36 7.52
C ALA A 772 7.51 -13.09 8.44
N ALA A 773 8.66 -13.65 8.06
CA ALA A 773 9.89 -13.48 8.82
C ALA A 773 10.28 -12.01 8.95
N MET A 774 10.02 -11.24 7.89
CA MET A 774 10.33 -9.82 7.88
C MET A 774 9.58 -9.08 8.99
N ASP A 775 8.32 -9.44 9.20
CA ASP A 775 7.51 -8.81 10.23
C ASP A 775 7.99 -9.24 11.61
N TYR A 776 8.29 -10.52 11.73
CA TYR A 776 8.78 -11.09 12.99
C TYR A 776 10.10 -10.43 13.39
N LEU A 777 10.97 -10.24 12.40
CA LEU A 777 12.26 -9.63 12.62
C LEU A 777 12.09 -8.16 12.98
N ARG A 778 11.13 -7.51 12.30
CA ARG A 778 10.83 -6.10 12.54
C ARG A 778 10.52 -5.84 14.00
N GLN A 779 9.85 -6.80 14.64
CA GLN A 779 9.50 -6.69 16.04
C GLN A 779 10.72 -6.95 16.93
N GLY A 780 11.56 -7.89 16.50
CA GLY A 780 12.75 -8.24 17.24
C GLY A 780 13.81 -7.16 17.21
N ILE A 781 13.68 -6.22 16.27
CA ILE A 781 14.63 -5.12 16.13
C ILE A 781 14.72 -4.30 17.42
N HIS A 782 13.65 -4.37 18.23
CA HIS A 782 13.60 -3.65 19.49
C HIS A 782 14.65 -4.18 20.46
N LEU A 783 15.10 -5.40 20.22
CA LEU A 783 16.12 -6.04 21.06
C LEU A 783 17.43 -6.16 20.30
N ARG A 784 17.34 -6.42 18.99
CA ARG A 784 18.52 -6.56 18.14
C ARG A 784 19.26 -5.23 18.05
N GLY A 785 18.51 -4.14 18.00
CA GLY A 785 19.10 -2.83 17.92
C GLY A 785 19.41 -2.28 19.30
N TYR A 786 20.43 -2.85 19.93
CA TYR A 786 20.84 -2.44 21.27
C TYR A 786 21.47 -1.05 21.25
N ALA A 787 21.84 -0.55 22.43
CA ALA A 787 22.45 0.77 22.56
C ALA A 787 23.75 0.87 21.78
N GLN A 788 24.04 2.09 21.31
CA GLN A 788 25.26 2.38 20.54
C GLN A 788 25.17 1.80 19.14
N LYS A 789 23.97 1.45 18.72
CA LYS A 789 23.73 0.89 17.39
C LYS A 789 22.47 1.49 16.79
N ASP A 790 22.45 1.65 15.48
CA ASP A 790 21.28 2.20 14.80
C ASP A 790 20.34 1.09 14.37
N PRO A 791 19.14 1.05 14.96
CA PRO A 791 18.12 0.04 14.63
C PRO A 791 17.81 -0.05 13.14
N LYS A 792 17.92 1.07 12.44
CA LYS A 792 17.65 1.09 11.00
C LYS A 792 18.69 0.25 10.26
N GLN A 793 19.96 0.58 10.47
CA GLN A 793 21.05 -0.14 9.82
C GLN A 793 21.07 -1.60 10.27
N GLU A 794 20.80 -1.81 11.56
CA GLU A 794 20.79 -3.16 12.13
C GLU A 794 19.73 -4.00 11.44
N TYR A 795 18.53 -3.43 11.32
CA TYR A 795 17.41 -4.12 10.66
C TYR A 795 17.77 -4.44 9.21
N LYS A 796 18.42 -3.51 8.55
CA LYS A 796 18.83 -3.69 7.17
C LYS A 796 19.82 -4.85 7.04
N ARG A 797 20.83 -4.88 7.89
CA ARG A 797 21.82 -5.95 7.86
C ARG A 797 21.18 -7.31 8.13
N GLU A 798 20.31 -7.35 9.15
CA GLU A 798 19.61 -8.58 9.52
C GLU A 798 18.80 -9.14 8.36
N SER A 799 17.95 -8.30 7.78
CA SER A 799 17.09 -8.70 6.68
C SER A 799 17.88 -9.07 5.42
N PHE A 800 18.94 -8.32 5.13
CA PHE A 800 19.75 -8.59 3.94
C PHE A 800 20.47 -9.93 4.08
N SER A 801 21.04 -10.18 5.25
CA SER A 801 21.76 -11.43 5.49
C SER A 801 20.77 -12.60 5.46
N MET A 802 19.59 -12.37 6.01
CA MET A 802 18.54 -13.38 6.04
C MET A 802 18.10 -13.73 4.62
N PHE A 803 18.10 -12.73 3.75
CA PHE A 803 17.71 -12.92 2.36
C PHE A 803 18.71 -13.82 1.65
N ALA A 804 19.99 -13.63 1.97
CA ALA A 804 21.05 -14.44 1.38
C ALA A 804 20.88 -15.91 1.77
N ALA A 805 20.61 -16.14 3.06
CA ALA A 805 20.41 -17.49 3.57
C ALA A 805 19.20 -18.14 2.92
N MET A 806 18.21 -17.31 2.59
CA MET A 806 16.99 -17.79 1.95
C MET A 806 17.32 -18.33 0.56
N LEU A 807 18.18 -17.62 -0.16
CA LEU A 807 18.60 -18.02 -1.50
C LEU A 807 19.41 -19.31 -1.43
N GLU A 808 20.20 -19.45 -0.38
CA GLU A 808 21.02 -20.64 -0.19
C GLU A 808 20.13 -21.86 0.02
N SER A 809 19.03 -21.66 0.74
CA SER A 809 18.08 -22.73 1.00
C SER A 809 17.28 -23.04 -0.26
N LEU A 810 17.08 -22.02 -1.08
CA LEU A 810 16.33 -22.16 -2.33
C LEU A 810 16.96 -23.20 -3.24
N LYS A 811 18.21 -22.95 -3.65
CA LYS A 811 18.92 -23.86 -4.52
C LYS A 811 19.07 -25.24 -3.89
N TYR A 812 19.26 -25.26 -2.58
CA TYR A 812 19.42 -26.50 -1.84
C TYR A 812 18.19 -27.39 -1.97
N GLU A 813 17.04 -26.86 -1.59
CA GLU A 813 15.79 -27.61 -1.64
C GLU A 813 15.41 -27.97 -3.08
N VAL A 814 15.67 -27.07 -4.02
CA VAL A 814 15.36 -27.33 -5.43
C VAL A 814 16.07 -28.60 -5.92
N ILE A 815 17.37 -28.65 -5.70
CA ILE A 815 18.17 -29.79 -6.12
C ILE A 815 17.81 -31.03 -5.30
N SER A 816 17.56 -30.82 -4.01
CA SER A 816 17.19 -31.92 -3.13
C SER A 816 15.90 -32.58 -3.62
N THR A 817 14.89 -31.76 -3.92
CA THR A 817 13.61 -32.26 -4.41
C THR A 817 13.76 -33.04 -5.72
N LEU A 818 14.60 -32.54 -6.60
CA LEU A 818 14.84 -33.17 -7.90
C LEU A 818 15.59 -34.50 -7.75
N SER A 819 16.32 -34.66 -6.66
CA SER A 819 17.07 -35.88 -6.42
C SER A 819 16.23 -36.87 -5.59
N LYS A 820 15.46 -36.32 -4.66
CA LYS A 820 14.62 -37.13 -3.77
C LYS A 820 13.48 -37.80 -4.52
N VAL A 821 13.03 -37.20 -5.63
CA VAL A 821 11.96 -37.79 -6.41
C VAL A 821 12.43 -39.11 -7.02
N GLN A 822 11.85 -40.20 -6.56
CA GLN A 822 12.22 -41.52 -7.04
C GLN A 822 11.29 -41.97 -8.16
N VAL A 823 11.86 -42.17 -9.33
CA VAL A 823 11.10 -42.63 -10.48
C VAL A 823 11.50 -44.05 -10.82
N ARG A 824 10.53 -44.87 -11.21
CA ARG A 824 10.78 -46.26 -11.56
C ARG A 824 11.89 -46.37 -12.60
N MET A 825 13.00 -46.97 -12.20
CA MET A 825 14.15 -47.13 -13.07
C MET A 825 14.22 -48.55 -13.61
N PRO A 826 14.04 -48.72 -14.92
CA PRO A 826 14.09 -50.04 -15.56
C PRO A 826 15.50 -50.59 -15.61
N GLU A 827 15.60 -51.90 -15.82
CA GLU A 827 16.90 -52.56 -15.91
C GLU A 827 17.61 -52.14 -17.18
N GLU A 828 18.72 -51.43 -17.03
CA GLU A 828 19.50 -50.95 -18.15
C GLU A 828 20.09 -52.11 -18.93
N MET B 1 33.29 -38.23 33.11
CA MET B 1 33.42 -37.83 31.70
C MET B 1 32.26 -36.95 31.30
N MET B 2 32.45 -36.16 30.24
CA MET B 2 31.41 -35.27 29.75
C MET B 2 30.22 -36.08 29.23
N ILE B 3 29.03 -35.76 29.72
CA ILE B 3 27.81 -36.46 29.30
C ILE B 3 27.42 -36.06 27.88
N THR B 4 27.85 -36.84 26.92
CA THR B 4 27.57 -36.58 25.52
C THR B 4 26.22 -37.19 25.10
N LEU B 5 25.33 -37.32 26.08
CA LEU B 5 24.00 -37.87 25.83
C LEU B 5 23.10 -36.84 25.17
N ARG B 6 23.39 -36.57 23.90
CA ARG B 6 22.62 -35.62 23.12
C ARG B 6 22.74 -35.96 21.63
N LYS B 7 21.59 -36.17 20.99
CA LYS B 7 21.55 -36.50 19.58
C LYS B 7 22.21 -35.41 18.73
N ARG B 8 23.34 -35.75 18.12
CA ARG B 8 24.08 -34.79 17.30
C ARG B 8 23.86 -35.05 15.80
N ARG B 9 22.65 -34.77 15.34
CA ARG B 9 22.30 -34.93 13.94
C ARG B 9 21.12 -34.03 13.59
N LYS B 10 21.28 -33.25 12.53
CA LYS B 10 20.27 -32.32 12.07
C LYS B 10 18.95 -33.01 11.71
N LEU B 11 17.86 -32.44 12.18
CA LEU B 11 16.53 -32.96 11.88
C LEU B 11 15.93 -32.20 10.70
N PRO B 12 15.80 -32.85 9.54
CA PRO B 12 15.25 -32.24 8.32
C PRO B 12 13.81 -31.75 8.50
N LEU B 13 13.11 -32.38 9.43
CA LEU B 13 11.71 -32.04 9.71
C LEU B 13 11.57 -30.58 10.16
N ALA B 14 12.63 -30.04 10.75
CA ALA B 14 12.60 -28.66 11.23
C ALA B 14 12.49 -27.66 10.08
N VAL B 15 13.30 -27.85 9.04
CA VAL B 15 13.29 -26.95 7.90
C VAL B 15 12.05 -27.17 7.04
N ALA B 16 11.53 -28.40 7.07
CA ALA B 16 10.33 -28.75 6.30
C ALA B 16 9.13 -27.95 6.81
N VAL B 17 9.18 -27.57 8.06
CA VAL B 17 8.12 -26.78 8.66
C VAL B 17 8.28 -25.31 8.30
N ALA B 18 9.53 -24.85 8.31
CA ALA B 18 9.84 -23.46 7.98
C ALA B 18 9.40 -23.14 6.55
N ALA B 19 9.78 -24.01 5.62
CA ALA B 19 9.42 -23.82 4.22
C ALA B 19 7.99 -24.30 3.96
N GLY B 20 7.35 -24.83 5.00
CA GLY B 20 6.00 -25.34 4.86
C GLY B 20 4.94 -24.27 5.05
N VAL B 21 5.37 -23.01 5.20
CA VAL B 21 4.45 -21.89 5.37
C VAL B 21 3.58 -21.72 4.12
N MET B 22 4.14 -22.10 2.98
CA MET B 22 3.42 -22.02 1.72
C MET B 22 3.19 -23.43 1.18
N SER B 23 2.04 -23.99 1.51
CA SER B 23 1.69 -25.33 1.06
C SER B 23 1.36 -25.30 -0.43
N ALA B 24 1.74 -26.37 -1.12
CA ALA B 24 1.49 -26.48 -2.55
C ALA B 24 0.05 -26.88 -2.82
N GLN B 25 -0.67 -27.23 -1.76
CA GLN B 25 -2.06 -27.64 -1.87
C GLN B 25 -2.96 -26.42 -1.85
N ALA B 26 -3.26 -25.89 -3.03
CA ALA B 26 -4.13 -24.73 -3.15
C ALA B 26 -5.46 -25.13 -3.75
N MET B 27 -6.54 -24.70 -3.10
CA MET B 27 -7.89 -25.00 -3.59
C MET B 27 -8.46 -23.84 -4.38
N ALA B 28 -7.58 -22.88 -4.71
CA ALA B 28 -7.95 -21.69 -5.46
C ALA B 28 -9.05 -20.90 -4.73
N VAL A 1 10.38 16.09 -20.50
CA VAL A 1 10.38 17.55 -20.74
C VAL A 1 11.57 18.20 -20.04
N PHE A 2 12.48 18.75 -20.82
CA PHE A 2 13.67 19.41 -20.30
C PHE A 2 13.39 20.90 -20.07
N GLY A 3 13.91 21.44 -18.98
CA GLY A 3 13.72 22.84 -18.67
C GLY A 3 13.29 23.07 -17.23
N SER A 4 13.18 24.33 -16.85
CA SER A 4 12.76 24.70 -15.51
C SER A 4 11.33 24.22 -15.24
N ARG A 5 11.15 23.50 -14.14
CA ARG A 5 9.86 22.98 -13.77
C ARG A 5 8.90 24.08 -13.36
N ASN A 6 7.62 23.90 -13.71
CA ASN A 6 6.53 24.82 -13.38
C ASN A 6 6.60 26.11 -14.22
N ASP A 7 7.68 26.86 -14.07
CA ASP A 7 7.85 28.13 -14.78
C ASP A 7 8.02 27.94 -16.29
N ARG A 8 8.98 27.11 -16.69
CA ARG A 8 9.23 26.90 -18.12
C ARG A 8 8.36 25.81 -18.73
N THR A 9 7.91 24.86 -17.92
CA THR A 9 7.07 23.79 -18.43
C THR A 9 5.78 24.35 -19.03
N LEU A 10 5.14 25.26 -18.30
CA LEU A 10 3.91 25.87 -18.76
C LEU A 10 4.14 26.70 -20.02
N ARG A 11 5.34 27.27 -20.13
CA ARG A 11 5.70 28.08 -21.29
C ARG A 11 5.81 27.20 -22.52
N ARG A 12 6.47 26.06 -22.37
CA ARG A 12 6.66 25.12 -23.47
C ARG A 12 5.32 24.49 -23.85
N MET A 13 4.55 24.10 -22.85
CA MET A 13 3.24 23.49 -23.08
C MET A 13 2.30 24.46 -23.77
N ARG A 14 2.43 25.74 -23.44
CA ARG A 14 1.60 26.78 -24.04
C ARG A 14 1.81 26.83 -25.55
N LYS A 15 3.04 26.59 -25.97
CA LYS A 15 3.39 26.59 -27.39
C LYS A 15 2.67 25.43 -28.09
N VAL A 16 2.61 24.29 -27.41
CA VAL A 16 1.94 23.12 -27.95
C VAL A 16 0.44 23.35 -28.00
N VAL A 17 -0.09 24.00 -26.97
CA VAL A 17 -1.52 24.32 -26.91
C VAL A 17 -1.92 25.17 -28.11
N ASN A 18 -1.02 26.06 -28.51
CA ASN A 18 -1.27 26.92 -29.66
C ASN A 18 -1.34 26.09 -30.94
N ILE A 19 -0.50 25.07 -31.03
CA ILE A 19 -0.47 24.19 -32.19
C ILE A 19 -1.77 23.39 -32.26
N ILE A 20 -2.18 22.86 -31.11
CA ILE A 20 -3.40 22.06 -31.03
C ILE A 20 -4.61 22.89 -31.47
N ASN A 21 -4.65 24.15 -31.04
CA ASN A 21 -5.74 25.05 -31.39
C ASN A 21 -5.72 25.37 -32.88
N ALA A 22 -4.55 25.32 -33.48
CA ALA A 22 -4.40 25.60 -34.90
C ALA A 22 -4.72 24.36 -35.72
N MET A 23 -4.52 23.20 -35.13
CA MET A 23 -4.78 21.93 -35.80
C MET A 23 -6.26 21.56 -35.69
N GLU A 24 -6.95 22.17 -34.74
CA GLU A 24 -8.36 21.93 -34.51
C GLU A 24 -9.21 22.18 -35.76
N PRO A 25 -9.10 23.36 -36.42
CA PRO A 25 -9.89 23.65 -37.64
C PRO A 25 -9.71 22.57 -38.71
N GLU A 26 -8.51 21.99 -38.76
CA GLU A 26 -8.22 20.95 -39.73
C GLU A 26 -8.97 19.68 -39.37
N MET A 27 -9.02 19.37 -38.08
CA MET A 27 -9.71 18.18 -37.59
C MET A 27 -11.21 18.29 -37.83
N GLU A 28 -11.72 19.53 -37.81
CA GLU A 28 -13.14 19.76 -38.05
C GLU A 28 -13.51 19.39 -39.48
N LYS A 29 -12.53 19.39 -40.36
CA LYS A 29 -12.74 19.04 -41.76
C LYS A 29 -12.71 17.52 -41.93
N LEU A 30 -12.04 16.86 -41.00
CA LEU A 30 -11.92 15.41 -41.02
C LEU A 30 -13.21 14.76 -40.53
N SER A 31 -13.58 13.65 -41.15
CA SER A 31 -14.78 12.94 -40.77
C SER A 31 -14.48 12.03 -39.57
N ASP A 32 -15.53 11.45 -39.01
CA ASP A 32 -15.40 10.58 -37.85
C ASP A 32 -14.46 9.41 -38.14
N GLU A 33 -14.55 8.88 -39.36
CA GLU A 33 -13.70 7.77 -39.76
C GLU A 33 -12.24 8.21 -39.87
N GLU A 34 -12.03 9.43 -40.34
CA GLU A 34 -10.69 9.97 -40.51
C GLU A 34 -10.02 10.23 -39.16
N LEU A 35 -10.82 10.59 -38.15
CA LEU A 35 -10.29 10.83 -36.82
C LEU A 35 -9.65 9.54 -36.30
N LYS A 36 -10.36 8.44 -36.50
CA LYS A 36 -9.89 7.12 -36.10
C LYS A 36 -8.70 6.72 -36.96
N GLY A 37 -8.69 7.20 -38.20
CA GLY A 37 -7.61 6.91 -39.11
C GLY A 37 -6.29 7.48 -38.62
N LYS A 38 -6.36 8.66 -38.01
CA LYS A 38 -5.17 9.30 -37.47
C LYS A 38 -4.64 8.49 -36.29
N THR A 39 -5.56 7.94 -35.51
CA THR A 39 -5.21 7.12 -34.36
C THR A 39 -4.34 5.94 -34.80
N ALA A 40 -4.78 5.25 -35.85
CA ALA A 40 -4.04 4.12 -36.37
C ALA A 40 -2.71 4.57 -36.95
N GLU A 41 -2.72 5.76 -37.55
CA GLU A 41 -1.52 6.34 -38.14
C GLU A 41 -0.44 6.56 -37.08
N PHE A 42 -0.86 7.07 -35.93
CA PHE A 42 0.05 7.34 -34.82
C PHE A 42 0.76 6.06 -34.40
N ARG A 43 0.00 4.97 -34.31
CA ARG A 43 0.55 3.68 -33.89
C ARG A 43 1.60 3.22 -34.88
N ALA A 44 1.30 3.35 -36.17
CA ALA A 44 2.23 2.95 -37.22
C ALA A 44 3.47 3.85 -37.20
N ARG A 45 3.25 5.13 -36.96
CA ARG A 45 4.33 6.11 -36.90
C ARG A 45 5.28 5.78 -35.75
N LEU A 46 4.72 5.35 -34.62
CA LEU A 46 5.51 4.99 -33.46
C LEU A 46 6.50 3.88 -33.81
N GLU A 47 6.05 2.96 -34.65
CA GLU A 47 6.88 1.85 -35.10
C GLU A 47 7.96 2.36 -36.04
N LYS A 48 7.61 3.33 -36.87
CA LYS A 48 8.56 3.91 -37.83
C LYS A 48 9.59 4.79 -37.13
N GLY A 49 9.38 5.05 -35.85
CA GLY A 49 10.30 5.86 -35.10
C GLY A 49 9.75 7.26 -34.85
N GLU A 50 8.63 7.32 -34.15
CA GLU A 50 8.00 8.59 -33.82
C GLU A 50 7.99 8.79 -32.32
N VAL A 51 8.11 10.04 -31.90
CA VAL A 51 8.12 10.37 -30.48
C VAL A 51 6.71 10.54 -29.97
N LEU A 52 6.41 9.93 -28.83
CA LEU A 52 5.07 10.02 -28.24
C LEU A 52 4.73 11.47 -27.91
N GLU A 53 5.70 12.18 -27.33
CA GLU A 53 5.50 13.58 -26.97
C GLU A 53 5.31 14.45 -28.21
N ASN A 54 5.77 13.96 -29.35
CA ASN A 54 5.64 14.70 -30.61
C ASN A 54 4.26 14.51 -31.19
N LEU A 55 3.57 13.48 -30.72
CA LEU A 55 2.22 13.17 -31.19
C LEU A 55 1.18 14.00 -30.44
N ILE A 56 1.59 14.62 -29.34
CA ILE A 56 0.70 15.43 -28.51
C ILE A 56 -0.11 16.46 -29.33
N PRO A 57 0.54 17.31 -30.17
CA PRO A 57 -0.16 18.33 -30.96
C PRO A 57 -1.31 17.76 -31.82
N GLU A 58 -1.11 16.54 -32.32
CA GLU A 58 -2.11 15.90 -33.16
C GLU A 58 -3.10 15.09 -32.33
N ALA A 59 -2.58 14.31 -31.40
CA ALA A 59 -3.41 13.45 -30.54
C ALA A 59 -4.42 14.26 -29.75
N PHE A 60 -3.96 15.33 -29.11
CA PHE A 60 -4.83 16.17 -28.30
C PHE A 60 -5.90 16.82 -29.16
N ALA A 61 -5.57 17.11 -30.41
CA ALA A 61 -6.50 17.72 -31.34
C ALA A 61 -7.61 16.73 -31.68
N VAL A 62 -7.24 15.48 -31.92
CA VAL A 62 -8.21 14.43 -32.25
C VAL A 62 -9.19 14.25 -31.10
N VAL A 63 -8.65 14.15 -29.89
CA VAL A 63 -9.47 13.97 -28.69
C VAL A 63 -10.43 15.14 -28.54
N ARG A 64 -9.92 16.35 -28.71
CA ARG A 64 -10.74 17.56 -28.61
C ARG A 64 -11.86 17.54 -29.64
N GLU A 65 -11.50 17.18 -30.86
CA GLU A 65 -12.48 17.11 -31.96
C GLU A 65 -13.56 16.09 -31.63
N ALA A 66 -13.14 14.91 -31.21
CA ALA A 66 -14.06 13.84 -30.87
C ALA A 66 -14.97 14.26 -29.70
N SER A 67 -14.42 15.05 -28.79
CA SER A 67 -15.18 15.52 -27.62
C SER A 67 -16.41 16.33 -28.06
N LYS A 68 -16.25 17.10 -29.12
CA LYS A 68 -17.33 17.94 -29.62
C LYS A 68 -18.41 17.13 -30.35
N ARG A 69 -18.09 15.90 -30.72
CA ARG A 69 -19.04 15.05 -31.44
C ARG A 69 -19.63 13.98 -30.53
N VAL A 70 -18.81 13.47 -29.61
CA VAL A 70 -19.27 12.43 -28.70
C VAL A 70 -20.04 13.02 -27.51
N PHE A 71 -19.44 13.99 -26.84
CA PHE A 71 -20.09 14.61 -25.67
C PHE A 71 -20.64 15.99 -26.01
N GLY A 72 -20.23 16.53 -27.14
CA GLY A 72 -20.69 17.85 -27.55
C GLY A 72 -20.06 18.94 -26.71
N MET A 73 -18.86 18.67 -26.22
CA MET A 73 -18.15 19.64 -25.38
C MET A 73 -16.76 19.92 -25.92
N ARG A 74 -16.35 21.17 -25.85
CA ARG A 74 -15.02 21.56 -26.31
C ARG A 74 -14.01 21.33 -25.21
N HIS A 75 -13.00 20.52 -25.49
CA HIS A 75 -11.95 20.24 -24.51
C HIS A 75 -11.25 21.55 -24.13
N PHE A 76 -11.47 21.97 -22.90
CA PHE A 76 -10.91 23.23 -22.37
C PHE A 76 -9.43 23.37 -22.69
N ASP A 77 -9.04 24.60 -23.01
CA ASP A 77 -7.65 24.91 -23.35
C ASP A 77 -6.73 24.69 -22.17
N VAL A 78 -7.23 24.95 -20.97
CA VAL A 78 -6.43 24.76 -19.76
C VAL A 78 -6.20 23.27 -19.50
N GLN A 79 -7.10 22.44 -20.00
CA GLN A 79 -6.99 20.99 -19.82
C GLN A 79 -5.85 20.43 -20.65
N LEU A 80 -5.55 21.08 -21.76
CA LEU A 80 -4.48 20.64 -22.65
C LEU A 80 -3.15 20.69 -21.90
N LEU A 81 -2.99 21.70 -21.06
CA LEU A 81 -1.78 21.87 -20.27
C LEU A 81 -1.65 20.72 -19.27
N GLY A 82 -2.74 20.43 -18.57
CA GLY A 82 -2.75 19.36 -17.59
C GLY A 82 -2.51 18.01 -18.24
N GLY A 83 -3.05 17.82 -19.43
CA GLY A 83 -2.89 16.57 -20.15
C GLY A 83 -1.43 16.28 -20.46
N MET A 84 -0.66 17.33 -20.72
CA MET A 84 0.75 17.18 -21.03
C MET A 84 1.53 16.87 -19.76
N VAL A 85 1.09 17.47 -18.65
CA VAL A 85 1.72 17.24 -17.36
C VAL A 85 1.53 15.80 -16.92
N LEU A 86 0.31 15.30 -17.13
CA LEU A 86 -0.05 13.94 -16.77
C LEU A 86 0.57 12.91 -17.71
N ASN A 87 1.24 13.38 -18.76
CA ASN A 87 1.87 12.50 -19.71
C ASN A 87 3.25 12.06 -19.21
N GLU A 88 3.84 12.88 -18.35
CA GLU A 88 5.15 12.58 -17.80
C GLU A 88 5.03 12.07 -16.36
N ARG A 89 6.02 12.39 -15.53
CA ARG A 89 6.03 11.95 -14.15
C ARG A 89 5.75 13.13 -13.22
N CYS A 90 4.58 13.75 -13.40
CA CYS A 90 4.21 14.90 -12.59
C CYS A 90 2.76 14.84 -12.15
N ILE A 91 2.48 15.42 -10.99
CA ILE A 91 1.15 15.49 -10.44
C ILE A 91 0.50 16.80 -10.87
N ALA A 92 -0.72 16.74 -11.35
CA ALA A 92 -1.41 17.94 -11.82
C ALA A 92 -2.53 18.34 -10.85
N GLU A 93 -2.42 19.55 -10.31
CA GLU A 93 -3.42 20.08 -9.40
C GLU A 93 -4.53 20.73 -10.21
N MET A 94 -5.76 20.31 -9.97
CA MET A 94 -6.90 20.84 -10.69
C MET A 94 -7.92 21.44 -9.74
N ARG A 95 -8.49 22.57 -10.15
CA ARG A 95 -9.49 23.25 -9.34
C ARG A 95 -10.84 22.56 -9.43
N THR A 96 -11.63 22.69 -8.38
CA THR A 96 -12.95 22.09 -8.33
C THR A 96 -13.91 22.80 -9.29
N GLY A 97 -14.04 22.25 -10.49
CA GLY A 97 -14.92 22.83 -11.48
C GLY A 97 -14.41 22.63 -12.89
N GLU A 98 -13.10 22.63 -13.06
CA GLU A 98 -12.50 22.46 -14.37
C GLU A 98 -12.79 21.06 -14.90
N GLY A 99 -12.54 20.06 -14.07
CA GLY A 99 -12.79 18.69 -14.47
C GLY A 99 -11.75 17.74 -13.91
N LYS A 100 -12.03 16.44 -14.01
CA LYS A 100 -11.10 15.43 -13.51
C LYS A 100 -10.73 14.46 -14.63
N THR A 101 -11.59 13.48 -14.85
CA THR A 101 -11.37 12.48 -15.88
C THR A 101 -11.42 13.10 -17.27
N LEU A 102 -12.05 14.26 -17.37
CA LEU A 102 -12.16 14.98 -18.63
C LEU A 102 -10.79 15.54 -19.03
N THR A 103 -9.90 15.65 -18.07
CA THR A 103 -8.56 16.15 -18.34
C THR A 103 -7.58 15.00 -18.55
N ALA A 104 -7.79 13.92 -17.80
CA ALA A 104 -6.92 12.75 -17.87
C ALA A 104 -7.18 11.90 -19.12
N THR A 105 -8.19 12.25 -19.91
CA THR A 105 -8.52 11.51 -21.12
C THR A 105 -7.46 11.74 -22.20
N LEU A 106 -6.77 12.88 -22.13
CA LEU A 106 -5.75 13.22 -23.10
C LEU A 106 -4.49 12.34 -22.97
N PRO A 107 -3.85 12.30 -21.77
CA PRO A 107 -2.64 11.48 -21.57
C PRO A 107 -2.92 10.00 -21.75
N ALA A 108 -4.14 9.58 -21.44
CA ALA A 108 -4.54 8.19 -21.57
C ALA A 108 -4.55 7.78 -23.04
N TYR A 109 -5.17 8.60 -23.88
CA TYR A 109 -5.26 8.33 -25.31
C TYR A 109 -3.86 8.26 -25.92
N LEU A 110 -3.02 9.23 -25.56
CA LEU A 110 -1.66 9.31 -26.08
C LEU A 110 -0.83 8.09 -25.67
N ASN A 111 -0.84 7.76 -24.39
CA ASN A 111 -0.05 6.63 -23.89
C ASN A 111 -0.59 5.30 -24.39
N ALA A 112 -1.88 5.23 -24.66
CA ALA A 112 -2.50 3.99 -25.15
C ALA A 112 -2.01 3.65 -26.56
N LEU A 113 -1.66 4.68 -27.32
CA LEU A 113 -1.20 4.50 -28.70
C LEU A 113 0.00 3.54 -28.79
N THR A 114 0.79 3.49 -27.72
CA THR A 114 1.97 2.61 -27.68
C THR A 114 1.56 1.14 -27.69
N GLY A 115 0.36 0.85 -27.18
CA GLY A 115 -0.13 -0.52 -27.15
C GLY A 115 0.32 -1.25 -25.89
N LYS A 116 1.10 -0.57 -25.06
CA LYS A 116 1.61 -1.16 -23.83
C LYS A 116 0.52 -1.23 -22.76
N GLY A 117 -0.51 -0.39 -22.91
CA GLY A 117 -1.61 -0.39 -21.98
C GLY A 117 -1.55 0.72 -20.95
N VAL A 118 -2.70 1.33 -20.70
CA VAL A 118 -2.82 2.40 -19.72
C VAL A 118 -3.54 1.88 -18.48
N HIS A 119 -2.88 1.98 -17.34
CA HIS A 119 -3.46 1.49 -16.09
C HIS A 119 -4.07 2.64 -15.30
N VAL A 120 -5.40 2.75 -15.35
CA VAL A 120 -6.10 3.81 -14.64
C VAL A 120 -6.59 3.30 -13.28
N VAL A 121 -6.21 4.02 -12.23
CA VAL A 121 -6.59 3.65 -10.89
C VAL A 121 -7.58 4.67 -10.32
N THR A 122 -8.79 4.21 -10.01
CA THR A 122 -9.82 5.07 -9.47
C THR A 122 -9.92 4.92 -7.94
N VAL A 123 -10.53 5.92 -7.29
CA VAL A 123 -10.68 5.90 -5.84
C VAL A 123 -11.62 4.80 -5.37
N ASN A 124 -12.65 4.53 -6.15
CA ASN A 124 -13.62 3.49 -5.81
C ASN A 124 -14.11 2.80 -7.08
N ASP A 125 -14.69 1.61 -6.90
CA ASP A 125 -15.19 0.85 -8.04
C ASP A 125 -16.39 1.53 -8.67
N TYR A 126 -17.12 2.29 -7.87
CA TYR A 126 -18.30 3.01 -8.33
C TYR A 126 -17.95 3.92 -9.51
N LEU A 127 -16.95 4.77 -9.32
CA LEU A 127 -16.52 5.69 -10.36
C LEU A 127 -15.75 4.95 -11.46
N ALA A 128 -15.02 3.91 -11.05
CA ALA A 128 -14.23 3.12 -11.99
C ALA A 128 -15.10 2.62 -13.14
N GLN A 129 -16.24 2.02 -12.80
CA GLN A 129 -17.16 1.50 -13.81
C GLN A 129 -17.87 2.64 -14.52
N ARG A 130 -18.19 3.70 -13.77
CA ARG A 130 -18.90 4.85 -14.32
C ARG A 130 -18.11 5.55 -15.43
N ASP A 131 -16.92 6.02 -15.09
CA ASP A 131 -16.07 6.74 -16.03
C ASP A 131 -15.59 5.84 -17.15
N ALA A 132 -15.44 4.56 -16.87
CA ALA A 132 -14.99 3.61 -17.89
C ALA A 132 -16.00 3.53 -19.03
N GLU A 133 -17.27 3.43 -18.68
CA GLU A 133 -18.34 3.34 -19.67
C GLU A 133 -18.61 4.71 -20.30
N ASN A 134 -18.31 5.76 -19.56
CA ASN A 134 -18.51 7.12 -20.05
C ASN A 134 -17.48 7.47 -21.11
N ASN A 135 -16.24 7.07 -20.87
CA ASN A 135 -15.14 7.35 -21.79
C ASN A 135 -15.04 6.28 -22.88
N ARG A 136 -15.83 5.22 -22.74
CA ARG A 136 -15.82 4.13 -23.73
C ARG A 136 -16.18 4.62 -25.14
N PRO A 137 -17.30 5.38 -25.31
CA PRO A 137 -17.70 5.87 -26.63
C PRO A 137 -16.69 6.83 -27.25
N LEU A 138 -15.72 7.26 -26.46
CA LEU A 138 -14.70 8.17 -26.93
C LEU A 138 -13.45 7.40 -27.36
N PHE A 139 -13.00 6.49 -26.50
CA PHE A 139 -11.81 5.71 -26.77
C PHE A 139 -12.05 4.66 -27.85
N GLU A 140 -13.11 3.86 -27.71
CA GLU A 140 -13.42 2.81 -28.68
C GLU A 140 -13.78 3.40 -30.04
N PHE A 141 -14.22 4.65 -30.04
CA PHE A 141 -14.58 5.34 -31.28
C PHE A 141 -13.33 5.57 -32.12
N LEU A 142 -12.19 5.71 -31.45
CA LEU A 142 -10.93 5.94 -32.13
C LEU A 142 -10.15 4.63 -32.32
N GLY A 143 -10.71 3.54 -31.81
CA GLY A 143 -10.06 2.26 -31.96
C GLY A 143 -9.28 1.83 -30.73
N LEU A 144 -9.63 2.38 -29.58
CA LEU A 144 -8.96 2.01 -28.33
C LEU A 144 -9.90 1.20 -27.44
N THR A 145 -9.48 0.00 -27.10
CA THR A 145 -10.30 -0.88 -26.29
C THR A 145 -10.27 -0.50 -24.81
N VAL A 146 -11.44 -0.38 -24.21
CA VAL A 146 -11.55 -0.05 -22.79
C VAL A 146 -11.91 -1.29 -21.98
N GLY A 147 -11.14 -1.56 -20.95
CA GLY A 147 -11.41 -2.73 -20.12
C GLY A 147 -11.60 -2.36 -18.66
N ILE A 148 -12.53 -3.04 -18.01
CA ILE A 148 -12.81 -2.78 -16.60
C ILE A 148 -12.39 -3.99 -15.76
N ASN A 149 -11.70 -3.72 -14.65
CA ASN A 149 -11.25 -4.78 -13.77
C ASN A 149 -11.83 -4.58 -12.37
N LEU A 150 -12.73 -5.47 -11.99
CA LEU A 150 -13.36 -5.39 -10.68
C LEU A 150 -12.76 -6.42 -9.74
N PRO A 151 -12.70 -6.09 -8.44
CA PRO A 151 -12.16 -7.00 -7.41
C PRO A 151 -12.90 -8.33 -7.38
N GLY A 152 -12.19 -9.39 -7.73
CA GLY A 152 -12.78 -10.72 -7.71
C GLY A 152 -13.22 -11.18 -9.09
N MET A 153 -12.89 -10.40 -10.11
CA MET A 153 -13.25 -10.73 -11.49
C MET A 153 -12.49 -11.98 -11.95
N PRO A 154 -13.12 -12.83 -12.77
CA PRO A 154 -12.50 -14.05 -13.29
C PRO A 154 -11.20 -13.76 -14.05
N ALA A 155 -10.27 -14.72 -14.00
CA ALA A 155 -8.97 -14.59 -14.66
C ALA A 155 -9.10 -14.20 -16.14
N PRO A 156 -9.94 -14.90 -16.94
CA PRO A 156 -10.10 -14.56 -18.37
C PRO A 156 -10.55 -13.13 -18.56
N ALA A 157 -11.48 -12.68 -17.72
CA ALA A 157 -12.00 -11.32 -17.79
C ALA A 157 -10.89 -10.31 -17.52
N LYS A 158 -10.08 -10.58 -16.50
CA LYS A 158 -8.98 -9.70 -16.14
C LYS A 158 -7.99 -9.59 -17.30
N ARG A 159 -7.67 -10.73 -17.90
CA ARG A 159 -6.74 -10.77 -19.01
C ARG A 159 -7.22 -9.91 -20.17
N GLU A 160 -8.51 -9.96 -20.45
CA GLU A 160 -9.10 -9.17 -21.53
C GLU A 160 -9.03 -7.67 -21.20
N ALA A 161 -9.28 -7.35 -19.93
CA ALA A 161 -9.26 -5.96 -19.48
C ALA A 161 -7.84 -5.39 -19.49
N TYR A 162 -6.88 -6.18 -19.03
CA TYR A 162 -5.50 -5.74 -18.98
C TYR A 162 -4.87 -5.73 -20.37
N ALA A 163 -5.31 -6.62 -21.24
CA ALA A 163 -4.79 -6.71 -22.60
C ALA A 163 -5.41 -5.63 -23.49
N ALA A 164 -6.23 -4.79 -22.88
CA ALA A 164 -6.88 -3.71 -23.62
C ALA A 164 -5.96 -2.50 -23.69
N ASP A 165 -6.43 -1.44 -24.32
CA ASP A 165 -5.64 -0.23 -24.44
C ASP A 165 -5.68 0.57 -23.14
N ILE A 166 -6.86 0.66 -22.55
CA ILE A 166 -7.04 1.37 -21.30
C ILE A 166 -7.78 0.50 -20.28
N THR A 167 -7.14 0.27 -19.15
CA THR A 167 -7.73 -0.56 -18.10
C THR A 167 -8.16 0.28 -16.90
N TYR A 168 -9.42 0.19 -16.54
CA TYR A 168 -9.96 0.92 -15.40
C TYR A 168 -10.13 -0.03 -14.21
N GLY A 169 -9.64 0.38 -13.05
CA GLY A 169 -9.76 -0.45 -11.87
C GLY A 169 -9.35 0.29 -10.62
N THR A 170 -9.49 -0.38 -9.48
CA THR A 170 -9.14 0.22 -8.21
C THR A 170 -7.74 -0.21 -7.77
N ASN A 171 -7.11 0.61 -6.93
CA ASN A 171 -5.76 0.33 -6.44
C ASN A 171 -5.71 -0.99 -5.69
N ASN A 172 -6.78 -1.30 -4.97
CA ASN A 172 -6.88 -2.54 -4.19
C ASN A 172 -6.64 -3.76 -5.09
N GLU A 173 -7.45 -3.89 -6.12
CA GLU A 173 -7.36 -5.01 -7.03
C GLU A 173 -6.08 -4.94 -7.88
N TYR A 174 -5.70 -3.73 -8.27
CA TYR A 174 -4.50 -3.54 -9.07
C TYR A 174 -3.26 -4.10 -8.38
N GLY A 175 -3.19 -3.91 -7.06
CA GLY A 175 -2.07 -4.41 -6.29
C GLY A 175 -2.17 -5.91 -6.04
N PHE A 176 -3.38 -6.35 -5.70
CA PHE A 176 -3.62 -7.77 -5.42
C PHE A 176 -3.40 -8.61 -6.67
N ASP A 177 -3.81 -8.08 -7.82
CA ASP A 177 -3.66 -8.78 -9.09
C ASP A 177 -2.21 -9.06 -9.38
N TYR A 178 -1.35 -8.07 -9.10
CA TYR A 178 0.08 -8.22 -9.33
C TYR A 178 0.66 -9.30 -8.42
N LEU A 179 0.16 -9.36 -7.19
CA LEU A 179 0.61 -10.36 -6.23
C LEU A 179 0.27 -11.76 -6.71
N ARG A 180 -0.95 -11.94 -7.19
CA ARG A 180 -1.42 -13.24 -7.68
C ARG A 180 -0.74 -13.59 -9.00
N ASP A 181 -0.53 -12.57 -9.84
CA ASP A 181 0.11 -12.75 -11.14
C ASP A 181 1.55 -13.24 -10.98
N ASN A 182 2.29 -12.60 -10.09
CA ASN A 182 3.68 -12.94 -9.85
C ASN A 182 3.85 -14.23 -9.06
N MET A 183 2.74 -14.75 -8.54
CA MET A 183 2.77 -15.99 -7.75
C MET A 183 2.32 -17.17 -8.59
N ALA A 184 2.27 -16.97 -9.91
CA ALA A 184 1.87 -18.03 -10.84
C ALA A 184 3.00 -19.05 -11.03
N PHE A 185 2.65 -20.24 -11.49
CA PHE A 185 3.63 -21.28 -11.72
C PHE A 185 3.93 -21.39 -13.22
N SER A 186 2.98 -20.96 -14.03
CA SER A 186 3.13 -20.96 -15.47
C SER A 186 2.79 -19.58 -16.04
N PRO A 187 3.55 -19.12 -17.04
CA PRO A 187 3.34 -17.80 -17.65
C PRO A 187 1.94 -17.63 -18.24
N GLU A 188 1.32 -18.73 -18.60
CA GLU A 188 -0.02 -18.72 -19.18
C GLU A 188 -1.09 -18.41 -18.12
N GLU A 189 -0.68 -18.40 -16.85
CA GLU A 189 -1.61 -18.13 -15.77
C GLU A 189 -1.62 -16.64 -15.42
N ARG A 190 -0.72 -15.89 -16.05
CA ARG A 190 -0.62 -14.44 -15.82
C ARG A 190 -1.91 -13.72 -16.15
N VAL A 191 -2.10 -12.57 -15.53
CA VAL A 191 -3.29 -11.75 -15.73
C VAL A 191 -2.92 -10.27 -15.87
N GLN A 192 -1.71 -9.92 -15.44
CA GLN A 192 -1.25 -8.53 -15.51
C GLN A 192 -0.67 -8.19 -16.87
N ARG A 193 -0.20 -6.95 -16.98
CA ARG A 193 0.39 -6.46 -18.22
C ARG A 193 1.56 -5.53 -17.88
N LYS A 194 2.25 -5.03 -18.89
CA LYS A 194 3.40 -4.16 -18.68
C LYS A 194 2.99 -2.88 -17.94
N LEU A 195 3.76 -2.54 -16.93
CA LEU A 195 3.51 -1.35 -16.12
C LEU A 195 4.12 -0.12 -16.81
N HIS A 196 3.53 0.27 -17.93
CA HIS A 196 4.02 1.40 -18.70
C HIS A 196 3.55 2.73 -18.12
N TYR A 197 2.25 2.95 -18.14
CA TYR A 197 1.70 4.20 -17.64
C TYR A 197 0.64 3.96 -16.58
N ALA A 198 0.73 4.71 -15.50
CA ALA A 198 -0.21 4.59 -14.39
C ALA A 198 -0.90 5.92 -14.18
N LEU A 199 -2.22 5.91 -14.25
CA LEU A 199 -3.00 7.12 -14.07
C LEU A 199 -3.89 6.99 -12.84
N VAL A 200 -3.47 7.59 -11.74
CA VAL A 200 -4.24 7.52 -10.51
C VAL A 200 -5.14 8.74 -10.37
N ASP A 201 -6.42 8.47 -10.11
CA ASP A 201 -7.44 9.51 -9.97
C ASP A 201 -7.07 10.53 -8.89
N GLU A 202 -7.14 10.13 -7.63
CA GLU A 202 -6.82 11.03 -6.53
C GLU A 202 -5.58 10.54 -5.79
N VAL A 203 -4.45 11.21 -6.01
CA VAL A 203 -3.20 10.84 -5.36
C VAL A 203 -3.25 11.10 -3.85
N ASP A 204 -4.16 11.99 -3.46
CA ASP A 204 -4.36 12.37 -2.06
C ASP A 204 -4.39 11.15 -1.14
N SER A 205 -5.39 10.31 -1.33
CA SER A 205 -5.54 9.13 -0.48
C SER A 205 -4.95 7.88 -1.11
N ILE A 206 -5.07 7.74 -2.42
CA ILE A 206 -4.56 6.55 -3.11
C ILE A 206 -3.05 6.42 -3.01
N LEU A 207 -2.34 7.53 -3.11
CA LEU A 207 -0.89 7.48 -3.06
C LEU A 207 -0.31 7.90 -1.71
N ILE A 208 -0.75 9.04 -1.20
CA ILE A 208 -0.22 9.55 0.07
C ILE A 208 -0.74 8.78 1.28
N ASP A 209 -2.06 8.71 1.43
CA ASP A 209 -2.65 8.02 2.58
C ASP A 209 -2.33 6.53 2.57
N GLU A 210 -2.47 5.89 1.43
CA GLU A 210 -2.21 4.45 1.32
C GLU A 210 -0.77 4.15 0.90
N ALA A 211 0.15 5.05 1.24
CA ALA A 211 1.56 4.87 0.88
C ALA A 211 2.18 3.68 1.61
N ARG A 212 1.97 3.62 2.92
CA ARG A 212 2.53 2.55 3.75
C ARG A 212 1.48 1.46 4.00
N THR A 213 0.44 1.44 3.18
CA THR A 213 -0.61 0.44 3.32
C THR A 213 -0.22 -0.86 2.60
N PRO A 214 0.01 -1.94 3.36
CA PRO A 214 0.39 -3.22 2.80
C PRO A 214 -0.81 -4.13 2.54
N LEU A 215 -0.80 -4.75 1.37
CA LEU A 215 -1.84 -5.69 1.00
C LEU A 215 -1.39 -7.10 1.35
N ILE A 216 -2.14 -7.77 2.21
CA ILE A 216 -1.75 -9.12 2.63
C ILE A 216 -2.74 -10.18 2.15
N ILE A 217 -2.18 -11.25 1.59
CA ILE A 217 -2.99 -12.38 1.12
C ILE A 217 -2.67 -13.59 1.99
N SER A 218 -3.61 -13.96 2.83
CA SER A 218 -3.42 -15.09 3.72
C SER A 218 -4.38 -16.22 3.39
N GLY A 219 -3.83 -17.30 2.86
CA GLY A 219 -4.63 -18.46 2.52
C GLY A 219 -4.08 -19.71 3.18
N PRO A 220 -4.39 -19.93 4.47
CA PRO A 220 -3.91 -21.11 5.22
C PRO A 220 -4.42 -22.42 4.63
N ALA A 221 -3.50 -23.35 4.42
CA ALA A 221 -3.84 -24.64 3.86
C ALA A 221 -3.98 -25.68 4.96
N GLU A 222 -5.22 -25.86 5.43
CA GLU A 222 -5.56 -26.82 6.48
C GLU A 222 -5.08 -26.36 7.85
N ASP A 223 -6.04 -26.14 8.75
CA ASP A 223 -5.74 -25.70 10.10
C ASP A 223 -5.17 -26.85 10.92
N SER A 224 -3.94 -27.21 10.63
CA SER A 224 -3.25 -28.29 11.34
C SER A 224 -1.74 -28.13 11.22
N SER A 225 -1.11 -27.69 12.29
CA SER A 225 0.33 -27.50 12.29
C SER A 225 0.94 -27.95 13.62
N GLU A 226 1.18 -29.26 13.75
CA GLU A 226 1.76 -29.82 14.97
C GLU A 226 3.22 -29.41 15.16
N MET A 227 3.75 -28.67 14.19
CA MET A 227 5.13 -28.20 14.24
C MET A 227 5.39 -27.37 15.49
N TYR A 228 4.43 -26.50 15.83
CA TYR A 228 4.55 -25.66 16.99
C TYR A 228 4.55 -26.48 18.28
N LYS A 229 3.92 -27.65 18.24
CA LYS A 229 3.86 -28.52 19.40
C LYS A 229 5.24 -29.10 19.69
N ARG A 230 5.98 -29.40 18.62
CA ARG A 230 7.32 -29.96 18.76
C ARG A 230 8.28 -28.93 19.35
N VAL A 231 8.24 -27.71 18.81
CA VAL A 231 9.12 -26.64 19.27
C VAL A 231 8.72 -26.16 20.67
N ASN A 232 7.48 -26.42 21.07
CA ASN A 232 7.01 -26.02 22.38
C ASN A 232 7.29 -27.14 23.38
N LYS A 233 7.60 -28.32 22.86
CA LYS A 233 7.88 -29.48 23.69
C LYS A 233 9.37 -29.67 23.89
N ILE A 234 10.16 -28.69 23.47
CA ILE A 234 11.61 -28.76 23.64
C ILE A 234 11.99 -28.50 25.09
N ILE A 235 11.04 -27.95 25.83
CA ILE A 235 11.26 -27.63 27.24
C ILE A 235 10.19 -28.30 28.12
N PRO A 236 10.29 -29.62 28.34
CA PRO A 236 9.32 -30.34 29.16
C PRO A 236 9.62 -30.21 30.65
N HIS A 237 10.87 -29.85 30.95
CA HIS A 237 11.30 -29.69 32.33
C HIS A 237 11.57 -28.21 32.61
N LEU A 238 10.64 -27.59 33.35
CA LEU A 238 10.77 -26.18 33.68
C LEU A 238 11.67 -26.01 34.90
N ILE A 239 12.08 -24.78 35.17
CA ILE A 239 12.95 -24.50 36.31
C ILE A 239 12.33 -23.42 37.21
N ARG A 240 11.60 -22.49 36.60
CA ARG A 240 10.93 -21.40 37.32
C ARG A 240 11.92 -20.57 38.14
N GLN A 241 13.14 -20.42 37.62
CA GLN A 241 14.16 -19.66 38.32
C GLN A 241 15.18 -19.09 37.35
N GLU A 242 15.82 -19.96 36.58
CA GLU A 242 16.82 -19.53 35.62
C GLU A 242 16.64 -20.26 34.30
N LYS A 243 16.66 -19.47 33.20
CA LYS A 243 16.53 -19.95 31.82
C LYS A 243 15.32 -20.86 31.59
N GLU A 244 15.20 -21.33 30.33
CA GLU A 244 14.13 -22.24 29.89
C GLU A 244 12.73 -21.60 29.97
N ASP A 245 12.18 -21.45 31.17
CA ASP A 245 10.83 -20.91 31.33
C ASP A 245 10.82 -19.56 32.05
N SER A 246 11.88 -18.77 31.91
CA SER A 246 11.94 -17.47 32.55
C SER A 246 11.02 -16.47 31.83
N GLU A 247 10.40 -15.57 32.59
CA GLU A 247 9.52 -14.57 32.00
C GLU A 247 10.32 -13.36 31.54
N THR A 248 11.24 -12.95 32.39
CA THR A 248 12.12 -11.82 32.12
C THR A 248 13.39 -11.95 32.94
N PHE A 249 13.19 -12.18 34.25
CA PHE A 249 14.29 -12.36 35.21
C PHE A 249 15.19 -11.11 35.27
N GLN A 250 16.12 -11.01 34.32
CA GLN A 250 17.07 -9.89 34.25
C GLN A 250 17.97 -9.88 35.48
N GLY A 251 17.98 -10.99 36.21
CA GLY A 251 18.80 -11.11 37.40
C GLY A 251 18.12 -10.58 38.65
N GLU A 252 17.06 -9.81 38.47
CA GLU A 252 16.34 -9.23 39.60
C GLU A 252 15.06 -10.00 39.90
N GLY A 253 14.28 -10.27 38.86
CA GLY A 253 13.02 -10.97 39.05
C GLY A 253 11.89 -10.01 39.36
N HIS A 254 11.12 -10.34 40.38
CA HIS A 254 9.99 -9.50 40.79
C HIS A 254 9.82 -9.55 42.31
N PHE A 255 8.95 -8.70 42.83
CA PHE A 255 8.69 -8.66 44.27
C PHE A 255 7.85 -9.86 44.69
N SER A 256 7.69 -10.03 45.99
CA SER A 256 6.90 -11.13 46.53
C SER A 256 5.41 -10.83 46.41
N VAL A 257 4.93 -10.80 45.17
CA VAL A 257 3.53 -10.56 44.89
C VAL A 257 3.00 -11.57 43.88
N ASP A 258 3.87 -12.00 42.98
CA ASP A 258 3.51 -12.96 41.95
C ASP A 258 4.78 -13.46 41.25
N GLU A 259 4.62 -14.25 40.21
CA GLU A 259 5.76 -14.81 39.48
C GLU A 259 5.59 -14.60 37.97
N LYS A 260 4.57 -13.85 37.58
CA LYS A 260 4.32 -13.60 36.17
C LYS A 260 4.48 -12.11 35.84
N SER A 261 5.57 -11.79 35.18
CA SER A 261 5.83 -10.42 34.77
C SER A 261 5.06 -10.11 33.49
N ARG A 262 3.82 -9.63 33.65
CA ARG A 262 2.97 -9.33 32.51
C ARG A 262 3.23 -7.93 31.95
N GLN A 263 4.45 -7.70 31.50
CA GLN A 263 4.80 -6.41 30.93
C GLN A 263 4.68 -6.46 29.41
N VAL A 264 4.67 -7.68 28.89
CA VAL A 264 4.57 -7.93 27.45
C VAL A 264 5.62 -7.12 26.68
N ASN A 265 6.85 -7.58 26.73
CA ASN A 265 7.95 -6.90 26.04
C ASN A 265 9.07 -7.88 25.69
N LEU A 266 9.53 -8.64 26.68
CA LEU A 266 10.62 -9.62 26.51
C LEU A 266 11.95 -8.90 26.32
N THR A 267 13.05 -9.56 26.69
CA THR A 267 14.36 -8.95 26.56
C THR A 267 15.47 -9.97 26.31
N GLU A 268 15.99 -10.53 27.40
CA GLU A 268 17.10 -11.49 27.36
C GLU A 268 18.30 -10.86 26.67
N ARG A 269 18.68 -9.69 27.16
CA ARG A 269 19.81 -8.97 26.61
C ARG A 269 21.10 -9.44 27.26
N GLY A 270 21.02 -10.57 27.96
CA GLY A 270 22.19 -11.10 28.62
C GLY A 270 22.80 -12.27 27.88
N LEU A 271 21.99 -12.92 27.04
CA LEU A 271 22.44 -14.06 26.25
C LEU A 271 22.91 -15.17 27.18
N VAL A 272 22.18 -15.36 28.27
CA VAL A 272 22.53 -16.37 29.25
C VAL A 272 21.36 -17.35 29.47
N LEU A 273 20.17 -16.95 29.08
CA LEU A 273 19.00 -17.80 29.27
C LEU A 273 18.76 -18.64 28.02
N ILE A 274 18.90 -18.01 26.86
CA ILE A 274 18.70 -18.71 25.60
C ILE A 274 19.95 -19.50 25.19
N GLU A 275 20.92 -19.57 26.11
CA GLU A 275 22.16 -20.28 25.86
C GLU A 275 21.90 -21.78 25.72
N GLU A 276 21.34 -22.39 26.76
CA GLU A 276 21.06 -23.82 26.77
C GLU A 276 19.69 -24.10 26.17
N LEU A 277 19.09 -23.10 25.54
CA LEU A 277 17.78 -23.27 24.93
C LEU A 277 17.90 -24.11 23.66
N LEU A 278 19.06 -24.05 23.04
CA LEU A 278 19.31 -24.81 21.83
C LEU A 278 19.80 -26.21 22.18
N VAL A 279 20.27 -26.95 21.18
CA VAL A 279 20.76 -28.32 21.36
C VAL A 279 19.65 -29.21 21.92
N LYS A 280 18.43 -28.95 21.49
CA LYS A 280 17.27 -29.71 21.93
C LYS A 280 16.36 -29.97 20.74
N GLU A 281 15.99 -31.25 20.55
CA GLU A 281 15.12 -31.67 19.45
C GLU A 281 15.80 -31.49 18.09
N GLY A 282 15.01 -31.56 17.03
CA GLY A 282 15.56 -31.40 15.69
C GLY A 282 15.61 -29.94 15.27
N ILE A 283 16.68 -29.58 14.56
CA ILE A 283 16.92 -28.21 14.07
C ILE A 283 17.69 -27.42 15.11
N MET A 284 18.60 -26.56 14.64
CA MET A 284 19.47 -25.77 15.51
C MET A 284 20.46 -26.71 16.21
N ASP A 285 20.58 -27.90 15.65
CA ASP A 285 21.46 -28.93 16.16
C ASP A 285 22.72 -29.03 15.30
N GLU A 286 22.75 -28.25 14.23
CA GLU A 286 23.90 -28.25 13.33
C GLU A 286 24.98 -27.28 13.82
N GLY A 287 24.54 -26.18 14.42
CA GLY A 287 25.49 -25.21 14.94
C GLY A 287 25.16 -23.78 14.56
N GLU A 288 23.88 -23.50 14.36
CA GLU A 288 23.44 -22.16 14.00
C GLU A 288 23.23 -21.30 15.24
N SER A 289 23.00 -20.02 15.04
CA SER A 289 22.77 -19.10 16.16
C SER A 289 21.33 -18.59 16.14
N LEU A 290 20.68 -18.65 17.31
CA LEU A 290 19.29 -18.23 17.44
C LEU A 290 19.16 -16.71 17.46
N TYR A 291 20.19 -16.03 17.94
CA TYR A 291 20.17 -14.57 18.02
C TYR A 291 20.47 -13.93 16.68
N SER A 292 20.86 -14.74 15.70
CA SER A 292 21.18 -14.25 14.38
C SER A 292 19.94 -14.22 13.49
N PRO A 293 19.88 -13.23 12.57
CA PRO A 293 18.74 -13.07 11.64
C PRO A 293 18.51 -14.27 10.74
N ALA A 294 19.50 -15.16 10.68
CA ALA A 294 19.41 -16.37 9.87
C ALA A 294 18.37 -17.32 10.43
N ASN A 295 18.36 -17.45 11.76
CA ASN A 295 17.42 -18.35 12.42
C ASN A 295 16.40 -17.55 13.21
N ILE A 296 16.14 -16.32 12.77
CA ILE A 296 15.18 -15.44 13.44
C ILE A 296 13.78 -16.04 13.45
N MET A 297 13.49 -16.91 12.47
CA MET A 297 12.19 -17.55 12.40
C MET A 297 11.98 -18.44 13.62
N LEU A 298 13.02 -19.19 13.98
CA LEU A 298 12.95 -20.07 15.15
C LEU A 298 12.88 -19.24 16.42
N MET A 299 13.58 -18.11 16.42
CA MET A 299 13.59 -17.20 17.56
C MET A 299 12.18 -16.70 17.87
N HIS A 300 11.40 -16.45 16.83
CA HIS A 300 10.04 -15.96 17.01
C HIS A 300 9.10 -17.10 17.42
N HIS A 301 9.56 -18.33 17.24
CA HIS A 301 8.76 -19.50 17.60
C HIS A 301 8.92 -19.81 19.08
N VAL A 302 10.15 -19.74 19.57
CA VAL A 302 10.43 -20.03 20.97
C VAL A 302 9.90 -18.91 21.86
N THR A 303 9.93 -17.67 21.37
CA THR A 303 9.43 -16.55 22.15
C THR A 303 7.92 -16.67 22.32
N ALA A 304 7.29 -17.35 21.36
CA ALA A 304 5.86 -17.57 21.42
C ALA A 304 5.56 -18.59 22.50
N ALA A 305 6.37 -19.64 22.53
CA ALA A 305 6.22 -20.69 23.53
C ALA A 305 6.43 -20.13 24.94
N LEU A 306 7.37 -19.21 25.05
CA LEU A 306 7.68 -18.57 26.34
C LEU A 306 6.55 -17.64 26.78
N ARG A 307 6.03 -16.84 25.83
CA ARG A 307 4.95 -15.91 26.16
C ARG A 307 3.69 -16.68 26.58
N ALA A 308 3.54 -17.89 26.06
CA ALA A 308 2.38 -18.71 26.41
C ALA A 308 2.64 -19.50 27.69
N HIS A 309 3.73 -19.19 28.37
CA HIS A 309 4.09 -19.86 29.61
C HIS A 309 3.94 -18.94 30.81
N ALA A 310 4.38 -17.69 30.67
CA ALA A 310 4.32 -16.74 31.77
C ALA A 310 3.36 -15.59 31.50
N LEU A 311 3.22 -15.19 30.24
CA LEU A 311 2.32 -14.10 29.89
C LEU A 311 0.88 -14.58 29.85
N PHE A 312 0.62 -15.57 29.01
CA PHE A 312 -0.72 -16.11 28.89
C PHE A 312 -0.94 -17.21 29.93
N THR A 313 -1.75 -16.90 30.93
CA THR A 313 -2.02 -17.85 31.99
C THR A 313 -3.30 -18.63 31.72
N ARG A 314 -3.27 -19.90 32.04
CA ARG A 314 -4.41 -20.79 31.84
C ARG A 314 -5.61 -20.37 32.71
N ASP A 315 -6.80 -20.48 32.12
CA ASP A 315 -8.07 -20.19 32.79
C ASP A 315 -8.37 -18.69 32.88
N VAL A 316 -7.44 -17.93 33.42
CA VAL A 316 -7.65 -16.49 33.58
C VAL A 316 -7.54 -15.72 32.26
N ASP A 317 -6.51 -16.00 31.47
CA ASP A 317 -6.32 -15.29 30.21
C ASP A 317 -7.07 -15.96 29.07
N TYR A 318 -7.30 -17.25 29.20
CA TYR A 318 -8.01 -18.01 28.17
C TYR A 318 -8.60 -19.27 28.78
N ILE A 319 -9.68 -19.76 28.18
CA ILE A 319 -10.32 -20.97 28.65
C ILE A 319 -10.42 -21.98 27.51
N VAL A 320 -9.80 -23.13 27.69
CA VAL A 320 -9.83 -24.18 26.67
C VAL A 320 -10.95 -25.17 26.99
N LYS A 321 -12.00 -25.14 26.20
CA LYS A 321 -13.13 -26.02 26.38
C LYS A 321 -13.65 -26.48 25.02
N ASP A 322 -14.04 -27.75 24.94
CA ASP A 322 -14.55 -28.34 23.70
C ASP A 322 -13.47 -28.32 22.61
N GLY A 323 -12.22 -28.13 23.04
CA GLY A 323 -11.11 -28.08 22.11
C GLY A 323 -10.92 -26.69 21.56
N GLU A 324 -11.74 -25.76 22.03
CA GLU A 324 -11.68 -24.37 21.59
C GLU A 324 -10.94 -23.51 22.60
N VAL A 325 -10.09 -22.63 22.10
CA VAL A 325 -9.33 -21.73 22.97
C VAL A 325 -10.00 -20.36 23.00
N ILE A 326 -10.88 -20.18 23.97
CA ILE A 326 -11.59 -18.92 24.13
C ILE A 326 -10.78 -17.95 24.96
N ILE A 327 -10.60 -16.75 24.45
CA ILE A 327 -9.84 -15.72 25.15
C ILE A 327 -10.70 -15.04 26.21
N VAL A 328 -10.15 -14.89 27.40
CA VAL A 328 -10.86 -14.26 28.50
C VAL A 328 -10.25 -12.92 28.84
N ASP A 329 -11.07 -11.87 28.87
CA ASP A 329 -10.60 -10.55 29.21
C ASP A 329 -10.30 -10.46 30.70
N GLU A 330 -9.06 -10.11 31.02
CA GLU A 330 -8.61 -10.01 32.40
C GLU A 330 -9.14 -8.75 33.09
N HIS A 331 -9.62 -7.79 32.32
CA HIS A 331 -10.12 -6.53 32.89
C HIS A 331 -11.49 -6.69 33.55
N THR A 332 -12.47 -7.13 32.77
CA THR A 332 -13.82 -7.28 33.29
C THR A 332 -14.36 -8.70 33.14
N GLY A 333 -13.48 -9.64 32.84
CA GLY A 333 -13.91 -11.01 32.68
C GLY A 333 -14.90 -11.17 31.54
N ARG A 334 -14.48 -10.80 30.35
CA ARG A 334 -15.33 -10.90 29.17
C ARG A 334 -14.94 -12.10 28.31
N THR A 335 -15.93 -12.76 27.76
CA THR A 335 -15.72 -13.93 26.92
C THR A 335 -15.51 -13.54 25.46
N MET A 336 -14.33 -13.82 24.94
CA MET A 336 -14.00 -13.52 23.55
C MET A 336 -13.69 -14.80 22.79
N GLN A 337 -14.74 -15.49 22.35
CA GLN A 337 -14.57 -16.73 21.61
C GLN A 337 -14.48 -16.47 20.12
N GLY A 338 -14.96 -15.31 19.69
CA GLY A 338 -14.92 -14.95 18.29
C GLY A 338 -13.85 -13.93 18.00
N ARG A 339 -12.63 -14.22 18.41
CA ARG A 339 -11.52 -13.31 18.18
C ARG A 339 -10.24 -14.11 17.96
N ARG A 340 -9.37 -13.61 17.10
CA ARG A 340 -8.12 -14.29 16.81
C ARG A 340 -6.93 -13.45 17.24
N TRP A 341 -5.80 -14.11 17.47
CA TRP A 341 -4.59 -13.43 17.86
C TRP A 341 -3.45 -13.88 16.95
N SER A 342 -3.06 -12.99 16.03
CA SER A 342 -2.00 -13.29 15.09
C SER A 342 -0.62 -13.30 15.75
N ASP A 343 0.44 -13.38 14.93
CA ASP A 343 1.83 -13.40 15.41
C ASP A 343 2.14 -14.72 16.14
N GLY A 344 1.18 -15.65 16.08
CA GLY A 344 1.37 -16.94 16.71
C GLY A 344 1.01 -16.92 18.19
N LEU A 345 0.30 -15.89 18.62
CA LEU A 345 -0.10 -15.75 20.02
C LEU A 345 -0.88 -16.97 20.51
N HIS A 346 -2.02 -17.24 19.88
CA HIS A 346 -2.85 -18.38 20.28
C HIS A 346 -2.25 -19.70 19.81
N GLN A 347 -1.36 -19.63 18.81
CA GLN A 347 -0.74 -20.82 18.26
C GLN A 347 0.17 -21.48 19.28
N ALA A 348 0.77 -20.67 20.13
CA ALA A 348 1.66 -21.16 21.17
C ALA A 348 0.87 -21.84 22.28
N VAL A 349 -0.37 -21.40 22.46
CA VAL A 349 -1.24 -21.97 23.48
C VAL A 349 -1.64 -23.39 23.11
N GLU A 350 -2.08 -23.55 21.86
CA GLU A 350 -2.50 -24.84 21.36
C GLU A 350 -1.31 -25.80 21.24
N ALA A 351 -0.11 -25.24 21.31
CA ALA A 351 1.11 -26.03 21.22
C ALA A 351 1.59 -26.44 22.61
N LYS A 352 1.22 -25.65 23.60
CA LYS A 352 1.61 -25.92 24.98
C LYS A 352 0.76 -27.03 25.58
N GLU A 353 -0.55 -26.86 25.52
CA GLU A 353 -1.47 -27.84 26.08
C GLU A 353 -1.95 -28.80 24.99
N GLY A 354 -2.77 -29.76 25.39
CA GLY A 354 -3.29 -30.74 24.45
C GLY A 354 -4.44 -30.20 23.61
N VAL A 355 -4.13 -29.28 22.72
CA VAL A 355 -5.13 -28.68 21.85
C VAL A 355 -4.69 -28.80 20.40
N GLN A 356 -5.67 -28.76 19.49
CA GLN A 356 -5.38 -28.85 18.07
C GLN A 356 -4.83 -27.50 17.59
N ILE A 357 -3.67 -27.52 16.96
CA ILE A 357 -3.03 -26.31 16.48
C ILE A 357 -3.50 -25.93 15.08
N GLN A 358 -3.85 -24.66 14.92
CA GLN A 358 -4.31 -24.13 13.63
C GLN A 358 -3.13 -23.87 12.70
N ASN A 359 -3.41 -23.25 11.57
CA ASN A 359 -2.38 -22.93 10.58
C ASN A 359 -2.01 -21.45 10.64
N GLU A 360 -2.70 -20.71 11.51
CA GLU A 360 -2.47 -19.26 11.70
C GLU A 360 -2.86 -18.47 10.44
N ASN A 361 -2.52 -17.18 10.45
CA ASN A 361 -2.81 -16.30 9.32
C ASN A 361 -1.63 -16.29 8.35
N GLN A 362 -0.46 -15.89 8.87
CA GLN A 362 0.79 -15.84 8.11
C GLN A 362 0.79 -14.78 7.01
N THR A 363 1.98 -14.29 6.70
CA THR A 363 2.17 -13.28 5.66
C THR A 363 2.69 -13.97 4.40
N LEU A 364 1.83 -14.77 3.79
CA LEU A 364 2.17 -15.54 2.60
C LEU A 364 2.46 -14.67 1.39
N ALA A 365 1.87 -13.48 1.35
CA ALA A 365 2.07 -12.55 0.25
C ALA A 365 1.67 -11.16 0.68
N SER A 366 2.54 -10.18 0.43
CA SER A 366 2.26 -8.82 0.81
C SER A 366 3.04 -7.83 -0.05
N ILE A 367 2.40 -6.72 -0.37
CA ILE A 367 3.02 -5.67 -1.16
C ILE A 367 2.49 -4.31 -0.73
N THR A 368 3.33 -3.30 -0.81
CA THR A 368 2.94 -1.94 -0.44
C THR A 368 2.59 -1.16 -1.69
N PHE A 369 1.57 -0.30 -1.61
CA PHE A 369 1.14 0.50 -2.76
C PHE A 369 2.29 1.33 -3.31
N GLN A 370 2.99 2.04 -2.42
CA GLN A 370 4.11 2.89 -2.82
C GLN A 370 5.17 2.05 -3.54
N ASN A 371 5.45 0.88 -3.00
CA ASN A 371 6.46 -0.03 -3.56
C ASN A 371 5.96 -0.69 -4.84
N TYR A 372 4.67 -0.56 -5.12
CA TYR A 372 4.07 -1.15 -6.30
C TYR A 372 4.04 -0.12 -7.44
N PHE A 373 3.64 1.09 -7.11
CA PHE A 373 3.56 2.16 -8.11
C PHE A 373 4.94 2.59 -8.56
N ARG A 374 5.96 2.32 -7.75
CA ARG A 374 7.34 2.68 -8.08
C ARG A 374 7.89 1.76 -9.17
N LEU A 375 7.10 0.78 -9.58
CA LEU A 375 7.51 -0.16 -10.63
C LEU A 375 6.94 0.26 -11.98
N TYR A 376 6.35 1.44 -12.04
CA TYR A 376 5.78 1.94 -13.28
C TYR A 376 6.73 2.91 -13.96
N GLU A 377 6.71 2.90 -15.29
CA GLU A 377 7.57 3.80 -16.08
C GLU A 377 7.07 5.23 -15.94
N LYS A 378 5.89 5.49 -16.46
CA LYS A 378 5.28 6.81 -16.39
C LYS A 378 4.22 6.82 -15.30
N LEU A 379 4.55 7.42 -14.17
CA LEU A 379 3.64 7.49 -13.04
C LEU A 379 3.16 8.92 -12.83
N ALA A 380 1.90 9.15 -13.11
CA ALA A 380 1.30 10.47 -12.94
C ALA A 380 -0.01 10.35 -12.19
N GLY A 381 -0.52 11.48 -11.71
CA GLY A 381 -1.76 11.46 -10.97
C GLY A 381 -2.37 12.83 -10.84
N MET A 382 -3.65 12.86 -10.51
CA MET A 382 -4.36 14.12 -10.35
C MET A 382 -4.63 14.39 -8.88
N THR A 383 -4.83 15.65 -8.55
CA THR A 383 -5.12 16.06 -7.20
C THR A 383 -5.91 17.36 -7.23
N GLY A 384 -6.50 17.71 -6.10
CA GLY A 384 -7.26 18.95 -6.03
C GLY A 384 -6.45 20.01 -5.33
N THR A 385 -7.08 21.14 -5.02
CA THR A 385 -6.40 22.22 -4.34
C THR A 385 -6.20 21.89 -2.87
N ALA A 386 -5.37 20.88 -2.62
CA ALA A 386 -5.06 20.42 -1.28
C ALA A 386 -3.70 20.92 -0.86
N ASP A 387 -2.72 20.79 -1.76
CA ASP A 387 -1.35 21.23 -1.51
C ASP A 387 -0.80 20.56 -0.24
N THR A 388 0.02 21.28 0.52
CA THR A 388 0.59 20.79 1.76
C THR A 388 1.64 19.70 1.54
N GLU A 389 1.20 18.46 1.30
CA GLU A 389 2.11 17.34 1.10
C GLU A 389 2.69 17.33 -0.31
N ALA A 390 2.78 18.49 -0.93
CA ALA A 390 3.31 18.61 -2.28
C ALA A 390 4.80 18.25 -2.32
N PHE A 391 5.50 18.61 -1.26
CA PHE A 391 6.93 18.33 -1.18
C PHE A 391 7.21 16.85 -0.93
N GLU A 392 6.18 16.12 -0.53
CA GLU A 392 6.33 14.69 -0.27
C GLU A 392 6.20 13.88 -1.55
N PHE A 393 5.57 14.46 -2.56
CA PHE A 393 5.39 13.78 -3.85
C PHE A 393 6.74 13.43 -4.46
N SER A 394 7.65 14.40 -4.45
CA SER A 394 8.98 14.21 -5.01
C SER A 394 9.91 13.48 -4.03
N SER A 395 9.39 13.13 -2.86
CA SER A 395 10.20 12.45 -1.86
C SER A 395 9.79 10.98 -1.72
N ILE A 396 8.49 10.73 -1.69
CA ILE A 396 7.98 9.38 -1.53
C ILE A 396 7.85 8.63 -2.86
N TYR A 397 7.13 9.20 -3.81
CA TYR A 397 6.93 8.55 -5.10
C TYR A 397 7.86 9.11 -6.18
N LYS A 398 8.62 10.15 -5.82
CA LYS A 398 9.56 10.79 -6.74
C LYS A 398 8.81 11.37 -7.94
N LEU A 399 7.77 12.15 -7.66
CA LEU A 399 6.96 12.76 -8.71
C LEU A 399 7.03 14.28 -8.63
N ASP A 400 6.91 14.92 -9.78
CA ASP A 400 6.93 16.38 -9.85
C ASP A 400 5.52 16.92 -9.58
N THR A 401 5.37 18.23 -9.40
CA THR A 401 4.06 18.79 -9.12
C THR A 401 3.84 20.09 -9.89
N VAL A 402 2.80 20.11 -10.71
CA VAL A 402 2.45 21.29 -11.51
C VAL A 402 0.99 21.66 -11.30
N VAL A 403 0.73 22.96 -11.15
CA VAL A 403 -0.63 23.45 -10.95
C VAL A 403 -1.26 23.84 -12.28
N VAL A 404 -2.50 23.40 -12.49
CA VAL A 404 -3.22 23.72 -13.71
C VAL A 404 -4.03 24.99 -13.52
N PRO A 405 -3.87 25.97 -14.42
CA PRO A 405 -4.59 27.25 -14.34
C PRO A 405 -6.11 27.08 -14.54
N THR A 406 -6.87 27.86 -13.77
CA THR A 406 -8.33 27.82 -13.83
C THR A 406 -8.84 28.27 -15.20
N ASN A 407 -10.02 27.76 -15.59
CA ASN A 407 -10.62 28.13 -16.87
C ASN A 407 -11.10 29.57 -16.84
N ARG A 408 -11.42 30.05 -15.64
CA ARG A 408 -11.89 31.42 -15.45
C ARG A 408 -11.16 32.03 -14.26
N PRO A 409 -11.09 33.37 -14.18
CA PRO A 409 -10.44 34.06 -13.07
C PRO A 409 -11.11 33.75 -11.74
N MET A 410 -10.35 33.21 -10.80
CA MET A 410 -10.87 32.86 -9.49
C MET A 410 -11.06 34.10 -8.63
N ILE A 411 -12.29 34.56 -8.54
CA ILE A 411 -12.62 35.74 -7.75
C ILE A 411 -13.10 35.33 -6.36
N ARG A 412 -12.31 34.48 -5.70
CA ARG A 412 -12.65 34.02 -4.37
C ARG A 412 -11.95 34.90 -3.34
N LYS A 413 -12.74 35.60 -2.55
CA LYS A 413 -12.21 36.50 -1.53
C LYS A 413 -11.88 35.74 -0.25
N ASP A 414 -10.59 35.53 -0.03
CA ASP A 414 -10.12 34.84 1.17
C ASP A 414 -9.92 35.85 2.28
N LEU A 415 -10.74 35.78 3.30
CA LEU A 415 -10.64 36.71 4.42
C LEU A 415 -9.76 36.13 5.53
N PRO A 416 -9.09 37.00 6.31
CA PRO A 416 -8.21 36.56 7.41
C PRO A 416 -8.98 35.81 8.49
N ASP A 417 -8.25 35.10 9.33
CA ASP A 417 -8.85 34.34 10.41
C ASP A 417 -9.10 35.22 11.63
N LEU A 418 -10.29 35.10 12.19
CA LEU A 418 -10.66 35.88 13.37
C LEU A 418 -10.65 35.00 14.61
N VAL A 419 -9.54 35.01 15.32
CA VAL A 419 -9.41 34.23 16.53
C VAL A 419 -9.84 35.04 17.74
N TYR A 420 -10.85 34.55 18.44
CA TYR A 420 -11.37 35.22 19.61
C TYR A 420 -10.94 34.49 20.87
N MET A 421 -11.30 35.01 22.02
CA MET A 421 -10.91 34.38 23.28
C MET A 421 -11.77 33.15 23.58
N THR A 422 -12.99 33.38 24.05
CA THR A 422 -13.88 32.28 24.39
C THR A 422 -14.66 31.82 23.16
N GLU A 423 -15.28 30.64 23.29
CA GLU A 423 -16.07 30.06 22.21
C GLU A 423 -17.26 30.94 21.88
N ALA A 424 -17.88 31.51 22.91
CA ALA A 424 -19.04 32.38 22.74
C ALA A 424 -18.70 33.58 21.87
N GLU A 425 -17.50 34.13 22.06
CA GLU A 425 -17.04 35.27 21.28
C GLU A 425 -16.98 34.90 19.81
N LYS A 426 -16.48 33.70 19.54
CA LYS A 426 -16.35 33.20 18.19
C LYS A 426 -17.70 32.99 17.53
N ILE A 427 -18.59 32.26 18.21
CA ILE A 427 -19.91 31.98 17.68
C ILE A 427 -20.71 33.27 17.46
N GLN A 428 -20.66 34.18 18.42
CA GLN A 428 -21.39 35.44 18.32
C GLN A 428 -20.94 36.22 17.09
N ALA A 429 -19.65 36.15 16.77
CA ALA A 429 -19.11 36.83 15.60
C ALA A 429 -19.57 36.15 14.33
N ILE A 430 -19.64 34.81 14.38
CA ILE A 430 -20.07 34.03 13.24
C ILE A 430 -21.51 34.37 12.88
N ILE A 431 -22.36 34.44 13.91
CA ILE A 431 -23.77 34.75 13.71
C ILE A 431 -23.92 36.13 13.06
N GLU A 432 -23.10 37.08 13.48
CA GLU A 432 -23.13 38.43 12.95
C GLU A 432 -22.73 38.44 11.48
N ASP A 433 -21.67 37.70 11.15
CA ASP A 433 -21.19 37.60 9.77
C ASP A 433 -22.27 37.02 8.87
N ILE A 434 -22.98 36.03 9.39
CA ILE A 434 -24.06 35.39 8.65
C ILE A 434 -25.27 36.32 8.53
N LYS A 435 -25.58 37.01 9.62
CA LYS A 435 -26.71 37.94 9.66
C LYS A 435 -26.54 39.06 8.64
N GLU A 436 -25.31 39.59 8.55
CA GLU A 436 -25.02 40.67 7.62
C GLU A 436 -24.97 40.19 6.17
N ARG A 437 -25.20 38.91 5.95
CA ARG A 437 -25.19 38.36 4.60
C ARG A 437 -26.57 37.81 4.22
N THR A 438 -27.30 37.33 5.21
CA THR A 438 -28.63 36.79 4.97
C THR A 438 -29.58 37.93 4.63
N ALA A 439 -29.28 39.11 5.15
CA ALA A 439 -30.08 40.30 4.90
C ALA A 439 -29.72 40.91 3.54
N LYS A 440 -28.74 40.32 2.89
CA LYS A 440 -28.29 40.79 1.58
C LYS A 440 -28.71 39.78 0.50
N GLY A 441 -28.60 38.51 0.84
CA GLY A 441 -28.98 37.47 -0.11
C GLY A 441 -27.83 36.52 -0.43
N GLN A 442 -26.82 36.51 0.41
CA GLN A 442 -25.67 35.63 0.18
C GLN A 442 -25.78 34.35 1.00
N PRO A 443 -25.68 33.19 0.34
CA PRO A 443 -25.74 31.89 1.02
C PRO A 443 -24.47 31.63 1.83
N VAL A 444 -24.62 30.97 2.96
CA VAL A 444 -23.48 30.68 3.82
C VAL A 444 -23.37 29.20 4.12
N LEU A 445 -22.19 28.65 3.88
CA LEU A 445 -21.92 27.26 4.16
C LEU A 445 -21.00 27.15 5.37
N VAL A 446 -21.53 26.65 6.47
CA VAL A 446 -20.78 26.50 7.70
C VAL A 446 -20.19 25.10 7.80
N GLY A 447 -18.88 25.02 7.96
CA GLY A 447 -18.22 23.74 8.08
C GLY A 447 -17.68 23.51 9.47
N THR A 448 -18.23 22.52 10.16
CA THR A 448 -17.79 22.21 11.51
C THR A 448 -16.97 20.92 11.53
N ILE A 449 -15.97 20.86 12.40
CA ILE A 449 -15.12 19.68 12.51
C ILE A 449 -15.64 18.72 13.57
N SER A 450 -16.71 19.11 14.25
CA SER A 450 -17.32 18.28 15.29
C SER A 450 -18.82 18.55 15.37
N ILE A 451 -19.59 17.48 15.60
CA ILE A 451 -21.04 17.58 15.68
C ILE A 451 -21.45 18.48 16.85
N GLU A 452 -20.66 18.43 17.92
CA GLU A 452 -20.89 19.24 19.10
C GLU A 452 -20.94 20.72 18.74
N LYS A 453 -20.05 21.13 17.84
CA LYS A 453 -19.98 22.51 17.40
C LYS A 453 -21.17 22.85 16.52
N SER A 454 -21.63 21.86 15.75
CA SER A 454 -22.77 22.05 14.87
C SER A 454 -24.02 22.38 15.67
N GLU A 455 -24.26 21.61 16.73
CA GLU A 455 -25.43 21.82 17.58
C GLU A 455 -25.33 23.20 18.25
N LEU A 456 -24.12 23.56 18.62
CA LEU A 456 -23.87 24.84 19.27
C LEU A 456 -24.22 26.02 18.36
N VAL A 457 -23.64 26.04 17.16
CA VAL A 457 -23.89 27.12 16.21
C VAL A 457 -25.35 27.14 15.74
N SER A 458 -25.96 25.95 15.65
CA SER A 458 -27.35 25.86 15.22
C SER A 458 -28.28 26.51 16.24
N ASN A 459 -27.95 26.34 17.52
CA ASN A 459 -28.76 26.91 18.59
C ASN A 459 -28.73 28.43 18.53
N GLU A 460 -27.53 29.00 18.40
CA GLU A 460 -27.37 30.45 18.34
C GLU A 460 -28.08 31.03 17.11
N LEU A 461 -27.98 30.33 15.99
CA LEU A 461 -28.62 30.77 14.75
C LEU A 461 -30.14 30.85 14.93
N THR A 462 -30.68 29.91 15.70
CA THR A 462 -32.11 29.87 15.96
C THR A 462 -32.50 31.03 16.88
N LYS A 463 -31.61 31.39 17.79
CA LYS A 463 -31.85 32.50 18.71
C LYS A 463 -31.95 33.81 17.94
N ALA A 464 -31.14 33.94 16.90
CA ALA A 464 -31.14 35.14 16.07
C ALA A 464 -32.28 35.11 15.04
N GLY A 465 -32.83 33.93 14.83
CA GLY A 465 -33.90 33.78 13.88
C GLY A 465 -33.41 33.67 12.46
N ILE A 466 -32.20 33.15 12.29
CA ILE A 466 -31.63 33.00 10.96
C ILE A 466 -31.90 31.60 10.43
N LYS A 467 -32.57 31.54 9.28
CA LYS A 467 -32.90 30.27 8.64
C LYS A 467 -31.64 29.48 8.34
N HIS A 468 -31.60 28.24 8.81
CA HIS A 468 -30.43 27.40 8.61
C HIS A 468 -30.85 25.94 8.52
N ASN A 469 -30.08 25.14 7.80
CA ASN A 469 -30.35 23.73 7.67
C ASN A 469 -29.05 22.95 7.85
N VAL A 470 -29.12 21.81 8.52
CA VAL A 470 -27.93 21.00 8.77
C VAL A 470 -27.92 19.76 7.89
N LEU A 471 -26.79 19.53 7.24
CA LEU A 471 -26.64 18.37 6.36
C LEU A 471 -26.53 17.10 7.20
N ASN A 472 -27.60 16.33 7.21
CA ASN A 472 -27.64 15.08 7.97
C ASN A 472 -26.74 14.04 7.31
N ALA A 473 -25.80 13.51 8.09
CA ALA A 473 -24.85 12.52 7.60
C ALA A 473 -25.43 11.11 7.61
N LYS A 474 -26.61 10.94 8.22
CA LYS A 474 -27.25 9.64 8.30
C LYS A 474 -28.21 9.47 7.13
N PHE A 475 -29.10 10.45 6.98
CA PHE A 475 -30.08 10.43 5.91
C PHE A 475 -29.66 11.37 4.80
N HIS A 476 -29.02 10.82 3.78
CA HIS A 476 -28.56 11.60 2.64
C HIS A 476 -29.72 12.17 1.83
N ALA A 477 -30.93 11.64 2.04
CA ALA A 477 -32.11 12.11 1.34
C ALA A 477 -32.32 13.60 1.57
N ASN A 478 -32.27 14.00 2.83
CA ASN A 478 -32.45 15.41 3.18
C ASN A 478 -31.21 16.19 2.78
N GLU A 479 -30.04 15.60 3.02
CA GLU A 479 -28.76 16.22 2.71
C GLU A 479 -28.68 16.62 1.24
N ALA A 480 -28.86 15.64 0.35
CA ALA A 480 -28.80 15.88 -1.09
C ALA A 480 -29.81 16.93 -1.54
N ALA A 481 -30.96 16.95 -0.87
CA ALA A 481 -32.00 17.92 -1.19
C ALA A 481 -31.56 19.32 -0.84
N ILE A 482 -30.92 19.46 0.32
CA ILE A 482 -30.44 20.76 0.78
C ILE A 482 -29.29 21.25 -0.09
N VAL A 483 -28.33 20.36 -0.35
CA VAL A 483 -27.16 20.70 -1.16
C VAL A 483 -27.57 21.24 -2.54
N ALA A 484 -28.61 20.67 -3.11
CA ALA A 484 -29.12 21.09 -4.42
C ALA A 484 -29.56 22.55 -4.41
N GLN A 485 -29.96 23.05 -3.26
CA GLN A 485 -30.40 24.42 -3.13
C GLN A 485 -29.59 25.16 -2.07
N ALA A 486 -28.35 24.72 -1.86
CA ALA A 486 -27.48 25.33 -0.86
C ALA A 486 -26.98 26.68 -1.34
N GLY A 487 -27.04 26.90 -2.65
CA GLY A 487 -26.59 28.15 -3.21
C GLY A 487 -27.72 29.16 -3.30
N TYR A 488 -28.85 28.86 -2.67
CA TYR A 488 -30.01 29.73 -2.67
C TYR A 488 -29.71 31.01 -1.89
N PRO A 489 -30.19 32.16 -2.38
CA PRO A 489 -29.97 33.45 -1.72
C PRO A 489 -30.38 33.44 -0.26
N ALA A 490 -29.42 33.80 0.60
CA ALA A 490 -29.64 33.87 2.05
C ALA A 490 -29.97 32.50 2.66
N ALA A 491 -29.29 31.47 2.19
CA ALA A 491 -29.50 30.13 2.72
C ALA A 491 -28.28 29.69 3.53
N VAL A 492 -28.50 29.42 4.81
CA VAL A 492 -27.43 28.99 5.69
C VAL A 492 -27.41 27.47 5.81
N THR A 493 -26.37 26.86 5.29
CA THR A 493 -26.23 25.42 5.33
C THR A 493 -25.06 25.03 6.23
N ILE A 494 -25.32 24.13 7.17
CA ILE A 494 -24.28 23.68 8.09
C ILE A 494 -23.89 22.24 7.78
N ALA A 495 -22.60 22.02 7.55
CA ALA A 495 -22.08 20.70 7.23
C ALA A 495 -21.05 20.26 8.26
N THR A 496 -21.24 19.06 8.79
CA THR A 496 -20.32 18.53 9.79
C THR A 496 -19.41 17.48 9.16
N ASN A 497 -18.11 17.72 9.23
CA ASN A 497 -17.11 16.81 8.67
C ASN A 497 -17.35 16.62 7.17
N MET A 498 -16.95 17.61 6.39
CA MET A 498 -17.13 17.55 4.95
C MET A 498 -15.98 16.79 4.30
N ALA A 499 -16.33 15.87 3.41
CA ALA A 499 -15.33 15.06 2.71
C ALA A 499 -14.64 15.88 1.62
N GLY A 500 -13.73 15.23 0.91
CA GLY A 500 -13.01 15.90 -0.15
C GLY A 500 -13.87 16.17 -1.36
N ARG A 501 -13.40 17.07 -2.25
CA ARG A 501 -14.11 17.44 -3.47
C ARG A 501 -15.38 18.23 -3.16
N GLY A 502 -16.42 17.53 -2.69
CA GLY A 502 -17.66 18.18 -2.38
C GLY A 502 -18.54 18.35 -3.60
N THR A 503 -19.85 18.21 -3.40
CA THR A 503 -20.81 18.33 -4.48
C THR A 503 -20.74 19.71 -5.15
N ASP A 504 -21.09 19.75 -6.43
CA ASP A 504 -21.07 21.00 -7.18
C ASP A 504 -22.24 21.88 -6.82
N ILE A 505 -22.02 22.82 -5.91
CA ILE A 505 -23.05 23.74 -5.48
C ILE A 505 -23.11 24.94 -6.42
N VAL A 506 -24.23 25.08 -7.11
CA VAL A 506 -24.42 26.17 -8.05
C VAL A 506 -25.03 27.39 -7.36
N LEU A 507 -24.56 28.58 -7.72
CA LEU A 507 -25.07 29.82 -7.14
C LEU A 507 -26.50 30.05 -7.60
N GLY A 508 -27.38 30.31 -6.63
CA GLY A 508 -28.77 30.54 -6.94
C GLY A 508 -29.55 29.25 -6.99
N GLY A 509 -28.90 28.16 -6.57
CA GLY A 509 -29.53 26.86 -6.58
C GLY A 509 -29.25 26.13 -7.87
N SER A 510 -29.90 25.00 -8.08
CA SER A 510 -29.72 24.24 -9.30
C SER A 510 -31.06 23.93 -9.94
N TRP A 511 -31.32 24.56 -11.09
CA TRP A 511 -32.57 24.35 -11.82
C TRP A 511 -32.72 22.87 -12.20
N GLN A 512 -31.59 22.17 -12.31
CA GLN A 512 -31.57 20.76 -12.65
C GLN A 512 -32.35 19.95 -11.62
N ALA A 513 -32.16 20.29 -10.35
CA ALA A 513 -32.84 19.61 -9.27
C ALA A 513 -34.30 19.98 -9.22
N GLU A 514 -34.60 21.23 -9.59
CA GLU A 514 -35.97 21.71 -9.57
C GLU A 514 -36.80 21.06 -10.67
N VAL A 515 -36.27 21.01 -11.89
CA VAL A 515 -36.98 20.39 -13.00
C VAL A 515 -37.09 18.88 -12.78
N ALA A 516 -36.15 18.34 -12.02
CA ALA A 516 -36.15 16.91 -11.71
C ALA A 516 -37.14 16.61 -10.58
N ALA A 517 -37.67 17.65 -9.97
CA ALA A 517 -38.62 17.52 -8.88
C ALA A 517 -40.04 17.65 -9.40
N LEU A 518 -40.19 17.65 -10.71
CA LEU A 518 -41.49 17.76 -11.35
C LEU A 518 -41.91 16.41 -11.89
N GLU A 519 -43.19 16.09 -11.77
CA GLU A 519 -43.72 14.82 -12.27
C GLU A 519 -43.81 14.87 -13.79
N ASN A 520 -44.08 16.06 -14.31
CA ASN A 520 -44.19 16.26 -15.75
C ASN A 520 -43.51 17.58 -16.13
N PRO A 521 -42.18 17.54 -16.28
CA PRO A 521 -41.39 18.72 -16.64
C PRO A 521 -41.50 19.03 -18.14
N THR A 522 -42.42 19.92 -18.48
CA THR A 522 -42.61 20.30 -19.86
C THR A 522 -41.53 21.28 -20.32
N ALA A 523 -41.35 21.39 -21.63
CA ALA A 523 -40.34 22.28 -22.20
C ALA A 523 -40.51 23.71 -21.69
N GLU A 524 -41.74 24.18 -21.65
CA GLU A 524 -42.03 25.53 -21.19
C GLU A 524 -41.65 25.70 -19.73
N GLN A 525 -41.93 24.68 -18.91
CA GLN A 525 -41.60 24.74 -17.49
C GLN A 525 -40.09 24.82 -17.28
N ILE A 526 -39.35 24.03 -18.05
CA ILE A 526 -37.90 24.00 -17.95
C ILE A 526 -37.30 25.38 -18.24
N GLU A 527 -37.79 26.02 -19.29
CA GLU A 527 -37.30 27.33 -19.69
C GLU A 527 -37.75 28.40 -18.71
N LYS A 528 -38.99 28.26 -18.21
CA LYS A 528 -39.54 29.22 -17.26
C LYS A 528 -38.75 29.20 -15.96
N ILE A 529 -38.49 28.00 -15.44
CA ILE A 529 -37.73 27.85 -14.20
C ILE A 529 -36.30 28.36 -14.38
N LYS A 530 -35.71 28.07 -15.53
CA LYS A 530 -34.35 28.49 -15.84
C LYS A 530 -34.25 30.03 -15.81
N ALA A 531 -35.29 30.68 -16.31
CA ALA A 531 -35.33 32.14 -16.35
C ALA A 531 -35.35 32.72 -14.94
N ASP A 532 -36.10 32.07 -14.05
CA ASP A 532 -36.18 32.51 -12.66
C ASP A 532 -34.88 32.21 -11.94
N TRP A 533 -34.33 31.03 -12.23
CA TRP A 533 -33.08 30.60 -11.64
C TRP A 533 -31.96 31.60 -11.91
N GLN A 534 -31.94 32.14 -13.13
CA GLN A 534 -30.93 33.12 -13.52
C GLN A 534 -30.95 34.32 -12.57
N VAL A 535 -32.15 34.76 -12.23
CA VAL A 535 -32.34 35.89 -11.32
C VAL A 535 -31.69 35.60 -9.96
N ARG A 536 -31.93 34.39 -9.47
CA ARG A 536 -31.39 33.97 -8.18
C ARG A 536 -29.88 33.78 -8.27
N HIS A 537 -29.42 33.27 -9.41
CA HIS A 537 -28.00 33.03 -9.65
C HIS A 537 -27.21 34.33 -9.59
N ASP A 538 -27.69 35.32 -10.35
CA ASP A 538 -27.03 36.61 -10.42
C ASP A 538 -27.12 37.35 -9.10
N ALA A 539 -28.22 37.13 -8.37
CA ALA A 539 -28.41 37.77 -7.07
C ALA A 539 -27.34 37.32 -6.09
N VAL A 540 -26.96 36.05 -6.21
CA VAL A 540 -25.94 35.46 -5.35
C VAL A 540 -24.55 35.87 -5.83
N LEU A 541 -24.37 35.89 -7.15
CA LEU A 541 -23.10 36.25 -7.75
C LEU A 541 -22.70 37.66 -7.34
N GLU A 542 -23.64 38.59 -7.47
CA GLU A 542 -23.39 39.98 -7.12
C GLU A 542 -23.45 40.21 -5.62
N ALA A 543 -23.65 39.13 -4.86
CA ALA A 543 -23.70 39.23 -3.40
C ALA A 543 -22.39 38.78 -2.78
N GLY A 544 -21.48 38.29 -3.61
CA GLY A 544 -20.19 37.84 -3.12
C GLY A 544 -19.96 36.35 -3.34
N GLY A 545 -20.92 35.69 -4.01
CA GLY A 545 -20.79 34.27 -4.28
C GLY A 545 -21.04 33.41 -3.05
N LEU A 546 -20.60 32.16 -3.12
CA LEU A 546 -20.79 31.24 -2.00
C LEU A 546 -19.83 31.58 -0.86
N HIS A 547 -20.40 31.87 0.30
CA HIS A 547 -19.61 32.22 1.47
C HIS A 547 -19.35 31.00 2.35
N ILE A 548 -18.08 30.72 2.60
CA ILE A 548 -17.68 29.58 3.42
C ILE A 548 -17.27 30.05 4.80
N ILE A 549 -17.82 29.43 5.83
CA ILE A 549 -17.48 29.78 7.20
C ILE A 549 -16.99 28.53 7.94
N GLY A 550 -15.75 28.60 8.40
CA GLY A 550 -15.18 27.49 9.13
C GLY A 550 -15.10 27.80 10.61
N THR A 551 -15.79 27.02 11.42
CA THR A 551 -15.79 27.23 12.86
C THR A 551 -14.42 26.90 13.43
N GLU A 552 -13.82 25.84 12.90
CA GLU A 552 -12.52 25.37 13.31
C GLU A 552 -11.75 24.84 12.12
N ARG A 553 -10.44 24.80 12.23
CA ARG A 553 -9.60 24.27 11.16
C ARG A 553 -9.11 22.88 11.57
N HIS A 554 -8.04 22.41 10.96
CA HIS A 554 -7.49 21.11 11.31
C HIS A 554 -6.01 21.06 11.03
N GLU A 555 -5.31 20.24 11.80
CA GLU A 555 -3.87 20.07 11.65
C GLU A 555 -3.51 19.78 10.21
N SER A 556 -4.24 18.84 9.62
CA SER A 556 -4.03 18.46 8.23
C SER A 556 -4.46 19.60 7.31
N ARG A 557 -3.48 20.31 6.76
CA ARG A 557 -3.73 21.43 5.87
C ARG A 557 -4.30 20.93 4.55
N ARG A 558 -4.09 19.65 4.26
CA ARG A 558 -4.60 19.04 3.04
C ARG A 558 -6.12 19.16 3.00
N ILE A 559 -6.74 18.94 4.15
CA ILE A 559 -8.19 19.04 4.27
C ILE A 559 -8.61 20.50 4.36
N ASP A 560 -7.79 21.28 5.04
CA ASP A 560 -8.02 22.71 5.22
C ASP A 560 -8.17 23.41 3.87
N ASN A 561 -7.16 23.23 3.01
CA ASN A 561 -7.15 23.84 1.69
C ASN A 561 -8.32 23.34 0.85
N GLN A 562 -8.61 22.04 0.96
CA GLN A 562 -9.72 21.45 0.21
C GLN A 562 -11.06 22.03 0.66
N LEU A 563 -11.14 22.38 1.93
CA LEU A 563 -12.36 22.96 2.49
C LEU A 563 -12.52 24.41 2.05
N ARG A 564 -11.39 25.08 1.86
CA ARG A 564 -11.40 26.48 1.43
C ARG A 564 -11.71 26.58 -0.06
N GLY A 565 -11.20 25.62 -0.82
CA GLY A 565 -11.40 25.63 -2.27
C GLY A 565 -12.76 25.09 -2.71
N ARG A 566 -13.80 25.35 -1.93
CA ARG A 566 -15.14 24.87 -2.28
C ARG A 566 -15.80 25.84 -3.25
N SER A 567 -15.65 27.13 -2.96
CA SER A 567 -16.21 28.17 -3.81
C SER A 567 -15.29 28.44 -5.00
N GLY A 568 -15.72 29.31 -5.90
CA GLY A 568 -14.92 29.61 -7.07
C GLY A 568 -14.81 28.42 -7.99
N ARG A 569 -15.94 27.77 -8.25
CA ARG A 569 -15.97 26.60 -9.12
C ARG A 569 -15.74 27.01 -10.57
N GLN A 570 -14.66 26.50 -11.15
CA GLN A 570 -14.30 26.80 -12.54
C GLN A 570 -14.00 28.29 -12.70
N GLY A 571 -13.51 28.90 -11.62
CA GLY A 571 -13.18 30.31 -11.65
C GLY A 571 -14.40 31.18 -11.42
N ASP A 572 -15.13 30.90 -10.35
CA ASP A 572 -16.33 31.67 -10.02
C ASP A 572 -16.09 32.51 -8.77
N ALA A 573 -17.17 33.06 -8.21
CA ALA A 573 -17.08 33.90 -7.02
C ALA A 573 -17.13 33.07 -5.74
N GLY A 574 -16.95 33.76 -4.61
CA GLY A 574 -16.98 33.11 -3.32
C GLY A 574 -16.16 33.87 -2.29
N SER A 575 -16.37 33.54 -1.02
CA SER A 575 -15.65 34.20 0.05
C SER A 575 -15.42 33.24 1.22
N SER A 576 -14.18 33.08 1.63
CA SER A 576 -13.85 32.17 2.71
C SER A 576 -13.48 32.93 3.97
N ARG A 577 -14.12 32.59 5.08
CA ARG A 577 -13.84 33.23 6.36
C ARG A 577 -13.82 32.17 7.46
N PHE A 578 -12.70 32.06 8.15
CA PHE A 578 -12.57 31.09 9.22
C PHE A 578 -12.47 31.78 10.57
N TYR A 579 -12.85 31.07 11.60
CA TYR A 579 -12.82 31.59 12.96
C TYR A 579 -12.09 30.62 13.87
N LEU A 580 -11.74 31.08 15.06
CA LEU A 580 -11.03 30.25 16.02
C LEU A 580 -11.15 30.83 17.42
N SER A 581 -10.96 30.00 18.43
CA SER A 581 -11.05 30.44 19.82
C SER A 581 -9.76 30.11 20.56
N MET A 582 -9.36 31.00 21.46
CA MET A 582 -8.14 30.81 22.24
C MET A 582 -8.29 29.70 23.26
N GLU A 583 -9.53 29.25 23.46
CA GLU A 583 -9.81 28.19 24.40
C GLU A 583 -10.20 26.91 23.66
N ASP A 584 -10.05 26.93 22.34
CA ASP A 584 -10.38 25.77 21.52
C ASP A 584 -9.24 24.77 21.52
N ALA A 585 -9.54 23.52 21.21
CA ALA A 585 -8.56 22.45 21.18
C ALA A 585 -7.54 22.65 20.07
N LEU A 586 -7.96 23.27 18.97
CA LEU A 586 -7.08 23.50 17.84
C LEU A 586 -5.96 24.47 18.19
N MET A 587 -6.20 25.34 19.17
CA MET A 587 -5.20 26.33 19.58
C MET A 587 -4.07 25.67 20.37
N ARG A 588 -4.16 24.37 20.54
CA ARG A 588 -3.15 23.62 21.28
C ARG A 588 -2.11 23.03 20.33
N ILE A 589 -2.24 23.29 19.04
CA ILE A 589 -1.30 22.76 18.04
C ILE A 589 0.04 23.48 18.12
N PHE A 590 0.11 24.55 18.91
CA PHE A 590 1.34 25.31 19.05
C PHE A 590 2.29 24.63 20.04
N ALA A 591 1.79 23.58 20.70
CA ALA A 591 2.54 22.81 21.70
C ALA A 591 2.76 23.61 22.98
N SER A 592 3.50 24.71 22.87
CA SER A 592 3.77 25.56 24.02
C SER A 592 2.55 26.43 24.34
N ASP A 593 1.97 26.23 25.51
CA ASP A 593 0.80 26.99 25.95
C ASP A 593 1.12 28.48 26.06
N ARG A 594 2.39 28.78 26.31
CA ARG A 594 2.85 30.16 26.44
C ARG A 594 2.57 30.96 25.17
N VAL A 595 2.58 30.28 24.02
CA VAL A 595 2.32 30.94 22.75
C VAL A 595 0.87 31.42 22.71
N SER A 596 -0.05 30.51 23.01
CA SER A 596 -1.47 30.85 23.02
C SER A 596 -1.74 31.89 24.11
N GLY A 597 -1.05 31.75 25.24
CA GLY A 597 -1.23 32.68 26.34
C GLY A 597 -0.84 34.10 25.96
N MET A 598 0.22 34.23 25.17
CA MET A 598 0.70 35.54 24.75
C MET A 598 -0.23 36.13 23.67
N MET A 599 -0.79 35.26 22.86
CA MET A 599 -1.69 35.69 21.79
C MET A 599 -3.00 36.23 22.36
N ARG A 600 -3.27 35.89 23.62
CA ARG A 600 -4.49 36.33 24.29
C ARG A 600 -4.38 37.80 24.73
N LYS A 601 -3.20 38.37 24.55
CA LYS A 601 -2.95 39.75 24.93
C LYS A 601 -3.23 40.68 23.75
N LEU A 602 -3.78 40.12 22.68
CA LEU A 602 -4.09 40.87 21.47
C LEU A 602 -5.30 41.79 21.69
N GLY A 603 -6.05 41.53 22.74
CA GLY A 603 -7.23 42.33 23.04
C GLY A 603 -8.49 41.67 22.56
N MET A 604 -8.44 41.13 21.35
CA MET A 604 -9.55 40.43 20.71
C MET A 604 -10.69 41.37 20.32
N LYS A 605 -11.20 42.13 21.28
CA LYS A 605 -12.29 43.08 21.05
C LYS A 605 -13.53 42.34 20.54
N PRO A 606 -14.24 41.65 21.45
CA PRO A 606 -15.45 40.87 21.12
C PRO A 606 -16.54 41.70 20.48
N GLY A 607 -16.60 41.68 19.16
CA GLY A 607 -17.61 42.43 18.45
C GLY A 607 -17.01 43.27 17.33
N GLU A 608 -15.69 43.39 17.36
CA GLU A 608 -14.99 44.16 16.35
C GLU A 608 -14.05 43.26 15.56
N ALA A 609 -13.94 43.51 14.27
CA ALA A 609 -13.08 42.72 13.40
C ALA A 609 -11.63 43.18 13.54
N ILE A 610 -10.82 42.37 14.20
CA ILE A 610 -9.41 42.70 14.39
C ILE A 610 -8.65 42.69 13.06
N GLU A 611 -9.12 41.86 12.13
CA GLU A 611 -8.53 41.72 10.79
C GLU A 611 -7.00 41.74 10.81
N HIS A 612 -6.41 40.65 11.25
CA HIS A 612 -4.95 40.54 11.30
C HIS A 612 -4.48 39.42 10.38
N PRO A 613 -3.99 39.78 9.18
CA PRO A 613 -3.53 38.81 8.18
C PRO A 613 -2.42 37.88 8.67
N TRP A 614 -1.60 38.36 9.61
CA TRP A 614 -0.51 37.55 10.13
C TRP A 614 -1.04 36.39 10.97
N VAL A 615 -2.27 36.50 11.44
CA VAL A 615 -2.89 35.44 12.23
C VAL A 615 -3.12 34.21 11.35
N THR A 616 -3.73 34.44 10.19
CA THR A 616 -4.01 33.38 9.25
C THR A 616 -2.71 32.68 8.82
N LYS A 617 -1.67 33.48 8.64
CA LYS A 617 -0.37 32.97 8.24
C LYS A 617 0.27 32.18 9.36
N ALA A 618 0.07 32.62 10.60
CA ALA A 618 0.61 31.94 11.76
C ALA A 618 -0.02 30.57 11.92
N ILE A 619 -1.34 30.50 11.75
CA ILE A 619 -2.05 29.24 11.85
C ILE A 619 -1.61 28.29 10.74
N ALA A 620 -1.49 28.83 9.53
CA ALA A 620 -1.06 28.03 8.38
C ALA A 620 0.32 27.45 8.61
N ASN A 621 1.19 28.24 9.24
CA ASN A 621 2.55 27.80 9.54
C ASN A 621 2.53 26.69 10.58
N ALA A 622 1.65 26.84 11.57
CA ALA A 622 1.49 25.85 12.63
C ALA A 622 0.97 24.53 12.07
N GLN A 623 -0.02 24.62 11.20
CA GLN A 623 -0.61 23.43 10.57
C GLN A 623 0.46 22.71 9.76
N ARG A 624 1.26 23.50 9.04
CA ARG A 624 2.33 22.95 8.21
C ARG A 624 3.36 22.24 9.08
N LYS A 625 3.53 22.70 10.32
CA LYS A 625 4.47 22.09 11.24
C LYS A 625 4.06 20.66 11.56
N VAL A 626 2.77 20.45 11.72
CA VAL A 626 2.25 19.13 12.02
C VAL A 626 2.52 18.19 10.85
N GLU A 627 2.29 18.71 9.64
CA GLU A 627 2.53 17.94 8.42
C GLU A 627 4.03 17.64 8.28
N SER A 628 4.85 18.59 8.70
CA SER A 628 6.30 18.42 8.65
C SER A 628 6.72 17.26 9.53
N ARG A 629 6.13 17.21 10.72
CA ARG A 629 6.40 16.14 11.67
C ARG A 629 5.97 14.81 11.08
N ASN A 630 4.81 14.83 10.43
CA ASN A 630 4.25 13.64 9.79
C ASN A 630 5.21 13.11 8.73
N PHE A 631 5.79 14.02 7.95
CA PHE A 631 6.74 13.65 6.90
C PHE A 631 8.03 13.11 7.51
N ASP A 632 8.48 13.73 8.59
CA ASP A 632 9.70 13.33 9.27
C ASP A 632 9.59 11.88 9.75
N ILE A 633 8.39 11.49 10.15
CA ILE A 633 8.13 10.13 10.61
C ILE A 633 7.86 9.23 9.40
N ARG A 634 7.19 9.79 8.40
CA ARG A 634 6.86 9.08 7.17
C ARG A 634 8.14 8.57 6.50
N LYS A 635 9.18 9.39 6.50
CA LYS A 635 10.46 9.04 5.90
C LYS A 635 11.15 7.93 6.69
N GLN A 636 10.89 7.86 7.99
CA GLN A 636 11.50 6.84 8.85
C GLN A 636 11.01 5.46 8.46
N LEU A 637 9.72 5.39 8.13
CA LEU A 637 9.11 4.13 7.73
C LEU A 637 9.70 3.66 6.40
N LEU A 638 9.94 4.63 5.51
CA LEU A 638 10.50 4.35 4.20
C LEU A 638 11.92 3.78 4.33
N GLU A 639 12.64 4.26 5.34
CA GLU A 639 14.01 3.80 5.58
C GLU A 639 14.04 2.31 5.95
N TYR A 640 12.89 1.80 6.38
CA TYR A 640 12.76 0.41 6.77
C TYR A 640 12.12 -0.41 5.66
N ASP A 641 11.04 0.10 5.10
CA ASP A 641 10.29 -0.60 4.06
C ASP A 641 11.03 -0.65 2.72
N ASP A 642 11.86 0.34 2.45
CA ASP A 642 12.62 0.37 1.19
C ASP A 642 13.62 -0.77 1.14
N VAL A 643 14.01 -1.26 2.31
CA VAL A 643 14.96 -2.36 2.42
C VAL A 643 14.30 -3.64 1.91
N ALA A 644 13.09 -3.89 2.40
CA ALA A 644 12.32 -5.06 1.98
C ALA A 644 11.91 -4.90 0.52
N ASN A 645 11.73 -3.65 0.11
CA ASN A 645 11.35 -3.32 -1.25
C ASN A 645 12.40 -3.83 -2.24
N ASP A 646 13.66 -3.49 -1.99
CA ASP A 646 14.75 -3.90 -2.85
C ASP A 646 14.85 -5.42 -2.90
N GLN A 647 14.78 -6.04 -1.72
CA GLN A 647 14.86 -7.50 -1.63
C GLN A 647 13.71 -8.15 -2.39
N ARG A 648 12.52 -7.58 -2.24
CA ARG A 648 11.34 -8.07 -2.91
C ARG A 648 11.50 -7.94 -4.42
N ARG A 649 12.05 -6.80 -4.84
CA ARG A 649 12.27 -6.52 -6.26
C ARG A 649 13.25 -7.53 -6.84
N ALA A 650 14.33 -7.78 -6.11
CA ALA A 650 15.36 -8.72 -6.55
C ALA A 650 14.81 -10.14 -6.68
N ILE A 651 14.11 -10.60 -5.65
CA ILE A 651 13.56 -11.95 -5.67
C ILE A 651 12.40 -12.08 -6.66
N TYR A 652 11.62 -11.02 -6.82
CA TYR A 652 10.49 -11.03 -7.75
C TYR A 652 11.00 -11.17 -9.18
N SER A 653 12.05 -10.41 -9.50
CA SER A 653 12.64 -10.46 -10.83
C SER A 653 13.17 -11.87 -11.10
N GLN A 654 13.81 -12.45 -10.10
CA GLN A 654 14.36 -13.79 -10.22
C GLN A 654 13.26 -14.82 -10.41
N ARG A 655 12.21 -14.72 -9.61
CA ARG A 655 11.08 -15.64 -9.68
C ARG A 655 10.35 -15.48 -11.01
N ASN A 656 10.14 -14.24 -11.42
CA ASN A 656 9.44 -13.94 -12.67
C ASN A 656 10.27 -14.40 -13.86
N GLU A 657 11.58 -14.29 -13.75
CA GLU A 657 12.48 -14.71 -14.81
C GLU A 657 12.35 -16.21 -15.06
N LEU A 658 12.45 -16.98 -13.97
CA LEU A 658 12.32 -18.44 -14.04
C LEU A 658 10.92 -18.83 -14.48
N LEU A 659 9.96 -17.98 -14.14
CA LEU A 659 8.56 -18.20 -14.49
C LEU A 659 8.33 -18.02 -15.99
N ASP A 660 8.97 -17.01 -16.56
CA ASP A 660 8.84 -16.70 -17.97
C ASP A 660 9.50 -17.76 -18.85
N VAL A 661 10.69 -18.20 -18.46
CA VAL A 661 11.41 -19.21 -19.23
C VAL A 661 10.91 -20.61 -18.91
N SER A 662 11.15 -21.55 -19.83
CA SER A 662 10.72 -22.92 -19.63
C SER A 662 11.89 -23.81 -19.22
N ASP A 663 13.08 -23.51 -19.73
CA ASP A 663 14.27 -24.28 -19.40
C ASP A 663 14.97 -23.69 -18.18
N VAL A 664 15.03 -24.47 -17.12
CA VAL A 664 15.67 -24.03 -15.88
C VAL A 664 16.78 -25.01 -15.51
N SER A 665 16.92 -26.05 -16.33
CA SER A 665 17.91 -27.10 -16.12
C SER A 665 19.33 -26.53 -15.97
N GLU A 666 19.63 -25.50 -16.77
CA GLU A 666 20.94 -24.86 -16.71
C GLU A 666 21.23 -24.30 -15.33
N THR A 667 20.26 -23.58 -14.78
CA THR A 667 20.39 -22.99 -13.46
C THR A 667 20.49 -24.08 -12.39
N ILE A 668 19.63 -25.09 -12.53
CA ILE A 668 19.60 -26.21 -11.58
C ILE A 668 20.96 -26.92 -11.50
N ASN A 669 21.53 -27.22 -12.66
CA ASN A 669 22.81 -27.92 -12.71
C ASN A 669 23.94 -27.05 -12.17
N SER A 670 23.91 -25.76 -12.49
CA SER A 670 24.94 -24.83 -12.05
C SER A 670 24.96 -24.68 -10.53
N ILE A 671 23.78 -24.51 -9.92
CA ILE A 671 23.71 -24.36 -8.48
C ILE A 671 24.00 -25.68 -7.78
N ARG A 672 23.75 -26.78 -8.48
CA ARG A 672 24.00 -28.12 -7.95
C ARG A 672 25.45 -28.30 -7.56
N GLU A 673 26.35 -27.75 -8.38
CA GLU A 673 27.78 -27.84 -8.12
C GLU A 673 28.14 -27.13 -6.82
N ASP A 674 27.57 -25.94 -6.63
CA ASP A 674 27.85 -25.15 -5.43
C ASP A 674 27.21 -25.78 -4.20
N VAL A 675 26.03 -26.36 -4.36
CA VAL A 675 25.33 -27.02 -3.25
C VAL A 675 26.19 -28.14 -2.68
N PHE A 676 26.64 -29.03 -3.56
CA PHE A 676 27.47 -30.16 -3.14
C PHE A 676 28.78 -29.64 -2.57
N LYS A 677 29.32 -28.59 -3.18
CA LYS A 677 30.56 -27.98 -2.72
C LYS A 677 30.42 -27.52 -1.27
N ALA A 678 29.37 -26.74 -1.01
CA ALA A 678 29.11 -26.22 0.33
C ALA A 678 28.88 -27.36 1.33
N THR A 679 28.20 -28.40 0.86
CA THR A 679 27.92 -29.56 1.70
C THR A 679 29.22 -30.26 2.09
N ILE A 680 30.14 -30.39 1.14
CA ILE A 680 31.42 -31.03 1.39
C ILE A 680 32.28 -30.15 2.29
N ASP A 681 32.28 -28.85 2.02
CA ASP A 681 33.07 -27.87 2.79
C ASP A 681 32.72 -27.93 4.28
N ALA A 682 31.48 -28.30 4.58
CA ALA A 682 30.99 -28.37 5.95
C ALA A 682 31.68 -29.47 6.76
N TYR A 683 32.17 -30.50 6.08
CA TYR A 683 32.82 -31.62 6.77
C TYR A 683 34.26 -31.80 6.31
N ILE A 684 34.55 -31.33 5.11
CA ILE A 684 35.88 -31.42 4.53
C ILE A 684 36.36 -30.06 4.05
N PRO A 685 37.25 -29.41 4.81
CA PRO A 685 37.80 -28.10 4.43
C PRO A 685 38.68 -28.20 3.19
N PRO A 686 38.44 -27.37 2.17
CA PRO A 686 39.21 -27.39 0.92
C PRO A 686 40.71 -27.23 1.16
N GLN A 687 41.47 -28.21 0.67
CA GLN A 687 42.93 -28.24 0.79
C GLN A 687 43.37 -28.29 2.26
N SER A 688 43.28 -29.47 2.85
CA SER A 688 43.65 -29.68 4.24
C SER A 688 44.26 -31.06 4.42
N LEU A 689 44.43 -31.47 5.66
CA LEU A 689 45.00 -32.78 5.97
C LEU A 689 43.91 -33.86 5.95
N GLU A 690 44.32 -35.09 5.64
CA GLU A 690 43.39 -36.21 5.56
C GLU A 690 42.66 -36.44 6.88
N GLU A 691 43.33 -36.13 7.99
CA GLU A 691 42.75 -36.30 9.32
C GLU A 691 41.73 -35.21 9.64
N MET A 692 41.58 -34.24 8.73
CA MET A 692 40.64 -33.15 8.93
C MET A 692 39.39 -33.38 8.09
N TRP A 693 39.34 -34.51 7.40
CA TRP A 693 38.20 -34.84 6.55
C TRP A 693 37.26 -35.81 7.24
N ASP A 694 36.10 -35.32 7.65
CA ASP A 694 35.12 -36.17 8.30
C ASP A 694 34.32 -36.94 7.25
N ILE A 695 34.90 -38.02 6.78
CA ILE A 695 34.25 -38.86 5.77
C ILE A 695 32.89 -39.38 6.25
N PRO A 696 32.80 -39.99 7.46
CA PRO A 696 31.52 -40.50 7.99
C PRO A 696 30.46 -39.41 8.07
N GLY A 697 30.86 -38.23 8.54
CA GLY A 697 29.94 -37.12 8.66
C GLY A 697 29.37 -36.71 7.32
N LEU A 698 30.22 -36.67 6.30
CA LEU A 698 29.79 -36.32 4.96
C LEU A 698 28.88 -37.40 4.39
N GLN A 699 29.24 -38.65 4.65
CA GLN A 699 28.45 -39.78 4.18
C GLN A 699 27.06 -39.78 4.82
N GLU A 700 27.02 -39.63 6.14
CA GLU A 700 25.76 -39.59 6.88
C GLU A 700 24.89 -38.45 6.37
N ARG A 701 25.53 -37.35 6.00
CA ARG A 701 24.82 -36.20 5.48
C ARG A 701 24.18 -36.51 4.14
N LEU A 702 24.97 -37.03 3.22
CA LEU A 702 24.49 -37.36 1.88
C LEU A 702 23.46 -38.49 1.92
N LYS A 703 23.68 -39.48 2.77
CA LYS A 703 22.78 -40.63 2.86
C LYS A 703 21.51 -40.32 3.65
N ASN A 704 21.36 -39.10 4.14
CA ASN A 704 20.18 -38.72 4.90
C ASN A 704 19.52 -37.47 4.35
N ASP A 705 20.30 -36.41 4.22
CA ASP A 705 19.80 -35.13 3.73
C ASP A 705 19.57 -35.16 2.22
N PHE A 706 20.48 -35.80 1.49
CA PHE A 706 20.38 -35.86 0.04
C PHE A 706 19.81 -37.21 -0.42
N ASP A 707 19.80 -38.17 0.49
CA ASP A 707 19.30 -39.53 0.19
C ASP A 707 20.15 -40.18 -0.91
N LEU A 708 21.42 -39.85 -0.92
CA LEU A 708 22.34 -40.38 -1.91
C LEU A 708 23.41 -41.23 -1.22
N ASP A 709 23.39 -42.54 -1.51
CA ASP A 709 24.34 -43.46 -0.91
C ASP A 709 25.65 -43.46 -1.69
N LEU A 710 26.72 -43.03 -1.03
CA LEU A 710 28.04 -42.98 -1.65
C LEU A 710 29.10 -43.57 -0.73
N PRO A 711 29.92 -44.49 -1.25
CA PRO A 711 30.99 -45.14 -0.50
C PRO A 711 32.29 -44.32 -0.53
N ILE A 712 32.21 -43.11 0.00
CA ILE A 712 33.36 -42.20 0.04
C ILE A 712 34.52 -42.80 0.83
N ALA A 713 34.19 -43.52 1.91
CA ALA A 713 35.20 -44.15 2.75
C ALA A 713 35.98 -45.20 1.97
N GLU A 714 35.33 -45.81 1.00
CA GLU A 714 35.96 -46.83 0.18
C GLU A 714 36.81 -46.17 -0.90
N TRP A 715 36.29 -45.09 -1.46
CA TRP A 715 36.99 -44.35 -2.51
C TRP A 715 38.33 -43.82 -2.01
N LEU A 716 38.30 -43.18 -0.85
CA LEU A 716 39.52 -42.60 -0.28
C LEU A 716 40.50 -43.69 0.19
N ASP A 717 40.00 -44.90 0.39
CA ASP A 717 40.84 -46.01 0.83
C ASP A 717 41.48 -46.73 -0.35
N LYS A 718 40.68 -47.02 -1.37
CA LYS A 718 41.18 -47.74 -2.53
C LYS A 718 41.88 -46.80 -3.51
N GLU A 719 41.44 -45.56 -3.56
CA GLU A 719 42.03 -44.58 -4.47
C GLU A 719 42.53 -43.36 -3.69
N PRO A 720 43.68 -43.47 -3.00
CA PRO A 720 44.24 -42.36 -2.23
C PRO A 720 44.68 -41.21 -3.13
N GLU A 721 44.85 -41.52 -4.42
CA GLU A 721 45.26 -40.53 -5.41
C GLU A 721 44.17 -39.49 -5.66
N LEU A 722 42.95 -39.80 -5.21
CA LEU A 722 41.83 -38.87 -5.38
C LEU A 722 42.04 -37.62 -4.55
N HIS A 723 42.86 -37.76 -3.51
CA HIS A 723 43.18 -36.65 -2.61
C HIS A 723 41.91 -36.06 -1.99
N GLU A 724 41.49 -34.92 -2.52
CA GLU A 724 40.30 -34.24 -2.02
C GLU A 724 39.56 -33.58 -3.17
N GLU A 725 40.31 -32.87 -4.01
CA GLU A 725 39.74 -32.18 -5.17
C GLU A 725 39.03 -33.16 -6.10
N THR A 726 39.74 -34.22 -6.47
CA THR A 726 39.20 -35.24 -7.37
C THR A 726 37.99 -35.93 -6.74
N LEU A 727 37.98 -36.05 -5.43
CA LEU A 727 36.87 -36.67 -4.71
C LEU A 727 35.58 -35.90 -4.96
N ARG A 728 35.69 -34.57 -4.93
CA ARG A 728 34.54 -33.70 -5.16
C ARG A 728 33.98 -33.91 -6.57
N GLU A 729 34.88 -33.98 -7.55
CA GLU A 729 34.49 -34.17 -8.94
C GLU A 729 33.76 -35.50 -9.11
N ARG A 730 34.24 -36.53 -8.41
CA ARG A 730 33.64 -37.85 -8.48
C ARG A 730 32.22 -37.81 -7.92
N ILE A 731 32.06 -37.17 -6.76
CA ILE A 731 30.76 -37.05 -6.12
C ILE A 731 29.80 -36.27 -7.01
N LEU A 732 30.30 -35.19 -7.60
CA LEU A 732 29.50 -34.35 -8.48
C LEU A 732 29.02 -35.15 -9.70
N ALA A 733 29.96 -35.79 -10.39
CA ALA A 733 29.64 -36.58 -11.57
C ALA A 733 28.65 -37.69 -11.24
N GLN A 734 28.85 -38.33 -10.08
CA GLN A 734 27.98 -39.41 -9.65
C GLN A 734 26.56 -38.92 -9.44
N SER A 735 26.41 -37.73 -8.85
CA SER A 735 25.09 -37.16 -8.60
C SER A 735 24.37 -36.88 -9.91
N ILE A 736 25.15 -36.58 -10.96
CA ILE A 736 24.58 -36.30 -12.27
C ILE A 736 24.08 -37.59 -12.90
N GLU A 737 24.94 -38.62 -12.87
CA GLU A 737 24.60 -39.92 -13.43
C GLU A 737 23.36 -40.50 -12.78
N VAL A 738 23.34 -40.50 -11.45
CA VAL A 738 22.19 -41.04 -10.70
C VAL A 738 20.93 -40.25 -11.03
N TYR A 739 21.08 -38.95 -11.20
CA TYR A 739 19.95 -38.08 -11.54
C TYR A 739 19.42 -38.44 -12.92
N GLN A 740 20.34 -38.66 -13.86
CA GLN A 740 19.98 -39.01 -15.23
C GLN A 740 19.24 -40.34 -15.25
N ARG A 741 19.67 -41.27 -14.40
CA ARG A 741 19.04 -42.58 -14.31
C ARG A 741 17.57 -42.44 -13.94
N LYS A 742 17.25 -41.45 -13.11
CA LYS A 742 15.88 -41.20 -12.71
C LYS A 742 15.15 -40.50 -13.85
N GLU A 743 15.87 -39.63 -14.53
CA GLU A 743 15.34 -38.87 -15.65
C GLU A 743 14.90 -39.79 -16.79
N GLU A 744 15.63 -40.88 -16.97
CA GLU A 744 15.31 -41.87 -18.01
C GLU A 744 14.03 -42.62 -17.70
N VAL A 745 13.55 -42.53 -16.47
CA VAL A 745 12.32 -43.22 -16.07
C VAL A 745 11.11 -42.28 -16.06
N VAL A 746 11.32 -41.05 -15.64
CA VAL A 746 10.24 -40.07 -15.59
C VAL A 746 10.03 -39.40 -16.94
N GLY A 747 11.13 -39.03 -17.59
CA GLY A 747 11.05 -38.37 -18.88
C GLY A 747 11.84 -37.08 -18.86
N ALA A 748 12.69 -36.89 -19.86
CA ALA A 748 13.52 -35.69 -19.95
C ALA A 748 12.67 -34.42 -19.92
N GLU A 749 11.71 -34.33 -20.82
CA GLU A 749 10.83 -33.16 -20.91
C GLU A 749 10.00 -33.00 -19.65
N MET A 750 9.55 -34.12 -19.10
CA MET A 750 8.76 -34.11 -17.89
C MET A 750 9.57 -33.59 -16.72
N MET A 751 10.82 -34.05 -16.62
CA MET A 751 11.71 -33.63 -15.54
C MET A 751 11.95 -32.12 -15.59
N ARG A 752 12.17 -31.58 -16.78
CA ARG A 752 12.41 -30.15 -16.95
C ARG A 752 11.27 -29.33 -16.34
N HIS A 753 10.06 -29.78 -16.57
CA HIS A 753 8.87 -29.10 -16.05
C HIS A 753 8.76 -29.31 -14.55
N PHE A 754 9.15 -30.50 -14.09
CA PHE A 754 9.11 -30.84 -12.69
C PHE A 754 10.11 -29.99 -11.90
N GLU A 755 11.32 -29.87 -12.44
CA GLU A 755 12.38 -29.08 -11.83
C GLU A 755 11.95 -27.64 -11.64
N LYS A 756 11.37 -27.06 -12.69
CA LYS A 756 10.91 -25.68 -12.64
C LYS A 756 9.82 -25.52 -11.57
N GLY A 757 8.88 -26.44 -11.57
CA GLY A 757 7.79 -26.39 -10.60
C GLY A 757 8.30 -26.45 -9.17
N VAL A 758 9.18 -27.40 -8.91
CA VAL A 758 9.76 -27.58 -7.59
C VAL A 758 10.58 -26.35 -7.18
N MET A 759 11.38 -25.85 -8.11
CA MET A 759 12.22 -24.68 -7.84
C MET A 759 11.35 -23.48 -7.47
N LEU A 760 10.31 -23.23 -8.27
CA LEU A 760 9.41 -22.11 -8.03
C LEU A 760 8.68 -22.27 -6.71
N GLN A 761 8.23 -23.50 -6.43
CA GLN A 761 7.52 -23.79 -5.19
C GLN A 761 8.42 -23.51 -3.99
N THR A 762 9.65 -24.02 -4.05
CA THR A 762 10.60 -23.83 -2.97
C THR A 762 10.92 -22.35 -2.79
N LEU A 763 11.14 -21.66 -3.91
CA LEU A 763 11.45 -20.23 -3.89
C LEU A 763 10.30 -19.44 -3.27
N ASP A 764 9.08 -19.74 -3.71
CA ASP A 764 7.90 -19.05 -3.21
C ASP A 764 7.72 -19.28 -1.72
N SER A 765 7.83 -20.54 -1.30
CA SER A 765 7.67 -20.90 0.10
C SER A 765 8.69 -20.17 0.99
N LEU A 766 9.95 -20.19 0.58
CA LEU A 766 11.01 -19.54 1.36
C LEU A 766 10.81 -18.03 1.36
N TRP A 767 10.22 -17.49 0.30
CA TRP A 767 9.95 -16.06 0.22
C TRP A 767 8.93 -15.67 1.28
N LYS A 768 7.93 -16.53 1.45
CA LYS A 768 6.88 -16.29 2.45
C LYS A 768 7.50 -16.31 3.85
N GLU A 769 8.46 -17.21 4.06
CA GLU A 769 9.15 -17.31 5.33
C GLU A 769 9.95 -16.04 5.57
N HIS A 770 10.61 -15.57 4.52
CA HIS A 770 11.42 -14.36 4.58
C HIS A 770 10.55 -13.15 4.89
N LEU A 771 9.36 -13.10 4.27
CA LEU A 771 8.43 -12.00 4.49
C LEU A 771 8.10 -11.86 5.96
N ALA A 772 7.72 -12.98 6.58
CA ALA A 772 7.38 -13.00 7.99
C ALA A 772 8.60 -12.68 8.84
N ALA A 773 9.73 -13.29 8.50
CA ALA A 773 10.97 -13.09 9.23
C ALA A 773 11.40 -11.63 9.23
N MET A 774 11.13 -10.92 8.14
CA MET A 774 11.48 -9.50 8.01
C MET A 774 10.78 -8.67 9.06
N ASP A 775 9.51 -8.97 9.30
CA ASP A 775 8.73 -8.24 10.28
C ASP A 775 9.11 -8.67 11.69
N TYR A 776 9.46 -9.94 11.84
CA TYR A 776 9.86 -10.47 13.14
C TYR A 776 11.09 -9.73 13.66
N LEU A 777 12.01 -9.44 12.75
CA LEU A 777 13.23 -8.72 13.09
C LEU A 777 12.91 -7.24 13.28
N ARG A 778 11.93 -6.77 12.52
CA ARG A 778 11.50 -5.38 12.58
C ARG A 778 10.88 -5.06 13.94
N GLN A 779 10.12 -6.01 14.48
CA GLN A 779 9.48 -5.86 15.77
C GLN A 779 10.53 -5.77 16.88
N GLY A 780 11.47 -6.70 16.86
CA GLY A 780 12.51 -6.74 17.87
C GLY A 780 13.66 -5.79 17.60
N ILE A 781 13.40 -4.73 16.84
CA ILE A 781 14.42 -3.74 16.50
C ILE A 781 14.93 -3.03 17.76
N HIS A 782 14.15 -3.12 18.84
CA HIS A 782 14.49 -2.49 20.11
C HIS A 782 15.79 -3.07 20.66
N LEU A 783 16.05 -4.33 20.35
CA LEU A 783 17.25 -5.00 20.83
C LEU A 783 18.38 -4.93 19.80
N ARG A 784 18.05 -4.53 18.58
CA ARG A 784 19.05 -4.43 17.52
C ARG A 784 19.59 -3.00 17.42
N GLY A 785 18.73 -2.03 17.66
CA GLY A 785 19.15 -0.65 17.58
C GLY A 785 19.62 -0.10 18.92
N TYR A 786 20.81 -0.48 19.33
CA TYR A 786 21.38 -0.02 20.58
C TYR A 786 22.06 1.33 20.41
N ALA A 787 22.75 1.79 21.44
CA ALA A 787 23.44 3.08 21.40
C ALA A 787 24.65 3.04 20.47
N GLN A 788 24.95 4.21 19.88
CA GLN A 788 26.09 4.36 18.96
C GLN A 788 25.90 3.54 17.69
N LYS A 789 24.65 3.21 17.37
CA LYS A 789 24.35 2.44 16.17
C LYS A 789 22.99 2.84 15.61
N ASP A 790 22.93 3.07 14.30
CA ASP A 790 21.69 3.45 13.65
C ASP A 790 20.79 2.22 13.50
N PRO A 791 19.58 2.27 14.07
CA PRO A 791 18.62 1.17 14.02
C PRO A 791 18.24 0.76 12.61
N LYS A 792 18.25 1.71 11.67
CA LYS A 792 17.89 1.40 10.29
C LYS A 792 19.05 0.72 9.58
N GLN A 793 20.25 1.28 9.73
CA GLN A 793 21.44 0.72 9.10
C GLN A 793 21.70 -0.68 9.62
N GLU A 794 21.52 -0.88 10.92
CA GLU A 794 21.72 -2.19 11.54
C GLU A 794 20.70 -3.16 10.97
N TYR A 795 19.45 -2.71 10.87
CA TYR A 795 18.36 -3.53 10.34
C TYR A 795 18.67 -3.94 8.91
N LYS A 796 19.16 -2.99 8.12
CA LYS A 796 19.50 -3.24 6.73
C LYS A 796 20.54 -4.36 6.62
N ARG A 797 21.62 -4.24 7.38
CA ARG A 797 22.68 -5.24 7.37
C ARG A 797 22.14 -6.61 7.77
N GLU A 798 21.35 -6.65 8.83
CA GLU A 798 20.76 -7.88 9.32
C GLU A 798 19.87 -8.52 8.24
N SER A 799 19.11 -7.68 7.56
CA SER A 799 18.21 -8.13 6.50
C SER A 799 19.00 -8.71 5.32
N PHE A 800 20.16 -8.12 5.04
CA PHE A 800 21.01 -8.58 3.95
C PHE A 800 21.53 -9.99 4.23
N SER A 801 21.95 -10.21 5.47
CA SER A 801 22.46 -11.51 5.88
C SER A 801 21.33 -12.55 5.84
N MET A 802 20.13 -12.12 6.20
CA MET A 802 18.97 -13.01 6.20
C MET A 802 18.64 -13.44 4.77
N PHE A 803 18.80 -12.52 3.83
CA PHE A 803 18.53 -12.80 2.43
C PHE A 803 19.55 -13.79 1.88
N ALA A 804 20.81 -13.57 2.24
CA ALA A 804 21.89 -14.44 1.80
C ALA A 804 21.68 -15.88 2.26
N ALA A 805 21.37 -16.04 3.55
CA ALA A 805 21.12 -17.36 4.12
C ALA A 805 19.91 -18.02 3.47
N MET A 806 18.94 -17.20 3.08
CA MET A 806 17.73 -17.70 2.43
C MET A 806 18.08 -18.31 1.08
N LEU A 807 18.92 -17.60 0.32
CA LEU A 807 19.34 -18.08 -1.00
C LEU A 807 20.18 -19.36 -0.86
N GLU A 808 20.97 -19.42 0.20
CA GLU A 808 21.81 -20.59 0.45
C GLU A 808 20.94 -21.81 0.70
N SER A 809 19.86 -21.62 1.47
CA SER A 809 18.95 -22.70 1.79
C SER A 809 18.08 -23.03 0.57
N LEU A 810 17.82 -22.02 -0.26
CA LEU A 810 17.01 -22.17 -1.45
C LEU A 810 17.63 -23.20 -2.39
N LYS A 811 18.87 -22.94 -2.81
CA LYS A 811 19.58 -23.83 -3.72
C LYS A 811 19.74 -25.21 -3.10
N TYR A 812 19.89 -25.23 -1.78
CA TYR A 812 20.07 -26.47 -1.04
C TYR A 812 18.83 -27.36 -1.14
N GLU A 813 17.69 -26.84 -0.70
CA GLU A 813 16.44 -27.61 -0.71
C GLU A 813 16.03 -28.03 -2.12
N VAL A 814 16.21 -27.14 -3.08
CA VAL A 814 15.85 -27.45 -4.47
C VAL A 814 16.59 -28.69 -4.96
N ILE A 815 17.90 -28.71 -4.76
CA ILE A 815 18.71 -29.83 -5.19
C ILE A 815 18.46 -31.06 -4.31
N SER A 816 18.28 -30.84 -3.01
CA SER A 816 18.01 -31.93 -2.08
C SER A 816 16.72 -32.64 -2.45
N THR A 817 15.71 -31.87 -2.83
CA THR A 817 14.41 -32.43 -3.20
C THR A 817 14.54 -33.30 -4.45
N LEU A 818 15.34 -32.84 -5.41
CA LEU A 818 15.56 -33.58 -6.66
C LEU A 818 16.38 -34.83 -6.41
N SER A 819 17.08 -34.86 -5.29
CA SER A 819 17.90 -36.01 -4.93
C SER A 819 17.11 -36.98 -4.06
N LYS A 820 16.27 -36.45 -3.19
CA LYS A 820 15.46 -37.25 -2.28
C LYS A 820 14.37 -38.02 -3.02
N VAL A 821 13.90 -37.46 -4.14
CA VAL A 821 12.87 -38.14 -4.92
C VAL A 821 13.42 -39.42 -5.53
N GLN A 822 12.97 -40.55 -4.99
CA GLN A 822 13.43 -41.84 -5.46
C GLN A 822 12.41 -42.45 -6.42
N VAL A 823 12.70 -42.33 -7.71
CA VAL A 823 11.84 -42.87 -8.74
C VAL A 823 12.08 -44.37 -8.89
N ARG A 824 11.00 -45.13 -8.97
CA ARG A 824 11.11 -46.58 -9.11
C ARG A 824 11.58 -46.94 -10.51
N MET A 825 12.87 -47.19 -10.63
CA MET A 825 13.47 -47.53 -11.91
C MET A 825 13.47 -49.05 -12.11
N PRO A 826 13.18 -49.52 -13.33
CA PRO A 826 13.18 -50.95 -13.64
C PRO A 826 14.58 -51.55 -13.50
N GLU A 827 14.64 -52.87 -13.33
CA GLU A 827 15.90 -53.58 -13.19
C GLU A 827 16.84 -53.25 -14.34
N GLU A 828 17.93 -52.58 -14.00
CA GLU A 828 18.91 -52.19 -14.98
C GLU A 828 20.04 -53.21 -15.04
N MET B 1 34.86 -40.68 30.92
CA MET B 1 34.57 -40.70 29.47
C MET B 1 33.93 -39.39 29.05
N MET B 2 34.25 -38.93 27.84
CA MET B 2 33.70 -37.69 27.30
C MET B 2 32.18 -37.80 27.15
N ILE B 3 31.48 -36.72 27.46
CA ILE B 3 30.03 -36.71 27.35
C ILE B 3 29.60 -36.43 25.92
N THR B 4 29.52 -37.50 25.13
CA THR B 4 29.12 -37.40 23.73
C THR B 4 27.68 -36.90 23.61
N LEU B 5 27.47 -35.95 22.71
CA LEU B 5 26.15 -35.39 22.49
C LEU B 5 25.27 -36.35 21.71
N ARG B 6 24.05 -36.56 22.20
CA ARG B 6 23.10 -37.46 21.55
C ARG B 6 22.42 -36.79 20.36
N LYS B 7 23.22 -36.44 19.37
CA LYS B 7 22.72 -35.79 18.16
C LYS B 7 22.13 -36.84 17.22
N ARG B 8 20.91 -37.28 17.52
CA ARG B 8 20.24 -38.28 16.70
C ARG B 8 18.90 -37.77 16.18
N ARG B 9 18.62 -36.50 16.44
CA ARG B 9 17.38 -35.89 15.98
C ARG B 9 17.68 -34.72 15.07
N LYS B 10 17.11 -34.73 13.88
CA LYS B 10 17.31 -33.66 12.93
C LYS B 10 16.06 -33.46 12.08
N LEU B 11 15.34 -32.37 12.35
CA LEU B 11 14.12 -32.07 11.61
C LEU B 11 14.15 -30.63 11.11
N PRO B 12 14.76 -30.39 9.93
CA PRO B 12 14.85 -29.06 9.35
C PRO B 12 13.53 -28.59 8.75
N LEU B 13 12.53 -29.45 8.80
CA LEU B 13 11.22 -29.15 8.25
C LEU B 13 10.37 -28.35 9.23
N ALA B 14 10.97 -27.94 10.35
CA ALA B 14 10.27 -27.17 11.35
C ALA B 14 9.80 -25.84 10.76
N VAL B 15 10.66 -25.22 9.96
CA VAL B 15 10.32 -23.95 9.32
C VAL B 15 9.50 -24.19 8.05
N ALA B 16 9.69 -25.37 7.45
CA ALA B 16 8.98 -25.73 6.22
C ALA B 16 7.47 -25.70 6.42
N VAL B 17 7.03 -26.04 7.63
CA VAL B 17 5.61 -26.04 7.96
C VAL B 17 5.10 -24.61 8.14
N ALA B 18 6.00 -23.72 8.54
CA ALA B 18 5.66 -22.32 8.74
C ALA B 18 5.61 -21.58 7.42
N ALA B 19 6.58 -21.87 6.56
CA ALA B 19 6.66 -21.27 5.25
C ALA B 19 5.63 -21.88 4.29
N GLY B 20 5.49 -23.19 4.37
CA GLY B 20 4.57 -23.91 3.51
C GLY B 20 3.14 -23.88 4.01
N VAL B 21 2.71 -22.73 4.51
CA VAL B 21 1.35 -22.57 5.00
C VAL B 21 0.38 -22.44 3.83
N MET B 22 0.93 -22.07 2.67
CA MET B 22 0.12 -21.89 1.47
C MET B 22 0.35 -23.03 0.47
N SER B 23 0.80 -24.17 0.98
CA SER B 23 1.05 -25.32 0.13
C SER B 23 -0.26 -25.93 -0.36
N ALA B 24 -0.30 -26.30 -1.63
CA ALA B 24 -1.50 -26.88 -2.23
C ALA B 24 -1.69 -28.33 -1.75
N GLN B 25 -2.34 -28.48 -0.60
CA GLN B 25 -2.61 -29.78 -0.03
C GLN B 25 -3.77 -29.68 0.96
N ALA B 26 -4.65 -30.67 0.94
CA ALA B 26 -5.81 -30.68 1.82
C ALA B 26 -6.05 -32.06 2.42
N MET B 27 -6.69 -32.09 3.57
CA MET B 27 -7.01 -33.34 4.25
C MET B 27 -8.42 -33.29 4.85
N ALA B 28 -9.02 -32.10 4.84
CA ALA B 28 -10.37 -31.92 5.36
C ALA B 28 -11.38 -31.84 4.24
N VAL A 1 10.60 16.80 -19.40
CA VAL A 1 10.58 18.14 -20.01
C VAL A 1 11.76 18.97 -19.48
N PHE A 2 12.35 19.78 -20.35
CA PHE A 2 13.48 20.61 -19.96
C PHE A 2 13.01 22.04 -19.68
N GLY A 3 13.58 22.64 -18.64
CA GLY A 3 13.22 23.99 -18.27
C GLY A 3 12.89 24.11 -16.81
N SER A 4 12.57 25.33 -16.37
CA SER A 4 12.22 25.57 -14.99
C SER A 4 10.87 24.93 -14.66
N ARG A 5 10.89 23.97 -13.75
CA ARG A 5 9.68 23.26 -13.35
C ARG A 5 8.72 24.19 -12.61
N ASN A 6 7.43 23.82 -12.66
CA ASN A 6 6.35 24.55 -11.99
C ASN A 6 6.02 25.87 -12.70
N ASP A 7 7.02 26.67 -13.00
CA ASP A 7 6.82 27.97 -13.64
C ASP A 7 6.87 27.87 -15.17
N ARG A 8 8.06 27.65 -15.72
CA ARG A 8 8.25 27.61 -17.16
C ARG A 8 7.53 26.44 -17.82
N THR A 9 7.16 25.44 -17.03
CA THR A 9 6.46 24.28 -17.58
C THR A 9 5.18 24.68 -18.28
N LEU A 10 4.34 25.44 -17.59
CA LEU A 10 3.07 25.90 -18.14
C LEU A 10 3.29 26.87 -19.29
N ARG A 11 4.35 27.66 -19.18
CA ARG A 11 4.68 28.63 -20.21
C ARG A 11 5.08 27.93 -21.51
N ARG A 12 5.92 26.91 -21.38
CA ARG A 12 6.36 26.14 -22.54
C ARG A 12 5.21 25.31 -23.10
N MET A 13 4.29 24.94 -22.22
CA MET A 13 3.13 24.16 -22.62
C MET A 13 2.12 25.06 -23.33
N ARG A 14 2.02 26.29 -22.85
CA ARG A 14 1.10 27.27 -23.46
C ARG A 14 1.50 27.50 -24.91
N LYS A 15 2.81 27.48 -25.16
CA LYS A 15 3.33 27.66 -26.50
C LYS A 15 2.80 26.56 -27.41
N VAL A 16 2.69 25.36 -26.86
CA VAL A 16 2.18 24.22 -27.60
C VAL A 16 0.65 24.30 -27.71
N VAL A 17 0.03 24.82 -26.65
CA VAL A 17 -1.42 24.99 -26.62
C VAL A 17 -1.87 25.87 -27.78
N ASN A 18 -1.04 26.87 -28.10
CA ASN A 18 -1.31 27.77 -29.20
C ASN A 18 -1.33 27.00 -30.52
N ILE A 19 -0.43 26.03 -30.62
CA ILE A 19 -0.34 25.18 -31.81
C ILE A 19 -1.58 24.30 -31.91
N ILE A 20 -1.97 23.72 -30.77
CA ILE A 20 -3.16 22.87 -30.72
C ILE A 20 -4.39 23.66 -31.14
N ASN A 21 -4.45 24.91 -30.69
CA ASN A 21 -5.55 25.81 -31.03
C ASN A 21 -5.57 26.06 -32.53
N ALA A 22 -4.39 26.20 -33.11
CA ALA A 22 -4.27 26.45 -34.54
C ALA A 22 -4.68 25.23 -35.35
N MET A 23 -4.51 24.06 -34.76
CA MET A 23 -4.85 22.81 -35.43
C MET A 23 -6.34 22.48 -35.26
N GLU A 24 -7.00 23.12 -34.30
CA GLU A 24 -8.42 22.87 -34.05
C GLU A 24 -9.27 23.15 -35.32
N PRO A 25 -9.19 24.36 -35.93
CA PRO A 25 -9.97 24.65 -37.14
C PRO A 25 -9.61 23.73 -38.28
N GLU A 26 -8.38 23.24 -38.27
CA GLU A 26 -7.90 22.33 -39.30
C GLU A 26 -8.59 20.98 -39.15
N MET A 27 -8.69 20.50 -37.91
CA MET A 27 -9.34 19.23 -37.62
C MET A 27 -10.84 19.32 -37.87
N GLU A 28 -11.38 20.53 -37.70
CA GLU A 28 -12.81 20.77 -37.92
C GLU A 28 -13.17 20.51 -39.38
N LYS A 29 -12.20 20.67 -40.26
CA LYS A 29 -12.42 20.45 -41.68
C LYS A 29 -12.37 18.97 -42.01
N LEU A 30 -11.83 18.18 -41.10
CA LEU A 30 -11.72 16.75 -41.29
C LEU A 30 -13.02 16.07 -40.89
N SER A 31 -13.33 14.98 -41.56
CA SER A 31 -14.54 14.23 -41.26
C SER A 31 -14.34 13.40 -39.99
N ASP A 32 -15.44 12.91 -39.44
CA ASP A 32 -15.40 12.11 -38.20
C ASP A 32 -14.50 10.89 -38.36
N GLU A 33 -14.62 10.22 -39.50
CA GLU A 33 -13.82 9.03 -39.77
C GLU A 33 -12.36 9.40 -39.96
N GLU A 34 -12.11 10.63 -40.43
CA GLU A 34 -10.74 11.10 -40.65
C GLU A 34 -10.02 11.31 -39.32
N LEU A 35 -10.78 11.72 -38.30
CA LEU A 35 -10.22 11.92 -36.96
C LEU A 35 -9.65 10.61 -36.44
N LYS A 36 -10.40 9.54 -36.71
CA LYS A 36 -10.00 8.20 -36.31
C LYS A 36 -8.76 7.77 -37.10
N GLY A 37 -8.68 8.26 -38.34
CA GLY A 37 -7.55 7.95 -39.19
C GLY A 37 -6.26 8.49 -38.60
N LYS A 38 -6.34 9.65 -37.98
CA LYS A 38 -5.17 10.27 -37.36
C LYS A 38 -4.68 9.42 -36.20
N THR A 39 -5.61 8.83 -35.46
CA THR A 39 -5.28 7.97 -34.34
C THR A 39 -4.46 6.76 -34.82
N ALA A 40 -4.93 6.13 -35.89
CA ALA A 40 -4.24 4.97 -36.46
C ALA A 40 -2.91 5.40 -37.05
N GLU A 41 -2.87 6.64 -37.51
CA GLU A 41 -1.66 7.21 -38.10
C GLU A 41 -0.56 7.36 -37.05
N PHE A 42 -0.93 7.87 -35.88
CA PHE A 42 0.02 8.06 -34.79
C PHE A 42 0.63 6.73 -34.39
N ARG A 43 -0.21 5.69 -34.40
CA ARG A 43 0.22 4.34 -34.06
C ARG A 43 1.37 3.88 -34.95
N ALA A 44 1.27 4.18 -36.25
CA ALA A 44 2.30 3.81 -37.20
C ALA A 44 3.54 4.69 -37.04
N ARG A 45 3.32 5.98 -36.84
CA ARG A 45 4.41 6.94 -36.69
C ARG A 45 5.29 6.59 -35.48
N LEU A 46 4.66 6.10 -34.41
CA LEU A 46 5.39 5.73 -33.21
C LEU A 46 6.34 4.57 -33.48
N GLU A 47 5.90 3.63 -34.30
CA GLU A 47 6.72 2.46 -34.65
C GLU A 47 7.89 2.89 -35.53
N LYS A 48 7.69 3.96 -36.29
CA LYS A 48 8.73 4.49 -37.17
C LYS A 48 9.87 5.09 -36.35
N GLY A 49 9.52 5.67 -35.21
CA GLY A 49 10.52 6.27 -34.35
C GLY A 49 10.15 7.67 -33.89
N GLU A 50 8.88 8.01 -34.00
CA GLU A 50 8.41 9.33 -33.58
C GLU A 50 8.27 9.37 -32.05
N VAL A 51 8.48 10.55 -31.49
CA VAL A 51 8.38 10.72 -30.05
C VAL A 51 6.95 11.01 -29.65
N LEU A 52 6.46 10.30 -28.63
CA LEU A 52 5.09 10.50 -28.16
C LEU A 52 4.86 11.94 -27.72
N GLU A 53 5.87 12.51 -27.05
CA GLU A 53 5.79 13.88 -26.57
C GLU A 53 5.78 14.88 -27.72
N ASN A 54 6.05 14.39 -28.93
CA ASN A 54 6.08 15.24 -30.11
C ASN A 54 4.74 15.13 -30.85
N LEU A 55 3.95 14.13 -30.50
CA LEU A 55 2.65 13.91 -31.12
C LEU A 55 1.55 14.64 -30.36
N ILE A 56 1.91 15.21 -29.21
CA ILE A 56 0.97 15.93 -28.36
C ILE A 56 0.13 16.98 -29.12
N PRO A 57 0.75 17.88 -29.91
CA PRO A 57 0.00 18.92 -30.64
C PRO A 57 -1.12 18.34 -31.50
N GLU A 58 -0.80 17.35 -32.31
CA GLU A 58 -1.77 16.72 -33.20
C GLU A 58 -2.79 15.87 -32.42
N ALA A 59 -2.29 15.12 -31.44
CA ALA A 59 -3.14 14.25 -30.63
C ALA A 59 -4.19 15.04 -29.87
N PHE A 60 -3.76 16.09 -29.18
CA PHE A 60 -4.66 16.92 -28.39
C PHE A 60 -5.67 17.62 -29.29
N ALA A 61 -5.24 18.01 -30.49
CA ALA A 61 -6.12 18.67 -31.44
C ALA A 61 -7.26 17.75 -31.85
N VAL A 62 -6.93 16.51 -32.15
CA VAL A 62 -7.92 15.51 -32.54
C VAL A 62 -8.92 15.28 -31.42
N VAL A 63 -8.41 15.10 -30.20
CA VAL A 63 -9.26 14.87 -29.04
C VAL A 63 -10.18 16.05 -28.80
N ARG A 64 -9.63 17.26 -28.92
CA ARG A 64 -10.39 18.48 -28.72
C ARG A 64 -11.59 18.55 -29.68
N GLU A 65 -11.32 18.33 -30.96
CA GLU A 65 -12.38 18.36 -31.96
C GLU A 65 -13.37 17.23 -31.74
N ALA A 66 -12.85 16.06 -31.39
CA ALA A 66 -13.70 14.91 -31.12
C ALA A 66 -14.65 15.20 -29.96
N SER A 67 -14.18 16.02 -29.02
CA SER A 67 -14.99 16.39 -27.87
C SER A 67 -16.16 17.28 -28.30
N LYS A 68 -15.93 18.09 -29.32
CA LYS A 68 -16.95 19.00 -29.83
C LYS A 68 -18.03 18.24 -30.59
N ARG A 69 -17.69 17.06 -31.10
CA ARG A 69 -18.63 16.26 -31.86
C ARG A 69 -19.30 15.19 -31.01
N VAL A 70 -18.50 14.41 -30.28
CA VAL A 70 -19.04 13.35 -29.43
C VAL A 70 -19.84 13.92 -28.27
N PHE A 71 -19.18 14.70 -27.41
CA PHE A 71 -19.83 15.28 -26.26
C PHE A 71 -20.57 16.56 -26.64
N GLY A 72 -19.83 17.52 -27.15
CA GLY A 72 -20.41 18.79 -27.56
C GLY A 72 -19.62 19.96 -26.99
N MET A 73 -18.98 19.73 -25.86
CA MET A 73 -18.18 20.76 -25.21
C MET A 73 -16.74 20.71 -25.70
N ARG A 74 -16.16 21.88 -25.93
CA ARG A 74 -14.79 21.97 -26.40
C ARG A 74 -13.82 21.82 -25.23
N HIS A 75 -12.74 21.10 -25.45
CA HIS A 75 -11.72 20.92 -24.43
C HIS A 75 -11.04 22.24 -24.14
N PHE A 76 -11.32 22.79 -22.97
CA PHE A 76 -10.77 24.08 -22.56
C PHE A 76 -9.25 24.11 -22.66
N ASP A 77 -8.72 25.28 -22.98
CA ASP A 77 -7.29 25.49 -23.12
C ASP A 77 -6.56 25.19 -21.82
N VAL A 78 -7.19 25.52 -20.70
CA VAL A 78 -6.59 25.28 -19.39
C VAL A 78 -6.45 23.78 -19.13
N GLN A 79 -7.33 22.99 -19.73
CA GLN A 79 -7.29 21.54 -19.57
C GLN A 79 -6.16 20.95 -20.38
N LEU A 80 -5.83 21.59 -21.50
CA LEU A 80 -4.75 21.13 -22.36
C LEU A 80 -3.43 21.20 -21.61
N LEU A 81 -3.29 22.22 -20.78
CA LEU A 81 -2.09 22.40 -19.98
C LEU A 81 -1.95 21.25 -18.98
N GLY A 82 -3.05 20.96 -18.29
CA GLY A 82 -3.04 19.89 -17.30
C GLY A 82 -2.82 18.54 -17.95
N GLY A 83 -3.43 18.33 -19.12
CA GLY A 83 -3.28 17.08 -19.83
C GLY A 83 -1.84 16.82 -20.25
N MET A 84 -1.14 17.89 -20.59
CA MET A 84 0.26 17.78 -21.00
C MET A 84 1.13 17.45 -19.79
N VAL A 85 0.75 17.98 -18.64
CA VAL A 85 1.47 17.73 -17.40
C VAL A 85 1.33 16.28 -16.97
N LEU A 86 0.15 15.72 -17.21
CA LEU A 86 -0.16 14.34 -16.84
C LEU A 86 0.55 13.31 -17.72
N ASN A 87 1.43 13.76 -18.60
CA ASN A 87 2.17 12.84 -19.45
C ASN A 87 3.45 12.40 -18.76
N GLU A 88 3.88 13.18 -17.79
CA GLU A 88 5.10 12.89 -17.05
C GLU A 88 4.77 12.66 -15.57
N ARG A 89 5.80 12.44 -14.77
CA ARG A 89 5.63 12.19 -13.34
C ARG A 89 5.33 13.49 -12.59
N CYS A 90 4.10 13.98 -12.73
CA CYS A 90 3.71 15.21 -12.07
C CYS A 90 2.26 15.14 -11.60
N ILE A 91 1.95 15.93 -10.57
CA ILE A 91 0.60 15.99 -10.02
C ILE A 91 -0.01 17.33 -10.39
N ALA A 92 -1.17 17.29 -11.02
CA ALA A 92 -1.84 18.50 -11.45
C ALA A 92 -2.98 18.87 -10.50
N GLU A 93 -2.80 19.97 -9.76
CA GLU A 93 -3.82 20.44 -8.84
C GLU A 93 -4.89 21.20 -9.62
N MET A 94 -6.13 20.80 -9.48
CA MET A 94 -7.21 21.44 -10.19
C MET A 94 -8.35 21.81 -9.25
N ARG A 95 -9.03 22.90 -9.56
CA ARG A 95 -10.14 23.37 -8.74
C ARG A 95 -11.39 22.52 -9.00
N THR A 96 -12.26 22.47 -8.00
CA THR A 96 -13.49 21.72 -8.09
C THR A 96 -14.48 22.40 -9.04
N GLY A 97 -14.54 21.89 -10.27
CA GLY A 97 -15.45 22.46 -11.24
C GLY A 97 -14.85 22.57 -12.62
N GLU A 98 -13.52 22.63 -12.69
CA GLU A 98 -12.82 22.75 -13.98
C GLU A 98 -12.97 21.46 -14.81
N GLY A 99 -13.29 20.36 -14.14
CA GLY A 99 -13.48 19.10 -14.82
C GLY A 99 -12.18 18.33 -15.01
N LYS A 100 -11.64 17.81 -13.91
CA LYS A 100 -10.38 17.05 -13.98
C LYS A 100 -10.58 15.73 -14.70
N THR A 101 -11.77 15.16 -14.56
CA THR A 101 -12.10 13.89 -15.19
C THR A 101 -12.04 14.01 -16.72
N LEU A 102 -12.44 15.16 -17.24
CA LEU A 102 -12.44 15.40 -18.68
C LEU A 102 -11.03 15.72 -19.16
N THR A 103 -10.16 16.09 -18.23
CA THR A 103 -8.78 16.41 -18.55
C THR A 103 -7.95 15.14 -18.66
N ALA A 104 -8.35 14.12 -17.91
CA ALA A 104 -7.66 12.83 -17.88
C ALA A 104 -7.70 12.13 -19.24
N THR A 105 -8.69 12.47 -20.05
CA THR A 105 -8.84 11.86 -21.36
C THR A 105 -7.70 12.24 -22.31
N LEU A 106 -7.04 13.36 -22.05
CA LEU A 106 -5.94 13.82 -22.91
C LEU A 106 -4.69 12.94 -22.78
N PRO A 107 -4.10 12.80 -21.57
CA PRO A 107 -2.90 11.97 -21.38
C PRO A 107 -3.18 10.50 -21.66
N ALA A 108 -4.43 10.09 -21.44
CA ALA A 108 -4.85 8.72 -21.66
C ALA A 108 -4.77 8.38 -23.15
N TYR A 109 -5.35 9.23 -23.98
CA TYR A 109 -5.34 9.02 -25.42
C TYR A 109 -3.91 9.00 -25.95
N LEU A 110 -3.12 9.97 -25.50
CA LEU A 110 -1.73 10.09 -25.92
C LEU A 110 -0.92 8.84 -25.58
N ASN A 111 -0.93 8.45 -24.32
CA ASN A 111 -0.16 7.30 -23.87
C ASN A 111 -0.73 5.98 -24.39
N ALA A 112 -1.99 5.98 -24.78
CA ALA A 112 -2.63 4.77 -25.30
C ALA A 112 -2.10 4.44 -26.68
N LEU A 113 -1.71 5.47 -27.42
CA LEU A 113 -1.19 5.32 -28.77
C LEU A 113 0.02 4.38 -28.82
N THR A 114 0.72 4.27 -27.70
CA THR A 114 1.90 3.43 -27.60
C THR A 114 1.52 1.94 -27.66
N GLY A 115 0.30 1.64 -27.26
CA GLY A 115 -0.17 0.27 -27.26
C GLY A 115 0.28 -0.50 -26.02
N LYS A 116 1.03 0.16 -25.15
CA LYS A 116 1.52 -0.46 -23.92
C LYS A 116 0.39 -0.62 -22.91
N GLY A 117 -0.53 0.33 -22.91
CA GLY A 117 -1.64 0.26 -21.99
C GLY A 117 -1.67 1.39 -20.97
N VAL A 118 -2.83 2.02 -20.84
CA VAL A 118 -3.02 3.11 -19.89
C VAL A 118 -3.84 2.61 -18.71
N HIS A 119 -3.23 2.56 -17.54
CA HIS A 119 -3.90 2.08 -16.36
C HIS A 119 -4.49 3.25 -15.58
N VAL A 120 -5.81 3.40 -15.66
CA VAL A 120 -6.50 4.47 -14.96
C VAL A 120 -6.95 3.99 -13.59
N VAL A 121 -6.41 4.62 -12.56
CA VAL A 121 -6.75 4.26 -11.20
C VAL A 121 -7.81 5.21 -10.64
N THR A 122 -9.00 4.68 -10.41
CA THR A 122 -10.09 5.47 -9.88
C THR A 122 -10.22 5.28 -8.37
N VAL A 123 -10.85 6.25 -7.70
CA VAL A 123 -11.03 6.19 -6.25
C VAL A 123 -11.94 5.04 -5.83
N ASN A 124 -12.80 4.62 -6.74
CA ASN A 124 -13.73 3.53 -6.46
C ASN A 124 -14.13 2.84 -7.77
N ASP A 125 -14.82 1.72 -7.65
CA ASP A 125 -15.25 0.95 -8.82
C ASP A 125 -16.48 1.59 -9.46
N TYR A 126 -17.24 2.33 -8.68
CA TYR A 126 -18.45 2.98 -9.17
C TYR A 126 -18.11 4.00 -10.26
N LEU A 127 -17.23 4.93 -9.95
CA LEU A 127 -16.83 5.95 -10.91
C LEU A 127 -15.98 5.35 -12.02
N ALA A 128 -15.26 4.29 -11.68
CA ALA A 128 -14.40 3.61 -12.65
C ALA A 128 -15.21 3.10 -13.84
N GLN A 129 -16.25 2.33 -13.53
CA GLN A 129 -17.10 1.78 -14.56
C GLN A 129 -17.98 2.87 -15.19
N ARG A 130 -18.29 3.88 -14.39
CA ARG A 130 -19.12 4.99 -14.85
C ARG A 130 -18.43 5.77 -15.97
N ASP A 131 -17.22 6.22 -15.70
CA ASP A 131 -16.49 7.00 -16.70
C ASP A 131 -15.92 6.14 -17.80
N ALA A 132 -15.79 4.85 -17.55
CA ALA A 132 -15.30 3.93 -18.57
C ALA A 132 -16.28 3.90 -19.73
N GLU A 133 -17.56 4.01 -19.40
CA GLU A 133 -18.63 4.01 -20.39
C GLU A 133 -18.82 5.41 -20.92
N ASN A 134 -18.50 6.40 -20.11
CA ASN A 134 -18.62 7.81 -20.47
C ASN A 134 -17.62 8.19 -21.56
N ASN A 135 -16.37 7.79 -21.37
CA ASN A 135 -15.32 8.10 -22.33
C ASN A 135 -15.24 7.06 -23.44
N ARG A 136 -16.05 6.00 -23.32
CA ARG A 136 -16.06 4.94 -24.32
C ARG A 136 -16.41 5.44 -25.73
N PRO A 137 -17.51 6.23 -25.91
CA PRO A 137 -17.90 6.74 -27.23
C PRO A 137 -16.86 7.68 -27.84
N LEU A 138 -15.84 8.03 -27.07
CA LEU A 138 -14.79 8.92 -27.55
C LEU A 138 -13.57 8.10 -27.96
N PHE A 139 -13.12 7.22 -27.07
CA PHE A 139 -11.96 6.39 -27.33
C PHE A 139 -12.20 5.41 -28.47
N GLU A 140 -13.30 4.67 -28.40
CA GLU A 140 -13.63 3.69 -29.42
C GLU A 140 -13.94 4.36 -30.76
N PHE A 141 -14.30 5.64 -30.69
CA PHE A 141 -14.60 6.42 -31.88
C PHE A 141 -13.31 6.65 -32.68
N LEU A 142 -12.22 6.81 -31.95
CA LEU A 142 -10.92 7.05 -32.55
C LEU A 142 -10.21 5.73 -32.83
N GLY A 143 -10.61 4.67 -32.13
CA GLY A 143 -10.00 3.36 -32.36
C GLY A 143 -9.31 2.78 -31.14
N LEU A 144 -9.40 3.47 -30.02
CA LEU A 144 -8.77 3.00 -28.79
C LEU A 144 -9.73 2.09 -28.03
N THR A 145 -9.22 0.96 -27.57
CA THR A 145 -10.02 0.00 -26.83
C THR A 145 -10.13 0.39 -25.35
N VAL A 146 -11.36 0.44 -24.86
CA VAL A 146 -11.61 0.78 -23.46
C VAL A 146 -11.96 -0.44 -22.65
N GLY A 147 -11.07 -0.83 -21.76
CA GLY A 147 -11.31 -1.98 -20.91
C GLY A 147 -11.60 -1.57 -19.49
N ILE A 148 -12.47 -2.33 -18.83
CA ILE A 148 -12.84 -2.04 -17.46
C ILE A 148 -12.54 -3.25 -16.58
N ASN A 149 -11.80 -3.00 -15.50
CA ASN A 149 -11.44 -4.06 -14.57
C ASN A 149 -12.14 -3.84 -13.22
N LEU A 150 -13.02 -4.76 -12.88
CA LEU A 150 -13.76 -4.66 -11.62
C LEU A 150 -13.26 -5.70 -10.63
N PRO A 151 -13.30 -5.39 -9.33
CA PRO A 151 -12.85 -6.31 -8.28
C PRO A 151 -13.60 -7.63 -8.28
N GLY A 152 -12.88 -8.70 -8.62
CA GLY A 152 -13.49 -10.02 -8.65
C GLY A 152 -13.80 -10.49 -10.06
N MET A 153 -13.52 -9.64 -11.04
CA MET A 153 -13.78 -9.97 -12.44
C MET A 153 -13.00 -11.23 -12.85
N PRO A 154 -13.63 -12.12 -13.63
CA PRO A 154 -13.00 -13.36 -14.10
C PRO A 154 -11.67 -13.10 -14.82
N ALA A 155 -10.72 -14.01 -14.62
CA ALA A 155 -9.40 -13.91 -15.23
C ALA A 155 -9.44 -13.68 -16.75
N PRO A 156 -10.22 -14.47 -17.53
CA PRO A 156 -10.30 -14.28 -18.99
C PRO A 156 -10.82 -12.90 -19.38
N ALA A 157 -11.70 -12.36 -18.54
CA ALA A 157 -12.28 -11.04 -18.79
C ALA A 157 -11.26 -9.95 -18.48
N LYS A 158 -10.47 -10.17 -17.44
CA LYS A 158 -9.44 -9.20 -17.05
C LYS A 158 -8.43 -9.01 -18.17
N ARG A 159 -8.07 -10.11 -18.84
CA ARG A 159 -7.12 -10.07 -19.93
C ARG A 159 -7.65 -9.26 -21.10
N GLU A 160 -8.97 -9.21 -21.23
CA GLU A 160 -9.60 -8.47 -22.31
C GLU A 160 -9.62 -6.98 -22.00
N ALA A 161 -9.46 -6.64 -20.73
CA ALA A 161 -9.45 -5.26 -20.30
C ALA A 161 -8.03 -4.73 -20.18
N TYR A 162 -7.13 -5.57 -19.67
CA TYR A 162 -5.74 -5.19 -19.51
C TYR A 162 -5.01 -5.11 -20.86
N ALA A 163 -5.49 -5.88 -21.82
CA ALA A 163 -4.88 -5.90 -23.15
C ALA A 163 -5.41 -4.75 -24.00
N ALA A 164 -6.34 -4.00 -23.43
CA ALA A 164 -6.92 -2.86 -24.13
C ALA A 164 -6.00 -1.66 -24.03
N ASP A 165 -6.32 -0.62 -24.79
CA ASP A 165 -5.53 0.61 -24.81
C ASP A 165 -5.60 1.29 -23.45
N ILE A 166 -6.82 1.41 -22.94
CA ILE A 166 -7.04 2.03 -21.64
C ILE A 166 -7.78 1.08 -20.71
N THR A 167 -7.27 0.91 -19.50
CA THR A 167 -7.89 0.02 -18.53
C THR A 167 -8.32 0.79 -17.28
N TYR A 168 -9.63 0.88 -17.09
CA TYR A 168 -10.19 1.57 -15.92
C TYR A 168 -10.32 0.58 -14.77
N GLY A 169 -9.97 1.01 -13.56
CA GLY A 169 -10.08 0.12 -12.42
C GLY A 169 -9.75 0.81 -11.11
N THR A 170 -9.95 0.09 -10.02
CA THR A 170 -9.67 0.61 -8.69
C THR A 170 -8.27 0.21 -8.22
N ASN A 171 -7.66 1.06 -7.42
CA ASN A 171 -6.31 0.82 -6.89
C ASN A 171 -6.23 -0.49 -6.11
N ASN A 172 -7.28 -0.78 -5.35
CA ASN A 172 -7.35 -2.00 -4.55
C ASN A 172 -7.21 -3.26 -5.40
N GLU A 173 -8.03 -3.35 -6.44
CA GLU A 173 -8.01 -4.50 -7.33
C GLU A 173 -6.71 -4.53 -8.14
N TYR A 174 -6.24 -3.36 -8.56
CA TYR A 174 -5.01 -3.25 -9.34
C TYR A 174 -3.83 -3.85 -8.58
N GLY A 175 -3.82 -3.65 -7.27
CA GLY A 175 -2.75 -4.19 -6.46
C GLY A 175 -2.87 -5.68 -6.27
N PHE A 176 -4.09 -6.15 -6.03
CA PHE A 176 -4.34 -7.58 -5.84
C PHE A 176 -4.07 -8.34 -7.13
N ASP A 177 -4.44 -7.75 -8.26
CA ASP A 177 -4.22 -8.35 -9.57
C ASP A 177 -2.74 -8.57 -9.79
N TYR A 178 -1.96 -7.56 -9.45
CA TYR A 178 -0.51 -7.62 -9.62
C TYR A 178 0.07 -8.74 -8.76
N LEU A 179 -0.45 -8.89 -7.56
CA LEU A 179 0.00 -9.92 -6.65
C LEU A 179 -0.36 -11.31 -7.18
N ARG A 180 -1.58 -11.45 -7.68
CA ARG A 180 -2.05 -12.71 -8.23
C ARG A 180 -1.23 -13.10 -9.46
N ASP A 181 -0.96 -12.12 -10.31
CA ASP A 181 -0.17 -12.34 -11.53
C ASP A 181 1.24 -12.77 -11.19
N ASN A 182 1.74 -12.29 -10.07
CA ASN A 182 3.09 -12.62 -9.62
C ASN A 182 3.13 -13.99 -8.97
N MET A 183 1.96 -14.51 -8.62
CA MET A 183 1.86 -15.81 -7.96
C MET A 183 1.39 -16.88 -8.93
N ALA A 184 1.50 -16.59 -10.23
CA ALA A 184 1.09 -17.54 -11.25
C ALA A 184 2.19 -18.57 -11.47
N PHE A 185 1.84 -19.69 -12.09
CA PHE A 185 2.81 -20.75 -12.36
C PHE A 185 3.20 -20.73 -13.83
N SER A 186 2.31 -20.19 -14.65
CA SER A 186 2.56 -20.10 -16.07
C SER A 186 2.29 -18.66 -16.53
N PRO A 187 3.14 -18.12 -17.43
CA PRO A 187 2.97 -16.74 -17.92
C PRO A 187 1.64 -16.56 -18.65
N GLU A 188 1.08 -17.67 -19.13
CA GLU A 188 -0.19 -17.66 -19.83
C GLU A 188 -1.35 -17.38 -18.88
N GLU A 189 -1.10 -17.52 -17.59
CA GLU A 189 -2.13 -17.30 -16.58
C GLU A 189 -2.25 -15.83 -16.22
N ARG A 190 -1.21 -15.05 -16.56
CA ARG A 190 -1.18 -13.63 -16.25
C ARG A 190 -2.40 -12.91 -16.83
N VAL A 191 -2.96 -12.01 -16.05
CA VAL A 191 -4.12 -11.24 -16.47
C VAL A 191 -3.76 -9.78 -16.71
N GLN A 192 -2.65 -9.33 -16.13
CA GLN A 192 -2.22 -7.94 -16.27
C GLN A 192 -1.29 -7.77 -17.48
N ARG A 193 -0.78 -6.56 -17.62
CA ARG A 193 0.14 -6.22 -18.71
C ARG A 193 1.24 -5.31 -18.19
N LYS A 194 2.08 -4.82 -19.09
CA LYS A 194 3.19 -3.94 -18.72
C LYS A 194 2.71 -2.71 -17.95
N LEU A 195 3.44 -2.35 -16.91
CA LEU A 195 3.12 -1.21 -16.08
C LEU A 195 3.73 0.06 -16.69
N HIS A 196 3.22 0.43 -17.86
CA HIS A 196 3.73 1.59 -18.57
C HIS A 196 3.27 2.90 -17.93
N TYR A 197 1.99 3.23 -18.10
CA TYR A 197 1.45 4.47 -17.57
C TYR A 197 0.29 4.23 -16.63
N ALA A 198 0.31 4.96 -15.51
CA ALA A 198 -0.74 4.88 -14.51
C ALA A 198 -1.25 6.27 -14.20
N LEU A 199 -2.54 6.46 -14.36
CA LEU A 199 -3.17 7.75 -14.09
C LEU A 199 -4.22 7.62 -13.00
N VAL A 200 -3.94 8.19 -11.85
CA VAL A 200 -4.85 8.15 -10.72
C VAL A 200 -5.63 9.46 -10.61
N ASP A 201 -6.94 9.36 -10.49
CA ASP A 201 -7.81 10.52 -10.39
C ASP A 201 -7.46 11.41 -9.20
N GLU A 202 -7.63 10.88 -7.99
CA GLU A 202 -7.32 11.65 -6.78
C GLU A 202 -6.13 11.04 -6.05
N VAL A 203 -5.02 11.74 -6.07
CA VAL A 203 -3.81 11.27 -5.42
C VAL A 203 -3.80 11.57 -3.92
N ASP A 204 -4.64 12.52 -3.52
CA ASP A 204 -4.73 12.93 -2.12
C ASP A 204 -4.93 11.74 -1.16
N SER A 205 -6.12 11.17 -1.18
CA SER A 205 -6.44 10.07 -0.30
C SER A 205 -6.01 8.71 -0.85
N ILE A 206 -5.08 8.71 -1.81
CA ILE A 206 -4.63 7.45 -2.39
C ILE A 206 -3.10 7.31 -2.31
N LEU A 207 -2.37 8.33 -2.74
CA LEU A 207 -0.91 8.25 -2.73
C LEU A 207 -0.33 8.61 -1.37
N ILE A 208 -1.01 9.47 -0.62
CA ILE A 208 -0.52 9.87 0.70
C ILE A 208 -1.21 9.08 1.82
N ASP A 209 -2.53 9.04 1.79
CA ASP A 209 -3.29 8.33 2.82
C ASP A 209 -3.09 6.82 2.74
N GLU A 210 -3.17 6.27 1.53
CA GLU A 210 -3.02 4.83 1.33
C GLU A 210 -1.60 4.47 0.94
N ALA A 211 -0.64 5.23 1.43
CA ALA A 211 0.77 4.98 1.11
C ALA A 211 1.30 3.73 1.81
N ARG A 212 1.12 3.66 3.12
CA ARG A 212 1.62 2.54 3.91
C ARG A 212 0.56 1.44 4.08
N THR A 213 -0.43 1.42 3.20
CA THR A 213 -1.47 0.40 3.26
C THR A 213 -1.05 -0.83 2.46
N PRO A 214 -0.74 -1.94 3.15
CA PRO A 214 -0.30 -3.18 2.50
C PRO A 214 -1.43 -4.16 2.23
N LEU A 215 -1.44 -4.70 1.03
CA LEU A 215 -2.44 -5.70 0.64
C LEU A 215 -1.88 -7.08 0.89
N ILE A 216 -2.43 -7.78 1.87
CA ILE A 216 -1.95 -9.12 2.21
C ILE A 216 -2.93 -10.19 1.75
N ILE A 217 -2.43 -11.14 0.98
CA ILE A 217 -3.26 -12.23 0.49
C ILE A 217 -3.37 -13.29 1.58
N SER A 218 -4.56 -13.42 2.13
CA SER A 218 -4.83 -14.39 3.19
C SER A 218 -4.73 -15.82 2.67
N GLY A 219 -3.61 -16.47 2.96
CA GLY A 219 -3.41 -17.84 2.53
C GLY A 219 -3.18 -18.78 3.69
N PRO A 220 -4.26 -19.42 4.20
CA PRO A 220 -4.17 -20.34 5.33
C PRO A 220 -3.54 -21.68 4.92
N ALA A 221 -2.22 -21.70 4.85
CA ALA A 221 -1.49 -22.90 4.50
C ALA A 221 -0.18 -22.98 5.26
N GLU A 222 -0.12 -23.92 6.19
CA GLU A 222 1.07 -24.12 7.02
C GLU A 222 0.93 -25.45 7.75
N ASP A 223 2.02 -25.95 8.31
CA ASP A 223 1.99 -27.19 9.07
C ASP A 223 2.51 -26.96 10.47
N SER A 224 1.88 -26.03 11.17
CA SER A 224 2.24 -25.69 12.53
C SER A 224 2.09 -26.90 13.45
N SER A 225 1.31 -27.87 12.98
CA SER A 225 1.05 -29.10 13.70
C SER A 225 2.33 -29.85 14.06
N GLU A 226 3.35 -29.71 13.23
CA GLU A 226 4.63 -30.38 13.48
C GLU A 226 5.69 -29.37 13.90
N MET A 227 5.71 -28.21 13.24
CA MET A 227 6.68 -27.16 13.53
C MET A 227 6.69 -26.75 15.00
N TYR A 228 5.53 -26.35 15.51
CA TYR A 228 5.43 -25.90 16.89
C TYR A 228 5.50 -27.06 17.88
N LYS A 229 5.02 -28.23 17.46
CA LYS A 229 5.03 -29.40 18.31
C LYS A 229 6.45 -29.92 18.53
N ARG A 230 7.25 -29.89 17.46
CA ARG A 230 8.63 -30.38 17.53
C ARG A 230 9.51 -29.46 18.38
N VAL A 231 9.40 -28.16 18.16
CA VAL A 231 10.21 -27.20 18.90
C VAL A 231 9.85 -27.18 20.40
N ASN A 232 8.58 -27.39 20.70
CA ASN A 232 8.13 -27.38 22.10
C ASN A 232 8.22 -28.77 22.71
N LYS A 233 8.96 -29.66 22.07
CA LYS A 233 9.12 -31.02 22.58
C LYS A 233 10.47 -31.16 23.29
N ILE A 234 11.30 -30.14 23.18
CA ILE A 234 12.61 -30.16 23.82
C ILE A 234 12.61 -29.33 25.11
N ILE A 235 11.72 -28.33 25.17
CA ILE A 235 11.62 -27.47 26.34
C ILE A 235 11.20 -28.24 27.60
N PRO A 236 10.15 -29.10 27.54
CA PRO A 236 9.70 -29.87 28.71
C PRO A 236 10.65 -31.02 29.05
N HIS A 237 11.93 -30.82 28.80
CA HIS A 237 12.94 -31.81 29.10
C HIS A 237 14.21 -31.14 29.64
N LEU A 238 14.10 -29.84 29.90
CA LEU A 238 15.22 -29.07 30.41
C LEU A 238 15.19 -29.00 31.93
N ILE A 239 15.97 -28.10 32.50
CA ILE A 239 16.02 -27.91 33.94
C ILE A 239 15.32 -26.61 34.29
N ARG A 240 14.20 -26.72 35.01
CA ARG A 240 13.39 -25.56 35.41
C ARG A 240 14.14 -24.65 36.38
N GLN A 241 15.12 -23.92 35.86
CA GLN A 241 15.94 -23.00 36.63
C GLN A 241 16.94 -22.33 35.72
N GLU A 242 17.57 -23.12 34.85
CA GLU A 242 18.57 -22.61 33.93
C GLU A 242 18.23 -22.99 32.49
N LYS A 243 19.22 -22.79 31.60
CA LYS A 243 19.08 -23.07 30.16
C LYS A 243 17.72 -22.63 29.60
N GLU A 244 17.35 -21.39 29.96
CA GLU A 244 16.11 -20.74 29.50
C GLU A 244 14.81 -21.40 29.98
N ASP A 245 14.90 -22.50 30.72
CA ASP A 245 13.68 -23.18 31.19
C ASP A 245 13.13 -22.47 32.43
N SER A 246 12.61 -21.27 32.20
CA SER A 246 12.04 -20.44 33.26
C SER A 246 11.53 -19.13 32.67
N GLU A 247 12.26 -18.05 32.92
CA GLU A 247 11.92 -16.73 32.40
C GLU A 247 13.20 -15.94 32.16
N THR A 248 14.32 -16.66 32.22
CA THR A 248 15.64 -16.09 32.02
C THR A 248 15.89 -14.90 32.95
N PHE A 249 16.02 -15.18 34.24
CA PHE A 249 16.26 -14.15 35.24
C PHE A 249 17.76 -13.91 35.37
N GLN A 250 18.53 -14.64 34.57
CA GLN A 250 20.00 -14.54 34.53
C GLN A 250 20.60 -15.04 35.85
N GLY A 251 20.50 -14.24 36.89
CA GLY A 251 21.04 -14.62 38.17
C GLY A 251 20.52 -13.75 39.29
N GLU A 252 19.23 -13.44 39.24
CA GLU A 252 18.61 -12.60 40.25
C GLU A 252 17.10 -12.84 40.31
N GLY A 253 16.37 -12.18 39.42
CA GLY A 253 14.93 -12.32 39.40
C GLY A 253 14.24 -11.12 40.01
N HIS A 254 13.61 -11.33 41.15
CA HIS A 254 12.90 -10.26 41.85
C HIS A 254 13.00 -10.46 43.35
N PHE A 255 12.12 -11.29 43.89
CA PHE A 255 12.09 -11.59 45.31
C PHE A 255 11.14 -12.75 45.56
N SER A 256 11.12 -13.25 46.79
CA SER A 256 10.27 -14.36 47.15
C SER A 256 8.80 -13.99 47.05
N VAL A 257 8.17 -14.38 45.95
CA VAL A 257 6.77 -14.10 45.70
C VAL A 257 6.21 -15.06 44.65
N ASP A 258 6.99 -15.27 43.60
CA ASP A 258 6.61 -16.17 42.51
C ASP A 258 7.85 -16.56 41.72
N GLU A 259 7.67 -17.42 40.74
CA GLU A 259 8.77 -17.90 39.90
C GLU A 259 8.71 -17.27 38.52
N LYS A 260 7.74 -16.39 38.34
CA LYS A 260 7.55 -15.72 37.06
C LYS A 260 7.10 -14.28 37.27
N SER A 261 7.06 -13.53 36.18
CA SER A 261 6.64 -12.14 36.24
C SER A 261 5.35 -11.95 35.42
N ARG A 262 5.23 -10.82 34.73
CA ARG A 262 4.04 -10.54 33.94
C ARG A 262 4.31 -9.55 32.82
N GLN A 263 5.35 -8.74 32.98
CA GLN A 263 5.69 -7.74 31.97
C GLN A 263 6.40 -8.35 30.78
N VAL A 264 6.89 -9.59 30.95
CA VAL A 264 7.63 -10.31 29.91
C VAL A 264 8.99 -9.68 29.67
N ASN A 265 8.99 -8.51 29.02
CA ASN A 265 10.21 -7.75 28.72
C ASN A 265 11.22 -8.59 27.92
N LEU A 266 10.71 -9.31 26.92
CA LEU A 266 11.55 -10.16 26.07
C LEU A 266 12.24 -11.24 26.89
N THR A 267 13.33 -11.79 26.38
CA THR A 267 14.05 -12.83 27.07
C THR A 267 15.52 -12.85 26.63
N GLU A 268 16.29 -13.77 27.20
CA GLU A 268 17.73 -13.93 26.92
C GLU A 268 18.55 -12.77 27.48
N ARG A 269 19.66 -13.14 28.11
CA ARG A 269 20.59 -12.19 28.71
C ARG A 269 21.69 -12.96 29.41
N GLY A 270 21.90 -14.19 28.98
CA GLY A 270 22.92 -15.02 29.58
C GLY A 270 23.95 -15.50 28.58
N LEU A 271 23.50 -15.78 27.35
CA LEU A 271 24.37 -16.25 26.27
C LEU A 271 24.83 -17.69 26.51
N VAL A 272 25.35 -17.95 27.70
CA VAL A 272 25.83 -19.28 28.05
C VAL A 272 24.65 -20.22 28.34
N LEU A 273 23.50 -19.63 28.67
CA LEU A 273 22.31 -20.42 28.95
C LEU A 273 21.72 -21.02 27.68
N ILE A 274 21.77 -20.27 26.58
CA ILE A 274 21.23 -20.75 25.31
C ILE A 274 22.19 -21.71 24.62
N GLU A 275 23.42 -21.80 25.13
CA GLU A 275 24.42 -22.69 24.56
C GLU A 275 23.96 -24.14 24.68
N GLU A 276 23.35 -24.46 25.82
CA GLU A 276 22.86 -25.80 26.09
C GLU A 276 21.46 -26.00 25.51
N LEU A 277 21.12 -25.20 24.52
CA LEU A 277 19.84 -25.31 23.85
C LEU A 277 20.05 -25.76 22.42
N LEU A 278 21.26 -25.57 21.93
CA LEU A 278 21.61 -25.94 20.57
C LEU A 278 22.61 -27.10 20.59
N VAL A 279 23.01 -27.54 19.39
CA VAL A 279 23.96 -28.64 19.23
C VAL A 279 23.48 -29.91 19.96
N LYS A 280 22.39 -30.49 19.45
CA LYS A 280 21.83 -31.71 20.01
C LYS A 280 20.62 -32.16 19.19
N GLU A 281 20.41 -33.48 19.17
CA GLU A 281 19.30 -34.10 18.44
C GLU A 281 19.47 -33.97 16.94
N GLY A 282 19.19 -32.79 16.41
CA GLY A 282 19.32 -32.58 14.97
C GLY A 282 18.76 -31.26 14.53
N ILE A 283 19.30 -30.74 13.42
CA ILE A 283 18.87 -29.47 12.84
C ILE A 283 19.48 -28.31 13.62
N MET A 284 20.41 -27.60 12.97
CA MET A 284 21.10 -26.46 13.57
C MET A 284 22.05 -26.94 14.67
N ASP A 285 22.18 -28.26 14.79
CA ASP A 285 23.03 -28.88 15.80
C ASP A 285 24.49 -28.81 15.35
N GLU A 286 24.71 -28.49 14.08
CA GLU A 286 26.05 -28.37 13.54
C GLU A 286 26.80 -27.22 14.21
N GLY A 287 26.07 -26.17 14.56
CA GLY A 287 26.67 -25.02 15.20
C GLY A 287 26.20 -23.72 14.57
N GLU A 288 25.34 -23.00 15.28
CA GLU A 288 24.81 -21.73 14.81
C GLU A 288 24.42 -20.85 15.99
N SER A 289 23.79 -19.72 15.69
CA SER A 289 23.37 -18.80 16.73
C SER A 289 21.85 -18.72 16.78
N LEU A 290 21.30 -18.62 17.98
CA LEU A 290 19.85 -18.55 18.17
C LEU A 290 19.35 -17.11 17.99
N TYR A 291 20.21 -16.24 17.50
CA TYR A 291 19.85 -14.85 17.30
C TYR A 291 20.24 -14.37 15.91
N SER A 292 20.66 -15.30 15.05
CA SER A 292 21.07 -14.97 13.69
C SER A 292 19.89 -14.42 12.89
N PRO A 293 20.15 -13.47 11.97
CA PRO A 293 19.11 -12.85 11.12
C PRO A 293 18.24 -13.88 10.40
N ALA A 294 18.87 -14.91 9.86
CA ALA A 294 18.15 -15.94 9.13
C ALA A 294 17.47 -16.92 10.07
N ASN A 295 17.77 -16.80 11.36
CA ASN A 295 17.20 -17.70 12.36
C ASN A 295 16.14 -16.96 13.18
N ILE A 296 15.71 -15.81 12.69
CA ILE A 296 14.70 -15.01 13.37
C ILE A 296 13.37 -15.78 13.46
N MET A 297 13.13 -16.64 12.48
CA MET A 297 11.92 -17.44 12.44
C MET A 297 11.86 -18.35 13.66
N LEU A 298 12.95 -19.06 13.91
CA LEU A 298 13.03 -19.97 15.04
C LEU A 298 13.08 -19.17 16.33
N MET A 299 13.82 -18.06 16.31
CA MET A 299 13.95 -17.20 17.49
C MET A 299 12.58 -16.73 17.98
N HIS A 300 11.71 -16.36 17.03
CA HIS A 300 10.38 -15.89 17.39
C HIS A 300 9.44 -17.07 17.68
N HIS A 301 9.85 -18.27 17.28
CA HIS A 301 9.04 -19.45 17.50
C HIS A 301 9.32 -20.05 18.87
N VAL A 302 10.60 -20.11 19.24
CA VAL A 302 10.99 -20.66 20.54
C VAL A 302 10.52 -19.77 21.68
N THR A 303 10.50 -18.46 21.43
CA THR A 303 10.08 -17.49 22.43
C THR A 303 8.58 -17.62 22.71
N ALA A 304 7.85 -18.16 21.75
CA ALA A 304 6.41 -18.34 21.90
C ALA A 304 6.14 -19.43 22.92
N ALA A 305 6.77 -20.58 22.73
CA ALA A 305 6.60 -21.71 23.64
C ALA A 305 7.26 -21.45 24.98
N LEU A 306 8.26 -20.56 24.98
CA LEU A 306 8.98 -20.22 26.19
C LEU A 306 8.16 -19.24 27.05
N ARG A 307 7.61 -18.21 26.41
CA ARG A 307 6.81 -17.23 27.14
C ARG A 307 5.52 -17.88 27.65
N ALA A 308 5.06 -18.90 26.94
CA ALA A 308 3.86 -19.62 27.34
C ALA A 308 4.18 -20.66 28.41
N HIS A 309 5.44 -20.68 28.84
CA HIS A 309 5.89 -21.62 29.86
C HIS A 309 5.95 -20.95 31.22
N ALA A 310 5.81 -19.63 31.25
CA ALA A 310 5.88 -18.88 32.50
C ALA A 310 4.92 -17.68 32.51
N LEU A 311 5.00 -16.86 31.47
CA LEU A 311 4.16 -15.67 31.38
C LEU A 311 2.69 -16.03 31.18
N PHE A 312 2.44 -17.11 30.46
CA PHE A 312 1.07 -17.55 30.22
C PHE A 312 0.78 -18.81 31.03
N THR A 313 -0.11 -18.67 32.00
CA THR A 313 -0.47 -19.78 32.87
C THR A 313 -1.87 -20.31 32.54
N ARG A 314 -1.95 -21.59 32.24
CA ARG A 314 -3.23 -22.21 31.93
C ARG A 314 -4.10 -22.33 33.19
N ASP A 315 -5.40 -22.49 32.97
CA ASP A 315 -6.40 -22.64 34.04
C ASP A 315 -6.76 -21.29 34.66
N VAL A 316 -5.98 -20.26 34.34
CA VAL A 316 -6.24 -18.93 34.88
C VAL A 316 -6.14 -17.85 33.80
N ASP A 317 -5.14 -17.95 32.93
CA ASP A 317 -4.98 -16.97 31.85
C ASP A 317 -5.72 -17.44 30.61
N TYR A 318 -5.91 -18.75 30.54
CA TYR A 318 -6.62 -19.37 29.43
C TYR A 318 -7.03 -20.78 29.84
N ILE A 319 -8.13 -21.26 29.28
CA ILE A 319 -8.60 -22.60 29.60
C ILE A 319 -8.82 -23.39 28.32
N VAL A 320 -8.33 -24.63 28.31
CA VAL A 320 -8.46 -25.48 27.14
C VAL A 320 -9.53 -26.53 27.35
N LYS A 321 -10.48 -26.60 26.44
CA LYS A 321 -11.56 -27.56 26.50
C LYS A 321 -11.96 -27.99 25.09
N ASP A 322 -12.08 -29.31 24.89
CA ASP A 322 -12.47 -29.87 23.58
C ASP A 322 -11.45 -29.51 22.50
N GLY A 323 -10.24 -29.19 22.93
CA GLY A 323 -9.20 -28.82 22.00
C GLY A 323 -9.22 -27.34 21.65
N GLU A 324 -10.14 -26.62 22.27
CA GLU A 324 -10.28 -25.20 22.04
C GLU A 324 -9.65 -24.41 23.17
N VAL A 325 -8.91 -23.36 22.82
CA VAL A 325 -8.25 -22.53 23.80
C VAL A 325 -9.06 -21.26 24.07
N ILE A 326 -9.69 -21.20 25.23
CA ILE A 326 -10.49 -20.05 25.61
C ILE A 326 -9.64 -19.05 26.39
N ILE A 327 -9.62 -17.81 25.94
CA ILE A 327 -8.85 -16.77 26.59
C ILE A 327 -9.58 -16.23 27.81
N VAL A 328 -8.96 -16.34 28.97
CA VAL A 328 -9.57 -15.87 30.20
C VAL A 328 -8.93 -14.55 30.63
N ASP A 329 -9.76 -13.53 30.82
CA ASP A 329 -9.27 -12.24 31.24
C ASP A 329 -8.85 -12.30 32.70
N GLU A 330 -7.58 -12.04 32.96
CA GLU A 330 -7.04 -12.10 34.32
C GLU A 330 -7.31 -10.83 35.13
N HIS A 331 -8.24 -10.01 34.67
CA HIS A 331 -8.57 -8.78 35.39
C HIS A 331 -9.91 -8.94 36.12
N THR A 332 -10.94 -9.18 35.34
CA THR A 332 -12.28 -9.34 35.88
C THR A 332 -12.70 -10.81 35.89
N GLY A 333 -11.94 -11.64 35.19
CA GLY A 333 -12.25 -13.06 35.12
C GLY A 333 -13.30 -13.34 34.06
N ARG A 334 -13.10 -12.79 32.88
CA ARG A 334 -14.04 -12.96 31.78
C ARG A 334 -13.55 -14.05 30.82
N THR A 335 -14.48 -14.89 30.37
CA THR A 335 -14.15 -15.97 29.45
C THR A 335 -14.47 -15.58 28.01
N MET A 336 -13.42 -15.39 27.22
CA MET A 336 -13.58 -15.02 25.82
C MET A 336 -13.12 -16.13 24.91
N GLN A 337 -14.07 -16.87 24.36
CA GLN A 337 -13.74 -17.97 23.46
C GLN A 337 -13.76 -17.49 22.01
N GLY A 338 -14.50 -16.42 21.76
CA GLY A 338 -14.58 -15.87 20.42
C GLY A 338 -13.54 -14.79 20.17
N ARG A 339 -12.29 -15.12 20.43
CA ARG A 339 -11.19 -14.18 20.23
C ARG A 339 -9.95 -14.91 19.73
N ARG A 340 -9.03 -14.16 19.16
CA ARG A 340 -7.80 -14.74 18.64
C ARG A 340 -6.60 -13.91 19.09
N TRP A 341 -5.82 -14.47 20.00
CA TRP A 341 -4.63 -13.80 20.50
C TRP A 341 -3.64 -13.56 19.38
N SER A 342 -3.02 -12.39 19.38
CA SER A 342 -2.05 -12.01 18.36
C SER A 342 -0.75 -12.81 18.52
N ASP A 343 0.09 -12.74 17.49
CA ASP A 343 1.39 -13.43 17.47
C ASP A 343 1.21 -14.95 17.62
N GLY A 344 2.24 -15.63 18.08
CA GLY A 344 2.16 -17.07 18.22
C GLY A 344 1.88 -17.51 19.64
N LEU A 345 1.23 -16.66 20.43
CA LEU A 345 0.91 -16.98 21.81
C LEU A 345 0.04 -18.23 21.90
N HIS A 346 -1.12 -18.18 21.24
CA HIS A 346 -2.04 -19.30 21.25
C HIS A 346 -1.48 -20.50 20.48
N GLN A 347 -0.71 -20.22 19.43
CA GLN A 347 -0.12 -21.27 18.61
C GLN A 347 0.79 -22.16 19.45
N ALA A 348 1.54 -21.54 20.35
CA ALA A 348 2.44 -22.27 21.22
C ALA A 348 1.68 -23.01 22.29
N VAL A 349 0.52 -22.46 22.66
CA VAL A 349 -0.34 -23.07 23.66
C VAL A 349 -0.90 -24.39 23.14
N GLU A 350 -1.32 -24.38 21.88
CA GLU A 350 -1.87 -25.57 21.24
C GLU A 350 -0.81 -26.66 21.13
N ALA A 351 0.45 -26.24 21.08
CA ALA A 351 1.57 -27.16 20.98
C ALA A 351 2.13 -27.50 22.36
N LYS A 352 1.55 -26.88 23.38
CA LYS A 352 2.00 -27.09 24.74
C LYS A 352 1.09 -28.10 25.46
N GLU A 353 -0.21 -27.94 25.28
CA GLU A 353 -1.18 -28.84 25.89
C GLU A 353 -1.36 -30.07 25.02
N GLY A 354 -2.12 -31.04 25.53
CA GLY A 354 -2.37 -32.25 24.79
C GLY A 354 -3.44 -32.06 23.73
N VAL A 355 -3.20 -31.12 22.83
CA VAL A 355 -4.14 -30.82 21.75
C VAL A 355 -3.38 -30.66 20.44
N GLN A 356 -4.02 -30.12 19.42
CA GLN A 356 -3.39 -29.94 18.14
C GLN A 356 -3.41 -28.48 17.71
N ILE A 357 -2.28 -28.01 17.20
CA ILE A 357 -2.16 -26.63 16.74
C ILE A 357 -3.14 -26.36 15.61
N GLN A 358 -3.67 -25.16 15.57
CA GLN A 358 -4.63 -24.76 14.54
C GLN A 358 -3.93 -24.65 13.18
N ASN A 359 -3.65 -23.42 12.76
CA ASN A 359 -2.99 -23.18 11.49
C ASN A 359 -2.75 -21.70 11.29
N GLU A 360 -3.85 -20.95 11.17
CA GLU A 360 -3.80 -19.50 10.98
C GLU A 360 -2.96 -19.16 9.74
N ASN A 361 -1.74 -18.66 9.99
CA ASN A 361 -0.81 -18.26 8.92
C ASN A 361 -1.34 -17.07 8.12
N GLN A 362 -2.43 -17.30 7.39
CA GLN A 362 -3.10 -16.29 6.55
C GLN A 362 -2.14 -15.34 5.85
N THR A 363 -1.09 -15.89 5.26
CA THR A 363 -0.12 -15.06 4.55
C THR A 363 0.34 -15.75 3.27
N LEU A 364 0.73 -14.94 2.30
CA LEU A 364 1.20 -15.43 1.01
C LEU A 364 2.05 -14.35 0.34
N ALA A 365 1.38 -13.29 -0.11
CA ALA A 365 2.05 -12.18 -0.76
C ALA A 365 1.49 -10.87 -0.24
N SER A 366 2.30 -9.81 -0.28
CA SER A 366 1.87 -8.51 0.19
C SER A 366 2.66 -7.40 -0.48
N ILE A 367 1.99 -6.26 -0.67
CA ILE A 367 2.62 -5.11 -1.29
C ILE A 367 1.87 -3.83 -0.88
N THR A 368 2.61 -2.74 -0.75
CA THR A 368 2.02 -1.46 -0.39
C THR A 368 1.78 -0.64 -1.66
N PHE A 369 0.74 0.19 -1.65
CA PHE A 369 0.42 1.02 -2.82
C PHE A 369 1.59 1.91 -3.19
N GLN A 370 2.25 2.47 -2.18
CA GLN A 370 3.39 3.36 -2.40
C GLN A 370 4.53 2.62 -3.10
N ASN A 371 4.68 1.33 -2.82
CA ASN A 371 5.74 0.52 -3.41
C ASN A 371 5.28 -0.10 -4.73
N TYR A 372 4.00 0.02 -5.01
CA TYR A 372 3.43 -0.53 -6.24
C TYR A 372 3.55 0.48 -7.37
N PHE A 373 3.24 1.74 -7.07
CA PHE A 373 3.31 2.81 -8.07
C PHE A 373 4.75 3.17 -8.39
N ARG A 374 5.69 2.66 -7.60
CA ARG A 374 7.10 2.91 -7.83
C ARG A 374 7.63 2.03 -8.97
N LEU A 375 6.80 1.08 -9.40
CA LEU A 375 7.17 0.16 -10.47
C LEU A 375 6.68 0.65 -11.83
N TYR A 376 5.87 1.70 -11.82
CA TYR A 376 5.33 2.25 -13.07
C TYR A 376 6.31 3.23 -13.70
N GLU A 377 6.52 3.07 -15.00
CA GLU A 377 7.43 3.94 -15.75
C GLU A 377 6.89 5.38 -15.75
N LYS A 378 5.67 5.53 -16.22
CA LYS A 378 5.03 6.84 -16.27
C LYS A 378 3.88 6.87 -15.25
N LEU A 379 4.04 7.69 -14.23
CA LEU A 379 3.04 7.82 -13.19
C LEU A 379 2.57 9.24 -13.09
N ALA A 380 1.27 9.45 -13.20
CA ALA A 380 0.70 10.78 -13.12
C ALA A 380 -0.61 10.75 -12.35
N GLY A 381 -1.02 11.90 -11.85
CA GLY A 381 -2.26 11.97 -11.11
C GLY A 381 -2.73 13.39 -10.89
N MET A 382 -3.97 13.54 -10.52
CA MET A 382 -4.55 14.86 -10.29
C MET A 382 -5.01 14.96 -8.84
N THR A 383 -5.39 16.15 -8.43
CA THR A 383 -5.87 16.36 -7.08
C THR A 383 -6.64 17.67 -6.96
N GLY A 384 -7.48 17.76 -5.94
CA GLY A 384 -8.25 18.95 -5.73
C GLY A 384 -7.46 20.02 -5.01
N THR A 385 -8.13 21.08 -4.60
CA THR A 385 -7.48 22.17 -3.91
C THR A 385 -7.14 21.78 -2.46
N ALA A 386 -6.04 21.05 -2.32
CA ALA A 386 -5.58 20.60 -1.01
C ALA A 386 -4.18 21.15 -0.73
N ASP A 387 -3.22 20.77 -1.57
CA ASP A 387 -1.83 21.21 -1.44
C ASP A 387 -1.26 20.79 -0.08
N THR A 388 -0.39 21.62 0.49
CA THR A 388 0.22 21.36 1.80
C THR A 388 1.19 20.20 1.76
N GLU A 389 0.68 18.97 1.79
CA GLU A 389 1.52 17.78 1.77
C GLU A 389 1.84 17.37 0.33
N ALA A 390 1.84 18.35 -0.56
CA ALA A 390 2.12 18.12 -1.97
C ALA A 390 3.58 17.77 -2.19
N PHE A 391 4.45 18.29 -1.33
CA PHE A 391 5.88 18.03 -1.44
C PHE A 391 6.18 16.55 -1.21
N GLU A 392 5.29 15.88 -0.51
CA GLU A 392 5.45 14.46 -0.22
C GLU A 392 5.32 13.62 -1.48
N PHE A 393 4.62 14.15 -2.47
CA PHE A 393 4.46 13.46 -3.74
C PHE A 393 5.82 13.32 -4.40
N SER A 394 6.68 14.30 -4.15
CA SER A 394 8.02 14.31 -4.69
C SER A 394 8.97 13.52 -3.79
N SER A 395 8.64 13.45 -2.50
CA SER A 395 9.46 12.73 -1.54
C SER A 395 9.33 11.21 -1.72
N ILE A 396 8.13 10.75 -1.98
CA ILE A 396 7.89 9.32 -2.12
C ILE A 396 7.85 8.83 -3.57
N TYR A 397 7.01 9.45 -4.39
CA TYR A 397 6.86 9.01 -5.78
C TYR A 397 7.65 9.88 -6.76
N LYS A 398 8.32 10.91 -6.24
CA LYS A 398 9.13 11.82 -7.06
C LYS A 398 8.28 12.58 -8.07
N LEU A 399 7.01 12.83 -7.71
CA LEU A 399 6.10 13.55 -8.60
C LEU A 399 6.25 15.05 -8.43
N ASP A 400 6.23 15.77 -9.55
CA ASP A 400 6.33 17.23 -9.53
C ASP A 400 4.97 17.82 -9.21
N THR A 401 4.92 19.07 -8.75
CA THR A 401 3.66 19.70 -8.40
C THR A 401 3.35 20.88 -9.33
N VAL A 402 2.27 20.75 -10.10
CA VAL A 402 1.85 21.79 -11.02
C VAL A 402 0.40 22.17 -10.75
N VAL A 403 0.10 23.46 -10.79
CA VAL A 403 -1.25 23.94 -10.53
C VAL A 403 -1.93 24.36 -11.84
N VAL A 404 -3.10 23.80 -12.11
CA VAL A 404 -3.85 24.10 -13.31
C VAL A 404 -4.69 25.37 -13.12
N PRO A 405 -4.54 26.33 -14.04
CA PRO A 405 -5.29 27.59 -13.98
C PRO A 405 -6.79 27.38 -14.15
N THR A 406 -7.57 28.07 -13.33
CA THR A 406 -9.02 28.00 -13.37
C THR A 406 -9.56 28.54 -14.69
N ASN A 407 -10.69 28.01 -15.13
CA ASN A 407 -11.30 28.46 -16.37
C ASN A 407 -11.60 29.95 -16.30
N ARG A 408 -12.25 30.37 -15.23
CA ARG A 408 -12.58 31.78 -15.01
C ARG A 408 -11.81 32.29 -13.80
N PRO A 409 -11.61 33.61 -13.68
CA PRO A 409 -10.92 34.20 -12.53
C PRO A 409 -11.66 33.92 -11.23
N MET A 410 -11.03 33.14 -10.36
CA MET A 410 -11.63 32.77 -9.09
C MET A 410 -11.74 33.97 -8.16
N ILE A 411 -12.96 34.38 -7.87
CA ILE A 411 -13.21 35.50 -7.00
C ILE A 411 -13.54 35.01 -5.59
N ARG A 412 -12.52 34.52 -4.90
CA ARG A 412 -12.70 34.02 -3.55
C ARG A 412 -12.21 35.04 -2.54
N LYS A 413 -13.12 35.54 -1.72
CA LYS A 413 -12.78 36.53 -0.72
C LYS A 413 -12.27 35.86 0.55
N ASP A 414 -10.95 35.84 0.69
CA ASP A 414 -10.31 35.24 1.86
C ASP A 414 -10.34 36.22 3.01
N LEU A 415 -11.13 35.92 4.03
CA LEU A 415 -11.25 36.79 5.19
C LEU A 415 -10.42 36.23 6.34
N PRO A 416 -9.60 37.09 6.99
CA PRO A 416 -8.74 36.68 8.10
C PRO A 416 -9.47 35.97 9.22
N ASP A 417 -8.80 35.00 9.82
CA ASP A 417 -9.35 34.23 10.93
C ASP A 417 -9.41 35.10 12.19
N LEU A 418 -10.49 34.99 12.94
CA LEU A 418 -10.64 35.76 14.16
C LEU A 418 -10.64 34.85 15.37
N VAL A 419 -9.66 35.05 16.24
CA VAL A 419 -9.52 34.26 17.45
C VAL A 419 -10.08 35.01 18.66
N TYR A 420 -11.05 34.40 19.32
CA TYR A 420 -11.67 34.99 20.48
C TYR A 420 -11.27 34.23 21.75
N MET A 421 -11.69 34.70 22.90
CA MET A 421 -11.35 34.04 24.16
C MET A 421 -12.23 32.83 24.40
N THR A 422 -13.45 33.07 24.88
CA THR A 422 -14.36 31.98 25.17
C THR A 422 -15.08 31.52 23.90
N GLU A 423 -15.62 30.31 23.93
CA GLU A 423 -16.34 29.76 22.79
C GLU A 423 -17.56 30.61 22.48
N ALA A 424 -18.17 31.17 23.52
CA ALA A 424 -19.35 32.02 23.36
C ALA A 424 -19.05 33.18 22.42
N GLU A 425 -17.88 33.78 22.60
CA GLU A 425 -17.46 34.90 21.76
C GLU A 425 -17.37 34.47 20.30
N LYS A 426 -16.80 33.27 20.09
CA LYS A 426 -16.64 32.72 18.75
C LYS A 426 -18.00 32.51 18.09
N ILE A 427 -18.90 31.86 18.81
CA ILE A 427 -20.24 31.59 18.31
C ILE A 427 -20.99 32.88 18.05
N GLN A 428 -20.89 33.81 19.00
CA GLN A 428 -21.56 35.11 18.88
C GLN A 428 -21.09 35.84 17.63
N ALA A 429 -19.78 35.78 17.37
CA ALA A 429 -19.21 36.42 16.19
C ALA A 429 -19.73 35.77 14.92
N ILE A 430 -19.90 34.45 14.97
CA ILE A 430 -20.42 33.71 13.83
C ILE A 430 -21.86 34.15 13.53
N ILE A 431 -22.68 34.21 14.57
CA ILE A 431 -24.06 34.63 14.44
C ILE A 431 -24.14 36.04 13.87
N GLU A 432 -23.23 36.90 14.34
CA GLU A 432 -23.17 38.28 13.88
C GLU A 432 -22.86 38.34 12.39
N ASP A 433 -21.91 37.53 11.96
CA ASP A 433 -21.51 37.47 10.55
C ASP A 433 -22.66 36.98 9.69
N ILE A 434 -23.44 36.04 10.22
CA ILE A 434 -24.58 35.48 9.52
C ILE A 434 -25.74 36.49 9.43
N LYS A 435 -26.00 37.18 10.54
CA LYS A 435 -27.09 38.17 10.61
C LYS A 435 -27.09 39.15 9.43
N GLU A 436 -25.97 39.80 9.20
CA GLU A 436 -25.85 40.79 8.12
C GLU A 436 -26.06 40.14 6.74
N ARG A 437 -25.49 38.97 6.55
CA ARG A 437 -25.59 38.28 5.28
C ARG A 437 -26.99 37.73 5.02
N THR A 438 -27.66 37.28 6.08
CA THR A 438 -29.02 36.75 5.95
C THR A 438 -29.98 37.87 5.54
N ALA A 439 -29.70 39.07 6.03
CA ALA A 439 -30.52 40.23 5.71
C ALA A 439 -30.32 40.64 4.26
N LYS A 440 -29.06 40.69 3.84
CA LYS A 440 -28.71 41.06 2.47
C LYS A 440 -29.17 40.01 1.47
N GLY A 441 -28.92 38.74 1.79
CA GLY A 441 -29.34 37.67 0.90
C GLY A 441 -28.18 36.81 0.43
N GLN A 442 -27.18 36.66 1.28
CA GLN A 442 -26.02 35.84 0.93
C GLN A 442 -26.09 34.50 1.65
N PRO A 443 -25.99 33.39 0.90
CA PRO A 443 -26.03 32.04 1.48
C PRO A 443 -24.82 31.78 2.36
N VAL A 444 -25.05 31.17 3.52
CA VAL A 444 -23.98 30.88 4.46
C VAL A 444 -23.92 29.41 4.81
N LEU A 445 -22.78 28.80 4.57
CA LEU A 445 -22.56 27.40 4.88
C LEU A 445 -21.62 27.29 6.07
N VAL A 446 -22.16 26.86 7.20
CA VAL A 446 -21.38 26.73 8.41
C VAL A 446 -20.76 25.33 8.50
N GLY A 447 -19.45 25.26 8.42
CA GLY A 447 -18.77 23.99 8.49
C GLY A 447 -18.34 23.66 9.91
N THR A 448 -18.78 22.52 10.41
CA THR A 448 -18.42 22.09 11.75
C THR A 448 -17.74 20.74 11.73
N ILE A 449 -16.61 20.63 12.41
CA ILE A 449 -15.87 19.36 12.47
C ILE A 449 -16.23 18.60 13.74
N SER A 450 -16.97 19.27 14.61
CA SER A 450 -17.41 18.68 15.87
C SER A 450 -18.93 18.78 15.98
N ILE A 451 -19.59 17.64 16.22
CA ILE A 451 -21.05 17.60 16.33
C ILE A 451 -21.56 18.53 17.43
N GLU A 452 -20.80 18.61 18.52
CA GLU A 452 -21.16 19.45 19.65
C GLU A 452 -21.35 20.90 19.22
N LYS A 453 -20.45 21.38 18.38
CA LYS A 453 -20.50 22.75 17.90
C LYS A 453 -21.64 22.96 16.91
N SER A 454 -22.00 21.90 16.18
CA SER A 454 -23.09 21.98 15.22
C SER A 454 -24.40 22.29 15.95
N GLU A 455 -24.64 21.57 17.03
CA GLU A 455 -25.84 21.76 17.83
C GLU A 455 -25.79 23.09 18.56
N LEU A 456 -24.60 23.49 18.97
CA LEU A 456 -24.40 24.75 19.67
C LEU A 456 -24.75 25.94 18.80
N VAL A 457 -24.18 26.00 17.59
CA VAL A 457 -24.45 27.10 16.68
C VAL A 457 -25.90 27.07 16.20
N SER A 458 -26.45 25.87 16.09
CA SER A 458 -27.84 25.70 15.65
C SER A 458 -28.78 26.30 16.70
N ASN A 459 -28.44 26.11 17.96
CA ASN A 459 -29.23 26.63 19.07
C ASN A 459 -29.28 28.15 19.02
N GLU A 460 -28.11 28.76 18.91
CA GLU A 460 -27.99 30.21 18.87
C GLU A 460 -28.74 30.79 17.66
N LEU A 461 -28.62 30.12 16.52
CA LEU A 461 -29.30 30.57 15.30
C LEU A 461 -30.82 30.56 15.50
N THR A 462 -31.32 29.56 16.21
CA THR A 462 -32.75 29.45 16.48
C THR A 462 -33.20 30.56 17.43
N LYS A 463 -32.32 30.89 18.37
CA LYS A 463 -32.59 31.94 19.35
C LYS A 463 -32.63 33.30 18.68
N ALA A 464 -31.99 33.42 17.53
CA ALA A 464 -31.96 34.67 16.79
C ALA A 464 -33.06 34.70 15.72
N GLY A 465 -33.78 33.59 15.59
CA GLY A 465 -34.85 33.50 14.61
C GLY A 465 -34.32 33.39 13.19
N ILE A 466 -33.02 33.09 13.07
CA ILE A 466 -32.39 32.96 11.77
C ILE A 466 -32.72 31.60 11.16
N LYS A 467 -33.33 31.64 9.99
CA LYS A 467 -33.72 30.43 9.28
C LYS A 467 -32.48 29.65 8.85
N HIS A 468 -32.33 28.45 9.37
CA HIS A 468 -31.17 27.63 9.06
C HIS A 468 -31.54 26.15 9.01
N ASN A 469 -30.72 25.37 8.33
CA ASN A 469 -30.95 23.94 8.22
C ASN A 469 -29.66 23.18 8.51
N VAL A 470 -29.79 22.02 9.14
CA VAL A 470 -28.64 21.19 9.46
C VAL A 470 -28.57 20.00 8.51
N LEU A 471 -27.39 19.75 7.96
CA LEU A 471 -27.19 18.65 7.04
C LEU A 471 -26.88 17.37 7.81
N ASN A 472 -27.91 16.59 8.09
CA ASN A 472 -27.76 15.35 8.82
C ASN A 472 -27.40 14.21 7.86
N ALA A 473 -26.25 13.60 8.09
CA ALA A 473 -25.76 12.50 7.26
C ALA A 473 -26.67 11.27 7.34
N LYS A 474 -27.38 11.14 8.45
CA LYS A 474 -28.28 10.01 8.66
C LYS A 474 -29.49 10.10 7.73
N PHE A 475 -29.78 11.32 7.28
CA PHE A 475 -30.90 11.55 6.39
C PHE A 475 -30.40 12.15 5.08
N HIS A 476 -29.61 11.37 4.36
CA HIS A 476 -29.04 11.83 3.09
C HIS A 476 -30.12 12.10 2.05
N ALA A 477 -31.26 11.44 2.21
CA ALA A 477 -32.38 11.63 1.29
C ALA A 477 -32.89 13.06 1.37
N ASN A 478 -32.81 13.64 2.56
CA ASN A 478 -33.24 15.01 2.79
C ASN A 478 -32.09 15.98 2.54
N GLU A 479 -30.90 15.58 2.99
CA GLU A 479 -29.68 16.39 2.84
C GLU A 479 -29.45 16.78 1.38
N ALA A 480 -29.47 15.78 0.49
CA ALA A 480 -29.23 16.00 -0.93
C ALA A 480 -30.20 17.02 -1.53
N ALA A 481 -31.41 17.05 -1.01
CA ALA A 481 -32.42 17.97 -1.50
C ALA A 481 -32.12 19.40 -1.05
N ILE A 482 -31.63 19.52 0.18
CA ILE A 482 -31.30 20.82 0.75
C ILE A 482 -29.99 21.37 0.18
N VAL A 483 -29.00 20.49 0.03
CA VAL A 483 -27.70 20.89 -0.50
C VAL A 483 -27.85 21.52 -1.88
N ALA A 484 -28.81 21.01 -2.65
CA ALA A 484 -29.07 21.51 -3.99
C ALA A 484 -29.52 22.97 -3.98
N GLN A 485 -30.05 23.42 -2.83
CA GLN A 485 -30.52 24.78 -2.69
C GLN A 485 -29.76 25.50 -1.58
N ALA A 486 -28.56 25.01 -1.26
CA ALA A 486 -27.74 25.61 -0.22
C ALA A 486 -27.18 26.96 -0.66
N GLY A 487 -27.21 27.20 -1.96
CA GLY A 487 -26.71 28.45 -2.49
C GLY A 487 -27.81 29.47 -2.69
N TYR A 488 -28.94 29.21 -2.05
CA TYR A 488 -30.09 30.08 -2.14
C TYR A 488 -29.87 31.35 -1.31
N PRO A 489 -30.31 32.51 -1.82
CA PRO A 489 -30.16 33.79 -1.10
C PRO A 489 -30.76 33.75 0.30
N ALA A 490 -29.93 34.09 1.29
CA ALA A 490 -30.35 34.13 2.70
C ALA A 490 -30.61 32.74 3.27
N ALA A 491 -29.91 31.74 2.75
CA ALA A 491 -30.06 30.38 3.23
C ALA A 491 -28.86 29.97 4.07
N VAL A 492 -29.10 29.74 5.37
CA VAL A 492 -28.04 29.35 6.27
C VAL A 492 -28.06 27.83 6.47
N THR A 493 -26.99 27.17 6.10
CA THR A 493 -26.91 25.72 6.22
C THR A 493 -25.72 25.31 7.07
N ILE A 494 -25.92 24.33 7.94
CA ILE A 494 -24.86 23.83 8.80
C ILE A 494 -24.45 22.43 8.36
N ALA A 495 -23.17 22.21 8.18
CA ALA A 495 -22.67 20.92 7.75
C ALA A 495 -21.68 20.34 8.76
N THR A 496 -21.90 19.10 9.17
CA THR A 496 -21.01 18.45 10.12
C THR A 496 -20.13 17.43 9.40
N ASN A 497 -18.81 17.64 9.49
CA ASN A 497 -17.83 16.76 8.87
C ASN A 497 -18.04 16.69 7.35
N MET A 498 -17.59 17.73 6.66
CA MET A 498 -17.74 17.80 5.21
C MET A 498 -16.66 16.95 4.54
N ALA A 499 -17.12 16.01 3.72
CA ALA A 499 -16.21 15.12 3.01
C ALA A 499 -15.43 15.87 1.92
N GLY A 500 -14.47 15.18 1.32
CA GLY A 500 -13.66 15.79 0.28
C GLY A 500 -14.46 16.14 -0.96
N ARG A 501 -14.00 17.14 -1.70
CA ARG A 501 -14.65 17.61 -2.92
C ARG A 501 -16.00 18.26 -2.62
N GLY A 502 -17.02 17.44 -2.47
CA GLY A 502 -18.36 17.94 -2.20
C GLY A 502 -19.12 18.27 -3.46
N THR A 503 -20.44 18.12 -3.40
CA THR A 503 -21.32 18.39 -4.54
C THR A 503 -21.22 19.84 -4.99
N ASP A 504 -21.46 20.08 -6.27
CA ASP A 504 -21.40 21.41 -6.84
C ASP A 504 -22.64 22.21 -6.47
N ILE A 505 -22.49 23.11 -5.52
CA ILE A 505 -23.59 23.94 -5.07
C ILE A 505 -23.73 25.16 -5.98
N VAL A 506 -24.80 25.19 -6.75
CA VAL A 506 -25.05 26.29 -7.68
C VAL A 506 -25.64 27.49 -6.94
N LEU A 507 -25.08 28.67 -7.19
CA LEU A 507 -25.55 29.89 -6.56
C LEU A 507 -26.95 30.25 -7.04
N GLY A 508 -27.85 30.52 -6.10
CA GLY A 508 -29.21 30.86 -6.44
C GLY A 508 -30.11 29.65 -6.40
N GLY A 509 -29.50 28.48 -6.31
CA GLY A 509 -30.25 27.25 -6.28
C GLY A 509 -29.92 26.38 -7.48
N SER A 510 -30.67 25.32 -7.68
CA SER A 510 -30.43 24.43 -8.80
C SER A 510 -31.72 24.17 -9.58
N TRP A 511 -31.88 24.90 -10.68
CA TRP A 511 -33.06 24.75 -11.52
C TRP A 511 -33.21 23.32 -12.03
N GLN A 512 -32.07 22.63 -12.15
CA GLN A 512 -32.04 21.25 -12.62
C GLN A 512 -32.80 20.33 -11.66
N ALA A 513 -32.78 20.68 -10.38
CA ALA A 513 -33.46 19.90 -9.38
C ALA A 513 -34.91 20.34 -9.26
N GLU A 514 -35.13 21.63 -9.46
CA GLU A 514 -36.47 22.21 -9.38
C GLU A 514 -37.37 21.66 -10.48
N VAL A 515 -36.82 21.51 -11.69
CA VAL A 515 -37.60 20.98 -12.80
C VAL A 515 -37.82 19.48 -12.64
N ALA A 516 -36.98 18.86 -11.82
CA ALA A 516 -37.08 17.43 -11.57
C ALA A 516 -38.05 17.14 -10.44
N ALA A 517 -38.51 18.20 -9.79
CA ALA A 517 -39.45 18.06 -8.68
C ALA A 517 -40.88 18.13 -9.19
N LEU A 518 -41.02 18.22 -10.51
CA LEU A 518 -42.34 18.29 -11.14
C LEU A 518 -42.76 16.91 -11.63
N GLU A 519 -44.07 16.66 -11.66
CA GLU A 519 -44.58 15.38 -12.14
C GLU A 519 -44.49 15.32 -13.65
N ASN A 520 -44.95 16.37 -14.31
CA ASN A 520 -44.91 16.45 -15.76
C ASN A 520 -44.24 17.74 -16.18
N PRO A 521 -42.91 17.71 -16.36
CA PRO A 521 -42.14 18.89 -16.74
C PRO A 521 -42.51 19.40 -18.13
N THR A 522 -43.09 20.59 -18.17
CA THR A 522 -43.48 21.21 -19.42
C THR A 522 -42.48 22.32 -19.77
N ALA A 523 -42.28 22.57 -21.06
CA ALA A 523 -41.33 23.60 -21.51
C ALA A 523 -41.65 24.96 -20.89
N GLU A 524 -42.95 25.23 -20.74
CA GLU A 524 -43.42 26.49 -20.15
C GLU A 524 -42.87 26.67 -18.74
N GLN A 525 -42.76 25.56 -18.02
CA GLN A 525 -42.27 25.58 -16.65
C GLN A 525 -40.74 25.60 -16.64
N ILE A 526 -40.13 24.82 -17.52
CA ILE A 526 -38.68 24.74 -17.59
C ILE A 526 -38.05 26.11 -17.86
N GLU A 527 -38.58 26.82 -18.84
CA GLU A 527 -38.07 28.14 -19.19
C GLU A 527 -38.45 29.17 -18.12
N LYS A 528 -39.57 28.94 -17.45
CA LYS A 528 -40.02 29.85 -16.41
C LYS A 528 -39.11 29.72 -15.19
N ILE A 529 -38.87 28.49 -14.76
CA ILE A 529 -37.99 28.23 -13.61
C ILE A 529 -36.58 28.69 -13.92
N LYS A 530 -36.17 28.51 -15.17
CA LYS A 530 -34.85 28.92 -15.62
C LYS A 530 -34.66 30.42 -15.42
N ALA A 531 -35.71 31.18 -15.75
CA ALA A 531 -35.69 32.64 -15.60
C ALA A 531 -35.70 33.02 -14.12
N ASP A 532 -36.58 32.37 -13.36
CA ASP A 532 -36.69 32.63 -11.93
C ASP A 532 -35.36 32.36 -11.25
N TRP A 533 -34.75 31.23 -11.58
CA TRP A 533 -33.46 30.84 -11.03
C TRP A 533 -32.38 31.84 -11.43
N GLN A 534 -32.44 32.30 -12.68
CA GLN A 534 -31.48 33.27 -13.20
C GLN A 534 -31.43 34.51 -12.31
N VAL A 535 -32.60 34.98 -11.90
CA VAL A 535 -32.68 36.15 -11.04
C VAL A 535 -32.07 35.86 -9.67
N ARG A 536 -32.43 34.73 -9.09
CA ARG A 536 -31.92 34.33 -7.78
C ARG A 536 -30.40 34.13 -7.84
N HIS A 537 -29.95 33.58 -8.96
CA HIS A 537 -28.54 33.31 -9.19
C HIS A 537 -27.72 34.59 -9.16
N ASP A 538 -28.19 35.58 -9.90
CA ASP A 538 -27.50 36.87 -9.98
C ASP A 538 -27.57 37.64 -8.68
N ALA A 539 -28.62 37.38 -7.91
CA ALA A 539 -28.79 38.04 -6.62
C ALA A 539 -27.68 37.61 -5.66
N VAL A 540 -27.29 36.35 -5.78
CA VAL A 540 -26.23 35.80 -4.93
C VAL A 540 -24.87 36.34 -5.37
N LEU A 541 -24.71 36.55 -6.66
CA LEU A 541 -23.45 37.08 -7.20
C LEU A 541 -23.13 38.43 -6.57
N GLU A 542 -24.10 39.33 -6.59
CA GLU A 542 -23.94 40.67 -6.01
C GLU A 542 -23.84 40.59 -4.49
N ALA A 543 -24.40 39.53 -3.91
CA ALA A 543 -24.36 39.33 -2.47
C ALA A 543 -22.97 38.95 -1.99
N GLY A 544 -22.15 38.40 -2.88
CA GLY A 544 -20.80 38.02 -2.52
C GLY A 544 -20.51 36.55 -2.74
N GLY A 545 -21.45 35.83 -3.34
CA GLY A 545 -21.25 34.42 -3.60
C GLY A 545 -21.46 33.55 -2.37
N LEU A 546 -21.08 32.28 -2.48
CA LEU A 546 -21.23 31.34 -1.38
C LEU A 546 -20.28 31.69 -0.24
N HIS A 547 -20.84 31.89 0.95
CA HIS A 547 -20.05 32.24 2.12
C HIS A 547 -19.86 31.03 3.02
N ILE A 548 -18.61 30.69 3.29
CA ILE A 548 -18.27 29.56 4.14
C ILE A 548 -17.76 30.04 5.49
N ILE A 549 -18.30 29.48 6.56
CA ILE A 549 -17.90 29.84 7.91
C ILE A 549 -17.34 28.61 8.63
N GLY A 550 -16.12 28.74 9.11
CA GLY A 550 -15.49 27.64 9.82
C GLY A 550 -15.54 27.83 11.32
N THR A 551 -16.07 26.84 12.02
CA THR A 551 -16.17 26.89 13.47
C THR A 551 -14.86 26.45 14.11
N GLU A 552 -14.17 25.56 13.40
CA GLU A 552 -12.88 25.04 13.85
C GLU A 552 -12.07 24.61 12.64
N ARG A 553 -10.77 24.64 12.76
CA ARG A 553 -9.89 24.23 11.67
C ARG A 553 -9.38 22.82 11.90
N HIS A 554 -8.96 22.18 10.83
CA HIS A 554 -8.43 20.81 10.92
C HIS A 554 -6.94 20.85 11.22
N GLU A 555 -6.45 19.80 11.87
CA GLU A 555 -5.02 19.71 12.20
C GLU A 555 -4.20 19.73 10.93
N SER A 556 -4.64 18.94 9.96
CA SER A 556 -3.97 18.88 8.67
C SER A 556 -4.55 19.92 7.74
N ARG A 557 -3.67 20.71 7.13
CA ARG A 557 -4.09 21.77 6.22
C ARG A 557 -4.61 21.18 4.92
N ARG A 558 -4.23 19.94 4.63
CA ARG A 558 -4.68 19.26 3.42
C ARG A 558 -6.21 19.24 3.35
N ILE A 559 -6.84 18.78 4.41
CA ILE A 559 -8.30 18.71 4.47
C ILE A 559 -8.88 20.07 4.81
N ASP A 560 -8.13 20.86 5.58
CA ASP A 560 -8.55 22.20 5.98
C ASP A 560 -8.74 23.10 4.78
N ASN A 561 -7.83 22.98 3.82
CA ASN A 561 -7.88 23.79 2.60
C ASN A 561 -9.05 23.38 1.72
N GLN A 562 -9.41 22.10 1.78
CA GLN A 562 -10.52 21.58 0.99
C GLN A 562 -11.84 22.19 1.44
N LEU A 563 -11.91 22.58 2.71
CA LEU A 563 -13.13 23.18 3.25
C LEU A 563 -13.27 24.62 2.75
N ARG A 564 -12.15 25.24 2.43
CA ARG A 564 -12.14 26.61 1.94
C ARG A 564 -12.38 26.63 0.43
N GLY A 565 -11.98 25.55 -0.24
CA GLY A 565 -12.14 25.47 -1.68
C GLY A 565 -13.52 25.02 -2.11
N ARG A 566 -14.55 25.32 -1.31
CA ARG A 566 -15.91 24.94 -1.64
C ARG A 566 -16.52 25.94 -2.61
N SER A 567 -16.30 27.22 -2.34
CA SER A 567 -16.81 28.29 -3.19
C SER A 567 -15.81 28.60 -4.30
N GLY A 568 -16.21 29.45 -5.24
CA GLY A 568 -15.33 29.81 -6.33
C GLY A 568 -15.08 28.66 -7.29
N ARG A 569 -16.15 27.93 -7.61
CA ARG A 569 -16.05 26.80 -8.52
C ARG A 569 -16.10 27.31 -9.96
N GLN A 570 -15.22 26.78 -10.80
CA GLN A 570 -15.14 27.19 -12.20
C GLN A 570 -14.72 28.65 -12.30
N GLY A 571 -14.16 29.16 -11.21
CA GLY A 571 -13.73 30.53 -11.16
C GLY A 571 -14.88 31.47 -10.87
N ASP A 572 -15.72 31.09 -9.91
CA ASP A 572 -16.88 31.91 -9.54
C ASP A 572 -16.56 32.72 -8.28
N ALA A 573 -17.60 33.24 -7.64
CA ALA A 573 -17.44 34.05 -6.44
C ALA A 573 -17.55 33.22 -5.17
N GLY A 574 -17.28 33.84 -4.04
CA GLY A 574 -17.36 33.16 -2.76
C GLY A 574 -16.54 33.87 -1.69
N SER A 575 -16.75 33.50 -0.45
CA SER A 575 -16.03 34.10 0.66
C SER A 575 -15.82 33.10 1.78
N SER A 576 -14.63 33.09 2.35
CA SER A 576 -14.32 32.17 3.43
C SER A 576 -13.88 32.92 4.68
N ARG A 577 -14.44 32.55 5.82
CA ARG A 577 -14.10 33.18 7.08
C ARG A 577 -14.18 32.16 8.21
N PHE A 578 -13.11 32.07 9.00
CA PHE A 578 -13.07 31.13 10.10
C PHE A 578 -13.01 31.87 11.43
N TYR A 579 -13.61 31.28 12.44
CA TYR A 579 -13.63 31.85 13.78
C TYR A 579 -13.12 30.80 14.76
N LEU A 580 -12.25 31.21 15.67
CA LEU A 580 -11.69 30.27 16.64
C LEU A 580 -11.72 30.88 18.03
N SER A 581 -11.64 30.03 19.04
CA SER A 581 -11.64 30.48 20.42
C SER A 581 -10.48 29.83 21.18
N MET A 582 -10.17 30.38 22.34
CA MET A 582 -9.08 29.86 23.15
C MET A 582 -9.49 28.57 23.86
N GLU A 583 -10.74 28.19 23.69
CA GLU A 583 -11.26 26.97 24.31
C GLU A 583 -11.23 25.82 23.32
N ASP A 584 -10.71 26.09 22.13
CA ASP A 584 -10.63 25.08 21.08
C ASP A 584 -9.33 24.30 21.19
N ALA A 585 -9.41 23.00 20.92
CA ALA A 585 -8.26 22.11 21.00
C ALA A 585 -7.18 22.45 19.97
N LEU A 586 -7.53 23.27 19.00
CA LEU A 586 -6.58 23.67 17.95
C LEU A 586 -5.43 24.49 18.54
N MET A 587 -5.68 25.11 19.68
CA MET A 587 -4.67 25.93 20.34
C MET A 587 -3.64 25.06 21.07
N ARG A 588 -3.87 23.75 21.06
CA ARG A 588 -2.98 22.82 21.74
C ARG A 588 -1.91 22.29 20.80
N ILE A 589 -2.11 22.46 19.49
CA ILE A 589 -1.15 21.96 18.50
C ILE A 589 0.18 22.71 18.58
N PHE A 590 0.15 23.84 19.28
CA PHE A 590 1.34 24.68 19.45
C PHE A 590 2.29 24.07 20.48
N ALA A 591 1.81 23.05 21.20
CA ALA A 591 2.58 22.34 22.24
C ALA A 591 2.75 23.23 23.48
N SER A 592 3.29 24.42 23.28
CA SER A 592 3.48 25.36 24.37
C SER A 592 2.29 26.30 24.42
N ASP A 593 1.41 26.08 25.39
CA ASP A 593 0.19 26.88 25.55
C ASP A 593 0.50 28.34 25.81
N ARG A 594 1.74 28.64 26.18
CA ARG A 594 2.16 30.01 26.43
C ARG A 594 2.05 30.85 25.17
N VAL A 595 2.28 30.22 24.01
CA VAL A 595 2.20 30.91 22.73
C VAL A 595 0.76 31.29 22.44
N SER A 596 -0.14 30.33 22.59
CA SER A 596 -1.56 30.55 22.37
C SER A 596 -2.12 31.50 23.41
N GLY A 597 -1.66 31.36 24.64
CA GLY A 597 -2.11 32.20 25.73
C GLY A 597 -1.73 33.66 25.53
N MET A 598 -0.65 33.89 24.80
CA MET A 598 -0.16 35.23 24.52
C MET A 598 -1.14 35.98 23.60
N MET A 599 -1.99 35.21 22.92
CA MET A 599 -2.97 35.79 22.00
C MET A 599 -4.13 36.40 22.78
N ARG A 600 -4.23 36.06 24.06
CA ARG A 600 -5.30 36.59 24.92
C ARG A 600 -5.03 38.06 25.24
N LYS A 601 -3.83 38.51 24.94
CA LYS A 601 -3.45 39.90 25.20
C LYS A 601 -3.92 40.82 24.07
N LEU A 602 -4.61 40.23 23.09
CA LEU A 602 -5.12 40.98 21.95
C LEU A 602 -6.35 41.80 22.36
N GLY A 603 -6.91 41.47 23.52
CA GLY A 603 -8.08 42.18 24.00
C GLY A 603 -9.37 41.50 23.57
N MET A 604 -9.32 40.87 22.39
CA MET A 604 -10.45 40.16 21.80
C MET A 604 -11.55 41.12 21.36
N LYS A 605 -12.19 41.78 22.32
CA LYS A 605 -13.26 42.73 22.05
C LYS A 605 -14.40 42.06 21.29
N PRO A 606 -15.25 41.30 21.99
CA PRO A 606 -16.39 40.59 21.40
C PRO A 606 -17.34 41.53 20.66
N GLY A 607 -17.49 41.30 19.36
CA GLY A 607 -18.37 42.13 18.56
C GLY A 607 -17.60 43.15 17.75
N GLU A 608 -16.31 43.26 18.02
CA GLU A 608 -15.47 44.20 17.31
C GLU A 608 -14.48 43.45 16.43
N ALA A 609 -14.55 43.72 15.13
CA ALA A 609 -13.67 43.07 14.18
C ALA A 609 -12.30 43.74 14.18
N ILE A 610 -11.36 43.15 14.92
CA ILE A 610 -10.01 43.68 15.01
C ILE A 610 -9.25 43.44 13.70
N GLU A 611 -9.69 42.43 12.94
CA GLU A 611 -9.09 42.08 11.65
C GLU A 611 -7.56 42.00 11.71
N HIS A 612 -7.06 40.84 12.15
CA HIS A 612 -5.62 40.64 12.25
C HIS A 612 -5.18 39.52 11.30
N PRO A 613 -4.75 39.87 10.08
CA PRO A 613 -4.31 38.89 9.07
C PRO A 613 -3.11 38.06 9.50
N TRP A 614 -2.26 38.62 10.35
CA TRP A 614 -1.07 37.90 10.81
C TRP A 614 -1.47 36.69 11.65
N VAL A 615 -2.65 36.75 12.28
CA VAL A 615 -3.13 35.65 13.09
C VAL A 615 -3.43 34.45 12.20
N THR A 616 -4.05 34.73 11.06
CA THR A 616 -4.41 33.70 10.09
C THR A 616 -3.14 33.03 9.57
N LYS A 617 -2.10 33.84 9.35
CA LYS A 617 -0.84 33.33 8.86
C LYS A 617 -0.15 32.48 9.93
N ALA A 618 -0.27 32.93 11.18
CA ALA A 618 0.32 32.21 12.30
C ALA A 618 -0.32 30.82 12.42
N ILE A 619 -1.62 30.75 12.17
CA ILE A 619 -2.35 29.49 12.21
C ILE A 619 -1.93 28.61 11.05
N ALA A 620 -1.82 29.21 9.87
CA ALA A 620 -1.43 28.47 8.67
C ALA A 620 -0.03 27.88 8.86
N ASN A 621 0.86 28.67 9.44
CA ASN A 621 2.22 28.22 9.69
C ASN A 621 2.23 27.11 10.73
N ALA A 622 1.33 27.22 11.71
CA ALA A 622 1.22 26.23 12.77
C ALA A 622 0.76 24.89 12.17
N GLN A 623 -0.19 24.96 11.25
CA GLN A 623 -0.70 23.77 10.58
C GLN A 623 0.41 23.10 9.79
N ARG A 624 1.27 23.91 9.18
CA ARG A 624 2.39 23.40 8.40
C ARG A 624 3.32 22.58 9.29
N LYS A 625 3.45 23.00 10.54
CA LYS A 625 4.30 22.29 11.50
C LYS A 625 3.73 20.90 11.76
N VAL A 626 2.40 20.83 11.83
CA VAL A 626 1.70 19.57 12.06
C VAL A 626 1.98 18.60 10.92
N GLU A 627 1.81 19.09 9.69
CA GLU A 627 2.05 18.29 8.50
C GLU A 627 3.52 17.86 8.43
N SER A 628 4.39 18.71 8.96
CA SER A 628 5.82 18.42 8.97
C SER A 628 6.12 17.26 9.93
N ARG A 629 5.23 17.06 10.90
CA ARG A 629 5.39 15.98 11.86
C ARG A 629 5.07 14.66 11.17
N ASN A 630 4.10 14.70 10.25
CA ASN A 630 3.70 13.52 9.49
C ASN A 630 4.85 13.08 8.60
N PHE A 631 5.50 14.06 7.98
CA PHE A 631 6.64 13.81 7.10
C PHE A 631 7.72 13.03 7.83
N ASP A 632 8.00 13.43 9.07
CA ASP A 632 9.01 12.77 9.89
C ASP A 632 8.66 11.30 10.11
N ILE A 633 7.39 11.05 10.40
CA ILE A 633 6.90 9.70 10.61
C ILE A 633 7.03 8.87 9.34
N ARG A 634 6.59 9.44 8.23
CA ARG A 634 6.66 8.78 6.94
C ARG A 634 8.12 8.47 6.58
N LYS A 635 8.98 9.45 6.82
CA LYS A 635 10.41 9.32 6.55
C LYS A 635 10.98 8.09 7.26
N GLN A 636 10.64 7.93 8.53
CA GLN A 636 11.12 6.80 9.31
C GLN A 636 10.60 5.49 8.77
N LEU A 637 9.32 5.49 8.39
CA LEU A 637 8.67 4.30 7.84
C LEU A 637 9.29 3.93 6.49
N LEU A 638 9.55 4.93 5.66
CA LEU A 638 10.14 4.71 4.34
C LEU A 638 11.49 4.00 4.46
N GLU A 639 12.30 4.42 5.42
CA GLU A 639 13.61 3.84 5.63
C GLU A 639 13.54 2.38 6.09
N TYR A 640 12.35 1.96 6.50
CA TYR A 640 12.15 0.59 6.96
C TYR A 640 11.48 -0.26 5.90
N ASP A 641 10.53 0.33 5.19
CA ASP A 641 9.78 -0.39 4.15
C ASP A 641 10.52 -0.42 2.82
N ASP A 642 11.39 0.56 2.57
CA ASP A 642 12.15 0.60 1.32
C ASP A 642 13.10 -0.58 1.23
N VAL A 643 13.58 -1.04 2.38
CA VAL A 643 14.47 -2.18 2.45
C VAL A 643 13.76 -3.42 1.92
N ALA A 644 12.54 -3.63 2.41
CA ALA A 644 11.74 -4.78 2.00
C ALA A 644 11.31 -4.64 0.55
N ASN A 645 11.21 -3.39 0.08
CA ASN A 645 10.82 -3.10 -1.29
C ASN A 645 11.84 -3.67 -2.27
N ASP A 646 13.12 -3.39 -2.00
CA ASP A 646 14.19 -3.88 -2.87
C ASP A 646 14.22 -5.41 -2.88
N GLN A 647 14.10 -6.00 -1.70
CA GLN A 647 14.10 -7.45 -1.57
C GLN A 647 12.93 -8.06 -2.33
N ARG A 648 11.76 -7.44 -2.18
CA ARG A 648 10.55 -7.89 -2.86
C ARG A 648 10.74 -7.77 -4.37
N ARG A 649 11.32 -6.66 -4.79
CA ARG A 649 11.56 -6.40 -6.20
C ARG A 649 12.52 -7.43 -6.79
N ALA A 650 13.59 -7.71 -6.07
CA ALA A 650 14.59 -8.67 -6.52
C ALA A 650 14.02 -10.09 -6.61
N ILE A 651 13.35 -10.53 -5.56
CA ILE A 651 12.77 -11.88 -5.55
C ILE A 651 11.65 -12.01 -6.59
N TYR A 652 10.86 -10.95 -6.77
CA TYR A 652 9.79 -10.98 -7.75
C TYR A 652 10.36 -11.03 -9.15
N SER A 653 11.43 -10.27 -9.37
CA SER A 653 12.09 -10.24 -10.66
C SER A 653 12.58 -11.64 -11.02
N GLN A 654 13.29 -12.26 -10.09
CA GLN A 654 13.82 -13.60 -10.28
C GLN A 654 12.70 -14.59 -10.58
N ARG A 655 11.64 -14.54 -9.78
CA ARG A 655 10.49 -15.44 -9.95
C ARG A 655 9.83 -15.25 -11.31
N ASN A 656 9.73 -14.01 -11.76
CA ASN A 656 9.11 -13.71 -13.04
C ASN A 656 10.00 -14.12 -14.21
N GLU A 657 11.28 -13.81 -14.10
CA GLU A 657 12.24 -14.14 -15.16
C GLU A 657 12.25 -15.65 -15.43
N LEU A 658 12.13 -16.44 -14.37
CA LEU A 658 12.12 -17.89 -14.49
C LEU A 658 10.70 -18.41 -14.73
N LEU A 659 9.73 -17.51 -14.69
CA LEU A 659 8.34 -17.87 -14.89
C LEU A 659 7.97 -17.87 -16.37
N ASP A 660 8.37 -16.81 -17.07
CA ASP A 660 8.06 -16.67 -18.48
C ASP A 660 8.83 -17.70 -19.32
N VAL A 661 10.09 -17.91 -18.99
CA VAL A 661 10.92 -18.86 -19.72
C VAL A 661 10.54 -20.29 -19.41
N SER A 662 10.99 -21.21 -20.25
CA SER A 662 10.68 -22.62 -20.06
C SER A 662 11.95 -23.44 -19.79
N ASP A 663 13.02 -23.09 -20.45
CA ASP A 663 14.29 -23.79 -20.27
C ASP A 663 15.00 -23.31 -19.02
N VAL A 664 14.62 -23.88 -17.88
CA VAL A 664 15.22 -23.53 -16.60
C VAL A 664 16.35 -24.51 -16.27
N SER A 665 16.49 -25.51 -17.13
CA SER A 665 17.50 -26.55 -16.98
C SER A 665 18.90 -25.97 -16.88
N GLU A 666 19.17 -24.92 -17.66
CA GLU A 666 20.48 -24.27 -17.65
C GLU A 666 20.81 -23.75 -16.25
N THR A 667 19.86 -23.01 -15.68
CA THR A 667 20.03 -22.45 -14.35
C THR A 667 20.13 -23.55 -13.30
N ILE A 668 19.25 -24.54 -13.41
CA ILE A 668 19.22 -25.67 -12.48
C ILE A 668 20.57 -26.39 -12.41
N ASN A 669 21.10 -26.77 -13.56
CA ASN A 669 22.37 -27.49 -13.59
C ASN A 669 23.54 -26.62 -13.14
N SER A 670 23.50 -25.33 -13.47
CA SER A 670 24.55 -24.40 -13.09
C SER A 670 24.63 -24.23 -11.57
N ILE A 671 23.47 -24.02 -10.93
CA ILE A 671 23.44 -23.84 -9.49
C ILE A 671 23.66 -25.17 -8.77
N ARG A 672 23.41 -26.28 -9.48
CA ARG A 672 23.58 -27.61 -8.91
C ARG A 672 25.02 -27.83 -8.50
N GLU A 673 25.93 -27.35 -9.33
CA GLU A 673 27.36 -27.47 -9.06
C GLU A 673 27.74 -26.72 -7.80
N ASP A 674 27.13 -25.56 -7.59
CA ASP A 674 27.40 -24.74 -6.42
C ASP A 674 26.81 -25.35 -5.17
N VAL A 675 25.55 -25.77 -5.25
CA VAL A 675 24.87 -26.37 -4.10
C VAL A 675 25.62 -27.60 -3.60
N PHE A 676 26.01 -28.47 -4.53
CA PHE A 676 26.74 -29.68 -4.17
C PHE A 676 28.07 -29.32 -3.53
N LYS A 677 28.76 -28.33 -4.08
CA LYS A 677 30.04 -27.90 -3.53
C LYS A 677 29.86 -27.34 -2.13
N ALA A 678 28.82 -26.54 -1.94
CA ALA A 678 28.53 -25.94 -0.65
C ALA A 678 28.30 -27.00 0.41
N THR A 679 27.59 -28.06 0.03
CA THR A 679 27.31 -29.15 0.94
C THR A 679 28.59 -29.92 1.28
N ILE A 680 29.46 -30.07 0.28
CA ILE A 680 30.71 -30.78 0.47
C ILE A 680 31.70 -29.93 1.27
N ASP A 681 31.79 -28.65 0.93
CA ASP A 681 32.69 -27.71 1.59
C ASP A 681 32.47 -27.66 3.11
N ALA A 682 31.22 -27.88 3.51
CA ALA A 682 30.86 -27.85 4.93
C ALA A 682 31.51 -28.99 5.70
N TYR A 683 31.78 -30.10 5.02
CA TYR A 683 32.37 -31.27 5.66
C TYR A 683 33.82 -31.49 5.21
N ILE A 684 34.14 -30.94 4.04
CA ILE A 684 35.48 -31.06 3.48
C ILE A 684 36.05 -29.68 3.15
N PRO A 685 36.91 -29.15 4.01
CA PRO A 685 37.55 -27.85 3.80
C PRO A 685 38.45 -27.89 2.57
N PRO A 686 38.30 -26.92 1.66
CA PRO A 686 39.08 -26.84 0.42
C PRO A 686 40.58 -27.03 0.64
N GLN A 687 41.09 -28.17 0.19
CA GLN A 687 42.51 -28.51 0.29
C GLN A 687 42.97 -28.55 1.76
N SER A 688 42.84 -29.70 2.38
CA SER A 688 43.25 -29.86 3.78
C SER A 688 43.59 -31.33 4.07
N LEU A 689 43.75 -31.66 5.34
CA LEU A 689 44.07 -33.03 5.73
C LEU A 689 42.84 -33.92 5.55
N GLU A 690 43.06 -35.11 5.00
CA GLU A 690 41.98 -36.07 4.75
C GLU A 690 41.26 -36.46 6.03
N GLU A 691 41.98 -36.49 7.14
CA GLU A 691 41.40 -36.86 8.43
C GLU A 691 40.56 -35.72 9.01
N MET A 692 40.56 -34.58 8.34
CA MET A 692 39.78 -33.44 8.79
C MET A 692 38.49 -33.34 7.97
N TRP A 693 38.25 -34.38 7.18
CA TRP A 693 37.07 -34.44 6.34
C TRP A 693 36.03 -35.36 6.96
N ASP A 694 34.82 -34.84 7.16
CA ASP A 694 33.75 -35.65 7.72
C ASP A 694 33.11 -36.48 6.62
N ILE A 695 33.81 -37.55 6.24
CA ILE A 695 33.33 -38.45 5.20
C ILE A 695 32.03 -39.13 5.61
N PRO A 696 31.94 -39.73 6.83
CA PRO A 696 30.70 -40.38 7.30
C PRO A 696 29.51 -39.43 7.27
N GLY A 697 29.71 -38.21 7.78
CA GLY A 697 28.65 -37.23 7.79
C GLY A 697 28.22 -36.83 6.39
N LEU A 698 29.20 -36.64 5.51
CA LEU A 698 28.92 -36.26 4.13
C LEU A 698 28.15 -37.37 3.41
N GLN A 699 28.56 -38.61 3.62
CA GLN A 699 27.90 -39.75 2.98
C GLN A 699 26.45 -39.83 3.43
N GLU A 700 26.22 -39.72 4.73
CA GLU A 700 24.87 -39.77 5.28
C GLU A 700 24.06 -38.57 4.81
N ARG A 701 24.74 -37.42 4.68
CA ARG A 701 24.10 -36.19 4.23
C ARG A 701 23.54 -36.38 2.82
N LEU A 702 24.36 -36.94 1.94
CA LEU A 702 23.95 -37.18 0.56
C LEU A 702 22.73 -38.11 0.50
N LYS A 703 22.71 -39.09 1.40
CA LYS A 703 21.61 -40.05 1.45
C LYS A 703 20.33 -39.43 2.01
N ASN A 704 20.47 -38.33 2.74
CA ASN A 704 19.31 -37.69 3.34
C ASN A 704 18.82 -36.49 2.53
N ASP A 705 19.74 -35.68 2.04
CA ASP A 705 19.37 -34.48 1.30
C ASP A 705 19.36 -34.67 -0.21
N PHE A 706 20.09 -35.64 -0.74
CA PHE A 706 20.14 -35.81 -2.18
C PHE A 706 19.65 -37.18 -2.65
N ASP A 707 19.22 -38.02 -1.71
CA ASP A 707 18.72 -39.36 -2.06
C ASP A 707 19.79 -40.15 -2.82
N LEU A 708 21.04 -39.87 -2.50
CA LEU A 708 22.16 -40.54 -3.17
C LEU A 708 23.10 -41.18 -2.17
N ASP A 709 23.38 -42.46 -2.38
CA ASP A 709 24.28 -43.20 -1.50
C ASP A 709 25.63 -43.38 -2.16
N LEU A 710 26.61 -42.61 -1.70
CA LEU A 710 27.96 -42.68 -2.27
C LEU A 710 28.98 -43.06 -1.20
N PRO A 711 29.44 -44.32 -1.20
CA PRO A 711 30.44 -44.80 -0.24
C PRO A 711 31.83 -44.26 -0.55
N ILE A 712 32.03 -42.98 -0.27
CA ILE A 712 33.30 -42.31 -0.52
C ILE A 712 34.46 -43.01 0.17
N ALA A 713 34.26 -43.42 1.41
CA ALA A 713 35.30 -44.11 2.18
C ALA A 713 35.66 -45.46 1.56
N GLU A 714 34.75 -46.01 0.77
CA GLU A 714 34.98 -47.30 0.13
C GLU A 714 35.84 -47.12 -1.13
N TRP A 715 35.92 -45.89 -1.60
CA TRP A 715 36.71 -45.59 -2.79
C TRP A 715 38.05 -44.97 -2.39
N LEU A 716 37.99 -44.03 -1.45
CA LEU A 716 39.18 -43.31 -0.98
C LEU A 716 40.26 -44.27 -0.44
N ASP A 717 39.83 -45.42 0.06
CA ASP A 717 40.77 -46.40 0.61
C ASP A 717 41.34 -47.32 -0.46
N LYS A 718 40.77 -47.27 -1.65
CA LYS A 718 41.22 -48.12 -2.75
C LYS A 718 41.89 -47.30 -3.85
N GLU A 719 41.28 -46.19 -4.23
CA GLU A 719 41.83 -45.32 -5.25
C GLU A 719 42.17 -43.95 -4.66
N PRO A 720 43.43 -43.75 -4.26
CA PRO A 720 43.88 -42.48 -3.68
C PRO A 720 44.01 -41.38 -4.73
N GLU A 721 43.52 -41.66 -5.93
CA GLU A 721 43.57 -40.71 -7.03
C GLU A 721 42.43 -39.69 -6.87
N LEU A 722 41.55 -39.95 -5.93
CA LEU A 722 40.43 -39.06 -5.66
C LEU A 722 40.94 -37.72 -5.14
N HIS A 723 41.96 -37.79 -4.27
CA HIS A 723 42.57 -36.60 -3.67
C HIS A 723 41.52 -35.73 -3.00
N GLU A 724 41.06 -34.70 -3.71
CA GLU A 724 40.05 -33.78 -3.19
C GLU A 724 39.12 -33.33 -4.30
N GLU A 725 39.70 -32.72 -5.33
CA GLU A 725 38.95 -32.23 -6.48
C GLU A 725 38.26 -33.37 -7.21
N THR A 726 39.01 -34.42 -7.50
CA THR A 726 38.46 -35.58 -8.20
C THR A 726 37.33 -36.20 -7.39
N LEU A 727 37.46 -36.13 -6.06
CA LEU A 727 36.46 -36.66 -5.16
C LEU A 727 35.15 -35.90 -5.36
N ARG A 728 35.25 -34.58 -5.48
CA ARG A 728 34.08 -33.74 -5.68
C ARG A 728 33.44 -34.04 -7.04
N GLU A 729 34.28 -34.10 -8.07
CA GLU A 729 33.83 -34.38 -9.42
C GLU A 729 33.10 -35.71 -9.50
N ARG A 730 33.61 -36.71 -8.79
CA ARG A 730 32.99 -38.04 -8.78
C ARG A 730 31.58 -37.95 -8.21
N ILE A 731 31.41 -37.15 -7.17
CA ILE A 731 30.12 -36.98 -6.53
C ILE A 731 29.16 -36.25 -7.46
N LEU A 732 29.66 -35.20 -8.10
CA LEU A 732 28.84 -34.41 -9.02
C LEU A 732 28.45 -35.22 -10.25
N ALA A 733 29.40 -35.98 -10.79
CA ALA A 733 29.14 -36.80 -11.97
C ALA A 733 28.13 -37.90 -11.63
N GLN A 734 28.30 -38.52 -10.48
CA GLN A 734 27.41 -39.60 -10.05
C GLN A 734 26.00 -39.08 -9.82
N SER A 735 25.87 -37.90 -9.22
CA SER A 735 24.55 -37.33 -8.96
C SER A 735 23.84 -37.00 -10.27
N ILE A 736 24.56 -36.39 -11.20
CA ILE A 736 24.00 -36.03 -12.50
C ILE A 736 23.59 -37.29 -13.25
N GLU A 737 24.42 -38.33 -13.13
CA GLU A 737 24.16 -39.60 -13.80
C GLU A 737 22.84 -40.19 -13.30
N VAL A 738 22.70 -40.34 -11.99
CA VAL A 738 21.49 -40.89 -11.40
C VAL A 738 20.30 -39.96 -11.68
N TYR A 739 20.57 -38.66 -11.70
CA TYR A 739 19.54 -37.67 -11.97
C TYR A 739 18.92 -37.90 -13.34
N GLN A 740 19.78 -38.04 -14.35
CA GLN A 740 19.34 -38.27 -15.72
C GLN A 740 18.63 -39.61 -15.83
N ARG A 741 19.07 -40.57 -15.02
CA ARG A 741 18.46 -41.89 -15.00
C ARG A 741 17.03 -41.80 -14.46
N LYS A 742 16.85 -41.00 -13.42
CA LYS A 742 15.53 -40.80 -12.84
C LYS A 742 14.64 -40.08 -13.85
N GLU A 743 15.24 -39.12 -14.55
CA GLU A 743 14.55 -38.32 -15.56
C GLU A 743 13.98 -39.21 -16.68
N GLU A 744 14.74 -40.22 -17.07
CA GLU A 744 14.33 -41.13 -18.15
C GLU A 744 13.05 -41.89 -17.81
N VAL A 745 12.73 -41.99 -16.53
CA VAL A 745 11.54 -42.71 -16.10
C VAL A 745 10.32 -41.81 -16.08
N VAL A 746 10.54 -40.52 -15.88
CA VAL A 746 9.44 -39.56 -15.81
C VAL A 746 9.25 -38.86 -17.17
N GLY A 747 10.34 -38.50 -17.80
CA GLY A 747 10.28 -37.82 -19.07
C GLY A 747 11.05 -36.51 -19.02
N ALA A 748 11.91 -36.30 -20.02
CA ALA A 748 12.71 -35.09 -20.09
C ALA A 748 11.85 -33.83 -20.05
N GLU A 749 10.80 -33.82 -20.85
CA GLU A 749 9.89 -32.68 -20.92
C GLU A 749 9.17 -32.48 -19.60
N MET A 750 8.80 -33.58 -18.97
CA MET A 750 8.10 -33.54 -17.69
C MET A 750 9.02 -33.04 -16.58
N MET A 751 10.26 -33.52 -16.59
CA MET A 751 11.23 -33.12 -15.57
C MET A 751 11.48 -31.63 -15.62
N ARG A 752 11.55 -31.07 -16.82
CA ARG A 752 11.77 -29.63 -16.98
C ARG A 752 10.65 -28.86 -16.31
N HIS A 753 9.43 -29.35 -16.48
CA HIS A 753 8.26 -28.71 -15.89
C HIS A 753 8.28 -28.91 -14.37
N PHE A 754 8.79 -30.06 -13.94
CA PHE A 754 8.90 -30.39 -12.53
C PHE A 754 9.89 -29.46 -11.86
N GLU A 755 11.05 -29.29 -12.50
CA GLU A 755 12.10 -28.41 -11.97
C GLU A 755 11.58 -26.99 -11.83
N LYS A 756 10.88 -26.53 -12.86
CA LYS A 756 10.30 -25.19 -12.85
C LYS A 756 9.30 -25.05 -11.71
N GLY A 757 8.50 -26.09 -11.51
CA GLY A 757 7.52 -26.10 -10.46
C GLY A 757 8.15 -26.09 -9.09
N VAL A 758 9.17 -26.91 -8.90
CA VAL A 758 9.88 -27.00 -7.63
C VAL A 758 10.50 -25.66 -7.26
N MET A 759 11.07 -24.98 -8.24
CA MET A 759 11.68 -23.66 -8.00
C MET A 759 10.66 -22.70 -7.41
N LEU A 760 9.50 -22.64 -8.05
CA LEU A 760 8.42 -21.76 -7.59
C LEU A 760 7.89 -22.25 -6.24
N GLN A 761 7.77 -23.56 -6.10
CA GLN A 761 7.28 -24.18 -4.87
C GLN A 761 8.07 -23.69 -3.66
N THR A 762 9.37 -23.89 -3.69
CA THR A 762 10.24 -23.49 -2.59
C THR A 762 10.31 -21.96 -2.47
N LEU A 763 10.29 -21.28 -3.61
CA LEU A 763 10.38 -19.82 -3.63
C LEU A 763 9.17 -19.20 -2.92
N ASP A 764 7.98 -19.58 -3.34
CA ASP A 764 6.74 -19.05 -2.77
C ASP A 764 6.62 -19.41 -1.30
N SER A 765 7.06 -20.61 -0.93
CA SER A 765 7.00 -21.05 0.45
C SER A 765 7.92 -20.21 1.33
N LEU A 766 9.13 -19.93 0.84
CA LEU A 766 10.09 -19.13 1.58
C LEU A 766 9.74 -17.65 1.52
N TRP A 767 9.00 -17.26 0.49
CA TRP A 767 8.60 -15.87 0.33
C TRP A 767 7.64 -15.45 1.45
N LYS A 768 6.59 -16.24 1.64
CA LYS A 768 5.62 -15.94 2.69
C LYS A 768 6.29 -15.96 4.06
N GLU A 769 7.26 -16.85 4.23
CA GLU A 769 7.99 -16.95 5.49
C GLU A 769 8.88 -15.73 5.65
N HIS A 770 9.48 -15.29 4.55
CA HIS A 770 10.34 -14.12 4.57
C HIS A 770 9.55 -12.89 5.00
N LEU A 771 8.27 -12.88 4.65
CA LEU A 771 7.40 -11.78 5.03
C LEU A 771 7.23 -11.75 6.54
N ALA A 772 6.99 -12.92 7.12
CA ALA A 772 6.83 -13.04 8.56
C ALA A 772 8.15 -12.77 9.26
N ALA A 773 9.22 -13.30 8.70
CA ALA A 773 10.56 -13.12 9.25
C ALA A 773 10.94 -11.64 9.28
N MET A 774 10.61 -10.92 8.21
CA MET A 774 10.90 -9.50 8.12
C MET A 774 10.10 -8.74 9.17
N ASP A 775 8.87 -9.18 9.39
CA ASP A 775 8.00 -8.56 10.38
C ASP A 775 8.56 -8.78 11.78
N TYR A 776 9.08 -9.99 12.01
CA TYR A 776 9.66 -10.35 13.29
C TYR A 776 10.91 -9.51 13.55
N LEU A 777 11.71 -9.34 12.52
CA LEU A 777 12.94 -8.56 12.63
C LEU A 777 12.62 -7.08 12.76
N ARG A 778 11.58 -6.63 12.08
CA ARG A 778 11.16 -5.23 12.12
C ARG A 778 10.87 -4.79 13.55
N GLN A 779 10.26 -5.65 14.32
CA GLN A 779 9.94 -5.35 15.71
C GLN A 779 11.08 -5.74 16.64
N GLY A 780 11.79 -6.80 16.29
CA GLY A 780 12.89 -7.29 17.10
C GLY A 780 14.13 -6.42 17.02
N ILE A 781 14.29 -5.70 15.92
CA ILE A 781 15.46 -4.84 15.74
C ILE A 781 15.42 -3.64 16.68
N HIS A 782 14.25 -3.40 17.27
CA HIS A 782 14.09 -2.27 18.19
C HIS A 782 14.89 -2.50 19.48
N LEU A 783 15.06 -3.76 19.86
CA LEU A 783 15.81 -4.10 21.06
C LEU A 783 17.25 -4.46 20.70
N ARG A 784 17.54 -4.45 19.40
CA ARG A 784 18.88 -4.76 18.91
C ARG A 784 19.64 -3.48 18.61
N GLY A 785 18.93 -2.37 18.65
CA GLY A 785 19.53 -1.09 18.37
C GLY A 785 20.27 -0.52 19.56
N TYR A 786 21.48 -1.01 19.79
CA TYR A 786 22.29 -0.55 20.91
C TYR A 786 22.79 0.87 20.65
N ALA A 787 23.16 1.55 21.73
CA ALA A 787 23.65 2.92 21.65
C ALA A 787 24.83 3.07 20.70
N GLN A 788 24.96 4.26 20.12
CA GLN A 788 26.04 4.61 19.17
C GLN A 788 25.75 4.07 17.77
N LYS A 789 25.07 2.95 17.69
CA LYS A 789 24.74 2.35 16.40
C LYS A 789 23.35 2.79 15.96
N ASP A 790 23.19 3.00 14.66
CA ASP A 790 21.91 3.41 14.11
C ASP A 790 21.03 2.18 13.89
N PRO A 791 19.85 2.14 14.53
CA PRO A 791 18.92 1.00 14.43
C PRO A 791 18.35 0.80 13.02
N LYS A 792 18.30 1.86 12.24
CA LYS A 792 17.79 1.78 10.88
C LYS A 792 18.81 1.10 9.99
N GLN A 793 20.06 1.55 10.11
CA GLN A 793 21.16 0.99 9.33
C GLN A 793 21.40 -0.47 9.73
N GLU A 794 21.26 -0.76 11.02
CA GLU A 794 21.45 -2.12 11.51
C GLU A 794 20.34 -3.01 10.95
N TYR A 795 19.13 -2.47 10.94
CA TYR A 795 17.97 -3.17 10.42
C TYR A 795 18.18 -3.60 8.97
N LYS A 796 18.72 -2.67 8.18
CA LYS A 796 19.00 -2.93 6.78
C LYS A 796 20.02 -4.06 6.62
N ARG A 797 21.10 -3.97 7.39
CA ARG A 797 22.16 -4.98 7.32
C ARG A 797 21.63 -6.36 7.70
N GLU A 798 20.89 -6.44 8.80
CA GLU A 798 20.33 -7.70 9.28
C GLU A 798 19.38 -8.32 8.24
N SER A 799 18.49 -7.50 7.70
CA SER A 799 17.52 -7.98 6.71
C SER A 799 18.21 -8.41 5.42
N PHE A 800 19.24 -7.68 5.00
CA PHE A 800 19.97 -8.02 3.78
C PHE A 800 20.69 -9.34 3.96
N SER A 801 21.17 -9.59 5.17
CA SER A 801 21.87 -10.83 5.47
C SER A 801 20.87 -12.00 5.44
N MET A 802 19.68 -11.75 5.98
CA MET A 802 18.63 -12.75 6.01
C MET A 802 18.20 -13.13 4.59
N PHE A 803 18.18 -12.13 3.72
CA PHE A 803 17.79 -12.34 2.32
C PHE A 803 18.82 -13.21 1.61
N ALA A 804 20.10 -12.93 1.84
CA ALA A 804 21.17 -13.70 1.23
C ALA A 804 21.11 -15.15 1.66
N ALA A 805 21.00 -15.37 2.96
CA ALA A 805 20.92 -16.71 3.52
C ALA A 805 19.69 -17.44 2.99
N MET A 806 18.61 -16.70 2.79
CA MET A 806 17.38 -17.27 2.27
C MET A 806 17.58 -17.78 0.86
N LEU A 807 18.28 -17.00 0.04
CA LEU A 807 18.55 -17.38 -1.34
C LEU A 807 19.46 -18.60 -1.39
N GLU A 808 20.45 -18.61 -0.49
CA GLU A 808 21.40 -19.72 -0.41
C GLU A 808 20.67 -21.01 -0.03
N SER A 809 19.72 -20.89 0.88
CA SER A 809 18.94 -22.04 1.33
C SER A 809 17.89 -22.43 0.28
N LEU A 810 17.47 -21.44 -0.50
CA LEU A 810 16.49 -21.65 -1.55
C LEU A 810 17.01 -22.62 -2.61
N LYS A 811 18.16 -22.27 -3.20
CA LYS A 811 18.77 -23.11 -4.22
C LYS A 811 19.12 -24.49 -3.65
N TYR A 812 19.42 -24.51 -2.35
CA TYR A 812 19.78 -25.74 -1.66
C TYR A 812 18.62 -26.74 -1.70
N GLU A 813 17.45 -26.32 -1.22
CA GLU A 813 16.29 -27.19 -1.19
C GLU A 813 15.78 -27.49 -2.60
N VAL A 814 15.96 -26.55 -3.52
CA VAL A 814 15.53 -26.76 -4.90
C VAL A 814 16.27 -27.95 -5.50
N ILE A 815 17.60 -27.88 -5.49
CA ILE A 815 18.43 -28.96 -6.02
C ILE A 815 18.21 -30.24 -5.21
N SER A 816 18.05 -30.06 -3.90
CA SER A 816 17.81 -31.18 -3.01
C SER A 816 16.54 -31.92 -3.40
N THR A 817 15.43 -31.19 -3.52
CA THR A 817 14.15 -31.77 -3.88
C THR A 817 14.19 -32.44 -5.26
N LEU A 818 14.91 -31.84 -6.19
CA LEU A 818 15.03 -32.39 -7.54
C LEU A 818 15.70 -33.76 -7.53
N SER A 819 16.56 -33.98 -6.55
CA SER A 819 17.26 -35.25 -6.43
C SER A 819 16.54 -36.15 -5.42
N LYS A 820 15.86 -35.51 -4.48
CA LYS A 820 15.11 -36.18 -3.42
C LYS A 820 13.87 -36.88 -3.98
N VAL A 821 13.44 -36.46 -5.16
CA VAL A 821 12.26 -37.03 -5.81
C VAL A 821 12.38 -38.56 -5.90
N GLN A 822 11.33 -39.25 -5.47
CA GLN A 822 11.31 -40.69 -5.51
C GLN A 822 10.83 -41.17 -6.88
N VAL A 823 11.73 -41.81 -7.62
CA VAL A 823 11.40 -42.29 -8.95
C VAL A 823 11.57 -43.80 -9.04
N ARG A 824 10.61 -44.46 -9.67
CA ARG A 824 10.66 -45.91 -9.85
C ARG A 824 11.69 -46.30 -10.89
N MET A 825 12.91 -46.57 -10.46
CA MET A 825 13.97 -46.95 -11.37
C MET A 825 13.91 -48.45 -11.62
N PRO A 826 13.48 -48.87 -12.83
CA PRO A 826 13.33 -50.27 -13.19
C PRO A 826 14.65 -50.93 -13.60
N GLU A 827 14.56 -51.98 -14.41
CA GLU A 827 15.73 -52.69 -14.89
C GLU A 827 16.57 -51.78 -15.78
N GLU A 828 17.75 -51.44 -15.31
CA GLU A 828 18.66 -50.58 -16.06
C GLU A 828 19.78 -51.41 -16.68
N MET B 1 34.72 -35.33 32.68
CA MET B 1 34.33 -36.22 31.54
C MET B 1 33.12 -35.65 30.81
N MET B 2 33.36 -35.00 29.69
CA MET B 2 32.29 -34.41 28.90
C MET B 2 31.82 -35.38 27.84
N ILE B 3 30.52 -35.67 27.84
CA ILE B 3 29.93 -36.58 26.89
C ILE B 3 29.46 -35.82 25.65
N THR B 4 30.04 -36.15 24.51
CA THR B 4 29.67 -35.50 23.25
C THR B 4 28.29 -35.98 22.77
N LEU B 5 27.26 -35.25 23.18
CA LEU B 5 25.89 -35.60 22.81
C LEU B 5 25.55 -35.03 21.43
N ARG B 6 26.09 -35.66 20.40
CA ARG B 6 25.86 -35.25 19.02
C ARG B 6 25.74 -36.48 18.14
N LYS B 7 25.09 -36.33 16.98
CA LYS B 7 24.92 -37.44 16.06
C LYS B 7 25.11 -36.97 14.61
N ARG B 8 24.96 -37.89 13.67
CA ARG B 8 25.12 -37.56 12.26
C ARG B 8 23.82 -37.79 11.49
N ARG B 9 22.72 -37.93 12.21
CA ARG B 9 21.43 -38.16 11.59
C ARG B 9 20.42 -37.12 12.05
N LYS B 10 20.12 -36.17 11.16
CA LYS B 10 19.17 -35.11 11.48
C LYS B 10 17.75 -35.54 11.13
N LEU B 11 16.78 -35.03 11.87
CA LEU B 11 15.39 -35.36 11.64
C LEU B 11 14.79 -34.47 10.58
N PRO B 12 14.27 -35.05 9.48
CA PRO B 12 13.67 -34.30 8.39
C PRO B 12 12.21 -33.93 8.67
N LEU B 13 11.91 -33.66 9.93
CA LEU B 13 10.56 -33.32 10.34
C LEU B 13 10.34 -31.81 10.33
N ALA B 14 11.06 -31.10 11.20
CA ALA B 14 10.92 -29.65 11.30
C ALA B 14 11.27 -28.95 10.00
N VAL B 15 12.28 -29.46 9.31
CA VAL B 15 12.70 -28.87 8.04
C VAL B 15 11.68 -29.13 6.93
N ALA B 16 10.89 -30.18 7.08
CA ALA B 16 9.86 -30.51 6.10
C ALA B 16 8.76 -29.46 6.14
N VAL B 17 8.50 -28.95 7.34
CA VAL B 17 7.47 -27.94 7.54
C VAL B 17 7.91 -26.63 6.88
N ALA B 18 9.22 -26.42 6.82
CA ALA B 18 9.78 -25.21 6.21
C ALA B 18 9.62 -25.25 4.70
N ALA B 19 9.29 -26.43 4.17
CA ALA B 19 9.10 -26.61 2.75
C ALA B 19 7.61 -26.68 2.43
N GLY B 20 6.85 -27.27 3.35
CA GLY B 20 5.43 -27.40 3.16
C GLY B 20 4.65 -26.26 3.79
N VAL B 21 4.95 -25.04 3.36
CA VAL B 21 4.28 -23.85 3.89
C VAL B 21 3.32 -23.28 2.87
N MET B 22 3.14 -23.99 1.77
CA MET B 22 2.24 -23.55 0.71
C MET B 22 1.05 -24.48 0.60
N SER B 23 0.27 -24.33 -0.47
CA SER B 23 -0.90 -25.15 -0.69
C SER B 23 -0.50 -26.62 -0.84
N ALA B 24 -1.14 -27.48 -0.05
CA ALA B 24 -0.86 -28.90 -0.08
C ALA B 24 -1.06 -29.49 -1.47
N GLN B 25 0.03 -29.87 -2.10
CA GLN B 25 -0.01 -30.44 -3.44
C GLN B 25 0.66 -31.82 -3.44
N ALA B 26 0.30 -32.66 -4.41
CA ALA B 26 0.87 -33.98 -4.51
C ALA B 26 2.33 -33.93 -4.95
N MET B 27 3.15 -34.78 -4.34
CA MET B 27 4.57 -34.83 -4.67
C MET B 27 4.97 -36.25 -5.08
N ALA B 28 6.22 -36.43 -5.45
CA ALA B 28 6.71 -37.74 -5.85
C ALA B 28 7.81 -38.23 -4.92
N VAL A 1 9.98 16.24 -21.43
CA VAL A 1 10.03 17.61 -21.98
C VAL A 1 11.07 18.45 -21.24
N PHE A 2 11.93 19.12 -22.00
CA PHE A 2 12.98 19.96 -21.42
C PHE A 2 12.43 21.34 -21.08
N GLY A 3 12.97 21.92 -20.01
CA GLY A 3 12.54 23.24 -19.60
C GLY A 3 12.27 23.28 -18.11
N SER A 4 12.20 24.49 -17.55
CA SER A 4 11.95 24.66 -16.13
C SER A 4 10.58 24.06 -15.77
N ARG A 5 10.59 23.06 -14.90
CA ARG A 5 9.38 22.39 -14.48
C ARG A 5 8.40 23.37 -13.85
N ASN A 6 7.12 23.15 -14.11
CA ASN A 6 6.03 23.97 -13.58
C ASN A 6 5.91 25.29 -14.34
N ASP A 7 6.95 26.11 -14.26
CA ASP A 7 6.95 27.42 -14.89
C ASP A 7 7.00 27.35 -16.42
N ARG A 8 8.10 26.86 -16.96
CA ARG A 8 8.28 26.79 -18.41
C ARG A 8 7.43 25.70 -19.04
N THR A 9 7.09 24.68 -18.26
CA THR A 9 6.29 23.57 -18.76
C THR A 9 4.94 24.07 -19.30
N LEU A 10 4.30 24.96 -18.57
CA LEU A 10 3.01 25.51 -18.98
C LEU A 10 3.14 26.42 -20.19
N ARG A 11 4.30 27.06 -20.34
CA ARG A 11 4.54 27.97 -21.46
C ARG A 11 4.70 27.18 -22.75
N ARG A 12 5.53 26.15 -22.72
CA ARG A 12 5.76 25.32 -23.90
C ARG A 12 4.49 24.56 -24.27
N MET A 13 3.76 24.12 -23.25
CA MET A 13 2.52 23.39 -23.45
C MET A 13 1.49 24.27 -24.13
N ARG A 14 1.55 25.57 -23.83
CA ARG A 14 0.62 26.54 -24.41
C ARG A 14 0.79 26.60 -25.93
N LYS A 15 2.03 26.46 -26.38
CA LYS A 15 2.33 26.49 -27.80
C LYS A 15 1.62 25.34 -28.51
N VAL A 16 1.62 24.18 -27.86
CA VAL A 16 0.97 22.99 -28.40
C VAL A 16 -0.54 23.20 -28.43
N VAL A 17 -1.05 23.87 -27.40
CA VAL A 17 -2.48 24.15 -27.30
C VAL A 17 -2.93 24.98 -28.51
N ASN A 18 -2.07 25.89 -28.95
CA ASN A 18 -2.36 26.72 -30.11
C ASN A 18 -2.52 25.86 -31.34
N ILE A 19 -1.62 24.89 -31.49
CA ILE A 19 -1.65 23.97 -32.63
C ILE A 19 -2.95 23.17 -32.61
N ILE A 20 -3.30 22.63 -31.45
CA ILE A 20 -4.51 21.84 -31.29
C ILE A 20 -5.76 22.68 -31.62
N ASN A 21 -5.71 23.96 -31.28
CA ASN A 21 -6.83 24.86 -31.55
C ASN A 21 -6.98 25.11 -33.04
N ALA A 22 -5.86 25.15 -33.75
CA ALA A 22 -5.87 25.39 -35.19
C ALA A 22 -6.27 24.12 -35.93
N MET A 23 -6.01 22.97 -35.33
CA MET A 23 -6.34 21.68 -35.92
C MET A 23 -7.83 21.36 -35.77
N GLU A 24 -8.52 22.14 -34.95
CA GLU A 24 -9.94 21.93 -34.71
C GLU A 24 -10.74 21.98 -36.02
N PRO A 25 -10.68 23.09 -36.80
CA PRO A 25 -11.41 23.19 -38.08
C PRO A 25 -11.06 22.05 -39.03
N GLU A 26 -9.81 21.58 -38.95
CA GLU A 26 -9.35 20.49 -39.77
C GLU A 26 -10.07 19.20 -39.38
N MET A 27 -10.13 18.95 -38.08
CA MET A 27 -10.79 17.76 -37.55
C MET A 27 -12.29 17.82 -37.78
N GLU A 28 -12.86 19.03 -37.68
CA GLU A 28 -14.30 19.21 -37.90
C GLU A 28 -14.66 18.85 -39.33
N LYS A 29 -13.70 19.03 -40.23
CA LYS A 29 -13.90 18.71 -41.65
C LYS A 29 -13.87 17.20 -41.84
N LEU A 30 -13.08 16.52 -41.01
CA LEU A 30 -12.97 15.07 -41.07
C LEU A 30 -14.22 14.42 -40.49
N SER A 31 -14.72 13.39 -41.15
CA SER A 31 -15.91 12.70 -40.68
C SER A 31 -15.55 11.76 -39.53
N ASP A 32 -16.57 11.13 -38.95
CA ASP A 32 -16.40 10.23 -37.82
C ASP A 32 -15.41 9.11 -38.14
N GLU A 33 -15.63 8.42 -39.24
CA GLU A 33 -14.77 7.31 -39.63
C GLU A 33 -13.35 7.80 -39.92
N GLU A 34 -13.23 9.04 -40.37
CA GLU A 34 -11.92 9.62 -40.66
C GLU A 34 -11.13 9.81 -39.38
N LEU A 35 -11.83 10.24 -38.32
CA LEU A 35 -11.19 10.43 -37.02
C LEU A 35 -10.73 9.08 -36.47
N LYS A 36 -11.58 8.08 -36.68
CA LYS A 36 -11.29 6.72 -36.25
C LYS A 36 -10.03 6.22 -36.95
N GLY A 37 -9.90 6.58 -38.23
CA GLY A 37 -8.74 6.18 -39.00
C GLY A 37 -7.47 6.85 -38.51
N LYS A 38 -7.62 8.01 -37.90
CA LYS A 38 -6.48 8.75 -37.36
C LYS A 38 -5.83 7.97 -36.23
N THR A 39 -6.68 7.34 -35.41
CA THR A 39 -6.19 6.54 -34.30
C THR A 39 -5.36 5.36 -34.82
N ALA A 40 -5.84 4.78 -35.92
CA ALA A 40 -5.14 3.66 -36.55
C ALA A 40 -3.84 4.14 -37.17
N GLU A 41 -3.88 5.36 -37.70
CA GLU A 41 -2.71 5.98 -38.32
C GLU A 41 -1.60 6.16 -37.29
N PHE A 42 -1.98 6.59 -36.09
CA PHE A 42 -1.03 6.80 -35.01
C PHE A 42 -0.37 5.48 -34.62
N ARG A 43 -1.17 4.42 -34.61
CA ARG A 43 -0.68 3.09 -34.28
C ARG A 43 0.41 2.67 -35.26
N ALA A 44 0.14 2.87 -36.54
CA ALA A 44 1.10 2.52 -37.59
C ALA A 44 2.32 3.43 -37.54
N ARG A 45 2.09 4.71 -37.26
CA ARG A 45 3.18 5.68 -37.18
C ARG A 45 4.17 5.32 -36.08
N LEU A 46 3.64 5.00 -34.90
CA LEU A 46 4.49 4.62 -33.76
C LEU A 46 5.26 3.35 -34.06
N GLU A 47 4.63 2.45 -34.81
CA GLU A 47 5.22 1.18 -35.19
C GLU A 47 6.44 1.38 -36.09
N LYS A 48 6.32 2.30 -37.04
CA LYS A 48 7.41 2.57 -37.97
C LYS A 48 8.43 3.56 -37.39
N GLY A 49 7.95 4.69 -36.88
CA GLY A 49 8.85 5.68 -36.33
C GLY A 49 8.17 6.98 -36.00
N GLU A 50 7.63 7.08 -34.80
CA GLU A 50 6.96 8.29 -34.35
C GLU A 50 7.13 8.44 -32.85
N VAL A 51 7.17 9.67 -32.38
CA VAL A 51 7.32 9.95 -30.96
C VAL A 51 5.95 10.18 -30.33
N LEU A 52 5.69 9.52 -29.21
CA LEU A 52 4.42 9.65 -28.51
C LEU A 52 4.17 11.11 -28.13
N GLU A 53 5.23 11.76 -27.64
CA GLU A 53 5.15 13.16 -27.23
C GLU A 53 4.96 14.09 -28.43
N ASN A 54 5.13 13.55 -29.63
CA ASN A 54 4.97 14.32 -30.86
C ASN A 54 3.55 14.19 -31.40
N LEU A 55 2.86 13.15 -30.95
CA LEU A 55 1.50 12.88 -31.38
C LEU A 55 0.49 13.70 -30.59
N ILE A 56 0.96 14.34 -29.51
CA ILE A 56 0.09 15.15 -28.65
C ILE A 56 -0.83 16.12 -29.42
N PRO A 57 -0.29 16.96 -30.33
CA PRO A 57 -1.13 17.91 -31.08
C PRO A 57 -2.29 17.23 -31.82
N GLU A 58 -1.94 16.23 -32.63
CA GLU A 58 -2.93 15.51 -33.43
C GLU A 58 -3.87 14.68 -32.56
N ALA A 59 -3.31 13.99 -31.58
CA ALA A 59 -4.09 13.14 -30.69
C ALA A 59 -5.11 13.94 -29.89
N PHE A 60 -4.66 15.01 -29.25
CA PHE A 60 -5.54 15.85 -28.45
C PHE A 60 -6.62 16.48 -29.31
N ALA A 61 -6.27 16.78 -30.56
CA ALA A 61 -7.22 17.37 -31.50
C ALA A 61 -8.36 16.41 -31.79
N VAL A 62 -8.01 15.15 -32.04
CA VAL A 62 -8.99 14.11 -32.33
C VAL A 62 -9.93 13.93 -31.13
N VAL A 63 -9.34 13.83 -29.94
CA VAL A 63 -10.11 13.66 -28.72
C VAL A 63 -11.04 14.86 -28.52
N ARG A 64 -10.50 16.06 -28.71
CA ARG A 64 -11.27 17.28 -28.56
C ARG A 64 -12.44 17.30 -29.53
N GLU A 65 -12.19 16.89 -30.77
CA GLU A 65 -13.20 16.84 -31.80
C GLU A 65 -14.30 15.84 -31.40
N ALA A 66 -13.87 14.66 -30.98
CA ALA A 66 -14.78 13.61 -30.57
C ALA A 66 -15.61 14.04 -29.35
N SER A 67 -15.03 14.90 -28.52
CA SER A 67 -15.72 15.39 -27.33
C SER A 67 -16.98 16.17 -27.70
N LYS A 68 -16.92 16.89 -28.81
CA LYS A 68 -18.05 17.71 -29.27
C LYS A 68 -19.13 16.84 -29.92
N ARG A 69 -18.72 15.72 -30.49
CA ARG A 69 -19.66 14.83 -31.17
C ARG A 69 -20.25 13.80 -30.21
N VAL A 70 -19.43 13.22 -29.36
CA VAL A 70 -19.89 12.21 -28.42
C VAL A 70 -20.61 12.83 -27.22
N PHE A 71 -19.90 13.65 -26.45
CA PHE A 71 -20.47 14.29 -25.28
C PHE A 71 -21.23 15.56 -25.65
N GLY A 72 -20.67 16.34 -26.56
CA GLY A 72 -21.30 17.57 -26.99
C GLY A 72 -20.70 18.78 -26.31
N MET A 73 -19.42 18.68 -25.97
CA MET A 73 -18.73 19.76 -25.30
C MET A 73 -17.28 19.83 -25.77
N ARG A 74 -16.86 21.02 -26.19
CA ARG A 74 -15.50 21.22 -26.67
C ARG A 74 -14.53 21.17 -25.49
N HIS A 75 -13.51 20.32 -25.60
CA HIS A 75 -12.50 20.19 -24.55
C HIS A 75 -11.86 21.54 -24.28
N PHE A 76 -12.03 22.03 -23.06
CA PHE A 76 -11.50 23.33 -22.66
C PHE A 76 -9.99 23.40 -22.87
N ASP A 77 -9.52 24.60 -23.20
CA ASP A 77 -8.10 24.85 -23.45
C ASP A 77 -7.26 24.61 -22.20
N VAL A 78 -7.82 24.89 -21.04
CA VAL A 78 -7.11 24.71 -19.78
C VAL A 78 -6.90 23.22 -19.50
N GLN A 79 -7.79 22.40 -20.03
CA GLN A 79 -7.71 20.97 -19.82
C GLN A 79 -6.59 20.38 -20.67
N LEU A 80 -6.34 21.00 -21.82
CA LEU A 80 -5.27 20.53 -22.71
C LEU A 80 -3.91 20.66 -22.03
N LEU A 81 -3.76 21.73 -21.25
CA LEU A 81 -2.52 21.97 -20.52
C LEU A 81 -2.31 20.89 -19.46
N GLY A 82 -3.34 20.64 -18.67
CA GLY A 82 -3.27 19.63 -17.64
C GLY A 82 -3.08 18.24 -18.19
N GLY A 83 -3.85 17.91 -19.22
CA GLY A 83 -3.75 16.60 -19.84
C GLY A 83 -2.39 16.34 -20.47
N MET A 84 -1.77 17.41 -20.96
CA MET A 84 -0.46 17.30 -21.59
C MET A 84 0.61 16.99 -20.57
N VAL A 85 0.48 17.57 -19.38
CA VAL A 85 1.44 17.35 -18.31
C VAL A 85 1.26 15.95 -17.72
N LEU A 86 0.04 15.45 -17.79
CA LEU A 86 -0.29 14.12 -17.27
C LEU A 86 0.31 13.02 -18.13
N ASN A 87 0.92 13.40 -19.24
CA ASN A 87 1.56 12.42 -20.12
C ASN A 87 2.94 12.07 -19.54
N GLU A 88 3.48 13.01 -18.79
CA GLU A 88 4.79 12.83 -18.19
C GLU A 88 4.64 12.29 -16.77
N ARG A 89 5.76 12.04 -16.12
CA ARG A 89 5.75 11.52 -14.76
C ARG A 89 5.67 12.67 -13.77
N CYS A 90 4.48 13.26 -13.65
CA CYS A 90 4.27 14.39 -12.74
C CYS A 90 2.85 14.37 -12.18
N ILE A 91 2.57 15.30 -11.26
CA ILE A 91 1.27 15.42 -10.63
C ILE A 91 0.61 16.72 -11.07
N ALA A 92 -0.67 16.65 -11.44
CA ALA A 92 -1.38 17.84 -11.87
C ALA A 92 -2.47 18.23 -10.88
N GLU A 93 -2.36 19.42 -10.34
CA GLU A 93 -3.34 19.94 -9.38
C GLU A 93 -4.44 20.67 -10.15
N MET A 94 -5.60 20.05 -10.24
CA MET A 94 -6.72 20.63 -10.96
C MET A 94 -7.75 21.19 -9.97
N ARG A 95 -8.47 22.21 -10.41
CA ARG A 95 -9.48 22.83 -9.58
C ARG A 95 -10.81 22.09 -9.69
N THR A 96 -11.58 22.12 -8.61
CA THR A 96 -12.88 21.47 -8.58
C THR A 96 -13.90 22.23 -9.42
N GLY A 97 -14.25 21.66 -10.56
CA GLY A 97 -15.21 22.30 -11.44
C GLY A 97 -14.77 22.31 -12.89
N GLU A 98 -13.46 22.27 -13.11
CA GLU A 98 -12.92 22.30 -14.46
C GLU A 98 -13.13 20.95 -15.16
N GLY A 99 -13.33 19.89 -14.38
CA GLY A 99 -13.56 18.58 -14.95
C GLY A 99 -12.33 17.70 -14.88
N LYS A 100 -12.15 17.03 -13.73
CA LYS A 100 -11.00 16.15 -13.52
C LYS A 100 -10.99 14.98 -14.50
N THR A 101 -11.98 14.10 -14.38
CA THR A 101 -12.07 12.92 -15.24
C THR A 101 -12.17 13.29 -16.71
N LEU A 102 -12.77 14.44 -16.99
CA LEU A 102 -12.94 14.89 -18.36
C LEU A 102 -11.59 15.24 -18.99
N THR A 103 -10.63 15.60 -18.15
CA THR A 103 -9.30 15.96 -18.63
C THR A 103 -8.40 14.72 -18.70
N ALA A 104 -8.67 13.75 -17.84
CA ALA A 104 -7.87 12.52 -17.77
C ALA A 104 -8.01 11.67 -19.04
N THR A 105 -8.96 12.01 -19.89
CA THR A 105 -9.18 11.26 -21.12
C THR A 105 -8.10 11.57 -22.17
N LEU A 106 -7.48 12.74 -22.04
CA LEU A 106 -6.45 13.16 -22.99
C LEU A 106 -5.18 12.32 -22.89
N PRO A 107 -4.52 12.24 -21.71
CA PRO A 107 -3.29 11.44 -21.55
C PRO A 107 -3.55 9.95 -21.73
N ALA A 108 -4.79 9.54 -21.44
CA ALA A 108 -5.16 8.14 -21.58
C ALA A 108 -5.18 7.72 -23.05
N TYR A 109 -5.80 8.53 -23.89
CA TYR A 109 -5.88 8.24 -25.32
C TYR A 109 -4.49 8.18 -25.93
N LEU A 110 -3.66 9.16 -25.58
CA LEU A 110 -2.30 9.26 -26.10
C LEU A 110 -1.47 8.02 -25.75
N ASN A 111 -1.43 7.66 -24.47
CA ASN A 111 -0.64 6.53 -24.02
C ASN A 111 -1.24 5.20 -24.48
N ALA A 112 -2.52 5.21 -24.82
CA ALA A 112 -3.20 4.01 -25.28
C ALA A 112 -2.77 3.65 -26.70
N LEU A 113 -2.37 4.67 -27.46
CA LEU A 113 -1.93 4.48 -28.83
C LEU A 113 -0.77 3.50 -28.91
N THR A 114 0.10 3.54 -27.90
CA THR A 114 1.26 2.67 -27.84
C THR A 114 0.85 1.20 -27.69
N GLY A 115 -0.37 0.96 -27.22
CA GLY A 115 -0.86 -0.40 -27.05
C GLY A 115 -0.17 -1.13 -25.91
N LYS A 116 0.32 -0.36 -24.95
CA LYS A 116 1.00 -0.95 -23.80
C LYS A 116 0.04 -1.11 -22.62
N GLY A 117 -1.14 -0.51 -22.74
CA GLY A 117 -2.12 -0.62 -21.68
C GLY A 117 -2.07 0.53 -20.69
N VAL A 118 -3.12 1.35 -20.69
CA VAL A 118 -3.22 2.48 -19.79
C VAL A 118 -3.87 2.02 -18.48
N HIS A 119 -3.10 2.05 -17.40
CA HIS A 119 -3.61 1.62 -16.11
C HIS A 119 -4.24 2.79 -15.36
N VAL A 120 -5.56 2.85 -15.39
CA VAL A 120 -6.29 3.91 -14.71
C VAL A 120 -6.65 3.46 -13.29
N VAL A 121 -6.08 4.13 -12.31
CA VAL A 121 -6.32 3.80 -10.92
C VAL A 121 -7.38 4.72 -10.33
N THR A 122 -8.48 4.14 -9.90
CA THR A 122 -9.56 4.91 -9.31
C THR A 122 -9.70 4.61 -7.82
N VAL A 123 -10.13 5.60 -7.04
CA VAL A 123 -10.31 5.45 -5.60
C VAL A 123 -11.33 4.35 -5.26
N ASN A 124 -12.31 4.16 -6.12
CA ASN A 124 -13.34 3.15 -5.91
C ASN A 124 -13.86 2.61 -7.23
N ASP A 125 -14.57 1.50 -7.16
CA ASP A 125 -15.13 0.87 -8.36
C ASP A 125 -16.31 1.69 -8.89
N TYR A 126 -16.92 2.46 -8.00
CA TYR A 126 -18.05 3.31 -8.38
C TYR A 126 -17.68 4.23 -9.53
N LEU A 127 -16.62 5.00 -9.35
CA LEU A 127 -16.17 5.92 -10.39
C LEU A 127 -15.52 5.16 -11.54
N ALA A 128 -14.81 4.08 -11.20
CA ALA A 128 -14.14 3.26 -12.20
C ALA A 128 -15.12 2.76 -13.26
N GLN A 129 -16.22 2.16 -12.81
CA GLN A 129 -17.23 1.64 -13.72
C GLN A 129 -17.96 2.78 -14.40
N ARG A 130 -18.23 3.84 -13.64
CA ARG A 130 -18.94 5.00 -14.16
C ARG A 130 -18.25 5.56 -15.40
N ASP A 131 -16.97 5.86 -15.27
CA ASP A 131 -16.21 6.43 -16.38
C ASP A 131 -15.89 5.38 -17.43
N ALA A 132 -15.77 4.12 -17.01
CA ALA A 132 -15.47 3.04 -17.95
C ALA A 132 -16.56 2.93 -19.00
N GLU A 133 -17.80 3.11 -18.59
CA GLU A 133 -18.93 3.03 -19.51
C GLU A 133 -19.24 4.39 -20.11
N ASN A 134 -19.00 5.46 -19.34
CA ASN A 134 -19.26 6.82 -19.81
C ASN A 134 -18.30 7.23 -20.91
N ASN A 135 -17.03 6.88 -20.75
CA ASN A 135 -16.01 7.23 -21.72
C ASN A 135 -15.87 6.13 -22.78
N ARG A 136 -16.72 5.11 -22.69
CA ARG A 136 -16.69 4.01 -23.65
C ARG A 136 -17.04 4.48 -25.07
N PRO A 137 -18.13 5.27 -25.26
CA PRO A 137 -18.51 5.75 -26.60
C PRO A 137 -17.53 6.77 -27.16
N LEU A 138 -16.40 6.94 -26.47
CA LEU A 138 -15.37 7.86 -26.91
C LEU A 138 -14.13 7.09 -27.35
N PHE A 139 -13.59 6.28 -26.44
CA PHE A 139 -12.40 5.49 -26.72
C PHE A 139 -12.69 4.36 -27.71
N GLU A 140 -13.74 3.58 -27.43
CA GLU A 140 -14.11 2.46 -28.29
C GLU A 140 -14.65 2.96 -29.62
N PHE A 141 -14.96 4.24 -29.67
CA PHE A 141 -15.47 4.88 -30.88
C PHE A 141 -14.33 5.14 -31.85
N LEU A 142 -13.20 5.58 -31.31
CA LEU A 142 -12.03 5.89 -32.11
C LEU A 142 -11.23 4.63 -32.45
N GLY A 143 -11.15 3.69 -31.51
CA GLY A 143 -10.43 2.46 -31.77
C GLY A 143 -9.59 2.01 -30.60
N LEU A 144 -10.02 2.34 -29.39
CA LEU A 144 -9.31 1.95 -28.19
C LEU A 144 -10.21 1.10 -27.31
N THR A 145 -9.76 -0.11 -27.00
CA THR A 145 -10.53 -1.03 -26.18
C THR A 145 -10.59 -0.56 -24.73
N VAL A 146 -11.79 -0.47 -24.19
CA VAL A 146 -11.99 -0.03 -22.81
C VAL A 146 -12.32 -1.22 -21.92
N GLY A 147 -11.38 -1.63 -21.10
CA GLY A 147 -11.59 -2.75 -20.21
C GLY A 147 -11.79 -2.31 -18.78
N ILE A 148 -12.67 -3.01 -18.08
CA ILE A 148 -12.95 -2.69 -16.68
C ILE A 148 -12.56 -3.85 -15.77
N ASN A 149 -11.70 -3.55 -14.80
CA ASN A 149 -11.25 -4.56 -13.86
C ASN A 149 -11.99 -4.43 -12.54
N LEU A 150 -12.76 -5.44 -12.20
CA LEU A 150 -13.53 -5.43 -10.97
C LEU A 150 -12.90 -6.32 -9.92
N PRO A 151 -12.98 -5.92 -8.63
CA PRO A 151 -12.42 -6.69 -7.53
C PRO A 151 -13.07 -8.07 -7.40
N GLY A 152 -12.29 -9.10 -7.68
CA GLY A 152 -12.79 -10.46 -7.59
C GLY A 152 -13.23 -11.00 -8.94
N MET A 153 -12.93 -10.26 -9.99
CA MET A 153 -13.28 -10.66 -11.35
C MET A 153 -12.47 -11.88 -11.77
N PRO A 154 -13.11 -12.88 -12.41
CA PRO A 154 -12.44 -14.10 -12.87
C PRO A 154 -11.18 -13.79 -13.70
N ALA A 155 -10.16 -14.63 -13.55
CA ALA A 155 -8.89 -14.47 -14.25
C ALA A 155 -9.06 -14.31 -15.78
N PRO A 156 -9.85 -15.18 -16.47
CA PRO A 156 -10.05 -15.07 -17.92
C PRO A 156 -10.60 -13.70 -18.34
N ALA A 157 -11.42 -13.11 -17.49
CA ALA A 157 -12.00 -11.81 -17.78
C ALA A 157 -10.99 -10.70 -17.53
N LYS A 158 -10.19 -10.85 -16.47
CA LYS A 158 -9.17 -9.86 -16.13
C LYS A 158 -8.17 -9.70 -17.26
N ARG A 159 -7.76 -10.82 -17.85
CA ARG A 159 -6.80 -10.81 -18.94
C ARG A 159 -7.31 -9.99 -20.12
N GLU A 160 -8.62 -9.99 -20.33
CA GLU A 160 -9.21 -9.25 -21.43
C GLU A 160 -9.24 -7.76 -21.11
N ALA A 161 -9.51 -7.44 -19.85
CA ALA A 161 -9.57 -6.05 -19.40
C ALA A 161 -8.19 -5.41 -19.48
N TYR A 162 -7.16 -6.18 -19.14
CA TYR A 162 -5.80 -5.70 -19.17
C TYR A 162 -5.24 -5.71 -20.58
N ALA A 163 -5.80 -6.57 -21.43
CA ALA A 163 -5.36 -6.67 -22.82
C ALA A 163 -5.87 -5.49 -23.63
N ALA A 164 -6.80 -4.75 -23.02
CA ALA A 164 -7.38 -3.59 -23.66
C ALA A 164 -6.37 -2.45 -23.69
N ASP A 165 -6.73 -1.37 -24.37
CA ASP A 165 -5.86 -0.20 -24.48
C ASP A 165 -5.90 0.59 -23.18
N ILE A 166 -7.08 0.64 -22.57
CA ILE A 166 -7.28 1.35 -21.32
C ILE A 166 -7.98 0.44 -20.31
N THR A 167 -7.41 0.33 -19.12
CA THR A 167 -7.98 -0.52 -18.08
C THR A 167 -8.34 0.30 -16.83
N TYR A 168 -9.63 0.30 -16.50
CA TYR A 168 -10.12 1.01 -15.33
C TYR A 168 -10.20 0.06 -14.15
N GLY A 169 -9.71 0.46 -13.00
CA GLY A 169 -9.75 -0.40 -11.82
C GLY A 169 -9.42 0.32 -10.54
N THR A 170 -9.75 -0.31 -9.42
CA THR A 170 -9.48 0.25 -8.09
C THR A 170 -8.03 -0.01 -7.68
N ASN A 171 -7.48 0.91 -6.87
CA ASN A 171 -6.10 0.81 -6.39
C ASN A 171 -5.85 -0.51 -5.64
N ASN A 172 -6.80 -0.90 -4.81
CA ASN A 172 -6.68 -2.12 -4.02
C ASN A 172 -6.56 -3.35 -4.91
N GLU A 173 -7.50 -3.49 -5.85
CA GLU A 173 -7.49 -4.63 -6.76
C GLU A 173 -6.25 -4.61 -7.66
N TYR A 174 -5.82 -3.42 -8.06
CA TYR A 174 -4.64 -3.28 -8.91
C TYR A 174 -3.42 -3.86 -8.22
N GLY A 175 -3.37 -3.72 -6.90
CA GLY A 175 -2.27 -4.25 -6.12
C GLY A 175 -2.41 -5.75 -5.93
N PHE A 176 -3.62 -6.19 -5.67
CA PHE A 176 -3.90 -7.61 -5.47
C PHE A 176 -3.59 -8.40 -6.73
N ASP A 177 -3.92 -7.82 -7.88
CA ASP A 177 -3.66 -8.45 -9.16
C ASP A 177 -2.18 -8.68 -9.37
N TYR A 178 -1.38 -7.69 -8.98
CA TYR A 178 0.06 -7.78 -9.11
C TYR A 178 0.61 -8.88 -8.21
N LEU A 179 -0.02 -9.04 -7.05
CA LEU A 179 0.37 -10.07 -6.10
C LEU A 179 0.04 -11.45 -6.65
N ARG A 180 -1.15 -11.58 -7.23
CA ARG A 180 -1.59 -12.84 -7.81
C ARG A 180 -0.73 -13.22 -9.02
N ASP A 181 -0.43 -12.23 -9.84
CA ASP A 181 0.38 -12.42 -11.03
C ASP A 181 1.77 -12.94 -10.66
N ASN A 182 2.32 -12.40 -9.58
CA ASN A 182 3.64 -12.78 -9.12
C ASN A 182 3.60 -14.05 -8.26
N MET A 183 2.44 -14.69 -8.20
CA MET A 183 2.27 -15.90 -7.41
C MET A 183 1.95 -17.08 -8.31
N ALA A 184 1.97 -16.86 -9.61
CA ALA A 184 1.68 -17.90 -10.58
C ALA A 184 2.89 -18.83 -10.76
N PHE A 185 2.68 -19.96 -11.42
CA PHE A 185 3.77 -20.90 -11.66
C PHE A 185 4.13 -20.93 -13.14
N SER A 186 3.18 -20.53 -13.97
CA SER A 186 3.38 -20.48 -15.40
C SER A 186 3.07 -19.08 -15.90
N PRO A 187 3.90 -18.55 -16.83
CA PRO A 187 3.70 -17.20 -17.38
C PRO A 187 2.33 -17.06 -18.07
N GLU A 188 1.76 -18.18 -18.50
CA GLU A 188 0.47 -18.18 -19.16
C GLU A 188 -0.67 -18.02 -18.16
N GLU A 189 -0.35 -18.06 -16.88
CA GLU A 189 -1.35 -17.91 -15.84
C GLU A 189 -1.44 -16.45 -15.40
N ARG A 190 -0.64 -15.60 -16.01
CA ARG A 190 -0.60 -14.18 -15.70
C ARG A 190 -1.92 -13.49 -15.99
N VAL A 191 -2.12 -12.34 -15.35
CA VAL A 191 -3.33 -11.56 -15.52
C VAL A 191 -3.00 -10.07 -15.69
N GLN A 192 -1.80 -9.68 -15.28
CA GLN A 192 -1.36 -8.30 -15.38
C GLN A 192 -0.78 -7.99 -16.75
N ARG A 193 -0.44 -6.73 -16.96
CA ARG A 193 0.14 -6.26 -18.21
C ARG A 193 1.34 -5.36 -17.93
N LYS A 194 1.96 -4.85 -18.99
CA LYS A 194 3.12 -3.99 -18.84
C LYS A 194 2.77 -2.71 -18.09
N LEU A 195 3.56 -2.39 -17.07
CA LEU A 195 3.33 -1.19 -16.26
C LEU A 195 3.95 0.03 -16.93
N HIS A 196 3.44 0.36 -18.11
CA HIS A 196 3.95 1.49 -18.88
C HIS A 196 3.40 2.82 -18.38
N TYR A 197 2.09 2.93 -18.28
CA TYR A 197 1.47 4.18 -17.83
C TYR A 197 0.44 3.93 -16.75
N ALA A 198 0.47 4.78 -15.74
CA ALA A 198 -0.46 4.71 -14.63
C ALA A 198 -1.04 6.08 -14.34
N LEU A 199 -2.35 6.19 -14.42
CA LEU A 199 -3.02 7.45 -14.16
C LEU A 199 -4.04 7.27 -13.04
N VAL A 200 -3.79 7.91 -11.91
CA VAL A 200 -4.69 7.81 -10.78
C VAL A 200 -5.65 9.00 -10.74
N ASP A 201 -6.91 8.73 -10.41
CA ASP A 201 -7.94 9.77 -10.36
C ASP A 201 -7.76 10.67 -9.14
N GLU A 202 -7.16 10.15 -8.08
CA GLU A 202 -6.92 10.93 -6.88
C GLU A 202 -5.62 10.52 -6.21
N VAL A 203 -4.83 11.50 -5.82
CA VAL A 203 -3.55 11.24 -5.17
C VAL A 203 -3.68 11.47 -3.67
N ASP A 204 -4.73 12.20 -3.29
CA ASP A 204 -4.98 12.53 -1.89
C ASP A 204 -5.16 11.28 -1.04
N SER A 205 -6.26 10.56 -1.27
CA SER A 205 -6.56 9.36 -0.51
C SER A 205 -5.87 8.12 -1.07
N ILE A 206 -4.77 8.29 -1.81
CA ILE A 206 -4.07 7.15 -2.37
C ILE A 206 -2.56 7.28 -2.27
N LEU A 207 -1.98 8.23 -2.96
CA LEU A 207 -0.52 8.41 -2.96
C LEU A 207 0.00 8.93 -1.63
N ILE A 208 -0.65 9.94 -1.08
CA ILE A 208 -0.20 10.51 0.19
C ILE A 208 -0.77 9.76 1.38
N ASP A 209 -2.07 9.49 1.35
CA ASP A 209 -2.74 8.79 2.44
C ASP A 209 -2.34 7.31 2.53
N GLU A 210 -2.58 6.57 1.46
CA GLU A 210 -2.27 5.14 1.43
C GLU A 210 -0.82 4.88 1.02
N ALA A 211 0.09 5.63 1.63
CA ALA A 211 1.51 5.49 1.32
C ALA A 211 2.11 4.23 1.97
N ARG A 212 1.92 4.10 3.28
CA ARG A 212 2.45 2.96 4.00
C ARG A 212 1.35 1.97 4.37
N THR A 213 0.50 1.67 3.39
CA THR A 213 -0.58 0.73 3.60
C THR A 213 -0.27 -0.58 2.87
N PRO A 214 0.17 -1.61 3.59
CA PRO A 214 0.53 -2.90 3.02
C PRO A 214 -0.65 -3.86 2.92
N LEU A 215 -0.80 -4.47 1.76
CA LEU A 215 -1.86 -5.44 1.52
C LEU A 215 -1.42 -6.80 2.05
N ILE A 216 -1.77 -7.09 3.30
CA ILE A 216 -1.39 -8.35 3.92
C ILE A 216 -2.48 -9.40 3.74
N ILE A 217 -2.10 -10.54 3.20
CA ILE A 217 -3.03 -11.64 2.97
C ILE A 217 -2.46 -12.92 3.58
N SER A 218 -3.33 -13.77 4.12
CA SER A 218 -2.91 -15.01 4.74
C SER A 218 -2.84 -16.13 3.70
N GLY A 219 -2.02 -17.14 3.96
CA GLY A 219 -1.87 -18.24 3.03
C GLY A 219 -2.90 -19.34 3.23
N PRO A 220 -3.05 -20.23 2.24
CA PRO A 220 -4.02 -21.32 2.30
C PRO A 220 -3.47 -22.56 3.03
N ALA A 221 -2.15 -22.66 3.15
CA ALA A 221 -1.54 -23.81 3.81
C ALA A 221 -0.75 -23.39 5.04
N GLU A 222 -1.36 -22.57 5.87
CA GLU A 222 -0.72 -22.11 7.11
C GLU A 222 -0.63 -23.26 8.09
N ASP A 223 0.08 -23.05 9.19
CA ASP A 223 0.22 -24.08 10.20
C ASP A 223 -1.10 -24.26 10.94
N SER A 224 -1.44 -25.50 11.20
CA SER A 224 -2.67 -25.82 11.91
C SER A 224 -2.36 -26.74 13.08
N SER A 225 -1.38 -27.62 12.89
CA SER A 225 -0.99 -28.57 13.92
C SER A 225 0.35 -29.22 13.58
N GLU A 226 1.40 -28.41 13.41
CA GLU A 226 2.71 -28.97 13.11
C GLU A 226 3.85 -28.03 13.52
N MET A 227 3.85 -26.82 12.99
CA MET A 227 4.92 -25.86 13.30
C MET A 227 4.91 -25.47 14.77
N TYR A 228 3.79 -24.90 15.23
CA TYR A 228 3.67 -24.49 16.62
C TYR A 228 3.72 -25.71 17.54
N LYS A 229 3.29 -26.85 17.02
CA LYS A 229 3.32 -28.10 17.78
C LYS A 229 4.76 -28.50 18.05
N ARG A 230 5.61 -28.35 17.05
CA ARG A 230 7.01 -28.69 17.16
C ARG A 230 7.73 -27.73 18.11
N VAL A 231 7.28 -26.49 18.14
CA VAL A 231 7.87 -25.48 19.01
C VAL A 231 7.59 -25.80 20.47
N ASN A 232 6.34 -26.14 20.78
CA ASN A 232 5.94 -26.46 22.15
C ASN A 232 6.38 -27.87 22.54
N LYS A 233 6.94 -28.60 21.58
CA LYS A 233 7.39 -29.96 21.82
C LYS A 233 8.64 -29.98 22.70
N ILE A 234 9.35 -28.87 22.77
CA ILE A 234 10.56 -28.78 23.58
C ILE A 234 10.24 -28.33 25.00
N ILE A 235 9.03 -27.83 25.20
CA ILE A 235 8.60 -27.33 26.51
C ILE A 235 8.59 -28.43 27.60
N PRO A 236 7.99 -29.62 27.35
CA PRO A 236 7.95 -30.70 28.35
C PRO A 236 9.34 -31.18 28.79
N HIS A 237 10.36 -30.74 28.06
CA HIS A 237 11.74 -31.12 28.37
C HIS A 237 12.33 -30.13 29.38
N LEU A 238 11.78 -28.93 29.41
CA LEU A 238 12.28 -27.87 30.27
C LEU A 238 11.93 -28.10 31.75
N ILE A 239 12.89 -27.81 32.62
CA ILE A 239 12.73 -27.93 34.06
C ILE A 239 13.12 -26.61 34.71
N ARG A 240 12.13 -25.85 35.16
CA ARG A 240 12.33 -24.53 35.77
C ARG A 240 13.51 -24.50 36.73
N GLN A 241 14.59 -23.86 36.29
CA GLN A 241 15.80 -23.73 37.08
C GLN A 241 16.84 -22.94 36.31
N GLU A 242 17.25 -23.47 35.16
CA GLU A 242 18.25 -22.85 34.32
C GLU A 242 18.18 -23.46 32.92
N LYS A 243 19.20 -23.21 32.10
CA LYS A 243 19.27 -23.75 30.73
C LYS A 243 18.08 -23.26 29.89
N GLU A 244 17.72 -21.99 30.07
CA GLU A 244 16.61 -21.34 29.37
C GLU A 244 15.27 -21.71 29.99
N ASP A 245 15.28 -22.70 30.87
CA ASP A 245 14.09 -23.16 31.57
C ASP A 245 13.74 -22.20 32.69
N SER A 246 13.63 -20.92 32.36
CA SER A 246 13.31 -19.90 33.36
C SER A 246 12.52 -18.76 32.71
N GLU A 247 11.59 -18.20 33.46
CA GLU A 247 10.78 -17.09 32.96
C GLU A 247 11.46 -15.77 33.29
N THR A 248 12.33 -15.81 34.29
CA THR A 248 13.09 -14.64 34.70
C THR A 248 14.50 -15.05 35.12
N PHE A 249 14.68 -15.31 36.41
CA PHE A 249 15.97 -15.71 36.99
C PHE A 249 17.11 -14.82 36.48
N GLN A 250 18.01 -15.42 35.69
CA GLN A 250 19.16 -14.70 35.12
C GLN A 250 20.03 -14.05 36.19
N GLY A 251 20.08 -14.68 37.37
CA GLY A 251 20.89 -14.15 38.45
C GLY A 251 20.05 -13.63 39.60
N GLU A 252 19.20 -12.65 39.32
CA GLU A 252 18.35 -12.07 40.35
C GLU A 252 17.10 -12.93 40.59
N GLY A 253 16.20 -12.93 39.63
CA GLY A 253 14.98 -13.70 39.76
C GLY A 253 13.99 -13.06 40.70
N HIS A 254 13.53 -13.83 41.68
CA HIS A 254 12.57 -13.36 42.67
C HIS A 254 12.35 -14.46 43.70
N PHE A 255 12.16 -14.08 44.95
CA PHE A 255 11.93 -15.07 46.00
C PHE A 255 10.60 -15.80 45.74
N SER A 256 10.56 -17.08 46.08
CA SER A 256 9.38 -17.91 45.87
C SER A 256 8.11 -17.28 46.46
N VAL A 257 7.24 -16.81 45.58
CA VAL A 257 5.99 -16.18 45.99
C VAL A 257 5.00 -16.19 44.83
N ASP A 258 5.13 -17.19 43.96
CA ASP A 258 4.29 -17.31 42.75
C ASP A 258 4.68 -16.19 41.79
N GLU A 259 5.97 -15.99 41.67
CA GLU A 259 6.54 -14.98 40.81
C GLU A 259 6.37 -15.36 39.34
N LYS A 260 5.77 -14.46 38.58
CA LYS A 260 5.54 -14.68 37.16
C LYS A 260 5.95 -13.44 36.39
N SER A 261 6.47 -13.64 35.18
CA SER A 261 6.90 -12.53 34.34
C SER A 261 5.70 -11.84 33.70
N ARG A 262 4.89 -11.19 34.53
CA ARG A 262 3.69 -10.49 34.05
C ARG A 262 4.08 -9.28 33.21
N GLN A 263 5.27 -8.75 33.48
CA GLN A 263 5.77 -7.59 32.74
C GLN A 263 6.63 -8.05 31.56
N VAL A 264 6.70 -9.37 31.39
CA VAL A 264 7.49 -10.00 30.33
C VAL A 264 8.98 -9.79 30.57
N ASN A 265 9.47 -8.58 30.26
CA ASN A 265 10.88 -8.21 30.43
C ASN A 265 11.81 -8.96 29.47
N LEU A 266 11.88 -10.29 29.64
CA LEU A 266 12.73 -11.16 28.81
C LEU A 266 14.20 -10.95 29.19
N THR A 267 14.72 -9.76 28.92
CA THR A 267 16.11 -9.39 29.23
C THR A 267 17.11 -10.06 28.28
N GLU A 268 17.08 -11.40 28.22
CA GLU A 268 17.96 -12.18 27.33
C GLU A 268 19.45 -12.03 27.67
N ARG A 269 20.02 -13.09 28.22
CA ARG A 269 21.45 -13.14 28.56
C ARG A 269 21.79 -14.46 29.22
N GLY A 270 23.08 -14.75 29.35
CA GLY A 270 23.52 -15.98 29.96
C GLY A 270 24.43 -16.76 29.04
N LEU A 271 24.00 -16.92 27.79
CA LEU A 271 24.76 -17.66 26.76
C LEU A 271 24.80 -19.16 27.03
N VAL A 272 25.41 -19.55 28.14
CA VAL A 272 25.51 -20.97 28.51
C VAL A 272 24.13 -21.61 28.64
N LEU A 273 23.13 -20.78 28.96
CA LEU A 273 21.77 -21.26 29.11
C LEU A 273 21.21 -21.72 27.77
N ILE A 274 21.30 -20.85 26.77
CA ILE A 274 20.78 -21.15 25.43
C ILE A 274 21.54 -22.28 24.76
N GLU A 275 22.74 -22.57 25.27
CA GLU A 275 23.58 -23.64 24.74
C GLU A 275 22.90 -24.99 24.93
N GLU A 276 22.05 -25.08 25.93
CA GLU A 276 21.34 -26.31 26.24
C GLU A 276 20.01 -26.39 25.50
N LEU A 277 19.46 -25.24 25.14
CA LEU A 277 18.19 -25.19 24.42
C LEU A 277 18.40 -25.54 22.95
N LEU A 278 19.52 -25.09 22.42
CA LEU A 278 19.87 -25.33 21.02
C LEU A 278 20.25 -26.79 20.77
N VAL A 279 20.59 -27.10 19.52
CA VAL A 279 21.00 -28.44 19.10
C VAL A 279 19.85 -29.45 19.26
N LYS A 280 20.03 -30.66 18.69
CA LYS A 280 19.05 -31.76 18.76
C LYS A 280 17.87 -31.56 17.80
N GLU A 281 17.29 -32.70 17.38
CA GLU A 281 16.14 -32.75 16.47
C GLU A 281 16.47 -32.30 15.05
N GLY A 282 16.71 -31.02 14.87
CA GLY A 282 17.03 -30.51 13.55
C GLY A 282 17.04 -29.00 13.53
N ILE A 283 17.67 -28.43 12.50
CA ILE A 283 17.78 -26.98 12.33
C ILE A 283 18.74 -26.40 13.35
N MET A 284 18.37 -26.46 14.62
CA MET A 284 19.21 -25.97 15.69
C MET A 284 20.38 -26.92 15.91
N ASP A 285 20.27 -28.11 15.31
CA ASP A 285 21.29 -29.14 15.42
C ASP A 285 22.47 -28.85 14.48
N GLU A 286 22.28 -27.86 13.61
CA GLU A 286 23.33 -27.47 12.65
C GLU A 286 24.48 -26.79 13.38
N GLY A 287 24.21 -26.29 14.57
CA GLY A 287 25.21 -25.59 15.35
C GLY A 287 25.20 -24.10 15.06
N GLU A 288 24.03 -23.51 15.15
CA GLU A 288 23.87 -22.09 14.90
C GLU A 288 23.15 -21.44 16.08
N SER A 289 23.05 -20.12 16.06
CA SER A 289 22.38 -19.38 17.11
C SER A 289 20.87 -19.43 16.93
N LEU A 290 20.14 -18.95 17.91
CA LEU A 290 18.69 -18.95 17.83
C LEU A 290 18.18 -17.55 17.48
N TYR A 291 18.87 -16.53 17.97
CA TYR A 291 18.48 -15.15 17.73
C TYR A 291 19.30 -14.52 16.60
N SER A 292 19.82 -15.35 15.71
CA SER A 292 20.61 -14.88 14.58
C SER A 292 19.67 -14.30 13.50
N PRO A 293 20.20 -13.46 12.59
CA PRO A 293 19.39 -12.85 11.52
C PRO A 293 18.66 -13.87 10.64
N ALA A 294 19.12 -15.11 10.64
CA ALA A 294 18.50 -16.15 9.85
C ALA A 294 17.52 -16.98 10.67
N ASN A 295 17.94 -17.41 11.85
CA ASN A 295 17.10 -18.24 12.72
C ASN A 295 16.18 -17.39 13.60
N ILE A 296 16.16 -16.09 13.33
CA ILE A 296 15.34 -15.15 14.09
C ILE A 296 13.85 -15.52 14.03
N MET A 297 13.45 -16.21 12.96
CA MET A 297 12.06 -16.63 12.80
C MET A 297 11.69 -17.61 13.91
N LEU A 298 12.58 -18.57 14.15
CA LEU A 298 12.35 -19.57 15.18
C LEU A 298 12.42 -18.93 16.56
N MET A 299 13.38 -18.02 16.73
CA MET A 299 13.56 -17.30 17.99
C MET A 299 12.27 -16.61 18.43
N HIS A 300 11.67 -15.87 17.50
CA HIS A 300 10.43 -15.16 17.81
C HIS A 300 9.26 -16.12 18.02
N HIS A 301 9.36 -17.31 17.44
CA HIS A 301 8.30 -18.31 17.57
C HIS A 301 8.40 -19.05 18.90
N VAL A 302 9.62 -19.34 19.35
CA VAL A 302 9.80 -20.03 20.63
C VAL A 302 9.45 -19.09 21.79
N THR A 303 9.55 -17.78 21.53
CA THR A 303 9.21 -16.77 22.53
C THR A 303 7.73 -16.88 22.87
N ALA A 304 6.93 -17.23 21.86
CA ALA A 304 5.49 -17.40 22.02
C ALA A 304 5.19 -18.55 22.96
N ALA A 305 5.99 -19.61 22.88
CA ALA A 305 5.80 -20.78 23.72
C ALA A 305 6.19 -20.46 25.17
N LEU A 306 7.22 -19.65 25.33
CA LEU A 306 7.69 -19.26 26.66
C LEU A 306 6.66 -18.37 27.35
N ARG A 307 6.17 -17.35 26.64
CA ARG A 307 5.18 -16.44 27.20
C ARG A 307 3.89 -17.18 27.52
N ALA A 308 3.61 -18.24 26.77
CA ALA A 308 2.40 -19.02 26.98
C ALA A 308 2.49 -19.88 28.24
N HIS A 309 3.64 -19.86 28.90
CA HIS A 309 3.84 -20.66 30.11
C HIS A 309 4.15 -19.79 31.32
N ALA A 310 4.26 -18.49 31.11
CA ALA A 310 4.57 -17.59 32.22
C ALA A 310 3.69 -16.33 32.19
N LEU A 311 3.42 -15.84 30.99
CA LEU A 311 2.59 -14.65 30.83
C LEU A 311 1.11 -15.04 30.76
N PHE A 312 0.84 -16.15 30.10
CA PHE A 312 -0.54 -16.63 29.95
C PHE A 312 -0.82 -17.82 30.85
N THR A 313 -1.57 -17.58 31.91
CA THR A 313 -1.93 -18.63 32.84
C THR A 313 -3.35 -19.11 32.57
N ARG A 314 -3.52 -20.42 32.45
CA ARG A 314 -4.83 -20.98 32.18
C ARG A 314 -5.73 -20.87 33.40
N ASP A 315 -7.04 -20.82 33.16
CA ASP A 315 -8.06 -20.74 34.20
C ASP A 315 -8.12 -19.35 34.82
N VAL A 316 -7.41 -18.40 34.23
CA VAL A 316 -7.42 -17.02 34.70
C VAL A 316 -7.21 -16.04 33.54
N ASP A 317 -6.22 -16.31 32.69
CA ASP A 317 -5.95 -15.46 31.54
C ASP A 317 -6.72 -15.95 30.33
N TYR A 318 -6.95 -17.25 30.29
CA TYR A 318 -7.69 -17.87 29.21
C TYR A 318 -8.33 -19.17 29.70
N ILE A 319 -9.45 -19.52 29.10
CA ILE A 319 -10.16 -20.73 29.48
C ILE A 319 -10.39 -21.61 28.25
N VAL A 320 -9.95 -22.85 28.34
CA VAL A 320 -10.11 -23.79 27.24
C VAL A 320 -11.38 -24.61 27.43
N LYS A 321 -12.42 -24.25 26.71
CA LYS A 321 -13.68 -24.96 26.82
C LYS A 321 -13.96 -25.76 25.55
N ASP A 322 -13.81 -27.07 25.66
CA ASP A 322 -14.03 -28.02 24.55
C ASP A 322 -13.54 -27.50 23.20
N GLY A 323 -12.23 -27.27 23.10
CA GLY A 323 -11.65 -26.80 21.86
C GLY A 323 -11.55 -25.28 21.76
N GLU A 324 -12.56 -24.58 22.24
CA GLU A 324 -12.57 -23.12 22.16
C GLU A 324 -11.75 -22.49 23.28
N VAL A 325 -10.71 -21.76 22.91
CA VAL A 325 -9.87 -21.07 23.86
C VAL A 325 -10.31 -19.62 23.99
N ILE A 326 -11.07 -19.34 25.05
CA ILE A 326 -11.58 -18.00 25.29
C ILE A 326 -10.63 -17.22 26.18
N ILE A 327 -10.36 -15.97 25.81
CA ILE A 327 -9.48 -15.11 26.59
C ILE A 327 -10.26 -14.45 27.71
N VAL A 328 -9.70 -14.48 28.91
CA VAL A 328 -10.37 -13.90 30.06
C VAL A 328 -9.62 -12.67 30.55
N ASP A 329 -10.34 -11.57 30.68
CA ASP A 329 -9.76 -10.32 31.17
C ASP A 329 -9.48 -10.42 32.66
N GLU A 330 -8.23 -10.27 33.03
CA GLU A 330 -7.79 -10.36 34.42
C GLU A 330 -8.21 -9.14 35.26
N HIS A 331 -8.71 -8.10 34.59
CA HIS A 331 -9.10 -6.88 35.30
C HIS A 331 -10.49 -7.01 35.93
N THR A 332 -11.46 -7.45 35.14
CA THR A 332 -12.83 -7.57 35.62
C THR A 332 -13.44 -8.95 35.33
N GLY A 333 -12.60 -9.91 34.97
CA GLY A 333 -13.07 -11.24 34.68
C GLY A 333 -14.03 -11.27 33.50
N ARG A 334 -13.60 -10.72 32.37
CA ARG A 334 -14.44 -10.68 31.19
C ARG A 334 -14.04 -11.76 30.19
N THR A 335 -14.95 -12.68 29.92
CA THR A 335 -14.69 -13.76 28.98
C THR A 335 -14.94 -13.29 27.55
N MET A 336 -13.87 -13.05 26.81
CA MET A 336 -13.97 -12.57 25.43
C MET A 336 -13.50 -13.64 24.45
N GLN A 337 -14.45 -14.28 23.78
CA GLN A 337 -14.14 -15.32 22.80
C GLN A 337 -13.69 -14.69 21.49
N GLY A 338 -14.30 -13.57 21.13
CA GLY A 338 -13.96 -12.89 19.89
C GLY A 338 -12.82 -11.91 20.08
N ARG A 339 -11.66 -12.42 20.43
CA ARG A 339 -10.48 -11.58 20.64
C ARG A 339 -9.25 -12.24 20.03
N ARG A 340 -8.79 -11.72 18.91
CA ARG A 340 -7.62 -12.26 18.24
C ARG A 340 -6.38 -11.43 18.55
N TRP A 341 -5.42 -12.07 19.21
CA TRP A 341 -4.17 -11.39 19.56
C TRP A 341 -3.09 -11.76 18.57
N SER A 342 -2.38 -10.74 18.08
CA SER A 342 -1.31 -10.93 17.10
C SER A 342 -0.02 -11.40 17.76
N ASP A 343 1.05 -11.47 16.96
CA ASP A 343 2.38 -11.89 17.43
C ASP A 343 2.35 -13.29 18.04
N GLY A 344 1.35 -14.07 17.64
CA GLY A 344 1.20 -15.42 18.14
C GLY A 344 1.04 -15.47 19.65
N LEU A 345 0.41 -14.42 20.21
CA LEU A 345 0.20 -14.33 21.65
C LEU A 345 -0.48 -15.57 22.22
N HIS A 346 -1.55 -16.02 21.57
CA HIS A 346 -2.26 -17.21 22.05
C HIS A 346 -2.11 -18.38 21.10
N GLN A 347 -1.30 -18.20 20.05
CA GLN A 347 -1.09 -19.26 19.07
C GLN A 347 -0.34 -20.43 19.68
N ALA A 348 0.63 -20.13 20.53
CA ALA A 348 1.41 -21.15 21.19
C ALA A 348 0.59 -21.81 22.29
N VAL A 349 -0.47 -21.14 22.69
CA VAL A 349 -1.37 -21.65 23.72
C VAL A 349 -2.09 -22.88 23.20
N GLU A 350 -2.49 -22.83 21.93
CA GLU A 350 -3.18 -23.93 21.28
C GLU A 350 -2.30 -25.17 21.24
N ALA A 351 -0.99 -24.96 21.12
CA ALA A 351 -0.04 -26.06 21.08
C ALA A 351 0.32 -26.51 22.50
N LYS A 352 0.19 -25.58 23.43
CA LYS A 352 0.48 -25.85 24.84
C LYS A 352 -0.60 -26.75 25.43
N GLU A 353 -1.84 -26.47 25.08
CA GLU A 353 -2.97 -27.25 25.58
C GLU A 353 -3.30 -28.38 24.60
N GLY A 354 -4.42 -29.05 24.81
CA GLY A 354 -4.83 -30.13 23.93
C GLY A 354 -5.88 -29.69 22.95
N VAL A 355 -5.51 -28.76 22.07
CA VAL A 355 -6.43 -28.24 21.06
C VAL A 355 -5.73 -28.11 19.71
N GLN A 356 -6.36 -27.40 18.79
CA GLN A 356 -5.79 -27.19 17.47
C GLN A 356 -5.32 -25.75 17.30
N ILE A 357 -4.12 -25.59 16.76
CA ILE A 357 -3.55 -24.27 16.52
C ILE A 357 -4.33 -23.58 15.40
N GLN A 358 -4.56 -22.28 15.54
CA GLN A 358 -5.29 -21.52 14.54
C GLN A 358 -4.50 -21.45 13.24
N ASN A 359 -5.20 -21.19 12.15
CA ASN A 359 -4.58 -21.09 10.82
C ASN A 359 -3.83 -19.77 10.65
N GLU A 360 -2.87 -19.53 11.56
CA GLU A 360 -2.05 -18.32 11.55
C GLU A 360 -2.89 -17.06 11.37
N ASN A 361 -2.31 -16.02 10.80
CA ASN A 361 -3.04 -14.78 10.58
C ASN A 361 -2.40 -13.94 9.48
N GLN A 362 -1.08 -14.03 9.35
CA GLN A 362 -0.38 -13.24 8.34
C GLN A 362 0.33 -14.15 7.33
N THR A 363 1.66 -14.15 7.36
CA THR A 363 2.48 -14.94 6.45
C THR A 363 2.19 -14.63 4.97
N LEU A 364 2.32 -15.65 4.12
CA LEU A 364 2.09 -15.54 2.67
C LEU A 364 2.95 -14.45 2.02
N ALA A 365 2.37 -13.27 1.83
CA ALA A 365 3.08 -12.17 1.20
C ALA A 365 2.36 -10.85 1.45
N SER A 366 2.98 -9.74 1.06
CA SER A 366 2.40 -8.42 1.24
C SER A 366 3.13 -7.40 0.37
N ILE A 367 2.50 -6.26 0.15
CA ILE A 367 3.09 -5.20 -0.66
C ILE A 367 2.46 -3.85 -0.31
N THR A 368 3.25 -2.80 -0.42
CA THR A 368 2.78 -1.44 -0.15
C THR A 368 2.40 -0.73 -1.43
N PHE A 369 1.34 0.08 -1.37
CA PHE A 369 0.87 0.84 -2.55
C PHE A 369 1.98 1.70 -3.13
N GLN A 370 2.63 2.48 -2.28
CA GLN A 370 3.71 3.37 -2.70
C GLN A 370 4.78 2.60 -3.47
N ASN A 371 5.20 1.48 -2.91
CA ASN A 371 6.24 0.65 -3.54
C ASN A 371 5.74 0.04 -4.85
N TYR A 372 4.45 -0.22 -4.91
CA TYR A 372 3.84 -0.80 -6.11
C TYR A 372 3.82 0.22 -7.24
N PHE A 373 3.49 1.47 -6.90
CA PHE A 373 3.43 2.53 -7.89
C PHE A 373 4.83 2.94 -8.34
N ARG A 374 5.83 2.60 -7.54
CA ARG A 374 7.22 2.93 -7.87
C ARG A 374 7.75 1.98 -8.94
N LEU A 375 6.97 0.98 -9.29
CA LEU A 375 7.35 0.01 -10.30
C LEU A 375 6.79 0.37 -11.66
N TYR A 376 6.18 1.55 -11.75
CA TYR A 376 5.59 2.02 -12.99
C TYR A 376 6.53 3.00 -13.69
N GLU A 377 6.43 3.05 -15.02
CA GLU A 377 7.26 3.96 -15.81
C GLU A 377 6.68 5.37 -15.75
N LYS A 378 5.60 5.60 -16.49
CA LYS A 378 4.95 6.90 -16.51
C LYS A 378 3.88 6.96 -15.43
N LEU A 379 4.27 7.39 -14.24
CA LEU A 379 3.36 7.51 -13.13
C LEU A 379 2.83 8.94 -13.04
N ALA A 380 1.56 9.11 -13.36
CA ALA A 380 0.94 10.42 -13.32
C ALA A 380 -0.31 10.40 -12.46
N GLY A 381 -0.67 11.54 -11.91
CA GLY A 381 -1.84 11.62 -11.08
C GLY A 381 -2.42 13.02 -11.04
N MET A 382 -3.73 13.10 -10.99
CA MET A 382 -4.41 14.38 -10.94
C MET A 382 -5.10 14.54 -9.60
N THR A 383 -4.87 15.66 -8.94
CA THR A 383 -5.48 15.91 -7.65
C THR A 383 -6.28 17.20 -7.67
N GLY A 384 -6.81 17.59 -6.52
CA GLY A 384 -7.58 18.80 -6.43
C GLY A 384 -6.77 19.91 -5.78
N THR A 385 -7.25 21.14 -5.90
CA THR A 385 -6.56 22.29 -5.33
C THR A 385 -6.48 22.17 -3.81
N ALA A 386 -5.30 21.81 -3.31
CA ALA A 386 -5.08 21.64 -1.88
C ALA A 386 -3.64 21.92 -1.50
N ASP A 387 -2.71 21.69 -2.44
CA ASP A 387 -1.28 21.90 -2.21
C ASP A 387 -0.83 21.11 -0.98
N THR A 388 -0.33 21.83 0.03
CA THR A 388 0.12 21.21 1.28
C THR A 388 1.33 20.28 1.10
N GLU A 389 1.08 18.98 0.98
CA GLU A 389 2.17 18.01 0.82
C GLU A 389 2.64 17.93 -0.62
N ALA A 390 2.66 19.08 -1.29
CA ALA A 390 3.11 19.15 -2.68
C ALA A 390 4.58 18.78 -2.82
N PHE A 391 5.30 18.87 -1.69
CA PHE A 391 6.72 18.54 -1.67
C PHE A 391 6.94 17.04 -1.55
N GLU A 392 5.96 16.33 -1.00
CA GLU A 392 6.06 14.89 -0.82
C GLU A 392 6.11 14.18 -2.16
N PHE A 393 5.35 14.67 -3.13
CA PHE A 393 5.30 14.08 -4.45
C PHE A 393 6.69 14.06 -5.10
N SER A 394 7.38 15.19 -5.03
CA SER A 394 8.71 15.32 -5.62
C SER A 394 9.79 14.63 -4.80
N SER A 395 9.44 14.19 -3.59
CA SER A 395 10.40 13.52 -2.73
C SER A 395 10.23 12.01 -2.72
N ILE A 396 9.02 11.55 -2.44
CA ILE A 396 8.75 10.11 -2.38
C ILE A 396 8.52 9.47 -3.74
N TYR A 397 7.64 10.06 -4.54
CA TYR A 397 7.33 9.50 -5.85
C TYR A 397 8.15 10.14 -6.96
N LYS A 398 8.88 11.20 -6.61
CA LYS A 398 9.73 11.93 -7.56
C LYS A 398 8.89 12.53 -8.69
N LEU A 399 7.76 13.12 -8.32
CA LEU A 399 6.85 13.73 -9.30
C LEU A 399 6.73 15.22 -9.03
N ASP A 400 6.67 16.03 -10.08
CA ASP A 400 6.54 17.47 -9.92
C ASP A 400 5.07 17.86 -9.87
N THR A 401 4.69 18.61 -8.86
CA THR A 401 3.30 19.04 -8.69
C THR A 401 3.04 20.33 -9.46
N VAL A 402 2.42 20.21 -10.63
CA VAL A 402 2.11 21.35 -11.49
C VAL A 402 0.67 21.82 -11.25
N VAL A 403 0.50 23.12 -11.11
CA VAL A 403 -0.82 23.70 -10.87
C VAL A 403 -1.52 24.00 -12.20
N VAL A 404 -2.70 23.43 -12.38
CA VAL A 404 -3.48 23.64 -13.59
C VAL A 404 -4.37 24.86 -13.44
N PRO A 405 -4.35 25.78 -14.43
CA PRO A 405 -5.15 26.99 -14.40
C PRO A 405 -6.65 26.70 -14.48
N THR A 406 -7.45 27.57 -13.87
CA THR A 406 -8.89 27.42 -13.86
C THR A 406 -9.51 27.90 -15.17
N ASN A 407 -10.72 27.40 -15.45
CA ASN A 407 -11.43 27.78 -16.66
C ASN A 407 -11.83 29.25 -16.59
N ARG A 408 -12.25 29.67 -15.41
CA ARG A 408 -12.65 31.04 -15.17
C ARG A 408 -11.86 31.62 -14.00
N PRO A 409 -11.66 32.94 -13.97
CA PRO A 409 -10.95 33.61 -12.87
C PRO A 409 -11.69 33.44 -11.54
N MET A 410 -11.04 32.78 -10.59
CA MET A 410 -11.64 32.54 -9.28
C MET A 410 -11.84 33.82 -8.51
N ILE A 411 -13.10 34.17 -8.27
CA ILE A 411 -13.42 35.38 -7.52
C ILE A 411 -13.65 35.02 -6.07
N ARG A 412 -12.82 34.14 -5.54
CA ARG A 412 -12.91 33.71 -4.16
C ARG A 412 -12.25 34.75 -3.25
N LYS A 413 -13.08 35.57 -2.63
CA LYS A 413 -12.59 36.61 -1.75
C LYS A 413 -12.18 36.02 -0.40
N ASP A 414 -10.88 35.84 -0.23
CA ASP A 414 -10.32 35.28 0.99
C ASP A 414 -10.23 36.33 2.07
N LEU A 415 -10.71 36.01 3.26
CA LEU A 415 -10.67 36.93 4.39
C LEU A 415 -9.78 36.34 5.49
N PRO A 416 -9.11 37.20 6.27
CA PRO A 416 -8.21 36.74 7.35
C PRO A 416 -8.92 35.96 8.46
N ASP A 417 -8.13 35.35 9.32
CA ASP A 417 -8.64 34.59 10.44
C ASP A 417 -8.90 35.50 11.63
N LEU A 418 -10.16 35.61 12.02
CA LEU A 418 -10.51 36.46 13.15
C LEU A 418 -10.52 35.65 14.43
N VAL A 419 -9.36 35.56 15.06
CA VAL A 419 -9.20 34.83 16.30
C VAL A 419 -9.63 35.70 17.48
N TYR A 420 -10.56 35.18 18.28
CA TYR A 420 -11.05 35.91 19.43
C TYR A 420 -10.62 35.22 20.72
N MET A 421 -10.99 35.79 21.86
CA MET A 421 -10.60 35.23 23.16
C MET A 421 -11.31 33.91 23.45
N THR A 422 -12.58 34.01 23.82
CA THR A 422 -13.37 32.84 24.15
C THR A 422 -14.09 32.27 22.93
N GLU A 423 -14.59 31.05 23.06
CA GLU A 423 -15.31 30.40 21.99
C GLU A 423 -16.63 31.13 21.74
N ALA A 424 -17.13 31.77 22.79
CA ALA A 424 -18.38 32.53 22.71
C ALA A 424 -18.23 33.65 21.69
N GLU A 425 -17.10 34.35 21.75
CA GLU A 425 -16.80 35.44 20.84
C GLU A 425 -16.71 34.91 19.41
N LYS A 426 -16.07 33.75 19.26
CA LYS A 426 -15.93 33.13 17.95
C LYS A 426 -17.29 32.85 17.33
N ILE A 427 -18.16 32.21 18.09
CA ILE A 427 -19.49 31.87 17.61
C ILE A 427 -20.32 33.13 17.35
N GLN A 428 -20.24 34.08 18.28
CA GLN A 428 -20.97 35.34 18.15
C GLN A 428 -20.55 36.09 16.89
N ALA A 429 -19.25 36.07 16.60
CA ALA A 429 -18.72 36.73 15.42
C ALA A 429 -19.24 36.06 14.15
N ILE A 430 -19.43 34.75 14.23
CA ILE A 430 -19.94 33.97 13.11
C ILE A 430 -21.38 34.39 12.82
N ILE A 431 -22.18 34.49 13.89
CA ILE A 431 -23.57 34.89 13.77
C ILE A 431 -23.68 36.29 13.20
N GLU A 432 -22.75 37.15 13.58
CA GLU A 432 -22.73 38.54 13.11
C GLU A 432 -22.49 38.57 11.59
N ASP A 433 -21.53 37.78 11.12
CA ASP A 433 -21.21 37.70 9.70
C ASP A 433 -22.41 37.20 8.91
N ILE A 434 -23.10 36.21 9.46
CA ILE A 434 -24.28 35.63 8.82
C ILE A 434 -25.45 36.59 8.86
N LYS A 435 -25.58 37.30 9.99
CA LYS A 435 -26.67 38.26 10.21
C LYS A 435 -26.75 39.28 9.08
N GLU A 436 -25.61 39.72 8.58
CA GLU A 436 -25.58 40.70 7.50
C GLU A 436 -25.88 40.07 6.14
N ARG A 437 -25.27 38.93 5.88
CA ARG A 437 -25.43 38.25 4.60
C ARG A 437 -26.83 37.69 4.40
N THR A 438 -27.50 37.32 5.47
CA THR A 438 -28.86 36.80 5.36
C THR A 438 -29.82 37.90 4.91
N ALA A 439 -29.55 39.11 5.39
CA ALA A 439 -30.38 40.25 5.03
C ALA A 439 -29.94 40.84 3.70
N LYS A 440 -28.74 40.44 3.25
CA LYS A 440 -28.19 40.91 2.00
C LYS A 440 -28.60 39.98 0.85
N GLY A 441 -28.75 38.70 1.16
CA GLY A 441 -29.15 37.73 0.15
C GLY A 441 -28.00 36.84 -0.29
N GLN A 442 -27.00 36.69 0.56
CA GLN A 442 -25.85 35.85 0.24
C GLN A 442 -25.91 34.52 0.98
N PRO A 443 -25.79 33.40 0.26
CA PRO A 443 -25.80 32.06 0.86
C PRO A 443 -24.55 31.82 1.71
N VAL A 444 -24.72 31.18 2.85
CA VAL A 444 -23.61 30.92 3.75
C VAL A 444 -23.48 29.44 4.07
N LEU A 445 -22.27 28.91 3.95
CA LEU A 445 -21.99 27.53 4.25
C LEU A 445 -21.03 27.46 5.44
N VAL A 446 -21.57 27.07 6.58
CA VAL A 446 -20.78 26.96 7.81
C VAL A 446 -20.24 25.55 7.97
N GLY A 447 -18.92 25.42 7.98
CA GLY A 447 -18.31 24.13 8.13
C GLY A 447 -17.90 23.87 9.56
N THR A 448 -18.34 22.74 10.11
CA THR A 448 -18.01 22.37 11.47
C THR A 448 -17.26 21.06 11.52
N ILE A 449 -16.22 20.99 12.34
CA ILE A 449 -15.42 19.77 12.46
C ILE A 449 -15.94 18.91 13.62
N SER A 450 -16.57 19.57 14.58
CA SER A 450 -17.11 18.90 15.75
C SER A 450 -18.63 19.02 15.77
N ILE A 451 -19.31 17.91 16.02
CA ILE A 451 -20.76 17.91 16.07
C ILE A 451 -21.27 18.81 17.19
N GLU A 452 -20.49 18.86 18.27
CA GLU A 452 -20.82 19.68 19.42
C GLU A 452 -20.92 21.15 19.03
N LYS A 453 -20.09 21.56 18.08
CA LYS A 453 -20.10 22.95 17.60
C LYS A 453 -21.26 23.18 16.65
N SER A 454 -21.63 22.16 15.90
CA SER A 454 -22.74 22.25 14.95
C SER A 454 -24.03 22.57 15.70
N GLU A 455 -24.23 21.90 16.83
CA GLU A 455 -25.42 22.12 17.64
C GLU A 455 -25.35 23.50 18.31
N LEU A 456 -24.15 23.90 18.69
CA LEU A 456 -23.92 25.18 19.35
C LEU A 456 -24.21 26.35 18.42
N VAL A 457 -23.62 26.35 17.23
CA VAL A 457 -23.83 27.42 16.27
C VAL A 457 -25.29 27.51 15.85
N SER A 458 -25.96 26.36 15.76
CA SER A 458 -27.36 26.32 15.39
C SER A 458 -28.22 26.97 16.47
N ASN A 459 -27.86 26.72 17.73
CA ASN A 459 -28.58 27.28 18.87
C ASN A 459 -28.59 28.80 18.82
N GLU A 460 -27.44 29.39 18.49
CA GLU A 460 -27.32 30.83 18.40
C GLU A 460 -28.07 31.37 17.18
N LEU A 461 -28.04 30.59 16.09
CA LEU A 461 -28.73 30.98 14.87
C LEU A 461 -30.23 31.02 15.08
N THR A 462 -30.76 30.00 15.75
CA THR A 462 -32.19 29.94 16.04
C THR A 462 -32.57 31.05 17.02
N LYS A 463 -31.62 31.39 17.89
CA LYS A 463 -31.81 32.44 18.88
C LYS A 463 -32.00 33.79 18.21
N ALA A 464 -31.23 34.01 17.14
CA ALA A 464 -31.30 35.26 16.40
C ALA A 464 -32.42 35.22 15.36
N GLY A 465 -33.06 34.07 15.25
CA GLY A 465 -34.15 33.90 14.31
C GLY A 465 -33.66 33.81 12.88
N ILE A 466 -32.51 33.17 12.69
CA ILE A 466 -31.94 33.01 11.37
C ILE A 466 -32.14 31.58 10.87
N LYS A 467 -32.77 31.45 9.70
CA LYS A 467 -33.02 30.14 9.11
C LYS A 467 -31.70 29.46 8.75
N HIS A 468 -31.62 28.16 8.99
CA HIS A 468 -30.41 27.40 8.72
C HIS A 468 -30.71 25.92 8.61
N ASN A 469 -29.99 25.24 7.74
CA ASN A 469 -30.15 23.81 7.54
C ASN A 469 -28.86 23.10 7.91
N VAL A 470 -28.95 22.13 8.80
CA VAL A 470 -27.79 21.38 9.25
C VAL A 470 -27.69 20.03 8.55
N LEU A 471 -26.47 19.65 8.19
CA LEU A 471 -26.24 18.37 7.53
C LEU A 471 -25.88 17.31 8.57
N ASN A 472 -26.19 16.07 8.27
CA ASN A 472 -25.92 14.96 9.18
C ASN A 472 -25.96 13.65 8.39
N ALA A 473 -24.94 12.83 8.57
CA ALA A 473 -24.83 11.55 7.88
C ALA A 473 -26.02 10.63 8.17
N LYS A 474 -26.73 10.91 9.25
CA LYS A 474 -27.89 10.11 9.64
C LYS A 474 -29.11 10.51 8.82
N PHE A 475 -28.97 11.58 8.05
CA PHE A 475 -30.05 12.09 7.21
C PHE A 475 -29.56 12.33 5.79
N HIS A 476 -28.83 11.36 5.25
CA HIS A 476 -28.28 11.45 3.89
C HIS A 476 -29.34 11.82 2.86
N ALA A 477 -30.52 11.24 3.01
CA ALA A 477 -31.63 11.49 2.09
C ALA A 477 -32.08 12.95 2.14
N ASN A 478 -31.95 13.57 3.29
CA ASN A 478 -32.35 14.96 3.47
C ASN A 478 -31.26 15.89 2.96
N GLU A 479 -30.01 15.52 3.21
CA GLU A 479 -28.86 16.31 2.79
C GLU A 479 -28.89 16.58 1.29
N ALA A 480 -29.34 15.58 0.52
CA ALA A 480 -29.42 15.71 -0.93
C ALA A 480 -30.24 16.94 -1.34
N ALA A 481 -31.35 17.17 -0.65
CA ALA A 481 -32.21 18.30 -0.95
C ALA A 481 -31.63 19.60 -0.38
N ILE A 482 -30.89 19.48 0.72
CA ILE A 482 -30.30 20.64 1.37
C ILE A 482 -29.12 21.18 0.56
N VAL A 483 -28.17 20.30 0.25
CA VAL A 483 -26.98 20.69 -0.49
C VAL A 483 -27.34 21.24 -1.87
N ALA A 484 -28.38 20.68 -2.47
CA ALA A 484 -28.84 21.11 -3.79
C ALA A 484 -29.34 22.55 -3.76
N GLN A 485 -29.80 23.00 -2.59
CA GLN A 485 -30.30 24.36 -2.45
C GLN A 485 -29.43 25.17 -1.49
N ALA A 486 -28.20 24.70 -1.26
CA ALA A 486 -27.28 25.37 -0.37
C ALA A 486 -26.80 26.69 -0.97
N GLY A 487 -26.97 26.83 -2.28
CA GLY A 487 -26.55 28.03 -2.95
C GLY A 487 -27.67 29.04 -3.08
N TYR A 488 -28.78 28.76 -2.41
CA TYR A 488 -29.93 29.64 -2.43
C TYR A 488 -29.63 30.95 -1.70
N PRO A 489 -30.07 32.09 -2.24
CA PRO A 489 -29.84 33.40 -1.62
C PRO A 489 -30.35 33.46 -0.18
N ALA A 490 -29.46 33.90 0.72
CA ALA A 490 -29.76 34.05 2.15
C ALA A 490 -29.94 32.71 2.85
N ALA A 491 -29.53 31.62 2.21
CA ALA A 491 -29.65 30.30 2.83
C ALA A 491 -28.40 29.97 3.62
N VAL A 492 -28.60 29.47 4.84
CA VAL A 492 -27.49 29.12 5.70
C VAL A 492 -27.42 27.61 5.89
N THR A 493 -26.37 27.00 5.37
CA THR A 493 -26.19 25.56 5.47
C THR A 493 -25.01 25.24 6.38
N ILE A 494 -25.20 24.29 7.29
CA ILE A 494 -24.16 23.89 8.20
C ILE A 494 -23.69 22.48 7.88
N ALA A 495 -22.42 22.35 7.52
CA ALA A 495 -21.84 21.06 7.16
C ALA A 495 -21.08 20.47 8.34
N THR A 496 -21.50 19.28 8.76
CA THR A 496 -20.86 18.58 9.86
C THR A 496 -19.88 17.54 9.35
N ASN A 497 -18.58 17.80 9.55
CA ASN A 497 -17.51 16.89 9.12
C ASN A 497 -17.62 16.58 7.63
N MET A 498 -17.38 17.60 6.81
CA MET A 498 -17.45 17.46 5.36
C MET A 498 -16.23 16.75 4.81
N ALA A 499 -16.47 15.71 4.02
CA ALA A 499 -15.41 14.92 3.42
C ALA A 499 -14.76 15.65 2.24
N GLY A 500 -13.77 15.01 1.63
CA GLY A 500 -13.06 15.61 0.51
C GLY A 500 -13.92 15.73 -0.74
N ARG A 501 -13.49 16.60 -1.66
CA ARG A 501 -14.17 16.86 -2.93
C ARG A 501 -15.55 17.49 -2.71
N GLY A 502 -16.55 16.66 -2.44
CA GLY A 502 -17.89 17.15 -2.22
C GLY A 502 -18.63 17.42 -3.53
N THR A 503 -19.95 17.38 -3.45
CA THR A 503 -20.80 17.64 -4.61
C THR A 503 -20.70 19.10 -5.05
N ASP A 504 -20.97 19.34 -6.33
CA ASP A 504 -20.91 20.69 -6.88
C ASP A 504 -22.13 21.49 -6.44
N ILE A 505 -21.91 22.46 -5.57
CA ILE A 505 -22.99 23.30 -5.08
C ILE A 505 -23.34 24.37 -6.12
N VAL A 506 -24.58 24.33 -6.60
CA VAL A 506 -25.03 25.27 -7.60
C VAL A 506 -25.55 26.55 -6.94
N LEU A 507 -25.05 27.69 -7.40
CA LEU A 507 -25.45 28.98 -6.87
C LEU A 507 -26.85 29.33 -7.37
N GLY A 508 -27.70 29.78 -6.45
CA GLY A 508 -29.06 30.16 -6.82
C GLY A 508 -29.98 28.96 -6.86
N GLY A 509 -29.55 27.85 -6.26
CA GLY A 509 -30.36 26.65 -6.25
C GLY A 509 -29.99 25.72 -7.38
N SER A 510 -30.79 24.69 -7.59
CA SER A 510 -30.52 23.73 -8.64
C SER A 510 -31.78 23.41 -9.44
N TRP A 511 -31.96 24.12 -10.54
CA TRP A 511 -33.13 23.92 -11.40
C TRP A 511 -33.23 22.46 -11.84
N GLN A 512 -32.07 21.82 -11.98
CA GLN A 512 -32.02 20.42 -12.40
C GLN A 512 -32.75 19.51 -11.41
N ALA A 513 -32.58 19.80 -10.12
CA ALA A 513 -33.22 19.00 -9.07
C ALA A 513 -34.67 19.41 -8.89
N GLU A 514 -34.97 20.65 -9.26
CA GLU A 514 -36.32 21.18 -9.14
C GLU A 514 -37.22 20.66 -10.25
N VAL A 515 -36.74 20.71 -11.49
CA VAL A 515 -37.52 20.20 -12.63
C VAL A 515 -37.66 18.69 -12.57
N ALA A 516 -36.69 18.03 -11.94
CA ALA A 516 -36.71 16.58 -11.82
C ALA A 516 -37.56 16.15 -10.62
N ALA A 517 -38.02 17.12 -9.85
CA ALA A 517 -38.84 16.85 -8.68
C ALA A 517 -40.32 16.83 -9.06
N LEU A 518 -40.60 17.24 -10.29
CA LEU A 518 -41.97 17.28 -10.79
C LEU A 518 -42.39 15.90 -11.29
N GLU A 519 -43.68 15.67 -11.35
CA GLU A 519 -44.22 14.40 -11.82
C GLU A 519 -44.23 14.41 -13.35
N ASN A 520 -44.38 15.59 -13.91
CA ASN A 520 -44.40 15.77 -15.35
C ASN A 520 -43.77 17.11 -15.71
N PRO A 521 -42.45 17.13 -15.97
CA PRO A 521 -41.73 18.35 -16.32
C PRO A 521 -41.97 18.78 -17.77
N THR A 522 -42.97 19.63 -17.97
CA THR A 522 -43.28 20.14 -19.29
C THR A 522 -42.25 21.18 -19.71
N ALA A 523 -42.06 21.34 -21.02
CA ALA A 523 -41.10 22.31 -21.56
C ALA A 523 -41.40 23.71 -21.05
N GLU A 524 -42.69 24.02 -20.91
CA GLU A 524 -43.12 25.32 -20.42
C GLU A 524 -42.71 25.49 -18.96
N GLN A 525 -42.92 24.45 -18.17
CA GLN A 525 -42.59 24.47 -16.75
C GLN A 525 -41.07 24.51 -16.54
N ILE A 526 -40.35 23.74 -17.35
CA ILE A 526 -38.90 23.71 -17.27
C ILE A 526 -38.31 25.09 -17.52
N GLU A 527 -38.83 25.77 -18.54
CA GLU A 527 -38.36 27.11 -18.88
C GLU A 527 -38.66 28.08 -17.75
N LYS A 528 -39.84 27.94 -17.14
CA LYS A 528 -40.26 28.80 -16.04
C LYS A 528 -39.28 28.68 -14.87
N ILE A 529 -39.04 27.45 -14.43
CA ILE A 529 -38.14 27.19 -13.32
C ILE A 529 -36.71 27.62 -13.67
N LYS A 530 -36.31 27.38 -14.90
CA LYS A 530 -34.99 27.74 -15.38
C LYS A 530 -34.81 29.26 -15.31
N ALA A 531 -35.85 29.99 -15.70
CA ALA A 531 -35.82 31.44 -15.67
C ALA A 531 -35.70 31.95 -14.25
N ASP A 532 -36.49 31.37 -13.35
CA ASP A 532 -36.46 31.75 -11.94
C ASP A 532 -35.07 31.48 -11.37
N TRP A 533 -34.54 30.30 -11.68
CA TRP A 533 -33.22 29.89 -11.22
C TRP A 533 -32.16 30.88 -11.71
N GLN A 534 -32.29 31.32 -12.95
CA GLN A 534 -31.36 32.26 -13.54
C GLN A 534 -31.30 33.55 -12.71
N VAL A 535 -32.47 34.04 -12.30
CA VAL A 535 -32.55 35.24 -11.49
C VAL A 535 -31.89 35.01 -10.14
N ARG A 536 -32.19 33.87 -9.54
CA ARG A 536 -31.63 33.51 -8.24
C ARG A 536 -30.11 33.35 -8.32
N HIS A 537 -29.65 32.78 -9.42
CA HIS A 537 -28.22 32.57 -9.64
C HIS A 537 -27.52 33.93 -9.80
N ASP A 538 -28.17 34.85 -10.49
CA ASP A 538 -27.63 36.19 -10.72
C ASP A 538 -27.54 36.94 -9.40
N ALA A 539 -28.56 36.79 -8.56
CA ALA A 539 -28.60 37.44 -7.26
C ALA A 539 -27.40 37.03 -6.41
N VAL A 540 -27.09 35.75 -6.42
CA VAL A 540 -25.95 35.22 -5.66
C VAL A 540 -24.65 35.84 -6.14
N LEU A 541 -24.55 36.07 -7.45
CA LEU A 541 -23.36 36.66 -8.04
C LEU A 541 -23.15 38.08 -7.52
N GLU A 542 -24.25 38.83 -7.46
CA GLU A 542 -24.22 40.21 -6.98
C GLU A 542 -23.99 40.24 -5.46
N ALA A 543 -24.45 39.19 -4.78
CA ALA A 543 -24.30 39.09 -3.34
C ALA A 543 -22.85 38.85 -2.97
N GLY A 544 -22.14 38.08 -3.79
CA GLY A 544 -20.74 37.81 -3.52
C GLY A 544 -20.40 36.33 -3.57
N GLY A 545 -21.27 35.55 -4.21
CA GLY A 545 -21.04 34.12 -4.33
C GLY A 545 -21.31 33.38 -3.04
N LEU A 546 -20.93 32.11 -3.00
CA LEU A 546 -21.12 31.29 -1.81
C LEU A 546 -20.11 31.67 -0.74
N HIS A 547 -20.60 31.99 0.45
CA HIS A 547 -19.75 32.37 1.55
C HIS A 547 -19.43 31.18 2.45
N ILE A 548 -18.15 30.87 2.58
CA ILE A 548 -17.71 29.76 3.41
C ILE A 548 -17.27 30.25 4.78
N ILE A 549 -17.80 29.64 5.83
CA ILE A 549 -17.43 30.01 7.19
C ILE A 549 -16.82 28.81 7.92
N GLY A 550 -15.63 29.00 8.45
CA GLY A 550 -14.97 27.93 9.16
C GLY A 550 -14.97 28.16 10.66
N THR A 551 -15.61 27.27 11.39
CA THR A 551 -15.67 27.36 12.84
C THR A 551 -14.31 27.05 13.44
N GLU A 552 -13.73 25.96 12.96
CA GLU A 552 -12.42 25.51 13.37
C GLU A 552 -11.68 24.98 12.15
N ARG A 553 -10.40 25.26 12.07
CA ARG A 553 -9.60 24.80 10.95
C ARG A 553 -9.22 23.35 11.15
N HIS A 554 -8.77 22.71 10.08
CA HIS A 554 -8.38 21.31 10.15
C HIS A 554 -6.91 21.21 10.57
N GLU A 555 -6.55 20.10 11.19
CA GLU A 555 -5.18 19.87 11.63
C GLU A 555 -4.23 19.98 10.45
N SER A 556 -4.62 19.37 9.35
CA SER A 556 -3.82 19.39 8.14
C SER A 556 -4.36 20.45 7.18
N ARG A 557 -3.44 21.12 6.49
CA ARG A 557 -3.78 22.16 5.54
C ARG A 557 -4.47 21.57 4.31
N ARG A 558 -4.15 20.31 4.01
CA ARG A 558 -4.74 19.64 2.86
C ARG A 558 -6.25 19.57 3.01
N ILE A 559 -6.71 19.09 4.15
CA ILE A 559 -8.13 18.96 4.43
C ILE A 559 -8.74 20.35 4.67
N ASP A 560 -7.91 21.28 5.10
CA ASP A 560 -8.34 22.66 5.34
C ASP A 560 -8.66 23.34 4.02
N ASN A 561 -7.72 23.26 3.09
CA ASN A 561 -7.87 23.87 1.77
C ASN A 561 -9.04 23.26 1.02
N GLN A 562 -9.23 21.94 1.18
CA GLN A 562 -10.32 21.24 0.53
C GLN A 562 -11.66 21.81 0.93
N LEU A 563 -11.76 22.29 2.17
CA LEU A 563 -12.99 22.87 2.68
C LEU A 563 -13.17 24.30 2.16
N ARG A 564 -12.07 25.01 2.02
CA ARG A 564 -12.12 26.40 1.54
C ARG A 564 -12.42 26.45 0.04
N GLY A 565 -11.97 25.43 -0.68
CA GLY A 565 -12.17 25.38 -2.11
C GLY A 565 -13.54 24.90 -2.54
N ARG A 566 -14.52 24.91 -1.62
CA ARG A 566 -15.86 24.47 -1.95
C ARG A 566 -16.56 25.49 -2.85
N SER A 567 -16.38 26.76 -2.52
CA SER A 567 -16.98 27.85 -3.28
C SER A 567 -16.08 28.25 -4.45
N GLY A 568 -16.66 28.94 -5.43
CA GLY A 568 -15.91 29.37 -6.59
C GLY A 568 -15.57 28.23 -7.53
N ARG A 569 -16.49 27.28 -7.67
CA ARG A 569 -16.28 26.14 -8.55
C ARG A 569 -16.09 26.56 -9.99
N GLN A 570 -15.04 26.05 -10.64
CA GLN A 570 -14.71 26.36 -12.02
C GLN A 570 -14.37 27.85 -12.19
N GLY A 571 -14.02 28.50 -11.09
CA GLY A 571 -13.66 29.90 -11.13
C GLY A 571 -14.86 30.82 -11.01
N ASP A 572 -15.67 30.59 -9.97
CA ASP A 572 -16.85 31.41 -9.74
C ASP A 572 -16.62 32.35 -8.56
N ALA A 573 -17.68 32.99 -8.10
CA ALA A 573 -17.59 33.92 -6.99
C ALA A 573 -17.75 33.22 -5.64
N GLY A 574 -17.20 33.83 -4.60
CA GLY A 574 -17.29 33.27 -3.27
C GLY A 574 -16.46 34.06 -2.28
N SER A 575 -16.51 33.67 -1.02
CA SER A 575 -15.74 34.35 0.02
C SER A 575 -15.45 33.39 1.18
N SER A 576 -14.21 33.39 1.65
CA SER A 576 -13.80 32.53 2.74
C SER A 576 -13.60 33.32 4.03
N ARG A 577 -14.30 32.93 5.09
CA ARG A 577 -14.19 33.60 6.38
C ARG A 577 -13.98 32.57 7.48
N PHE A 578 -12.82 32.63 8.14
CA PHE A 578 -12.52 31.70 9.21
C PHE A 578 -12.40 32.42 10.55
N TYR A 579 -12.71 31.69 11.61
CA TYR A 579 -12.63 32.22 12.96
C TYR A 579 -11.91 31.24 13.87
N LEU A 580 -11.56 31.66 15.07
CA LEU A 580 -10.86 30.79 16.02
C LEU A 580 -10.86 31.43 17.40
N SER A 581 -10.60 30.62 18.43
CA SER A 581 -10.54 31.12 19.79
C SER A 581 -9.11 31.01 20.32
N MET A 582 -8.79 31.81 21.34
CA MET A 582 -7.45 31.80 21.92
C MET A 582 -7.22 30.54 22.75
N GLU A 583 -8.30 29.83 23.03
CA GLU A 583 -8.23 28.60 23.78
C GLU A 583 -8.81 27.46 22.94
N ASP A 584 -8.78 27.66 21.63
CA ASP A 584 -9.31 26.69 20.69
C ASP A 584 -8.40 25.48 20.57
N ALA A 585 -8.90 24.44 19.91
CA ALA A 585 -8.13 23.21 19.72
C ALA A 585 -6.98 23.43 18.76
N LEU A 586 -7.19 24.31 17.78
CA LEU A 586 -6.15 24.60 16.79
C LEU A 586 -5.01 25.39 17.41
N MET A 587 -5.28 26.06 18.52
CA MET A 587 -4.26 26.85 19.20
C MET A 587 -3.27 25.96 19.95
N ARG A 588 -3.57 24.66 19.97
CA ARG A 588 -2.72 23.70 20.65
C ARG A 588 -1.70 23.08 19.69
N ILE A 589 -1.87 23.32 18.39
CA ILE A 589 -0.95 22.77 17.38
C ILE A 589 0.37 23.53 17.40
N PHE A 590 0.39 24.63 18.15
CA PHE A 590 1.58 25.46 18.28
C PHE A 590 2.56 24.84 19.27
N ALA A 591 2.09 23.81 19.99
CA ALA A 591 2.89 23.09 20.99
C ALA A 591 3.08 23.92 22.25
N SER A 592 3.58 25.13 22.09
CA SER A 592 3.81 26.03 23.20
C SER A 592 2.57 26.88 23.47
N ASP A 593 2.20 26.98 24.74
CA ASP A 593 1.04 27.77 25.13
C ASP A 593 1.43 29.23 25.30
N ARG A 594 2.73 29.52 25.15
CA ARG A 594 3.24 30.87 25.27
C ARG A 594 2.73 31.74 24.12
N VAL A 595 2.59 31.12 22.95
CA VAL A 595 2.11 31.83 21.77
C VAL A 595 0.67 32.30 21.99
N SER A 596 -0.17 31.36 22.40
CA SER A 596 -1.57 31.63 22.64
C SER A 596 -1.74 32.64 23.78
N GLY A 597 -0.91 32.51 24.81
CA GLY A 597 -0.98 33.41 25.93
C GLY A 597 -0.54 34.83 25.58
N MET A 598 0.37 34.94 24.63
CA MET A 598 0.88 36.24 24.20
C MET A 598 -0.07 36.92 23.22
N MET A 599 -0.67 36.13 22.34
CA MET A 599 -1.59 36.66 21.35
C MET A 599 -2.87 37.21 21.99
N ARG A 600 -3.10 36.82 23.25
CA ARG A 600 -4.29 37.28 23.98
C ARG A 600 -4.18 38.76 24.29
N LYS A 601 -2.98 39.31 24.16
CA LYS A 601 -2.75 40.73 24.45
C LYS A 601 -3.03 41.59 23.21
N LEU A 602 -3.85 41.08 22.31
CA LEU A 602 -4.19 41.81 21.09
C LEU A 602 -5.48 42.61 21.29
N GLY A 603 -6.21 42.29 22.36
CA GLY A 603 -7.45 42.98 22.65
C GLY A 603 -8.65 42.28 22.05
N MET A 604 -8.53 41.94 20.76
CA MET A 604 -9.57 41.23 20.00
C MET A 604 -10.75 42.14 19.68
N LYS A 605 -11.33 42.76 20.70
CA LYS A 605 -12.48 43.65 20.54
C LYS A 605 -13.67 42.95 19.90
N PRO A 606 -14.45 42.18 20.69
CA PRO A 606 -15.62 41.46 20.18
C PRO A 606 -16.69 42.42 19.66
N GLY A 607 -16.66 42.63 18.35
CA GLY A 607 -17.59 43.52 17.71
C GLY A 607 -16.91 44.34 16.63
N GLU A 608 -15.61 44.50 16.78
CA GLU A 608 -14.81 45.26 15.83
C GLU A 608 -13.83 44.33 15.13
N ALA A 609 -14.02 44.14 13.84
CA ALA A 609 -13.16 43.27 13.05
C ALA A 609 -11.75 43.85 12.96
N ILE A 610 -10.81 43.18 13.63
CA ILE A 610 -9.43 43.62 13.64
C ILE A 610 -8.79 43.47 12.25
N GLU A 611 -9.27 42.47 11.50
CA GLU A 611 -8.81 42.18 10.14
C GLU A 611 -7.29 42.25 10.01
N HIS A 612 -6.60 41.23 10.53
CA HIS A 612 -5.14 41.18 10.46
C HIS A 612 -4.70 39.93 9.70
N PRO A 613 -4.37 40.09 8.41
CA PRO A 613 -3.95 38.97 7.53
C PRO A 613 -2.73 38.19 8.04
N TRP A 614 -1.86 38.83 8.83
CA TRP A 614 -0.66 38.15 9.33
C TRP A 614 -1.03 36.98 10.25
N VAL A 615 -2.22 37.03 10.84
CA VAL A 615 -2.67 35.96 11.72
C VAL A 615 -2.81 34.66 10.94
N THR A 616 -3.43 34.75 9.77
CA THR A 616 -3.62 33.60 8.91
C THR A 616 -2.28 33.02 8.47
N LYS A 617 -1.31 33.90 8.25
CA LYS A 617 0.02 33.49 7.84
C LYS A 617 0.71 32.75 8.97
N ALA A 618 0.50 33.21 10.20
CA ALA A 618 1.08 32.57 11.37
C ALA A 618 0.51 31.16 11.52
N ILE A 619 -0.81 31.07 11.39
CA ILE A 619 -1.49 29.78 11.49
C ILE A 619 -1.08 28.86 10.35
N ALA A 620 -0.89 29.44 9.17
CA ALA A 620 -0.47 28.69 8.00
C ALA A 620 0.85 27.97 8.25
N ASN A 621 1.78 28.66 8.92
CA ASN A 621 3.07 28.05 9.23
C ASN A 621 2.90 26.98 10.29
N ALA A 622 2.04 27.24 11.26
CA ALA A 622 1.76 26.30 12.33
C ALA A 622 1.19 25.00 11.77
N GLN A 623 0.22 25.14 10.87
CA GLN A 623 -0.41 23.99 10.23
C GLN A 623 0.62 23.23 9.40
N ARG A 624 1.46 23.98 8.68
CA ARG A 624 2.51 23.38 7.86
C ARG A 624 3.49 22.59 8.72
N LYS A 625 3.68 23.07 9.95
CA LYS A 625 4.58 22.41 10.89
C LYS A 625 4.06 21.02 11.23
N VAL A 626 2.74 20.90 11.35
CA VAL A 626 2.11 19.62 11.66
C VAL A 626 2.42 18.61 10.56
N GLU A 627 2.23 19.04 9.32
CA GLU A 627 2.50 18.21 8.16
C GLU A 627 3.98 17.83 8.12
N SER A 628 4.82 18.80 8.44
CA SER A 628 6.27 18.60 8.46
C SER A 628 6.64 17.54 9.49
N ARG A 629 5.91 17.51 10.60
CA ARG A 629 6.13 16.53 11.66
C ARG A 629 5.77 15.15 11.14
N ASN A 630 4.59 15.05 10.54
CA ASN A 630 4.10 13.78 9.98
C ASN A 630 5.06 13.28 8.91
N PHE A 631 5.52 14.20 8.06
CA PHE A 631 6.44 13.86 6.98
C PHE A 631 7.70 13.19 7.53
N ASP A 632 8.24 13.73 8.61
CA ASP A 632 9.44 13.18 9.23
C ASP A 632 9.21 11.75 9.70
N ILE A 633 8.06 11.52 10.32
CA ILE A 633 7.72 10.19 10.83
C ILE A 633 7.73 9.14 9.72
N ARG A 634 6.98 9.40 8.65
CA ARG A 634 6.92 8.48 7.54
C ARG A 634 8.25 8.42 6.79
N LYS A 635 9.00 9.52 6.84
CA LYS A 635 10.30 9.60 6.19
C LYS A 635 11.28 8.66 6.87
N GLN A 636 11.20 8.57 8.20
CA GLN A 636 12.07 7.69 8.96
C GLN A 636 11.74 6.23 8.66
N LEU A 637 10.47 5.97 8.38
CA LEU A 637 10.01 4.62 8.07
C LEU A 637 10.51 4.20 6.69
N LEU A 638 10.75 5.19 5.82
CA LEU A 638 11.23 4.92 4.48
C LEU A 638 12.60 4.26 4.53
N GLU A 639 13.39 4.62 5.54
CA GLU A 639 14.73 4.05 5.73
C GLU A 639 14.65 2.56 6.02
N TYR A 640 13.45 2.08 6.32
CA TYR A 640 13.23 0.68 6.63
C TYR A 640 12.49 -0.02 5.49
N ASP A 641 11.44 0.62 5.00
CA ASP A 641 10.62 0.05 3.93
C ASP A 641 11.30 0.07 2.57
N ASP A 642 12.18 1.04 2.33
CA ASP A 642 12.88 1.10 1.05
C ASP A 642 13.78 -0.11 0.89
N VAL A 643 14.34 -0.56 2.00
CA VAL A 643 15.22 -1.74 2.00
C VAL A 643 14.42 -2.98 1.61
N ALA A 644 13.22 -3.10 2.16
CA ALA A 644 12.34 -4.22 1.86
C ALA A 644 11.95 -4.19 0.39
N ASN A 645 11.68 -2.99 -0.11
CA ASN A 645 11.31 -2.80 -1.51
C ASN A 645 12.44 -3.27 -2.42
N ASP A 646 13.66 -2.91 -2.05
CA ASP A 646 14.85 -3.28 -2.82
C ASP A 646 15.00 -4.80 -2.88
N GLN A 647 14.94 -5.45 -1.72
CA GLN A 647 15.08 -6.90 -1.64
C GLN A 647 13.96 -7.59 -2.39
N ARG A 648 12.74 -7.08 -2.24
CA ARG A 648 11.57 -7.64 -2.92
C ARG A 648 11.73 -7.52 -4.42
N ARG A 649 12.33 -6.42 -4.87
CA ARG A 649 12.55 -6.18 -6.28
C ARG A 649 13.49 -7.23 -6.86
N ALA A 650 14.61 -7.46 -6.18
CA ALA A 650 15.60 -8.43 -6.62
C ALA A 650 15.05 -9.85 -6.62
N ILE A 651 14.45 -10.26 -5.51
CA ILE A 651 13.91 -11.61 -5.40
C ILE A 651 12.73 -11.85 -6.36
N TYR A 652 11.90 -10.82 -6.57
CA TYR A 652 10.76 -10.95 -7.47
C TYR A 652 11.25 -11.04 -8.91
N SER A 653 12.31 -10.30 -9.21
CA SER A 653 12.89 -10.32 -10.54
C SER A 653 13.38 -11.72 -10.87
N GLN A 654 14.16 -12.29 -9.96
CA GLN A 654 14.69 -13.63 -10.14
C GLN A 654 13.55 -14.64 -10.34
N ARG A 655 12.51 -14.50 -9.54
CA ARG A 655 11.36 -15.39 -9.63
C ARG A 655 10.67 -15.23 -10.98
N ASN A 656 10.54 -13.99 -11.45
CA ASN A 656 9.90 -13.72 -12.73
C ASN A 656 10.73 -14.28 -13.87
N GLU A 657 12.03 -14.11 -13.80
CA GLU A 657 12.94 -14.62 -14.82
C GLU A 657 12.80 -16.13 -14.96
N LEU A 658 12.85 -16.82 -13.82
CA LEU A 658 12.72 -18.28 -13.78
C LEU A 658 11.30 -18.71 -14.12
N LEU A 659 10.38 -17.77 -14.05
CA LEU A 659 8.98 -18.03 -14.33
C LEU A 659 8.71 -17.96 -15.82
N ASP A 660 9.23 -16.93 -16.46
CA ASP A 660 9.04 -16.71 -17.89
C ASP A 660 9.77 -17.74 -18.73
N VAL A 661 11.00 -18.07 -18.34
CA VAL A 661 11.78 -19.06 -19.09
C VAL A 661 11.28 -20.48 -18.84
N SER A 662 11.46 -21.34 -19.82
CA SER A 662 11.03 -22.73 -19.70
C SER A 662 12.19 -23.60 -19.22
N ASP A 663 13.36 -23.35 -19.76
CA ASP A 663 14.55 -24.11 -19.39
C ASP A 663 15.18 -23.52 -18.14
N VAL A 664 15.39 -24.36 -17.14
CA VAL A 664 16.00 -23.94 -15.90
C VAL A 664 17.19 -24.85 -15.55
N SER A 665 17.42 -25.83 -16.43
CA SER A 665 18.48 -26.81 -16.24
C SER A 665 19.84 -26.14 -16.00
N GLU A 666 20.16 -25.14 -16.80
CA GLU A 666 21.44 -24.44 -16.68
C GLU A 666 21.58 -23.76 -15.31
N THR A 667 20.54 -23.07 -14.89
CA THR A 667 20.56 -22.38 -13.61
C THR A 667 20.68 -23.37 -12.46
N ILE A 668 19.89 -24.44 -12.50
CA ILE A 668 19.91 -25.46 -11.47
C ILE A 668 21.25 -26.20 -11.46
N ASN A 669 21.80 -26.43 -12.64
CA ASN A 669 23.09 -27.13 -12.75
C ASN A 669 24.23 -26.28 -12.21
N SER A 670 24.19 -24.99 -12.50
CA SER A 670 25.23 -24.06 -12.04
C SER A 670 25.27 -23.99 -10.52
N ILE A 671 24.10 -23.94 -9.88
CA ILE A 671 24.04 -23.89 -8.44
C ILE A 671 24.31 -25.26 -7.83
N ARG A 672 24.10 -26.31 -8.61
CA ARG A 672 24.34 -27.68 -8.15
C ARG A 672 25.79 -27.85 -7.72
N GLU A 673 26.70 -27.36 -8.55
CA GLU A 673 28.13 -27.45 -8.29
C GLU A 673 28.51 -26.61 -7.07
N ASP A 674 27.97 -25.39 -7.01
CA ASP A 674 28.25 -24.47 -5.91
C ASP A 674 27.77 -25.03 -4.58
N VAL A 675 26.53 -25.53 -4.57
CA VAL A 675 25.96 -26.11 -3.36
C VAL A 675 26.76 -27.31 -2.87
N PHE A 676 27.13 -28.18 -3.81
CA PHE A 676 27.91 -29.36 -3.48
C PHE A 676 29.27 -28.95 -2.91
N LYS A 677 29.90 -27.96 -3.52
CA LYS A 677 31.20 -27.49 -3.06
C LYS A 677 31.09 -26.92 -1.65
N ALA A 678 30.09 -26.06 -1.44
CA ALA A 678 29.87 -25.44 -0.15
C ALA A 678 29.62 -26.48 0.93
N THR A 679 28.86 -27.52 0.59
CA THR A 679 28.56 -28.59 1.52
C THR A 679 29.84 -29.34 1.88
N ILE A 680 30.67 -29.61 0.88
CA ILE A 680 31.93 -30.31 1.09
C ILE A 680 32.88 -29.45 1.91
N ASP A 681 32.89 -28.15 1.63
CA ASP A 681 33.77 -27.20 2.32
C ASP A 681 33.46 -27.13 3.81
N ALA A 682 32.29 -27.59 4.21
CA ALA A 682 31.88 -27.55 5.61
C ALA A 682 32.52 -28.70 6.40
N TYR A 683 33.07 -29.67 5.69
CA TYR A 683 33.71 -30.82 6.32
C TYR A 683 35.13 -31.02 5.79
N ILE A 684 35.36 -30.53 4.58
CA ILE A 684 36.66 -30.62 3.93
C ILE A 684 37.08 -29.24 3.41
N PRO A 685 37.96 -28.55 4.15
CA PRO A 685 38.44 -27.22 3.76
C PRO A 685 39.23 -27.27 2.45
N PRO A 686 39.05 -26.27 1.58
CA PRO A 686 39.75 -26.20 0.29
C PRO A 686 41.26 -26.35 0.43
N GLN A 687 41.78 -27.46 -0.10
CA GLN A 687 43.21 -27.76 -0.08
C GLN A 687 43.75 -27.77 1.35
N SER A 688 43.31 -28.76 2.12
CA SER A 688 43.75 -28.90 3.50
C SER A 688 44.47 -30.23 3.71
N LEU A 689 44.77 -30.54 4.97
CA LEU A 689 45.44 -31.79 5.30
C LEU A 689 44.42 -32.91 5.41
N GLU A 690 44.87 -34.14 5.21
CA GLU A 690 43.97 -35.31 5.26
C GLU A 690 43.27 -35.43 6.61
N GLU A 691 43.97 -35.03 7.66
CA GLU A 691 43.42 -35.10 9.01
C GLU A 691 42.37 -34.01 9.26
N MET A 692 42.21 -33.11 8.31
CA MET A 692 41.25 -32.02 8.42
C MET A 692 40.01 -32.34 7.60
N TRP A 693 39.93 -33.55 7.08
CA TRP A 693 38.80 -33.96 6.27
C TRP A 693 37.83 -34.82 7.08
N ASP A 694 36.68 -34.26 7.40
CA ASP A 694 35.67 -34.98 8.15
C ASP A 694 34.84 -35.83 7.19
N ILE A 695 35.37 -37.00 6.86
CA ILE A 695 34.71 -37.92 5.95
C ILE A 695 33.35 -38.38 6.49
N PRO A 696 33.26 -38.84 7.76
CA PRO A 696 31.98 -39.30 8.34
C PRO A 696 30.91 -38.23 8.28
N GLY A 697 31.26 -37.01 8.69
CA GLY A 697 30.30 -35.92 8.68
C GLY A 697 29.79 -35.61 7.30
N LEU A 698 30.68 -35.66 6.32
CA LEU A 698 30.31 -35.39 4.93
C LEU A 698 29.46 -36.51 4.36
N GLN A 699 29.88 -37.76 4.59
CA GLN A 699 29.15 -38.93 4.09
C GLN A 699 27.72 -38.95 4.61
N GLU A 700 27.56 -38.83 5.93
CA GLU A 700 26.22 -38.85 6.53
C GLU A 700 25.36 -37.72 5.97
N ARG A 701 25.99 -36.58 5.71
CA ARG A 701 25.28 -35.43 5.17
C ARG A 701 24.76 -35.75 3.76
N LEU A 702 25.62 -36.33 2.95
CA LEU A 702 25.27 -36.68 1.58
C LEU A 702 24.18 -37.74 1.56
N LYS A 703 24.25 -38.69 2.47
CA LYS A 703 23.28 -39.79 2.54
C LYS A 703 21.91 -39.32 3.03
N ASN A 704 21.89 -38.36 3.96
CA ASN A 704 20.62 -37.89 4.51
C ASN A 704 20.05 -36.68 3.79
N ASP A 705 20.88 -35.69 3.48
CA ASP A 705 20.40 -34.48 2.83
C ASP A 705 20.41 -34.59 1.31
N PHE A 706 21.34 -35.34 0.74
CA PHE A 706 21.41 -35.45 -0.71
C PHE A 706 20.92 -36.80 -1.20
N ASP A 707 20.58 -37.69 -0.26
CA ASP A 707 20.07 -39.03 -0.59
C ASP A 707 21.09 -39.78 -1.46
N LEU A 708 22.36 -39.46 -1.30
CA LEU A 708 23.42 -40.07 -2.07
C LEU A 708 24.41 -40.81 -1.19
N ASP A 709 24.69 -42.06 -1.56
CA ASP A 709 25.62 -42.89 -0.82
C ASP A 709 26.99 -42.85 -1.52
N LEU A 710 28.03 -42.55 -0.76
CA LEU A 710 29.37 -42.46 -1.33
C LEU A 710 30.42 -43.06 -0.39
N PRO A 711 31.16 -44.06 -0.87
CA PRO A 711 32.22 -44.72 -0.10
C PRO A 711 33.51 -43.93 -0.12
N ILE A 712 33.46 -42.70 0.38
CA ILE A 712 34.61 -41.81 0.41
C ILE A 712 35.73 -42.37 1.28
N ALA A 713 35.36 -42.91 2.44
CA ALA A 713 36.34 -43.48 3.36
C ALA A 713 36.97 -44.72 2.77
N GLU A 714 36.20 -45.43 1.97
CA GLU A 714 36.66 -46.64 1.31
C GLU A 714 37.32 -46.33 -0.03
N TRP A 715 37.48 -45.05 -0.31
CA TRP A 715 38.11 -44.62 -1.57
C TRP A 715 39.52 -44.10 -1.32
N LEU A 716 39.64 -43.15 -0.41
CA LEU A 716 40.93 -42.55 -0.08
C LEU A 716 41.89 -43.56 0.52
N ASP A 717 41.34 -44.62 1.09
CA ASP A 717 42.14 -45.67 1.70
C ASP A 717 42.73 -46.60 0.64
N LYS A 718 42.24 -46.49 -0.58
CA LYS A 718 42.71 -47.32 -1.69
C LYS A 718 43.47 -46.48 -2.72
N GLU A 719 42.89 -45.35 -3.12
CA GLU A 719 43.53 -44.48 -4.09
C GLU A 719 43.75 -43.08 -3.51
N PRO A 720 44.94 -42.82 -2.95
CA PRO A 720 45.28 -41.53 -2.36
C PRO A 720 45.51 -40.46 -3.43
N GLU A 721 45.46 -40.88 -4.68
CA GLU A 721 45.66 -39.98 -5.81
C GLU A 721 44.47 -39.05 -6.00
N LEU A 722 43.37 -39.35 -5.31
CA LEU A 722 42.17 -38.54 -5.39
C LEU A 722 42.43 -37.17 -4.77
N HIS A 723 43.26 -37.17 -3.73
CA HIS A 723 43.62 -35.95 -3.01
C HIS A 723 42.39 -35.18 -2.56
N GLU A 724 42.08 -34.10 -3.25
CA GLU A 724 40.93 -33.28 -2.89
C GLU A 724 40.10 -32.92 -4.13
N GLU A 725 40.74 -32.31 -5.12
CA GLU A 725 40.04 -31.91 -6.35
C GLU A 725 39.40 -33.10 -7.04
N THR A 726 40.19 -34.12 -7.32
CA THR A 726 39.68 -35.33 -7.98
C THR A 726 38.61 -35.99 -7.13
N LEU A 727 38.75 -35.86 -5.82
CA LEU A 727 37.78 -36.43 -4.88
C LEU A 727 36.43 -35.74 -5.05
N ARG A 728 36.45 -34.41 -5.11
CA ARG A 728 35.24 -33.62 -5.29
C ARG A 728 34.61 -33.94 -6.64
N GLU A 729 35.46 -34.17 -7.64
CA GLU A 729 35.00 -34.50 -8.98
C GLU A 729 34.20 -35.80 -8.97
N ARG A 730 34.72 -36.79 -8.25
CA ARG A 730 34.05 -38.09 -8.13
C ARG A 730 32.71 -37.94 -7.43
N ILE A 731 32.69 -37.12 -6.38
CA ILE A 731 31.47 -36.88 -5.62
C ILE A 731 30.40 -36.23 -6.50
N LEU A 732 30.78 -35.15 -7.17
CA LEU A 732 29.87 -34.41 -8.04
C LEU A 732 29.38 -35.28 -9.19
N ALA A 733 30.30 -36.01 -9.82
CA ALA A 733 29.96 -36.88 -10.94
C ALA A 733 28.95 -37.96 -10.53
N GLN A 734 29.15 -38.52 -9.34
CA GLN A 734 28.29 -39.57 -8.83
C GLN A 734 26.86 -39.06 -8.68
N SER A 735 26.70 -37.85 -8.15
CA SER A 735 25.38 -37.26 -7.98
C SER A 735 24.67 -37.06 -9.31
N ILE A 736 25.43 -36.63 -10.31
CA ILE A 736 24.89 -36.41 -11.65
C ILE A 736 24.34 -37.71 -12.24
N GLU A 737 25.11 -38.79 -12.09
CA GLU A 737 24.70 -40.08 -12.62
C GLU A 737 23.41 -40.58 -11.95
N VAL A 738 23.36 -40.48 -10.63
CA VAL A 738 22.19 -40.91 -9.87
C VAL A 738 20.99 -40.03 -10.23
N TYR A 739 21.25 -38.74 -10.36
CA TYR A 739 20.22 -37.76 -10.70
C TYR A 739 19.61 -38.13 -12.04
N GLN A 740 20.47 -38.48 -12.99
CA GLN A 740 20.04 -38.87 -14.34
C GLN A 740 19.10 -40.06 -14.29
N ARG A 741 19.44 -41.06 -13.48
CA ARG A 741 18.63 -42.26 -13.35
C ARG A 741 17.23 -41.90 -12.85
N LYS A 742 17.16 -40.97 -11.90
CA LYS A 742 15.87 -40.55 -11.36
C LYS A 742 15.08 -39.79 -12.43
N GLU A 743 15.80 -39.05 -13.25
CA GLU A 743 15.19 -38.27 -14.33
C GLU A 743 14.70 -39.18 -15.46
N GLU A 744 15.49 -40.20 -15.77
CA GLU A 744 15.16 -41.15 -16.84
C GLU A 744 13.76 -41.75 -16.66
N VAL A 745 13.41 -42.06 -15.43
CA VAL A 745 12.11 -42.66 -15.14
C VAL A 745 10.97 -41.64 -15.23
N VAL A 746 11.26 -40.39 -14.92
CA VAL A 746 10.24 -39.35 -14.96
C VAL A 746 10.11 -38.76 -16.37
N GLY A 747 11.25 -38.47 -16.97
CA GLY A 747 11.26 -37.89 -18.29
C GLY A 747 12.02 -36.58 -18.28
N ALA A 748 12.93 -36.40 -19.22
CA ALA A 748 13.73 -35.18 -19.29
C ALA A 748 12.85 -33.93 -19.38
N GLU A 749 11.93 -33.94 -20.33
CA GLU A 749 11.03 -32.81 -20.55
C GLU A 749 10.21 -32.51 -19.30
N MET A 750 9.78 -33.56 -18.62
CA MET A 750 8.98 -33.40 -17.40
C MET A 750 9.86 -32.93 -16.24
N MET A 751 11.07 -33.45 -16.17
CA MET A 751 12.01 -33.10 -15.12
C MET A 751 12.32 -31.62 -15.16
N ARG A 752 12.40 -31.05 -16.36
CA ARG A 752 12.66 -29.62 -16.51
C ARG A 752 11.54 -28.82 -15.87
N HIS A 753 10.32 -29.33 -16.01
CA HIS A 753 9.15 -28.70 -15.42
C HIS A 753 9.19 -28.86 -13.91
N PHE A 754 9.71 -30.00 -13.48
CA PHE A 754 9.83 -30.31 -12.06
C PHE A 754 10.84 -29.39 -11.39
N GLU A 755 12.05 -29.32 -11.98
CA GLU A 755 13.11 -28.47 -11.45
C GLU A 755 12.63 -27.03 -11.36
N LYS A 756 11.97 -26.57 -12.42
CA LYS A 756 11.43 -25.22 -12.48
C LYS A 756 10.42 -25.00 -11.36
N GLY A 757 9.47 -25.92 -11.24
CA GLY A 757 8.45 -25.82 -10.22
C GLY A 757 9.03 -25.87 -8.82
N VAL A 758 9.99 -26.76 -8.61
CA VAL A 758 10.64 -26.91 -7.31
C VAL A 758 11.36 -25.62 -6.92
N MET A 759 12.16 -25.09 -7.84
CA MET A 759 12.90 -23.87 -7.58
C MET A 759 11.96 -22.71 -7.24
N LEU A 760 10.87 -22.61 -8.02
CA LEU A 760 9.89 -21.56 -7.82
C LEU A 760 9.19 -21.68 -6.46
N GLN A 761 8.67 -22.87 -6.16
CA GLN A 761 7.97 -23.10 -4.91
C GLN A 761 8.89 -22.92 -3.70
N THR A 762 10.15 -23.36 -3.83
CA THR A 762 11.10 -23.22 -2.73
C THR A 762 11.42 -21.75 -2.50
N LEU A 763 11.46 -20.99 -3.60
CA LEU A 763 11.73 -19.56 -3.53
C LEU A 763 10.61 -18.90 -2.72
N ASP A 764 9.38 -19.21 -3.09
CA ASP A 764 8.21 -18.66 -2.40
C ASP A 764 8.20 -19.12 -0.95
N SER A 765 8.68 -20.33 -0.73
CA SER A 765 8.74 -20.90 0.60
C SER A 765 9.63 -20.07 1.53
N LEU A 766 10.85 -19.81 1.11
CA LEU A 766 11.78 -19.04 1.94
C LEU A 766 11.48 -17.55 1.89
N TRP A 767 10.81 -17.11 0.83
CA TRP A 767 10.47 -15.70 0.69
C TRP A 767 9.51 -15.26 1.79
N LYS A 768 8.44 -16.02 1.99
CA LYS A 768 7.46 -15.70 3.02
C LYS A 768 8.11 -15.76 4.40
N GLU A 769 9.04 -16.69 4.58
CA GLU A 769 9.74 -16.83 5.83
C GLU A 769 10.63 -15.61 6.06
N HIS A 770 11.27 -15.17 4.98
CA HIS A 770 12.13 -13.99 5.02
C HIS A 770 11.32 -12.76 5.40
N LEU A 771 10.09 -12.69 4.90
CA LEU A 771 9.20 -11.58 5.19
C LEU A 771 8.82 -11.59 6.67
N ALA A 772 8.40 -12.76 7.15
CA ALA A 772 8.03 -12.91 8.55
C ALA A 772 9.21 -12.61 9.46
N ALA A 773 10.37 -13.15 9.11
CA ALA A 773 11.59 -12.95 9.88
C ALA A 773 11.95 -11.48 9.96
N MET A 774 11.85 -10.79 8.82
CA MET A 774 12.17 -9.37 8.76
C MET A 774 11.20 -8.56 9.61
N ASP A 775 9.92 -8.90 9.53
CA ASP A 775 8.89 -8.21 10.30
C ASP A 775 9.11 -8.45 11.79
N TYR A 776 9.45 -9.68 12.14
CA TYR A 776 9.71 -10.03 13.54
C TYR A 776 10.90 -9.26 14.09
N LEU A 777 11.88 -9.03 13.23
CA LEU A 777 13.08 -8.29 13.61
C LEU A 777 12.82 -6.79 13.65
N ARG A 778 11.98 -6.33 12.74
CA ARG A 778 11.63 -4.91 12.64
C ARG A 778 11.01 -4.39 13.93
N GLN A 779 10.19 -5.22 14.58
CA GLN A 779 9.55 -4.81 15.83
C GLN A 779 10.51 -4.93 17.00
N GLY A 780 11.72 -5.39 16.74
CA GLY A 780 12.71 -5.53 17.79
C GLY A 780 14.02 -4.84 17.45
N ILE A 781 13.95 -3.88 16.53
CA ILE A 781 15.12 -3.13 16.10
C ILE A 781 15.72 -2.32 17.24
N HIS A 782 14.90 -1.91 18.20
CA HIS A 782 15.36 -1.11 19.33
C HIS A 782 16.27 -1.93 20.25
N LEU A 783 16.31 -3.24 20.04
CA LEU A 783 17.15 -4.12 20.84
C LEU A 783 18.41 -4.50 20.06
N ARG A 784 18.51 -3.99 18.84
CA ARG A 784 19.65 -4.25 17.98
C ARG A 784 20.42 -2.96 17.74
N GLY A 785 19.69 -1.90 17.39
CA GLY A 785 20.31 -0.62 17.15
C GLY A 785 20.37 0.22 18.40
N TYR A 786 21.18 -0.22 19.35
CA TYR A 786 21.33 0.48 20.63
C TYR A 786 22.33 1.64 20.48
N ALA A 787 22.92 2.06 21.60
CA ALA A 787 23.88 3.15 21.60
C ALA A 787 25.10 2.81 20.74
N GLN A 788 25.71 3.85 20.17
CA GLN A 788 26.89 3.71 19.32
C GLN A 788 26.53 3.01 18.02
N LYS A 789 25.25 2.98 17.71
CA LYS A 789 24.75 2.34 16.50
C LYS A 789 23.60 3.16 15.93
N ASP A 790 23.26 2.89 14.68
CA ASP A 790 22.17 3.59 14.03
C ASP A 790 21.00 2.63 13.80
N PRO A 791 19.81 3.00 14.26
CA PRO A 791 18.61 2.16 14.13
C PRO A 791 18.27 1.81 12.68
N LYS A 792 18.69 2.64 11.74
CA LYS A 792 18.40 2.39 10.33
C LYS A 792 19.52 1.56 9.69
N GLN A 793 20.75 1.97 9.92
CA GLN A 793 21.90 1.27 9.34
C GLN A 793 22.00 -0.16 9.89
N GLU A 794 21.72 -0.32 11.18
CA GLU A 794 21.77 -1.63 11.81
C GLU A 794 20.71 -2.54 11.21
N TYR A 795 19.53 -1.97 10.95
CA TYR A 795 18.42 -2.70 10.35
C TYR A 795 18.82 -3.23 8.98
N LYS A 796 19.50 -2.38 8.23
CA LYS A 796 19.95 -2.72 6.89
C LYS A 796 21.02 -3.82 6.96
N ARG A 797 21.90 -3.73 7.94
CA ARG A 797 22.95 -4.72 8.11
C ARG A 797 22.35 -6.11 8.36
N GLU A 798 21.35 -6.15 9.24
CA GLU A 798 20.68 -7.39 9.59
C GLU A 798 19.91 -7.96 8.39
N SER A 799 19.15 -7.10 7.71
CA SER A 799 18.36 -7.52 6.57
C SER A 799 19.25 -8.00 5.41
N PHE A 800 20.38 -7.33 5.21
CA PHE A 800 21.32 -7.71 4.16
C PHE A 800 21.90 -9.09 4.43
N SER A 801 22.30 -9.31 5.68
CA SER A 801 22.87 -10.61 6.08
C SER A 801 21.80 -11.69 5.97
N MET A 802 20.58 -11.36 6.42
CA MET A 802 19.46 -12.29 6.38
C MET A 802 19.15 -12.71 4.95
N PHE A 803 19.28 -11.78 4.02
CA PHE A 803 19.02 -12.06 2.61
C PHE A 803 20.10 -12.97 2.04
N ALA A 804 21.35 -12.71 2.41
CA ALA A 804 22.48 -13.50 1.94
C ALA A 804 22.33 -14.95 2.39
N ALA A 805 22.08 -15.14 3.68
CA ALA A 805 21.90 -16.47 4.25
C ALA A 805 20.69 -17.16 3.62
N MET A 806 19.68 -16.37 3.29
CA MET A 806 18.47 -16.89 2.67
C MET A 806 18.78 -17.48 1.30
N LEU A 807 19.53 -16.73 0.49
CA LEU A 807 19.90 -17.18 -0.85
C LEU A 807 20.75 -18.44 -0.79
N GLU A 808 21.67 -18.48 0.16
CA GLU A 808 22.55 -19.64 0.32
C GLU A 808 21.75 -20.88 0.68
N SER A 809 20.81 -20.73 1.60
CA SER A 809 19.97 -21.84 2.03
C SER A 809 18.94 -22.20 0.96
N LEU A 810 18.54 -21.20 0.18
CA LEU A 810 17.56 -21.39 -0.89
C LEU A 810 18.09 -22.35 -1.95
N LYS A 811 19.24 -22.02 -2.51
CA LYS A 811 19.86 -22.86 -3.54
C LYS A 811 20.20 -24.23 -2.99
N TYR A 812 20.48 -24.29 -1.68
CA TYR A 812 20.83 -25.53 -1.01
C TYR A 812 19.69 -26.55 -1.08
N GLU A 813 18.58 -26.24 -0.41
CA GLU A 813 17.44 -27.15 -0.37
C GLU A 813 16.86 -27.40 -1.76
N VAL A 814 16.99 -26.43 -2.66
CA VAL A 814 16.49 -26.60 -4.01
C VAL A 814 17.19 -27.78 -4.68
N ILE A 815 18.50 -27.89 -4.43
CA ILE A 815 19.29 -28.97 -5.01
C ILE A 815 19.05 -30.27 -4.25
N SER A 816 19.08 -30.22 -2.93
CA SER A 816 18.88 -31.41 -2.13
C SER A 816 17.48 -32.00 -2.33
N THR A 817 16.45 -31.15 -2.38
CA THR A 817 15.08 -31.63 -2.60
C THR A 817 14.96 -32.38 -3.92
N LEU A 818 15.63 -31.89 -4.95
CA LEU A 818 15.59 -32.53 -6.26
C LEU A 818 16.29 -33.89 -6.22
N SER A 819 17.10 -34.09 -5.19
CA SER A 819 17.83 -35.35 -5.02
C SER A 819 17.12 -36.22 -3.98
N LYS A 820 16.45 -35.56 -3.03
CA LYS A 820 15.72 -36.23 -1.95
C LYS A 820 14.47 -36.94 -2.49
N VAL A 821 14.07 -36.58 -3.70
CA VAL A 821 12.89 -37.17 -4.32
C VAL A 821 13.05 -38.69 -4.47
N GLN A 822 12.03 -39.42 -4.06
CA GLN A 822 12.05 -40.87 -4.13
C GLN A 822 11.31 -41.35 -5.37
N VAL A 823 12.07 -41.63 -6.42
CA VAL A 823 11.52 -42.10 -7.68
C VAL A 823 11.81 -43.59 -7.83
N ARG A 824 10.86 -44.33 -8.40
CA ARG A 824 11.01 -45.76 -8.63
C ARG A 824 12.32 -46.05 -9.37
N MET A 825 13.18 -46.83 -8.74
CA MET A 825 14.47 -47.17 -9.31
C MET A 825 14.41 -48.49 -10.07
N PRO A 826 14.85 -48.47 -11.34
CA PRO A 826 14.87 -49.66 -12.19
C PRO A 826 16.15 -50.47 -11.98
N GLU A 827 16.29 -51.56 -12.72
CA GLU A 827 17.48 -52.40 -12.61
C GLU A 827 18.58 -51.89 -13.53
N GLU A 828 19.82 -52.09 -13.11
CA GLU A 828 20.97 -51.67 -13.89
C GLU A 828 21.35 -52.77 -14.87
N MET B 1 15.59 -59.31 17.81
CA MET B 1 15.20 -58.19 18.69
C MET B 1 15.78 -56.87 18.18
N MET B 2 14.92 -56.05 17.58
CA MET B 2 15.32 -54.76 17.05
C MET B 2 14.47 -53.66 17.67
N ILE B 3 15.11 -52.57 18.05
CA ILE B 3 14.40 -51.45 18.66
C ILE B 3 14.02 -50.41 17.61
N THR B 4 12.89 -49.75 17.83
CA THR B 4 12.41 -48.73 16.91
C THR B 4 13.00 -47.36 17.23
N LEU B 5 13.71 -47.26 18.35
CA LEU B 5 14.32 -46.00 18.76
C LEU B 5 15.67 -45.82 18.06
N ARG B 6 15.62 -45.54 16.76
CA ARG B 6 16.82 -45.35 15.97
C ARG B 6 16.73 -44.05 15.14
N LYS B 7 16.23 -43.00 15.77
CA LYS B 7 16.08 -41.72 15.07
C LYS B 7 17.44 -41.02 14.95
N ARG B 8 18.01 -41.05 13.75
CA ARG B 8 19.29 -40.42 13.51
C ARG B 8 19.22 -39.47 12.31
N ARG B 9 18.01 -39.14 11.89
CA ARG B 9 17.83 -38.23 10.76
C ARG B 9 17.28 -36.90 11.26
N LYS B 10 17.91 -35.82 10.82
CA LYS B 10 17.51 -34.47 11.21
C LYS B 10 16.13 -34.14 10.65
N LEU B 11 15.31 -33.46 11.45
CA LEU B 11 13.96 -33.11 11.01
C LEU B 11 13.76 -31.60 10.94
N PRO B 12 13.87 -31.01 9.75
CA PRO B 12 13.67 -29.58 9.53
C PRO B 12 12.20 -29.26 9.26
N LEU B 13 11.32 -30.07 9.83
CA LEU B 13 9.88 -29.93 9.66
C LEU B 13 9.37 -28.58 10.14
N ALA B 14 9.99 -28.04 11.18
CA ALA B 14 9.57 -26.76 11.75
C ALA B 14 9.54 -25.65 10.68
N VAL B 15 10.65 -25.45 10.00
CA VAL B 15 10.73 -24.42 8.97
C VAL B 15 10.00 -24.85 7.70
N ALA B 16 9.95 -26.16 7.47
CA ALA B 16 9.28 -26.71 6.29
C ALA B 16 7.80 -26.34 6.26
N VAL B 17 7.15 -26.37 7.41
CA VAL B 17 5.73 -26.02 7.50
C VAL B 17 5.52 -24.52 7.34
N ALA B 18 6.41 -23.73 7.96
CA ALA B 18 6.32 -22.28 7.89
C ALA B 18 6.53 -21.80 6.46
N ALA B 19 7.44 -22.46 5.77
CA ALA B 19 7.75 -22.12 4.39
C ALA B 19 6.71 -22.69 3.43
N GLY B 20 6.12 -23.83 3.82
CA GLY B 20 5.14 -24.50 3.00
C GLY B 20 3.75 -23.88 3.06
N VAL B 21 3.66 -22.68 3.63
CA VAL B 21 2.39 -21.96 3.74
C VAL B 21 1.79 -21.70 2.34
N MET B 22 2.66 -21.63 1.35
CA MET B 22 2.26 -21.42 -0.02
C MET B 22 3.31 -22.01 -0.95
N SER B 23 3.11 -23.26 -1.29
CA SER B 23 4.01 -23.99 -2.16
C SER B 23 3.22 -25.00 -2.98
N ALA B 24 3.89 -25.93 -3.64
CA ALA B 24 3.22 -26.94 -4.44
C ALA B 24 2.87 -28.14 -3.57
N GLN B 25 1.65 -28.64 -3.70
CA GLN B 25 1.22 -29.78 -2.92
C GLN B 25 1.63 -31.08 -3.61
N ALA B 26 2.32 -30.96 -4.73
CA ALA B 26 2.78 -32.12 -5.47
C ALA B 26 4.14 -32.57 -4.97
N MET B 27 4.15 -33.66 -4.20
CA MET B 27 5.38 -34.19 -3.65
C MET B 27 5.33 -35.71 -3.63
N ALA B 28 6.47 -36.35 -3.80
CA ALA B 28 6.55 -37.80 -3.80
C ALA B 28 6.49 -38.32 -2.36
N VAL A 1 9.67 17.13 -21.20
CA VAL A 1 9.64 18.53 -21.67
C VAL A 1 10.88 19.26 -21.15
N PHE A 2 11.70 19.74 -22.07
CA PHE A 2 12.91 20.45 -21.71
C PHE A 2 12.62 21.88 -21.28
N GLY A 3 13.19 22.28 -20.16
CA GLY A 3 13.00 23.61 -19.65
C GLY A 3 12.83 23.63 -18.14
N SER A 4 12.77 24.82 -17.56
CA SER A 4 12.58 24.97 -16.12
C SER A 4 11.24 24.37 -15.71
N ARG A 5 11.28 23.51 -14.69
CA ARG A 5 10.08 22.85 -14.20
C ARG A 5 9.05 23.84 -13.68
N ASN A 6 7.78 23.56 -14.00
CA ASN A 6 6.63 24.37 -13.57
C ASN A 6 6.56 25.70 -14.32
N ASP A 7 7.67 26.12 -14.91
CA ASP A 7 7.72 27.39 -15.64
C ASP A 7 7.67 27.17 -17.14
N ARG A 8 8.72 26.53 -17.68
CA ARG A 8 8.81 26.28 -19.11
C ARG A 8 7.78 25.25 -19.57
N THR A 9 7.41 24.36 -18.66
CA THR A 9 6.44 23.31 -18.97
C THR A 9 5.14 23.88 -19.52
N LEU A 10 4.45 24.68 -18.71
CA LEU A 10 3.18 25.27 -19.10
C LEU A 10 3.34 26.21 -20.29
N ARG A 11 4.46 26.93 -20.33
CA ARG A 11 4.71 27.86 -21.41
C ARG A 11 4.84 27.12 -22.74
N ARG A 12 5.65 26.07 -22.76
CA ARG A 12 5.85 25.28 -23.97
C ARG A 12 4.56 24.58 -24.36
N MET A 13 3.83 24.12 -23.35
CA MET A 13 2.56 23.43 -23.57
C MET A 13 1.56 24.37 -24.23
N ARG A 14 1.54 25.62 -23.77
CA ARG A 14 0.64 26.63 -24.34
C ARG A 14 0.96 26.84 -25.82
N LYS A 15 2.25 26.79 -26.15
CA LYS A 15 2.69 26.96 -27.52
C LYS A 15 2.14 25.83 -28.39
N VAL A 16 2.10 24.63 -27.83
CA VAL A 16 1.58 23.47 -28.53
C VAL A 16 0.06 23.57 -28.63
N VAL A 17 -0.57 24.08 -27.57
CA VAL A 17 -2.02 24.25 -27.51
C VAL A 17 -2.50 25.13 -28.67
N ASN A 18 -1.69 26.12 -29.02
CA ASN A 18 -2.02 27.03 -30.12
C ASN A 18 -2.17 26.24 -31.42
N ILE A 19 -1.29 25.27 -31.61
CA ILE A 19 -1.32 24.43 -32.80
C ILE A 19 -2.58 23.58 -32.80
N ILE A 20 -2.93 23.05 -31.63
CA ILE A 20 -4.12 22.22 -31.47
C ILE A 20 -5.37 23.02 -31.80
N ASN A 21 -5.37 24.30 -31.42
CA ASN A 21 -6.50 25.18 -31.67
C ASN A 21 -6.68 25.43 -33.16
N ALA A 22 -5.59 25.30 -33.91
CA ALA A 22 -5.62 25.51 -35.36
C ALA A 22 -5.86 24.20 -36.09
N MET A 23 -5.63 23.08 -35.41
CA MET A 23 -5.81 21.76 -35.99
C MET A 23 -7.25 21.28 -35.81
N GLU A 24 -7.92 21.79 -34.79
CA GLU A 24 -9.30 21.42 -34.50
C GLU A 24 -10.23 21.69 -35.71
N PRO A 25 -10.19 22.91 -36.32
CA PRO A 25 -11.06 23.23 -37.48
C PRO A 25 -10.88 22.23 -38.62
N GLU A 26 -9.69 21.65 -38.71
CA GLU A 26 -9.39 20.68 -39.75
C GLU A 26 -10.09 19.36 -39.45
N MET A 27 -10.10 18.99 -38.17
CA MET A 27 -10.73 17.75 -37.73
C MET A 27 -12.24 17.84 -37.90
N GLU A 28 -12.78 19.05 -37.79
CA GLU A 28 -14.22 19.27 -37.93
C GLU A 28 -14.66 18.91 -39.34
N LYS A 29 -13.77 19.12 -40.30
CA LYS A 29 -14.05 18.80 -41.69
C LYS A 29 -13.92 17.30 -41.93
N LEU A 30 -13.13 16.64 -41.08
CA LEU A 30 -12.92 15.21 -41.18
C LEU A 30 -14.17 14.46 -40.72
N SER A 31 -14.47 13.38 -41.40
CA SER A 31 -15.63 12.57 -41.07
C SER A 31 -15.37 11.75 -39.81
N ASP A 32 -16.41 11.09 -39.31
CA ASP A 32 -16.31 10.27 -38.11
C ASP A 32 -15.27 9.18 -38.29
N GLU A 33 -15.30 8.53 -39.44
CA GLU A 33 -14.36 7.46 -39.76
C GLU A 33 -12.94 8.00 -39.90
N GLU A 34 -12.82 9.21 -40.43
CA GLU A 34 -11.50 9.82 -40.60
C GLU A 34 -10.83 10.06 -39.26
N LEU A 35 -11.61 10.40 -38.25
CA LEU A 35 -11.08 10.63 -36.93
C LEU A 35 -10.45 9.35 -36.41
N LYS A 36 -11.18 8.25 -36.57
CA LYS A 36 -10.71 6.93 -36.18
C LYS A 36 -9.51 6.53 -37.02
N GLY A 37 -9.55 6.94 -38.30
CA GLY A 37 -8.45 6.65 -39.21
C GLY A 37 -7.16 7.26 -38.73
N LYS A 38 -7.27 8.46 -38.15
CA LYS A 38 -6.10 9.16 -37.61
C LYS A 38 -5.55 8.39 -36.42
N THR A 39 -6.46 7.86 -35.60
CA THR A 39 -6.07 7.08 -34.44
C THR A 39 -5.27 5.86 -34.89
N ALA A 40 -5.78 5.18 -35.91
CA ALA A 40 -5.11 4.01 -36.46
C ALA A 40 -3.79 4.41 -37.10
N GLU A 41 -3.80 5.60 -37.71
CA GLU A 41 -2.61 6.14 -38.36
C GLU A 41 -1.49 6.35 -37.34
N PHE A 42 -1.85 6.87 -36.17
CA PHE A 42 -0.88 7.10 -35.11
C PHE A 42 -0.22 5.79 -34.72
N ARG A 43 -1.02 4.73 -34.65
CA ARG A 43 -0.53 3.40 -34.30
C ARG A 43 0.48 2.94 -35.35
N ALA A 44 0.16 3.17 -36.62
CA ALA A 44 1.04 2.78 -37.72
C ALA A 44 2.30 3.62 -37.72
N ARG A 45 2.15 4.92 -37.47
CA ARG A 45 3.28 5.84 -37.43
C ARG A 45 4.25 5.45 -36.33
N LEU A 46 3.71 5.04 -35.18
CA LEU A 46 4.53 4.62 -34.05
C LEU A 46 5.35 3.39 -34.42
N GLU A 47 4.76 2.54 -35.26
CA GLU A 47 5.42 1.32 -35.71
C GLU A 47 6.59 1.67 -36.62
N LYS A 48 6.42 2.74 -37.41
CA LYS A 48 7.47 3.17 -38.32
C LYS A 48 8.57 3.91 -37.54
N GLY A 49 8.15 4.78 -36.63
CA GLY A 49 9.11 5.52 -35.84
C GLY A 49 8.63 6.93 -35.51
N GLU A 50 7.74 7.03 -34.55
CA GLU A 50 7.20 8.31 -34.13
C GLU A 50 7.28 8.44 -32.62
N VAL A 51 7.53 9.65 -32.15
CA VAL A 51 7.62 9.91 -30.73
C VAL A 51 6.23 10.17 -30.16
N LEU A 52 5.90 9.49 -29.06
CA LEU A 52 4.59 9.66 -28.44
C LEU A 52 4.31 11.12 -28.09
N GLU A 53 5.33 11.79 -27.58
CA GLU A 53 5.23 13.19 -27.20
C GLU A 53 5.04 14.09 -28.42
N ASN A 54 5.33 13.56 -29.60
CA ASN A 54 5.19 14.32 -30.84
C ASN A 54 3.77 14.18 -31.40
N LEU A 55 3.04 13.20 -30.89
CA LEU A 55 1.67 12.95 -31.34
C LEU A 55 0.67 13.80 -30.57
N ILE A 56 1.14 14.44 -29.50
CA ILE A 56 0.29 15.27 -28.63
C ILE A 56 -0.61 16.24 -29.42
N PRO A 57 -0.06 17.08 -30.33
CA PRO A 57 -0.87 18.04 -31.10
C PRO A 57 -2.03 17.39 -31.84
N GLU A 58 -1.71 16.42 -32.69
CA GLU A 58 -2.71 15.73 -33.49
C GLU A 58 -3.67 14.93 -32.61
N ALA A 59 -3.14 14.22 -31.63
CA ALA A 59 -3.94 13.40 -30.74
C ALA A 59 -4.96 14.24 -29.98
N PHE A 60 -4.51 15.34 -29.39
CA PHE A 60 -5.38 16.21 -28.62
C PHE A 60 -6.43 16.86 -29.52
N ALA A 61 -6.04 17.15 -30.76
CA ALA A 61 -6.96 17.75 -31.72
C ALA A 61 -8.09 16.79 -32.06
N VAL A 62 -7.73 15.53 -32.30
CA VAL A 62 -8.72 14.50 -32.62
C VAL A 62 -9.69 14.29 -31.47
N VAL A 63 -9.14 14.16 -30.27
CA VAL A 63 -9.97 13.96 -29.08
C VAL A 63 -10.87 15.17 -28.84
N ARG A 64 -10.32 16.36 -29.08
CA ARG A 64 -11.07 17.60 -28.90
C ARG A 64 -12.32 17.60 -29.79
N GLU A 65 -12.13 17.22 -31.05
CA GLU A 65 -13.22 17.16 -32.01
C GLU A 65 -14.20 16.04 -31.65
N ALA A 66 -13.65 14.89 -31.27
CA ALA A 66 -14.47 13.74 -30.88
C ALA A 66 -15.35 14.10 -29.70
N SER A 67 -14.82 14.90 -28.78
CA SER A 67 -15.56 15.33 -27.61
C SER A 67 -16.78 16.16 -28.02
N LYS A 68 -16.64 16.93 -29.10
CA LYS A 68 -17.71 17.79 -29.58
C LYS A 68 -18.85 16.98 -30.19
N ARG A 69 -18.53 15.82 -30.75
CA ARG A 69 -19.53 14.98 -31.38
C ARG A 69 -20.16 13.99 -30.41
N VAL A 70 -19.35 13.43 -29.51
CA VAL A 70 -19.86 12.45 -28.55
C VAL A 70 -20.52 13.14 -27.36
N PHE A 71 -19.74 13.88 -26.58
CA PHE A 71 -20.25 14.55 -25.40
C PHE A 71 -20.94 15.87 -25.75
N GLY A 72 -20.43 16.54 -26.77
CA GLY A 72 -21.00 17.81 -27.17
C GLY A 72 -20.30 18.97 -26.48
N MET A 73 -19.15 18.68 -25.89
CA MET A 73 -18.37 19.68 -25.18
C MET A 73 -16.96 19.72 -25.73
N ARG A 74 -16.50 20.91 -26.10
CA ARG A 74 -15.16 21.09 -26.62
C ARG A 74 -14.16 21.11 -25.48
N HIS A 75 -13.08 20.34 -25.63
CA HIS A 75 -12.03 20.27 -24.63
C HIS A 75 -11.43 21.66 -24.42
N PHE A 76 -11.57 22.19 -23.22
CA PHE A 76 -11.07 23.52 -22.88
C PHE A 76 -9.58 23.64 -23.10
N ASP A 77 -9.13 24.87 -23.32
CA ASP A 77 -7.71 25.16 -23.56
C ASP A 77 -6.85 24.74 -22.36
N VAL A 78 -7.34 25.04 -21.17
CA VAL A 78 -6.61 24.69 -19.94
C VAL A 78 -6.52 23.18 -19.78
N GLN A 79 -7.51 22.47 -20.30
CA GLN A 79 -7.53 21.01 -20.21
C GLN A 79 -6.40 20.42 -21.04
N LEU A 80 -6.08 21.07 -22.15
CA LEU A 80 -5.02 20.62 -23.02
C LEU A 80 -3.68 20.69 -22.29
N LEU A 81 -3.53 21.73 -21.47
CA LEU A 81 -2.32 21.91 -20.70
C LEU A 81 -2.18 20.78 -19.68
N GLY A 82 -3.26 20.55 -18.94
CA GLY A 82 -3.27 19.51 -17.94
C GLY A 82 -3.06 18.13 -18.53
N GLY A 83 -3.62 17.92 -19.72
CA GLY A 83 -3.47 16.64 -20.40
C GLY A 83 -2.04 16.33 -20.74
N MET A 84 -1.26 17.36 -21.04
CA MET A 84 0.15 17.19 -21.38
C MET A 84 0.95 16.88 -20.12
N VAL A 85 0.56 17.51 -19.02
CA VAL A 85 1.23 17.30 -17.73
C VAL A 85 1.05 15.86 -17.26
N LEU A 86 -0.12 15.30 -17.56
CA LEU A 86 -0.45 13.94 -17.17
C LEU A 86 0.22 12.91 -18.08
N ASN A 87 0.96 13.35 -19.07
CA ASN A 87 1.65 12.43 -19.97
C ASN A 87 2.98 12.00 -19.35
N GLU A 88 3.58 12.88 -18.59
CA GLU A 88 4.85 12.60 -17.94
C GLU A 88 4.62 12.19 -16.49
N ARG A 89 5.70 11.92 -15.77
CA ARG A 89 5.61 11.53 -14.38
C ARG A 89 5.44 12.77 -13.51
N CYS A 90 4.24 13.35 -13.58
CA CYS A 90 3.94 14.56 -12.83
C CYS A 90 2.52 14.54 -12.29
N ILE A 91 2.27 15.40 -11.31
CA ILE A 91 0.95 15.53 -10.70
C ILE A 91 0.34 16.86 -11.11
N ALA A 92 -0.87 16.82 -11.63
CA ALA A 92 -1.54 18.03 -12.08
C ALA A 92 -2.58 18.49 -11.06
N GLU A 93 -2.24 19.56 -10.34
CA GLU A 93 -3.15 20.12 -9.36
C GLU A 93 -4.23 20.92 -10.06
N MET A 94 -5.44 20.37 -10.09
CA MET A 94 -6.56 21.02 -10.75
C MET A 94 -7.49 21.63 -9.70
N ARG A 95 -8.59 22.21 -10.15
CA ARG A 95 -9.54 22.83 -9.24
C ARG A 95 -10.88 22.13 -9.30
N THR A 96 -11.50 22.00 -8.14
CA THR A 96 -12.81 21.36 -8.03
C THR A 96 -13.87 22.21 -8.71
N GLY A 97 -14.32 21.75 -9.86
CA GLY A 97 -15.33 22.49 -10.61
C GLY A 97 -15.03 22.48 -12.10
N GLU A 98 -13.77 22.66 -12.45
CA GLU A 98 -13.36 22.69 -13.84
C GLU A 98 -13.58 21.33 -14.50
N GLY A 99 -12.75 20.35 -14.15
CA GLY A 99 -12.88 19.04 -14.72
C GLY A 99 -11.60 18.22 -14.60
N LYS A 100 -11.72 17.03 -14.03
CA LYS A 100 -10.56 16.16 -13.87
C LYS A 100 -10.67 14.96 -14.81
N THR A 101 -11.72 14.19 -14.65
CA THR A 101 -11.94 13.01 -15.48
C THR A 101 -12.12 13.41 -16.94
N LEU A 102 -12.70 14.58 -17.16
CA LEU A 102 -12.93 15.09 -18.50
C LEU A 102 -11.61 15.53 -19.14
N THR A 103 -10.58 15.67 -18.32
CA THR A 103 -9.27 16.07 -18.80
C THR A 103 -8.34 14.86 -18.94
N ALA A 104 -8.58 13.87 -18.10
CA ALA A 104 -7.79 12.65 -18.07
C ALA A 104 -7.96 11.81 -19.34
N THR A 105 -8.92 12.18 -20.17
CA THR A 105 -9.18 11.46 -21.41
C THR A 105 -8.07 11.71 -22.44
N LEU A 106 -7.36 12.83 -22.30
CA LEU A 106 -6.29 13.18 -23.23
C LEU A 106 -5.05 12.29 -23.07
N PRO A 107 -4.44 12.22 -21.85
CA PRO A 107 -3.25 11.41 -21.61
C PRO A 107 -3.52 9.92 -21.82
N ALA A 108 -4.75 9.50 -21.53
CA ALA A 108 -5.15 8.12 -21.69
C ALA A 108 -5.14 7.72 -23.16
N TYR A 109 -5.71 8.57 -23.99
CA TYR A 109 -5.77 8.33 -25.43
C TYR A 109 -4.37 8.27 -26.03
N LEU A 110 -3.54 9.24 -25.65
CA LEU A 110 -2.17 9.33 -26.13
C LEU A 110 -1.35 8.09 -25.79
N ASN A 111 -1.36 7.71 -24.51
CA ASN A 111 -0.58 6.55 -24.05
C ASN A 111 -1.19 5.24 -24.53
N ALA A 112 -2.43 5.29 -25.00
CA ALA A 112 -3.11 4.10 -25.50
C ALA A 112 -2.69 3.82 -26.93
N LEU A 113 -2.23 4.86 -27.62
CA LEU A 113 -1.79 4.73 -29.01
C LEU A 113 -0.61 3.76 -29.12
N THR A 114 0.21 3.71 -28.08
CA THR A 114 1.36 2.83 -28.06
C THR A 114 0.94 1.37 -27.88
N GLY A 115 -0.28 1.16 -27.38
CA GLY A 115 -0.79 -0.19 -27.17
C GLY A 115 -0.15 -0.89 -25.99
N LYS A 116 0.62 -0.15 -25.20
CA LYS A 116 1.29 -0.72 -24.04
C LYS A 116 0.31 -0.92 -22.89
N GLY A 117 -0.82 -0.23 -22.96
CA GLY A 117 -1.83 -0.37 -21.93
C GLY A 117 -1.86 0.82 -20.98
N VAL A 118 -3.05 1.37 -20.79
CA VAL A 118 -3.25 2.48 -19.88
C VAL A 118 -3.97 2.01 -18.63
N HIS A 119 -3.32 2.15 -17.49
CA HIS A 119 -3.90 1.71 -16.23
C HIS A 119 -4.47 2.89 -15.45
N VAL A 120 -5.79 3.03 -15.50
CA VAL A 120 -6.47 4.10 -14.79
C VAL A 120 -6.90 3.61 -13.42
N VAL A 121 -6.35 4.23 -12.39
CA VAL A 121 -6.66 3.86 -11.02
C VAL A 121 -7.57 4.88 -10.37
N THR A 122 -8.78 4.45 -10.03
CA THR A 122 -9.74 5.33 -9.40
C THR A 122 -9.81 5.07 -7.89
N VAL A 123 -10.40 6.00 -7.14
CA VAL A 123 -10.52 5.85 -5.69
C VAL A 123 -11.50 4.75 -5.31
N ASN A 124 -12.47 4.47 -6.16
CA ASN A 124 -13.46 3.44 -5.89
C ASN A 124 -13.92 2.78 -7.19
N ASP A 125 -14.75 1.76 -7.05
CA ASP A 125 -15.25 1.02 -8.21
C ASP A 125 -16.39 1.77 -8.89
N TYR A 126 -17.09 2.62 -8.16
CA TYR A 126 -18.20 3.38 -8.71
C TYR A 126 -17.72 4.26 -9.86
N LEU A 127 -16.74 5.09 -9.59
CA LEU A 127 -16.20 5.99 -10.61
C LEU A 127 -15.51 5.21 -11.73
N ALA A 128 -14.82 4.14 -11.34
CA ALA A 128 -14.12 3.30 -12.31
C ALA A 128 -15.09 2.74 -13.34
N GLN A 129 -16.17 2.12 -12.87
CA GLN A 129 -17.18 1.54 -13.75
C GLN A 129 -17.95 2.64 -14.47
N ARG A 130 -18.12 3.77 -13.81
CA ARG A 130 -18.84 4.91 -14.37
C ARG A 130 -18.13 5.44 -15.61
N ASP A 131 -16.87 5.82 -15.44
CA ASP A 131 -16.08 6.38 -16.52
C ASP A 131 -15.79 5.34 -17.59
N ALA A 132 -15.65 4.08 -17.20
CA ALA A 132 -15.37 3.00 -18.15
C ALA A 132 -16.48 2.90 -19.19
N GLU A 133 -17.72 3.07 -18.74
CA GLU A 133 -18.87 3.00 -19.65
C GLU A 133 -19.20 4.35 -20.24
N ASN A 134 -18.89 5.41 -19.51
CA ASN A 134 -19.17 6.78 -19.96
C ASN A 134 -18.22 7.20 -21.06
N ASN A 135 -16.94 6.91 -20.90
CA ASN A 135 -15.93 7.28 -21.89
C ASN A 135 -15.77 6.20 -22.95
N ARG A 136 -16.52 5.12 -22.81
CA ARG A 136 -16.46 4.01 -23.75
C ARG A 136 -16.86 4.43 -25.16
N PRO A 137 -18.02 5.13 -25.35
CA PRO A 137 -18.47 5.55 -26.69
C PRO A 137 -17.56 6.60 -27.32
N LEU A 138 -16.52 6.99 -26.57
CA LEU A 138 -15.56 7.97 -27.05
C LEU A 138 -14.29 7.26 -27.52
N PHE A 139 -13.73 6.43 -26.65
CA PHE A 139 -12.50 5.71 -26.97
C PHE A 139 -12.73 4.65 -28.04
N GLU A 140 -13.81 3.89 -27.90
CA GLU A 140 -14.13 2.82 -28.85
C GLU A 140 -14.56 3.41 -30.19
N PHE A 141 -14.89 4.69 -30.17
CA PHE A 141 -15.30 5.39 -31.37
C PHE A 141 -14.08 5.63 -32.27
N LEU A 142 -12.92 5.73 -31.63
CA LEU A 142 -11.67 5.96 -32.33
C LEU A 142 -10.92 4.63 -32.54
N GLY A 143 -11.37 3.58 -31.87
CA GLY A 143 -10.74 2.28 -32.03
C GLY A 143 -10.07 1.75 -30.78
N LEU A 144 -10.05 2.56 -29.72
CA LEU A 144 -9.42 2.14 -28.47
C LEU A 144 -10.38 1.29 -27.65
N THR A 145 -9.90 0.15 -27.18
CA THR A 145 -10.72 -0.75 -26.39
C THR A 145 -10.69 -0.38 -24.92
N VAL A 146 -11.87 -0.35 -24.29
CA VAL A 146 -11.99 -0.02 -22.88
C VAL A 146 -12.28 -1.26 -22.06
N GLY A 147 -11.48 -1.49 -21.04
CA GLY A 147 -11.68 -2.64 -20.18
C GLY A 147 -11.86 -2.25 -18.73
N ILE A 148 -12.84 -2.84 -18.07
CA ILE A 148 -13.11 -2.54 -16.67
C ILE A 148 -12.70 -3.73 -15.79
N ASN A 149 -11.94 -3.44 -14.74
CA ASN A 149 -11.49 -4.47 -13.82
C ASN A 149 -12.15 -4.29 -12.46
N LEU A 150 -13.16 -5.11 -12.19
CA LEU A 150 -13.88 -5.04 -10.93
C LEU A 150 -13.24 -5.97 -9.90
N PRO A 151 -13.19 -5.54 -8.63
CA PRO A 151 -12.61 -6.33 -7.54
C PRO A 151 -13.30 -7.68 -7.36
N GLY A 152 -12.59 -8.75 -7.68
CA GLY A 152 -13.14 -10.08 -7.55
C GLY A 152 -13.61 -10.64 -8.89
N MET A 153 -13.12 -10.06 -9.97
CA MET A 153 -13.47 -10.49 -11.31
C MET A 153 -12.63 -11.69 -11.71
N PRO A 154 -13.21 -12.70 -12.40
CA PRO A 154 -12.48 -13.89 -12.83
C PRO A 154 -11.25 -13.56 -13.69
N ALA A 155 -10.27 -14.45 -13.65
CA ALA A 155 -9.02 -14.27 -14.41
C ALA A 155 -9.27 -14.03 -15.91
N PRO A 156 -10.10 -14.84 -16.60
CA PRO A 156 -10.37 -14.64 -18.03
C PRO A 156 -10.90 -13.24 -18.33
N ALA A 157 -11.70 -12.71 -17.42
CA ALA A 157 -12.26 -11.38 -17.57
C ALA A 157 -11.17 -10.32 -17.40
N LYS A 158 -10.32 -10.52 -16.41
CA LYS A 158 -9.22 -9.59 -16.13
C LYS A 158 -8.28 -9.52 -17.32
N ARG A 159 -7.92 -10.69 -17.85
CA ARG A 159 -7.02 -10.77 -19.00
C ARG A 159 -7.57 -9.99 -20.19
N GLU A 160 -8.89 -10.07 -20.39
CA GLU A 160 -9.53 -9.37 -21.49
C GLU A 160 -9.52 -7.87 -21.27
N ALA A 161 -9.69 -7.46 -20.02
CA ALA A 161 -9.71 -6.04 -19.66
C ALA A 161 -8.31 -5.44 -19.72
N TYR A 162 -7.32 -6.20 -19.26
CA TYR A 162 -5.94 -5.73 -19.25
C TYR A 162 -5.32 -5.76 -20.64
N ALA A 163 -5.85 -6.62 -21.50
CA ALA A 163 -5.35 -6.74 -22.87
C ALA A 163 -5.90 -5.61 -23.73
N ALA A 164 -6.81 -4.81 -23.16
CA ALA A 164 -7.39 -3.70 -23.87
C ALA A 164 -6.44 -2.52 -23.88
N ASP A 165 -6.81 -1.45 -24.56
CA ASP A 165 -5.97 -0.28 -24.66
C ASP A 165 -5.99 0.51 -23.35
N ILE A 166 -7.18 0.67 -22.78
CA ILE A 166 -7.33 1.40 -21.53
C ILE A 166 -8.10 0.56 -20.50
N THR A 167 -7.49 0.36 -19.34
CA THR A 167 -8.10 -0.43 -18.28
C THR A 167 -8.45 0.44 -17.07
N TYR A 168 -9.70 0.34 -16.63
CA TYR A 168 -10.18 1.08 -15.47
C TYR A 168 -10.30 0.15 -14.27
N GLY A 169 -9.84 0.59 -13.11
CA GLY A 169 -9.92 -0.24 -11.93
C GLY A 169 -9.57 0.51 -10.65
N THR A 170 -9.75 -0.14 -9.52
CA THR A 170 -9.45 0.44 -8.22
C THR A 170 -8.03 0.11 -7.80
N ASN A 171 -7.43 0.99 -7.00
CA ASN A 171 -6.04 0.81 -6.51
C ASN A 171 -5.85 -0.51 -5.77
N ASN A 172 -6.79 -0.85 -4.91
CA ASN A 172 -6.71 -2.08 -4.12
C ASN A 172 -6.62 -3.31 -5.01
N GLU A 173 -7.55 -3.43 -5.95
CA GLU A 173 -7.57 -4.57 -6.86
C GLU A 173 -6.35 -4.56 -7.78
N TYR A 174 -5.93 -3.37 -8.20
CA TYR A 174 -4.78 -3.23 -9.09
C TYR A 174 -3.52 -3.80 -8.43
N GLY A 175 -3.37 -3.56 -7.13
CA GLY A 175 -2.23 -4.07 -6.40
C GLY A 175 -2.36 -5.55 -6.14
N PHE A 176 -3.56 -5.98 -5.78
CA PHE A 176 -3.83 -7.39 -5.50
C PHE A 176 -3.62 -8.22 -6.75
N ASP A 177 -3.99 -7.66 -7.90
CA ASP A 177 -3.85 -8.34 -9.18
C ASP A 177 -2.40 -8.67 -9.46
N TYR A 178 -1.50 -7.72 -9.20
CA TYR A 178 -0.09 -7.93 -9.43
C TYR A 178 0.44 -9.04 -8.53
N LEU A 179 -0.07 -9.07 -7.29
CA LEU A 179 0.34 -10.09 -6.33
C LEU A 179 -0.04 -11.48 -6.82
N ARG A 180 -1.29 -11.63 -7.26
CA ARG A 180 -1.77 -12.91 -7.76
C ARG A 180 -1.08 -13.29 -9.06
N ASP A 181 -0.83 -12.29 -9.89
CA ASP A 181 -0.19 -12.47 -11.19
C ASP A 181 1.23 -13.03 -11.03
N ASN A 182 2.00 -12.38 -10.16
CA ASN A 182 3.39 -12.79 -9.94
C ASN A 182 3.50 -13.98 -9.00
N MET A 183 2.38 -14.52 -8.54
CA MET A 183 2.40 -15.67 -7.64
C MET A 183 1.92 -16.92 -8.38
N ALA A 184 1.79 -16.83 -9.68
CA ALA A 184 1.35 -17.95 -10.50
C ALA A 184 2.50 -18.93 -10.75
N PHE A 185 2.18 -20.08 -11.32
CA PHE A 185 3.20 -21.09 -11.59
C PHE A 185 3.49 -21.15 -13.09
N SER A 186 2.49 -20.85 -13.89
CA SER A 186 2.65 -20.82 -15.34
C SER A 186 2.48 -19.39 -15.84
N PRO A 187 3.31 -18.97 -16.81
CA PRO A 187 3.26 -17.60 -17.35
C PRO A 187 1.92 -17.26 -18.00
N GLU A 188 1.20 -18.28 -18.44
CA GLU A 188 -0.09 -18.07 -19.09
C GLU A 188 -1.17 -17.76 -18.07
N GLU A 189 -0.89 -18.05 -16.79
CA GLU A 189 -1.85 -17.80 -15.72
C GLU A 189 -1.89 -16.32 -15.37
N ARG A 190 -0.94 -15.56 -15.92
CA ARG A 190 -0.84 -14.12 -15.68
C ARG A 190 -2.15 -13.40 -16.01
N VAL A 191 -2.36 -12.26 -15.38
CA VAL A 191 -3.55 -11.46 -15.59
C VAL A 191 -3.20 -9.99 -15.79
N GLN A 192 -1.97 -9.63 -15.45
CA GLN A 192 -1.50 -8.26 -15.59
C GLN A 192 -0.93 -7.99 -16.98
N ARG A 193 -0.40 -6.79 -17.15
CA ARG A 193 0.21 -6.36 -18.41
C ARG A 193 1.40 -5.46 -18.11
N LYS A 194 1.96 -4.84 -19.13
CA LYS A 194 3.10 -3.94 -18.94
C LYS A 194 2.69 -2.72 -18.12
N LEU A 195 3.48 -2.41 -17.12
CA LEU A 195 3.21 -1.27 -16.25
C LEU A 195 3.77 0.01 -16.89
N HIS A 196 3.26 0.32 -18.08
CA HIS A 196 3.71 1.47 -18.84
C HIS A 196 3.16 2.80 -18.30
N TYR A 197 1.85 2.94 -18.28
CA TYR A 197 1.24 4.18 -17.82
C TYR A 197 0.18 3.94 -16.75
N ALA A 198 0.24 4.74 -15.69
CA ALA A 198 -0.70 4.67 -14.60
C ALA A 198 -1.21 6.05 -14.26
N LEU A 199 -2.52 6.21 -14.25
CA LEU A 199 -3.13 7.49 -13.93
C LEU A 199 -4.08 7.34 -12.75
N VAL A 200 -3.77 8.01 -11.65
CA VAL A 200 -4.59 7.94 -10.45
C VAL A 200 -5.51 9.16 -10.35
N ASP A 201 -6.73 8.92 -9.90
CA ASP A 201 -7.73 9.99 -9.74
C ASP A 201 -7.29 10.99 -8.68
N GLU A 202 -7.34 10.60 -7.42
CA GLU A 202 -6.94 11.49 -6.32
C GLU A 202 -5.64 11.02 -5.70
N VAL A 203 -4.56 11.77 -5.93
CA VAL A 203 -3.26 11.42 -5.37
C VAL A 203 -3.26 11.60 -3.85
N ASP A 204 -4.19 12.41 -3.37
CA ASP A 204 -4.33 12.69 -1.95
C ASP A 204 -4.52 11.41 -1.13
N SER A 205 -5.40 10.54 -1.60
CA SER A 205 -5.68 9.32 -0.89
C SER A 205 -4.95 8.11 -1.48
N ILE A 206 -4.87 8.04 -2.80
CA ILE A 206 -4.23 6.89 -3.46
C ILE A 206 -2.70 6.91 -3.35
N LEU A 207 -2.09 8.09 -3.28
CA LEU A 207 -0.64 8.16 -3.21
C LEU A 207 -0.13 8.68 -1.87
N ILE A 208 -0.72 9.75 -1.36
CA ILE A 208 -0.28 10.35 -0.11
C ILE A 208 -0.79 9.58 1.12
N ASP A 209 -2.10 9.59 1.32
CA ASP A 209 -2.69 8.92 2.49
C ASP A 209 -2.41 7.42 2.52
N GLU A 210 -2.87 6.70 1.52
CA GLU A 210 -2.65 5.26 1.45
C GLU A 210 -1.36 4.93 0.72
N ALA A 211 -0.23 5.15 1.37
CA ALA A 211 1.07 4.89 0.77
C ALA A 211 1.75 3.68 1.40
N ARG A 212 1.83 3.70 2.73
CA ARG A 212 2.48 2.63 3.47
C ARG A 212 1.51 1.47 3.72
N THR A 213 0.31 1.59 3.18
CA THR A 213 -0.70 0.56 3.33
C THR A 213 -0.29 -0.70 2.57
N PRO A 214 -0.01 -1.80 3.29
CA PRO A 214 0.41 -3.05 2.70
C PRO A 214 -0.76 -3.99 2.42
N LEU A 215 -0.84 -4.46 1.18
CA LEU A 215 -1.89 -5.38 0.78
C LEU A 215 -1.48 -6.80 1.15
N ILE A 216 -1.82 -7.20 2.36
CA ILE A 216 -1.49 -8.53 2.86
C ILE A 216 -2.64 -9.50 2.63
N ILE A 217 -2.41 -10.47 1.76
CA ILE A 217 -3.42 -11.47 1.45
C ILE A 217 -3.47 -12.54 2.54
N SER A 218 -4.64 -13.16 2.70
CA SER A 218 -4.87 -14.19 3.71
C SER A 218 -3.84 -15.32 3.63
N GLY A 219 -3.14 -15.54 4.74
CA GLY A 219 -2.14 -16.58 4.81
C GLY A 219 -2.73 -17.97 4.83
N PRO A 220 -2.07 -18.95 4.20
CA PRO A 220 -2.56 -20.32 4.14
C PRO A 220 -2.28 -21.09 5.45
N ALA A 221 -1.02 -21.13 5.85
CA ALA A 221 -0.63 -21.83 7.06
C ALA A 221 0.71 -21.32 7.56
N GLU A 222 0.66 -20.39 8.51
CA GLU A 222 1.87 -19.84 9.10
C GLU A 222 2.29 -20.71 10.28
N ASP A 223 1.41 -21.63 10.62
CA ASP A 223 1.63 -22.59 11.69
C ASP A 223 0.78 -23.82 11.41
N SER A 224 0.89 -24.83 12.26
CA SER A 224 0.13 -26.06 12.09
C SER A 224 -0.02 -26.79 13.41
N SER A 225 -1.02 -27.67 13.48
CA SER A 225 -1.29 -28.45 14.68
C SER A 225 -0.12 -29.37 15.02
N GLU A 226 0.59 -29.82 14.00
CA GLU A 226 1.73 -30.71 14.19
C GLU A 226 3.04 -29.91 14.26
N MET A 227 2.93 -28.60 14.10
CA MET A 227 4.09 -27.73 14.12
C MET A 227 4.39 -27.24 15.53
N TYR A 228 3.51 -26.39 16.05
CA TYR A 228 3.69 -25.82 17.38
C TYR A 228 3.70 -26.93 18.43
N LYS A 229 3.01 -28.02 18.15
CA LYS A 229 2.94 -29.14 19.09
C LYS A 229 4.32 -29.77 19.26
N ARG A 230 5.14 -29.68 18.23
CA ARG A 230 6.50 -30.23 18.26
C ARG A 230 7.40 -29.38 19.16
N VAL A 231 7.25 -28.07 19.03
CA VAL A 231 8.06 -27.14 19.82
C VAL A 231 7.63 -27.22 21.29
N ASN A 232 6.34 -27.33 21.51
CA ASN A 232 5.79 -27.41 22.86
C ASN A 232 5.83 -28.84 23.38
N LYS A 233 6.55 -29.71 22.69
CA LYS A 233 6.65 -31.10 23.09
C LYS A 233 7.87 -31.33 23.97
N ILE A 234 8.90 -30.52 23.80
CA ILE A 234 10.12 -30.65 24.58
C ILE A 234 10.07 -29.80 25.85
N ILE A 235 9.17 -28.82 25.85
CA ILE A 235 9.01 -27.93 27.00
C ILE A 235 8.55 -28.66 28.27
N PRO A 236 7.50 -29.53 28.19
CA PRO A 236 7.00 -30.26 29.37
C PRO A 236 7.98 -31.33 29.90
N HIS A 237 9.25 -31.21 29.51
CA HIS A 237 10.27 -32.15 29.97
C HIS A 237 11.28 -31.41 30.83
N LEU A 238 11.03 -30.12 31.03
CA LEU A 238 11.91 -29.27 31.82
C LEU A 238 11.27 -28.98 33.18
N ILE A 239 11.84 -28.05 33.94
CA ILE A 239 11.32 -27.70 35.24
C ILE A 239 11.28 -26.19 35.45
N ARG A 240 10.32 -25.72 36.24
CA ARG A 240 10.19 -24.29 36.51
C ARG A 240 11.10 -23.88 37.66
N GLN A 241 12.39 -23.83 37.36
CA GLN A 241 13.42 -23.45 38.31
C GLN A 241 14.79 -23.45 37.64
N GLU A 242 14.88 -24.21 36.55
CA GLU A 242 16.10 -24.32 35.77
C GLU A 242 15.78 -24.89 34.38
N LYS A 243 16.35 -24.27 33.35
CA LYS A 243 16.18 -24.68 31.95
C LYS A 243 14.86 -24.19 31.36
N GLU A 244 14.96 -23.16 30.51
CA GLU A 244 13.82 -22.55 29.81
C GLU A 244 12.67 -22.24 30.77
N ASP A 245 13.02 -21.78 31.95
CA ASP A 245 12.02 -21.45 32.97
C ASP A 245 12.00 -19.96 33.29
N SER A 246 13.15 -19.34 33.23
CA SER A 246 13.27 -17.93 33.56
C SER A 246 12.82 -17.00 32.43
N GLU A 247 11.60 -16.48 32.57
CA GLU A 247 11.06 -15.54 31.60
C GLU A 247 11.85 -14.24 31.75
N THR A 248 12.11 -13.93 33.02
CA THR A 248 12.90 -12.78 33.42
C THR A 248 13.67 -13.16 34.69
N PHE A 249 13.01 -12.99 35.85
CA PHE A 249 13.58 -13.32 37.16
C PHE A 249 14.82 -12.50 37.52
N GLN A 250 15.79 -12.46 36.61
CA GLN A 250 17.05 -11.73 36.81
C GLN A 250 17.91 -12.42 37.86
N GLY A 251 17.60 -13.69 38.12
CA GLY A 251 18.33 -14.46 39.10
C GLY A 251 17.89 -14.18 40.53
N GLU A 252 17.81 -12.90 40.87
CA GLU A 252 17.40 -12.47 42.21
C GLU A 252 15.91 -12.72 42.44
N GLY A 253 15.10 -12.41 41.44
CA GLY A 253 13.67 -12.57 41.58
C GLY A 253 13.07 -11.36 42.26
N HIS A 254 12.10 -11.59 43.15
CA HIS A 254 11.46 -10.49 43.86
C HIS A 254 10.66 -11.01 45.05
N PHE A 255 9.41 -11.37 44.81
CA PHE A 255 8.55 -11.88 45.87
C PHE A 255 8.09 -13.30 45.52
N SER A 256 8.13 -14.18 46.50
CA SER A 256 7.73 -15.57 46.30
C SER A 256 6.19 -15.71 46.36
N VAL A 257 5.50 -14.77 45.74
CA VAL A 257 4.04 -14.78 45.71
C VAL A 257 3.52 -15.08 44.31
N ASP A 258 4.43 -15.07 43.34
CA ASP A 258 4.09 -15.34 41.95
C ASP A 258 5.33 -15.82 41.21
N GLU A 259 5.16 -16.23 39.95
CA GLU A 259 6.27 -16.72 39.15
C GLU A 259 6.24 -16.13 37.74
N LYS A 260 5.28 -15.26 37.47
CA LYS A 260 5.16 -14.68 36.15
C LYS A 260 5.21 -13.15 36.21
N SER A 261 5.87 -12.55 35.24
CA SER A 261 5.95 -11.11 35.16
C SER A 261 4.71 -10.60 34.46
N ARG A 262 3.72 -10.20 35.26
CA ARG A 262 2.44 -9.71 34.74
C ARG A 262 2.62 -8.47 33.86
N GLN A 263 3.81 -7.89 33.87
CA GLN A 263 4.10 -6.71 33.07
C GLN A 263 4.44 -7.12 31.64
N VAL A 264 4.70 -8.43 31.45
CA VAL A 264 5.07 -8.98 30.15
C VAL A 264 6.45 -8.46 29.75
N ASN A 265 7.48 -9.27 29.97
CA ASN A 265 8.84 -8.82 29.67
C ASN A 265 9.54 -9.69 28.64
N LEU A 266 9.82 -10.95 28.99
CA LEU A 266 10.55 -11.86 28.10
C LEU A 266 11.90 -11.23 27.75
N THR A 267 12.82 -11.24 28.69
CA THR A 267 14.11 -10.60 28.48
C THR A 267 15.30 -11.59 28.39
N GLU A 268 15.84 -11.95 29.57
CA GLU A 268 17.01 -12.83 29.67
C GLU A 268 18.27 -12.09 29.22
N ARG A 269 19.35 -12.26 29.95
CA ARG A 269 20.62 -11.61 29.63
C ARG A 269 21.78 -12.32 30.30
N GLY A 270 21.54 -13.55 30.74
CA GLY A 270 22.58 -14.33 31.37
C GLY A 270 23.34 -15.15 30.37
N LEU A 271 22.65 -15.52 29.29
CA LEU A 271 23.22 -16.30 28.19
C LEU A 271 23.44 -17.76 28.60
N VAL A 272 23.21 -18.06 29.87
CA VAL A 272 23.37 -19.41 30.36
C VAL A 272 22.13 -20.23 30.06
N LEU A 273 20.99 -19.56 29.94
CA LEU A 273 19.74 -20.23 29.66
C LEU A 273 19.69 -20.67 28.20
N ILE A 274 20.28 -19.85 27.32
CA ILE A 274 20.30 -20.16 25.90
C ILE A 274 21.21 -21.36 25.61
N GLU A 275 22.15 -21.60 26.53
CA GLU A 275 23.07 -22.72 26.38
C GLU A 275 22.34 -24.04 26.60
N GLU A 276 21.37 -24.01 27.50
CA GLU A 276 20.58 -25.19 27.81
C GLU A 276 19.48 -25.35 26.77
N LEU A 277 19.06 -24.23 26.19
CA LEU A 277 18.03 -24.23 25.18
C LEU A 277 18.54 -24.89 23.92
N LEU A 278 19.80 -24.58 23.58
CA LEU A 278 20.44 -25.15 22.40
C LEU A 278 20.61 -26.65 22.58
N VAL A 279 20.67 -27.37 21.45
CA VAL A 279 20.81 -28.83 21.46
C VAL A 279 19.50 -29.46 21.96
N LYS A 280 19.39 -30.79 21.82
CA LYS A 280 18.20 -31.57 22.23
C LYS A 280 17.08 -31.41 21.19
N GLU A 281 16.25 -32.46 21.09
CA GLU A 281 15.16 -32.50 20.13
C GLU A 281 15.72 -32.53 18.71
N GLY A 282 14.90 -32.18 17.73
CA GLY A 282 15.36 -32.18 16.36
C GLY A 282 15.18 -30.82 15.70
N ILE A 283 15.71 -29.79 16.33
CA ILE A 283 15.61 -28.43 15.80
C ILE A 283 16.99 -27.81 15.69
N MET A 284 17.44 -27.61 14.45
CA MET A 284 18.74 -27.01 14.17
C MET A 284 19.84 -27.80 14.86
N ASP A 285 20.03 -29.05 14.44
CA ASP A 285 21.04 -29.92 15.02
C ASP A 285 22.43 -29.58 14.49
N GLU A 286 22.52 -28.51 13.72
CA GLU A 286 23.79 -28.06 13.15
C GLU A 286 24.52 -27.17 14.16
N GLY A 287 25.74 -26.79 13.81
CA GLY A 287 26.53 -25.94 14.69
C GLY A 287 26.11 -24.49 14.60
N GLU A 288 24.92 -24.20 15.09
CA GLU A 288 24.38 -22.84 15.08
C GLU A 288 23.78 -22.48 16.43
N SER A 289 23.36 -21.23 16.55
CA SER A 289 22.77 -20.74 17.78
C SER A 289 21.32 -20.33 17.54
N LEU A 290 20.64 -19.90 18.60
CA LEU A 290 19.24 -19.48 18.48
C LEU A 290 19.12 -17.99 18.23
N TYR A 291 20.21 -17.26 18.41
CA TYR A 291 20.19 -15.82 18.21
C TYR A 291 20.79 -15.44 16.86
N SER A 292 20.94 -16.44 16.01
CA SER A 292 21.48 -16.23 14.68
C SER A 292 20.46 -15.54 13.79
N PRO A 293 20.91 -14.70 12.82
CA PRO A 293 20.02 -13.98 11.89
C PRO A 293 19.08 -14.92 11.12
N ALA A 294 19.50 -16.17 10.95
CA ALA A 294 18.70 -17.16 10.24
C ALA A 294 17.55 -17.68 11.11
N ASN A 295 17.68 -17.49 12.43
CA ASN A 295 16.64 -17.95 13.35
C ASN A 295 15.78 -16.78 13.79
N ILE A 296 14.68 -16.57 13.10
CA ILE A 296 13.77 -15.47 13.43
C ILE A 296 12.35 -15.99 13.69
N MET A 297 11.78 -16.69 12.71
CA MET A 297 10.42 -17.22 12.85
C MET A 297 10.35 -18.25 13.98
N LEU A 298 11.39 -19.06 14.11
CA LEU A 298 11.44 -20.06 15.16
C LEU A 298 11.76 -19.41 16.50
N MET A 299 12.52 -18.32 16.46
CA MET A 299 12.89 -17.60 17.67
C MET A 299 11.65 -17.00 18.33
N HIS A 300 10.72 -16.50 17.53
CA HIS A 300 9.49 -15.92 18.05
C HIS A 300 8.54 -17.01 18.50
N HIS A 301 8.79 -18.23 18.01
CA HIS A 301 7.96 -19.37 18.36
C HIS A 301 8.24 -19.84 19.78
N VAL A 302 9.52 -19.86 20.15
CA VAL A 302 9.90 -20.29 21.49
C VAL A 302 9.56 -19.23 22.54
N THR A 303 9.66 -17.96 22.15
CA THR A 303 9.35 -16.87 23.07
C THR A 303 7.85 -16.83 23.35
N ALA A 304 7.06 -17.08 22.30
CA ALA A 304 5.62 -17.11 22.43
C ALA A 304 5.18 -18.32 23.24
N ALA A 305 5.96 -19.39 23.13
CA ALA A 305 5.69 -20.62 23.86
C ALA A 305 5.95 -20.44 25.34
N LEU A 306 6.89 -19.56 25.67
CA LEU A 306 7.23 -19.27 27.05
C LEU A 306 6.17 -18.40 27.71
N ARG A 307 5.71 -17.37 26.99
CA ARG A 307 4.68 -16.49 27.52
C ARG A 307 3.37 -17.26 27.71
N ALA A 308 3.12 -18.22 26.83
CA ALA A 308 1.92 -19.03 26.91
C ALA A 308 2.17 -20.26 27.78
N HIS A 309 2.91 -20.06 28.85
CA HIS A 309 3.23 -21.13 29.78
C HIS A 309 3.36 -20.57 31.20
N ALA A 310 3.99 -19.42 31.30
CA ALA A 310 4.17 -18.76 32.59
C ALA A 310 3.26 -17.54 32.71
N LEU A 311 3.26 -16.69 31.69
CA LEU A 311 2.45 -15.47 31.69
C LEU A 311 0.96 -15.79 31.63
N PHE A 312 0.57 -16.63 30.67
CA PHE A 312 -0.82 -17.02 30.52
C PHE A 312 -1.18 -18.12 31.50
N THR A 313 -1.97 -17.78 32.49
CA THR A 313 -2.39 -18.75 33.49
C THR A 313 -3.80 -19.25 33.19
N ARG A 314 -4.00 -20.55 33.33
CA ARG A 314 -5.29 -21.16 33.05
C ARG A 314 -6.37 -20.62 34.01
N ASP A 315 -7.61 -20.61 33.52
CA ASP A 315 -8.78 -20.15 34.29
C ASP A 315 -8.87 -18.63 34.37
N VAL A 316 -7.77 -17.98 34.70
CA VAL A 316 -7.77 -16.53 34.83
C VAL A 316 -7.44 -15.83 33.50
N ASP A 317 -6.56 -16.41 32.71
CA ASP A 317 -6.18 -15.82 31.43
C ASP A 317 -6.86 -16.53 30.27
N TYR A 318 -6.93 -17.85 30.34
CA TYR A 318 -7.56 -18.63 29.29
C TYR A 318 -8.27 -19.85 29.86
N ILE A 319 -9.35 -20.25 29.24
CA ILE A 319 -10.10 -21.41 29.68
C ILE A 319 -10.27 -22.39 28.52
N VAL A 320 -10.00 -23.67 28.78
CA VAL A 320 -10.12 -24.69 27.76
C VAL A 320 -11.46 -25.39 27.88
N LYS A 321 -12.31 -25.21 26.88
CA LYS A 321 -13.63 -25.82 26.88
C LYS A 321 -14.17 -25.89 25.46
N ASP A 322 -15.05 -26.87 25.20
CA ASP A 322 -15.67 -27.06 23.88
C ASP A 322 -14.61 -27.36 22.83
N GLY A 323 -13.46 -27.87 23.29
CA GLY A 323 -12.37 -28.18 22.38
C GLY A 323 -11.71 -26.92 21.84
N GLU A 324 -11.97 -25.80 22.51
CA GLU A 324 -11.42 -24.52 22.11
C GLU A 324 -10.81 -23.79 23.29
N VAL A 325 -10.13 -22.68 23.00
CA VAL A 325 -9.52 -21.87 24.04
C VAL A 325 -10.16 -20.49 24.06
N ILE A 326 -10.74 -20.14 25.19
CA ILE A 326 -11.40 -18.85 25.35
C ILE A 326 -10.57 -17.95 26.27
N ILE A 327 -10.42 -16.70 25.88
CA ILE A 327 -9.64 -15.74 26.66
C ILE A 327 -10.50 -15.17 27.79
N VAL A 328 -9.97 -15.23 29.00
CA VAL A 328 -10.67 -14.72 30.17
C VAL A 328 -10.07 -13.38 30.57
N ASP A 329 -10.93 -12.37 30.68
CA ASP A 329 -10.48 -11.04 31.08
C ASP A 329 -10.36 -10.96 32.60
N GLU A 330 -9.14 -10.76 33.07
CA GLU A 330 -8.88 -10.67 34.51
C GLU A 330 -9.45 -9.37 35.09
N HIS A 331 -9.58 -8.35 34.24
CA HIS A 331 -10.06 -7.04 34.68
C HIS A 331 -11.48 -7.10 35.24
N THR A 332 -12.39 -7.70 34.48
CA THR A 332 -13.78 -7.77 34.93
C THR A 332 -14.25 -9.21 35.18
N GLY A 333 -13.53 -10.18 34.64
CA GLY A 333 -13.91 -11.57 34.80
C GLY A 333 -14.90 -11.99 33.74
N ARG A 334 -14.68 -11.52 32.52
CA ARG A 334 -15.56 -11.84 31.40
C ARG A 334 -14.88 -12.81 30.45
N THR A 335 -15.58 -13.89 30.12
CA THR A 335 -15.06 -14.88 29.19
C THR A 335 -15.26 -14.40 27.76
N MET A 336 -14.22 -13.82 27.18
CA MET A 336 -14.29 -13.30 25.83
C MET A 336 -13.98 -14.38 24.80
N GLN A 337 -15.03 -14.94 24.22
CA GLN A 337 -14.89 -15.98 23.22
C GLN A 337 -14.65 -15.36 21.85
N GLY A 338 -15.13 -14.12 21.68
CA GLY A 338 -14.95 -13.43 20.43
C GLY A 338 -13.70 -12.58 20.42
N ARG A 339 -12.56 -13.21 20.69
CA ARG A 339 -11.28 -12.51 20.70
C ARG A 339 -10.19 -13.38 20.08
N ARG A 340 -9.97 -13.19 18.80
CA ARG A 340 -8.95 -13.96 18.09
C ARG A 340 -7.62 -13.21 18.12
N TRP A 341 -6.82 -13.50 19.13
CA TRP A 341 -5.52 -12.86 19.29
C TRP A 341 -4.48 -13.50 18.37
N SER A 342 -4.00 -12.73 17.41
CA SER A 342 -3.00 -13.21 16.46
C SER A 342 -1.61 -13.29 17.09
N ASP A 343 -0.58 -13.33 16.25
CA ASP A 343 0.82 -13.40 16.69
C ASP A 343 1.11 -14.73 17.39
N GLY A 344 0.17 -15.67 17.25
CA GLY A 344 0.33 -16.98 17.85
C GLY A 344 0.16 -16.94 19.36
N LEU A 345 -0.54 -15.93 19.85
CA LEU A 345 -0.76 -15.75 21.28
C LEU A 345 -1.46 -16.98 21.89
N HIS A 346 -2.54 -17.42 21.25
CA HIS A 346 -3.27 -18.58 21.75
C HIS A 346 -2.80 -19.86 21.05
N GLN A 347 -1.94 -19.72 20.06
CA GLN A 347 -1.42 -20.87 19.32
C GLN A 347 -0.58 -21.75 20.23
N ALA A 348 0.30 -21.09 21.00
CA ALA A 348 1.15 -21.80 21.94
C ALA A 348 0.31 -22.43 23.05
N VAL A 349 -0.82 -21.81 23.34
CA VAL A 349 -1.74 -22.31 24.36
C VAL A 349 -2.38 -23.60 23.88
N GLU A 350 -2.78 -23.61 22.63
CA GLU A 350 -3.41 -24.78 22.02
C GLU A 350 -2.41 -25.94 21.97
N ALA A 351 -1.14 -25.59 21.80
CA ALA A 351 -0.07 -26.59 21.76
C ALA A 351 0.28 -27.07 23.16
N LYS A 352 0.03 -26.20 24.14
CA LYS A 352 0.32 -26.52 25.54
C LYS A 352 -0.60 -27.63 26.03
N GLU A 353 -1.90 -27.40 25.90
CA GLU A 353 -2.89 -28.38 26.34
C GLU A 353 -3.26 -29.31 25.18
N GLY A 354 -4.28 -30.14 25.39
CA GLY A 354 -4.71 -31.06 24.35
C GLY A 354 -5.67 -30.41 23.37
N VAL A 355 -5.19 -29.42 22.65
CA VAL A 355 -5.99 -28.70 21.68
C VAL A 355 -5.33 -28.78 20.30
N GLN A 356 -6.08 -28.49 19.26
CA GLN A 356 -5.55 -28.52 17.91
C GLN A 356 -5.21 -27.11 17.44
N ILE A 357 -3.92 -26.81 17.38
CA ILE A 357 -3.45 -25.50 16.93
C ILE A 357 -3.96 -25.20 15.53
N GLN A 358 -4.51 -24.01 15.35
CA GLN A 358 -5.03 -23.59 14.06
C GLN A 358 -3.88 -23.33 13.10
N ASN A 359 -4.17 -23.34 11.80
CA ASN A 359 -3.14 -23.10 10.79
C ASN A 359 -2.90 -21.60 10.63
N GLU A 360 -3.69 -20.82 11.35
CA GLU A 360 -3.61 -19.36 11.33
C GLU A 360 -3.96 -18.78 9.97
N ASN A 361 -3.85 -17.45 9.87
CA ASN A 361 -4.15 -16.73 8.65
C ASN A 361 -3.70 -15.28 8.78
N GLN A 362 -2.54 -14.95 8.22
CA GLN A 362 -2.05 -13.60 8.32
C GLN A 362 -1.24 -13.16 7.09
N THR A 363 -0.27 -13.97 6.68
CA THR A 363 0.57 -13.58 5.55
C THR A 363 0.64 -14.61 4.42
N LEU A 364 0.40 -14.12 3.20
CA LEU A 364 0.46 -14.94 1.99
C LEU A 364 1.31 -14.20 0.96
N ALA A 365 1.07 -12.90 0.87
CA ALA A 365 1.78 -12.01 -0.03
C ALA A 365 1.51 -10.58 0.42
N SER A 366 2.44 -9.66 0.17
CA SER A 366 2.25 -8.28 0.60
C SER A 366 2.98 -7.30 -0.31
N ILE A 367 2.41 -6.11 -0.42
CA ILE A 367 2.97 -5.03 -1.22
C ILE A 367 2.34 -3.72 -0.80
N THR A 368 3.14 -2.66 -0.75
CA THR A 368 2.63 -1.36 -0.38
C THR A 368 2.33 -0.54 -1.64
N PHE A 369 1.33 0.33 -1.55
CA PHE A 369 0.96 1.16 -2.70
C PHE A 369 2.13 2.01 -3.18
N GLN A 370 2.87 2.57 -2.23
CA GLN A 370 4.02 3.40 -2.54
C GLN A 370 5.08 2.62 -3.31
N ASN A 371 5.15 1.31 -3.06
CA ASN A 371 6.13 0.47 -3.73
C ASN A 371 5.53 -0.20 -4.96
N TYR A 372 4.21 -0.07 -5.12
CA TYR A 372 3.52 -0.65 -6.26
C TYR A 372 3.62 0.29 -7.46
N PHE A 373 3.30 1.55 -7.23
CA PHE A 373 3.37 2.55 -8.29
C PHE A 373 4.83 2.91 -8.58
N ARG A 374 5.71 2.34 -7.78
CA ARG A 374 7.14 2.55 -7.92
C ARG A 374 7.70 1.62 -8.99
N LEU A 375 6.83 0.76 -9.51
CA LEU A 375 7.22 -0.20 -10.56
C LEU A 375 6.65 0.22 -11.91
N TYR A 376 5.99 1.37 -11.93
CA TYR A 376 5.38 1.89 -13.15
C TYR A 376 6.29 2.90 -13.84
N GLU A 377 6.29 2.88 -15.17
CA GLU A 377 7.10 3.79 -15.96
C GLU A 377 6.55 5.22 -15.88
N LYS A 378 5.45 5.46 -16.56
CA LYS A 378 4.82 6.77 -16.56
C LYS A 378 3.72 6.81 -15.51
N LEU A 379 4.01 7.45 -14.40
CA LEU A 379 3.06 7.57 -13.31
C LEU A 379 2.57 9.01 -13.19
N ALA A 380 1.27 9.22 -13.38
CA ALA A 380 0.69 10.54 -13.29
C ALA A 380 -0.56 10.52 -12.43
N GLY A 381 -0.97 11.68 -11.96
CA GLY A 381 -2.14 11.76 -11.13
C GLY A 381 -2.70 13.16 -11.04
N MET A 382 -3.94 13.26 -10.58
CA MET A 382 -4.60 14.54 -10.45
C MET A 382 -5.11 14.71 -9.02
N THR A 383 -5.72 15.88 -8.76
CA THR A 383 -6.29 16.19 -7.46
C THR A 383 -6.62 17.67 -7.38
N GLY A 384 -7.11 18.12 -6.23
CA GLY A 384 -7.45 19.51 -6.04
C GLY A 384 -6.29 20.30 -5.48
N THR A 385 -6.15 21.54 -5.93
CA THR A 385 -5.06 22.41 -5.47
C THR A 385 -5.05 22.56 -3.96
N ALA A 386 -4.07 21.95 -3.32
CA ALA A 386 -3.95 22.00 -1.87
C ALA A 386 -2.49 22.03 -1.40
N ASP A 387 -1.58 21.59 -2.28
CA ASP A 387 -0.14 21.54 -1.96
C ASP A 387 0.10 20.65 -0.75
N THR A 388 0.28 21.26 0.43
CA THR A 388 0.50 20.52 1.67
C THR A 388 1.66 19.53 1.58
N GLU A 389 1.36 18.24 1.46
CA GLU A 389 2.39 17.20 1.38
C GLU A 389 2.94 17.07 -0.04
N ALA A 390 2.98 18.20 -0.76
CA ALA A 390 3.48 18.19 -2.13
C ALA A 390 4.97 17.90 -2.15
N PHE A 391 5.62 18.08 -1.00
CA PHE A 391 7.06 17.83 -0.89
C PHE A 391 7.35 16.33 -0.88
N GLU A 392 6.32 15.52 -0.66
CA GLU A 392 6.48 14.08 -0.63
C GLU A 392 6.39 13.49 -2.03
N PHE A 393 5.73 14.21 -2.94
CA PHE A 393 5.58 13.75 -4.33
C PHE A 393 6.92 13.48 -4.98
N SER A 394 7.80 14.48 -4.96
CA SER A 394 9.11 14.36 -5.57
C SER A 394 10.08 13.54 -4.72
N SER A 395 9.68 13.20 -3.50
CA SER A 395 10.54 12.44 -2.61
C SER A 395 10.24 10.94 -2.67
N ILE A 396 8.97 10.56 -2.59
CA ILE A 396 8.60 9.16 -2.61
C ILE A 396 8.45 8.61 -4.03
N TYR A 397 7.37 8.99 -4.70
CA TYR A 397 7.07 8.50 -6.05
C TYR A 397 7.89 9.22 -7.12
N LYS A 398 8.59 10.27 -6.72
CA LYS A 398 9.43 11.06 -7.63
C LYS A 398 8.57 11.71 -8.72
N LEU A 399 7.61 12.52 -8.30
CA LEU A 399 6.72 13.21 -9.22
C LEU A 399 6.93 14.71 -9.19
N ASP A 400 6.55 15.38 -10.27
CA ASP A 400 6.64 16.82 -10.37
C ASP A 400 5.29 17.42 -10.00
N THR A 401 5.29 18.60 -9.40
CA THR A 401 4.04 19.25 -8.99
C THR A 401 3.74 20.46 -9.85
N VAL A 402 2.79 20.31 -10.77
CA VAL A 402 2.40 21.39 -11.66
C VAL A 402 0.96 21.83 -11.39
N VAL A 403 0.77 23.13 -11.20
CA VAL A 403 -0.56 23.68 -10.94
C VAL A 403 -1.24 24.04 -12.26
N VAL A 404 -2.41 23.48 -12.48
CA VAL A 404 -3.15 23.74 -13.71
C VAL A 404 -4.11 24.92 -13.52
N PRO A 405 -4.02 25.92 -14.42
CA PRO A 405 -4.88 27.11 -14.37
C PRO A 405 -6.36 26.75 -14.57
N THR A 406 -7.23 27.54 -13.97
CA THR A 406 -8.67 27.31 -14.09
C THR A 406 -9.19 27.79 -15.43
N ASN A 407 -10.39 27.34 -15.79
CA ASN A 407 -11.01 27.72 -17.05
C ASN A 407 -11.36 29.21 -16.97
N ARG A 408 -11.76 29.63 -15.78
CA ARG A 408 -12.12 31.02 -15.53
C ARG A 408 -11.46 31.46 -14.22
N PRO A 409 -11.00 32.72 -14.14
CA PRO A 409 -10.35 33.25 -12.93
C PRO A 409 -11.26 33.22 -11.70
N MET A 410 -10.70 32.81 -10.58
CA MET A 410 -11.46 32.74 -9.33
C MET A 410 -11.45 34.10 -8.64
N ILE A 411 -12.62 34.56 -8.24
CA ILE A 411 -12.76 35.84 -7.56
C ILE A 411 -13.16 35.63 -6.11
N ARG A 412 -12.63 34.57 -5.52
CA ARG A 412 -12.94 34.22 -4.14
C ARG A 412 -12.28 35.20 -3.17
N LYS A 413 -13.09 35.83 -2.33
CA LYS A 413 -12.60 36.79 -1.35
C LYS A 413 -12.10 36.06 -0.11
N ASP A 414 -10.78 35.90 -0.02
CA ASP A 414 -10.19 35.22 1.12
C ASP A 414 -9.93 36.20 2.24
N LEU A 415 -10.69 36.06 3.33
CA LEU A 415 -10.54 36.94 4.48
C LEU A 415 -9.61 36.32 5.51
N PRO A 416 -9.01 37.13 6.39
CA PRO A 416 -8.09 36.66 7.42
C PRO A 416 -8.79 35.89 8.54
N ASP A 417 -7.99 35.36 9.46
CA ASP A 417 -8.51 34.61 10.59
C ASP A 417 -8.87 35.54 11.73
N LEU A 418 -10.14 35.60 12.08
CA LEU A 418 -10.59 36.45 13.16
C LEU A 418 -10.54 35.67 14.48
N VAL A 419 -9.39 35.70 15.11
CA VAL A 419 -9.20 34.99 16.37
C VAL A 419 -9.64 35.86 17.55
N TYR A 420 -10.51 35.31 18.39
CA TYR A 420 -11.00 36.02 19.55
C TYR A 420 -10.48 35.37 20.82
N MET A 421 -10.82 35.95 21.97
CA MET A 421 -10.35 35.41 23.25
C MET A 421 -11.07 34.10 23.59
N THR A 422 -12.30 34.22 24.04
CA THR A 422 -13.07 33.04 24.42
C THR A 422 -13.82 32.47 23.21
N GLU A 423 -14.17 31.19 23.28
CA GLU A 423 -14.90 30.53 22.20
C GLU A 423 -16.26 31.21 21.99
N ALA A 424 -16.82 31.75 23.06
CA ALA A 424 -18.10 32.44 22.97
C ALA A 424 -18.00 33.62 22.01
N GLU A 425 -16.88 34.33 22.06
CA GLU A 425 -16.65 35.47 21.19
C GLU A 425 -16.58 35.02 19.74
N LYS A 426 -15.91 33.89 19.53
CA LYS A 426 -15.77 33.32 18.20
C LYS A 426 -17.13 33.03 17.60
N ILE A 427 -17.96 32.32 18.36
CA ILE A 427 -19.30 31.97 17.91
C ILE A 427 -20.14 33.23 17.71
N GLN A 428 -20.05 34.15 18.66
CA GLN A 428 -20.80 35.41 18.60
C GLN A 428 -20.46 36.17 17.32
N ALA A 429 -19.18 36.25 17.00
CA ALA A 429 -18.72 36.95 15.82
C ALA A 429 -19.25 36.28 14.55
N ILE A 430 -19.31 34.96 14.57
CA ILE A 430 -19.82 34.20 13.44
C ILE A 430 -21.26 34.60 13.14
N ILE A 431 -22.06 34.71 14.19
CA ILE A 431 -23.46 35.10 14.04
C ILE A 431 -23.55 36.50 13.44
N GLU A 432 -22.66 37.38 13.87
CA GLU A 432 -22.61 38.75 13.38
C GLU A 432 -22.28 38.79 11.88
N ASP A 433 -21.31 37.97 11.47
CA ASP A 433 -20.92 37.91 10.07
C ASP A 433 -22.05 37.32 9.24
N ILE A 434 -22.68 36.27 9.77
CA ILE A 434 -23.78 35.61 9.10
C ILE A 434 -24.92 36.59 8.83
N LYS A 435 -25.19 37.45 9.82
CA LYS A 435 -26.25 38.46 9.68
C LYS A 435 -25.94 39.40 8.51
N GLU A 436 -24.68 39.77 8.39
CA GLU A 436 -24.24 40.66 7.32
C GLU A 436 -24.42 40.01 5.95
N ARG A 437 -24.37 38.69 5.91
CA ARG A 437 -24.52 37.96 4.65
C ARG A 437 -25.99 37.71 4.35
N THR A 438 -26.76 37.31 5.37
CA THR A 438 -28.18 37.04 5.19
C THR A 438 -28.94 38.28 4.76
N ALA A 439 -28.63 39.41 5.39
CA ALA A 439 -29.29 40.67 5.07
C ALA A 439 -28.85 41.20 3.71
N LYS A 440 -27.82 40.57 3.14
CA LYS A 440 -27.30 40.98 1.84
C LYS A 440 -27.73 39.99 0.76
N GLY A 441 -28.39 38.92 1.17
CA GLY A 441 -28.85 37.92 0.23
C GLY A 441 -27.74 36.97 -0.20
N GLN A 442 -26.79 36.75 0.70
CA GLN A 442 -25.67 35.87 0.41
C GLN A 442 -25.78 34.55 1.19
N PRO A 443 -25.61 33.41 0.51
CA PRO A 443 -25.66 32.09 1.15
C PRO A 443 -24.45 31.87 2.05
N VAL A 444 -24.67 31.19 3.17
CA VAL A 444 -23.60 30.93 4.12
C VAL A 444 -23.38 29.43 4.33
N LEU A 445 -22.14 28.99 4.13
CA LEU A 445 -21.80 27.60 4.34
C LEU A 445 -20.85 27.48 5.52
N VAL A 446 -21.36 26.99 6.64
CA VAL A 446 -20.57 26.85 7.84
C VAL A 446 -19.98 25.45 7.92
N GLY A 447 -18.66 25.37 8.01
CA GLY A 447 -18.00 24.08 8.10
C GLY A 447 -17.51 23.78 9.49
N THR A 448 -18.35 23.12 10.28
CA THR A 448 -18.00 22.77 11.64
C THR A 448 -17.26 21.43 11.67
N ILE A 449 -16.25 21.32 12.52
CA ILE A 449 -15.46 20.10 12.61
C ILE A 449 -16.17 19.01 13.42
N SER A 450 -16.90 19.40 14.45
CA SER A 450 -17.59 18.44 15.30
C SER A 450 -19.09 18.71 15.37
N ILE A 451 -19.85 17.67 15.75
CA ILE A 451 -21.29 17.79 15.88
C ILE A 451 -21.60 18.77 17.00
N GLU A 452 -20.78 18.71 18.04
CA GLU A 452 -20.92 19.59 19.19
C GLU A 452 -20.88 21.05 18.76
N LYS A 453 -19.92 21.38 17.90
CA LYS A 453 -19.79 22.74 17.40
C LYS A 453 -20.94 23.08 16.48
N SER A 454 -21.43 22.07 15.75
CA SER A 454 -22.54 22.25 14.83
C SER A 454 -23.80 22.62 15.60
N GLU A 455 -24.04 21.93 16.70
CA GLU A 455 -25.20 22.18 17.53
C GLU A 455 -25.07 23.54 18.23
N LEU A 456 -23.85 23.83 18.69
CA LEU A 456 -23.58 25.10 19.37
C LEU A 456 -23.90 26.30 18.47
N VAL A 457 -23.33 26.31 17.27
CA VAL A 457 -23.56 27.42 16.34
C VAL A 457 -25.02 27.43 15.87
N SER A 458 -25.63 26.26 15.79
CA SER A 458 -27.02 26.15 15.38
C SER A 458 -27.94 26.73 16.45
N ASN A 459 -27.61 26.45 17.71
CA ASN A 459 -28.39 26.93 18.84
C ASN A 459 -28.43 28.46 18.85
N GLU A 460 -27.26 29.08 18.71
CA GLU A 460 -27.16 30.54 18.70
C GLU A 460 -27.90 31.12 17.50
N LEU A 461 -27.79 30.46 16.35
CA LEU A 461 -28.44 30.92 15.13
C LEU A 461 -29.96 30.89 15.31
N THR A 462 -30.45 29.91 16.06
CA THR A 462 -31.87 29.78 16.33
C THR A 462 -32.33 30.88 17.27
N LYS A 463 -31.51 31.14 18.30
CA LYS A 463 -31.80 32.18 19.28
C LYS A 463 -31.86 33.54 18.60
N ALA A 464 -30.95 33.76 17.66
CA ALA A 464 -30.89 35.00 16.92
C ALA A 464 -32.05 35.11 15.94
N GLY A 465 -32.66 33.99 15.63
CA GLY A 465 -33.78 33.96 14.71
C GLY A 465 -33.35 34.02 13.26
N ILE A 466 -32.39 33.18 12.92
CA ILE A 466 -31.89 33.14 11.55
C ILE A 466 -32.12 31.75 10.94
N LYS A 467 -32.73 31.71 9.76
CA LYS A 467 -33.01 30.46 9.08
C LYS A 467 -31.71 29.75 8.76
N HIS A 468 -31.63 28.47 9.11
CA HIS A 468 -30.42 27.69 8.89
C HIS A 468 -30.73 26.21 8.94
N ASN A 469 -29.97 25.42 8.19
CA ASN A 469 -30.15 23.98 8.18
C ASN A 469 -28.82 23.29 8.44
N VAL A 470 -28.87 22.06 8.91
CA VAL A 470 -27.68 21.30 9.21
C VAL A 470 -27.61 20.01 8.41
N LEU A 471 -26.46 19.77 7.77
CA LEU A 471 -26.24 18.58 6.98
C LEU A 471 -25.82 17.43 7.89
N ASN A 472 -26.82 16.70 8.37
CA ASN A 472 -26.57 15.58 9.26
C ASN A 472 -26.27 14.32 8.46
N ALA A 473 -25.15 13.68 8.76
CA ALA A 473 -24.73 12.46 8.08
C ALA A 473 -25.75 11.33 8.26
N LYS A 474 -26.55 11.42 9.31
CA LYS A 474 -27.56 10.41 9.59
C LYS A 474 -28.85 10.72 8.83
N PHE A 475 -28.85 11.84 8.11
CA PHE A 475 -30.01 12.25 7.33
C PHE A 475 -29.59 12.61 5.92
N HIS A 476 -29.01 11.65 5.22
CA HIS A 476 -28.54 11.85 3.85
C HIS A 476 -29.71 12.20 2.92
N ALA A 477 -30.87 11.63 3.21
CA ALA A 477 -32.07 11.88 2.41
C ALA A 477 -32.43 13.37 2.44
N ASN A 478 -32.18 14.01 3.56
CA ASN A 478 -32.47 15.44 3.70
C ASN A 478 -31.27 16.26 3.26
N GLU A 479 -30.08 15.71 3.49
CA GLU A 479 -28.82 16.37 3.13
C GLU A 479 -28.83 16.81 1.67
N ALA A 480 -29.04 15.86 0.77
CA ALA A 480 -29.05 16.13 -0.67
C ALA A 480 -30.05 17.24 -1.02
N ALA A 481 -31.21 17.22 -0.36
CA ALA A 481 -32.24 18.21 -0.60
C ALA A 481 -31.79 19.60 -0.15
N ILE A 482 -31.02 19.65 0.93
CA ILE A 482 -30.52 20.91 1.45
C ILE A 482 -29.39 21.45 0.58
N VAL A 483 -28.50 20.55 0.15
CA VAL A 483 -27.37 20.93 -0.70
C VAL A 483 -27.86 21.53 -2.02
N ALA A 484 -28.99 21.01 -2.51
CA ALA A 484 -29.58 21.48 -3.75
C ALA A 484 -29.93 22.97 -3.69
N GLN A 485 -30.21 23.46 -2.49
CA GLN A 485 -30.56 24.86 -2.30
C GLN A 485 -29.64 25.50 -1.28
N ALA A 486 -28.43 24.97 -1.15
CA ALA A 486 -27.45 25.50 -0.21
C ALA A 486 -26.86 26.81 -0.72
N GLY A 487 -26.95 27.02 -2.03
CA GLY A 487 -26.44 28.23 -2.62
C GLY A 487 -27.53 29.28 -2.78
N TYR A 488 -28.63 29.07 -2.08
CA TYR A 488 -29.77 29.98 -2.13
C TYR A 488 -29.44 31.26 -1.35
N PRO A 489 -29.81 32.43 -1.90
CA PRO A 489 -29.57 33.73 -1.25
C PRO A 489 -30.10 33.78 0.20
N ALA A 490 -29.20 34.13 1.12
CA ALA A 490 -29.53 34.26 2.55
C ALA A 490 -29.82 32.92 3.22
N ALA A 491 -29.32 31.83 2.64
CA ALA A 491 -29.53 30.51 3.23
C ALA A 491 -28.29 30.05 3.98
N VAL A 492 -28.45 29.75 5.26
CA VAL A 492 -27.34 29.29 6.08
C VAL A 492 -27.32 27.78 6.17
N THR A 493 -26.29 27.16 5.64
CA THR A 493 -26.15 25.73 5.66
C THR A 493 -24.94 25.32 6.50
N ILE A 494 -25.18 24.50 7.52
CA ILE A 494 -24.12 24.04 8.40
C ILE A 494 -23.74 22.61 8.02
N ALA A 495 -22.46 22.40 7.74
CA ALA A 495 -21.98 21.07 7.36
C ALA A 495 -21.02 20.52 8.41
N THR A 496 -21.41 19.43 9.04
CA THR A 496 -20.60 18.78 10.05
C THR A 496 -19.52 17.91 9.39
N ASN A 497 -18.27 18.32 9.57
CA ASN A 497 -17.11 17.63 9.03
C ASN A 497 -17.13 17.65 7.51
N MET A 498 -16.68 18.76 6.95
CA MET A 498 -16.63 18.95 5.50
C MET A 498 -15.73 17.91 4.85
N ALA A 499 -16.29 17.15 3.92
CA ALA A 499 -15.53 16.12 3.22
C ALA A 499 -14.85 16.69 1.99
N GLY A 500 -13.92 15.93 1.42
CA GLY A 500 -13.19 16.37 0.25
C GLY A 500 -14.09 16.51 -0.97
N ARG A 501 -13.65 17.32 -1.93
CA ARG A 501 -14.39 17.56 -3.17
C ARG A 501 -15.65 18.38 -2.88
N GLY A 502 -16.77 17.68 -2.67
CA GLY A 502 -18.01 18.35 -2.41
C GLY A 502 -18.77 18.66 -3.68
N THR A 503 -20.05 18.34 -3.68
CA THR A 503 -20.92 18.58 -4.83
C THR A 503 -20.87 20.06 -5.24
N ASP A 504 -20.92 20.31 -6.55
CA ASP A 504 -20.88 21.67 -7.07
C ASP A 504 -22.11 22.45 -6.63
N ILE A 505 -21.95 23.25 -5.59
CA ILE A 505 -23.05 24.06 -5.09
C ILE A 505 -23.31 25.22 -6.03
N VAL A 506 -24.35 25.10 -6.84
CA VAL A 506 -24.70 26.13 -7.80
C VAL A 506 -25.28 27.34 -7.10
N LEU A 507 -24.78 28.51 -7.48
CA LEU A 507 -25.23 29.78 -6.89
C LEU A 507 -26.68 30.05 -7.28
N GLY A 508 -27.50 30.28 -6.28
CA GLY A 508 -28.91 30.55 -6.51
C GLY A 508 -29.74 29.28 -6.43
N GLY A 509 -29.08 28.16 -6.18
CA GLY A 509 -29.77 26.89 -6.10
C GLY A 509 -29.51 26.05 -7.33
N SER A 510 -30.26 24.98 -7.50
CA SER A 510 -30.08 24.12 -8.66
C SER A 510 -31.39 23.92 -9.39
N TRP A 511 -31.58 24.68 -10.46
CA TRP A 511 -32.80 24.58 -11.28
C TRP A 511 -32.97 23.17 -11.82
N GLN A 512 -31.85 22.48 -12.05
CA GLN A 512 -31.86 21.11 -12.56
C GLN A 512 -32.59 20.18 -11.61
N ALA A 513 -32.52 20.49 -10.32
CA ALA A 513 -33.17 19.67 -9.30
C ALA A 513 -34.62 20.10 -9.13
N GLU A 514 -34.87 21.40 -9.28
CA GLU A 514 -36.22 21.94 -9.14
C GLU A 514 -37.12 21.41 -10.26
N VAL A 515 -36.61 21.40 -11.49
CA VAL A 515 -37.39 20.91 -12.62
C VAL A 515 -37.56 19.39 -12.53
N ALA A 516 -36.70 18.74 -11.77
CA ALA A 516 -36.77 17.30 -11.59
C ALA A 516 -37.62 16.93 -10.39
N ALA A 517 -38.15 17.94 -9.71
CA ALA A 517 -38.99 17.71 -8.55
C ALA A 517 -40.45 17.60 -8.96
N LEU A 518 -40.73 17.93 -10.21
CA LEU A 518 -42.08 17.87 -10.74
C LEU A 518 -42.28 16.56 -11.48
N GLU A 519 -43.52 16.10 -11.56
CA GLU A 519 -43.83 14.85 -12.25
C GLU A 519 -43.70 15.03 -13.75
N ASN A 520 -44.45 15.98 -14.29
CA ASN A 520 -44.40 16.27 -15.72
C ASN A 520 -43.95 17.71 -15.94
N PRO A 521 -42.63 17.92 -16.04
CA PRO A 521 -42.05 19.23 -16.26
C PRO A 521 -42.05 19.60 -17.74
N THR A 522 -42.98 20.45 -18.13
CA THR A 522 -43.08 20.89 -19.51
C THR A 522 -42.08 22.01 -19.79
N ALA A 523 -41.96 22.41 -21.05
CA ALA A 523 -41.02 23.46 -21.44
C ALA A 523 -41.26 24.75 -20.67
N GLU A 524 -42.53 25.12 -20.52
CA GLU A 524 -42.90 26.33 -19.79
C GLU A 524 -42.45 26.26 -18.35
N GLN A 525 -42.64 25.09 -17.73
CA GLN A 525 -42.26 24.88 -16.34
C GLN A 525 -40.74 24.92 -16.19
N ILE A 526 -40.04 24.25 -17.11
CA ILE A 526 -38.59 24.22 -17.08
C ILE A 526 -38.03 25.62 -17.33
N GLU A 527 -38.62 26.33 -18.27
CA GLU A 527 -38.19 27.68 -18.60
C GLU A 527 -38.42 28.62 -17.42
N LYS A 528 -39.58 28.47 -16.78
CA LYS A 528 -39.93 29.31 -15.63
C LYS A 528 -38.89 29.14 -14.53
N ILE A 529 -38.61 27.90 -14.17
CA ILE A 529 -37.63 27.62 -13.12
C ILE A 529 -36.24 28.08 -13.55
N LYS A 530 -35.92 27.91 -14.82
CA LYS A 530 -34.63 28.32 -15.36
C LYS A 530 -34.46 29.84 -15.22
N ALA A 531 -35.48 30.57 -15.62
CA ALA A 531 -35.46 32.04 -15.53
C ALA A 531 -35.52 32.48 -14.07
N ASP A 532 -36.31 31.76 -13.28
CA ASP A 532 -36.47 32.05 -11.87
C ASP A 532 -35.13 31.92 -11.18
N TRP A 533 -34.46 30.80 -11.45
CA TRP A 533 -33.16 30.50 -10.89
C TRP A 533 -32.16 31.56 -11.32
N GLN A 534 -32.25 32.00 -12.57
CA GLN A 534 -31.35 33.02 -13.11
C GLN A 534 -31.31 34.25 -12.22
N VAL A 535 -32.49 34.73 -11.84
CA VAL A 535 -32.59 35.90 -10.98
C VAL A 535 -31.90 35.67 -9.64
N ARG A 536 -32.19 34.52 -9.04
CA ARG A 536 -31.62 34.17 -7.74
C ARG A 536 -30.11 33.92 -7.85
N HIS A 537 -29.71 33.34 -8.99
CA HIS A 537 -28.31 33.04 -9.27
C HIS A 537 -27.50 34.33 -9.36
N ASP A 538 -28.02 35.28 -10.13
CA ASP A 538 -27.34 36.56 -10.32
C ASP A 538 -27.31 37.35 -9.02
N ALA A 539 -28.33 37.15 -8.19
CA ALA A 539 -28.42 37.83 -6.90
C ALA A 539 -27.26 37.41 -6.01
N VAL A 540 -26.90 36.13 -6.05
CA VAL A 540 -25.80 35.60 -5.26
C VAL A 540 -24.48 36.21 -5.71
N LEU A 541 -24.35 36.40 -7.01
CA LEU A 541 -23.14 36.98 -7.58
C LEU A 541 -22.96 38.40 -7.08
N GLU A 542 -24.04 39.17 -7.10
CA GLU A 542 -24.03 40.55 -6.64
C GLU A 542 -23.86 40.63 -5.12
N ALA A 543 -24.14 39.52 -4.46
CA ALA A 543 -24.02 39.45 -3.01
C ALA A 543 -22.58 39.17 -2.59
N GLY A 544 -21.84 38.48 -3.46
CA GLY A 544 -20.45 38.19 -3.16
C GLY A 544 -20.11 36.72 -3.35
N GLY A 545 -21.03 35.94 -3.88
CA GLY A 545 -20.79 34.52 -4.12
C GLY A 545 -21.03 33.68 -2.89
N LEU A 546 -20.60 32.43 -2.93
CA LEU A 546 -20.78 31.50 -1.80
C LEU A 546 -19.87 31.89 -0.64
N HIS A 547 -20.49 32.21 0.51
CA HIS A 547 -19.74 32.60 1.70
C HIS A 547 -19.43 31.38 2.57
N ILE A 548 -18.16 31.11 2.76
CA ILE A 548 -17.71 29.98 3.56
C ILE A 548 -17.26 30.46 4.94
N ILE A 549 -17.69 29.76 5.98
CA ILE A 549 -17.29 30.10 7.34
C ILE A 549 -16.69 28.90 8.06
N GLY A 550 -15.45 29.05 8.50
CA GLY A 550 -14.79 27.98 9.21
C GLY A 550 -14.72 28.27 10.69
N THR A 551 -15.38 27.45 11.49
CA THR A 551 -15.39 27.63 12.94
C THR A 551 -14.05 27.29 13.56
N GLU A 552 -13.44 26.23 13.06
CA GLU A 552 -12.15 25.77 13.54
C GLU A 552 -11.26 25.37 12.38
N ARG A 553 -9.96 25.51 12.56
CA ARG A 553 -9.01 25.14 11.52
C ARG A 553 -8.60 23.69 11.70
N HIS A 554 -8.25 23.02 10.62
CA HIS A 554 -7.85 21.62 10.71
C HIS A 554 -6.34 21.50 10.81
N GLU A 555 -5.88 20.49 11.54
CA GLU A 555 -4.45 20.26 11.70
C GLU A 555 -3.82 20.01 10.33
N SER A 556 -4.41 19.09 9.59
CA SER A 556 -3.95 18.75 8.27
C SER A 556 -4.37 19.84 7.28
N ARG A 557 -3.37 20.48 6.68
CA ARG A 557 -3.61 21.55 5.72
C ARG A 557 -4.28 21.01 4.47
N ARG A 558 -4.04 19.72 4.20
CA ARG A 558 -4.64 19.06 3.03
C ARG A 558 -6.16 19.12 3.10
N ILE A 559 -6.70 18.99 4.31
CA ILE A 559 -8.13 19.03 4.52
C ILE A 559 -8.60 20.46 4.83
N ASP A 560 -7.76 21.21 5.54
CA ASP A 560 -8.07 22.59 5.91
C ASP A 560 -8.26 23.45 4.66
N ASN A 561 -7.36 23.28 3.70
CA ASN A 561 -7.42 24.05 2.46
C ASN A 561 -8.62 23.61 1.60
N GLN A 562 -9.07 22.38 1.81
CA GLN A 562 -10.20 21.85 1.05
C GLN A 562 -11.48 22.59 1.43
N LEU A 563 -11.51 23.13 2.64
CA LEU A 563 -12.66 23.89 3.11
C LEU A 563 -12.69 25.24 2.42
N ARG A 564 -11.51 25.77 2.15
CA ARG A 564 -11.37 27.05 1.47
C ARG A 564 -11.64 26.88 -0.02
N GLY A 565 -11.32 25.71 -0.54
CA GLY A 565 -11.52 25.43 -1.94
C GLY A 565 -12.95 25.04 -2.29
N ARG A 566 -13.90 25.51 -1.51
CA ARG A 566 -15.31 25.21 -1.77
C ARG A 566 -15.82 26.08 -2.90
N SER A 567 -15.66 27.38 -2.76
CA SER A 567 -16.08 28.33 -3.77
C SER A 567 -14.97 28.51 -4.81
N GLY A 568 -15.28 29.23 -5.88
CA GLY A 568 -14.31 29.45 -6.92
C GLY A 568 -14.31 28.31 -7.92
N ARG A 569 -15.49 27.92 -8.36
CA ARG A 569 -15.63 26.84 -9.33
C ARG A 569 -16.05 27.40 -10.69
N GLN A 570 -15.24 27.15 -11.71
CA GLN A 570 -15.50 27.61 -13.07
C GLN A 570 -15.63 29.13 -13.17
N GLY A 571 -14.94 29.84 -12.30
CA GLY A 571 -14.98 31.30 -12.35
C GLY A 571 -15.84 31.93 -11.27
N ASP A 572 -16.36 31.12 -10.36
CA ASP A 572 -17.19 31.61 -9.27
C ASP A 572 -16.34 32.44 -8.30
N ALA A 573 -17.00 33.31 -7.55
CA ALA A 573 -16.32 34.17 -6.59
C ALA A 573 -16.30 33.51 -5.21
N GLY A 574 -17.15 33.99 -4.31
CA GLY A 574 -17.20 33.43 -2.97
C GLY A 574 -16.40 34.25 -1.98
N SER A 575 -16.46 33.87 -0.72
CA SER A 575 -15.74 34.56 0.34
C SER A 575 -15.44 33.61 1.50
N SER A 576 -14.17 33.43 1.81
CA SER A 576 -13.76 32.55 2.89
C SER A 576 -13.54 33.32 4.18
N ARG A 577 -14.30 32.98 5.22
CA ARG A 577 -14.19 33.63 6.51
C ARG A 577 -13.76 32.62 7.57
N PHE A 578 -12.56 32.80 8.11
CA PHE A 578 -12.05 31.88 9.13
C PHE A 578 -12.15 32.50 10.52
N TYR A 579 -12.38 31.66 11.51
CA TYR A 579 -12.50 32.09 12.89
C TYR A 579 -11.72 31.17 13.81
N LEU A 580 -11.37 31.67 14.99
CA LEU A 580 -10.63 30.89 15.96
C LEU A 580 -10.67 31.56 17.33
N SER A 581 -10.34 30.82 18.37
CA SER A 581 -10.33 31.36 19.72
C SER A 581 -8.96 31.16 20.37
N MET A 582 -8.67 31.93 21.40
CA MET A 582 -7.39 31.83 22.10
C MET A 582 -7.37 30.58 22.98
N GLU A 583 -8.57 30.07 23.24
CA GLU A 583 -8.74 28.87 24.05
C GLU A 583 -9.23 27.74 23.15
N ASP A 584 -8.94 27.86 21.87
CA ASP A 584 -9.37 26.88 20.88
C ASP A 584 -8.52 25.63 20.92
N ALA A 585 -8.88 24.65 20.10
CA ALA A 585 -8.17 23.38 20.05
C ALA A 585 -6.92 23.50 19.18
N LEU A 586 -6.99 24.40 18.19
CA LEU A 586 -5.87 24.61 17.28
C LEU A 586 -4.70 25.29 17.98
N MET A 587 -4.95 25.82 19.18
CA MET A 587 -3.93 26.51 19.95
C MET A 587 -2.96 25.53 20.60
N ARG A 588 -3.03 24.26 20.18
CA ARG A 588 -2.14 23.25 20.73
C ARG A 588 -1.14 22.78 19.68
N ILE A 589 -1.27 23.28 18.46
CA ILE A 589 -0.36 22.90 17.38
C ILE A 589 0.92 23.72 17.46
N PHE A 590 0.91 24.75 18.30
CA PHE A 590 2.07 25.61 18.48
C PHE A 590 3.00 25.06 19.55
N ALA A 591 2.66 23.87 20.05
CA ALA A 591 3.42 23.18 21.09
C ALA A 591 3.36 23.93 22.42
N SER A 592 4.21 24.93 22.58
CA SER A 592 4.26 25.71 23.79
C SER A 592 3.01 26.58 23.92
N ASP A 593 2.32 26.46 25.05
CA ASP A 593 1.11 27.23 25.31
C ASP A 593 1.43 28.71 25.51
N ARG A 594 2.70 29.00 25.75
CA ARG A 594 3.14 30.36 25.97
C ARG A 594 2.97 31.19 24.71
N VAL A 595 3.11 30.56 23.56
CA VAL A 595 2.95 31.24 22.28
C VAL A 595 1.53 31.78 22.15
N SER A 596 0.57 30.88 22.30
CA SER A 596 -0.84 31.24 22.22
C SER A 596 -1.23 32.15 23.39
N GLY A 597 -0.64 31.91 24.55
CA GLY A 597 -0.93 32.71 25.72
C GLY A 597 -0.48 34.15 25.57
N MET A 598 0.67 34.35 24.93
CA MET A 598 1.20 35.69 24.71
C MET A 598 0.39 36.43 23.64
N MET A 599 -0.22 35.67 22.75
CA MET A 599 -1.03 36.25 21.68
C MET A 599 -2.34 36.80 22.24
N ARG A 600 -2.64 36.46 23.48
CA ARG A 600 -3.86 36.92 24.13
C ARG A 600 -3.73 38.38 24.56
N LYS A 601 -2.53 38.92 24.43
CA LYS A 601 -2.25 40.30 24.80
C LYS A 601 -2.64 41.26 23.68
N LEU A 602 -3.32 40.74 22.67
CA LEU A 602 -3.76 41.56 21.55
C LEU A 602 -5.04 42.31 21.90
N GLY A 603 -5.69 41.87 22.97
CA GLY A 603 -6.91 42.52 23.41
C GLY A 603 -8.15 41.94 22.78
N MET A 604 -8.11 41.78 21.45
CA MET A 604 -9.21 41.22 20.67
C MET A 604 -10.41 42.17 20.64
N LYS A 605 -11.03 42.37 21.80
CA LYS A 605 -12.20 43.26 21.94
C LYS A 605 -13.39 42.70 21.16
N PRO A 606 -14.27 41.95 21.87
CA PRO A 606 -15.45 41.32 21.27
C PRO A 606 -16.30 42.31 20.47
N GLY A 607 -16.26 42.16 19.14
CA GLY A 607 -17.02 43.03 18.28
C GLY A 607 -16.14 43.82 17.35
N GLU A 608 -14.85 43.90 17.65
CA GLU A 608 -13.91 44.64 16.83
C GLU A 608 -13.23 43.73 15.83
N ALA A 609 -13.20 44.16 14.58
CA ALA A 609 -12.57 43.38 13.53
C ALA A 609 -11.20 43.95 13.19
N ILE A 610 -10.17 43.43 13.86
CA ILE A 610 -8.80 43.87 13.62
C ILE A 610 -8.34 43.49 12.21
N GLU A 611 -8.80 42.31 11.76
CA GLU A 611 -8.49 41.78 10.42
C GLU A 611 -6.99 41.88 10.11
N HIS A 612 -6.19 41.10 10.84
CA HIS A 612 -4.75 41.10 10.63
C HIS A 612 -4.31 39.78 10.00
N PRO A 613 -3.79 39.85 8.76
CA PRO A 613 -3.35 38.67 8.00
C PRO A 613 -2.10 38.00 8.57
N TRP A 614 -1.36 38.69 9.44
CA TRP A 614 -0.15 38.12 10.02
C TRP A 614 -0.49 36.90 10.87
N VAL A 615 -1.70 36.89 11.43
CA VAL A 615 -2.14 35.77 12.26
C VAL A 615 -2.36 34.54 11.38
N THR A 616 -3.05 34.75 10.25
CA THR A 616 -3.33 33.68 9.31
C THR A 616 -2.04 33.04 8.79
N LYS A 617 -1.08 33.89 8.45
CA LYS A 617 0.21 33.42 7.95
C LYS A 617 0.97 32.66 9.02
N ALA A 618 0.78 33.05 10.28
CA ALA A 618 1.44 32.37 11.39
C ALA A 618 0.82 30.99 11.59
N ILE A 619 -0.50 30.93 11.47
CA ILE A 619 -1.22 29.67 11.62
C ILE A 619 -0.87 28.71 10.49
N ALA A 620 -0.92 29.20 9.26
CA ALA A 620 -0.61 28.39 8.09
C ALA A 620 0.81 27.84 8.17
N ASN A 621 1.72 28.64 8.73
CA ASN A 621 3.11 28.23 8.89
C ASN A 621 3.20 27.07 9.87
N ALA A 622 2.41 27.14 10.93
CA ALA A 622 2.39 26.09 11.95
C ALA A 622 1.76 24.82 11.40
N GLN A 623 0.69 24.97 10.62
CA GLN A 623 0.00 23.83 10.02
C GLN A 623 0.95 23.06 9.11
N ARG A 624 1.72 23.78 8.31
CA ARG A 624 2.67 23.16 7.40
C ARG A 624 3.78 22.46 8.18
N LYS A 625 4.12 23.02 9.34
CA LYS A 625 5.16 22.44 10.18
C LYS A 625 4.72 21.07 10.70
N VAL A 626 3.44 20.94 10.99
CA VAL A 626 2.90 19.66 11.47
C VAL A 626 3.06 18.61 10.38
N GLU A 627 2.74 19.00 9.15
CA GLU A 627 2.85 18.12 8.01
C GLU A 627 4.32 17.79 7.74
N SER A 628 5.18 18.78 7.91
CA SER A 628 6.62 18.58 7.72
C SER A 628 7.16 17.59 8.76
N ARG A 629 6.57 17.64 9.96
CA ARG A 629 6.97 16.73 11.03
C ARG A 629 6.59 15.30 10.66
N ASN A 630 5.44 15.17 9.99
CA ASN A 630 4.95 13.88 9.55
C ASN A 630 5.91 13.28 8.52
N PHE A 631 6.46 14.15 7.68
CA PHE A 631 7.40 13.74 6.64
C PHE A 631 8.62 13.02 7.23
N ASP A 632 9.12 13.53 8.35
CA ASP A 632 10.29 12.93 9.00
C ASP A 632 9.99 11.50 9.41
N ILE A 633 8.78 11.30 9.94
CA ILE A 633 8.34 9.98 10.36
C ILE A 633 8.20 9.06 9.15
N ARG A 634 7.64 9.59 8.07
CA ARG A 634 7.45 8.83 6.85
C ARG A 634 8.81 8.44 6.28
N LYS A 635 9.75 9.37 6.32
CA LYS A 635 11.10 9.15 5.84
C LYS A 635 11.76 8.00 6.58
N GLN A 636 11.55 7.94 7.89
CA GLN A 636 12.11 6.89 8.73
C GLN A 636 11.56 5.53 8.30
N LEU A 637 10.28 5.50 7.97
CA LEU A 637 9.62 4.27 7.54
C LEU A 637 10.13 3.85 6.17
N LEU A 638 10.35 4.84 5.30
CA LEU A 638 10.84 4.58 3.95
C LEU A 638 12.20 3.88 3.99
N GLU A 639 13.03 4.26 4.96
CA GLU A 639 14.36 3.67 5.11
C GLU A 639 14.27 2.19 5.52
N TYR A 640 13.14 1.80 6.08
CA TYR A 640 12.93 0.42 6.51
C TYR A 640 12.20 -0.36 5.43
N ASP A 641 11.16 0.26 4.87
CA ASP A 641 10.35 -0.38 3.85
C ASP A 641 11.10 -0.55 2.54
N ASP A 642 12.08 0.33 2.28
CA ASP A 642 12.86 0.23 1.05
C ASP A 642 13.69 -1.05 1.05
N VAL A 643 14.07 -1.49 2.24
CA VAL A 643 14.85 -2.72 2.39
C VAL A 643 14.03 -3.90 1.90
N ALA A 644 12.78 -3.94 2.32
CA ALA A 644 11.87 -5.01 1.92
C ALA A 644 11.51 -4.86 0.45
N ASN A 645 11.50 -3.62 -0.02
CA ASN A 645 11.20 -3.32 -1.41
C ASN A 645 12.29 -3.86 -2.32
N ASP A 646 13.54 -3.57 -1.97
CA ASP A 646 14.68 -4.01 -2.75
C ASP A 646 14.71 -5.53 -2.88
N GLN A 647 14.51 -6.22 -1.75
CA GLN A 647 14.50 -7.66 -1.74
C GLN A 647 13.32 -8.20 -2.55
N ARG A 648 12.18 -7.51 -2.45
CA ARG A 648 10.99 -7.90 -3.18
C ARG A 648 11.22 -7.78 -4.68
N ARG A 649 11.76 -6.64 -5.10
CA ARG A 649 12.04 -6.39 -6.51
C ARG A 649 13.05 -7.40 -7.04
N ALA A 650 14.09 -7.66 -6.26
CA ALA A 650 15.14 -8.60 -6.65
C ALA A 650 14.60 -10.02 -6.80
N ILE A 651 13.88 -10.49 -5.78
CA ILE A 651 13.34 -11.84 -5.80
C ILE A 651 12.21 -11.99 -6.83
N TYR A 652 11.41 -10.95 -7.01
CA TYR A 652 10.31 -10.99 -7.98
C TYR A 652 10.85 -11.07 -9.40
N SER A 653 11.95 -10.38 -9.65
CA SER A 653 12.57 -10.37 -10.96
C SER A 653 13.02 -11.79 -11.32
N GLN A 654 13.69 -12.44 -10.38
CA GLN A 654 14.18 -13.80 -10.59
C GLN A 654 13.02 -14.76 -10.77
N ARG A 655 12.01 -14.63 -9.90
CA ARG A 655 10.83 -15.49 -9.97
C ARG A 655 10.12 -15.36 -11.31
N ASN A 656 10.12 -14.14 -11.86
CA ASN A 656 9.48 -13.89 -13.14
C ASN A 656 10.27 -14.53 -14.28
N GLU A 657 11.59 -14.49 -14.17
CA GLU A 657 12.45 -15.08 -15.19
C GLU A 657 12.19 -16.58 -15.27
N LEU A 658 12.21 -17.23 -14.10
CA LEU A 658 11.98 -18.67 -14.02
C LEU A 658 10.54 -19.00 -14.41
N LEU A 659 9.68 -18.00 -14.38
CA LEU A 659 8.28 -18.16 -14.72
C LEU A 659 8.08 -18.14 -16.22
N ASP A 660 8.78 -17.24 -16.91
CA ASP A 660 8.65 -17.11 -18.36
C ASP A 660 9.42 -18.18 -19.11
N VAL A 661 10.62 -18.52 -18.65
CA VAL A 661 11.44 -19.52 -19.32
C VAL A 661 10.74 -20.87 -19.38
N SER A 662 10.88 -21.55 -20.51
CA SER A 662 10.26 -22.85 -20.72
C SER A 662 11.21 -23.97 -20.34
N ASP A 663 12.47 -23.61 -20.09
CA ASP A 663 13.48 -24.59 -19.72
C ASP A 663 14.22 -24.12 -18.49
N VAL A 664 14.89 -25.04 -17.81
CA VAL A 664 15.61 -24.71 -16.60
C VAL A 664 16.80 -25.67 -16.39
N SER A 665 17.14 -26.42 -17.43
CA SER A 665 18.25 -27.40 -17.36
C SER A 665 19.55 -26.76 -16.87
N GLU A 666 20.01 -25.75 -17.60
CA GLU A 666 21.25 -25.06 -17.25
C GLU A 666 21.16 -24.35 -15.91
N THR A 667 19.99 -23.83 -15.59
CA THR A 667 19.77 -23.13 -14.33
C THR A 667 19.96 -24.11 -13.15
N ILE A 668 19.35 -25.28 -13.28
CA ILE A 668 19.45 -26.31 -12.24
C ILE A 668 20.87 -26.84 -12.17
N ASN A 669 21.51 -26.96 -13.33
CA ASN A 669 22.89 -27.46 -13.40
C ASN A 669 23.86 -26.52 -12.70
N SER A 670 23.73 -25.24 -13.00
CA SER A 670 24.59 -24.22 -12.41
C SER A 670 24.55 -24.26 -10.88
N ILE A 671 23.36 -24.30 -10.31
CA ILE A 671 23.22 -24.34 -8.86
C ILE A 671 23.55 -25.72 -8.31
N ARG A 672 23.39 -26.75 -9.13
CA ARG A 672 23.68 -28.12 -8.72
C ARG A 672 25.16 -28.27 -8.36
N GLU A 673 26.01 -27.71 -9.21
CA GLU A 673 27.46 -27.77 -9.00
C GLU A 673 27.87 -26.94 -7.79
N ASP A 674 27.08 -25.92 -7.47
CA ASP A 674 27.35 -25.04 -6.35
C ASP A 674 26.90 -25.68 -5.03
N VAL A 675 25.67 -26.19 -5.00
CA VAL A 675 25.11 -26.81 -3.80
C VAL A 675 25.95 -27.99 -3.35
N PHE A 676 26.28 -28.87 -4.28
CA PHE A 676 27.09 -30.05 -3.96
C PHE A 676 28.44 -29.62 -3.42
N LYS A 677 29.00 -28.57 -4.01
CA LYS A 677 30.30 -28.05 -3.58
C LYS A 677 30.22 -27.57 -2.14
N ALA A 678 29.20 -26.77 -1.83
CA ALA A 678 29.00 -26.23 -0.49
C ALA A 678 28.86 -27.35 0.53
N THR A 679 28.15 -28.40 0.15
CA THR A 679 27.95 -29.55 1.03
C THR A 679 29.28 -30.25 1.31
N ILE A 680 30.12 -30.34 0.29
CA ILE A 680 31.42 -30.97 0.42
C ILE A 680 32.35 -30.10 1.27
N ASP A 681 32.41 -28.81 0.96
CA ASP A 681 33.27 -27.86 1.66
C ASP A 681 32.95 -27.81 3.16
N ALA A 682 31.70 -28.08 3.50
CA ALA A 682 31.28 -28.06 4.90
C ALA A 682 31.95 -29.15 5.72
N TYR A 683 32.35 -30.23 5.07
CA TYR A 683 33.01 -31.34 5.77
C TYR A 683 34.45 -31.53 5.29
N ILE A 684 34.76 -30.95 4.14
CA ILE A 684 36.08 -31.05 3.55
C ILE A 684 36.62 -29.66 3.20
N PRO A 685 37.57 -29.14 3.98
CA PRO A 685 38.17 -27.83 3.73
C PRO A 685 38.97 -27.82 2.44
N PRO A 686 38.86 -26.74 1.64
CA PRO A 686 39.58 -26.62 0.36
C PRO A 686 41.08 -26.89 0.47
N GLN A 687 41.49 -28.04 -0.08
CA GLN A 687 42.89 -28.46 -0.06
C GLN A 687 43.43 -28.59 1.36
N SER A 688 43.12 -29.71 2.00
CA SER A 688 43.57 -29.96 3.36
C SER A 688 44.07 -31.39 3.50
N LEU A 689 44.21 -31.85 4.74
CA LEU A 689 44.67 -33.21 5.01
C LEU A 689 43.50 -34.20 4.98
N GLU A 690 43.78 -35.42 4.54
CA GLU A 690 42.76 -36.47 4.44
C GLU A 690 42.12 -36.75 5.80
N GLU A 691 42.92 -36.72 6.85
CA GLU A 691 42.44 -36.98 8.20
C GLU A 691 41.52 -35.85 8.68
N MET A 692 41.59 -34.71 8.01
CA MET A 692 40.77 -33.56 8.37
C MET A 692 39.41 -33.65 7.68
N TRP A 693 39.32 -34.52 6.69
CA TRP A 693 38.10 -34.71 5.94
C TRP A 693 37.18 -35.68 6.66
N ASP A 694 35.98 -35.22 7.01
CA ASP A 694 35.03 -36.07 7.70
C ASP A 694 34.23 -36.86 6.67
N ILE A 695 34.82 -37.95 6.21
CA ILE A 695 34.19 -38.82 5.22
C ILE A 695 32.87 -39.41 5.75
N PRO A 696 32.84 -39.99 6.97
CA PRO A 696 31.62 -40.57 7.54
C PRO A 696 30.47 -39.57 7.57
N GLY A 697 30.74 -38.37 8.08
CA GLY A 697 29.72 -37.35 8.16
C GLY A 697 29.24 -36.91 6.79
N LEU A 698 30.18 -36.72 5.87
CA LEU A 698 29.85 -36.31 4.51
C LEU A 698 29.02 -37.37 3.81
N GLN A 699 29.38 -38.64 3.99
CA GLN A 699 28.67 -39.74 3.36
C GLN A 699 27.22 -39.79 3.86
N GLU A 700 27.05 -39.77 5.19
CA GLU A 700 25.71 -39.80 5.77
C GLU A 700 24.91 -38.58 5.32
N ARG A 701 25.61 -37.45 5.18
CA ARG A 701 24.97 -36.21 4.74
C ARG A 701 24.43 -36.38 3.32
N LEU A 702 25.25 -36.92 2.42
CA LEU A 702 24.83 -37.13 1.03
C LEU A 702 23.68 -38.13 0.94
N LYS A 703 23.70 -39.13 1.82
CA LYS A 703 22.67 -40.17 1.84
C LYS A 703 21.35 -39.66 2.41
N ASN A 704 21.38 -38.52 3.09
CA ASN A 704 20.18 -37.96 3.69
C ASN A 704 19.72 -36.70 2.96
N ASP A 705 20.67 -35.81 2.67
CA ASP A 705 20.36 -34.55 1.99
C ASP A 705 20.04 -34.79 0.52
N PHE A 706 20.81 -35.66 -0.12
CA PHE A 706 20.58 -35.94 -1.54
C PHE A 706 20.03 -37.33 -1.76
N ASP A 707 19.99 -38.13 -0.68
CA ASP A 707 19.46 -39.50 -0.74
C ASP A 707 20.29 -40.36 -1.69
N LEU A 708 21.56 -40.04 -1.82
CA LEU A 708 22.44 -40.79 -2.71
C LEU A 708 23.56 -41.47 -1.92
N ASP A 709 23.72 -42.77 -2.14
CA ASP A 709 24.75 -43.54 -1.45
C ASP A 709 26.03 -43.54 -2.25
N LEU A 710 27.01 -42.78 -1.79
CA LEU A 710 28.30 -42.70 -2.47
C LEU A 710 29.42 -43.21 -1.58
N PRO A 711 30.12 -44.26 -2.03
CA PRO A 711 31.23 -44.86 -1.28
C PRO A 711 32.52 -44.04 -1.40
N ILE A 712 32.53 -42.88 -0.75
CA ILE A 712 33.68 -42.00 -0.78
C ILE A 712 34.89 -42.66 -0.12
N ALA A 713 34.65 -43.31 1.02
CA ALA A 713 35.71 -44.00 1.75
C ALA A 713 36.31 -45.14 0.93
N GLU A 714 35.50 -45.69 0.03
CA GLU A 714 35.93 -46.77 -0.83
C GLU A 714 36.87 -46.25 -1.91
N TRP A 715 36.48 -45.16 -2.56
CA TRP A 715 37.28 -44.55 -3.62
C TRP A 715 38.57 -43.97 -3.07
N LEU A 716 38.47 -43.35 -1.91
CA LEU A 716 39.61 -42.71 -1.24
C LEU A 716 40.75 -43.69 -0.95
N ASP A 717 40.45 -44.97 -0.84
CA ASP A 717 41.46 -45.97 -0.54
C ASP A 717 41.97 -46.66 -1.81
N LYS A 718 41.12 -46.75 -2.83
CA LYS A 718 41.49 -47.40 -4.07
C LYS A 718 42.18 -46.46 -5.04
N GLU A 719 41.74 -45.20 -5.07
CA GLU A 719 42.33 -44.22 -5.97
C GLU A 719 42.88 -43.04 -5.19
N PRO A 720 44.18 -43.11 -4.79
CA PRO A 720 44.82 -42.04 -4.04
C PRO A 720 45.05 -40.80 -4.89
N GLU A 721 44.93 -40.97 -6.21
CA GLU A 721 45.12 -39.89 -7.16
C GLU A 721 43.91 -38.96 -7.19
N LEU A 722 42.84 -39.32 -6.48
CA LEU A 722 41.64 -38.50 -6.43
C LEU A 722 41.90 -37.21 -5.67
N HIS A 723 42.70 -37.34 -4.60
CA HIS A 723 43.07 -36.20 -3.75
C HIS A 723 41.84 -35.47 -3.22
N GLU A 724 41.52 -34.32 -3.82
CA GLU A 724 40.38 -33.53 -3.38
C GLU A 724 39.54 -33.04 -4.56
N GLU A 725 40.19 -32.34 -5.48
CA GLU A 725 39.53 -31.79 -6.67
C GLU A 725 38.81 -32.89 -7.46
N THR A 726 39.53 -33.93 -7.84
CA THR A 726 38.96 -35.02 -8.61
C THR A 726 37.88 -35.74 -7.80
N LEU A 727 38.02 -35.72 -6.48
CA LEU A 727 37.04 -36.35 -5.59
C LEU A 727 35.70 -35.62 -5.71
N ARG A 728 35.76 -34.29 -5.75
CA ARG A 728 34.55 -33.47 -5.87
C ARG A 728 33.84 -33.78 -7.18
N GLU A 729 34.60 -33.84 -8.27
CA GLU A 729 34.06 -34.11 -9.59
C GLU A 729 33.34 -35.46 -9.63
N ARG A 730 33.99 -36.48 -9.06
CA ARG A 730 33.42 -37.83 -9.02
C ARG A 730 32.06 -37.83 -8.35
N ILE A 731 31.94 -37.08 -7.27
CA ILE A 731 30.69 -36.99 -6.52
C ILE A 731 29.62 -36.29 -7.36
N LEU A 732 29.99 -35.17 -7.95
CA LEU A 732 29.06 -34.39 -8.77
C LEU A 732 28.59 -35.17 -10.00
N ALA A 733 29.54 -35.73 -10.75
CA ALA A 733 29.22 -36.48 -11.96
C ALA A 733 28.34 -37.69 -11.65
N GLN A 734 28.68 -38.42 -10.60
CA GLN A 734 27.92 -39.60 -10.20
C GLN A 734 26.47 -39.23 -9.89
N SER A 735 26.29 -38.05 -9.31
CA SER A 735 24.95 -37.57 -8.98
C SER A 735 24.17 -37.25 -10.24
N ILE A 736 24.84 -36.66 -11.22
CA ILE A 736 24.21 -36.30 -12.49
C ILE A 736 23.77 -37.55 -13.23
N GLU A 737 24.60 -38.60 -13.16
CA GLU A 737 24.30 -39.87 -13.82
C GLU A 737 22.97 -40.43 -13.32
N VAL A 738 22.83 -40.55 -12.01
CA VAL A 738 21.61 -41.07 -11.41
C VAL A 738 20.42 -40.18 -11.75
N TYR A 739 20.67 -38.87 -11.79
CA TYR A 739 19.64 -37.90 -12.10
C TYR A 739 19.08 -38.14 -13.50
N GLN A 740 19.98 -38.35 -14.46
CA GLN A 740 19.60 -38.60 -15.85
C GLN A 740 18.76 -39.88 -15.96
N ARG A 741 19.15 -40.89 -15.20
CA ARG A 741 18.44 -42.17 -15.19
C ARG A 741 17.00 -41.99 -14.71
N LYS A 742 16.81 -41.10 -13.74
CA LYS A 742 15.48 -40.82 -13.21
C LYS A 742 14.66 -40.06 -14.25
N GLU A 743 15.32 -39.13 -14.94
CA GLU A 743 14.67 -38.31 -15.96
C GLU A 743 14.09 -39.16 -17.07
N GLU A 744 14.80 -40.23 -17.44
CA GLU A 744 14.36 -41.12 -18.50
C GLU A 744 13.02 -41.78 -18.17
N VAL A 745 12.71 -41.89 -16.89
CA VAL A 745 11.46 -42.52 -16.46
C VAL A 745 10.33 -41.50 -16.39
N VAL A 746 10.60 -40.35 -15.78
CA VAL A 746 9.60 -39.31 -15.63
C VAL A 746 9.32 -38.60 -16.97
N GLY A 747 10.38 -38.37 -17.73
CA GLY A 747 10.25 -37.69 -19.01
C GLY A 747 11.12 -36.47 -19.06
N ALA A 748 11.77 -36.26 -20.20
CA ALA A 748 12.67 -35.13 -20.38
C ALA A 748 11.95 -33.79 -20.16
N GLU A 749 10.94 -33.53 -20.97
CA GLU A 749 10.17 -32.29 -20.87
C GLU A 749 9.40 -32.23 -19.56
N MET A 750 8.94 -33.39 -19.10
CA MET A 750 8.19 -33.49 -17.86
C MET A 750 9.06 -33.07 -16.68
N MET A 751 10.31 -33.53 -16.68
CA MET A 751 11.25 -33.19 -15.61
C MET A 751 11.50 -31.70 -15.58
N ARG A 752 11.65 -31.10 -16.76
CA ARG A 752 11.89 -29.67 -16.87
C ARG A 752 10.75 -28.89 -16.20
N HIS A 753 9.53 -29.38 -16.39
CA HIS A 753 8.36 -28.76 -15.80
C HIS A 753 8.35 -28.97 -14.29
N PHE A 754 8.79 -30.14 -13.87
CA PHE A 754 8.85 -30.48 -12.46
C PHE A 754 9.89 -29.61 -11.76
N GLU A 755 11.08 -29.52 -12.34
CA GLU A 755 12.16 -28.72 -11.79
C GLU A 755 11.73 -27.27 -11.68
N LYS A 756 11.11 -26.76 -12.74
CA LYS A 756 10.63 -25.38 -12.76
C LYS A 756 9.61 -25.17 -11.65
N GLY A 757 8.69 -26.12 -11.51
CA GLY A 757 7.67 -26.05 -10.47
C GLY A 757 8.28 -26.06 -9.09
N VAL A 758 9.26 -26.94 -8.88
CA VAL A 758 9.94 -27.05 -7.60
C VAL A 758 10.66 -25.74 -7.26
N MET A 759 11.32 -25.15 -8.25
CA MET A 759 12.02 -23.89 -8.04
C MET A 759 11.06 -22.79 -7.64
N LEU A 760 9.98 -22.65 -8.40
CA LEU A 760 8.97 -21.65 -8.11
C LEU A 760 8.34 -21.89 -6.75
N GLN A 761 8.00 -23.14 -6.46
CA GLN A 761 7.38 -23.51 -5.19
C GLN A 761 8.29 -23.15 -4.02
N THR A 762 9.54 -23.59 -4.08
CA THR A 762 10.51 -23.32 -3.02
C THR A 762 10.68 -21.82 -2.82
N LEU A 763 10.84 -21.09 -3.92
CA LEU A 763 11.02 -19.63 -3.87
C LEU A 763 9.79 -18.97 -3.25
N ASP A 764 8.61 -19.39 -3.71
CA ASP A 764 7.35 -18.84 -3.22
C ASP A 764 7.16 -19.12 -1.74
N SER A 765 7.43 -20.36 -1.35
CA SER A 765 7.29 -20.78 0.04
C SER A 765 8.26 -20.01 0.95
N LEU A 766 9.51 -19.87 0.51
CA LEU A 766 10.52 -19.15 1.28
C LEU A 766 10.17 -17.68 1.39
N TRP A 767 9.67 -17.11 0.30
CA TRP A 767 9.30 -15.70 0.27
C TRP A 767 8.22 -15.41 1.31
N LYS A 768 7.28 -16.33 1.46
CA LYS A 768 6.19 -16.17 2.42
C LYS A 768 6.72 -16.06 3.84
N GLU A 769 7.60 -16.98 4.22
CA GLU A 769 8.18 -16.97 5.56
C GLU A 769 9.04 -15.72 5.75
N HIS A 770 9.84 -15.43 4.73
CA HIS A 770 10.74 -14.28 4.74
C HIS A 770 9.96 -12.98 4.97
N LEU A 771 8.74 -12.92 4.45
CA LEU A 771 7.91 -11.73 4.61
C LEU A 771 7.62 -11.47 6.08
N ALA A 772 7.10 -12.49 6.77
CA ALA A 772 6.77 -12.37 8.18
C ALA A 772 8.04 -12.21 9.01
N ALA A 773 9.08 -12.95 8.65
CA ALA A 773 10.35 -12.91 9.35
C ALA A 773 10.95 -11.50 9.32
N MET A 774 10.90 -10.85 8.16
CA MET A 774 11.43 -9.51 8.00
C MET A 774 10.72 -8.51 8.91
N ASP A 775 9.40 -8.53 8.90
CA ASP A 775 8.63 -7.60 9.72
C ASP A 775 8.83 -7.89 11.21
N TYR A 776 8.89 -9.17 11.56
CA TYR A 776 9.09 -9.57 12.95
C TYR A 776 10.42 -9.04 13.48
N LEU A 777 11.42 -8.99 12.62
CA LEU A 777 12.73 -8.48 13.00
C LEU A 777 12.68 -6.95 12.99
N ARG A 778 11.91 -6.42 12.07
CA ARG A 778 11.73 -4.98 11.91
C ARG A 778 11.11 -4.36 13.16
N GLN A 779 10.13 -5.05 13.72
CA GLN A 779 9.47 -4.57 14.93
C GLN A 779 10.20 -5.05 16.18
N GLY A 780 11.37 -5.64 15.98
CA GLY A 780 12.15 -6.14 17.08
C GLY A 780 13.46 -5.40 17.27
N ILE A 781 13.48 -4.11 16.93
CA ILE A 781 14.68 -3.30 17.07
C ILE A 781 14.88 -2.89 18.53
N HIS A 782 15.10 -3.87 19.38
CA HIS A 782 15.33 -3.63 20.80
C HIS A 782 16.63 -4.30 21.21
N LEU A 783 16.67 -5.62 21.04
CA LEU A 783 17.86 -6.40 21.36
C LEU A 783 18.80 -6.44 20.16
N ARG A 784 18.34 -5.85 19.06
CA ARG A 784 19.12 -5.79 17.83
C ARG A 784 19.67 -4.38 17.65
N GLY A 785 19.53 -3.57 18.68
CA GLY A 785 20.00 -2.20 18.63
C GLY A 785 20.70 -1.81 19.91
N TYR A 786 21.71 -0.96 19.79
CA TYR A 786 22.47 -0.52 20.94
C TYR A 786 22.89 0.95 20.77
N ALA A 787 23.69 1.44 21.71
CA ALA A 787 24.14 2.83 21.67
C ALA A 787 25.26 3.00 20.64
N GLN A 788 25.45 4.24 20.21
CA GLN A 788 26.49 4.59 19.23
C GLN A 788 26.19 3.99 17.86
N LYS A 789 24.95 3.54 17.67
CA LYS A 789 24.54 2.95 16.41
C LYS A 789 23.13 3.42 16.05
N ASP A 790 22.90 3.58 14.76
CA ASP A 790 21.59 4.02 14.26
C ASP A 790 20.80 2.80 13.82
N PRO A 791 19.46 2.80 14.03
CA PRO A 791 18.60 1.69 13.61
C PRO A 791 18.78 1.35 12.13
N LYS A 792 19.04 2.38 11.31
CA LYS A 792 19.26 2.17 9.89
C LYS A 792 20.65 1.61 9.69
N GLN A 793 20.85 0.89 8.58
CA GLN A 793 22.14 0.26 8.25
C GLN A 793 22.35 -0.97 9.13
N GLU A 794 22.21 -0.79 10.45
CA GLU A 794 22.37 -1.88 11.40
C GLU A 794 21.29 -2.94 11.15
N TYR A 795 20.04 -2.51 11.07
CA TYR A 795 18.92 -3.41 10.81
C TYR A 795 19.09 -4.06 9.44
N LYS A 796 19.70 -3.31 8.53
CA LYS A 796 19.92 -3.79 7.17
C LYS A 796 20.92 -4.95 7.17
N ARG A 797 21.89 -4.92 8.09
CA ARG A 797 22.89 -5.98 8.19
C ARG A 797 22.19 -7.32 8.39
N GLU A 798 21.25 -7.33 9.31
CA GLU A 798 20.49 -8.54 9.62
C GLU A 798 19.57 -8.92 8.46
N SER A 799 18.90 -7.91 7.91
CA SER A 799 17.98 -8.11 6.80
C SER A 799 18.67 -8.71 5.57
N PHE A 800 19.85 -8.19 5.24
CA PHE A 800 20.58 -8.69 4.08
C PHE A 800 21.10 -10.11 4.33
N SER A 801 21.64 -10.34 5.53
CA SER A 801 22.16 -11.66 5.88
C SER A 801 21.03 -12.70 5.82
N MET A 802 19.85 -12.30 6.29
CA MET A 802 18.69 -13.20 6.28
C MET A 802 18.31 -13.55 4.84
N PHE A 803 18.38 -12.56 3.96
CA PHE A 803 18.05 -12.76 2.55
C PHE A 803 19.08 -13.66 1.88
N ALA A 804 20.34 -13.45 2.23
CA ALA A 804 21.42 -14.25 1.68
C ALA A 804 21.24 -15.73 2.03
N ALA A 805 20.93 -15.97 3.30
CA ALA A 805 20.70 -17.33 3.78
C ALA A 805 19.51 -17.95 3.07
N MET A 806 18.50 -17.12 2.82
CA MET A 806 17.29 -17.56 2.13
C MET A 806 17.63 -18.04 0.72
N LEU A 807 18.44 -17.25 0.01
CA LEU A 807 18.85 -17.59 -1.34
C LEU A 807 19.66 -18.88 -1.36
N GLU A 808 20.56 -19.02 -0.40
CA GLU A 808 21.40 -20.20 -0.29
C GLU A 808 20.54 -21.44 -0.03
N SER A 809 19.51 -21.26 0.79
CA SER A 809 18.61 -22.36 1.12
C SER A 809 17.73 -22.71 -0.08
N LEU A 810 17.42 -21.70 -0.90
CA LEU A 810 16.60 -21.90 -2.09
C LEU A 810 17.19 -22.96 -3.01
N LYS A 811 18.43 -22.75 -3.44
CA LYS A 811 19.11 -23.70 -4.33
C LYS A 811 19.34 -25.02 -3.61
N TYR A 812 19.55 -24.95 -2.31
CA TYR A 812 19.79 -26.11 -1.48
C TYR A 812 18.59 -27.05 -1.49
N GLU A 813 17.44 -26.53 -1.08
CA GLU A 813 16.20 -27.31 -1.02
C GLU A 813 15.77 -27.80 -2.40
N VAL A 814 15.98 -26.98 -3.43
CA VAL A 814 15.60 -27.35 -4.78
C VAL A 814 16.37 -28.59 -5.23
N ILE A 815 17.70 -28.54 -5.15
CA ILE A 815 18.55 -29.66 -5.54
C ILE A 815 18.28 -30.88 -4.66
N SER A 816 18.08 -30.63 -3.37
CA SER A 816 17.81 -31.70 -2.43
C SER A 816 16.54 -32.46 -2.82
N THR A 817 15.46 -31.72 -3.06
CA THR A 817 14.18 -32.32 -3.42
C THR A 817 14.29 -33.14 -4.70
N LEU A 818 14.94 -32.56 -5.71
CA LEU A 818 15.11 -33.22 -7.01
C LEU A 818 15.90 -34.52 -6.90
N SER A 819 16.72 -34.63 -5.88
CA SER A 819 17.53 -35.83 -5.68
C SER A 819 16.85 -36.81 -4.72
N LYS A 820 16.19 -36.27 -3.70
CA LYS A 820 15.51 -37.09 -2.70
C LYS A 820 14.28 -37.80 -3.25
N VAL A 821 13.68 -37.25 -4.29
CA VAL A 821 12.51 -37.86 -4.89
C VAL A 821 12.89 -39.16 -5.61
N GLN A 822 12.38 -40.28 -5.10
CA GLN A 822 12.67 -41.58 -5.68
C GLN A 822 11.49 -42.02 -6.54
N VAL A 823 11.78 -42.62 -7.68
CA VAL A 823 10.76 -43.10 -8.59
C VAL A 823 11.04 -44.54 -9.00
N ARG A 824 10.13 -45.14 -9.75
CA ARG A 824 10.30 -46.51 -10.20
C ARG A 824 11.36 -46.61 -11.30
N MET A 825 12.56 -47.02 -10.91
CA MET A 825 13.65 -47.15 -11.85
C MET A 825 13.92 -48.62 -12.14
N PRO A 826 13.48 -49.13 -13.31
CA PRO A 826 13.68 -50.51 -13.69
C PRO A 826 15.09 -50.77 -14.20
N GLU A 827 15.35 -51.98 -14.67
CA GLU A 827 16.66 -52.33 -15.18
C GLU A 827 16.95 -51.56 -16.46
N GLU A 828 18.07 -50.87 -16.45
CA GLU A 828 18.49 -50.09 -17.61
C GLU A 828 19.47 -50.89 -18.45
N MET B 1 35.38 -44.87 26.30
CA MET B 1 36.02 -44.14 25.19
C MET B 1 36.05 -42.66 25.49
N MET B 2 36.66 -41.89 24.60
CA MET B 2 36.76 -40.45 24.79
C MET B 2 35.41 -39.79 24.51
N ILE B 3 35.16 -38.65 25.15
CA ILE B 3 33.91 -37.93 24.94
C ILE B 3 33.98 -37.12 23.67
N THR B 4 33.79 -37.78 22.54
CA THR B 4 33.83 -37.13 21.25
C THR B 4 32.43 -36.66 20.86
N LEU B 5 32.21 -35.35 20.97
CA LEU B 5 30.92 -34.76 20.61
C LEU B 5 30.78 -34.70 19.10
N ARG B 6 30.46 -35.84 18.50
CA ARG B 6 30.31 -35.93 17.06
C ARG B 6 28.82 -35.93 16.70
N LYS B 7 28.47 -35.15 15.71
CA LYS B 7 27.10 -35.07 15.26
C LYS B 7 26.84 -36.07 14.14
N ARG B 8 25.73 -36.79 14.24
CA ARG B 8 25.35 -37.77 13.23
C ARG B 8 24.57 -37.06 12.12
N ARG B 9 23.56 -37.70 11.56
CA ARG B 9 22.77 -37.04 10.52
C ARG B 9 21.68 -36.18 11.16
N LYS B 10 21.20 -35.20 10.40
CA LYS B 10 20.17 -34.28 10.88
C LYS B 10 18.88 -34.99 11.29
N LEU B 11 18.12 -34.33 12.15
CA LEU B 11 16.86 -34.88 12.63
C LEU B 11 15.70 -34.03 12.16
N PRO B 12 14.99 -34.47 11.10
CA PRO B 12 13.85 -33.74 10.56
C PRO B 12 12.62 -33.86 11.46
N LEU B 13 12.67 -33.18 12.60
CA LEU B 13 11.58 -33.20 13.55
C LEU B 13 11.05 -31.79 13.78
N ALA B 14 11.64 -31.08 14.73
CA ALA B 14 11.23 -29.71 15.03
C ALA B 14 11.77 -28.75 13.99
N VAL B 15 12.83 -29.15 13.29
CA VAL B 15 13.41 -28.33 12.24
C VAL B 15 12.46 -28.23 11.05
N ALA B 16 11.55 -29.20 10.96
CA ALA B 16 10.57 -29.23 9.89
C ALA B 16 9.49 -28.17 10.12
N VAL B 17 9.42 -27.67 11.36
CA VAL B 17 8.45 -26.65 11.71
C VAL B 17 8.74 -25.37 10.93
N ALA B 18 10.01 -25.13 10.65
CA ALA B 18 10.42 -23.94 9.89
C ALA B 18 9.85 -24.01 8.48
N ALA B 19 9.91 -25.21 7.89
CA ALA B 19 9.41 -25.43 6.54
C ALA B 19 7.87 -25.50 6.53
N GLY B 20 7.30 -25.62 7.73
CA GLY B 20 5.85 -25.68 7.86
C GLY B 20 5.21 -24.33 7.57
N VAL B 21 5.91 -23.27 7.94
CA VAL B 21 5.43 -21.91 7.71
C VAL B 21 5.46 -21.61 6.22
N MET B 22 6.27 -22.36 5.51
CA MET B 22 6.43 -22.20 4.07
C MET B 22 5.47 -23.13 3.33
N SER B 23 4.19 -23.01 3.63
CA SER B 23 3.17 -23.83 2.99
C SER B 23 2.71 -23.22 1.67
N ALA B 24 3.30 -23.67 0.57
CA ALA B 24 2.95 -23.18 -0.75
C ALA B 24 3.32 -24.21 -1.81
N GLN B 25 2.79 -25.42 -1.67
CA GLN B 25 3.08 -26.49 -2.61
C GLN B 25 2.17 -26.40 -3.83
N ALA B 26 2.74 -26.70 -5.00
CA ALA B 26 1.98 -26.65 -6.25
C ALA B 26 1.08 -27.88 -6.39
N MET B 27 1.33 -28.88 -5.56
CA MET B 27 0.54 -30.11 -5.58
C MET B 27 -0.84 -29.86 -4.98
N ALA B 28 -1.85 -30.45 -5.59
CA ALA B 28 -3.22 -30.31 -5.14
C ALA B 28 -3.42 -31.00 -3.79
N VAL A 1 9.99 17.97 -18.11
CA VAL A 1 10.58 18.91 -19.08
C VAL A 1 11.63 19.80 -18.39
N PHE A 2 12.63 20.22 -19.15
CA PHE A 2 13.69 21.06 -18.63
C PHE A 2 13.15 22.45 -18.29
N GLY A 3 13.46 22.91 -17.09
CA GLY A 3 13.01 24.22 -16.66
C GLY A 3 12.63 24.24 -15.19
N SER A 4 12.54 25.44 -14.62
CA SER A 4 12.17 25.61 -13.22
C SER A 4 10.78 25.04 -12.95
N ARG A 5 10.49 24.77 -11.69
CA ARG A 5 9.21 24.18 -11.30
C ARG A 5 8.08 25.20 -11.29
N ASN A 6 6.89 24.73 -11.63
CA ASN A 6 5.65 25.51 -11.66
C ASN A 6 5.70 26.70 -12.63
N ASP A 7 6.16 27.85 -12.13
CA ASP A 7 6.23 29.10 -12.89
C ASP A 7 6.82 28.95 -14.29
N ARG A 8 8.09 28.53 -14.36
CA ARG A 8 8.76 28.39 -15.66
C ARG A 8 8.14 27.28 -16.50
N THR A 9 7.64 26.24 -15.84
CA THR A 9 7.03 25.13 -16.54
C THR A 9 5.75 25.56 -17.25
N LEU A 10 4.89 26.26 -16.53
CA LEU A 10 3.62 26.73 -17.07
C LEU A 10 3.85 27.68 -18.25
N ARG A 11 4.89 28.50 -18.17
CA ARG A 11 5.20 29.44 -19.23
C ARG A 11 5.50 28.70 -20.53
N ARG A 12 6.32 27.66 -20.44
CA ARG A 12 6.68 26.87 -21.62
C ARG A 12 5.46 26.11 -22.12
N MET A 13 4.61 25.70 -21.20
CA MET A 13 3.40 24.96 -21.54
C MET A 13 2.41 25.87 -22.25
N ARG A 14 2.35 27.12 -21.81
CA ARG A 14 1.46 28.11 -22.41
C ARG A 14 1.83 28.33 -23.87
N LYS A 15 3.12 28.24 -24.17
CA LYS A 15 3.61 28.41 -25.53
C LYS A 15 3.04 27.31 -26.41
N VAL A 16 3.01 26.10 -25.88
CA VAL A 16 2.48 24.96 -26.61
C VAL A 16 0.97 25.13 -26.79
N VAL A 17 0.32 25.68 -25.77
CA VAL A 17 -1.11 25.93 -25.80
C VAL A 17 -1.45 26.87 -26.95
N ASN A 18 -0.58 27.84 -27.18
CA ASN A 18 -0.75 28.80 -28.27
C ASN A 18 -0.74 28.06 -29.60
N ILE A 19 0.14 27.07 -29.71
CA ILE A 19 0.25 26.27 -30.92
C ILE A 19 -1.01 25.43 -31.10
N ILE A 20 -1.48 24.84 -30.01
CA ILE A 20 -2.69 24.02 -30.04
C ILE A 20 -3.89 24.86 -30.50
N ASN A 21 -3.92 26.10 -30.03
CA ASN A 21 -5.00 27.03 -30.40
C ASN A 21 -4.90 27.41 -31.87
N ALA A 22 -3.72 27.25 -32.44
CA ALA A 22 -3.49 27.57 -33.85
C ALA A 22 -3.84 26.37 -34.73
N MET A 23 -3.81 25.18 -34.14
CA MET A 23 -4.12 23.96 -34.86
C MET A 23 -5.63 23.72 -34.87
N GLU A 24 -6.32 24.30 -33.91
CA GLU A 24 -7.77 24.15 -33.80
C GLU A 24 -8.51 24.57 -35.08
N PRO A 25 -8.27 25.79 -35.64
CA PRO A 25 -8.95 26.22 -36.88
C PRO A 25 -8.81 25.19 -38.00
N GLU A 26 -7.65 24.56 -38.08
CA GLU A 26 -7.40 23.56 -39.11
C GLU A 26 -8.18 22.28 -38.80
N MET A 27 -8.24 21.92 -37.52
CA MET A 27 -8.95 20.73 -37.09
C MET A 27 -10.45 20.88 -37.36
N GLU A 28 -10.98 22.08 -37.12
CA GLU A 28 -12.39 22.36 -37.37
C GLU A 28 -12.72 22.22 -38.85
N LYS A 29 -11.69 22.40 -39.67
CA LYS A 29 -11.82 22.29 -41.12
C LYS A 29 -11.74 20.82 -41.54
N LEU A 30 -10.99 20.04 -40.78
CA LEU A 30 -10.83 18.61 -41.06
C LEU A 30 -12.11 17.86 -40.70
N SER A 31 -12.38 16.79 -41.44
CA SER A 31 -13.56 15.97 -41.19
C SER A 31 -13.36 15.11 -39.95
N ASP A 32 -14.44 14.52 -39.46
CA ASP A 32 -14.39 13.67 -38.27
C ASP A 32 -13.51 12.46 -38.53
N GLU A 33 -13.57 11.92 -39.73
CA GLU A 33 -12.77 10.76 -40.11
C GLU A 33 -11.29 11.13 -40.18
N GLU A 34 -11.01 12.38 -40.58
CA GLU A 34 -9.64 12.86 -40.68
C GLU A 34 -9.00 12.95 -39.30
N LEU A 35 -9.81 13.26 -38.29
CA LEU A 35 -9.33 13.34 -36.91
C LEU A 35 -8.85 11.97 -36.47
N LYS A 36 -9.66 10.97 -36.76
CA LYS A 36 -9.35 9.58 -36.43
C LYS A 36 -8.08 9.16 -37.18
N GLY A 37 -7.91 9.70 -38.39
CA GLY A 37 -6.74 9.41 -39.18
C GLY A 37 -5.49 9.98 -38.55
N LYS A 38 -5.64 11.13 -37.91
CA LYS A 38 -4.52 11.78 -37.23
C LYS A 38 -4.05 10.94 -36.06
N THR A 39 -5.01 10.31 -35.37
CA THR A 39 -4.70 9.44 -34.25
C THR A 39 -3.84 8.28 -34.71
N ALA A 40 -4.22 7.68 -35.83
CA ALA A 40 -3.47 6.56 -36.40
C ALA A 40 -2.12 7.07 -36.91
N GLU A 41 -2.11 8.31 -37.38
CA GLU A 41 -0.90 8.95 -37.87
C GLU A 41 0.15 9.03 -36.77
N PHE A 42 -0.27 9.50 -35.59
CA PHE A 42 0.63 9.62 -34.45
C PHE A 42 1.17 8.24 -34.07
N ARG A 43 0.29 7.25 -34.10
CA ARG A 43 0.65 5.88 -33.77
C ARG A 43 1.76 5.39 -34.69
N ALA A 44 1.65 5.74 -35.97
CA ALA A 44 2.63 5.35 -36.97
C ALA A 44 3.90 6.19 -36.87
N ARG A 45 3.73 7.47 -36.56
CA ARG A 45 4.86 8.39 -36.46
C ARG A 45 5.78 8.02 -35.31
N LEU A 46 5.21 7.44 -34.26
CA LEU A 46 6.01 7.02 -33.10
C LEU A 46 7.06 6.00 -33.50
N GLU A 47 6.73 5.19 -34.50
CA GLU A 47 7.65 4.16 -34.99
C GLU A 47 8.83 4.81 -35.72
N LYS A 48 8.60 5.99 -36.28
CA LYS A 48 9.63 6.70 -37.01
C LYS A 48 10.62 7.36 -36.06
N GLY A 49 10.23 7.44 -34.79
CA GLY A 49 11.09 8.04 -33.79
C GLY A 49 10.55 9.36 -33.29
N GLU A 50 9.25 9.56 -33.44
CA GLU A 50 8.62 10.79 -33.00
C GLU A 50 8.52 10.81 -31.47
N VAL A 51 8.68 11.99 -30.90
CA VAL A 51 8.62 12.15 -29.44
C VAL A 51 7.18 12.35 -28.99
N LEU A 52 6.80 11.69 -27.92
CA LEU A 52 5.44 11.82 -27.40
C LEU A 52 5.16 13.25 -26.97
N GLU A 53 6.16 13.88 -26.37
CA GLU A 53 6.05 15.25 -25.92
C GLU A 53 6.00 16.23 -27.11
N ASN A 54 6.40 15.75 -28.27
CA ASN A 54 6.39 16.58 -29.48
C ASN A 54 5.05 16.44 -30.21
N LEU A 55 4.31 15.41 -29.84
CA LEU A 55 3.01 15.17 -30.46
C LEU A 55 1.91 15.95 -29.76
N ILE A 56 2.24 16.51 -28.60
CA ILE A 56 1.28 17.27 -27.80
C ILE A 56 0.53 18.36 -28.61
N PRO A 57 1.22 19.25 -29.34
CA PRO A 57 0.56 20.31 -30.13
C PRO A 57 -0.53 19.78 -31.07
N GLU A 58 -0.30 18.61 -31.64
CA GLU A 58 -1.25 18.02 -32.57
C GLU A 58 -2.27 17.15 -31.85
N ALA A 59 -1.79 16.31 -30.93
CA ALA A 59 -2.64 15.40 -30.19
C ALA A 59 -3.70 16.14 -29.37
N PHE A 60 -3.28 17.16 -28.64
CA PHE A 60 -4.19 17.94 -27.81
C PHE A 60 -5.23 18.65 -28.67
N ALA A 61 -4.83 19.00 -29.89
CA ALA A 61 -5.73 19.68 -30.83
C ALA A 61 -6.84 18.73 -31.25
N VAL A 62 -6.47 17.49 -31.55
CA VAL A 62 -7.44 16.49 -31.95
C VAL A 62 -8.44 16.24 -30.83
N VAL A 63 -7.93 16.16 -29.61
CA VAL A 63 -8.79 15.95 -28.44
C VAL A 63 -9.75 17.12 -28.27
N ARG A 64 -9.23 18.33 -28.39
CA ARG A 64 -10.05 19.54 -28.25
C ARG A 64 -11.13 19.55 -29.33
N GLU A 65 -10.76 19.16 -30.53
CA GLU A 65 -11.69 19.11 -31.65
C GLU A 65 -12.79 18.09 -31.38
N ALA A 66 -12.37 16.88 -31.03
CA ALA A 66 -13.31 15.79 -30.74
C ALA A 66 -14.25 16.17 -29.61
N SER A 67 -13.74 16.93 -28.65
CA SER A 67 -14.54 17.37 -27.50
C SER A 67 -15.77 18.15 -27.95
N LYS A 68 -15.59 19.04 -28.92
CA LYS A 68 -16.68 19.89 -29.42
C LYS A 68 -17.67 19.10 -30.27
N ARG A 69 -17.27 17.93 -30.73
CA ARG A 69 -18.14 17.13 -31.58
C ARG A 69 -18.81 16.00 -30.80
N VAL A 70 -18.09 15.43 -29.85
CA VAL A 70 -18.63 14.34 -29.03
C VAL A 70 -19.48 14.87 -27.88
N PHE A 71 -18.91 15.78 -27.10
CA PHE A 71 -19.61 16.33 -25.95
C PHE A 71 -20.23 17.69 -26.27
N GLY A 72 -19.50 18.48 -27.04
CA GLY A 72 -19.97 19.80 -27.41
C GLY A 72 -19.29 20.88 -26.60
N MET A 73 -18.34 20.47 -25.79
CA MET A 73 -17.59 21.40 -24.94
C MET A 73 -16.15 21.49 -25.42
N ARG A 74 -15.61 22.71 -25.45
CA ARG A 74 -14.24 22.90 -25.89
C ARG A 74 -13.27 22.80 -24.73
N HIS A 75 -12.17 22.08 -24.92
CA HIS A 75 -11.16 21.92 -23.89
C HIS A 75 -10.49 23.26 -23.62
N PHE A 76 -10.72 23.80 -22.43
CA PHE A 76 -10.16 25.09 -22.04
C PHE A 76 -8.64 25.08 -22.08
N ASP A 77 -8.08 26.26 -22.31
CA ASP A 77 -6.62 26.44 -22.41
C ASP A 77 -5.93 26.05 -21.11
N VAL A 78 -6.56 26.35 -19.98
CA VAL A 78 -6.00 26.03 -18.67
C VAL A 78 -5.88 24.52 -18.49
N GLN A 79 -6.80 23.79 -19.09
CA GLN A 79 -6.81 22.34 -19.00
C GLN A 79 -5.68 21.76 -19.84
N LEU A 80 -5.30 22.47 -20.89
CA LEU A 80 -4.22 22.02 -21.76
C LEU A 80 -2.90 22.01 -21.00
N LEU A 81 -2.77 22.98 -20.09
CA LEU A 81 -1.57 23.08 -19.27
C LEU A 81 -1.46 21.86 -18.36
N GLY A 82 -2.57 21.57 -17.67
CA GLY A 82 -2.61 20.42 -16.78
C GLY A 82 -2.40 19.11 -17.52
N GLY A 83 -2.86 19.06 -18.76
CA GLY A 83 -2.71 17.87 -19.57
C GLY A 83 -1.25 17.50 -19.78
N MET A 84 -0.41 18.51 -19.91
CA MET A 84 1.02 18.29 -20.10
C MET A 84 1.67 17.87 -18.79
N VAL A 85 1.18 18.45 -17.69
CA VAL A 85 1.69 18.13 -16.36
C VAL A 85 1.39 16.67 -16.02
N LEU A 86 0.18 16.24 -16.38
CA LEU A 86 -0.25 14.87 -16.11
C LEU A 86 0.42 13.88 -17.07
N ASN A 87 1.19 14.37 -18.01
CA ASN A 87 1.89 13.52 -18.95
C ASN A 87 3.28 13.17 -18.42
N GLU A 88 3.77 14.00 -17.51
CA GLU A 88 5.07 13.80 -16.91
C GLU A 88 4.95 13.27 -15.49
N ARG A 89 6.09 13.17 -14.82
CA ARG A 89 6.14 12.68 -13.45
C ARG A 89 5.84 13.82 -12.47
N CYS A 90 4.61 14.31 -12.49
CA CYS A 90 4.20 15.41 -11.62
C CYS A 90 2.72 15.33 -11.24
N ILE A 91 2.34 16.12 -10.25
CA ILE A 91 0.96 16.17 -9.77
C ILE A 91 0.38 17.54 -10.10
N ALA A 92 -0.85 17.57 -10.60
CA ALA A 92 -1.49 18.82 -10.96
C ALA A 92 -2.65 19.15 -10.02
N GLU A 93 -2.59 20.34 -9.43
CA GLU A 93 -3.63 20.80 -8.53
C GLU A 93 -4.67 21.56 -9.34
N MET A 94 -5.93 21.21 -9.17
CA MET A 94 -7.00 21.86 -9.91
C MET A 94 -8.19 22.17 -9.01
N ARG A 95 -8.72 23.39 -9.15
CA ARG A 95 -9.86 23.83 -8.36
C ARG A 95 -11.11 23.04 -8.72
N THR A 96 -12.01 22.93 -7.75
CA THR A 96 -13.26 22.22 -7.94
C THR A 96 -14.22 22.99 -8.85
N GLY A 97 -14.22 22.63 -10.13
CA GLY A 97 -15.11 23.29 -11.07
C GLY A 97 -14.46 23.59 -12.40
N GLU A 98 -13.14 23.52 -12.45
CA GLU A 98 -12.41 23.82 -13.69
C GLU A 98 -12.33 22.60 -14.61
N GLY A 99 -13.31 21.70 -14.51
CA GLY A 99 -13.32 20.52 -15.34
C GLY A 99 -12.18 19.58 -15.02
N LYS A 100 -12.07 19.18 -13.76
CA LYS A 100 -11.01 18.28 -13.31
C LYS A 100 -10.97 16.99 -14.13
N THR A 101 -12.12 16.33 -14.25
CA THR A 101 -12.21 15.08 -14.99
C THR A 101 -12.02 15.28 -16.48
N LEU A 102 -12.31 16.50 -16.96
CA LEU A 102 -12.17 16.80 -18.37
C LEU A 102 -10.70 16.90 -18.77
N THR A 103 -9.87 17.34 -17.85
CA THR A 103 -8.44 17.48 -18.11
C THR A 103 -7.75 16.13 -18.22
N ALA A 104 -8.30 15.12 -17.54
CA ALA A 104 -7.72 13.78 -17.51
C ALA A 104 -7.75 13.07 -18.87
N THR A 105 -8.59 13.52 -19.79
CA THR A 105 -8.68 12.88 -21.09
C THR A 105 -7.50 13.24 -22.01
N LEU A 106 -6.84 14.35 -21.72
CA LEU A 106 -5.70 14.81 -22.54
C LEU A 106 -4.49 13.88 -22.40
N PRO A 107 -3.95 13.67 -21.16
CA PRO A 107 -2.78 12.80 -20.97
C PRO A 107 -3.07 11.35 -21.32
N ALA A 108 -4.34 10.97 -21.18
CA ALA A 108 -4.76 9.61 -21.49
C ALA A 108 -4.63 9.34 -22.98
N TYR A 109 -5.16 10.25 -23.80
CA TYR A 109 -5.10 10.11 -25.24
C TYR A 109 -3.65 10.11 -25.73
N LEU A 110 -2.88 11.04 -25.21
CA LEU A 110 -1.47 11.17 -25.59
C LEU A 110 -0.68 9.90 -25.28
N ASN A 111 -0.80 9.40 -24.06
CA ASN A 111 -0.06 8.22 -23.66
C ASN A 111 -0.66 6.94 -24.23
N ALA A 112 -1.92 7.01 -24.66
CA ALA A 112 -2.60 5.86 -25.25
C ALA A 112 -2.00 5.49 -26.59
N LEU A 113 -1.43 6.50 -27.26
CA LEU A 113 -0.81 6.30 -28.57
C LEU A 113 0.34 5.31 -28.51
N THR A 114 0.93 5.13 -27.33
CA THR A 114 2.03 4.21 -27.15
C THR A 114 1.56 2.76 -27.27
N GLY A 115 0.27 2.55 -27.01
CA GLY A 115 -0.31 1.23 -27.10
C GLY A 115 0.09 0.33 -25.95
N LYS A 116 0.72 0.92 -24.94
CA LYS A 116 1.17 0.16 -23.78
C LYS A 116 0.07 0.04 -22.73
N GLY A 117 -0.99 0.81 -22.90
CA GLY A 117 -2.10 0.74 -21.97
C GLY A 117 -2.06 1.80 -20.89
N VAL A 118 -2.98 2.74 -20.96
CA VAL A 118 -3.09 3.80 -19.97
C VAL A 118 -3.91 3.29 -18.80
N HIS A 119 -3.29 3.18 -17.64
CA HIS A 119 -3.98 2.66 -16.46
C HIS A 119 -4.56 3.81 -15.65
N VAL A 120 -5.86 3.99 -15.74
CA VAL A 120 -6.55 5.04 -15.00
C VAL A 120 -7.07 4.51 -13.68
N VAL A 121 -6.67 5.14 -12.59
CA VAL A 121 -7.08 4.72 -11.27
C VAL A 121 -8.12 5.66 -10.69
N THR A 122 -9.27 5.12 -10.35
CA THR A 122 -10.35 5.91 -9.78
C THR A 122 -10.53 5.58 -8.30
N VAL A 123 -11.27 6.43 -7.59
CA VAL A 123 -11.51 6.23 -6.16
C VAL A 123 -12.54 5.13 -5.92
N ASN A 124 -13.47 4.97 -6.86
CA ASN A 124 -14.51 3.97 -6.75
C ASN A 124 -14.85 3.39 -8.12
N ASP A 125 -15.61 2.31 -8.13
CA ASP A 125 -16.01 1.66 -9.38
C ASP A 125 -17.01 2.53 -10.13
N TYR A 126 -17.68 3.41 -9.39
CA TYR A 126 -18.66 4.32 -9.96
C TYR A 126 -18.02 5.20 -11.03
N LEU A 127 -16.91 5.85 -10.67
CA LEU A 127 -16.22 6.72 -11.62
C LEU A 127 -15.54 5.90 -12.71
N ALA A 128 -15.06 4.73 -12.33
CA ALA A 128 -14.40 3.83 -13.27
C ALA A 128 -15.31 3.48 -14.42
N GLN A 129 -16.53 3.04 -14.11
CA GLN A 129 -17.49 2.66 -15.13
C GLN A 129 -18.09 3.90 -15.80
N ARG A 130 -18.30 4.95 -15.01
CA ARG A 130 -18.87 6.20 -15.52
C ARG A 130 -18.04 6.77 -16.67
N ASP A 131 -16.78 7.03 -16.40
CA ASP A 131 -15.89 7.61 -17.41
C ASP A 131 -15.57 6.62 -18.52
N ALA A 132 -15.52 5.33 -18.20
CA ALA A 132 -15.24 4.31 -19.19
C ALA A 132 -16.29 4.30 -20.30
N GLU A 133 -17.53 4.53 -19.94
CA GLU A 133 -18.62 4.54 -20.91
C GLU A 133 -18.87 5.95 -21.46
N ASN A 134 -18.58 6.96 -20.64
CA ASN A 134 -18.78 8.35 -21.04
C ASN A 134 -17.72 8.80 -22.03
N ASN A 135 -16.48 8.46 -21.75
CA ASN A 135 -15.36 8.86 -22.62
C ASN A 135 -15.13 7.83 -23.72
N ARG A 136 -15.93 6.77 -23.72
CA ARG A 136 -15.82 5.73 -24.74
C ARG A 136 -16.07 6.29 -26.15
N PRO A 137 -17.18 7.03 -26.39
CA PRO A 137 -17.48 7.60 -27.72
C PRO A 137 -16.51 8.71 -28.12
N LEU A 138 -15.50 8.92 -27.29
CA LEU A 138 -14.49 9.94 -27.55
C LEU A 138 -13.19 9.26 -27.98
N PHE A 139 -12.74 8.31 -27.19
CA PHE A 139 -11.50 7.59 -27.48
C PHE A 139 -11.68 6.61 -28.62
N GLU A 140 -12.76 5.83 -28.57
CA GLU A 140 -13.03 4.83 -29.60
C GLU A 140 -13.39 5.50 -30.93
N PHE A 141 -13.80 6.75 -30.85
CA PHE A 141 -14.15 7.51 -32.05
C PHE A 141 -12.89 7.88 -32.83
N LEU A 142 -11.78 7.93 -32.10
CA LEU A 142 -10.50 8.26 -32.71
C LEU A 142 -9.71 7.00 -33.06
N GLY A 143 -10.18 5.85 -32.58
CA GLY A 143 -9.52 4.59 -32.88
C GLY A 143 -8.91 3.91 -31.66
N LEU A 144 -8.94 4.59 -30.52
CA LEU A 144 -8.38 4.02 -29.30
C LEU A 144 -9.36 3.06 -28.64
N THR A 145 -8.85 2.00 -28.04
CA THR A 145 -9.68 1.02 -27.39
C THR A 145 -9.81 1.31 -25.89
N VAL A 146 -11.04 1.26 -25.38
CA VAL A 146 -11.28 1.52 -23.96
C VAL A 146 -11.66 0.23 -23.24
N GLY A 147 -11.01 -0.03 -22.13
CA GLY A 147 -11.29 -1.23 -21.36
C GLY A 147 -11.64 -0.90 -19.93
N ILE A 148 -12.53 -1.67 -19.34
CA ILE A 148 -12.94 -1.44 -17.97
C ILE A 148 -12.61 -2.66 -17.10
N ASN A 149 -11.95 -2.42 -15.98
CA ASN A 149 -11.58 -3.49 -15.07
C ASN A 149 -12.31 -3.31 -13.75
N LEU A 150 -13.22 -4.23 -13.46
CA LEU A 150 -14.00 -4.18 -12.24
C LEU A 150 -13.57 -5.28 -11.29
N PRO A 151 -13.68 -5.04 -9.97
CA PRO A 151 -13.29 -6.02 -8.95
C PRO A 151 -14.05 -7.33 -9.08
N GLY A 152 -13.32 -8.42 -9.26
CA GLY A 152 -13.93 -9.73 -9.39
C GLY A 152 -14.20 -10.13 -10.83
N MET A 153 -13.72 -9.31 -11.76
CA MET A 153 -13.89 -9.57 -13.18
C MET A 153 -13.11 -10.82 -13.61
N PRO A 154 -13.70 -11.67 -14.47
CA PRO A 154 -13.04 -12.89 -14.97
C PRO A 154 -11.66 -12.60 -15.57
N ALA A 155 -10.76 -13.56 -15.43
CA ALA A 155 -9.39 -13.42 -15.93
C ALA A 155 -9.34 -13.07 -17.44
N PRO A 156 -10.09 -13.79 -18.32
CA PRO A 156 -10.08 -13.49 -19.75
C PRO A 156 -10.50 -12.05 -20.05
N ALA A 157 -11.53 -11.59 -19.35
CA ALA A 157 -12.05 -10.25 -19.54
C ALA A 157 -11.00 -9.21 -19.13
N LYS A 158 -10.33 -9.47 -18.01
CA LYS A 158 -9.30 -8.57 -17.51
C LYS A 158 -8.20 -8.40 -18.56
N ARG A 159 -7.80 -9.51 -19.17
CA ARG A 159 -6.78 -9.51 -20.20
C ARG A 159 -7.16 -8.59 -21.35
N GLU A 160 -8.43 -8.63 -21.74
CA GLU A 160 -8.92 -7.80 -22.83
C GLU A 160 -8.91 -6.33 -22.43
N ALA A 161 -9.30 -6.06 -21.19
CA ALA A 161 -9.35 -4.69 -20.67
C ALA A 161 -7.95 -4.09 -20.57
N TYR A 162 -7.00 -4.88 -20.08
CA TYR A 162 -5.62 -4.41 -19.93
C TYR A 162 -4.93 -4.34 -21.29
N ALA A 163 -5.44 -5.10 -22.26
CA ALA A 163 -4.87 -5.11 -23.61
C ALA A 163 -5.31 -3.88 -24.38
N ALA A 164 -6.32 -3.19 -23.87
CA ALA A 164 -6.84 -1.99 -24.51
C ALA A 164 -5.86 -0.82 -24.38
N ASP A 165 -6.18 0.27 -25.06
CA ASP A 165 -5.35 1.46 -25.03
C ASP A 165 -5.51 2.19 -23.71
N ILE A 166 -6.74 2.22 -23.21
CA ILE A 166 -7.03 2.87 -21.94
C ILE A 166 -7.79 1.91 -21.03
N THR A 167 -7.24 1.64 -19.86
CA THR A 167 -7.86 0.72 -18.92
C THR A 167 -8.33 1.46 -17.66
N TYR A 168 -9.65 1.54 -17.48
CA TYR A 168 -10.23 2.19 -16.32
C TYR A 168 -10.45 1.17 -15.21
N GLY A 169 -10.06 1.51 -13.99
CA GLY A 169 -10.23 0.59 -12.88
C GLY A 169 -10.00 1.25 -11.54
N THR A 170 -10.16 0.48 -10.47
CA THR A 170 -9.96 0.97 -9.12
C THR A 170 -8.61 0.53 -8.57
N ASN A 171 -8.06 1.32 -7.66
CA ASN A 171 -6.76 1.02 -7.06
C ASN A 171 -6.75 -0.32 -6.33
N ASN A 172 -7.82 -0.60 -5.60
CA ASN A 172 -7.94 -1.83 -4.83
C ASN A 172 -7.77 -3.07 -5.72
N GLU A 173 -8.52 -3.12 -6.81
CA GLU A 173 -8.43 -4.25 -7.73
C GLU A 173 -7.11 -4.25 -8.49
N TYR A 174 -6.64 -3.07 -8.87
CA TYR A 174 -5.37 -2.94 -9.60
C TYR A 174 -4.22 -3.57 -8.82
N GLY A 175 -4.23 -3.38 -7.51
CA GLY A 175 -3.19 -3.94 -6.67
C GLY A 175 -3.29 -5.45 -6.56
N PHE A 176 -4.50 -5.95 -6.35
CA PHE A 176 -4.73 -7.38 -6.23
C PHE A 176 -4.46 -8.09 -7.56
N ASP A 177 -4.79 -7.41 -8.65
CA ASP A 177 -4.58 -7.95 -9.99
C ASP A 177 -3.12 -8.26 -10.21
N TYR A 178 -2.26 -7.33 -9.81
CA TYR A 178 -0.82 -7.52 -9.97
C TYR A 178 -0.34 -8.72 -9.15
N LEU A 179 -0.92 -8.88 -7.96
CA LEU A 179 -0.57 -9.99 -7.09
C LEU A 179 -0.90 -11.32 -7.75
N ARG A 180 -2.11 -11.42 -8.30
CA ARG A 180 -2.55 -12.64 -8.97
C ARG A 180 -1.74 -12.87 -10.23
N ASP A 181 -1.49 -11.79 -10.96
CA ASP A 181 -0.73 -11.84 -12.21
C ASP A 181 0.67 -12.38 -12.00
N ASN A 182 1.36 -11.83 -11.00
CA ASN A 182 2.73 -12.22 -10.71
C ASN A 182 2.81 -13.53 -9.92
N MET A 183 1.66 -14.09 -9.55
CA MET A 183 1.66 -15.34 -8.78
C MET A 183 1.27 -16.51 -9.67
N ALA A 184 1.10 -16.24 -10.97
CA ALA A 184 0.74 -17.30 -11.92
C ALA A 184 1.91 -18.26 -12.13
N PHE A 185 1.67 -19.32 -12.89
CA PHE A 185 2.71 -20.31 -13.15
C PHE A 185 3.17 -20.23 -14.60
N SER A 186 2.32 -19.68 -15.45
CA SER A 186 2.63 -19.54 -16.85
C SER A 186 2.34 -18.10 -17.30
N PRO A 187 3.19 -17.54 -18.19
CA PRO A 187 3.01 -16.17 -18.70
C PRO A 187 1.65 -15.96 -19.37
N GLU A 188 1.12 -17.02 -19.96
CA GLU A 188 -0.16 -16.95 -20.65
C GLU A 188 -1.30 -16.78 -19.65
N GLU A 189 -1.03 -17.07 -18.38
CA GLU A 189 -2.03 -16.97 -17.32
C GLU A 189 -2.13 -15.53 -16.81
N ARG A 190 -1.16 -14.69 -17.18
CA ARG A 190 -1.12 -13.29 -16.76
C ARG A 190 -2.42 -12.56 -17.15
N VAL A 191 -2.70 -11.47 -16.45
CA VAL A 191 -3.91 -10.70 -16.71
C VAL A 191 -3.60 -9.21 -16.91
N GLN A 192 -2.50 -8.74 -16.34
CA GLN A 192 -2.13 -7.33 -16.45
C GLN A 192 -1.20 -7.09 -17.63
N ARG A 193 -0.77 -5.85 -17.80
CA ARG A 193 0.11 -5.47 -18.88
C ARG A 193 1.23 -4.58 -18.34
N LYS A 194 2.11 -4.13 -19.24
CA LYS A 194 3.23 -3.29 -18.85
C LYS A 194 2.77 -2.02 -18.13
N LEU A 195 3.42 -1.75 -17.00
CA LEU A 195 3.09 -0.58 -16.19
C LEU A 195 3.79 0.65 -16.76
N HIS A 196 3.29 1.17 -17.87
CA HIS A 196 3.88 2.32 -18.51
C HIS A 196 3.38 3.63 -17.91
N TYR A 197 2.09 3.89 -18.02
CA TYR A 197 1.52 5.13 -17.50
C TYR A 197 0.32 4.86 -16.61
N ALA A 198 0.27 5.59 -15.50
CA ALA A 198 -0.83 5.47 -14.55
C ALA A 198 -1.37 6.85 -14.22
N LEU A 199 -2.68 7.00 -14.36
CA LEU A 199 -3.33 8.27 -14.08
C LEU A 199 -4.36 8.10 -12.96
N VAL A 200 -4.06 8.63 -11.80
CA VAL A 200 -4.95 8.52 -10.66
C VAL A 200 -5.79 9.80 -10.51
N ASP A 201 -7.10 9.61 -10.34
CA ASP A 201 -8.03 10.72 -10.20
C ASP A 201 -7.69 11.59 -8.98
N GLU A 202 -7.83 11.01 -7.79
CA GLU A 202 -7.54 11.74 -6.57
C GLU A 202 -6.30 11.17 -5.89
N VAL A 203 -5.23 11.94 -5.88
CA VAL A 203 -3.99 11.50 -5.25
C VAL A 203 -4.03 11.74 -3.75
N ASP A 204 -4.94 12.62 -3.33
CA ASP A 204 -5.10 12.95 -1.91
C ASP A 204 -5.26 11.70 -1.06
N SER A 205 -6.27 10.90 -1.38
CA SER A 205 -6.55 9.69 -0.64
C SER A 205 -5.76 8.49 -1.19
N ILE A 206 -6.00 8.17 -2.46
CA ILE A 206 -5.38 7.03 -3.12
C ILE A 206 -3.85 6.99 -2.99
N LEU A 207 -3.19 8.13 -3.07
CA LEU A 207 -1.72 8.14 -3.00
C LEU A 207 -1.20 8.42 -1.59
N ILE A 208 -1.63 9.52 -0.98
CA ILE A 208 -1.15 9.89 0.35
C ILE A 208 -1.76 9.05 1.47
N ASP A 209 -3.09 9.04 1.57
CA ASP A 209 -3.76 8.30 2.63
C ASP A 209 -3.54 6.80 2.50
N GLU A 210 -3.63 6.29 1.28
CA GLU A 210 -3.45 4.85 1.04
C GLU A 210 -1.99 4.48 0.76
N ALA A 211 -1.08 5.37 1.11
CA ALA A 211 0.35 5.12 0.90
C ALA A 211 0.83 3.92 1.70
N ARG A 212 0.31 3.80 2.92
CA ARG A 212 0.70 2.70 3.79
C ARG A 212 -0.40 1.65 3.90
N THR A 213 -1.17 1.50 2.83
CA THR A 213 -2.23 0.51 2.81
C THR A 213 -1.82 -0.68 1.96
N PRO A 214 -1.43 -1.79 2.60
CA PRO A 214 -1.00 -3.00 1.92
C PRO A 214 -2.11 -4.02 1.72
N LEU A 215 -2.26 -4.49 0.50
CA LEU A 215 -3.26 -5.50 0.18
C LEU A 215 -2.69 -6.86 0.52
N ILE A 216 -3.25 -7.49 1.55
CA ILE A 216 -2.76 -8.78 1.99
C ILE A 216 -3.72 -9.91 1.65
N ILE A 217 -3.21 -10.93 0.97
CA ILE A 217 -4.00 -12.10 0.62
C ILE A 217 -3.74 -13.19 1.67
N SER A 218 -4.74 -13.49 2.46
CA SER A 218 -4.61 -14.49 3.51
C SER A 218 -4.89 -15.90 2.96
N GLY A 219 -4.22 -16.88 3.54
CA GLY A 219 -4.41 -18.26 3.12
C GLY A 219 -3.78 -19.24 4.09
N PRO A 220 -4.56 -19.72 5.08
CA PRO A 220 -4.08 -20.66 6.09
C PRO A 220 -3.83 -22.06 5.52
N ALA A 221 -2.59 -22.52 5.60
CA ALA A 221 -2.21 -23.83 5.12
C ALA A 221 -0.99 -24.33 5.86
N GLU A 222 -1.20 -24.85 7.07
CA GLU A 222 -0.12 -25.36 7.92
C GLU A 222 0.75 -24.21 8.40
N ASP A 223 1.73 -24.51 9.24
CA ASP A 223 2.64 -23.49 9.77
C ASP A 223 3.81 -24.15 10.47
N SER A 224 3.61 -24.53 11.72
CA SER A 224 4.66 -25.16 12.51
C SER A 224 4.08 -26.29 13.35
N SER A 225 3.13 -27.03 12.78
CA SER A 225 2.47 -28.14 13.47
C SER A 225 3.48 -29.17 13.98
N GLU A 226 4.01 -29.97 13.07
CA GLU A 226 4.97 -31.01 13.43
C GLU A 226 6.30 -30.40 13.87
N MET A 227 6.55 -29.17 13.43
CA MET A 227 7.79 -28.49 13.79
C MET A 227 7.84 -28.20 15.28
N TYR A 228 6.81 -27.52 15.78
CA TYR A 228 6.72 -27.17 17.20
C TYR A 228 6.70 -28.42 18.06
N LYS A 229 6.02 -29.46 17.56
CA LYS A 229 5.90 -30.71 18.29
C LYS A 229 7.24 -31.42 18.44
N ARG A 230 8.23 -31.01 17.69
CA ARG A 230 9.55 -31.62 17.78
C ARG A 230 10.55 -30.67 18.43
N VAL A 231 10.37 -29.38 18.19
CA VAL A 231 11.26 -28.36 18.76
C VAL A 231 10.95 -28.12 20.24
N ASN A 232 9.66 -28.11 20.58
CA ASN A 232 9.23 -27.89 21.97
C ASN A 232 9.39 -29.14 22.82
N LYS A 233 10.26 -30.05 22.40
CA LYS A 233 10.49 -31.29 23.14
C LYS A 233 11.89 -31.34 23.74
N ILE A 234 12.56 -30.19 23.82
CA ILE A 234 13.90 -30.12 24.39
C ILE A 234 13.84 -29.87 25.89
N ILE A 235 12.66 -29.50 26.38
CA ILE A 235 12.45 -29.21 27.80
C ILE A 235 12.82 -30.38 28.72
N PRO A 236 12.37 -31.63 28.42
CA PRO A 236 12.68 -32.79 29.28
C PRO A 236 14.17 -33.16 29.30
N HIS A 237 15.00 -32.42 28.56
CA HIS A 237 16.43 -32.69 28.52
C HIS A 237 17.19 -31.65 29.34
N LEU A 238 16.44 -30.81 30.03
CA LEU A 238 17.05 -29.78 30.86
C LEU A 238 17.09 -30.22 32.32
N ILE A 239 17.83 -29.49 33.15
CA ILE A 239 17.97 -29.85 34.56
C ILE A 239 17.48 -28.70 35.46
N ARG A 240 16.77 -27.76 34.85
CA ARG A 240 16.21 -26.58 35.55
C ARG A 240 17.20 -25.98 36.56
N GLN A 241 18.18 -25.26 36.05
CA GLN A 241 19.19 -24.63 36.89
C GLN A 241 20.07 -23.67 36.08
N GLU A 242 20.50 -24.11 34.89
CA GLU A 242 21.35 -23.28 34.05
C GLU A 242 21.20 -23.63 32.57
N LYS A 243 20.96 -22.60 31.76
CA LYS A 243 20.83 -22.73 30.31
C LYS A 243 19.53 -23.40 29.87
N GLU A 244 18.86 -22.74 28.93
CA GLU A 244 17.60 -23.21 28.34
C GLU A 244 16.42 -23.18 29.32
N ASP A 245 16.55 -23.90 30.43
CA ASP A 245 15.49 -23.97 31.42
C ASP A 245 15.33 -22.65 32.16
N SER A 246 16.44 -21.96 32.38
CA SER A 246 16.43 -20.69 33.07
C SER A 246 16.08 -19.57 32.09
N GLU A 247 15.12 -18.73 32.47
CA GLU A 247 14.71 -17.63 31.61
C GLU A 247 15.62 -16.42 31.82
N THR A 248 16.12 -16.25 33.04
CA THR A 248 17.00 -15.15 33.35
C THR A 248 18.30 -15.66 33.96
N PHE A 249 18.31 -15.75 35.28
CA PHE A 249 19.47 -16.21 36.05
C PHE A 249 20.69 -15.33 35.78
N GLN A 250 21.50 -15.70 34.79
CA GLN A 250 22.70 -14.96 34.42
C GLN A 250 23.62 -14.74 35.62
N GLY A 251 23.57 -15.67 36.57
CA GLY A 251 24.40 -15.57 37.75
C GLY A 251 23.59 -15.33 39.01
N GLU A 252 22.66 -14.38 38.96
CA GLU A 252 21.82 -14.06 40.11
C GLU A 252 20.35 -14.32 39.78
N GLY A 253 19.79 -13.46 38.95
CA GLY A 253 18.40 -13.60 38.56
C GLY A 253 17.43 -13.01 39.57
N HIS A 254 16.98 -13.83 40.50
CA HIS A 254 16.01 -13.40 41.51
C HIS A 254 16.28 -14.09 42.84
N PHE A 255 15.57 -13.66 43.88
CA PHE A 255 15.72 -14.25 45.21
C PHE A 255 14.80 -15.45 45.38
N SER A 256 14.77 -16.02 46.58
CA SER A 256 13.94 -17.18 46.86
C SER A 256 12.46 -16.82 46.95
N VAL A 257 11.75 -17.02 45.84
CA VAL A 257 10.32 -16.77 45.77
C VAL A 257 9.69 -17.70 44.75
N ASP A 258 9.99 -17.47 43.48
CA ASP A 258 9.47 -18.27 42.38
C ASP A 258 10.20 -17.90 41.10
N GLU A 259 10.69 -18.91 40.40
CA GLU A 259 11.38 -18.68 39.14
C GLU A 259 10.35 -18.40 38.05
N LYS A 260 9.95 -17.14 37.95
CA LYS A 260 8.96 -16.72 36.98
C LYS A 260 9.08 -15.23 36.69
N SER A 261 9.99 -14.88 35.81
CA SER A 261 10.17 -13.49 35.45
C SER A 261 9.06 -13.04 34.51
N ARG A 262 7.93 -12.64 35.10
CA ARG A 262 6.76 -12.18 34.35
C ARG A 262 7.09 -10.96 33.49
N GLN A 263 8.16 -10.27 33.85
CA GLN A 263 8.59 -9.08 33.13
C GLN A 263 9.25 -9.45 31.81
N VAL A 264 9.50 -10.74 31.61
CA VAL A 264 10.13 -11.27 30.40
C VAL A 264 11.58 -10.81 30.31
N ASN A 265 11.80 -9.58 29.83
CA ASN A 265 13.14 -9.00 29.67
C ASN A 265 14.01 -9.84 28.73
N LEU A 266 13.36 -10.51 27.77
CA LEU A 266 14.05 -11.37 26.81
C LEU A 266 14.82 -12.48 27.54
N THR A 267 16.00 -12.84 27.04
CA THR A 267 16.79 -13.87 27.67
C THR A 267 18.21 -13.89 27.10
N GLU A 268 19.10 -14.61 27.79
CA GLU A 268 20.51 -14.75 27.40
C GLU A 268 21.22 -13.40 27.24
N ARG A 269 22.03 -13.06 28.22
CA ARG A 269 22.77 -11.81 28.18
C ARG A 269 24.27 -12.10 28.27
N GLY A 270 24.65 -13.35 28.01
CA GLY A 270 26.05 -13.72 28.07
C GLY A 270 26.53 -14.36 26.78
N LEU A 271 25.58 -14.92 26.02
CA LEU A 271 25.88 -15.56 24.73
C LEU A 271 26.83 -16.75 24.92
N VAL A 272 26.40 -17.69 25.75
CA VAL A 272 27.20 -18.87 26.04
C VAL A 272 26.33 -20.01 26.59
N LEU A 273 25.10 -19.68 26.96
CA LEU A 273 24.18 -20.67 27.51
C LEU A 273 23.56 -21.47 26.37
N ILE A 274 23.09 -20.75 25.35
CA ILE A 274 22.46 -21.38 24.19
C ILE A 274 23.48 -22.10 23.30
N GLU A 275 24.74 -22.09 23.69
CA GLU A 275 25.79 -22.73 22.93
C GLU A 275 25.64 -24.25 22.99
N GLU A 276 25.16 -24.75 24.13
CA GLU A 276 24.99 -26.17 24.31
C GLU A 276 23.74 -26.67 23.59
N LEU A 277 22.87 -25.75 23.21
CA LEU A 277 21.64 -26.08 22.50
C LEU A 277 21.98 -26.45 21.06
N LEU A 278 23.03 -25.83 20.54
CA LEU A 278 23.47 -26.05 19.16
C LEU A 278 23.98 -27.48 18.96
N VAL A 279 24.03 -27.90 17.70
CA VAL A 279 24.50 -29.24 17.32
C VAL A 279 23.48 -30.31 17.75
N LYS A 280 23.49 -31.45 17.04
CA LYS A 280 22.59 -32.58 17.32
C LYS A 280 21.15 -32.28 16.92
N GLU A 281 20.28 -33.28 17.05
CA GLU A 281 18.85 -33.17 16.72
C GLU A 281 18.62 -33.11 15.21
N GLY A 282 18.85 -31.96 14.62
CA GLY A 282 18.66 -31.82 13.19
C GLY A 282 18.33 -30.39 12.80
N ILE A 283 18.65 -30.04 11.55
CA ILE A 283 18.41 -28.71 11.02
C ILE A 283 19.47 -27.74 11.55
N MET A 284 20.13 -27.03 10.65
CA MET A 284 21.18 -26.09 11.01
C MET A 284 22.38 -26.87 11.55
N ASP A 285 22.48 -28.12 11.08
CA ASP A 285 23.54 -29.04 11.49
C ASP A 285 24.85 -28.71 10.79
N GLU A 286 25.31 -27.48 10.97
CA GLU A 286 26.54 -27.02 10.36
C GLU A 286 27.16 -25.93 11.23
N GLY A 287 28.09 -25.18 10.67
CA GLY A 287 28.74 -24.12 11.43
C GLY A 287 27.89 -22.87 11.46
N GLU A 288 26.90 -22.86 12.34
CA GLU A 288 26.01 -21.71 12.47
C GLU A 288 25.64 -21.49 13.93
N SER A 289 24.82 -20.49 14.19
CA SER A 289 24.40 -20.17 15.55
C SER A 289 22.88 -20.32 15.68
N LEU A 290 22.36 -19.88 16.83
CA LEU A 290 20.93 -19.98 17.11
C LEU A 290 20.24 -18.63 16.96
N TYR A 291 21.01 -17.55 16.92
CA TYR A 291 20.43 -16.21 16.80
C TYR A 291 20.72 -15.60 15.44
N SER A 292 21.12 -16.44 14.49
CA SER A 292 21.44 -16.00 13.14
C SER A 292 20.23 -15.32 12.47
N PRO A 293 20.44 -14.14 11.88
CA PRO A 293 19.36 -13.40 11.21
C PRO A 293 18.84 -14.10 9.97
N ALA A 294 19.57 -15.13 9.53
CA ALA A 294 19.21 -15.90 8.36
C ALA A 294 18.07 -16.87 8.67
N ASN A 295 17.79 -17.05 9.95
CA ASN A 295 16.74 -17.97 10.37
C ASN A 295 16.01 -17.42 11.60
N ILE A 296 14.93 -16.68 11.36
CA ILE A 296 14.16 -16.10 12.45
C ILE A 296 12.94 -16.96 12.74
N MET A 297 12.54 -17.76 11.76
CA MET A 297 11.38 -18.63 11.90
C MET A 297 11.59 -19.62 13.04
N LEU A 298 12.71 -20.33 13.00
CA LEU A 298 13.03 -21.29 14.04
C LEU A 298 13.50 -20.60 15.31
N MET A 299 14.18 -19.46 15.14
CA MET A 299 14.69 -18.71 16.29
C MET A 299 13.55 -18.22 17.18
N HIS A 300 12.45 -17.82 16.55
CA HIS A 300 11.29 -17.33 17.29
C HIS A 300 10.47 -18.50 17.82
N HIS A 301 10.83 -19.71 17.44
CA HIS A 301 10.12 -20.90 17.90
C HIS A 301 10.80 -21.51 19.11
N VAL A 302 12.13 -21.46 19.13
CA VAL A 302 12.90 -22.02 20.24
C VAL A 302 12.69 -21.17 21.50
N THR A 303 12.51 -19.86 21.30
CA THR A 303 12.29 -18.94 22.41
C THR A 303 10.87 -19.09 22.94
N ALA A 304 9.98 -19.60 22.09
CA ALA A 304 8.60 -19.80 22.45
C ALA A 304 8.48 -20.92 23.48
N ALA A 305 9.37 -21.91 23.37
CA ALA A 305 9.39 -23.03 24.30
C ALA A 305 9.77 -22.55 25.69
N LEU A 306 10.57 -21.50 25.74
CA LEU A 306 11.01 -20.91 26.99
C LEU A 306 9.87 -20.14 27.66
N ARG A 307 9.13 -19.37 26.87
CA ARG A 307 8.03 -18.58 27.39
C ARG A 307 6.86 -19.48 27.79
N ALA A 308 6.80 -20.68 27.20
CA ALA A 308 5.75 -21.63 27.53
C ALA A 308 6.18 -22.52 28.69
N HIS A 309 7.24 -22.10 29.35
CA HIS A 309 7.78 -22.84 30.48
C HIS A 309 7.99 -21.93 31.69
N ALA A 310 8.46 -20.71 31.45
CA ALA A 310 8.70 -19.77 32.53
C ALA A 310 7.65 -18.67 32.60
N LEU A 311 7.16 -18.23 31.45
CA LEU A 311 6.15 -17.18 31.41
C LEU A 311 4.74 -17.74 31.61
N PHE A 312 4.29 -18.53 30.65
CA PHE A 312 2.97 -19.13 30.73
C PHE A 312 3.00 -20.39 31.57
N THR A 313 2.29 -20.37 32.68
CA THR A 313 2.25 -21.50 33.58
C THR A 313 0.96 -22.29 33.41
N ARG A 314 1.10 -23.59 33.27
CA ARG A 314 -0.04 -24.48 33.12
C ARG A 314 -0.90 -24.49 34.39
N ASP A 315 -2.22 -24.50 34.21
CA ASP A 315 -3.22 -24.54 35.29
C ASP A 315 -3.57 -23.17 35.87
N VAL A 316 -2.75 -22.17 35.57
CA VAL A 316 -3.03 -20.83 36.07
C VAL A 316 -3.18 -19.83 34.93
N ASP A 317 -2.26 -19.87 33.97
CA ASP A 317 -2.31 -18.97 32.83
C ASP A 317 -3.13 -19.58 31.72
N TYR A 318 -3.05 -20.89 31.60
CA TYR A 318 -3.80 -21.61 30.59
C TYR A 318 -4.16 -23.00 31.10
N ILE A 319 -5.31 -23.49 30.70
CA ILE A 319 -5.77 -24.80 31.11
C ILE A 319 -6.29 -25.57 29.90
N VAL A 320 -5.54 -26.59 29.50
CA VAL A 320 -5.93 -27.41 28.37
C VAL A 320 -6.67 -28.65 28.86
N LYS A 321 -7.94 -28.73 28.51
CA LYS A 321 -8.77 -29.85 28.93
C LYS A 321 -9.65 -30.29 27.77
N ASP A 322 -9.73 -31.60 27.54
CA ASP A 322 -10.55 -32.18 26.48
C ASP A 322 -10.09 -31.71 25.10
N GLY A 323 -8.84 -31.26 25.03
CA GLY A 323 -8.32 -30.78 23.77
C GLY A 323 -8.61 -29.32 23.54
N GLU A 324 -9.23 -28.68 24.52
CA GLU A 324 -9.57 -27.27 24.43
C GLU A 324 -8.54 -26.43 25.19
N VAL A 325 -7.93 -25.48 24.50
CA VAL A 325 -6.94 -24.61 25.10
C VAL A 325 -7.63 -23.36 25.64
N ILE A 326 -7.91 -23.37 26.93
CA ILE A 326 -8.58 -22.24 27.56
C ILE A 326 -7.57 -21.36 28.28
N ILE A 327 -7.63 -20.06 27.98
CA ILE A 327 -6.72 -19.10 28.61
C ILE A 327 -7.37 -18.54 29.87
N VAL A 328 -6.61 -18.49 30.96
CA VAL A 328 -7.14 -17.99 32.21
C VAL A 328 -6.48 -16.68 32.60
N ASP A 329 -7.26 -15.61 32.58
CA ASP A 329 -6.76 -14.29 32.96
C ASP A 329 -6.53 -14.26 34.47
N GLU A 330 -5.33 -13.92 34.88
CA GLU A 330 -4.98 -13.89 36.30
C GLU A 330 -5.39 -12.58 36.96
N HIS A 331 -5.86 -11.64 36.16
CA HIS A 331 -6.25 -10.34 36.69
C HIS A 331 -7.64 -10.39 37.32
N THR A 332 -8.61 -10.93 36.60
CA THR A 332 -9.98 -11.02 37.10
C THR A 332 -10.43 -12.47 37.26
N GLY A 333 -9.57 -13.42 36.87
CA GLY A 333 -9.92 -14.82 36.97
C GLY A 333 -10.99 -15.21 35.98
N ARG A 334 -10.73 -14.95 34.72
CA ARG A 334 -11.70 -15.25 33.66
C ARG A 334 -11.16 -16.30 32.71
N THR A 335 -11.90 -17.39 32.56
CA THR A 335 -11.53 -18.47 31.67
C THR A 335 -12.04 -18.19 30.25
N MET A 336 -11.15 -17.78 29.37
CA MET A 336 -11.51 -17.47 28.00
C MET A 336 -11.11 -18.59 27.06
N GLN A 337 -12.10 -19.31 26.53
CA GLN A 337 -11.85 -20.41 25.62
C GLN A 337 -11.79 -19.92 24.17
N GLY A 338 -12.45 -18.81 23.89
CA GLY A 338 -12.45 -18.26 22.55
C GLY A 338 -11.59 -17.02 22.44
N ARG A 339 -10.29 -17.19 22.63
CA ARG A 339 -9.36 -16.09 22.55
C ARG A 339 -8.08 -16.54 21.85
N ARG A 340 -7.70 -15.84 20.80
CA ARG A 340 -6.50 -16.18 20.05
C ARG A 340 -5.37 -15.25 20.44
N TRP A 341 -4.15 -15.63 20.10
CA TRP A 341 -2.99 -14.81 20.43
C TRP A 341 -1.94 -14.93 19.34
N SER A 342 -1.60 -13.80 18.74
CA SER A 342 -0.61 -13.75 17.66
C SER A 342 0.79 -14.10 18.17
N ASP A 343 1.76 -14.10 17.23
CA ASP A 343 3.16 -14.40 17.54
C ASP A 343 3.34 -15.87 17.92
N GLY A 344 2.26 -16.62 17.88
CA GLY A 344 2.31 -18.02 18.22
C GLY A 344 2.44 -18.25 19.71
N LEU A 345 1.82 -17.36 20.50
CA LEU A 345 1.87 -17.47 21.95
C LEU A 345 1.28 -18.80 22.41
N HIS A 346 0.11 -19.14 21.89
CA HIS A 346 -0.54 -20.39 22.27
C HIS A 346 -0.03 -21.56 21.44
N GLN A 347 0.74 -21.27 20.39
CA GLN A 347 1.30 -22.32 19.54
C GLN A 347 2.28 -23.17 20.34
N ALA A 348 3.09 -22.52 21.17
CA ALA A 348 4.05 -23.23 22.00
C ALA A 348 3.32 -24.02 23.07
N VAL A 349 2.16 -23.53 23.45
CA VAL A 349 1.32 -24.19 24.44
C VAL A 349 0.81 -25.50 23.88
N GLU A 350 0.19 -25.44 22.70
CA GLU A 350 -0.34 -26.62 22.04
C GLU A 350 0.77 -27.62 21.73
N ALA A 351 2.00 -27.11 21.61
CA ALA A 351 3.15 -27.95 21.34
C ALA A 351 3.58 -28.68 22.60
N LYS A 352 3.63 -27.95 23.71
CA LYS A 352 4.01 -28.51 25.00
C LYS A 352 2.95 -29.49 25.50
N GLU A 353 1.69 -29.12 25.34
CA GLU A 353 0.59 -29.95 25.77
C GLU A 353 0.32 -31.03 24.72
N GLY A 354 -0.37 -32.08 25.12
CA GLY A 354 -0.66 -33.17 24.19
C GLY A 354 -1.93 -32.92 23.40
N VAL A 355 -1.96 -31.83 22.64
CA VAL A 355 -3.12 -31.48 21.82
C VAL A 355 -2.70 -31.05 20.43
N GLN A 356 -3.67 -30.76 19.59
CA GLN A 356 -3.41 -30.33 18.22
C GLN A 356 -3.13 -28.83 18.18
N ILE A 357 -2.16 -28.43 17.37
CA ILE A 357 -1.80 -27.03 17.24
C ILE A 357 -2.70 -26.35 16.22
N GLN A 358 -3.10 -25.12 16.50
CA GLN A 358 -3.96 -24.35 15.61
C GLN A 358 -3.17 -23.88 14.39
N ASN A 359 -3.88 -23.67 13.28
CA ASN A 359 -3.26 -23.23 12.05
C ASN A 359 -3.16 -21.71 12.01
N GLU A 360 -4.09 -21.04 12.70
CA GLU A 360 -4.14 -19.59 12.76
C GLU A 360 -4.41 -18.99 11.36
N ASN A 361 -3.51 -18.15 10.88
CA ASN A 361 -3.68 -17.53 9.57
C ASN A 361 -2.33 -17.25 8.92
N GLN A 362 -2.21 -17.59 7.65
CA GLN A 362 -0.96 -17.39 6.92
C GLN A 362 -1.14 -16.35 5.82
N THR A 363 -0.03 -15.87 5.28
CA THR A 363 -0.06 -14.86 4.23
C THR A 363 0.44 -15.43 2.91
N LEU A 364 -0.29 -15.16 1.83
CA LEU A 364 0.07 -15.64 0.51
C LEU A 364 0.78 -14.56 -0.30
N ALA A 365 0.34 -13.32 -0.16
CA ALA A 365 0.94 -12.21 -0.88
C ALA A 365 0.55 -10.89 -0.23
N SER A 366 1.38 -9.86 -0.42
CA SER A 366 1.12 -8.55 0.13
C SER A 366 1.82 -7.47 -0.70
N ILE A 367 1.11 -6.39 -0.98
CA ILE A 367 1.68 -5.29 -1.75
C ILE A 367 1.05 -3.97 -1.33
N THR A 368 1.89 -2.95 -1.19
CA THR A 368 1.45 -1.63 -0.81
C THR A 368 1.13 -0.81 -2.05
N PHE A 369 0.09 0.02 -2.00
CA PHE A 369 -0.29 0.85 -3.13
C PHE A 369 0.90 1.68 -3.61
N GLN A 370 1.56 2.34 -2.67
CA GLN A 370 2.73 3.17 -2.96
C GLN A 370 3.81 2.34 -3.66
N ASN A 371 3.99 1.11 -3.18
CA ASN A 371 5.00 0.21 -3.73
C ASN A 371 4.60 -0.35 -5.08
N TYR A 372 3.33 -0.20 -5.43
CA TYR A 372 2.84 -0.67 -6.72
C TYR A 372 3.00 0.44 -7.76
N PHE A 373 2.68 1.65 -7.34
CA PHE A 373 2.79 2.81 -8.23
C PHE A 373 4.26 3.14 -8.49
N ARG A 374 5.13 2.64 -7.64
CA ARG A 374 6.56 2.85 -7.77
C ARG A 374 7.13 2.01 -8.92
N LEU A 375 6.31 1.08 -9.42
CA LEU A 375 6.72 0.22 -10.51
C LEU A 375 6.29 0.80 -11.85
N TYR A 376 5.65 1.95 -11.80
CA TYR A 376 5.19 2.62 -13.00
C TYR A 376 6.20 3.64 -13.49
N GLU A 377 6.35 3.74 -14.81
CA GLU A 377 7.30 4.69 -15.40
C GLU A 377 6.73 6.10 -15.31
N LYS A 378 5.60 6.31 -15.95
CA LYS A 378 4.95 7.62 -15.92
C LYS A 378 3.78 7.57 -14.95
N LEU A 379 3.95 8.23 -13.81
CA LEU A 379 2.92 8.26 -12.79
C LEU A 379 2.52 9.71 -12.52
N ALA A 380 1.25 10.00 -12.74
CA ALA A 380 0.73 11.34 -12.54
C ALA A 380 -0.69 11.28 -11.97
N GLY A 381 -1.16 12.41 -11.47
CA GLY A 381 -2.49 12.46 -10.91
C GLY A 381 -2.89 13.87 -10.54
N MET A 382 -4.13 14.03 -10.14
CA MET A 382 -4.64 15.33 -9.76
C MET A 382 -4.90 15.39 -8.27
N THR A 383 -4.71 16.55 -7.68
CA THR A 383 -4.94 16.74 -6.26
C THR A 383 -5.88 17.92 -6.04
N GLY A 384 -6.50 17.97 -4.87
CA GLY A 384 -7.41 19.05 -4.58
C GLY A 384 -6.68 20.28 -4.06
N THR A 385 -7.37 21.42 -4.09
CA THR A 385 -6.80 22.66 -3.60
C THR A 385 -6.68 22.64 -2.07
N ALA A 386 -5.72 21.87 -1.58
CA ALA A 386 -5.52 21.74 -0.15
C ALA A 386 -4.05 21.82 0.21
N ASP A 387 -3.17 21.38 -0.70
CA ASP A 387 -1.72 21.39 -0.47
C ASP A 387 -1.40 20.51 0.74
N THR A 388 -0.91 21.11 1.82
CA THR A 388 -0.61 20.40 3.05
C THR A 388 0.53 19.39 2.89
N GLU A 389 0.21 18.17 2.46
CA GLU A 389 1.20 17.12 2.30
C GLU A 389 1.91 17.22 0.96
N ALA A 390 2.03 18.44 0.45
CA ALA A 390 2.67 18.70 -0.84
C ALA A 390 4.12 18.18 -0.85
N PHE A 391 4.85 18.48 0.22
CA PHE A 391 6.25 18.07 0.33
C PHE A 391 6.39 16.55 0.41
N GLU A 392 5.32 15.87 0.84
CA GLU A 392 5.35 14.43 0.96
C GLU A 392 5.24 13.79 -0.42
N PHE A 393 4.57 14.47 -1.34
CA PHE A 393 4.40 13.96 -2.70
C PHE A 393 5.76 13.76 -3.36
N SER A 394 6.65 14.72 -3.17
CA SER A 394 7.99 14.67 -3.75
C SER A 394 8.93 13.81 -2.93
N SER A 395 8.48 13.33 -1.78
CA SER A 395 9.33 12.52 -0.92
C SER A 395 8.92 11.04 -0.95
N ILE A 396 7.62 10.80 -0.95
CA ILE A 396 7.11 9.43 -0.97
C ILE A 396 6.99 8.89 -2.39
N TYR A 397 6.44 9.68 -3.30
CA TYR A 397 6.27 9.24 -4.68
C TYR A 397 7.23 9.98 -5.61
N LYS A 398 7.95 10.95 -5.05
CA LYS A 398 8.91 11.76 -5.80
C LYS A 398 8.22 12.50 -6.95
N LEU A 399 7.07 13.08 -6.67
CA LEU A 399 6.31 13.81 -7.68
C LEU A 399 6.29 15.31 -7.37
N ASP A 400 6.45 16.13 -8.39
CA ASP A 400 6.44 17.58 -8.21
C ASP A 400 4.99 18.07 -8.18
N THR A 401 4.71 19.06 -7.35
CA THR A 401 3.36 19.59 -7.23
C THR A 401 3.20 20.90 -8.00
N VAL A 402 2.50 20.82 -9.12
CA VAL A 402 2.25 21.98 -9.96
C VAL A 402 0.80 22.43 -9.84
N VAL A 403 0.60 23.72 -9.65
CA VAL A 403 -0.74 24.28 -9.52
C VAL A 403 -1.23 24.82 -10.85
N VAL A 404 -2.41 24.37 -11.27
CA VAL A 404 -2.99 24.80 -12.54
C VAL A 404 -3.98 25.95 -12.30
N PRO A 405 -3.87 27.04 -13.09
CA PRO A 405 -4.76 28.19 -12.98
C PRO A 405 -6.21 27.86 -13.32
N THR A 406 -7.13 28.64 -12.77
CA THR A 406 -8.55 28.45 -13.00
C THR A 406 -8.97 29.05 -14.33
N ASN A 407 -10.19 28.75 -14.77
CA ASN A 407 -10.70 29.31 -16.03
C ASN A 407 -11.16 30.74 -15.81
N ARG A 408 -11.68 30.99 -14.61
CA ARG A 408 -12.14 32.30 -14.23
C ARG A 408 -11.43 32.75 -12.96
N PRO A 409 -11.25 34.07 -12.77
CA PRO A 409 -10.59 34.61 -11.57
C PRO A 409 -11.40 34.33 -10.30
N MET A 410 -10.88 33.46 -9.46
CA MET A 410 -11.54 33.10 -8.21
C MET A 410 -11.45 34.25 -7.20
N ILE A 411 -12.55 34.98 -7.07
CA ILE A 411 -12.60 36.11 -6.16
C ILE A 411 -13.20 35.70 -4.81
N ARG A 412 -12.55 34.76 -4.14
CA ARG A 412 -13.02 34.29 -2.84
C ARG A 412 -12.45 35.20 -1.76
N LYS A 413 -13.31 35.69 -0.89
CA LYS A 413 -12.90 36.57 0.19
C LYS A 413 -12.63 35.80 1.47
N ASP A 414 -11.36 35.50 1.71
CA ASP A 414 -10.98 34.77 2.91
C ASP A 414 -10.69 35.77 4.02
N LEU A 415 -11.40 35.66 5.12
CA LEU A 415 -11.22 36.57 6.24
C LEU A 415 -10.44 35.91 7.37
N PRO A 416 -9.69 36.70 8.16
CA PRO A 416 -8.89 36.18 9.28
C PRO A 416 -9.74 35.46 10.32
N ASP A 417 -9.20 34.38 10.86
CA ASP A 417 -9.89 33.59 11.87
C ASP A 417 -10.21 34.43 13.09
N LEU A 418 -11.45 34.35 13.55
CA LEU A 418 -11.88 35.09 14.72
C LEU A 418 -11.92 34.18 15.94
N VAL A 419 -10.96 34.35 16.82
CA VAL A 419 -10.88 33.54 18.03
C VAL A 419 -11.36 34.32 19.24
N TYR A 420 -12.35 33.80 19.93
CA TYR A 420 -12.89 34.42 21.12
C TYR A 420 -12.42 33.64 22.35
N MET A 421 -12.91 34.01 23.53
CA MET A 421 -12.51 33.33 24.75
C MET A 421 -13.36 32.07 24.95
N THR A 422 -14.58 32.24 25.41
CA THR A 422 -15.47 31.11 25.62
C THR A 422 -16.17 30.74 24.31
N GLU A 423 -16.60 29.49 24.22
CA GLU A 423 -17.29 29.02 23.02
C GLU A 423 -18.58 29.79 22.83
N ALA A 424 -19.14 30.29 23.94
CA ALA A 424 -20.38 31.07 23.89
C ALA A 424 -20.17 32.29 23.00
N GLU A 425 -19.03 32.97 23.19
CA GLU A 425 -18.69 34.14 22.39
C GLU A 425 -18.48 33.72 20.93
N LYS A 426 -17.80 32.60 20.77
CA LYS A 426 -17.50 32.04 19.46
C LYS A 426 -18.76 31.78 18.66
N ILE A 427 -19.72 31.06 19.25
CA ILE A 427 -20.97 30.75 18.58
C ILE A 427 -21.80 32.02 18.36
N GLN A 428 -21.78 32.92 19.35
CA GLN A 428 -22.52 34.17 19.26
C GLN A 428 -22.00 35.01 18.09
N ALA A 429 -20.68 35.01 17.90
CA ALA A 429 -20.06 35.74 16.81
C ALA A 429 -20.55 35.22 15.47
N ILE A 430 -20.73 33.90 15.40
CA ILE A 430 -21.23 33.26 14.20
C ILE A 430 -22.64 33.75 13.89
N ILE A 431 -23.46 33.81 14.93
CA ILE A 431 -24.84 34.27 14.80
C ILE A 431 -24.87 35.72 14.30
N GLU A 432 -24.00 36.54 14.87
CA GLU A 432 -23.89 37.95 14.49
C GLU A 432 -23.52 38.08 13.02
N ASP A 433 -22.58 37.26 12.58
CA ASP A 433 -22.14 37.27 11.19
C ASP A 433 -23.26 36.79 10.28
N ILE A 434 -23.95 35.74 10.71
CA ILE A 434 -25.07 35.18 9.94
C ILE A 434 -26.17 36.23 9.77
N LYS A 435 -26.41 37.00 10.83
CA LYS A 435 -27.43 38.05 10.81
C LYS A 435 -27.12 39.06 9.71
N GLU A 436 -25.84 39.38 9.56
CA GLU A 436 -25.39 40.33 8.55
C GLU A 436 -25.57 39.73 7.16
N ARG A 437 -25.28 38.44 7.04
CA ARG A 437 -25.40 37.74 5.77
C ARG A 437 -26.85 37.64 5.32
N THR A 438 -27.73 37.25 6.23
CA THR A 438 -29.14 37.12 5.91
C THR A 438 -29.73 38.48 5.52
N ALA A 439 -29.26 39.53 6.18
CA ALA A 439 -29.72 40.89 5.90
C ALA A 439 -29.31 41.34 4.51
N LYS A 440 -28.14 40.87 4.06
CA LYS A 440 -27.64 41.23 2.73
C LYS A 440 -28.12 40.25 1.68
N GLY A 441 -28.80 39.20 2.10
CA GLY A 441 -29.29 38.20 1.18
C GLY A 441 -28.19 37.26 0.74
N GLN A 442 -27.21 37.06 1.61
CA GLN A 442 -26.09 36.18 1.31
C GLN A 442 -26.28 34.81 1.95
N PRO A 443 -26.17 33.74 1.15
CA PRO A 443 -26.29 32.37 1.64
C PRO A 443 -25.13 31.99 2.55
N VAL A 444 -25.42 31.24 3.59
CA VAL A 444 -24.40 30.83 4.55
C VAL A 444 -24.26 29.31 4.61
N LEU A 445 -23.03 28.84 4.54
CA LEU A 445 -22.74 27.42 4.63
C LEU A 445 -21.83 27.16 5.81
N VAL A 446 -22.40 26.63 6.88
CA VAL A 446 -21.66 26.34 8.09
C VAL A 446 -21.11 24.92 8.03
N GLY A 447 -19.80 24.78 8.18
CA GLY A 447 -19.20 23.47 8.14
C GLY A 447 -18.81 22.99 9.53
N THR A 448 -19.77 22.45 10.25
CA THR A 448 -19.52 21.94 11.59
C THR A 448 -18.96 20.53 11.55
N ILE A 449 -17.66 20.42 11.81
CA ILE A 449 -17.02 19.10 11.80
C ILE A 449 -17.43 18.31 13.04
N SER A 450 -17.89 19.03 14.06
CA SER A 450 -18.34 18.42 15.29
C SER A 450 -19.87 18.33 15.28
N ILE A 451 -20.38 17.10 15.36
CA ILE A 451 -21.82 16.85 15.34
C ILE A 451 -22.54 17.57 16.48
N GLU A 452 -21.93 17.54 17.66
CA GLU A 452 -22.51 18.17 18.84
C GLU A 452 -22.61 19.68 18.68
N LYS A 453 -21.77 20.24 17.81
CA LYS A 453 -21.78 21.67 17.58
C LYS A 453 -22.93 22.06 16.68
N SER A 454 -23.32 21.16 15.77
CA SER A 454 -24.43 21.43 14.86
C SER A 454 -25.71 21.66 15.66
N GLU A 455 -25.87 20.89 16.73
CA GLU A 455 -27.03 21.01 17.60
C GLU A 455 -27.01 22.34 18.34
N LEU A 456 -25.84 22.71 18.82
CA LEU A 456 -25.66 23.95 19.57
C LEU A 456 -25.93 25.17 18.70
N VAL A 457 -25.29 25.22 17.53
CA VAL A 457 -25.46 26.36 16.62
C VAL A 457 -26.90 26.43 16.10
N SER A 458 -27.56 25.27 15.99
CA SER A 458 -28.93 25.24 15.54
C SER A 458 -29.84 25.89 16.57
N ASN A 459 -29.58 25.63 17.84
CA ASN A 459 -30.37 26.21 18.91
C ASN A 459 -30.23 27.73 18.91
N GLU A 460 -28.99 28.20 18.81
CA GLU A 460 -28.71 29.63 18.80
C GLU A 460 -29.39 30.32 17.62
N LEU A 461 -29.37 29.67 16.47
CA LEU A 461 -30.00 30.21 15.27
C LEU A 461 -31.51 30.29 15.44
N THR A 462 -32.07 29.30 16.15
CA THR A 462 -33.50 29.27 16.41
C THR A 462 -33.85 30.29 17.49
N LYS A 463 -32.93 30.48 18.42
CA LYS A 463 -33.10 31.43 19.51
C LYS A 463 -33.17 32.85 18.95
N ALA A 464 -32.32 33.14 17.98
CA ALA A 464 -32.30 34.45 17.35
C ALA A 464 -33.47 34.60 16.39
N GLY A 465 -33.89 33.49 15.80
CA GLY A 465 -35.00 33.51 14.87
C GLY A 465 -34.56 33.63 13.43
N ILE A 466 -33.50 32.92 13.08
CA ILE A 466 -32.97 32.97 11.72
C ILE A 466 -33.20 31.64 11.00
N LYS A 467 -33.60 31.74 9.72
CA LYS A 467 -33.85 30.55 8.90
C LYS A 467 -32.58 29.73 8.74
N HIS A 468 -32.69 28.42 8.90
CA HIS A 468 -31.54 27.54 8.78
C HIS A 468 -31.97 26.09 8.60
N ASN A 469 -31.08 25.29 8.02
CA ASN A 469 -31.34 23.87 7.80
C ASN A 469 -30.06 23.09 8.08
N VAL A 470 -30.18 22.01 8.83
CA VAL A 470 -29.02 21.19 9.17
C VAL A 470 -28.99 19.90 8.37
N LEU A 471 -27.84 19.58 7.83
CA LEU A 471 -27.66 18.35 7.06
C LEU A 471 -27.35 17.20 8.01
N ASN A 472 -27.93 16.05 7.76
CA ASN A 472 -27.73 14.89 8.61
C ASN A 472 -27.71 13.62 7.77
N ALA A 473 -26.77 12.74 8.07
CA ALA A 473 -26.61 11.48 7.34
C ALA A 473 -27.86 10.62 7.42
N LYS A 474 -28.67 10.82 8.45
CA LYS A 474 -29.90 10.06 8.64
C LYS A 474 -31.00 10.59 7.74
N PHE A 475 -30.76 11.72 7.11
CA PHE A 475 -31.75 12.35 6.22
C PHE A 475 -31.11 12.74 4.89
N HIS A 476 -30.40 11.81 4.27
CA HIS A 476 -29.74 12.07 2.99
C HIS A 476 -30.75 12.52 1.94
N ALA A 477 -31.96 11.99 2.02
CA ALA A 477 -33.02 12.34 1.08
C ALA A 477 -33.42 13.80 1.23
N ASN A 478 -33.35 14.29 2.47
CA ASN A 478 -33.68 15.67 2.79
C ASN A 478 -32.52 16.58 2.38
N GLU A 479 -31.31 16.07 2.57
CA GLU A 479 -30.10 16.82 2.22
C GLU A 479 -30.09 17.17 0.74
N ALA A 480 -30.54 16.22 -0.08
CA ALA A 480 -30.60 16.41 -1.52
C ALA A 480 -31.47 17.60 -1.90
N ALA A 481 -32.44 17.91 -1.05
CA ALA A 481 -33.34 19.03 -1.29
C ALA A 481 -32.77 20.32 -0.71
N ILE A 482 -32.13 20.21 0.44
CA ILE A 482 -31.54 21.36 1.11
C ILE A 482 -30.33 21.90 0.33
N VAL A 483 -29.43 21.01 -0.05
CA VAL A 483 -28.22 21.39 -0.78
C VAL A 483 -28.59 22.05 -2.12
N ALA A 484 -29.72 21.64 -2.69
CA ALA A 484 -30.18 22.19 -3.96
C ALA A 484 -30.45 23.69 -3.85
N GLN A 485 -30.80 24.14 -2.66
CA GLN A 485 -31.10 25.55 -2.44
C GLN A 485 -30.16 26.14 -1.38
N ALA A 486 -29.02 25.48 -1.18
CA ALA A 486 -28.04 25.95 -0.18
C ALA A 486 -27.42 27.27 -0.62
N GLY A 487 -27.51 27.56 -1.91
CA GLY A 487 -26.96 28.80 -2.43
C GLY A 487 -28.01 29.87 -2.58
N TYR A 488 -29.18 29.63 -2.00
CA TYR A 488 -30.28 30.57 -2.07
C TYR A 488 -30.00 31.77 -1.17
N PRO A 489 -30.35 32.99 -1.61
CA PRO A 489 -30.13 34.22 -0.83
C PRO A 489 -30.71 34.13 0.58
N ALA A 490 -29.84 34.34 1.58
CA ALA A 490 -30.23 34.32 3.00
C ALA A 490 -30.49 32.92 3.53
N ALA A 491 -30.06 31.89 2.80
CA ALA A 491 -30.25 30.53 3.24
C ALA A 491 -29.06 30.04 4.06
N VAL A 492 -29.30 29.67 5.31
CA VAL A 492 -28.24 29.19 6.18
C VAL A 492 -28.26 27.67 6.25
N THR A 493 -27.27 27.05 5.62
CA THR A 493 -27.16 25.60 5.60
C THR A 493 -26.02 25.14 6.50
N ILE A 494 -26.31 24.18 7.38
CA ILE A 494 -25.30 23.65 8.29
C ILE A 494 -24.93 22.22 7.89
N ALA A 495 -23.69 22.04 7.47
CA ALA A 495 -23.21 20.74 7.04
C ALA A 495 -22.44 20.05 8.18
N THR A 496 -23.00 18.94 8.65
CA THR A 496 -22.38 18.19 9.74
C THR A 496 -21.34 17.20 9.21
N ASN A 497 -20.07 17.47 9.52
CA ASN A 497 -18.96 16.61 9.10
C ASN A 497 -18.89 16.49 7.58
N MET A 498 -18.38 17.53 6.95
CA MET A 498 -18.26 17.57 5.49
C MET A 498 -17.24 16.56 4.98
N ALA A 499 -17.56 15.93 3.86
CA ALA A 499 -16.67 14.95 3.25
C ALA A 499 -15.76 15.62 2.23
N GLY A 500 -15.03 14.83 1.46
CA GLY A 500 -14.13 15.37 0.47
C GLY A 500 -14.86 15.89 -0.76
N ARG A 501 -14.25 16.85 -1.44
CA ARG A 501 -14.81 17.46 -2.67
C ARG A 501 -16.09 18.25 -2.38
N GLY A 502 -17.20 17.55 -2.27
CA GLY A 502 -18.47 18.20 -2.02
C GLY A 502 -19.19 18.53 -3.31
N THR A 503 -20.51 18.44 -3.30
CA THR A 503 -21.33 18.73 -4.47
C THR A 503 -21.27 20.22 -4.83
N ASP A 504 -21.51 20.52 -6.10
CA ASP A 504 -21.47 21.90 -6.58
C ASP A 504 -22.71 22.66 -6.15
N ILE A 505 -22.52 23.73 -5.40
CA ILE A 505 -23.62 24.55 -4.93
C ILE A 505 -23.75 25.79 -5.83
N VAL A 506 -24.80 25.81 -6.62
CA VAL A 506 -25.05 26.93 -7.53
C VAL A 506 -25.64 28.12 -6.78
N LEU A 507 -25.06 29.29 -7.00
CA LEU A 507 -25.52 30.51 -6.37
C LEU A 507 -26.93 30.87 -6.86
N GLY A 508 -27.84 31.07 -5.92
CA GLY A 508 -29.20 31.40 -6.27
C GLY A 508 -30.10 30.18 -6.27
N GLY A 509 -29.47 29.02 -6.16
CA GLY A 509 -30.21 27.77 -6.16
C GLY A 509 -29.87 26.96 -7.40
N SER A 510 -30.52 25.83 -7.57
CA SER A 510 -30.27 24.99 -8.72
C SER A 510 -31.56 24.76 -9.51
N TRP A 511 -31.77 25.61 -10.51
CA TRP A 511 -32.96 25.51 -11.36
C TRP A 511 -33.01 24.16 -12.06
N GLN A 512 -31.84 23.59 -12.27
CA GLN A 512 -31.70 22.29 -12.93
C GLN A 512 -32.39 21.21 -12.09
N ALA A 513 -32.30 21.35 -10.77
CA ALA A 513 -32.92 20.39 -9.87
C ALA A 513 -34.40 20.70 -9.72
N GLU A 514 -34.74 21.99 -9.75
CA GLU A 514 -36.12 22.43 -9.63
C GLU A 514 -36.96 21.91 -10.79
N VAL A 515 -36.43 22.01 -12.01
CA VAL A 515 -37.15 21.52 -13.18
C VAL A 515 -37.19 20.00 -13.21
N ALA A 516 -36.20 19.38 -12.57
CA ALA A 516 -36.13 17.93 -12.52
C ALA A 516 -37.18 17.38 -11.57
N ALA A 517 -37.57 18.21 -10.60
CA ALA A 517 -38.57 17.82 -9.62
C ALA A 517 -39.98 18.10 -10.11
N LEU A 518 -40.09 18.65 -11.31
CA LEU A 518 -41.40 18.97 -11.88
C LEU A 518 -42.01 17.75 -12.57
N GLU A 519 -43.34 17.68 -12.53
CA GLU A 519 -44.07 16.57 -13.15
C GLU A 519 -43.96 16.62 -14.67
N ASN A 520 -44.04 17.81 -15.22
CA ASN A 520 -43.95 17.99 -16.68
C ASN A 520 -43.41 19.38 -16.98
N PRO A 521 -42.07 19.50 -17.07
CA PRO A 521 -41.40 20.77 -17.35
C PRO A 521 -41.78 21.33 -18.71
N THR A 522 -42.62 22.35 -18.71
CA THR A 522 -43.06 22.99 -19.93
C THR A 522 -42.01 23.98 -20.40
N ALA A 523 -41.89 24.17 -21.71
CA ALA A 523 -40.91 25.10 -22.28
C ALA A 523 -41.00 26.48 -21.64
N GLU A 524 -42.21 27.03 -21.60
CA GLU A 524 -42.45 28.34 -21.02
C GLU A 524 -42.15 28.33 -19.53
N GLN A 525 -42.39 27.20 -18.90
CA GLN A 525 -42.15 27.03 -17.47
C GLN A 525 -40.65 27.07 -17.18
N ILE A 526 -39.88 26.36 -18.01
CA ILE A 526 -38.43 26.31 -17.87
C ILE A 526 -37.84 27.70 -18.03
N GLU A 527 -38.34 28.44 -19.01
CA GLU A 527 -37.88 29.80 -19.28
C GLU A 527 -38.14 30.69 -18.07
N LYS A 528 -39.33 30.53 -17.47
CA LYS A 528 -39.70 31.31 -16.29
C LYS A 528 -38.76 30.99 -15.12
N ILE A 529 -38.54 29.71 -14.89
CA ILE A 529 -37.67 29.28 -13.80
C ILE A 529 -36.24 29.76 -14.05
N LYS A 530 -35.82 29.73 -15.31
CA LYS A 530 -34.48 30.19 -15.69
C LYS A 530 -34.34 31.67 -15.35
N ALA A 531 -35.38 32.44 -15.65
CA ALA A 531 -35.38 33.87 -15.38
C ALA A 531 -35.43 34.12 -13.88
N ASP A 532 -36.28 33.35 -13.19
CA ASP A 532 -36.44 33.47 -11.74
C ASP A 532 -35.11 33.18 -11.06
N TRP A 533 -34.47 32.10 -11.49
CA TRP A 533 -33.19 31.70 -10.95
C TRP A 533 -32.13 32.75 -11.25
N GLN A 534 -32.19 33.31 -12.46
CA GLN A 534 -31.24 34.34 -12.88
C GLN A 534 -31.21 35.49 -11.87
N VAL A 535 -32.39 35.97 -11.50
CA VAL A 535 -32.49 37.06 -10.54
C VAL A 535 -31.90 36.66 -9.19
N ARG A 536 -32.22 35.44 -8.75
CA ARG A 536 -31.72 34.92 -7.47
C ARG A 536 -30.21 34.74 -7.51
N HIS A 537 -29.73 34.18 -8.61
CA HIS A 537 -28.31 33.93 -8.83
C HIS A 537 -27.51 35.22 -8.75
N ASP A 538 -27.95 36.22 -9.50
CA ASP A 538 -27.26 37.49 -9.56
C ASP A 538 -27.39 38.26 -8.24
N ALA A 539 -28.43 37.95 -7.48
CA ALA A 539 -28.65 38.59 -6.19
C ALA A 539 -27.55 38.18 -5.22
N VAL A 540 -27.15 36.91 -5.32
CA VAL A 540 -26.10 36.36 -4.48
C VAL A 540 -24.76 37.02 -4.82
N LEU A 541 -24.60 37.39 -6.09
CA LEU A 541 -23.37 38.04 -6.55
C LEU A 541 -23.22 39.39 -5.88
N GLU A 542 -24.33 40.10 -5.73
CA GLU A 542 -24.33 41.41 -5.09
C GLU A 542 -24.06 41.26 -3.60
N ALA A 543 -24.60 40.19 -3.04
CA ALA A 543 -24.42 39.90 -1.61
C ALA A 543 -22.97 39.61 -1.30
N GLY A 544 -22.35 38.74 -2.09
CA GLY A 544 -20.95 38.41 -1.87
C GLY A 544 -20.63 36.95 -2.08
N GLY A 545 -21.45 36.25 -2.87
CA GLY A 545 -21.21 34.84 -3.14
C GLY A 545 -21.56 33.96 -1.96
N LEU A 546 -21.13 32.71 -2.01
CA LEU A 546 -21.39 31.76 -0.94
C LEU A 546 -20.50 32.05 0.26
N HIS A 547 -21.11 32.23 1.43
CA HIS A 547 -20.38 32.53 2.64
C HIS A 547 -20.15 31.27 3.49
N ILE A 548 -18.91 30.84 3.55
CA ILE A 548 -18.54 29.66 4.33
C ILE A 548 -18.18 30.03 5.76
N ILE A 549 -18.71 29.28 6.70
CA ILE A 549 -18.44 29.52 8.12
C ILE A 549 -17.90 28.25 8.77
N GLY A 550 -16.70 28.35 9.33
CA GLY A 550 -16.10 27.21 10.00
C GLY A 550 -16.10 27.38 11.50
N THR A 551 -16.49 26.35 12.22
CA THR A 551 -16.54 26.41 13.67
C THR A 551 -15.24 25.92 14.29
N GLU A 552 -14.87 24.68 13.97
CA GLU A 552 -13.67 24.08 14.49
C GLU A 552 -12.66 23.84 13.38
N ARG A 553 -11.42 24.23 13.61
CA ARG A 553 -10.36 24.03 12.63
C ARG A 553 -9.92 22.57 12.67
N HIS A 554 -9.77 21.97 11.50
CA HIS A 554 -9.37 20.58 11.42
C HIS A 554 -7.87 20.45 11.65
N GLU A 555 -7.47 19.42 12.40
CA GLU A 555 -6.06 19.17 12.66
C GLU A 555 -5.33 19.03 11.33
N SER A 556 -5.91 18.20 10.46
CA SER A 556 -5.36 17.98 9.15
C SER A 556 -5.71 19.17 8.25
N ARG A 557 -4.69 19.89 7.82
CA ARG A 557 -4.87 21.07 6.99
C ARG A 557 -5.44 20.72 5.63
N ARG A 558 -5.24 19.48 5.19
CA ARG A 558 -5.76 19.04 3.90
C ARG A 558 -7.28 19.14 3.88
N ILE A 559 -7.91 18.59 4.90
CA ILE A 559 -9.37 18.62 5.00
C ILE A 559 -9.84 20.02 5.41
N ASP A 560 -9.04 20.67 6.25
CA ASP A 560 -9.35 22.01 6.74
C ASP A 560 -9.37 23.01 5.58
N ASN A 561 -8.42 22.86 4.67
CA ASN A 561 -8.32 23.75 3.52
C ASN A 561 -9.39 23.40 2.48
N GLN A 562 -9.70 22.12 2.35
CA GLN A 562 -10.72 21.66 1.41
C GLN A 562 -12.08 22.24 1.76
N LEU A 563 -12.29 22.52 3.03
CA LEU A 563 -13.56 23.09 3.49
C LEU A 563 -13.68 24.54 3.03
N ARG A 564 -12.55 25.20 2.86
CA ARG A 564 -12.54 26.59 2.40
C ARG A 564 -12.69 26.63 0.88
N GLY A 565 -12.20 25.59 0.22
CA GLY A 565 -12.27 25.51 -1.23
C GLY A 565 -13.65 25.19 -1.75
N ARG A 566 -14.64 25.17 -0.86
CA ARG A 566 -16.02 24.89 -1.26
C ARG A 566 -16.61 26.08 -1.99
N SER A 567 -16.15 27.28 -1.61
CA SER A 567 -16.63 28.50 -2.22
C SER A 567 -15.71 28.91 -3.38
N GLY A 568 -16.21 29.80 -4.24
CA GLY A 568 -15.43 30.24 -5.37
C GLY A 568 -15.19 29.13 -6.37
N ARG A 569 -16.26 28.47 -6.78
CA ARG A 569 -16.17 27.38 -7.74
C ARG A 569 -16.27 27.91 -9.16
N GLN A 570 -15.56 27.26 -10.08
CA GLN A 570 -15.54 27.66 -11.49
C GLN A 570 -15.01 29.08 -11.63
N GLY A 571 -14.28 29.55 -10.61
CA GLY A 571 -13.72 30.88 -10.62
C GLY A 571 -14.76 31.95 -10.35
N ASP A 572 -15.67 31.68 -9.42
CA ASP A 572 -16.71 32.64 -9.06
C ASP A 572 -16.39 33.35 -7.75
N ALA A 573 -17.40 33.98 -7.16
CA ALA A 573 -17.23 34.72 -5.91
C ALA A 573 -17.54 33.85 -4.70
N GLY A 574 -17.36 34.43 -3.53
CA GLY A 574 -17.61 33.73 -2.29
C GLY A 574 -16.77 34.27 -1.15
N SER A 575 -17.02 33.80 0.06
CA SER A 575 -16.28 34.25 1.23
C SER A 575 -16.12 33.10 2.22
N SER A 576 -15.02 33.08 2.96
CA SER A 576 -14.78 32.03 3.94
C SER A 576 -14.13 32.59 5.21
N ARG A 577 -14.59 32.12 6.36
CA ARG A 577 -14.04 32.56 7.63
C ARG A 577 -14.35 31.55 8.74
N PHE A 578 -13.44 31.43 9.69
CA PHE A 578 -13.61 30.52 10.81
C PHE A 578 -13.74 31.29 12.12
N TYR A 579 -14.51 30.75 13.04
CA TYR A 579 -14.72 31.38 14.35
C TYR A 579 -14.48 30.35 15.44
N LEU A 580 -13.42 30.53 16.21
CA LEU A 580 -13.08 29.60 17.27
C LEU A 580 -13.01 30.28 18.63
N SER A 581 -12.72 29.49 19.65
CA SER A 581 -12.61 30.00 21.01
C SER A 581 -11.33 29.47 21.66
N MET A 582 -11.09 29.85 22.91
CA MET A 582 -9.90 29.41 23.63
C MET A 582 -10.10 28.03 24.24
N GLU A 583 -11.33 27.54 24.19
CA GLU A 583 -11.64 26.22 24.73
C GLU A 583 -11.76 25.20 23.61
N ASP A 584 -11.37 25.62 22.42
CA ASP A 584 -11.42 24.76 21.25
C ASP A 584 -10.28 23.74 21.29
N ALA A 585 -10.53 22.56 20.72
CA ALA A 585 -9.54 21.49 20.69
C ALA A 585 -8.27 21.92 19.97
N LEU A 586 -8.42 22.84 19.04
CA LEU A 586 -7.29 23.34 18.26
C LEU A 586 -6.28 24.06 19.14
N MET A 587 -6.74 24.61 20.26
CA MET A 587 -5.86 25.34 21.17
C MET A 587 -5.02 24.40 22.01
N ARG A 588 -5.24 23.10 21.84
CA ARG A 588 -4.50 22.10 22.59
C ARG A 588 -3.39 21.47 21.74
N ILE A 589 -3.31 21.88 20.48
CA ILE A 589 -2.28 21.34 19.58
C ILE A 589 -1.05 22.23 19.58
N PHE A 590 -1.05 23.25 20.42
CA PHE A 590 0.07 24.18 20.52
C PHE A 590 1.13 23.65 21.48
N ALA A 591 1.09 22.35 21.73
CA ALA A 591 2.02 21.66 22.63
C ALA A 591 1.78 22.00 24.09
N SER A 592 1.88 23.28 24.43
CA SER A 592 1.67 23.73 25.80
C SER A 592 0.54 24.75 25.85
N ASP A 593 -0.30 24.66 26.87
CA ASP A 593 -1.42 25.58 27.03
C ASP A 593 -0.91 26.99 27.29
N ARG A 594 0.30 27.08 27.84
CA ARG A 594 0.92 28.36 28.13
C ARG A 594 1.08 29.18 26.85
N VAL A 595 1.29 28.50 25.73
CA VAL A 595 1.45 29.16 24.44
C VAL A 595 0.12 29.79 24.03
N SER A 596 -0.96 29.03 24.19
CA SER A 596 -2.28 29.50 23.86
C SER A 596 -2.73 30.58 24.85
N GLY A 597 -2.12 30.56 26.03
CA GLY A 597 -2.46 31.53 27.07
C GLY A 597 -2.21 32.96 26.63
N MET A 598 -1.29 33.14 25.69
CA MET A 598 -0.95 34.46 25.18
C MET A 598 -2.14 35.08 24.44
N MET A 599 -3.09 34.24 24.04
CA MET A 599 -4.27 34.71 23.33
C MET A 599 -5.42 34.94 24.30
N ARG A 600 -5.31 34.42 25.52
CA ARG A 600 -6.37 34.58 26.52
C ARG A 600 -6.46 36.03 26.97
N LYS A 601 -5.33 36.72 26.96
CA LYS A 601 -5.28 38.12 27.38
C LYS A 601 -5.33 39.05 26.17
N LEU A 602 -5.99 38.60 25.11
CA LEU A 602 -6.12 39.38 23.88
C LEU A 602 -7.29 40.35 23.99
N GLY A 603 -8.08 40.20 25.05
CA GLY A 603 -9.22 41.06 25.24
C GLY A 603 -10.48 40.48 24.63
N MET A 604 -10.40 40.21 23.31
CA MET A 604 -11.50 39.63 22.55
C MET A 604 -12.66 40.61 22.38
N LYS A 605 -13.35 40.92 23.48
CA LYS A 605 -14.49 41.83 23.47
C LYS A 605 -15.66 41.26 22.66
N PRO A 606 -16.59 40.57 23.34
CA PRO A 606 -17.75 39.95 22.69
C PRO A 606 -18.62 40.97 21.96
N GLY A 607 -18.47 41.02 20.64
CA GLY A 607 -19.25 41.94 19.83
C GLY A 607 -18.35 42.83 19.01
N GLU A 608 -17.08 42.92 19.40
CA GLU A 608 -16.12 43.75 18.69
C GLU A 608 -15.29 42.89 17.75
N ALA A 609 -15.07 43.39 16.54
CA ALA A 609 -14.28 42.66 15.56
C ALA A 609 -12.80 42.85 15.82
N ILE A 610 -12.17 41.81 16.36
CA ILE A 610 -10.75 41.85 16.68
C ILE A 610 -9.91 42.06 15.41
N GLU A 611 -10.36 41.47 14.31
CA GLU A 611 -9.70 41.57 13.00
C GLU A 611 -8.17 41.48 13.10
N HIS A 612 -7.67 40.33 13.51
CA HIS A 612 -6.23 40.13 13.63
C HIS A 612 -5.77 39.03 12.68
N PRO A 613 -5.04 39.41 11.61
CA PRO A 613 -4.56 38.46 10.59
C PRO A 613 -3.50 37.48 11.10
N TRP A 614 -2.79 37.83 12.16
CA TRP A 614 -1.76 36.95 12.70
C TRP A 614 -2.37 35.69 13.31
N VAL A 615 -3.65 35.74 13.62
CA VAL A 615 -4.33 34.58 14.20
C VAL A 615 -4.36 33.43 13.19
N THR A 616 -4.77 33.75 11.96
CA THR A 616 -4.82 32.75 10.90
C THR A 616 -3.43 32.23 10.59
N LYS A 617 -2.43 33.10 10.72
CA LYS A 617 -1.05 32.75 10.45
C LYS A 617 -0.53 31.77 11.51
N ALA A 618 -0.84 32.07 12.78
CA ALA A 618 -0.41 31.22 13.88
C ALA A 618 -1.05 29.84 13.77
N ILE A 619 -2.35 29.83 13.46
CA ILE A 619 -3.08 28.58 13.31
C ILE A 619 -2.51 27.75 12.16
N ALA A 620 -2.25 28.41 11.03
CA ALA A 620 -1.70 27.74 9.86
C ALA A 620 -0.33 27.14 10.18
N ASN A 621 0.44 27.85 10.98
CA ASN A 621 1.76 27.38 11.38
C ASN A 621 1.64 26.14 12.25
N ALA A 622 0.73 26.19 13.21
CA ALA A 622 0.48 25.07 14.11
C ALA A 622 0.00 23.85 13.33
N GLN A 623 -0.95 24.08 12.43
CA GLN A 623 -1.51 23.02 11.61
C GLN A 623 -0.42 22.38 10.75
N ARG A 624 0.36 23.21 10.07
CA ARG A 624 1.45 22.70 9.23
C ARG A 624 2.44 21.91 10.06
N LYS A 625 2.65 22.34 11.30
CA LYS A 625 3.57 21.67 12.21
C LYS A 625 3.06 20.26 12.52
N VAL A 626 1.75 20.16 12.75
CA VAL A 626 1.12 18.88 13.05
C VAL A 626 1.27 17.94 11.85
N GLU A 627 1.08 18.48 10.65
CA GLU A 627 1.19 17.71 9.43
C GLU A 627 2.64 17.30 9.19
N SER A 628 3.57 18.12 9.66
CA SER A 628 5.00 17.83 9.52
C SER A 628 5.34 16.59 10.36
N ARG A 629 4.58 16.40 11.43
CA ARG A 629 4.76 15.27 12.31
C ARG A 629 4.40 13.98 11.59
N ASN A 630 3.34 14.06 10.76
CA ASN A 630 2.89 12.90 9.99
C ASN A 630 4.00 12.44 9.07
N PHE A 631 4.63 13.40 8.41
CA PHE A 631 5.73 13.13 7.48
C PHE A 631 6.86 12.38 8.16
N ASP A 632 7.26 12.83 9.35
CA ASP A 632 8.35 12.20 10.08
C ASP A 632 7.99 10.75 10.41
N ILE A 633 6.77 10.52 10.86
CA ILE A 633 6.31 9.18 11.21
C ILE A 633 6.29 8.30 9.97
N ARG A 634 5.72 8.82 8.88
CA ARG A 634 5.64 8.09 7.63
C ARG A 634 7.05 7.77 7.13
N LYS A 635 7.94 8.75 7.23
CA LYS A 635 9.33 8.59 6.81
C LYS A 635 9.99 7.44 7.56
N GLN A 636 9.75 7.37 8.87
CA GLN A 636 10.31 6.32 9.70
C GLN A 636 9.81 4.95 9.26
N LEU A 637 8.51 4.87 9.01
CA LEU A 637 7.88 3.61 8.59
C LEU A 637 8.37 3.21 7.21
N LEU A 638 8.50 4.18 6.31
CA LEU A 638 8.96 3.92 4.94
C LEU A 638 10.37 3.34 4.94
N GLU A 639 11.15 3.68 5.96
CA GLU A 639 12.51 3.18 6.08
C GLU A 639 12.52 1.68 6.37
N TYR A 640 11.40 1.18 6.88
CA TYR A 640 11.27 -0.24 7.19
C TYR A 640 10.48 -0.96 6.11
N ASP A 641 9.43 -0.31 5.61
CA ASP A 641 8.57 -0.89 4.59
C ASP A 641 9.31 -1.06 3.26
N ASP A 642 10.22 -0.13 2.96
CA ASP A 642 10.99 -0.19 1.71
C ASP A 642 11.91 -1.40 1.68
N VAL A 643 12.31 -1.85 2.87
CA VAL A 643 13.19 -3.02 2.98
C VAL A 643 12.50 -4.25 2.41
N ALA A 644 11.24 -4.42 2.77
CA ALA A 644 10.45 -5.55 2.30
C ALA A 644 10.12 -5.36 0.82
N ASN A 645 10.03 -4.09 0.42
CA ASN A 645 9.73 -3.75 -0.96
C ASN A 645 10.89 -4.15 -1.86
N ASP A 646 12.11 -3.82 -1.45
CA ASP A 646 13.31 -4.15 -2.22
C ASP A 646 13.40 -5.65 -2.46
N GLN A 647 13.22 -6.43 -1.38
CA GLN A 647 13.27 -7.88 -1.47
C GLN A 647 12.17 -8.41 -2.39
N ARG A 648 10.97 -7.85 -2.26
CA ARG A 648 9.83 -8.25 -3.10
C ARG A 648 10.13 -7.94 -4.56
N ARG A 649 10.70 -6.77 -4.80
CA ARG A 649 11.04 -6.32 -6.14
C ARG A 649 12.04 -7.29 -6.78
N ALA A 650 13.07 -7.66 -6.04
CA ALA A 650 14.11 -8.56 -6.53
C ALA A 650 13.56 -9.97 -6.78
N ILE A 651 12.81 -10.50 -5.82
CA ILE A 651 12.27 -11.85 -5.95
C ILE A 651 11.19 -11.92 -7.04
N TYR A 652 10.43 -10.84 -7.21
CA TYR A 652 9.38 -10.80 -8.22
C TYR A 652 10.01 -10.81 -9.61
N SER A 653 11.18 -10.21 -9.73
CA SER A 653 11.90 -10.17 -11.01
C SER A 653 12.34 -11.58 -11.40
N GLN A 654 12.91 -12.30 -10.43
CA GLN A 654 13.37 -13.66 -10.67
C GLN A 654 12.19 -14.58 -10.97
N ARG A 655 11.14 -14.45 -10.18
CA ARG A 655 9.93 -15.26 -10.36
C ARG A 655 9.33 -15.01 -11.74
N ASN A 656 9.38 -13.76 -12.19
CA ASN A 656 8.83 -13.39 -13.48
C ASN A 656 9.72 -13.89 -14.61
N GLU A 657 11.03 -13.87 -14.40
CA GLU A 657 11.95 -14.35 -15.42
C GLU A 657 11.73 -15.84 -15.66
N LEU A 658 11.68 -16.61 -14.59
CA LEU A 658 11.45 -18.05 -14.69
C LEU A 658 10.11 -18.33 -15.35
N LEU A 659 9.18 -17.39 -15.19
CA LEU A 659 7.87 -17.51 -15.79
C LEU A 659 7.92 -17.23 -17.28
N ASP A 660 8.62 -16.15 -17.65
CA ASP A 660 8.74 -15.74 -19.04
C ASP A 660 9.58 -16.72 -19.86
N VAL A 661 10.75 -17.08 -19.35
CA VAL A 661 11.64 -18.00 -20.05
C VAL A 661 11.10 -19.43 -20.00
N SER A 662 11.42 -20.21 -21.02
CA SER A 662 10.99 -21.59 -21.07
C SER A 662 12.15 -22.52 -20.70
N ASP A 663 13.35 -22.15 -21.10
CA ASP A 663 14.53 -22.95 -20.80
C ASP A 663 15.01 -22.69 -19.38
N VAL A 664 14.50 -23.48 -18.46
CA VAL A 664 14.89 -23.38 -17.07
C VAL A 664 16.04 -24.33 -16.78
N SER A 665 16.31 -25.19 -17.76
CA SER A 665 17.36 -26.20 -17.68
C SER A 665 18.71 -25.59 -17.31
N GLU A 666 19.01 -24.44 -17.93
CA GLU A 666 20.27 -23.75 -17.68
C GLU A 666 20.42 -23.45 -16.19
N THR A 667 19.39 -22.84 -15.62
CA THR A 667 19.37 -22.48 -14.21
C THR A 667 19.49 -23.72 -13.33
N ILE A 668 18.71 -24.76 -13.68
CA ILE A 668 18.71 -26.02 -12.93
C ILE A 668 20.11 -26.61 -12.82
N ASN A 669 20.82 -26.65 -13.93
CA ASN A 669 22.16 -27.22 -13.95
C ASN A 669 23.15 -26.31 -13.23
N SER A 670 23.01 -25.01 -13.42
CA SER A 670 23.89 -24.03 -12.80
C SER A 670 23.83 -24.11 -11.28
N ILE A 671 22.61 -24.17 -10.74
CA ILE A 671 22.44 -24.23 -9.29
C ILE A 671 22.74 -25.62 -8.76
N ARG A 672 22.68 -26.62 -9.63
CA ARG A 672 22.95 -28.01 -9.24
C ARG A 672 24.37 -28.14 -8.70
N GLU A 673 25.33 -27.56 -9.42
CA GLU A 673 26.73 -27.62 -9.02
C GLU A 673 26.94 -26.93 -7.68
N ASP A 674 26.34 -25.76 -7.54
CA ASP A 674 26.45 -24.97 -6.32
C ASP A 674 25.88 -25.71 -5.11
N VAL A 675 24.64 -26.18 -5.24
CA VAL A 675 23.97 -26.90 -4.16
C VAL A 675 24.77 -28.12 -3.73
N PHE A 676 25.25 -28.89 -4.70
CA PHE A 676 26.02 -30.08 -4.40
C PHE A 676 27.32 -29.71 -3.70
N LYS A 677 28.01 -28.70 -4.21
CA LYS A 677 29.27 -28.25 -3.62
C LYS A 677 29.05 -27.76 -2.18
N ALA A 678 28.03 -26.92 -2.00
CA ALA A 678 27.71 -26.37 -0.69
C ALA A 678 27.42 -27.48 0.32
N THR A 679 26.72 -28.52 -0.14
CA THR A 679 26.39 -29.65 0.71
C THR A 679 27.65 -30.44 1.06
N ILE A 680 28.53 -30.59 0.08
CA ILE A 680 29.78 -31.32 0.29
C ILE A 680 30.70 -30.56 1.24
N ASP A 681 30.85 -29.27 0.99
CA ASP A 681 31.71 -28.41 1.81
C ASP A 681 31.28 -28.39 3.28
N ALA A 682 30.03 -28.74 3.53
CA ALA A 682 29.48 -28.76 4.88
C ALA A 682 30.10 -29.89 5.71
N TYR A 683 30.26 -31.06 5.10
CA TYR A 683 30.82 -32.22 5.81
C TYR A 683 32.25 -32.49 5.37
N ILE A 684 32.65 -31.89 4.26
CA ILE A 684 33.99 -32.04 3.73
C ILE A 684 34.56 -30.67 3.37
N PRO A 685 35.38 -30.09 4.26
CA PRO A 685 36.00 -28.78 4.03
C PRO A 685 36.85 -28.79 2.76
N PRO A 686 36.67 -27.80 1.88
CA PRO A 686 37.43 -27.71 0.63
C PRO A 686 38.93 -27.69 0.86
N GLN A 687 39.61 -28.70 0.32
CA GLN A 687 41.05 -28.85 0.43
C GLN A 687 41.49 -29.00 1.89
N SER A 688 41.20 -30.16 2.47
CA SER A 688 41.56 -30.43 3.85
C SER A 688 42.02 -31.87 4.03
N LEU A 689 42.12 -32.30 5.28
CA LEU A 689 42.55 -33.67 5.59
C LEU A 689 41.37 -34.63 5.51
N GLU A 690 41.63 -35.84 5.01
CA GLU A 690 40.60 -36.86 4.85
C GLU A 690 39.99 -37.25 6.21
N GLU A 691 40.77 -37.06 7.27
CA GLU A 691 40.31 -37.37 8.62
C GLU A 691 39.26 -36.36 9.08
N MET A 692 39.18 -35.23 8.39
CA MET A 692 38.22 -34.19 8.73
C MET A 692 36.97 -34.30 7.86
N TRP A 693 36.90 -35.36 7.07
CA TRP A 693 35.76 -35.56 6.18
C TRP A 693 34.75 -36.52 6.79
N ASP A 694 33.57 -36.03 7.09
CA ASP A 694 32.53 -36.88 7.65
C ASP A 694 31.76 -37.54 6.50
N ILE A 695 32.39 -38.57 5.94
CA ILE A 695 31.81 -39.32 4.83
C ILE A 695 30.39 -39.83 5.15
N PRO A 696 30.17 -40.47 6.32
CA PRO A 696 28.83 -40.97 6.69
C PRO A 696 27.78 -39.86 6.68
N GLY A 697 28.17 -38.66 7.11
CA GLY A 697 27.26 -37.54 7.14
C GLY A 697 26.90 -37.05 5.76
N LEU A 698 27.88 -37.02 4.87
CA LEU A 698 27.65 -36.58 3.50
C LEU A 698 26.76 -37.60 2.80
N GLN A 699 27.07 -38.89 2.98
CA GLN A 699 26.29 -39.95 2.39
C GLN A 699 24.86 -39.93 2.94
N GLU A 700 24.76 -39.62 4.23
CA GLU A 700 23.47 -39.52 4.92
C GLU A 700 22.56 -38.54 4.20
N ARG A 701 23.08 -37.36 3.90
CA ARG A 701 22.32 -36.32 3.24
C ARG A 701 22.10 -36.62 1.76
N LEU A 702 23.09 -37.24 1.13
CA LEU A 702 23.00 -37.57 -0.29
C LEU A 702 21.96 -38.64 -0.56
N LYS A 703 22.02 -39.74 0.18
CA LYS A 703 21.09 -40.85 0.00
C LYS A 703 19.66 -40.46 0.39
N ASN A 704 19.53 -39.57 1.36
CA ASN A 704 18.21 -39.16 1.84
C ASN A 704 17.64 -37.99 1.03
N ASP A 705 18.22 -36.81 1.23
CA ASP A 705 17.73 -35.58 0.59
C ASP A 705 17.83 -35.63 -0.94
N PHE A 706 19.04 -35.82 -1.45
CA PHE A 706 19.27 -35.81 -2.89
C PHE A 706 18.87 -37.12 -3.58
N ASP A 707 18.60 -38.17 -2.80
CA ASP A 707 18.22 -39.48 -3.35
C ASP A 707 19.35 -40.05 -4.19
N LEU A 708 20.57 -39.61 -3.88
CA LEU A 708 21.75 -40.05 -4.60
C LEU A 708 22.54 -41.04 -3.76
N ASP A 709 22.35 -42.32 -4.06
CA ASP A 709 23.04 -43.37 -3.32
C ASP A 709 24.45 -43.60 -3.87
N LEU A 710 25.43 -43.00 -3.23
CA LEU A 710 26.83 -43.14 -3.65
C LEU A 710 27.71 -43.55 -2.49
N PRO A 711 28.38 -44.71 -2.60
CA PRO A 711 29.29 -45.20 -1.57
C PRO A 711 30.67 -44.56 -1.69
N ILE A 712 30.78 -43.32 -1.20
CA ILE A 712 32.04 -42.57 -1.25
C ILE A 712 33.15 -43.29 -0.49
N ALA A 713 32.80 -43.87 0.65
CA ALA A 713 33.77 -44.58 1.48
C ALA A 713 34.29 -45.83 0.77
N GLU A 714 33.60 -46.22 -0.29
CA GLU A 714 33.98 -47.40 -1.05
C GLU A 714 34.89 -47.01 -2.22
N TRP A 715 35.02 -45.72 -2.48
CA TRP A 715 35.85 -45.24 -3.57
C TRP A 715 37.23 -44.83 -3.09
N LEU A 716 37.27 -44.03 -2.02
CA LEU A 716 38.53 -43.52 -1.47
C LEU A 716 39.51 -44.63 -1.09
N ASP A 717 39.01 -45.83 -0.85
CA ASP A 717 39.87 -46.94 -0.46
C ASP A 717 40.33 -47.75 -1.67
N LYS A 718 39.62 -47.63 -2.78
CA LYS A 718 39.96 -48.39 -3.98
C LYS A 718 40.73 -47.54 -4.98
N GLU A 719 40.34 -46.28 -5.10
CA GLU A 719 41.01 -45.37 -6.02
C GLU A 719 41.42 -44.07 -5.31
N PRO A 720 42.62 -44.07 -4.68
CA PRO A 720 43.13 -42.90 -3.96
C PRO A 720 43.43 -41.75 -4.91
N GLU A 721 43.44 -42.05 -6.20
CA GLU A 721 43.71 -41.07 -7.24
C GLU A 721 42.60 -40.01 -7.31
N LEU A 722 41.46 -40.31 -6.68
CA LEU A 722 40.34 -39.36 -6.66
C LEU A 722 40.67 -38.18 -5.76
N HIS A 723 41.30 -38.50 -4.63
CA HIS A 723 41.70 -37.51 -3.61
C HIS A 723 40.52 -36.64 -3.17
N GLU A 724 40.28 -35.53 -3.87
CA GLU A 724 39.19 -34.64 -3.50
C GLU A 724 38.52 -34.02 -4.72
N GLU A 725 39.33 -33.46 -5.62
CA GLU A 725 38.80 -32.82 -6.83
C GLU A 725 37.99 -33.81 -7.65
N THR A 726 38.65 -34.89 -8.06
CA THR A 726 38.00 -35.92 -8.88
C THR A 726 36.90 -36.60 -8.08
N LEU A 727 37.05 -36.60 -6.75
CA LEU A 727 36.06 -37.20 -5.87
C LEU A 727 34.76 -36.41 -5.95
N ARG A 728 34.87 -35.09 -5.88
CA ARG A 728 33.71 -34.21 -5.96
C ARG A 728 33.07 -34.31 -7.34
N GLU A 729 33.91 -34.28 -8.37
CA GLU A 729 33.45 -34.37 -9.75
C GLU A 729 32.63 -35.63 -9.99
N ARG A 730 33.07 -36.74 -9.40
CA ARG A 730 32.37 -38.01 -9.55
C ARG A 730 30.96 -37.93 -8.99
N ILE A 731 30.82 -37.24 -7.86
CA ILE A 731 29.52 -37.09 -7.22
C ILE A 731 28.59 -36.27 -8.12
N LEU A 732 29.12 -35.19 -8.68
CA LEU A 732 28.35 -34.31 -9.55
C LEU A 732 28.03 -34.98 -10.89
N ALA A 733 28.99 -35.75 -11.41
CA ALA A 733 28.79 -36.44 -12.67
C ALA A 733 27.73 -37.51 -12.55
N GLN A 734 27.75 -38.22 -11.42
CA GLN A 734 26.79 -39.28 -11.16
C GLN A 734 25.38 -38.73 -11.00
N SER A 735 25.26 -37.55 -10.38
CA SER A 735 23.95 -36.94 -10.18
C SER A 735 23.34 -36.56 -11.53
N ILE A 736 24.17 -36.02 -12.41
CA ILE A 736 23.72 -35.64 -13.74
C ILE A 736 23.32 -36.90 -14.53
N GLU A 737 24.07 -37.97 -14.30
CA GLU A 737 23.81 -39.25 -14.95
C GLU A 737 22.44 -39.77 -14.53
N VAL A 738 22.23 -39.89 -13.21
CA VAL A 738 20.97 -40.37 -12.67
C VAL A 738 19.82 -39.47 -13.12
N TYR A 739 20.11 -38.18 -13.23
CA TYR A 739 19.12 -37.20 -13.66
C TYR A 739 18.62 -37.55 -15.06
N GLN A 740 19.55 -37.77 -15.98
CA GLN A 740 19.23 -38.11 -17.36
C GLN A 740 18.52 -39.46 -17.41
N ARG A 741 18.96 -40.40 -16.57
CA ARG A 741 18.38 -41.73 -16.50
C ARG A 741 16.91 -41.64 -16.11
N LYS A 742 16.59 -40.70 -15.22
CA LYS A 742 15.22 -40.50 -14.77
C LYS A 742 14.44 -39.69 -15.79
N GLU A 743 15.11 -38.72 -16.41
CA GLU A 743 14.49 -37.85 -17.41
C GLU A 743 13.96 -38.65 -18.60
N GLU A 744 14.75 -39.61 -19.05
CA GLU A 744 14.37 -40.43 -20.20
C GLU A 744 13.15 -41.30 -19.90
N VAL A 745 12.77 -41.39 -18.64
CA VAL A 745 11.61 -42.20 -18.25
C VAL A 745 10.31 -41.46 -18.52
N VAL A 746 10.27 -40.17 -18.18
CA VAL A 746 9.07 -39.37 -18.38
C VAL A 746 9.13 -38.52 -19.64
N GLY A 747 10.34 -38.30 -20.13
CA GLY A 747 10.51 -37.50 -21.34
C GLY A 747 11.14 -36.16 -21.04
N ALA A 748 11.97 -35.69 -21.95
CA ALA A 748 12.65 -34.41 -21.81
C ALA A 748 11.65 -33.27 -21.69
N GLU A 749 10.63 -33.31 -22.53
CA GLU A 749 9.58 -32.28 -22.53
C GLU A 749 8.90 -32.20 -21.18
N MET A 750 8.59 -33.37 -20.62
CA MET A 750 7.93 -33.45 -19.33
C MET A 750 8.84 -32.89 -18.23
N MET A 751 10.11 -33.29 -18.27
CA MET A 751 11.09 -32.84 -17.28
C MET A 751 11.28 -31.33 -17.33
N ARG A 752 11.46 -30.77 -18.52
CA ARG A 752 11.65 -29.33 -18.68
C ARG A 752 10.49 -28.56 -18.06
N HIS A 753 9.28 -29.07 -18.24
CA HIS A 753 8.09 -28.43 -17.67
C HIS A 753 8.07 -28.61 -16.16
N PHE A 754 8.45 -29.80 -15.70
CA PHE A 754 8.48 -30.11 -14.28
C PHE A 754 9.49 -29.25 -13.55
N GLU A 755 10.68 -29.09 -14.15
CA GLU A 755 11.74 -28.28 -13.56
C GLU A 755 11.25 -26.85 -13.33
N LYS A 756 10.58 -26.30 -14.34
CA LYS A 756 10.05 -24.94 -14.26
C LYS A 756 9.01 -24.87 -13.13
N GLY A 757 8.13 -25.86 -13.09
CA GLY A 757 7.09 -25.91 -12.08
C GLY A 757 7.66 -26.00 -10.67
N VAL A 758 8.67 -26.86 -10.51
CA VAL A 758 9.32 -27.04 -9.21
C VAL A 758 10.00 -25.75 -8.75
N MET A 759 10.72 -25.11 -9.68
CA MET A 759 11.41 -23.85 -9.36
C MET A 759 10.44 -22.80 -8.85
N LEU A 760 9.35 -22.63 -9.59
CA LEU A 760 8.32 -21.67 -9.21
C LEU A 760 7.66 -22.08 -7.90
N GLN A 761 7.44 -23.39 -7.75
CA GLN A 761 6.83 -23.94 -6.55
C GLN A 761 7.66 -23.61 -5.31
N THR A 762 8.92 -24.02 -5.31
CA THR A 762 9.81 -23.77 -4.19
C THR A 762 9.97 -22.28 -3.91
N LEU A 763 10.08 -21.48 -4.97
CA LEU A 763 10.24 -20.04 -4.84
C LEU A 763 9.00 -19.45 -4.18
N ASP A 764 7.83 -19.86 -4.67
CA ASP A 764 6.57 -19.37 -4.13
C ASP A 764 6.38 -19.83 -2.69
N SER A 765 6.74 -21.08 -2.42
CA SER A 765 6.61 -21.64 -1.07
C SER A 765 7.49 -20.88 -0.07
N LEU A 766 8.73 -20.60 -0.47
CA LEU A 766 9.65 -19.88 0.39
C LEU A 766 9.22 -18.43 0.55
N TRP A 767 8.60 -17.88 -0.49
CA TRP A 767 8.13 -16.51 -0.46
C TRP A 767 7.05 -16.36 0.61
N LYS A 768 6.18 -17.37 0.70
CA LYS A 768 5.11 -17.38 1.68
C LYS A 768 5.69 -17.40 3.10
N GLU A 769 6.71 -18.21 3.30
CA GLU A 769 7.38 -18.32 4.59
C GLU A 769 8.06 -17.00 4.93
N HIS A 770 8.82 -16.49 3.97
CA HIS A 770 9.55 -15.25 4.14
C HIS A 770 8.60 -14.09 4.46
N LEU A 771 7.40 -14.12 3.89
CA LEU A 771 6.42 -13.09 4.14
C LEU A 771 6.04 -13.05 5.62
N ALA A 772 5.87 -14.24 6.20
CA ALA A 772 5.52 -14.35 7.60
C ALA A 772 6.72 -14.00 8.48
N ALA A 773 7.89 -14.48 8.08
CA ALA A 773 9.12 -14.23 8.82
C ALA A 773 9.44 -12.74 8.90
N MET A 774 9.06 -11.99 7.87
CA MET A 774 9.30 -10.55 7.83
C MET A 774 8.57 -9.84 8.96
N ASP A 775 7.37 -10.33 9.29
CA ASP A 775 6.59 -9.73 10.36
C ASP A 775 7.32 -9.84 11.69
N TYR A 776 7.77 -11.06 11.98
CA TYR A 776 8.49 -11.35 13.22
C TYR A 776 9.79 -10.57 13.29
N LEU A 777 10.35 -10.23 12.14
CA LEU A 777 11.58 -9.46 12.07
C LEU A 777 11.31 -7.99 12.40
N ARG A 778 10.25 -7.45 11.80
CA ARG A 778 9.89 -6.06 12.01
C ARG A 778 9.58 -5.77 13.48
N GLN A 779 8.69 -6.56 14.07
CA GLN A 779 8.34 -6.37 15.48
C GLN A 779 9.49 -6.79 16.38
N GLY A 780 10.30 -7.73 15.90
CA GLY A 780 11.43 -8.22 16.67
C GLY A 780 12.52 -7.17 16.84
N ILE A 781 12.50 -6.13 15.99
CA ILE A 781 13.48 -5.06 16.06
C ILE A 781 13.38 -4.31 17.38
N HIS A 782 12.21 -4.36 18.00
CA HIS A 782 12.00 -3.69 19.28
C HIS A 782 12.79 -4.40 20.38
N LEU A 783 13.23 -5.62 20.08
CA LEU A 783 13.99 -6.42 21.03
C LEU A 783 15.44 -6.59 20.56
N ARG A 784 15.62 -6.68 19.25
CA ARG A 784 16.94 -6.84 18.66
C ARG A 784 17.68 -5.50 18.59
N GLY A 785 16.92 -4.41 18.60
CA GLY A 785 17.51 -3.09 18.54
C GLY A 785 18.09 -2.66 19.88
N TYR A 786 19.27 -3.16 20.18
CA TYR A 786 19.96 -2.85 21.43
C TYR A 786 20.43 -1.39 21.43
N ALA A 787 20.83 -0.92 22.60
CA ALA A 787 21.32 0.44 22.75
C ALA A 787 22.67 0.63 22.06
N GLN A 788 23.11 1.89 21.98
CA GLN A 788 24.40 2.24 21.35
C GLN A 788 24.35 2.01 19.84
N LYS A 789 23.16 1.79 19.32
CA LYS A 789 22.96 1.58 17.89
C LYS A 789 21.55 1.97 17.47
N ASP A 790 21.39 2.39 16.24
CA ASP A 790 20.09 2.80 15.72
C ASP A 790 19.36 1.59 15.13
N PRO A 791 18.04 1.48 15.37
CA PRO A 791 17.23 0.37 14.85
C PRO A 791 17.23 0.29 13.32
N LYS A 792 17.47 1.42 12.66
CA LYS A 792 17.51 1.45 11.21
C LYS A 792 18.86 0.92 10.72
N GLN A 793 18.92 0.56 9.44
CA GLN A 793 20.13 0.00 8.83
C GLN A 793 20.40 -1.41 9.33
N GLU A 794 20.45 -1.60 10.65
CA GLU A 794 20.67 -2.92 11.24
C GLU A 794 19.55 -3.86 10.80
N TYR A 795 18.32 -3.38 10.91
CA TYR A 795 17.14 -4.15 10.53
C TYR A 795 17.25 -4.61 9.07
N LYS A 796 17.85 -3.77 8.24
CA LYS A 796 18.03 -4.08 6.83
C LYS A 796 19.03 -5.21 6.66
N ARG A 797 20.17 -5.10 7.34
CA ARG A 797 21.22 -6.11 7.25
C ARG A 797 20.70 -7.47 7.72
N GLU A 798 19.93 -7.46 8.80
CA GLU A 798 19.38 -8.68 9.37
C GLU A 798 18.43 -9.37 8.40
N SER A 799 17.48 -8.60 7.86
CA SER A 799 16.50 -9.15 6.93
C SER A 799 17.14 -9.56 5.61
N PHE A 800 18.09 -8.77 5.13
CA PHE A 800 18.78 -9.07 3.87
C PHE A 800 19.55 -10.38 3.97
N SER A 801 20.08 -10.66 5.17
CA SER A 801 20.82 -11.90 5.39
C SER A 801 19.91 -13.11 5.19
N MET A 802 18.67 -12.98 5.63
CA MET A 802 17.70 -14.05 5.49
C MET A 802 17.28 -14.17 4.03
N PHE A 803 17.21 -13.06 3.33
CA PHE A 803 16.84 -13.05 1.93
C PHE A 803 17.87 -13.86 1.12
N ALA A 804 19.14 -13.67 1.46
CA ALA A 804 20.22 -14.38 0.79
C ALA A 804 20.13 -15.87 1.10
N ALA A 805 19.89 -16.18 2.38
CA ALA A 805 19.77 -17.56 2.82
C ALA A 805 18.56 -18.23 2.17
N MET A 806 17.53 -17.44 1.92
CA MET A 806 16.31 -17.93 1.27
C MET A 806 16.65 -18.41 -0.13
N LEU A 807 17.48 -17.65 -0.83
CA LEU A 807 17.90 -18.00 -2.18
C LEU A 807 18.78 -19.25 -2.15
N GLU A 808 19.58 -19.36 -1.10
CA GLU A 808 20.45 -20.51 -0.92
C GLU A 808 19.62 -21.78 -0.72
N SER A 809 18.60 -21.66 0.13
CA SER A 809 17.72 -22.78 0.43
C SER A 809 16.81 -23.08 -0.76
N LEU A 810 16.53 -22.05 -1.55
CA LEU A 810 15.66 -22.18 -2.72
C LEU A 810 16.16 -23.27 -3.66
N LYS A 811 17.39 -23.12 -4.13
CA LYS A 811 17.99 -24.08 -5.04
C LYS A 811 18.23 -25.43 -4.35
N TYR A 812 18.41 -25.39 -3.02
CA TYR A 812 18.65 -26.60 -2.25
C TYR A 812 17.46 -27.55 -2.36
N GLU A 813 16.26 -27.01 -2.18
CA GLU A 813 15.04 -27.80 -2.27
C GLU A 813 14.77 -28.20 -3.72
N VAL A 814 14.88 -27.23 -4.62
CA VAL A 814 14.64 -27.46 -6.05
C VAL A 814 15.44 -28.65 -6.57
N ILE A 815 16.75 -28.65 -6.33
CA ILE A 815 17.61 -29.72 -6.79
C ILE A 815 17.26 -31.05 -6.12
N SER A 816 17.03 -31.01 -4.82
CA SER A 816 16.70 -32.22 -4.07
C SER A 816 15.38 -32.81 -4.57
N THR A 817 14.38 -31.96 -4.73
CA THR A 817 13.06 -32.38 -5.19
C THR A 817 13.13 -32.99 -6.59
N LEU A 818 13.91 -32.38 -7.48
CA LEU A 818 14.05 -32.88 -8.84
C LEU A 818 14.86 -34.17 -8.90
N SER A 819 15.88 -34.28 -8.06
CA SER A 819 16.72 -35.46 -8.05
C SER A 819 16.00 -36.62 -7.36
N LYS A 820 15.17 -36.31 -6.36
CA LYS A 820 14.44 -37.33 -5.62
C LYS A 820 13.12 -37.67 -6.32
N VAL A 821 12.98 -37.27 -7.58
CA VAL A 821 11.77 -37.58 -8.32
C VAL A 821 11.62 -39.10 -8.44
N GLN A 822 10.46 -39.61 -8.09
CA GLN A 822 10.19 -41.03 -8.14
C GLN A 822 9.54 -41.42 -9.46
N VAL A 823 10.36 -41.87 -10.40
CA VAL A 823 9.86 -42.28 -11.71
C VAL A 823 9.97 -43.79 -11.87
N ARG A 824 9.27 -44.34 -12.85
CA ARG A 824 9.28 -45.77 -13.10
C ARG A 824 10.46 -46.16 -13.97
N MET A 825 11.64 -46.29 -13.37
CA MET A 825 12.84 -46.65 -14.10
C MET A 825 12.70 -48.07 -14.66
N PRO A 826 12.71 -48.21 -16.00
CA PRO A 826 12.57 -49.50 -16.66
C PRO A 826 13.92 -50.20 -16.89
N GLU A 827 13.97 -51.03 -17.92
CA GLU A 827 15.18 -51.77 -18.27
C GLU A 827 16.23 -50.83 -18.84
N GLU A 828 17.22 -50.49 -18.02
CA GLU A 828 18.28 -49.59 -18.44
C GLU A 828 19.32 -50.35 -19.24
N MET B 1 39.72 -25.54 25.72
CA MET B 1 39.25 -26.87 25.27
C MET B 1 38.31 -26.73 24.09
N MET B 2 38.15 -27.81 23.34
CA MET B 2 37.27 -27.83 22.18
C MET B 2 36.37 -29.05 22.23
N ILE B 3 35.07 -28.82 22.44
CA ILE B 3 34.11 -29.91 22.51
C ILE B 3 33.52 -30.20 21.13
N THR B 4 34.22 -31.02 20.37
CA THR B 4 33.77 -31.39 19.03
C THR B 4 32.67 -32.44 19.08
N LEU B 5 31.42 -31.99 19.01
CA LEU B 5 30.28 -32.89 19.05
C LEU B 5 29.79 -33.19 17.63
N ARG B 6 29.70 -34.47 17.30
CA ARG B 6 29.24 -34.87 15.97
C ARG B 6 27.77 -35.27 16.01
N LYS B 7 27.00 -34.75 15.07
CA LYS B 7 25.57 -35.03 14.99
C LYS B 7 25.30 -36.34 14.27
N ARG B 8 24.30 -37.08 14.73
CA ARG B 8 23.93 -38.35 14.13
C ARG B 8 22.41 -38.46 14.07
N ARG B 9 21.77 -37.33 13.84
CA ARG B 9 20.32 -37.28 13.76
C ARG B 9 19.91 -36.17 12.79
N LYS B 10 18.83 -36.40 12.06
CA LYS B 10 18.35 -35.41 11.10
C LYS B 10 16.82 -35.33 11.14
N LEU B 11 16.31 -34.10 11.15
CA LEU B 11 14.86 -33.89 11.20
C LEU B 11 14.45 -32.90 10.10
N PRO B 12 14.32 -33.37 8.85
CA PRO B 12 13.94 -32.50 7.72
C PRO B 12 12.47 -32.08 7.77
N LEU B 13 11.69 -32.77 8.59
CA LEU B 13 10.27 -32.48 8.74
C LEU B 13 10.05 -31.11 9.39
N ALA B 14 11.06 -30.62 10.09
CA ALA B 14 10.97 -29.33 10.77
C ALA B 14 10.82 -28.18 9.77
N VAL B 15 11.72 -28.12 8.79
CA VAL B 15 11.69 -27.05 7.81
C VAL B 15 10.65 -27.33 6.72
N ALA B 16 10.28 -28.61 6.56
CA ALA B 16 9.30 -29.01 5.56
C ALA B 16 7.95 -28.36 5.81
N VAL B 17 7.61 -28.16 7.08
CA VAL B 17 6.34 -27.54 7.44
C VAL B 17 6.41 -26.03 7.23
N ALA B 18 7.57 -25.45 7.52
CA ALA B 18 7.77 -24.00 7.38
C ALA B 18 7.61 -23.58 5.92
N ALA B 19 8.30 -24.28 5.03
CA ALA B 19 8.21 -23.98 3.60
C ALA B 19 7.03 -24.68 2.97
N GLY B 20 6.24 -25.35 3.81
CA GLY B 20 5.08 -26.07 3.33
C GLY B 20 3.78 -25.32 3.57
N VAL B 21 3.90 -24.01 3.78
CA VAL B 21 2.73 -23.16 4.02
C VAL B 21 2.11 -22.73 2.69
N MET B 22 2.70 -23.19 1.60
CA MET B 22 2.23 -22.87 0.27
C MET B 22 0.86 -23.48 0.02
N SER B 23 -0.09 -22.65 -0.37
CA SER B 23 -1.44 -23.11 -0.65
C SER B 23 -1.79 -22.91 -2.14
N ALA B 24 -1.00 -23.51 -3.00
CA ALA B 24 -1.21 -23.39 -4.44
C ALA B 24 -1.39 -24.77 -5.09
N GLN B 25 -1.77 -25.74 -4.28
CA GLN B 25 -1.99 -27.11 -4.75
C GLN B 25 -3.38 -27.24 -5.40
N ALA B 26 -3.67 -26.36 -6.34
CA ALA B 26 -4.94 -26.37 -7.03
C ALA B 26 -4.88 -27.28 -8.25
N MET B 27 -4.92 -28.59 -8.01
CA MET B 27 -4.86 -29.57 -9.08
C MET B 27 -6.05 -30.52 -8.99
N ALA B 28 -6.48 -31.01 -10.15
CA ALA B 28 -7.61 -31.91 -10.22
C ALA B 28 -7.47 -32.80 -11.43
N VAL A 1 10.00 16.70 -19.81
CA VAL A 1 9.98 18.16 -20.08
C VAL A 1 11.36 18.75 -19.80
N PHE A 2 12.00 19.24 -20.85
CA PHE A 2 13.32 19.83 -20.73
C PHE A 2 13.21 21.23 -20.12
N GLY A 3 14.19 21.58 -19.30
CA GLY A 3 14.18 22.87 -18.65
C GLY A 3 13.65 22.78 -17.23
N SER A 4 13.07 23.86 -16.76
CA SER A 4 12.50 23.90 -15.42
C SER A 4 11.10 23.29 -15.41
N ARG A 5 10.51 23.17 -14.23
CA ARG A 5 9.18 22.58 -14.11
C ARG A 5 8.17 23.61 -13.59
N ASN A 6 6.89 23.20 -13.60
CA ASN A 6 5.77 24.03 -13.16
C ASN A 6 5.62 25.29 -14.03
N ASP A 7 6.30 26.37 -13.65
CA ASP A 7 6.24 27.63 -14.38
C ASP A 7 6.72 27.46 -15.82
N ARG A 8 7.89 26.85 -15.98
CA ARG A 8 8.46 26.63 -17.29
C ARG A 8 7.63 25.62 -18.07
N THR A 9 7.09 24.63 -17.37
CA THR A 9 6.27 23.60 -17.98
C THR A 9 5.03 24.20 -18.62
N LEU A 10 4.35 25.07 -17.88
CA LEU A 10 3.14 25.73 -18.38
C LEU A 10 3.44 26.53 -19.64
N ARG A 11 4.58 27.21 -19.63
CA ARG A 11 5.00 28.03 -20.77
C ARG A 11 5.26 27.16 -21.99
N ARG A 12 6.05 26.11 -21.81
CA ARG A 12 6.39 25.19 -22.89
C ARG A 12 5.13 24.50 -23.39
N MET A 13 4.24 24.17 -22.45
CA MET A 13 2.98 23.51 -22.77
C MET A 13 2.08 24.43 -23.58
N ARG A 14 2.03 25.69 -23.18
CA ARG A 14 1.21 26.69 -23.87
C ARG A 14 1.61 26.80 -25.33
N LYS A 15 2.90 26.69 -25.58
CA LYS A 15 3.43 26.75 -26.94
C LYS A 15 2.88 25.60 -27.78
N VAL A 16 2.75 24.45 -27.16
CA VAL A 16 2.22 23.28 -27.83
C VAL A 16 0.71 23.41 -27.99
N VAL A 17 0.07 23.97 -26.97
CA VAL A 17 -1.38 24.19 -26.98
C VAL A 17 -1.76 25.06 -28.18
N ASN A 18 -0.89 26.02 -28.50
CA ASN A 18 -1.12 26.90 -29.63
C ASN A 18 -1.22 26.09 -30.92
N ILE A 19 -0.34 25.09 -31.03
CA ILE A 19 -0.33 24.21 -32.20
C ILE A 19 -1.62 23.41 -32.26
N ILE A 20 -2.04 22.90 -31.10
CA ILE A 20 -3.27 22.12 -31.00
C ILE A 20 -4.48 22.97 -31.39
N ASN A 21 -4.47 24.22 -30.94
CA ASN A 21 -5.55 25.17 -31.24
C ASN A 21 -5.62 25.44 -32.73
N ALA A 22 -4.45 25.48 -33.38
CA ALA A 22 -4.37 25.74 -34.81
C ALA A 22 -4.73 24.50 -35.61
N MET A 23 -4.57 23.33 -35.00
CA MET A 23 -4.88 22.07 -35.67
C MET A 23 -6.35 21.70 -35.51
N GLU A 24 -7.04 22.35 -34.56
CA GLU A 24 -8.44 22.09 -34.31
C GLU A 24 -9.29 22.32 -35.58
N PRO A 25 -9.20 23.52 -36.22
CA PRO A 25 -9.98 23.81 -37.44
C PRO A 25 -9.63 22.84 -38.56
N GLU A 26 -8.43 22.29 -38.52
CA GLU A 26 -7.97 21.36 -39.52
C GLU A 26 -8.68 20.02 -39.36
N MET A 27 -8.77 19.55 -38.12
CA MET A 27 -9.42 18.28 -37.82
C MET A 27 -10.92 18.37 -38.11
N GLU A 28 -11.46 19.59 -38.04
CA GLU A 28 -12.87 19.81 -38.32
C GLU A 28 -13.20 19.58 -39.79
N LYS A 29 -12.16 19.51 -40.61
CA LYS A 29 -12.32 19.26 -42.03
C LYS A 29 -12.21 17.78 -42.32
N LEU A 30 -11.89 17.01 -41.29
CA LEU A 30 -11.74 15.58 -41.41
C LEU A 30 -13.01 14.87 -40.96
N SER A 31 -13.33 13.77 -41.60
CA SER A 31 -14.51 13.00 -41.26
C SER A 31 -14.23 12.17 -40.01
N ASP A 32 -15.27 11.56 -39.46
CA ASP A 32 -15.13 10.74 -38.26
C ASP A 32 -14.16 9.60 -38.49
N GLU A 33 -14.29 8.97 -39.65
CA GLU A 33 -13.41 7.87 -40.03
C GLU A 33 -11.97 8.35 -40.20
N GLU A 34 -11.80 9.60 -40.62
CA GLU A 34 -10.47 10.16 -40.81
C GLU A 34 -9.78 10.36 -39.47
N LEU A 35 -10.56 10.69 -38.44
CA LEU A 35 -10.01 10.87 -37.10
C LEU A 35 -9.48 9.55 -36.58
N LYS A 36 -10.26 8.50 -36.84
CA LYS A 36 -9.88 7.15 -36.43
C LYS A 36 -8.62 6.72 -37.20
N GLY A 37 -8.50 7.25 -38.41
CA GLY A 37 -7.34 6.94 -39.25
C GLY A 37 -6.05 7.49 -38.67
N LYS A 38 -6.15 8.65 -38.02
CA LYS A 38 -4.98 9.28 -37.40
C LYS A 38 -4.47 8.40 -36.26
N THR A 39 -5.38 7.77 -35.54
CA THR A 39 -5.01 6.89 -34.45
C THR A 39 -4.18 5.73 -34.98
N ALA A 40 -4.63 5.17 -36.11
CA ALA A 40 -3.92 4.08 -36.76
C ALA A 40 -2.61 4.57 -37.33
N GLU A 41 -2.59 5.84 -37.72
CA GLU A 41 -1.40 6.47 -38.26
C GLU A 41 -0.35 6.61 -37.16
N PHE A 42 -0.78 7.08 -35.99
CA PHE A 42 0.12 7.23 -34.85
C PHE A 42 0.75 5.90 -34.48
N ARG A 43 -0.06 4.85 -34.50
CA ARG A 43 0.40 3.50 -34.19
C ARG A 43 1.49 3.09 -35.18
N ALA A 44 1.21 3.32 -36.46
CA ALA A 44 2.13 2.98 -37.53
C ALA A 44 3.40 3.83 -37.47
N ARG A 45 3.24 5.06 -37.02
CA ARG A 45 4.36 5.99 -36.91
C ARG A 45 5.32 5.55 -35.81
N LEU A 46 4.78 5.24 -34.64
CA LEU A 46 5.60 4.80 -33.51
C LEU A 46 6.32 3.50 -33.85
N GLU A 47 5.69 2.69 -34.68
CA GLU A 47 6.24 1.41 -35.11
C GLU A 47 7.54 1.64 -35.89
N LYS A 48 7.52 2.59 -36.80
CA LYS A 48 8.68 2.90 -37.63
C LYS A 48 9.66 3.80 -36.89
N GLY A 49 9.15 4.87 -36.32
CA GLY A 49 9.97 5.81 -35.59
C GLY A 49 9.27 7.13 -35.39
N GLU A 50 8.93 7.42 -34.13
CA GLU A 50 8.24 8.65 -33.78
C GLU A 50 8.29 8.85 -32.27
N VAL A 51 8.19 10.09 -31.84
CA VAL A 51 8.23 10.41 -30.42
C VAL A 51 6.82 10.63 -29.90
N LEU A 52 6.48 9.99 -28.78
CA LEU A 52 5.16 10.12 -28.19
C LEU A 52 4.88 11.58 -27.82
N GLU A 53 5.88 12.23 -27.26
CA GLU A 53 5.78 13.63 -26.88
C GLU A 53 5.62 14.52 -28.10
N ASN A 54 5.99 14.01 -29.27
CA ASN A 54 5.86 14.76 -30.51
C ASN A 54 4.47 14.56 -31.11
N LEU A 55 3.79 13.51 -30.67
CA LEU A 55 2.45 13.21 -31.16
C LEU A 55 1.41 14.03 -30.41
N ILE A 56 1.81 14.64 -29.30
CA ILE A 56 0.93 15.44 -28.46
C ILE A 56 0.10 16.46 -29.27
N PRO A 57 0.71 17.33 -30.10
CA PRO A 57 -0.03 18.34 -30.88
C PRO A 57 -1.16 17.72 -31.72
N GLU A 58 -0.84 16.65 -32.43
CA GLU A 58 -1.81 15.99 -33.29
C GLU A 58 -2.82 15.17 -32.48
N ALA A 59 -2.32 14.40 -31.53
CA ALA A 59 -3.17 13.54 -30.69
C ALA A 59 -4.22 14.34 -29.93
N PHE A 60 -3.78 15.41 -29.27
CA PHE A 60 -4.69 16.24 -28.49
C PHE A 60 -5.73 16.89 -29.38
N ALA A 61 -5.34 17.23 -30.60
CA ALA A 61 -6.24 17.84 -31.56
C ALA A 61 -7.34 16.86 -31.95
N VAL A 62 -6.94 15.61 -32.21
CA VAL A 62 -7.88 14.57 -32.58
C VAL A 62 -8.87 14.31 -31.44
N VAL A 63 -8.35 14.22 -30.22
CA VAL A 63 -9.19 14.00 -29.05
C VAL A 63 -10.16 15.15 -28.87
N ARG A 64 -9.65 16.38 -29.02
CA ARG A 64 -10.47 17.57 -28.88
C ARG A 64 -11.58 17.57 -29.92
N GLU A 65 -11.22 17.18 -31.15
CA GLU A 65 -12.17 17.10 -32.24
C GLU A 65 -13.27 16.10 -31.93
N ALA A 66 -12.85 14.91 -31.49
CA ALA A 66 -13.79 13.85 -31.14
C ALA A 66 -14.68 14.27 -29.98
N SER A 67 -14.12 15.09 -29.08
CA SER A 67 -14.88 15.56 -27.91
C SER A 67 -16.09 16.39 -28.34
N LYS A 68 -15.94 17.14 -29.43
CA LYS A 68 -17.02 17.97 -29.93
C LYS A 68 -18.06 17.17 -30.69
N ARG A 69 -17.69 15.97 -31.11
CA ARG A 69 -18.59 15.12 -31.87
C ARG A 69 -19.28 14.08 -30.99
N VAL A 70 -18.50 13.42 -30.13
CA VAL A 70 -19.03 12.40 -29.25
C VAL A 70 -19.80 13.00 -28.07
N PHE A 71 -19.14 13.88 -27.34
CA PHE A 71 -19.77 14.51 -26.18
C PHE A 71 -20.48 15.80 -26.57
N GLY A 72 -19.83 16.59 -27.41
CA GLY A 72 -20.40 17.85 -27.84
C GLY A 72 -19.81 19.02 -27.08
N MET A 73 -18.67 18.79 -26.44
CA MET A 73 -18.00 19.82 -25.67
C MET A 73 -16.52 19.87 -26.04
N ARG A 74 -16.07 21.04 -26.45
CA ARG A 74 -14.69 21.24 -26.83
C ARG A 74 -13.77 21.19 -25.62
N HIS A 75 -12.67 20.45 -25.73
CA HIS A 75 -11.71 20.34 -24.66
C HIS A 75 -11.08 21.71 -24.39
N PHE A 76 -11.29 22.23 -23.19
CA PHE A 76 -10.77 23.55 -22.83
C PHE A 76 -9.25 23.61 -23.01
N ASP A 77 -8.75 24.80 -23.32
CA ASP A 77 -7.33 25.01 -23.53
C ASP A 77 -6.54 24.70 -22.27
N VAL A 78 -7.13 24.99 -21.11
CA VAL A 78 -6.48 24.72 -19.83
C VAL A 78 -6.34 23.23 -19.59
N GLN A 79 -7.28 22.46 -20.13
CA GLN A 79 -7.25 21.01 -19.98
C GLN A 79 -6.11 20.42 -20.78
N LEU A 80 -5.78 21.07 -21.90
CA LEU A 80 -4.70 20.62 -22.76
C LEU A 80 -3.37 20.70 -22.00
N LEU A 81 -3.26 21.71 -21.15
CA LEU A 81 -2.07 21.90 -20.34
C LEU A 81 -1.94 20.77 -19.34
N GLY A 82 -3.03 20.49 -18.62
CA GLY A 82 -3.04 19.43 -17.64
C GLY A 82 -2.81 18.07 -18.24
N GLY A 83 -3.52 17.79 -19.34
CA GLY A 83 -3.39 16.51 -20.00
C GLY A 83 -1.98 16.28 -20.51
N MET A 84 -1.31 17.36 -20.89
CA MET A 84 0.05 17.27 -21.40
C MET A 84 1.02 16.96 -20.26
N VAL A 85 0.73 17.51 -19.09
CA VAL A 85 1.55 17.29 -17.91
C VAL A 85 1.41 15.86 -17.42
N LEU A 86 0.18 15.33 -17.54
CA LEU A 86 -0.13 13.97 -17.10
C LEU A 86 0.47 12.92 -18.05
N ASN A 87 1.21 13.36 -19.05
CA ASN A 87 1.85 12.44 -19.98
C ASN A 87 3.13 11.88 -19.35
N GLU A 88 3.74 12.68 -18.50
CA GLU A 88 4.96 12.30 -17.84
C GLU A 88 4.72 11.93 -16.38
N ARG A 89 5.79 11.83 -15.62
CA ARG A 89 5.70 11.48 -14.20
C ARG A 89 5.48 12.73 -13.37
N CYS A 90 4.40 13.44 -13.66
CA CYS A 90 4.08 14.67 -12.96
C CYS A 90 2.66 14.68 -12.43
N ILE A 91 2.46 15.34 -11.30
CA ILE A 91 1.15 15.47 -10.69
C ILE A 91 0.58 16.85 -11.04
N ALA A 92 -0.59 16.86 -11.64
CA ALA A 92 -1.21 18.12 -12.05
C ALA A 92 -2.44 18.45 -11.19
N GLU A 93 -2.52 19.70 -10.76
CA GLU A 93 -3.65 20.17 -9.97
C GLU A 93 -4.66 20.87 -10.87
N MET A 94 -5.89 20.95 -10.41
CA MET A 94 -6.97 21.58 -11.14
C MET A 94 -8.19 21.67 -10.21
N ARG A 95 -8.84 22.82 -10.21
CA ARG A 95 -10.02 23.04 -9.36
C ARG A 95 -11.15 22.08 -9.71
N THR A 96 -11.96 21.77 -8.72
CA THR A 96 -13.09 20.87 -8.90
C THR A 96 -14.19 21.53 -9.72
N GLY A 97 -14.15 21.32 -11.02
CA GLY A 97 -15.15 21.90 -11.90
C GLY A 97 -14.62 22.12 -13.29
N GLU A 98 -13.31 22.34 -13.40
CA GLU A 98 -12.67 22.58 -14.70
C GLU A 98 -12.72 21.32 -15.58
N GLY A 99 -12.98 20.17 -14.95
CA GLY A 99 -13.05 18.92 -15.69
C GLY A 99 -11.85 18.03 -15.45
N LYS A 100 -11.73 17.54 -14.23
CA LYS A 100 -10.60 16.67 -13.86
C LYS A 100 -10.59 15.40 -14.69
N THR A 101 -11.68 14.64 -14.63
CA THR A 101 -11.81 13.39 -15.36
C THR A 101 -11.75 13.60 -16.87
N LEU A 102 -12.32 14.72 -17.33
CA LEU A 102 -12.33 15.03 -18.75
C LEU A 102 -10.93 15.33 -19.28
N THR A 103 -10.07 15.82 -18.40
CA THR A 103 -8.70 16.15 -18.78
C THR A 103 -7.82 14.90 -18.83
N ALA A 104 -8.16 13.93 -17.99
CA ALA A 104 -7.39 12.68 -17.90
C ALA A 104 -7.49 11.82 -19.16
N THR A 105 -8.41 12.15 -20.05
CA THR A 105 -8.59 11.38 -21.29
C THR A 105 -7.49 11.67 -22.31
N LEU A 106 -6.88 12.85 -22.20
CA LEU A 106 -5.83 13.26 -23.13
C LEU A 106 -4.57 12.38 -22.99
N PRO A 107 -3.96 12.27 -21.79
CA PRO A 107 -2.76 11.46 -21.60
C PRO A 107 -3.04 9.98 -21.83
N ALA A 108 -4.30 9.59 -21.61
CA ALA A 108 -4.72 8.22 -21.79
C ALA A 108 -4.63 7.81 -23.26
N TYR A 109 -5.24 8.61 -24.12
CA TYR A 109 -5.23 8.35 -25.57
C TYR A 109 -3.80 8.34 -26.10
N LEU A 110 -3.02 9.32 -25.66
CA LEU A 110 -1.64 9.46 -26.08
C LEU A 110 -0.80 8.24 -25.71
N ASN A 111 -0.85 7.83 -24.45
CA ASN A 111 -0.06 6.70 -23.98
C ASN A 111 -0.62 5.38 -24.49
N ALA A 112 -1.91 5.35 -24.81
CA ALA A 112 -2.54 4.13 -25.30
C ALA A 112 -2.00 3.76 -26.68
N LEU A 113 -1.48 4.75 -27.39
CA LEU A 113 -0.92 4.54 -28.72
C LEU A 113 0.24 3.56 -28.70
N THR A 114 0.92 3.45 -27.57
CA THR A 114 2.05 2.52 -27.44
C THR A 114 1.58 1.07 -27.53
N GLY A 115 0.35 0.82 -27.11
CA GLY A 115 -0.19 -0.53 -27.16
C GLY A 115 0.17 -1.34 -25.94
N LYS A 116 0.64 -0.68 -24.89
CA LYS A 116 1.02 -1.35 -23.66
C LYS A 116 -0.13 -1.37 -22.67
N GLY A 117 -1.16 -0.59 -22.95
CA GLY A 117 -2.32 -0.53 -22.08
C GLY A 117 -2.19 0.49 -20.97
N VAL A 118 -3.10 1.45 -20.96
CA VAL A 118 -3.11 2.49 -19.95
C VAL A 118 -3.75 1.96 -18.67
N HIS A 119 -2.97 1.88 -17.62
CA HIS A 119 -3.46 1.39 -16.34
C HIS A 119 -4.10 2.51 -15.55
N VAL A 120 -5.41 2.68 -15.71
CA VAL A 120 -6.14 3.72 -15.01
C VAL A 120 -6.55 3.23 -13.63
N VAL A 121 -6.12 3.96 -12.61
CA VAL A 121 -6.41 3.62 -11.24
C VAL A 121 -7.41 4.60 -10.64
N THR A 122 -8.53 4.09 -10.17
CA THR A 122 -9.55 4.92 -9.57
C THR A 122 -9.73 4.61 -8.09
N VAL A 123 -10.08 5.62 -7.30
CA VAL A 123 -10.28 5.46 -5.86
C VAL A 123 -11.28 4.36 -5.54
N ASN A 124 -12.31 4.23 -6.35
CA ASN A 124 -13.33 3.22 -6.15
C ASN A 124 -13.79 2.64 -7.49
N ASP A 125 -14.54 1.55 -7.43
CA ASP A 125 -15.04 0.88 -8.63
C ASP A 125 -16.19 1.65 -9.25
N TYR A 126 -16.92 2.39 -8.44
CA TYR A 126 -18.06 3.18 -8.92
C TYR A 126 -17.62 4.13 -10.02
N LEU A 127 -16.58 4.92 -9.74
CA LEU A 127 -16.07 5.87 -10.72
C LEU A 127 -15.35 5.15 -11.85
N ALA A 128 -14.71 4.03 -11.52
CA ALA A 128 -13.99 3.23 -12.52
C ALA A 128 -14.94 2.75 -13.59
N GLN A 129 -16.04 2.11 -13.18
CA GLN A 129 -17.03 1.59 -14.11
C GLN A 129 -17.75 2.75 -14.81
N ARG A 130 -17.96 3.83 -14.06
CA ARG A 130 -18.64 5.01 -14.58
C ARG A 130 -17.90 5.56 -15.79
N ASP A 131 -16.64 5.92 -15.60
CA ASP A 131 -15.84 6.50 -16.67
C ASP A 131 -15.47 5.49 -17.75
N ALA A 132 -15.39 4.21 -17.38
CA ALA A 132 -15.06 3.16 -18.33
C ALA A 132 -16.08 3.11 -19.46
N GLU A 133 -17.35 3.19 -19.09
CA GLU A 133 -18.43 3.14 -20.06
C GLU A 133 -18.78 4.53 -20.59
N ASN A 134 -18.49 5.55 -19.79
CA ASN A 134 -18.77 6.93 -20.18
C ASN A 134 -17.83 7.41 -21.27
N ASN A 135 -16.54 7.15 -21.09
CA ASN A 135 -15.54 7.57 -22.05
C ASN A 135 -15.32 6.51 -23.12
N ARG A 136 -16.04 5.41 -23.02
CA ARG A 136 -15.92 4.31 -23.97
C ARG A 136 -16.27 4.75 -25.40
N PRO A 137 -17.43 5.42 -25.63
CA PRO A 137 -17.83 5.86 -26.98
C PRO A 137 -16.85 6.86 -27.59
N LEU A 138 -15.93 7.37 -26.79
CA LEU A 138 -14.94 8.32 -27.25
C LEU A 138 -13.67 7.58 -27.68
N PHE A 139 -13.18 6.71 -26.82
CA PHE A 139 -11.95 5.97 -27.10
C PHE A 139 -12.17 4.90 -28.17
N GLU A 140 -13.25 4.14 -28.07
CA GLU A 140 -13.54 3.09 -29.03
C GLU A 140 -13.83 3.68 -30.40
N PHE A 141 -14.28 4.93 -30.41
CA PHE A 141 -14.57 5.64 -31.65
C PHE A 141 -13.28 5.96 -32.38
N LEU A 142 -12.22 6.21 -31.61
CA LEU A 142 -10.93 6.53 -32.17
C LEU A 142 -10.15 5.26 -32.52
N GLY A 143 -10.62 4.12 -32.01
CA GLY A 143 -9.96 2.86 -32.28
C GLY A 143 -9.24 2.28 -31.08
N LEU A 144 -9.58 2.78 -29.90
CA LEU A 144 -8.95 2.29 -28.68
C LEU A 144 -9.89 1.35 -27.94
N THR A 145 -9.35 0.22 -27.50
CA THR A 145 -10.14 -0.75 -26.77
C THR A 145 -10.17 -0.42 -25.29
N VAL A 146 -11.37 -0.34 -24.72
CA VAL A 146 -11.53 -0.02 -23.31
C VAL A 146 -11.93 -1.26 -22.52
N GLY A 147 -11.19 -1.53 -21.45
CA GLY A 147 -11.48 -2.67 -20.61
C GLY A 147 -11.70 -2.28 -19.17
N ILE A 148 -12.57 -3.00 -18.48
CA ILE A 148 -12.86 -2.70 -17.08
C ILE A 148 -12.48 -3.89 -16.20
N ASN A 149 -11.67 -3.63 -15.19
CA ASN A 149 -11.22 -4.66 -14.27
C ASN A 149 -12.00 -4.57 -12.97
N LEU A 150 -12.81 -5.59 -12.70
CA LEU A 150 -13.61 -5.62 -11.49
C LEU A 150 -12.97 -6.51 -10.44
N PRO A 151 -13.05 -6.10 -9.17
CA PRO A 151 -12.47 -6.84 -8.05
C PRO A 151 -13.05 -8.24 -7.89
N GLY A 152 -12.27 -9.24 -8.25
CA GLY A 152 -12.70 -10.62 -8.14
C GLY A 152 -13.33 -11.17 -9.41
N MET A 153 -13.11 -10.49 -10.54
CA MET A 153 -13.65 -10.95 -11.80
C MET A 153 -12.82 -12.11 -12.34
N PRO A 154 -13.38 -12.92 -13.26
CA PRO A 154 -12.68 -14.09 -13.85
C PRO A 154 -11.32 -13.73 -14.43
N ALA A 155 -10.37 -14.65 -14.28
CA ALA A 155 -9.00 -14.47 -14.76
C ALA A 155 -8.96 -14.20 -16.28
N PRO A 156 -9.63 -15.01 -17.13
CA PRO A 156 -9.63 -14.79 -18.58
C PRO A 156 -10.17 -13.41 -18.95
N ALA A 157 -11.17 -12.94 -18.20
CA ALA A 157 -11.77 -11.64 -18.44
C ALA A 157 -10.76 -10.53 -18.15
N LYS A 158 -9.97 -10.71 -17.09
CA LYS A 158 -8.95 -9.73 -16.72
C LYS A 158 -7.94 -9.58 -17.85
N ARG A 159 -7.53 -10.71 -18.42
CA ARG A 159 -6.56 -10.72 -19.51
C ARG A 159 -7.10 -9.92 -20.70
N GLU A 160 -8.39 -10.06 -20.97
CA GLU A 160 -9.03 -9.35 -22.07
C GLU A 160 -9.07 -7.85 -21.81
N ALA A 161 -9.34 -7.49 -20.56
CA ALA A 161 -9.43 -6.09 -20.16
C ALA A 161 -8.05 -5.44 -20.10
N TYR A 162 -7.06 -6.18 -19.63
CA TYR A 162 -5.70 -5.66 -19.52
C TYR A 162 -5.01 -5.60 -20.88
N ALA A 163 -5.43 -6.45 -21.80
CA ALA A 163 -4.86 -6.49 -23.14
C ALA A 163 -5.45 -5.39 -24.01
N ALA A 164 -6.33 -4.59 -23.41
CA ALA A 164 -6.96 -3.49 -24.11
C ALA A 164 -6.02 -2.28 -24.10
N ASP A 165 -6.42 -1.21 -24.77
CA ASP A 165 -5.60 -0.01 -24.84
C ASP A 165 -5.70 0.78 -23.54
N ILE A 166 -6.87 0.74 -22.93
CA ILE A 166 -7.11 1.45 -21.68
C ILE A 166 -7.89 0.56 -20.71
N THR A 167 -7.31 0.33 -19.54
CA THR A 167 -7.95 -0.51 -18.53
C THR A 167 -8.29 0.28 -17.28
N TYR A 168 -9.56 0.28 -16.91
CA TYR A 168 -10.03 0.98 -15.73
C TYR A 168 -10.15 0.01 -14.56
N GLY A 169 -9.70 0.43 -13.39
CA GLY A 169 -9.78 -0.43 -12.22
C GLY A 169 -9.42 0.28 -10.93
N THR A 170 -9.67 -0.38 -9.81
CA THR A 170 -9.36 0.18 -8.50
C THR A 170 -7.94 -0.17 -8.08
N ASN A 171 -7.33 0.69 -7.27
CA ASN A 171 -5.95 0.50 -6.80
C ASN A 171 -5.77 -0.83 -6.06
N ASN A 172 -6.74 -1.18 -5.22
CA ASN A 172 -6.68 -2.42 -4.45
C ASN A 172 -6.57 -3.64 -5.36
N GLU A 173 -7.51 -3.76 -6.30
CA GLU A 173 -7.52 -4.89 -7.23
C GLU A 173 -6.29 -4.88 -8.13
N TYR A 174 -5.88 -3.68 -8.55
CA TYR A 174 -4.71 -3.53 -9.41
C TYR A 174 -3.47 -4.11 -8.75
N GLY A 175 -3.34 -3.90 -7.45
CA GLY A 175 -2.21 -4.43 -6.71
C GLY A 175 -2.35 -5.91 -6.46
N PHE A 176 -3.55 -6.34 -6.09
CA PHE A 176 -3.84 -7.74 -5.82
C PHE A 176 -3.61 -8.58 -7.07
N ASP A 177 -3.99 -8.01 -8.22
CA ASP A 177 -3.82 -8.68 -9.51
C ASP A 177 -2.36 -9.00 -9.75
N TYR A 178 -1.49 -8.02 -9.47
CA TYR A 178 -0.06 -8.19 -9.65
C TYR A 178 0.47 -9.31 -8.75
N LEU A 179 -0.06 -9.37 -7.53
CA LEU A 179 0.35 -10.38 -6.57
C LEU A 179 -0.03 -11.78 -7.06
N ARG A 180 -1.26 -11.92 -7.54
CA ARG A 180 -1.74 -13.21 -8.04
C ARG A 180 -1.04 -13.56 -9.35
N ASP A 181 -0.78 -12.54 -10.15
CA ASP A 181 -0.12 -12.70 -11.44
C ASP A 181 1.29 -13.26 -11.29
N ASN A 182 2.06 -12.65 -10.41
CA ASN A 182 3.44 -13.06 -10.18
C ASN A 182 3.54 -14.31 -9.30
N MET A 183 2.41 -14.82 -8.86
CA MET A 183 2.39 -16.02 -8.01
C MET A 183 1.93 -17.24 -8.82
N ALA A 184 1.86 -17.07 -10.13
CA ALA A 184 1.43 -18.15 -11.00
C ALA A 184 2.55 -19.15 -11.24
N PHE A 185 2.20 -20.32 -11.78
CA PHE A 185 3.19 -21.35 -12.05
C PHE A 185 3.51 -21.41 -13.55
N SER A 186 2.54 -20.97 -14.35
CA SER A 186 2.71 -20.92 -15.79
C SER A 186 2.60 -19.47 -16.26
N PRO A 187 3.46 -19.05 -17.19
CA PRO A 187 3.46 -17.68 -17.71
C PRO A 187 2.13 -17.30 -18.38
N GLU A 188 1.40 -18.31 -18.84
CA GLU A 188 0.11 -18.09 -19.50
C GLU A 188 -0.99 -17.81 -18.48
N GLU A 189 -0.70 -18.08 -17.21
CA GLU A 189 -1.68 -17.87 -16.14
C GLU A 189 -1.69 -16.41 -15.70
N ARG A 190 -0.77 -15.61 -16.27
CA ARG A 190 -0.67 -14.20 -15.94
C ARG A 190 -1.94 -13.45 -16.33
N VAL A 191 -2.16 -12.31 -15.71
CA VAL A 191 -3.33 -11.49 -15.98
C VAL A 191 -2.94 -10.02 -16.16
N GLN A 192 -1.72 -9.69 -15.74
CA GLN A 192 -1.23 -8.32 -15.84
C GLN A 192 -0.49 -8.09 -17.16
N ARG A 193 -0.30 -6.81 -17.48
CA ARG A 193 0.41 -6.41 -18.69
C ARG A 193 1.57 -5.53 -18.29
N LYS A 194 2.40 -5.15 -19.27
CA LYS A 194 3.57 -4.30 -19.00
C LYS A 194 3.16 -3.00 -18.29
N LEU A 195 3.78 -2.76 -17.14
CA LEU A 195 3.50 -1.57 -16.35
C LEU A 195 4.25 -0.37 -16.92
N HIS A 196 3.78 0.12 -18.07
CA HIS A 196 4.41 1.26 -18.72
C HIS A 196 3.84 2.58 -18.22
N TYR A 197 2.53 2.73 -18.28
CA TYR A 197 1.90 3.97 -17.86
C TYR A 197 0.76 3.72 -16.88
N ALA A 198 0.68 4.57 -15.86
CA ALA A 198 -0.35 4.49 -14.85
C ALA A 198 -1.00 5.85 -14.66
N LEU A 199 -2.31 5.87 -14.58
CA LEU A 199 -3.05 7.12 -14.43
C LEU A 199 -4.07 6.99 -13.30
N VAL A 200 -3.83 7.68 -12.19
CA VAL A 200 -4.73 7.62 -11.05
C VAL A 200 -5.56 8.92 -10.94
N ASP A 201 -6.84 8.78 -10.60
CA ASP A 201 -7.74 9.93 -10.49
C ASP A 201 -7.42 10.79 -9.26
N GLU A 202 -7.10 10.16 -8.14
CA GLU A 202 -6.79 10.89 -6.93
C GLU A 202 -5.55 10.32 -6.24
N VAL A 203 -4.49 11.11 -6.21
CA VAL A 203 -3.25 10.67 -5.58
C VAL A 203 -3.28 10.93 -4.08
N ASP A 204 -4.23 11.75 -3.65
CA ASP A 204 -4.37 12.11 -2.23
C ASP A 204 -4.50 10.87 -1.35
N SER A 205 -5.64 10.20 -1.44
CA SER A 205 -5.88 9.02 -0.62
C SER A 205 -5.15 7.79 -1.14
N ILE A 206 -5.06 7.64 -2.45
CA ILE A 206 -4.42 6.46 -3.04
C ILE A 206 -2.89 6.43 -2.87
N LEU A 207 -2.22 7.55 -3.10
CA LEU A 207 -0.77 7.56 -3.01
C LEU A 207 -0.26 7.97 -1.63
N ILE A 208 -0.74 9.09 -1.11
CA ILE A 208 -0.29 9.58 0.18
C ILE A 208 -0.81 8.75 1.35
N ASP A 209 -2.12 8.63 1.45
CA ASP A 209 -2.73 7.90 2.56
C ASP A 209 -2.51 6.39 2.48
N GLU A 210 -2.58 5.83 1.28
CA GLU A 210 -2.40 4.38 1.11
C GLU A 210 -0.95 4.02 0.82
N ALA A 211 -0.04 4.93 1.15
CA ALA A 211 1.39 4.69 0.92
C ALA A 211 1.90 3.47 1.69
N ARG A 212 1.62 3.43 2.98
CA ARG A 212 2.09 2.34 3.83
C ARG A 212 1.00 1.28 4.02
N THR A 213 0.17 1.10 3.00
CA THR A 213 -0.89 0.11 3.05
C THR A 213 -0.48 -1.13 2.25
N PRO A 214 -0.13 -2.22 2.94
CA PRO A 214 0.27 -3.46 2.32
C PRO A 214 -0.90 -4.42 2.11
N LEU A 215 -0.98 -4.96 0.91
CA LEU A 215 -2.04 -5.91 0.57
C LEU A 215 -1.71 -7.27 1.15
N ILE A 216 -2.40 -7.63 2.22
CA ILE A 216 -2.17 -8.90 2.90
C ILE A 216 -2.97 -10.04 2.28
N ILE A 217 -2.25 -11.08 1.86
CA ILE A 217 -2.88 -12.26 1.29
C ILE A 217 -2.83 -13.40 2.31
N SER A 218 -3.94 -14.10 2.47
CA SER A 218 -4.03 -15.20 3.41
C SER A 218 -4.30 -16.52 2.68
N GLY A 219 -4.13 -17.63 3.37
CA GLY A 219 -4.35 -18.92 2.75
C GLY A 219 -5.27 -19.81 3.55
N PRO A 220 -5.88 -20.81 2.91
CA PRO A 220 -6.80 -21.75 3.58
C PRO A 220 -6.05 -22.80 4.40
N ALA A 221 -4.79 -23.02 4.06
CA ALA A 221 -3.96 -23.98 4.74
C ALA A 221 -2.64 -23.32 5.11
N GLU A 222 -2.68 -22.43 6.08
CA GLU A 222 -1.49 -21.70 6.50
C GLU A 222 -0.64 -22.53 7.47
N ASP A 223 -0.63 -22.13 8.74
CA ASP A 223 0.19 -22.81 9.75
C ASP A 223 -0.32 -24.22 10.04
N SER A 224 0.41 -24.96 10.86
CA SER A 224 0.04 -26.32 11.19
C SER A 224 0.33 -26.64 12.65
N SER A 225 -0.55 -27.46 13.22
CA SER A 225 -0.44 -27.89 14.60
C SER A 225 0.90 -28.57 14.88
N GLU A 226 1.38 -29.30 13.88
CA GLU A 226 2.62 -30.05 13.95
C GLU A 226 3.80 -29.20 14.45
N MET A 227 3.91 -27.96 13.98
CA MET A 227 5.01 -27.10 14.39
C MET A 227 4.86 -26.63 15.83
N TYR A 228 3.76 -25.96 16.12
CA TYR A 228 3.50 -25.42 17.44
C TYR A 228 3.54 -26.50 18.52
N LYS A 229 2.98 -27.67 18.22
CA LYS A 229 2.96 -28.77 19.17
C LYS A 229 4.36 -29.32 19.41
N ARG A 230 5.15 -29.41 18.34
CA ARG A 230 6.51 -29.92 18.45
C ARG A 230 7.38 -28.98 19.26
N VAL A 231 7.22 -27.68 19.02
CA VAL A 231 7.99 -26.67 19.73
C VAL A 231 7.62 -26.61 21.21
N ASN A 232 6.33 -26.68 21.50
CA ASN A 232 5.85 -26.61 22.88
C ASN A 232 6.02 -27.95 23.60
N LYS A 233 6.69 -28.89 22.95
CA LYS A 233 6.91 -30.21 23.52
C LYS A 233 8.20 -30.25 24.36
N ILE A 234 9.14 -29.38 24.03
CA ILE A 234 10.42 -29.34 24.75
C ILE A 234 10.34 -28.42 25.98
N ILE A 235 9.35 -27.54 26.00
CA ILE A 235 9.19 -26.60 27.10
C ILE A 235 8.90 -27.29 28.45
N PRO A 236 7.94 -28.25 28.52
CA PRO A 236 7.63 -28.95 29.78
C PRO A 236 8.78 -29.81 30.28
N HIS A 237 9.84 -29.92 29.49
CA HIS A 237 11.00 -30.72 29.86
C HIS A 237 11.93 -29.92 30.77
N LEU A 238 11.73 -28.62 30.81
CA LEU A 238 12.54 -27.74 31.64
C LEU A 238 11.91 -27.56 33.01
N ILE A 239 12.70 -27.09 33.98
CA ILE A 239 12.23 -26.89 35.33
C ILE A 239 12.25 -25.40 35.69
N ARG A 240 11.31 -24.97 36.53
CA ARG A 240 11.23 -23.57 36.91
C ARG A 240 12.30 -23.21 37.94
N GLN A 241 13.29 -22.47 37.47
CA GLN A 241 14.42 -21.99 38.27
C GLN A 241 15.48 -21.40 37.34
N GLU A 242 15.54 -21.95 36.13
CA GLU A 242 16.49 -21.53 35.11
C GLU A 242 16.28 -22.36 33.86
N LYS A 243 16.82 -21.87 32.73
CA LYS A 243 16.75 -22.55 31.43
C LYS A 243 15.38 -22.42 30.78
N GLU A 244 15.18 -21.27 30.15
CA GLU A 244 13.94 -20.93 29.42
C GLU A 244 12.67 -21.29 30.18
N ASP A 245 12.70 -21.13 31.49
CA ASP A 245 11.54 -21.43 32.32
C ASP A 245 10.71 -20.18 32.57
N SER A 246 11.38 -19.06 32.67
CA SER A 246 10.71 -17.80 32.93
C SER A 246 10.81 -16.86 31.73
N GLU A 247 10.12 -15.74 31.81
CA GLU A 247 10.13 -14.77 30.73
C GLU A 247 11.33 -13.85 30.85
N THR A 248 11.89 -13.76 32.05
CA THR A 248 13.08 -12.94 32.29
C THR A 248 13.87 -13.44 33.49
N PHE A 249 13.29 -13.30 34.68
CA PHE A 249 13.93 -13.72 35.94
C PHE A 249 15.22 -12.93 36.19
N GLN A 250 16.32 -13.40 35.60
CA GLN A 250 17.64 -12.77 35.73
C GLN A 250 18.08 -12.73 37.19
N GLY A 251 19.07 -11.89 37.48
CA GLY A 251 19.58 -11.76 38.83
C GLY A 251 18.67 -10.92 39.70
N GLU A 252 17.64 -10.34 39.08
CA GLU A 252 16.70 -9.50 39.80
C GLU A 252 15.62 -10.37 40.44
N GLY A 253 14.79 -10.99 39.62
CA GLY A 253 13.73 -11.84 40.12
C GLY A 253 12.67 -11.06 40.87
N HIS A 254 12.10 -11.71 41.87
CA HIS A 254 11.04 -11.12 42.69
C HIS A 254 10.94 -11.89 43.99
N PHE A 255 10.49 -11.24 45.07
CA PHE A 255 10.35 -11.94 46.35
C PHE A 255 9.16 -12.89 46.32
N SER A 256 8.77 -13.39 47.50
CA SER A 256 7.67 -14.34 47.63
C SER A 256 6.30 -13.73 47.30
N VAL A 257 6.08 -13.43 46.02
CA VAL A 257 4.81 -12.87 45.52
C VAL A 257 4.66 -13.24 44.05
N ASP A 258 5.12 -14.44 43.71
CA ASP A 258 5.09 -14.96 42.35
C ASP A 258 6.14 -14.26 41.49
N GLU A 259 6.42 -14.80 40.31
CA GLU A 259 7.41 -14.21 39.43
C GLU A 259 6.85 -13.95 38.04
N LYS A 260 5.52 -14.05 37.90
CA LYS A 260 4.88 -13.81 36.61
C LYS A 260 4.97 -12.34 36.23
N SER A 261 5.70 -12.04 35.18
CA SER A 261 5.87 -10.67 34.73
C SER A 261 4.74 -10.26 33.79
N ARG A 262 3.57 -9.96 34.36
CA ARG A 262 2.41 -9.55 33.57
C ARG A 262 2.61 -8.18 32.94
N GLN A 263 3.77 -7.59 33.20
CA GLN A 263 4.11 -6.28 32.65
C GLN A 263 4.45 -6.39 31.17
N VAL A 264 4.68 -7.62 30.72
CA VAL A 264 5.02 -7.90 29.31
C VAL A 264 6.35 -7.26 28.93
N ASN A 265 7.43 -8.02 29.04
CA ASN A 265 8.75 -7.52 28.70
C ASN A 265 9.31 -8.23 27.45
N LEU A 266 9.85 -9.44 27.64
CA LEU A 266 10.42 -10.22 26.55
C LEU A 266 11.57 -9.47 25.87
N THR A 267 12.75 -9.56 26.46
CA THR A 267 13.92 -8.88 25.93
C THR A 267 15.11 -9.83 25.88
N GLU A 268 16.06 -9.55 24.98
CA GLU A 268 17.24 -10.38 24.79
C GLU A 268 18.25 -10.18 25.93
N ARG A 269 17.94 -10.71 27.11
CA ARG A 269 18.84 -10.59 28.24
C ARG A 269 19.36 -11.96 28.66
N GLY A 270 20.25 -11.97 29.64
CA GLY A 270 20.81 -13.23 30.12
C GLY A 270 21.94 -13.71 29.22
N LEU A 271 21.61 -13.93 27.96
CA LEU A 271 22.58 -14.39 26.94
C LEU A 271 22.96 -15.86 27.15
N VAL A 272 23.28 -16.22 28.38
CA VAL A 272 23.66 -17.60 28.71
C VAL A 272 22.48 -18.56 28.51
N LEU A 273 21.28 -18.00 28.45
CA LEU A 273 20.07 -18.80 28.27
C LEU A 273 20.01 -19.43 26.88
N ILE A 274 20.39 -18.66 25.86
CA ILE A 274 20.36 -19.17 24.49
C ILE A 274 21.30 -20.36 24.31
N GLU A 275 22.28 -20.48 25.21
CA GLU A 275 23.23 -21.57 25.18
C GLU A 275 22.55 -22.87 25.61
N GLU A 276 21.49 -22.73 26.39
CA GLU A 276 20.74 -23.88 26.89
C GLU A 276 19.65 -24.25 25.89
N LEU A 277 19.08 -23.23 25.26
CA LEU A 277 18.03 -23.42 24.26
C LEU A 277 18.58 -24.18 23.06
N LEU A 278 19.78 -23.79 22.62
CA LEU A 278 20.42 -24.43 21.48
C LEU A 278 20.87 -25.84 21.80
N VAL A 279 21.34 -26.56 20.78
CA VAL A 279 21.81 -27.94 20.92
C VAL A 279 20.61 -28.88 21.19
N LYS A 280 20.81 -30.18 20.97
CA LYS A 280 19.77 -31.21 21.16
C LYS A 280 18.62 -31.04 20.15
N GLU A 281 17.64 -31.95 20.24
CA GLU A 281 16.47 -31.95 19.35
C GLU A 281 16.82 -32.40 17.93
N GLY A 282 15.78 -32.61 17.13
CA GLY A 282 15.98 -33.07 15.76
C GLY A 282 16.16 -31.93 14.78
N ILE A 283 15.82 -30.72 15.19
CA ILE A 283 15.97 -29.56 14.31
C ILE A 283 17.39 -29.02 14.34
N MET A 284 17.92 -28.69 13.15
CA MET A 284 19.27 -28.16 12.99
C MET A 284 20.35 -29.16 13.41
N ASP A 285 21.04 -29.73 12.44
CA ASP A 285 22.11 -30.69 12.73
C ASP A 285 23.43 -29.98 12.94
N GLU A 286 23.53 -28.77 12.43
CA GLU A 286 24.74 -27.97 12.56
C GLU A 286 24.69 -27.12 13.83
N GLY A 287 25.74 -26.35 14.05
CA GLY A 287 25.81 -25.50 15.23
C GLY A 287 25.56 -24.05 14.90
N GLU A 288 24.34 -23.75 14.52
CA GLU A 288 23.95 -22.39 14.15
C GLU A 288 23.32 -21.67 15.34
N SER A 289 23.36 -20.34 15.32
CA SER A 289 22.79 -19.53 16.39
C SER A 289 21.32 -19.21 16.09
N LEU A 290 20.44 -19.56 17.03
CA LEU A 290 19.00 -19.34 16.85
C LEU A 290 18.62 -17.87 17.05
N TYR A 291 19.53 -17.07 17.60
CA TYR A 291 19.23 -15.66 17.83
C TYR A 291 19.69 -14.79 16.66
N SER A 292 20.15 -15.44 15.60
CA SER A 292 20.61 -14.72 14.41
C SER A 292 19.41 -14.21 13.60
N PRO A 293 19.61 -13.15 12.80
CA PRO A 293 18.54 -12.55 11.99
C PRO A 293 17.85 -13.55 11.06
N ALA A 294 18.60 -14.56 10.62
CA ALA A 294 18.05 -15.57 9.72
C ALA A 294 17.26 -16.63 10.49
N ASN A 295 17.31 -16.55 11.81
CA ASN A 295 16.61 -17.53 12.65
C ASN A 295 15.57 -16.82 13.52
N ILE A 296 15.38 -15.54 13.28
CA ILE A 296 14.43 -14.74 14.05
C ILE A 296 13.00 -15.28 13.90
N MET A 297 12.74 -15.98 12.80
CA MET A 297 11.42 -16.56 12.55
C MET A 297 11.11 -17.61 13.62
N LEU A 298 12.05 -18.51 13.83
CA LEU A 298 11.91 -19.57 14.81
C LEU A 298 11.98 -18.97 16.22
N MET A 299 12.92 -18.04 16.39
CA MET A 299 13.12 -17.36 17.67
C MET A 299 11.83 -16.67 18.13
N HIS A 300 11.16 -15.99 17.21
CA HIS A 300 9.92 -15.30 17.54
C HIS A 300 8.82 -16.29 17.92
N HIS A 301 8.82 -17.47 17.28
CA HIS A 301 7.82 -18.48 17.56
C HIS A 301 8.06 -19.17 18.91
N VAL A 302 9.33 -19.45 19.23
CA VAL A 302 9.66 -20.09 20.49
C VAL A 302 9.43 -19.12 21.66
N THR A 303 9.71 -17.84 21.43
CA THR A 303 9.52 -16.82 22.45
C THR A 303 8.03 -16.69 22.76
N ALA A 304 7.21 -16.84 21.72
CA ALA A 304 5.77 -16.76 21.86
C ALA A 304 5.26 -17.91 22.70
N ALA A 305 5.94 -19.06 22.57
CA ALA A 305 5.58 -20.25 23.31
C ALA A 305 5.97 -20.11 24.77
N LEU A 306 7.07 -19.41 25.01
CA LEU A 306 7.55 -19.20 26.37
C LEU A 306 6.62 -18.24 27.12
N ARG A 307 6.26 -17.14 26.48
CA ARG A 307 5.38 -16.16 27.11
C ARG A 307 4.00 -16.76 27.37
N ALA A 308 3.63 -17.76 26.58
CA ALA A 308 2.33 -18.42 26.75
C ALA A 308 2.37 -19.39 27.92
N HIS A 309 3.50 -19.43 28.61
CA HIS A 309 3.66 -20.30 29.76
C HIS A 309 3.87 -19.49 31.03
N ALA A 310 3.82 -18.17 30.91
CA ALA A 310 4.01 -17.28 32.04
C ALA A 310 3.05 -16.10 31.98
N LEU A 311 3.03 -15.41 30.84
CA LEU A 311 2.16 -14.26 30.65
C LEU A 311 0.70 -14.70 30.63
N PHE A 312 0.43 -15.79 29.93
CA PHE A 312 -0.92 -16.32 29.84
C PHE A 312 -1.10 -17.47 30.83
N THR A 313 -1.67 -17.16 31.97
CA THR A 313 -1.90 -18.16 33.00
C THR A 313 -3.25 -18.84 32.77
N ARG A 314 -3.28 -20.15 32.90
CA ARG A 314 -4.51 -20.91 32.70
C ARG A 314 -5.58 -20.46 33.69
N ASP A 315 -6.84 -20.50 33.24
CA ASP A 315 -8.01 -20.15 34.06
C ASP A 315 -8.24 -18.65 34.14
N VAL A 316 -7.20 -17.89 34.49
CA VAL A 316 -7.34 -16.45 34.63
C VAL A 316 -7.18 -15.70 33.30
N ASP A 317 -6.29 -16.18 32.44
CA ASP A 317 -6.07 -15.51 31.15
C ASP A 317 -6.87 -16.19 30.05
N TYR A 318 -6.99 -17.50 30.15
CA TYR A 318 -7.73 -18.26 29.15
C TYR A 318 -8.32 -19.51 29.77
N ILE A 319 -9.49 -19.90 29.29
CA ILE A 319 -10.15 -21.10 29.77
C ILE A 319 -10.39 -22.04 28.60
N VAL A 320 -10.06 -23.30 28.79
CA VAL A 320 -10.23 -24.30 27.75
C VAL A 320 -11.45 -25.16 28.01
N LYS A 321 -12.28 -25.31 27.00
CA LYS A 321 -13.49 -26.12 27.10
C LYS A 321 -13.77 -26.81 25.77
N ASP A 322 -13.95 -28.13 25.82
CA ASP A 322 -14.23 -28.97 24.65
C ASP A 322 -13.27 -28.71 23.48
N GLY A 323 -12.03 -28.32 23.80
CA GLY A 323 -11.05 -28.08 22.76
C GLY A 323 -11.02 -26.63 22.30
N GLU A 324 -11.91 -25.83 22.83
CA GLU A 324 -11.98 -24.42 22.47
C GLU A 324 -11.30 -23.57 23.54
N VAL A 325 -10.53 -22.59 23.08
CA VAL A 325 -9.82 -21.70 23.98
C VAL A 325 -10.50 -20.34 24.05
N ILE A 326 -11.02 -20.00 25.22
CA ILE A 326 -11.69 -18.72 25.42
C ILE A 326 -10.83 -17.78 26.25
N ILE A 327 -10.66 -16.55 25.76
CA ILE A 327 -9.87 -15.57 26.46
C ILE A 327 -10.67 -14.99 27.63
N VAL A 328 -10.08 -15.04 28.81
CA VAL A 328 -10.73 -14.53 30.01
C VAL A 328 -10.18 -13.16 30.37
N ASP A 329 -11.07 -12.18 30.44
CA ASP A 329 -10.68 -10.82 30.78
C ASP A 329 -10.51 -10.70 32.29
N GLU A 330 -9.32 -10.33 32.72
CA GLU A 330 -9.01 -10.22 34.14
C GLU A 330 -9.45 -8.86 34.71
N HIS A 331 -9.78 -7.92 33.83
CA HIS A 331 -10.17 -6.58 34.28
C HIS A 331 -11.60 -6.57 34.81
N THR A 332 -12.54 -7.09 34.03
CA THR A 332 -13.94 -7.09 34.45
C THR A 332 -14.48 -8.51 34.65
N GLY A 333 -13.71 -9.50 34.21
CA GLY A 333 -14.14 -10.88 34.35
C GLY A 333 -15.03 -11.31 33.20
N ARG A 334 -14.80 -10.72 32.03
CA ARG A 334 -15.60 -11.04 30.85
C ARG A 334 -15.01 -12.23 30.11
N THR A 335 -15.82 -12.86 29.27
CA THR A 335 -15.38 -14.00 28.49
C THR A 335 -15.39 -13.66 27.00
N MET A 336 -14.21 -13.67 26.38
CA MET A 336 -14.10 -13.37 24.96
C MET A 336 -13.66 -14.59 24.17
N GLN A 337 -14.61 -15.24 23.53
CA GLN A 337 -14.32 -16.44 22.74
C GLN A 337 -14.11 -16.09 21.27
N GLY A 338 -14.72 -14.99 20.84
CA GLY A 338 -14.59 -14.57 19.46
C GLY A 338 -13.53 -13.52 19.25
N ARG A 339 -12.35 -13.76 19.79
CA ARG A 339 -11.24 -12.83 19.64
C ARG A 339 -9.95 -13.56 19.31
N ARG A 340 -9.53 -13.45 18.07
CA ARG A 340 -8.31 -14.13 17.61
C ARG A 340 -7.14 -13.15 17.55
N TRP A 341 -6.34 -13.13 18.61
CA TRP A 341 -5.16 -12.26 18.65
C TRP A 341 -4.06 -12.82 17.75
N SER A 342 -3.31 -11.93 17.11
CA SER A 342 -2.24 -12.35 16.20
C SER A 342 -0.89 -12.47 16.91
N ASP A 343 0.18 -12.62 16.11
CA ASP A 343 1.57 -12.74 16.58
C ASP A 343 1.84 -14.08 17.25
N GLY A 344 1.07 -14.40 18.29
CA GLY A 344 1.25 -15.66 18.98
C GLY A 344 1.00 -15.56 20.47
N LEU A 345 -0.19 -15.12 20.84
CA LEU A 345 -0.55 -14.98 22.24
C LEU A 345 -1.31 -16.20 22.74
N HIS A 346 -1.98 -16.88 21.82
CA HIS A 346 -2.77 -18.06 22.15
C HIS A 346 -2.42 -19.22 21.25
N GLN A 347 -1.69 -18.91 20.18
CA GLN A 347 -1.27 -19.91 19.21
C GLN A 347 -0.42 -21.00 19.86
N ALA A 348 0.36 -20.60 20.86
CA ALA A 348 1.19 -21.54 21.60
C ALA A 348 0.36 -22.21 22.69
N VAL A 349 -0.71 -21.52 23.08
CA VAL A 349 -1.61 -22.04 24.11
C VAL A 349 -2.33 -23.28 23.58
N GLU A 350 -2.78 -23.18 22.33
CA GLU A 350 -3.47 -24.28 21.66
C GLU A 350 -2.52 -25.47 21.49
N ALA A 351 -1.22 -25.19 21.60
CA ALA A 351 -0.21 -26.23 21.45
C ALA A 351 0.16 -26.85 22.79
N LYS A 352 0.17 -26.04 23.84
CA LYS A 352 0.52 -26.54 25.17
C LYS A 352 -0.63 -27.36 25.75
N GLU A 353 -1.85 -26.93 25.49
CA GLU A 353 -3.03 -27.63 25.98
C GLU A 353 -3.39 -28.78 25.06
N GLY A 354 -4.22 -29.69 25.54
CA GLY A 354 -4.63 -30.83 24.75
C GLY A 354 -5.81 -30.49 23.85
N VAL A 355 -5.69 -29.39 23.10
CA VAL A 355 -6.74 -28.95 22.21
C VAL A 355 -6.28 -29.02 20.75
N GLN A 356 -7.16 -28.70 19.83
CA GLN A 356 -6.83 -28.73 18.42
C GLN A 356 -6.38 -27.35 17.94
N ILE A 357 -5.09 -27.23 17.66
CA ILE A 357 -4.54 -25.97 17.18
C ILE A 357 -5.17 -25.59 15.85
N GLN A 358 -5.68 -24.38 15.76
CA GLN A 358 -6.31 -23.90 14.54
C GLN A 358 -5.28 -23.69 13.43
N ASN A 359 -5.76 -23.53 12.21
CA ASN A 359 -4.88 -23.32 11.06
C ASN A 359 -4.27 -21.92 11.10
N GLU A 360 -4.90 -21.04 11.87
CA GLU A 360 -4.45 -19.66 12.05
C GLU A 360 -4.63 -18.82 10.80
N ASN A 361 -4.21 -17.58 10.88
CA ASN A 361 -4.30 -16.64 9.78
C ASN A 361 -3.22 -15.58 9.92
N GLN A 362 -2.14 -15.75 9.19
CA GLN A 362 -1.02 -14.84 9.24
C GLN A 362 -0.90 -14.05 7.93
N THR A 363 0.04 -14.44 7.08
CA THR A 363 0.26 -13.77 5.81
C THR A 363 1.08 -14.63 4.85
N LEU A 364 0.69 -14.65 3.59
CA LEU A 364 1.41 -15.39 2.57
C LEU A 364 2.34 -14.44 1.84
N ALA A 365 1.75 -13.45 1.18
CA ALA A 365 2.50 -12.45 0.44
C ALA A 365 1.88 -11.08 0.68
N SER A 366 2.68 -10.03 0.55
CA SER A 366 2.19 -8.68 0.77
C SER A 366 3.04 -7.66 0.03
N ILE A 367 2.38 -6.60 -0.44
CA ILE A 367 3.07 -5.53 -1.16
C ILE A 367 2.39 -4.20 -0.84
N THR A 368 3.19 -3.16 -0.69
CA THR A 368 2.67 -1.83 -0.39
C THR A 368 2.36 -1.09 -1.69
N PHE A 369 1.32 -0.26 -1.68
CA PHE A 369 0.95 0.50 -2.86
C PHE A 369 2.12 1.36 -3.32
N GLN A 370 2.81 1.95 -2.36
CA GLN A 370 3.96 2.80 -2.64
C GLN A 370 5.00 2.04 -3.46
N ASN A 371 5.23 0.79 -3.10
CA ASN A 371 6.20 -0.04 -3.80
C ASN A 371 5.64 -0.56 -5.12
N TYR A 372 4.33 -0.76 -5.16
CA TYR A 372 3.66 -1.23 -6.36
C TYR A 372 3.71 -0.18 -7.45
N PHE A 373 3.34 1.05 -7.09
CA PHE A 373 3.34 2.16 -8.04
C PHE A 373 4.77 2.61 -8.36
N ARG A 374 5.70 2.20 -7.50
CA ARG A 374 7.11 2.53 -7.69
C ARG A 374 7.68 1.77 -8.89
N LEU A 375 7.06 0.64 -9.22
CA LEU A 375 7.49 -0.19 -10.33
C LEU A 375 7.02 0.37 -11.67
N TYR A 376 6.11 1.32 -11.63
CA TYR A 376 5.58 1.92 -12.85
C TYR A 376 6.54 2.98 -13.38
N GLU A 377 6.72 3.00 -14.70
CA GLU A 377 7.59 3.97 -15.35
C GLU A 377 6.96 5.35 -15.34
N LYS A 378 5.94 5.54 -16.18
CA LYS A 378 5.24 6.80 -16.24
C LYS A 378 4.06 6.78 -15.29
N LEU A 379 4.31 7.22 -14.06
CA LEU A 379 3.27 7.27 -13.04
C LEU A 379 2.73 8.69 -12.92
N ALA A 380 1.52 8.89 -13.42
CA ALA A 380 0.89 10.20 -13.38
C ALA A 380 -0.45 10.13 -12.66
N GLY A 381 -0.93 11.28 -12.22
CA GLY A 381 -2.19 11.33 -11.53
C GLY A 381 -2.57 12.74 -11.13
N MET A 382 -3.78 12.90 -10.63
CA MET A 382 -4.26 14.20 -10.21
C MET A 382 -4.44 14.25 -8.70
N THR A 383 -4.31 15.44 -8.15
CA THR A 383 -4.47 15.64 -6.72
C THR A 383 -5.59 16.65 -6.48
N GLY A 384 -5.82 17.00 -5.23
CA GLY A 384 -6.84 17.98 -4.92
C GLY A 384 -6.24 19.31 -4.52
N THR A 385 -7.05 20.35 -4.51
CA THR A 385 -6.60 21.68 -4.12
C THR A 385 -6.32 21.72 -2.63
N ALA A 386 -5.21 21.12 -2.23
CA ALA A 386 -4.83 21.05 -0.84
C ALA A 386 -3.38 21.45 -0.62
N ASP A 387 -2.49 20.87 -1.42
CA ASP A 387 -1.05 21.14 -1.32
C ASP A 387 -0.54 20.59 0.01
N THR A 388 0.36 21.32 0.67
CA THR A 388 0.92 20.91 1.96
C THR A 388 1.85 19.70 1.80
N GLU A 389 1.28 18.51 1.66
CA GLU A 389 2.05 17.27 1.53
C GLU A 389 2.53 17.08 0.08
N ALA A 390 2.47 18.14 -0.70
CA ALA A 390 2.88 18.09 -2.10
C ALA A 390 4.39 17.87 -2.23
N PHE A 391 5.13 18.23 -1.20
CA PHE A 391 6.58 18.06 -1.21
C PHE A 391 6.98 16.60 -1.00
N GLU A 392 6.01 15.78 -0.62
CA GLU A 392 6.26 14.37 -0.39
C GLU A 392 6.08 13.56 -1.67
N PHE A 393 5.47 14.17 -2.67
CA PHE A 393 5.25 13.50 -3.94
C PHE A 393 6.59 13.12 -4.59
N SER A 394 7.48 14.10 -4.70
CA SER A 394 8.78 13.89 -5.28
C SER A 394 9.72 13.14 -4.32
N SER A 395 9.40 13.19 -3.04
CA SER A 395 10.22 12.54 -2.04
C SER A 395 9.93 11.04 -1.93
N ILE A 396 8.66 10.69 -1.86
CA ILE A 396 8.27 9.29 -1.72
C ILE A 396 8.12 8.57 -3.06
N TYR A 397 7.21 9.05 -3.90
CA TYR A 397 6.94 8.41 -5.18
C TYR A 397 7.81 8.97 -6.31
N LYS A 398 8.59 10.00 -5.99
CA LYS A 398 9.46 10.65 -6.98
C LYS A 398 8.63 11.20 -8.14
N LEU A 399 7.63 12.00 -7.81
CA LEU A 399 6.75 12.59 -8.83
C LEU A 399 6.97 14.09 -8.92
N ASP A 400 6.86 14.60 -10.15
CA ASP A 400 7.01 16.03 -10.40
C ASP A 400 5.70 16.74 -10.03
N THR A 401 5.70 18.05 -9.95
CA THR A 401 4.50 18.79 -9.57
C THR A 401 4.30 20.04 -10.41
N VAL A 402 3.15 20.11 -11.10
CA VAL A 402 2.82 21.26 -11.93
C VAL A 402 1.40 21.73 -11.63
N VAL A 403 1.23 23.03 -11.42
CA VAL A 403 -0.08 23.59 -11.14
C VAL A 403 -0.74 24.08 -12.41
N VAL A 404 -1.88 23.52 -12.75
CA VAL A 404 -2.61 23.90 -13.94
C VAL A 404 -3.64 24.98 -13.63
N PRO A 405 -3.70 26.04 -14.45
CA PRO A 405 -4.65 27.15 -14.26
C PRO A 405 -6.09 26.73 -14.52
N THR A 406 -7.03 27.49 -13.99
CA THR A 406 -8.44 27.20 -14.15
C THR A 406 -8.96 27.74 -15.49
N ASN A 407 -10.15 27.30 -15.88
CA ASN A 407 -10.76 27.75 -17.13
C ASN A 407 -11.01 29.25 -17.07
N ARG A 408 -11.40 29.71 -15.89
CA ARG A 408 -11.66 31.11 -15.64
C ARG A 408 -11.06 31.51 -14.30
N PRO A 409 -10.60 32.75 -14.16
CA PRO A 409 -10.01 33.22 -12.90
C PRO A 409 -11.02 33.22 -11.75
N MET A 410 -10.58 32.74 -10.60
CA MET A 410 -11.45 32.67 -9.42
C MET A 410 -11.70 34.06 -8.86
N ILE A 411 -12.93 34.31 -8.46
CA ILE A 411 -13.30 35.59 -7.87
C ILE A 411 -13.44 35.45 -6.36
N ARG A 412 -13.01 34.29 -5.87
CA ARG A 412 -13.08 33.97 -4.45
C ARG A 412 -12.16 34.89 -3.64
N LYS A 413 -12.71 35.56 -2.66
CA LYS A 413 -11.93 36.45 -1.80
C LYS A 413 -11.74 35.80 -0.45
N ASP A 414 -10.54 35.89 0.08
CA ASP A 414 -10.23 35.29 1.37
C ASP A 414 -10.13 36.34 2.46
N LEU A 415 -10.48 35.95 3.67
CA LEU A 415 -10.44 36.85 4.81
C LEU A 415 -9.59 36.22 5.92
N PRO A 416 -8.90 37.06 6.72
CA PRO A 416 -8.04 36.57 7.82
C PRO A 416 -8.79 35.80 8.90
N ASP A 417 -8.02 35.08 9.71
CA ASP A 417 -8.57 34.29 10.82
C ASP A 417 -8.76 35.18 12.02
N LEU A 418 -9.99 35.34 12.46
CA LEU A 418 -10.29 36.18 13.61
C LEU A 418 -10.40 35.32 14.86
N VAL A 419 -9.33 35.36 15.66
CA VAL A 419 -9.27 34.60 16.90
C VAL A 419 -9.74 35.43 18.08
N TYR A 420 -10.66 34.88 18.85
CA TYR A 420 -11.19 35.56 20.02
C TYR A 420 -10.74 34.84 21.29
N MET A 421 -11.17 35.33 22.44
CA MET A 421 -10.78 34.72 23.71
C MET A 421 -11.51 33.41 23.94
N THR A 422 -12.76 33.50 24.33
CA THR A 422 -13.57 32.33 24.59
C THR A 422 -14.29 31.87 23.33
N GLU A 423 -14.72 30.60 23.34
CA GLU A 423 -15.43 30.02 22.21
C GLU A 423 -16.73 30.80 21.97
N ALA A 424 -17.24 31.40 23.04
CA ALA A 424 -18.47 32.20 22.98
C ALA A 424 -18.31 33.36 22.01
N GLU A 425 -17.21 34.09 22.14
CA GLU A 425 -16.94 35.22 21.26
C GLU A 425 -16.79 34.76 19.82
N LYS A 426 -16.15 33.62 19.66
CA LYS A 426 -15.92 33.02 18.35
C LYS A 426 -17.25 32.72 17.65
N ILE A 427 -18.13 32.02 18.36
CA ILE A 427 -19.43 31.67 17.80
C ILE A 427 -20.29 32.91 17.57
N GLN A 428 -20.28 33.82 18.54
CA GLN A 428 -21.06 35.05 18.45
C GLN A 428 -20.63 35.87 17.23
N ALA A 429 -19.34 35.87 16.94
CA ALA A 429 -18.81 36.60 15.81
C ALA A 429 -19.32 35.99 14.51
N ILE A 430 -19.43 34.68 14.48
CA ILE A 430 -19.92 33.96 13.31
C ILE A 430 -21.36 34.36 13.03
N ILE A 431 -22.16 34.45 14.10
CA ILE A 431 -23.57 34.83 13.99
C ILE A 431 -23.71 36.19 13.30
N GLU A 432 -22.84 37.12 13.68
CA GLU A 432 -22.87 38.46 13.11
C GLU A 432 -22.55 38.45 11.62
N ASP A 433 -21.49 37.72 11.26
CA ASP A 433 -21.07 37.61 9.85
C ASP A 433 -22.18 37.01 9.01
N ILE A 434 -22.88 36.03 9.58
CA ILE A 434 -23.98 35.38 8.89
C ILE A 434 -25.18 36.30 8.80
N LYS A 435 -25.50 36.96 9.92
CA LYS A 435 -26.63 37.88 10.01
C LYS A 435 -26.61 38.90 8.87
N GLU A 436 -25.45 39.53 8.67
CA GLU A 436 -25.29 40.52 7.63
C GLU A 436 -25.59 39.95 6.24
N ARG A 437 -25.08 38.75 5.98
CA ARG A 437 -25.25 38.10 4.69
C ARG A 437 -26.66 37.55 4.51
N THR A 438 -27.35 37.31 5.61
CA THR A 438 -28.70 36.79 5.56
C THR A 438 -29.65 37.84 4.98
N ALA A 439 -29.40 39.09 5.32
CA ALA A 439 -30.22 40.20 4.84
C ALA A 439 -29.78 40.66 3.45
N LYS A 440 -28.51 40.41 3.14
CA LYS A 440 -27.95 40.80 1.84
C LYS A 440 -28.34 39.81 0.76
N GLY A 441 -28.50 38.55 1.13
CA GLY A 441 -28.89 37.53 0.18
C GLY A 441 -27.71 36.69 -0.27
N GLN A 442 -26.79 36.42 0.64
CA GLN A 442 -25.62 35.61 0.32
C GLN A 442 -25.65 34.28 1.07
N PRO A 443 -25.56 33.16 0.32
CA PRO A 443 -25.55 31.82 0.92
C PRO A 443 -24.32 31.60 1.79
N VAL A 444 -24.52 31.02 2.96
CA VAL A 444 -23.43 30.78 3.89
C VAL A 444 -23.29 29.30 4.24
N LEU A 445 -22.11 28.76 4.00
CA LEU A 445 -21.84 27.37 4.30
C LEU A 445 -20.87 27.30 5.47
N VAL A 446 -21.35 26.81 6.59
CA VAL A 446 -20.53 26.68 7.79
C VAL A 446 -19.97 25.27 7.89
N GLY A 447 -18.65 25.16 7.92
CA GLY A 447 -18.01 23.86 8.02
C GLY A 447 -17.49 23.58 9.41
N THR A 448 -18.20 22.73 10.13
CA THR A 448 -17.80 22.37 11.49
C THR A 448 -17.15 20.99 11.52
N ILE A 449 -16.10 20.84 12.30
CA ILE A 449 -15.42 19.56 12.40
C ILE A 449 -15.84 18.84 13.68
N SER A 450 -16.77 19.44 14.39
CA SER A 450 -17.28 18.89 15.62
C SER A 450 -18.80 18.96 15.63
N ILE A 451 -19.45 17.84 15.92
CA ILE A 451 -20.91 17.77 15.96
C ILE A 451 -21.47 18.69 17.04
N GLU A 452 -20.74 18.77 18.15
CA GLU A 452 -21.13 19.61 19.27
C GLU A 452 -21.27 21.06 18.83
N LYS A 453 -20.33 21.51 18.00
CA LYS A 453 -20.34 22.88 17.51
C LYS A 453 -21.50 23.10 16.55
N SER A 454 -21.80 22.09 15.75
CA SER A 454 -22.90 22.18 14.79
C SER A 454 -24.21 22.47 15.51
N GLU A 455 -24.45 21.73 16.60
CA GLU A 455 -25.67 21.89 17.39
C GLU A 455 -25.63 23.20 18.17
N LEU A 456 -24.42 23.61 18.57
CA LEU A 456 -24.24 24.84 19.33
C LEU A 456 -24.54 26.06 18.46
N VAL A 457 -23.86 26.15 17.32
CA VAL A 457 -24.06 27.27 16.41
C VAL A 457 -25.50 27.28 15.88
N SER A 458 -26.08 26.09 15.77
CA SER A 458 -27.46 25.96 15.31
C SER A 458 -28.40 26.63 16.29
N ASN A 459 -28.16 26.39 17.58
CA ASN A 459 -28.98 26.96 18.63
C ASN A 459 -28.81 28.47 18.65
N GLU A 460 -27.58 28.93 18.50
CA GLU A 460 -27.28 30.36 18.51
C GLU A 460 -27.95 31.05 17.33
N LEU A 461 -27.89 30.42 16.16
CA LEU A 461 -28.51 30.98 14.96
C LEU A 461 -30.02 31.06 15.15
N THR A 462 -30.60 30.03 15.73
CA THR A 462 -32.03 29.99 15.98
C THR A 462 -32.41 31.09 16.98
N LYS A 463 -31.51 31.35 17.92
CA LYS A 463 -31.72 32.39 18.92
C LYS A 463 -31.80 33.75 18.25
N ALA A 464 -30.95 33.96 17.25
CA ALA A 464 -30.93 35.23 16.51
C ALA A 464 -32.03 35.28 15.45
N GLY A 465 -32.74 34.17 15.30
CA GLY A 465 -33.81 34.10 14.33
C GLY A 465 -33.30 33.94 12.91
N ILE A 466 -32.12 33.37 12.78
CA ILE A 466 -31.52 33.18 11.47
C ILE A 466 -31.84 31.79 10.92
N LYS A 467 -32.57 31.76 9.82
CA LYS A 467 -32.94 30.50 9.18
C LYS A 467 -31.72 29.78 8.67
N HIS A 468 -31.62 28.50 8.97
CA HIS A 468 -30.47 27.71 8.57
C HIS A 468 -30.82 26.23 8.49
N ASN A 469 -30.04 25.48 7.73
CA ASN A 469 -30.26 24.06 7.57
C ASN A 469 -29.01 23.29 8.01
N VAL A 470 -29.21 22.24 8.78
CA VAL A 470 -28.09 21.43 9.26
C VAL A 470 -28.09 20.05 8.61
N LEU A 471 -26.92 19.64 8.12
CA LEU A 471 -26.77 18.34 7.48
C LEU A 471 -26.64 17.23 8.53
N ASN A 472 -26.82 16.00 8.09
CA ASN A 472 -26.71 14.85 8.97
C ASN A 472 -26.40 13.60 8.17
N ALA A 473 -25.25 13.00 8.44
CA ALA A 473 -24.79 11.80 7.74
C ALA A 473 -25.77 10.63 7.88
N LYS A 474 -26.60 10.68 8.91
CA LYS A 474 -27.58 9.62 9.15
C LYS A 474 -28.76 9.74 8.18
N PHE A 475 -28.94 10.92 7.61
CA PHE A 475 -30.03 11.17 6.68
C PHE A 475 -29.49 11.75 5.38
N HIS A 476 -28.69 10.97 4.67
CA HIS A 476 -28.10 11.40 3.40
C HIS A 476 -29.18 11.75 2.38
N ALA A 477 -30.33 11.07 2.48
CA ALA A 477 -31.44 11.30 1.57
C ALA A 477 -32.02 12.70 1.73
N ASN A 478 -31.91 13.27 2.93
CA ASN A 478 -32.42 14.60 3.19
C ASN A 478 -31.39 15.64 2.78
N GLU A 479 -30.12 15.29 2.95
CA GLU A 479 -29.01 16.18 2.60
C GLU A 479 -29.08 16.55 1.12
N ALA A 480 -29.47 15.59 0.30
CA ALA A 480 -29.57 15.79 -1.15
C ALA A 480 -30.43 17.01 -1.50
N ALA A 481 -31.47 17.25 -0.71
CA ALA A 481 -32.35 18.38 -0.95
C ALA A 481 -31.76 19.65 -0.34
N ILE A 482 -31.10 19.49 0.80
CA ILE A 482 -30.49 20.63 1.50
C ILE A 482 -29.34 21.22 0.70
N VAL A 483 -28.39 20.36 0.32
CA VAL A 483 -27.22 20.78 -0.45
C VAL A 483 -27.62 21.37 -1.80
N ALA A 484 -28.73 20.88 -2.34
CA ALA A 484 -29.23 21.34 -3.63
C ALA A 484 -29.55 22.84 -3.60
N GLN A 485 -29.94 23.33 -2.44
CA GLN A 485 -30.29 24.74 -2.30
C GLN A 485 -29.30 25.46 -1.37
N ALA A 486 -28.11 24.89 -1.22
CA ALA A 486 -27.08 25.47 -0.35
C ALA A 486 -26.52 26.75 -0.97
N GLY A 487 -26.74 26.92 -2.27
CA GLY A 487 -26.26 28.09 -2.96
C GLY A 487 -27.35 29.12 -3.18
N TYR A 488 -28.46 28.95 -2.46
CA TYR A 488 -29.59 29.86 -2.58
C TYR A 488 -29.32 31.13 -1.77
N PRO A 489 -29.75 32.30 -2.28
CA PRO A 489 -29.56 33.58 -1.58
C PRO A 489 -30.07 33.55 -0.14
N ALA A 490 -29.18 33.87 0.79
CA ALA A 490 -29.48 33.92 2.23
C ALA A 490 -29.69 32.53 2.84
N ALA A 491 -29.25 31.49 2.14
CA ALA A 491 -29.41 30.13 2.65
C ALA A 491 -28.19 29.74 3.49
N VAL A 492 -28.40 29.63 4.79
CA VAL A 492 -27.34 29.24 5.71
C VAL A 492 -27.33 27.74 5.90
N THR A 493 -26.28 27.09 5.46
CA THR A 493 -26.15 25.64 5.56
C THR A 493 -24.98 25.26 6.47
N ILE A 494 -25.22 24.32 7.37
CA ILE A 494 -24.18 23.87 8.27
C ILE A 494 -23.76 22.43 7.92
N ALA A 495 -22.49 22.26 7.61
CA ALA A 495 -21.97 20.95 7.25
C ALA A 495 -21.02 20.44 8.32
N THR A 496 -21.31 19.25 8.83
CA THR A 496 -20.48 18.66 9.87
C THR A 496 -19.59 17.56 9.31
N ASN A 497 -18.28 17.76 9.45
CA ASN A 497 -17.27 16.79 9.01
C ASN A 497 -17.43 16.45 7.53
N MET A 498 -17.58 17.47 6.70
CA MET A 498 -17.72 17.27 5.26
C MET A 498 -16.38 16.89 4.64
N ALA A 499 -16.35 15.73 4.01
CA ALA A 499 -15.13 15.22 3.37
C ALA A 499 -14.76 16.05 2.13
N GLY A 500 -13.74 15.59 1.42
CA GLY A 500 -13.30 16.29 0.23
C GLY A 500 -14.25 16.10 -0.94
N ARG A 501 -13.87 16.68 -2.09
CA ARG A 501 -14.68 16.59 -3.31
C ARG A 501 -16.03 17.29 -3.11
N GLY A 502 -17.05 16.52 -2.77
CA GLY A 502 -18.37 17.09 -2.55
C GLY A 502 -19.14 17.32 -3.84
N THR A 503 -20.43 17.59 -3.70
CA THR A 503 -21.30 17.83 -4.84
C THR A 503 -21.07 19.23 -5.40
N ASP A 504 -21.60 19.50 -6.58
CA ASP A 504 -21.47 20.80 -7.21
C ASP A 504 -22.53 21.76 -6.72
N ILE A 505 -22.13 22.70 -5.88
CA ILE A 505 -23.06 23.68 -5.33
C ILE A 505 -23.31 24.79 -6.34
N VAL A 506 -24.51 24.81 -6.89
CA VAL A 506 -24.88 25.81 -7.88
C VAL A 506 -25.45 27.04 -7.19
N LEU A 507 -24.91 28.21 -7.54
CA LEU A 507 -25.37 29.45 -6.96
C LEU A 507 -26.74 29.82 -7.51
N GLY A 508 -27.65 30.18 -6.62
CA GLY A 508 -28.98 30.53 -7.04
C GLY A 508 -29.91 29.34 -7.04
N GLY A 509 -29.44 28.24 -6.46
CA GLY A 509 -30.23 27.04 -6.40
C GLY A 509 -29.91 26.10 -7.54
N SER A 510 -30.58 24.96 -7.56
CA SER A 510 -30.37 23.98 -8.61
C SER A 510 -31.63 23.77 -9.42
N TRP A 511 -31.72 24.46 -10.55
CA TRP A 511 -32.88 24.33 -11.43
C TRP A 511 -33.06 22.90 -11.92
N GLN A 512 -31.94 22.16 -11.96
CA GLN A 512 -31.94 20.77 -12.40
C GLN A 512 -32.71 19.91 -11.41
N ALA A 513 -32.64 20.25 -10.13
CA ALA A 513 -33.34 19.51 -9.09
C ALA A 513 -34.80 19.92 -9.04
N GLU A 514 -35.06 21.18 -9.38
CA GLU A 514 -36.42 21.70 -9.39
C GLU A 514 -37.25 21.05 -10.49
N VAL A 515 -36.69 20.94 -11.69
CA VAL A 515 -37.39 20.32 -12.80
C VAL A 515 -37.55 18.81 -12.57
N ALA A 516 -36.62 18.23 -11.80
CA ALA A 516 -36.65 16.81 -11.51
C ALA A 516 -37.67 16.50 -10.40
N ALA A 517 -38.21 17.55 -9.79
CA ALA A 517 -39.19 17.39 -8.74
C ALA A 517 -40.60 17.46 -9.31
N LEU A 518 -40.68 17.80 -10.59
CA LEU A 518 -41.96 17.91 -11.27
C LEU A 518 -42.23 16.64 -12.06
N GLU A 519 -43.45 16.14 -11.96
CA GLU A 519 -43.84 14.93 -12.65
C GLU A 519 -43.83 15.13 -14.17
N ASN A 520 -44.49 16.20 -14.61
CA ASN A 520 -44.56 16.50 -16.03
C ASN A 520 -44.08 17.92 -16.31
N PRO A 521 -42.77 18.09 -16.53
CA PRO A 521 -42.19 19.39 -16.83
C PRO A 521 -42.32 19.74 -18.31
N THR A 522 -43.12 20.76 -18.61
CA THR A 522 -43.33 21.20 -19.98
C THR A 522 -42.27 22.22 -20.38
N ALA A 523 -42.30 22.64 -21.64
CA ALA A 523 -41.34 23.62 -22.15
C ALA A 523 -41.40 24.91 -21.35
N GLU A 524 -42.61 25.38 -21.09
CA GLU A 524 -42.81 26.62 -20.35
C GLU A 524 -42.28 26.49 -18.92
N GLN A 525 -42.43 25.30 -18.35
CA GLN A 525 -41.97 25.04 -17.00
C GLN A 525 -40.44 25.12 -16.92
N ILE A 526 -39.78 24.41 -17.83
CA ILE A 526 -38.32 24.40 -17.86
C ILE A 526 -37.77 25.81 -18.08
N GLU A 527 -38.36 26.53 -19.03
CA GLU A 527 -37.94 27.88 -19.34
C GLU A 527 -38.17 28.81 -18.15
N LYS A 528 -39.34 28.69 -17.51
CA LYS A 528 -39.68 29.53 -16.36
C LYS A 528 -38.70 29.30 -15.23
N ILE A 529 -38.46 28.04 -14.88
CA ILE A 529 -37.54 27.71 -13.80
C ILE A 529 -36.13 28.19 -14.13
N LYS A 530 -35.69 27.92 -15.37
CA LYS A 530 -34.36 28.32 -15.81
C LYS A 530 -34.20 29.84 -15.74
N ALA A 531 -35.21 30.57 -16.22
CA ALA A 531 -35.20 32.02 -16.22
C ALA A 531 -35.17 32.57 -14.79
N ASP A 532 -35.98 31.98 -13.92
CA ASP A 532 -36.05 32.42 -12.53
C ASP A 532 -34.74 32.09 -11.83
N TRP A 533 -34.20 30.91 -12.13
CA TRP A 533 -32.94 30.46 -11.55
C TRP A 533 -31.83 31.44 -11.92
N GLN A 534 -31.83 31.89 -13.17
CA GLN A 534 -30.83 32.82 -13.67
C GLN A 534 -30.76 34.06 -12.78
N VAL A 535 -31.92 34.58 -12.40
CA VAL A 535 -32.01 35.75 -11.55
C VAL A 535 -31.44 35.45 -10.16
N ARG A 536 -31.85 34.33 -9.58
CA ARG A 536 -31.39 33.93 -8.26
C ARG A 536 -29.87 33.67 -8.28
N HIS A 537 -29.41 33.18 -9.42
CA HIS A 537 -28.01 32.86 -9.63
C HIS A 537 -27.15 34.13 -9.62
N ASP A 538 -27.57 35.12 -10.39
CA ASP A 538 -26.84 36.37 -10.48
C ASP A 538 -26.94 37.17 -9.19
N ALA A 539 -28.03 36.96 -8.45
CA ALA A 539 -28.22 37.64 -7.18
C ALA A 539 -27.11 37.27 -6.21
N VAL A 540 -26.73 35.99 -6.23
CA VAL A 540 -25.68 35.48 -5.37
C VAL A 540 -24.34 36.12 -5.76
N LEU A 541 -24.16 36.31 -7.06
CA LEU A 541 -22.93 36.92 -7.57
C LEU A 541 -22.84 38.36 -7.12
N GLU A 542 -23.99 39.01 -7.00
CA GLU A 542 -24.04 40.39 -6.56
C GLU A 542 -23.67 40.49 -5.09
N ALA A 543 -24.12 39.53 -4.31
CA ALA A 543 -23.84 39.48 -2.88
C ALA A 543 -22.36 39.20 -2.62
N GLY A 544 -21.80 38.23 -3.34
CA GLY A 544 -20.40 37.91 -3.16
C GLY A 544 -20.08 36.44 -3.34
N GLY A 545 -20.98 35.69 -3.97
CA GLY A 545 -20.75 34.27 -4.19
C GLY A 545 -21.02 33.46 -2.95
N LEU A 546 -20.64 32.18 -2.98
CA LEU A 546 -20.85 31.30 -1.84
C LEU A 546 -19.89 31.66 -0.71
N HIS A 547 -20.43 31.90 0.47
CA HIS A 547 -19.62 32.26 1.62
C HIS A 547 -19.29 31.03 2.45
N ILE A 548 -18.00 30.80 2.66
CA ILE A 548 -17.54 29.66 3.44
C ILE A 548 -17.06 30.11 4.81
N ILE A 549 -17.57 29.48 5.86
CA ILE A 549 -17.18 29.82 7.21
C ILE A 549 -16.57 28.61 7.91
N GLY A 550 -15.36 28.76 8.39
CA GLY A 550 -14.69 27.68 9.08
C GLY A 550 -14.64 27.94 10.57
N THR A 551 -15.20 27.02 11.34
CA THR A 551 -15.22 27.15 12.79
C THR A 551 -13.90 26.68 13.40
N GLU A 552 -13.53 25.46 13.12
CA GLU A 552 -12.31 24.89 13.64
C GLU A 552 -11.29 24.70 12.53
N ARG A 553 -10.03 24.95 12.84
CA ARG A 553 -8.96 24.78 11.87
C ARG A 553 -8.47 23.34 11.93
N HIS A 554 -8.51 22.67 10.80
CA HIS A 554 -8.09 21.28 10.72
C HIS A 554 -6.59 21.16 10.94
N GLU A 555 -6.18 20.09 11.62
CA GLU A 555 -4.76 19.84 11.90
C GLU A 555 -3.96 19.81 10.60
N SER A 556 -4.24 18.81 9.77
CA SER A 556 -3.57 18.69 8.49
C SER A 556 -4.12 19.75 7.54
N ARG A 557 -3.22 20.61 7.03
CA ARG A 557 -3.59 21.68 6.12
C ARG A 557 -4.25 21.15 4.85
N ARG A 558 -3.99 19.88 4.53
CA ARG A 558 -4.55 19.26 3.33
C ARG A 558 -6.07 19.39 3.33
N ILE A 559 -6.71 18.80 4.33
CA ILE A 559 -8.16 18.83 4.44
C ILE A 559 -8.66 20.22 4.81
N ASP A 560 -7.81 21.00 5.44
CA ASP A 560 -8.16 22.37 5.83
C ASP A 560 -8.42 23.20 4.58
N ASN A 561 -7.49 23.11 3.64
CA ASN A 561 -7.58 23.83 2.38
C ASN A 561 -8.72 23.30 1.53
N GLN A 562 -8.91 21.98 1.56
CA GLN A 562 -9.98 21.33 0.80
C GLN A 562 -11.35 21.71 1.36
N LEU A 563 -11.39 21.97 2.67
CA LEU A 563 -12.63 22.36 3.33
C LEU A 563 -13.07 23.74 2.84
N ARG A 564 -12.08 24.57 2.53
CA ARG A 564 -12.33 25.92 2.05
C ARG A 564 -12.54 25.93 0.53
N GLY A 565 -11.85 25.04 -0.16
CA GLY A 565 -11.96 24.96 -1.61
C GLY A 565 -13.25 24.33 -2.10
N ARG A 566 -14.38 24.87 -1.66
CA ARG A 566 -15.68 24.37 -2.08
C ARG A 566 -16.15 25.14 -3.30
N SER A 567 -16.12 26.46 -3.19
CA SER A 567 -16.53 27.34 -4.28
C SER A 567 -15.34 27.60 -5.21
N GLY A 568 -15.49 28.58 -6.10
CA GLY A 568 -14.41 28.89 -7.01
C GLY A 568 -14.26 27.85 -8.11
N ARG A 569 -15.39 27.37 -8.59
CA ARG A 569 -15.40 26.36 -9.65
C ARG A 569 -15.62 27.05 -11.00
N GLN A 570 -14.69 26.85 -11.92
CA GLN A 570 -14.76 27.43 -13.26
C GLN A 570 -14.83 28.96 -13.21
N GLY A 571 -14.03 29.55 -12.32
CA GLY A 571 -14.00 31.00 -12.19
C GLY A 571 -15.12 31.54 -11.33
N ASP A 572 -15.54 30.76 -10.34
CA ASP A 572 -16.60 31.17 -9.44
C ASP A 572 -16.04 32.10 -8.36
N ALA A 573 -16.93 32.82 -7.68
CA ALA A 573 -16.54 33.75 -6.63
C ALA A 573 -16.48 33.05 -5.28
N GLY A 574 -16.95 33.73 -4.24
CA GLY A 574 -16.95 33.15 -2.93
C GLY A 574 -16.15 33.98 -1.94
N SER A 575 -16.30 33.68 -0.67
CA SER A 575 -15.58 34.40 0.38
C SER A 575 -15.30 33.48 1.57
N SER A 576 -14.03 33.34 1.91
CA SER A 576 -13.63 32.48 3.02
C SER A 576 -13.48 33.30 4.30
N ARG A 577 -14.17 32.88 5.35
CA ARG A 577 -14.11 33.57 6.63
C ARG A 577 -13.90 32.56 7.76
N PHE A 578 -12.86 32.77 8.55
CA PHE A 578 -12.57 31.86 9.65
C PHE A 578 -12.68 32.59 10.99
N TYR A 579 -13.23 31.89 11.97
CA TYR A 579 -13.40 32.44 13.31
C TYR A 579 -12.91 31.40 14.32
N LEU A 580 -11.96 31.79 15.16
CA LEU A 580 -11.41 30.88 16.14
C LEU A 580 -11.39 31.50 17.53
N SER A 581 -10.91 30.74 18.51
CA SER A 581 -10.82 31.23 19.87
C SER A 581 -9.55 30.68 20.52
N MET A 582 -9.32 31.07 21.77
CA MET A 582 -8.14 30.61 22.50
C MET A 582 -8.41 29.26 23.15
N GLU A 583 -9.65 28.81 23.02
CA GLU A 583 -10.06 27.53 23.58
C GLU A 583 -10.21 26.49 22.47
N ASP A 584 -9.92 26.93 21.25
CA ASP A 584 -10.01 26.07 20.08
C ASP A 584 -8.93 24.98 20.11
N ALA A 585 -9.20 23.87 19.44
CA ALA A 585 -8.26 22.75 19.40
C ALA A 585 -7.02 23.09 18.60
N LEU A 586 -7.16 24.04 17.68
CA LEU A 586 -6.05 24.46 16.83
C LEU A 586 -4.89 25.00 17.66
N MET A 587 -5.21 25.65 18.77
CA MET A 587 -4.19 26.22 19.65
C MET A 587 -3.29 25.15 20.26
N ARG A 588 -3.74 23.90 20.22
CA ARG A 588 -3.00 22.80 20.80
C ARG A 588 -1.91 22.27 19.85
N ILE A 589 -1.93 22.71 18.60
CA ILE A 589 -0.92 22.24 17.65
C ILE A 589 0.37 23.06 17.81
N PHE A 590 0.28 24.12 18.61
CA PHE A 590 1.42 24.99 18.88
C PHE A 590 2.27 24.41 19.99
N ALA A 591 1.70 23.44 20.70
CA ALA A 591 2.36 22.75 21.83
C ALA A 591 2.57 23.68 23.02
N SER A 592 3.44 24.67 22.86
CA SER A 592 3.73 25.61 23.92
C SER A 592 2.57 26.57 24.15
N ASP A 593 1.96 26.51 25.34
CA ASP A 593 0.85 27.37 25.69
C ASP A 593 1.32 28.81 25.81
N ARG A 594 2.62 28.99 26.00
CA ARG A 594 3.22 30.30 26.13
C ARG A 594 2.94 31.13 24.87
N VAL A 595 3.00 30.47 23.72
CA VAL A 595 2.75 31.12 22.44
C VAL A 595 1.32 31.64 22.39
N SER A 596 0.37 30.76 22.69
CA SER A 596 -1.04 31.11 22.70
C SER A 596 -1.31 32.17 23.76
N GLY A 597 -0.59 32.09 24.88
CA GLY A 597 -0.77 33.05 25.95
C GLY A 597 -0.39 34.45 25.52
N MET A 598 0.66 34.56 24.71
CA MET A 598 1.12 35.85 24.22
C MET A 598 0.12 36.40 23.20
N MET A 599 -0.57 35.50 22.52
CA MET A 599 -1.56 35.90 21.52
C MET A 599 -2.78 36.51 22.19
N ARG A 600 -2.98 36.19 23.47
CA ARG A 600 -4.11 36.70 24.22
C ARG A 600 -3.92 38.19 24.54
N LYS A 601 -2.73 38.69 24.22
CA LYS A 601 -2.39 40.09 24.46
C LYS A 601 -2.99 40.98 23.36
N LEU A 602 -3.61 40.35 22.38
CA LEU A 602 -4.23 41.05 21.27
C LEU A 602 -5.41 41.90 21.74
N GLY A 603 -6.18 41.36 22.67
CA GLY A 603 -7.33 42.06 23.19
C GLY A 603 -8.62 41.42 22.73
N MET A 604 -8.64 41.02 21.46
CA MET A 604 -9.80 40.36 20.85
C MET A 604 -11.03 41.25 20.87
N LYS A 605 -11.98 40.93 21.74
CA LYS A 605 -13.24 41.69 21.87
C LYS A 605 -14.14 41.49 20.65
N PRO A 606 -15.25 40.77 20.82
CA PRO A 606 -16.20 40.51 19.72
C PRO A 606 -16.89 41.77 19.23
N GLY A 607 -16.23 42.47 18.31
CA GLY A 607 -16.78 43.69 17.76
C GLY A 607 -15.72 44.53 17.08
N GLU A 608 -14.57 44.66 17.73
CA GLU A 608 -13.47 45.44 17.18
C GLU A 608 -12.62 44.59 16.23
N ALA A 609 -13.28 44.01 15.24
CA ALA A 609 -12.61 43.17 14.27
C ALA A 609 -11.95 44.02 13.19
N ILE A 610 -10.74 44.48 13.48
CA ILE A 610 -10.00 45.32 12.54
C ILE A 610 -9.20 44.46 11.55
N GLU A 611 -9.35 43.13 11.69
CA GLU A 611 -8.67 42.15 10.84
C GLU A 611 -7.17 42.08 11.15
N HIS A 612 -6.62 40.87 11.12
CA HIS A 612 -5.19 40.66 11.38
C HIS A 612 -4.67 39.48 10.56
N PRO A 613 -4.13 39.78 9.37
CA PRO A 613 -3.62 38.76 8.44
C PRO A 613 -2.45 37.95 9.01
N TRP A 614 -1.67 38.53 9.91
CA TRP A 614 -0.53 37.83 10.49
C TRP A 614 -0.95 36.57 11.24
N VAL A 615 -2.20 36.54 11.71
CA VAL A 615 -2.71 35.39 12.43
C VAL A 615 -2.82 34.19 11.51
N THR A 616 -3.44 34.39 10.35
CA THR A 616 -3.62 33.34 9.36
C THR A 616 -2.27 32.81 8.90
N LYS A 617 -1.30 33.71 8.75
CA LYS A 617 0.04 33.34 8.32
C LYS A 617 0.71 32.42 9.34
N ALA A 618 0.50 32.72 10.62
CA ALA A 618 1.06 31.92 11.69
C ALA A 618 0.39 30.56 11.73
N ILE A 619 -0.93 30.56 11.60
CA ILE A 619 -1.71 29.33 11.62
C ILE A 619 -1.33 28.44 10.44
N ALA A 620 -1.19 29.04 9.27
CA ALA A 620 -0.83 28.31 8.06
C ALA A 620 0.55 27.67 8.22
N ASN A 621 1.47 28.40 8.84
CA ASN A 621 2.81 27.90 9.07
C ASN A 621 2.78 26.73 10.05
N ALA A 622 2.02 26.89 11.13
CA ALA A 622 1.90 25.85 12.15
C ALA A 622 1.29 24.58 11.56
N GLN A 623 0.22 24.75 10.79
CA GLN A 623 -0.47 23.62 10.16
C GLN A 623 0.49 22.86 9.24
N ARG A 624 1.28 23.59 8.47
CA ARG A 624 2.23 22.98 7.56
C ARG A 624 3.38 22.34 8.33
N LYS A 625 3.75 22.97 9.45
CA LYS A 625 4.82 22.47 10.30
C LYS A 625 4.44 21.10 10.86
N VAL A 626 3.17 20.95 11.23
CA VAL A 626 2.67 19.69 11.75
C VAL A 626 2.88 18.57 10.76
N GLU A 627 2.52 18.81 9.50
CA GLU A 627 2.68 17.82 8.45
C GLU A 627 4.16 17.68 8.07
N SER A 628 4.95 18.72 8.34
CA SER A 628 6.38 18.66 8.06
C SER A 628 7.01 17.65 9.01
N ARG A 629 6.39 17.54 10.19
CA ARG A 629 6.83 16.58 11.20
C ARG A 629 6.33 15.20 10.81
N ASN A 630 5.18 15.18 10.16
CA ASN A 630 4.56 13.94 9.70
C ASN A 630 5.50 13.24 8.72
N PHE A 631 5.97 14.00 7.73
CA PHE A 631 6.89 13.46 6.73
C PHE A 631 8.14 12.88 7.40
N ASP A 632 8.59 13.54 8.45
CA ASP A 632 9.77 13.09 9.18
C ASP A 632 9.54 11.69 9.74
N ILE A 633 8.31 11.41 10.14
CA ILE A 633 7.95 10.11 10.68
C ILE A 633 7.66 9.13 9.54
N ARG A 634 7.02 9.62 8.49
CA ARG A 634 6.69 8.81 7.32
C ARG A 634 7.96 8.28 6.67
N LYS A 635 8.99 9.11 6.61
CA LYS A 635 10.26 8.72 6.00
C LYS A 635 10.94 7.61 6.82
N GLN A 636 10.63 7.54 8.11
CA GLN A 636 11.21 6.52 8.97
C GLN A 636 10.71 5.15 8.55
N LEU A 637 9.43 5.09 8.20
CA LEU A 637 8.83 3.85 7.76
C LEU A 637 9.43 3.43 6.43
N LEU A 638 9.65 4.41 5.56
CA LEU A 638 10.22 4.18 4.25
C LEU A 638 11.64 3.62 4.36
N GLU A 639 12.37 4.07 5.37
CA GLU A 639 13.73 3.62 5.60
C GLU A 639 13.77 2.14 5.93
N TYR A 640 12.66 1.61 6.44
CA TYR A 640 12.55 0.21 6.79
C TYR A 640 11.88 -0.59 5.68
N ASP A 641 10.86 -0.01 5.07
CA ASP A 641 10.11 -0.67 4.01
C ASP A 641 10.87 -0.72 2.69
N ASP A 642 11.75 0.25 2.46
CA ASP A 642 12.53 0.27 1.21
C ASP A 642 13.51 -0.90 1.17
N VAL A 643 13.82 -1.43 2.35
CA VAL A 643 14.73 -2.56 2.47
C VAL A 643 14.05 -3.79 1.87
N ALA A 644 12.82 -4.03 2.30
CA ALA A 644 12.05 -5.17 1.82
C ALA A 644 11.68 -4.96 0.35
N ASN A 645 11.63 -3.69 -0.06
CA ASN A 645 11.31 -3.34 -1.45
C ASN A 645 12.35 -3.90 -2.41
N ASP A 646 13.61 -3.60 -2.16
CA ASP A 646 14.71 -4.07 -3.02
C ASP A 646 14.77 -5.59 -3.02
N GLN A 647 14.63 -6.18 -1.85
CA GLN A 647 14.67 -7.63 -1.71
C GLN A 647 13.50 -8.28 -2.45
N ARG A 648 12.34 -7.64 -2.36
CA ARG A 648 11.13 -8.12 -3.04
C ARG A 648 11.34 -8.07 -4.55
N ARG A 649 11.86 -6.95 -5.03
CA ARG A 649 12.11 -6.76 -6.45
C ARG A 649 13.12 -7.80 -6.96
N ALA A 650 14.13 -8.07 -6.15
CA ALA A 650 15.17 -9.02 -6.51
C ALA A 650 14.60 -10.44 -6.64
N ILE A 651 13.93 -10.91 -5.60
CA ILE A 651 13.37 -12.27 -5.61
C ILE A 651 12.23 -12.39 -6.63
N TYR A 652 11.44 -11.33 -6.80
CA TYR A 652 10.34 -11.35 -7.76
C TYR A 652 10.88 -11.51 -9.18
N SER A 653 11.96 -10.81 -9.48
CA SER A 653 12.57 -10.89 -10.80
C SER A 653 13.04 -12.31 -11.06
N GLN A 654 13.79 -12.85 -10.10
CA GLN A 654 14.32 -14.21 -10.20
C GLN A 654 13.18 -15.22 -10.39
N ARG A 655 12.13 -15.08 -9.59
CA ARG A 655 10.98 -15.97 -9.68
C ARG A 655 10.31 -15.87 -11.04
N ASN A 656 10.27 -14.65 -11.60
CA ASN A 656 9.65 -14.43 -12.90
C ASN A 656 10.54 -14.95 -14.01
N GLU A 657 11.84 -14.80 -13.85
CA GLU A 657 12.81 -15.26 -14.84
C GLU A 657 12.71 -16.76 -15.03
N LEU A 658 12.55 -17.48 -13.93
CA LEU A 658 12.42 -18.93 -13.98
C LEU A 658 10.98 -19.34 -14.28
N LEU A 659 10.11 -18.34 -14.35
CA LEU A 659 8.70 -18.56 -14.64
C LEU A 659 8.44 -18.47 -16.13
N ASP A 660 8.98 -17.42 -16.74
CA ASP A 660 8.82 -17.18 -18.17
C ASP A 660 9.48 -18.25 -19.02
N VAL A 661 10.68 -18.68 -18.61
CA VAL A 661 11.41 -19.70 -19.36
C VAL A 661 10.78 -21.08 -19.17
N SER A 662 10.83 -21.89 -20.21
CA SER A 662 10.28 -23.23 -20.15
C SER A 662 11.29 -24.19 -19.54
N ASP A 663 12.57 -23.85 -19.70
CA ASP A 663 13.66 -24.66 -19.17
C ASP A 663 13.87 -24.36 -17.69
N VAL A 664 14.86 -25.02 -17.12
CA VAL A 664 15.21 -24.87 -15.71
C VAL A 664 16.40 -25.76 -15.38
N SER A 665 16.56 -26.81 -16.18
CA SER A 665 17.66 -27.77 -16.02
C SER A 665 19.01 -27.08 -15.98
N GLU A 666 19.15 -26.03 -16.79
CA GLU A 666 20.38 -25.27 -16.87
C GLU A 666 20.72 -24.67 -15.50
N THR A 667 19.77 -23.96 -14.93
CA THR A 667 19.96 -23.33 -13.64
C THR A 667 20.19 -24.39 -12.56
N ILE A 668 19.41 -25.46 -12.64
CA ILE A 668 19.50 -26.57 -11.69
C ILE A 668 20.90 -27.16 -11.65
N ASN A 669 21.43 -27.51 -12.82
CA ASN A 669 22.76 -28.11 -12.89
C ASN A 669 23.85 -27.12 -12.52
N SER A 670 23.63 -25.85 -12.82
CA SER A 670 24.60 -24.81 -12.51
C SER A 670 24.74 -24.66 -10.99
N ILE A 671 23.62 -24.53 -10.29
CA ILE A 671 23.66 -24.37 -8.85
C ILE A 671 24.00 -25.69 -8.16
N ARG A 672 23.78 -26.80 -8.85
CA ARG A 672 24.08 -28.12 -8.32
C ARG A 672 25.56 -28.23 -7.97
N GLU A 673 26.41 -27.66 -8.82
CA GLU A 673 27.86 -27.68 -8.61
C GLU A 673 28.24 -26.91 -7.35
N ASP A 674 27.50 -25.84 -7.08
CA ASP A 674 27.77 -25.00 -5.92
C ASP A 674 27.19 -25.60 -4.65
N VAL A 675 25.97 -26.14 -4.73
CA VAL A 675 25.31 -26.75 -3.59
C VAL A 675 26.14 -27.91 -3.04
N PHE A 676 26.60 -28.79 -3.93
CA PHE A 676 27.41 -29.92 -3.52
C PHE A 676 28.73 -29.43 -2.94
N LYS A 677 29.28 -28.39 -3.55
CA LYS A 677 30.54 -27.81 -3.10
C LYS A 677 30.41 -27.32 -1.65
N ALA A 678 29.38 -26.52 -1.39
CA ALA A 678 29.13 -25.98 -0.07
C ALA A 678 28.93 -27.07 0.96
N THR A 679 28.28 -28.15 0.54
CA THR A 679 28.03 -29.28 1.42
C THR A 679 29.32 -30.02 1.75
N ILE A 680 30.16 -30.22 0.74
CA ILE A 680 31.43 -30.90 0.91
C ILE A 680 32.36 -30.05 1.77
N ASP A 681 32.46 -28.77 1.43
CA ASP A 681 33.34 -27.83 2.16
C ASP A 681 32.98 -27.76 3.65
N ALA A 682 31.73 -28.08 3.97
CA ALA A 682 31.26 -28.04 5.35
C ALA A 682 31.82 -29.19 6.19
N TYR A 683 32.29 -30.24 5.52
CA TYR A 683 32.83 -31.40 6.23
C TYR A 683 34.27 -31.67 5.81
N ILE A 684 34.62 -31.25 4.61
CA ILE A 684 35.96 -31.41 4.08
C ILE A 684 36.51 -30.06 3.63
N PRO A 685 37.39 -29.46 4.44
CA PRO A 685 38.00 -28.16 4.11
C PRO A 685 38.80 -28.23 2.82
N PRO A 686 38.59 -27.25 1.92
CA PRO A 686 39.27 -27.18 0.62
C PRO A 686 40.77 -27.47 0.69
N GLN A 687 41.14 -28.66 0.24
CA GLN A 687 42.52 -29.12 0.22
C GLN A 687 43.18 -29.01 1.60
N SER A 688 42.91 -29.99 2.46
CA SER A 688 43.48 -30.00 3.79
C SER A 688 43.95 -31.41 4.16
N LEU A 689 44.16 -31.63 5.46
CA LEU A 689 44.61 -32.92 5.94
C LEU A 689 43.44 -33.91 5.99
N GLU A 690 43.63 -35.08 5.38
CA GLU A 690 42.60 -36.12 5.33
C GLU A 690 42.09 -36.51 6.71
N GLU A 691 42.94 -36.36 7.73
CA GLU A 691 42.56 -36.71 9.10
C GLU A 691 41.55 -35.69 9.65
N MET A 692 41.54 -34.50 9.06
CA MET A 692 40.65 -33.44 9.50
C MET A 692 39.34 -33.46 8.70
N TRP A 693 39.14 -34.52 7.93
CA TRP A 693 37.95 -34.65 7.11
C TRP A 693 36.90 -35.49 7.80
N ASP A 694 35.70 -34.95 7.92
CA ASP A 694 34.60 -35.68 8.54
C ASP A 694 33.91 -36.55 7.50
N ILE A 695 34.54 -37.69 7.22
CA ILE A 695 34.00 -38.63 6.24
C ILE A 695 32.62 -39.17 6.67
N PRO A 696 32.47 -39.67 7.92
CA PRO A 696 31.19 -40.19 8.40
C PRO A 696 30.07 -39.14 8.33
N GLY A 697 30.38 -37.93 8.79
CA GLY A 697 29.41 -36.86 8.78
C GLY A 697 28.95 -36.51 7.37
N LEU A 698 29.90 -36.41 6.44
CA LEU A 698 29.58 -36.09 5.06
C LEU A 698 28.77 -37.21 4.41
N GLN A 699 29.18 -38.46 4.66
CA GLN A 699 28.49 -39.60 4.08
C GLN A 699 27.04 -39.65 4.54
N GLU A 700 26.82 -39.55 5.84
CA GLU A 700 25.48 -39.57 6.40
C GLU A 700 24.67 -38.37 5.90
N ARG A 701 25.34 -37.23 5.76
CA ARG A 701 24.71 -36.01 5.28
C ARG A 701 24.18 -36.21 3.87
N LEU A 702 25.03 -36.75 3.00
CA LEU A 702 24.65 -36.98 1.61
C LEU A 702 23.50 -37.98 1.51
N LYS A 703 23.49 -38.98 2.39
CA LYS A 703 22.46 -40.00 2.37
C LYS A 703 21.10 -39.46 2.82
N ASN A 704 21.10 -38.62 3.85
CA ASN A 704 19.86 -38.08 4.40
C ASN A 704 19.39 -36.83 3.65
N ASP A 705 20.31 -35.92 3.37
CA ASP A 705 19.96 -34.66 2.73
C ASP A 705 19.85 -34.75 1.22
N PHE A 706 20.66 -35.58 0.58
CA PHE A 706 20.64 -35.67 -0.88
C PHE A 706 20.21 -37.04 -1.40
N ASP A 707 19.93 -37.99 -0.50
CA ASP A 707 19.51 -39.34 -0.90
C ASP A 707 20.61 -40.00 -1.74
N LEU A 708 21.86 -39.70 -1.40
CA LEU A 708 22.99 -40.24 -2.12
C LEU A 708 23.94 -41.00 -1.19
N ASP A 709 23.94 -42.32 -1.32
CA ASP A 709 24.79 -43.16 -0.50
C ASP A 709 26.12 -43.40 -1.19
N LEU A 710 27.15 -42.70 -0.72
CA LEU A 710 28.48 -42.82 -1.30
C LEU A 710 29.49 -43.26 -0.24
N PRO A 711 30.20 -44.37 -0.48
CA PRO A 711 31.21 -44.87 0.44
C PRO A 711 32.55 -44.14 0.25
N ILE A 712 32.56 -42.87 0.66
CA ILE A 712 33.74 -42.03 0.54
C ILE A 712 34.95 -42.64 1.23
N ALA A 713 34.73 -43.25 2.39
CA ALA A 713 35.81 -43.88 3.14
C ALA A 713 36.49 -44.95 2.29
N GLU A 714 35.68 -45.81 1.68
CA GLU A 714 36.18 -46.89 0.83
C GLU A 714 36.90 -46.34 -0.41
N TRP A 715 36.39 -45.23 -0.92
CA TRP A 715 36.97 -44.62 -2.10
C TRP A 715 38.40 -44.17 -1.85
N LEU A 716 38.61 -43.43 -0.75
CA LEU A 716 39.95 -42.95 -0.41
C LEU A 716 40.80 -44.09 0.17
N ASP A 717 40.13 -45.10 0.72
CA ASP A 717 40.81 -46.25 1.30
C ASP A 717 41.46 -47.10 0.22
N LYS A 718 40.69 -47.44 -0.80
CA LYS A 718 41.19 -48.26 -1.90
C LYS A 718 41.96 -47.43 -2.91
N GLU A 719 41.53 -46.19 -3.11
CA GLU A 719 42.18 -45.29 -4.04
C GLU A 719 42.71 -44.05 -3.32
N PRO A 720 43.95 -44.09 -2.83
CA PRO A 720 44.56 -42.95 -2.13
C PRO A 720 44.85 -41.79 -3.08
N GLU A 721 44.84 -42.10 -4.37
CA GLU A 721 45.10 -41.13 -5.42
C GLU A 721 43.92 -40.17 -5.58
N LEU A 722 42.83 -40.47 -4.88
CA LEU A 722 41.63 -39.63 -4.93
C LEU A 722 41.92 -38.27 -4.32
N HIS A 723 42.75 -38.28 -3.27
CA HIS A 723 43.13 -37.06 -2.55
C HIS A 723 41.90 -36.26 -2.12
N GLU A 724 41.58 -35.19 -2.84
CA GLU A 724 40.42 -34.37 -2.50
C GLU A 724 39.72 -33.90 -3.77
N GLU A 725 40.48 -33.29 -4.66
CA GLU A 725 39.96 -32.76 -5.92
C GLU A 725 39.26 -33.85 -6.73
N THR A 726 39.92 -34.99 -6.88
CA THR A 726 39.37 -36.11 -7.63
C THR A 726 38.14 -36.69 -6.93
N LEU A 727 38.09 -36.56 -5.60
CA LEU A 727 36.97 -37.06 -4.82
C LEU A 727 35.70 -36.29 -5.15
N ARG A 728 35.83 -34.97 -5.28
CA ARG A 728 34.70 -34.10 -5.60
C ARG A 728 34.10 -34.47 -6.94
N GLU A 729 34.95 -34.80 -7.89
CA GLU A 729 34.52 -35.18 -9.24
C GLU A 729 33.65 -36.43 -9.19
N ARG A 730 34.08 -37.38 -8.37
CA ARG A 730 33.35 -38.64 -8.21
C ARG A 730 31.97 -38.42 -7.60
N ILE A 731 31.92 -37.57 -6.59
CA ILE A 731 30.67 -37.28 -5.89
C ILE A 731 29.67 -36.62 -6.84
N LEU A 732 30.13 -35.60 -7.56
CA LEU A 732 29.27 -34.88 -8.49
C LEU A 732 28.81 -35.80 -9.63
N ALA A 733 29.75 -36.54 -10.21
CA ALA A 733 29.44 -37.46 -11.30
C ALA A 733 28.39 -38.49 -10.89
N GLN A 734 28.53 -39.01 -9.68
CA GLN A 734 27.60 -40.02 -9.18
C GLN A 734 26.20 -39.45 -9.00
N SER A 735 26.11 -38.20 -8.58
CA SER A 735 24.81 -37.57 -8.37
C SER A 735 24.05 -37.46 -9.69
N ILE A 736 24.80 -37.18 -10.76
CA ILE A 736 24.21 -37.07 -12.09
C ILE A 736 23.82 -38.44 -12.61
N GLU A 737 24.66 -39.43 -12.31
CA GLU A 737 24.41 -40.80 -12.73
C GLU A 737 23.08 -41.30 -12.15
N VAL A 738 22.91 -41.10 -10.85
CA VAL A 738 21.69 -41.51 -10.18
C VAL A 738 20.51 -40.67 -10.67
N TYR A 739 20.78 -39.41 -10.95
CA TYR A 739 19.76 -38.49 -11.44
C TYR A 739 19.19 -38.98 -12.76
N GLN A 740 20.07 -39.35 -13.68
CA GLN A 740 19.67 -39.85 -14.99
C GLN A 740 18.82 -41.11 -14.85
N ARG A 741 19.22 -41.99 -13.93
CA ARG A 741 18.50 -43.24 -13.69
C ARG A 741 17.08 -42.94 -13.20
N LYS A 742 16.97 -41.99 -12.28
CA LYS A 742 15.68 -41.60 -11.74
C LYS A 742 14.86 -40.86 -12.81
N GLU A 743 15.56 -40.05 -13.60
CA GLU A 743 14.95 -39.28 -14.66
C GLU A 743 14.28 -40.17 -15.71
N GLU A 744 14.96 -41.25 -16.08
CA GLU A 744 14.43 -42.19 -17.08
C GLU A 744 13.13 -42.84 -16.64
N VAL A 745 12.86 -42.83 -15.34
CA VAL A 745 11.64 -43.42 -14.82
C VAL A 745 10.47 -42.44 -14.93
N VAL A 746 10.72 -41.19 -14.59
CA VAL A 746 9.69 -40.16 -14.63
C VAL A 746 9.52 -39.61 -16.04
N GLY A 747 10.63 -39.48 -16.76
CA GLY A 747 10.59 -38.95 -18.10
C GLY A 747 11.43 -37.69 -18.20
N ALA A 748 12.24 -37.60 -19.24
CA ALA A 748 13.13 -36.45 -19.45
C ALA A 748 12.34 -35.14 -19.44
N GLU A 749 11.39 -35.01 -20.35
CA GLU A 749 10.57 -33.80 -20.45
C GLU A 749 9.74 -33.59 -19.19
N MET A 750 9.27 -34.69 -18.61
CA MET A 750 8.47 -34.62 -17.40
C MET A 750 9.28 -34.08 -16.23
N MET A 751 10.53 -34.53 -16.13
CA MET A 751 11.41 -34.09 -15.07
C MET A 751 11.66 -32.58 -15.16
N ARG A 752 11.82 -32.08 -16.38
CA ARG A 752 12.05 -30.66 -16.59
C ARG A 752 10.88 -29.85 -16.05
N HIS A 753 9.68 -30.38 -16.26
CA HIS A 753 8.47 -29.73 -15.77
C HIS A 753 8.40 -29.82 -14.25
N PHE A 754 8.85 -30.96 -13.73
CA PHE A 754 8.86 -31.21 -12.30
C PHE A 754 9.85 -30.28 -11.61
N GLU A 755 11.06 -30.18 -12.17
CA GLU A 755 12.10 -29.32 -11.62
C GLU A 755 11.62 -27.88 -11.58
N LYS A 756 11.00 -27.42 -12.66
CA LYS A 756 10.47 -26.07 -12.74
C LYS A 756 9.42 -25.84 -11.67
N GLY A 757 8.51 -26.80 -11.52
CA GLY A 757 7.45 -26.70 -10.53
C GLY A 757 8.00 -26.63 -9.11
N VAL A 758 8.93 -27.52 -8.80
CA VAL A 758 9.53 -27.57 -7.47
C VAL A 758 10.25 -26.25 -7.17
N MET A 759 10.99 -25.75 -8.15
CA MET A 759 11.73 -24.50 -7.99
C MET A 759 10.79 -23.35 -7.61
N LEU A 760 9.71 -23.22 -8.37
CA LEU A 760 8.72 -22.16 -8.13
C LEU A 760 8.11 -22.27 -6.74
N GLN A 761 7.71 -23.48 -6.37
CA GLN A 761 7.09 -23.72 -5.07
C GLN A 761 8.07 -23.39 -3.94
N THR A 762 9.31 -23.84 -4.08
CA THR A 762 10.34 -23.59 -3.06
C THR A 762 10.59 -22.09 -2.92
N LEU A 763 10.58 -21.38 -4.04
CA LEU A 763 10.80 -19.94 -4.05
C LEU A 763 9.73 -19.23 -3.21
N ASP A 764 8.47 -19.54 -3.51
CA ASP A 764 7.34 -18.95 -2.80
C ASP A 764 7.36 -19.30 -1.32
N SER A 765 7.68 -20.55 -1.03
CA SER A 765 7.71 -21.02 0.34
C SER A 765 8.72 -20.24 1.18
N LEU A 766 9.96 -20.16 0.72
CA LEU A 766 11.01 -19.44 1.45
C LEU A 766 10.74 -17.94 1.47
N TRP A 767 10.05 -17.45 0.44
CA TRP A 767 9.71 -16.03 0.37
C TRP A 767 8.83 -15.64 1.54
N LYS A 768 7.88 -16.51 1.85
CA LYS A 768 6.96 -16.27 2.97
C LYS A 768 7.76 -16.19 4.26
N GLU A 769 8.67 -17.14 4.45
CA GLU A 769 9.51 -17.19 5.65
C GLU A 769 10.26 -15.87 5.80
N HIS A 770 10.78 -15.38 4.69
CA HIS A 770 11.52 -14.13 4.69
C HIS A 770 10.60 -12.97 5.05
N LEU A 771 9.43 -12.92 4.44
CA LEU A 771 8.46 -11.86 4.71
C LEU A 771 8.07 -11.83 6.18
N ALA A 772 7.76 -13.01 6.73
CA ALA A 772 7.37 -13.12 8.12
C ALA A 772 8.50 -12.69 9.04
N ALA A 773 9.71 -13.17 8.73
CA ALA A 773 10.89 -12.85 9.53
C ALA A 773 11.18 -11.34 9.52
N MET A 774 10.90 -10.70 8.38
CA MET A 774 11.15 -9.26 8.23
C MET A 774 10.39 -8.47 9.29
N ASP A 775 9.08 -8.73 9.42
CA ASP A 775 8.27 -8.02 10.40
C ASP A 775 8.57 -8.50 11.81
N TYR A 776 8.85 -9.80 11.93
CA TYR A 776 9.18 -10.40 13.22
C TYR A 776 10.39 -9.70 13.84
N LEU A 777 11.34 -9.31 12.99
CA LEU A 777 12.54 -8.63 13.44
C LEU A 777 12.32 -7.12 13.49
N ARG A 778 11.46 -6.64 12.58
CA ARG A 778 11.13 -5.22 12.50
C ARG A 778 10.59 -4.70 13.83
N GLN A 779 9.67 -5.47 14.41
CA GLN A 779 9.07 -5.10 15.69
C GLN A 779 10.04 -5.34 16.85
N GLY A 780 11.20 -5.89 16.53
CA GLY A 780 12.22 -6.17 17.53
C GLY A 780 13.27 -5.08 17.58
N ILE A 781 13.25 -4.20 16.58
CA ILE A 781 14.20 -3.09 16.52
C ILE A 781 13.82 -2.04 17.55
N HIS A 782 14.32 -2.25 18.76
CA HIS A 782 14.08 -1.37 19.89
C HIS A 782 14.94 -1.81 21.05
N LEU A 783 15.20 -3.12 21.10
CA LEU A 783 16.03 -3.69 22.16
C LEU A 783 17.37 -4.12 21.57
N ARG A 784 17.34 -4.70 20.39
CA ARG A 784 18.54 -5.16 19.71
C ARG A 784 19.32 -3.97 19.16
N GLY A 785 20.60 -3.90 19.49
CA GLY A 785 21.44 -2.81 19.01
C GLY A 785 22.24 -2.19 20.13
N TYR A 786 22.97 -1.13 19.81
CA TYR A 786 23.79 -0.43 20.79
C TYR A 786 23.95 1.04 20.41
N ALA A 787 24.72 1.78 21.20
CA ALA A 787 24.94 3.20 20.95
C ALA A 787 25.87 3.44 19.76
N GLN A 788 25.76 4.63 19.16
CA GLN A 788 26.57 5.01 18.02
C GLN A 788 26.25 4.15 16.80
N LYS A 789 24.99 3.78 16.67
CA LYS A 789 24.54 2.96 15.56
C LYS A 789 23.10 3.28 15.19
N ASP A 790 22.86 3.49 13.92
CA ASP A 790 21.51 3.81 13.43
C ASP A 790 20.68 2.53 13.37
N PRO A 791 19.47 2.56 13.98
CA PRO A 791 18.57 1.40 14.02
C PRO A 791 18.18 0.88 12.63
N LYS A 792 17.95 1.80 11.70
CA LYS A 792 17.56 1.43 10.34
C LYS A 792 18.72 0.74 9.65
N GLN A 793 19.92 1.29 9.82
CA GLN A 793 21.12 0.72 9.20
C GLN A 793 21.40 -0.66 9.77
N GLU A 794 21.19 -0.81 11.08
CA GLU A 794 21.41 -2.09 11.75
C GLU A 794 20.42 -3.12 11.23
N TYR A 795 19.15 -2.72 11.15
CA TYR A 795 18.09 -3.60 10.67
C TYR A 795 18.39 -4.05 9.24
N LYS A 796 18.93 -3.13 8.46
CA LYS A 796 19.28 -3.43 7.07
C LYS A 796 20.28 -4.56 7.00
N ARG A 797 21.32 -4.50 7.82
CA ARG A 797 22.35 -5.54 7.85
C ARG A 797 21.71 -6.89 8.16
N GLU A 798 20.87 -6.90 9.19
CA GLU A 798 20.17 -8.10 9.60
C GLU A 798 19.31 -8.66 8.47
N SER A 799 18.60 -7.76 7.78
CA SER A 799 17.74 -8.14 6.68
C SER A 799 18.54 -8.66 5.48
N PHE A 800 19.69 -8.04 5.23
CA PHE A 800 20.55 -8.45 4.12
C PHE A 800 21.14 -9.83 4.39
N SER A 801 21.55 -10.06 5.64
CA SER A 801 22.11 -11.35 6.03
C SER A 801 21.03 -12.41 5.93
N MET A 802 19.81 -12.06 6.33
CA MET A 802 18.67 -12.96 6.27
C MET A 802 18.36 -13.34 4.82
N PHE A 803 18.56 -12.40 3.92
CA PHE A 803 18.32 -12.62 2.50
C PHE A 803 19.35 -13.58 1.92
N ALA A 804 20.61 -13.36 2.25
CA ALA A 804 21.70 -14.20 1.79
C ALA A 804 21.53 -15.63 2.27
N ALA A 805 21.32 -15.79 3.58
CA ALA A 805 21.13 -17.11 4.17
C ALA A 805 19.92 -17.81 3.57
N MET A 806 18.92 -17.03 3.19
CA MET A 806 17.71 -17.57 2.57
C MET A 806 18.05 -18.19 1.22
N LEU A 807 18.78 -17.42 0.40
CA LEU A 807 19.17 -17.88 -0.93
C LEU A 807 20.04 -19.13 -0.84
N GLU A 808 20.94 -19.14 0.13
CA GLU A 808 21.84 -20.27 0.34
C GLU A 808 21.05 -21.55 0.64
N SER A 809 20.03 -21.41 1.46
CA SER A 809 19.20 -22.55 1.83
C SER A 809 18.25 -22.92 0.68
N LEU A 810 17.89 -21.91 -0.11
CA LEU A 810 17.00 -22.09 -1.25
C LEU A 810 17.60 -23.07 -2.25
N LYS A 811 18.77 -22.72 -2.79
CA LYS A 811 19.45 -23.57 -3.77
C LYS A 811 19.74 -24.95 -3.19
N TYR A 812 20.00 -24.98 -1.89
CA TYR A 812 20.30 -26.22 -1.19
C TYR A 812 19.11 -27.19 -1.24
N GLU A 813 17.97 -26.74 -0.75
CA GLU A 813 16.77 -27.58 -0.71
C GLU A 813 16.28 -27.92 -2.11
N VAL A 814 16.43 -26.99 -3.06
CA VAL A 814 16.00 -27.23 -4.42
C VAL A 814 16.70 -28.46 -5.00
N ILE A 815 18.03 -28.46 -4.93
CA ILE A 815 18.82 -29.58 -5.45
C ILE A 815 18.53 -30.85 -4.65
N SER A 816 18.39 -30.69 -3.35
CA SER A 816 18.11 -31.82 -2.47
C SER A 816 16.77 -32.47 -2.81
N THR A 817 15.72 -31.65 -2.92
CA THR A 817 14.38 -32.15 -3.23
C THR A 817 14.35 -32.90 -4.56
N LEU A 818 15.03 -32.36 -5.56
CA LEU A 818 15.07 -32.99 -6.89
C LEU A 818 15.76 -34.35 -6.85
N SER A 819 16.62 -34.53 -5.85
CA SER A 819 17.35 -35.78 -5.70
C SER A 819 16.62 -36.70 -4.72
N LYS A 820 15.79 -36.10 -3.88
CA LYS A 820 15.03 -36.84 -2.86
C LYS A 820 13.87 -37.61 -3.49
N VAL A 821 13.60 -37.36 -4.76
CA VAL A 821 12.51 -38.03 -5.46
C VAL A 821 12.71 -39.56 -5.40
N GLN A 822 11.70 -40.26 -4.93
CA GLN A 822 11.76 -41.71 -4.79
C GLN A 822 10.95 -42.39 -5.89
N VAL A 823 11.65 -43.13 -6.74
CA VAL A 823 11.03 -43.85 -7.82
C VAL A 823 11.68 -45.22 -7.94
N ARG A 824 10.97 -46.19 -8.51
CA ARG A 824 11.50 -47.53 -8.67
C ARG A 824 12.73 -47.51 -9.57
N MET A 825 13.72 -48.31 -9.23
CA MET A 825 14.95 -48.37 -10.01
C MET A 825 14.83 -49.42 -11.11
N PRO A 826 14.97 -48.99 -12.37
CA PRO A 826 14.88 -49.90 -13.52
C PRO A 826 16.14 -50.73 -13.68
N GLU A 827 16.02 -51.84 -14.39
CA GLU A 827 17.15 -52.72 -14.61
C GLU A 827 17.99 -52.21 -15.77
N GLU A 828 19.20 -51.79 -15.48
CA GLU A 828 20.10 -51.28 -16.50
C GLU A 828 20.97 -52.40 -17.03
N MET B 1 33.79 -33.50 32.01
CA MET B 1 33.59 -34.65 31.08
C MET B 1 33.39 -34.15 29.66
N MET B 2 33.73 -34.99 28.69
CA MET B 2 33.58 -34.63 27.29
C MET B 2 32.16 -34.92 26.83
N ILE B 3 31.36 -33.86 26.69
CA ILE B 3 29.98 -34.01 26.26
C ILE B 3 29.76 -33.26 24.95
N THR B 4 30.04 -33.93 23.85
CA THR B 4 29.88 -33.35 22.53
C THR B 4 28.67 -33.96 21.83
N LEU B 5 27.52 -33.32 21.95
CA LEU B 5 26.29 -33.80 21.33
C LEU B 5 26.26 -33.43 19.85
N ARG B 6 26.84 -34.29 19.03
CA ARG B 6 26.88 -34.06 17.59
C ARG B 6 25.71 -34.76 16.91
N LYS B 7 25.03 -34.03 16.02
CA LYS B 7 23.88 -34.57 15.30
C LYS B 7 24.10 -34.43 13.80
N ARG B 8 23.51 -35.32 13.02
CA ARG B 8 23.65 -35.26 11.57
C ARG B 8 22.29 -35.43 10.90
N ARG B 9 21.52 -36.39 11.39
CA ARG B 9 20.18 -36.63 10.86
C ARG B 9 19.21 -35.65 11.49
N LYS B 10 18.82 -34.65 10.74
CA LYS B 10 17.91 -33.62 11.22
C LYS B 10 16.51 -33.83 10.67
N LEU B 11 15.54 -33.24 11.33
CA LEU B 11 14.14 -33.34 10.91
C LEU B 11 13.69 -32.01 10.33
N PRO B 12 13.57 -31.92 8.99
CA PRO B 12 13.15 -30.69 8.32
C PRO B 12 11.65 -30.46 8.43
N LEU B 13 10.99 -31.33 9.18
CA LEU B 13 9.54 -31.24 9.38
C LEU B 13 9.16 -29.95 10.09
N ALA B 14 10.06 -29.44 10.92
CA ALA B 14 9.83 -28.21 11.66
C ALA B 14 9.67 -27.01 10.72
N VAL B 15 10.56 -26.91 9.75
CA VAL B 15 10.51 -25.81 8.79
C VAL B 15 9.55 -26.13 7.65
N ALA B 16 9.23 -27.41 7.49
CA ALA B 16 8.31 -27.84 6.44
C ALA B 16 6.93 -27.27 6.67
N VAL B 17 6.57 -27.13 7.94
CA VAL B 17 5.27 -26.56 8.31
C VAL B 17 5.21 -25.10 7.90
N ALA B 18 6.28 -24.37 8.20
CA ALA B 18 6.37 -22.96 7.87
C ALA B 18 6.28 -22.76 6.37
N ALA B 19 7.07 -23.54 5.64
CA ALA B 19 7.09 -23.46 4.18
C ALA B 19 5.75 -23.90 3.59
N GLY B 20 5.10 -24.84 4.28
CA GLY B 20 3.82 -25.35 3.85
C GLY B 20 2.73 -24.30 3.89
N VAL B 21 2.94 -23.27 4.72
CA VAL B 21 1.97 -22.18 4.85
C VAL B 21 1.70 -21.51 3.50
N MET B 22 2.75 -21.38 2.69
CA MET B 22 2.63 -20.76 1.38
C MET B 22 2.22 -21.78 0.32
N SER B 23 2.37 -23.05 0.66
CA SER B 23 2.03 -24.13 -0.25
C SER B 23 0.55 -24.51 -0.11
N ALA B 24 -0.32 -23.69 -0.69
CA ALA B 24 -1.75 -23.93 -0.65
C ALA B 24 -2.16 -25.04 -1.61
N GLN B 25 -1.74 -26.26 -1.30
CA GLN B 25 -2.05 -27.42 -2.13
C GLN B 25 -3.43 -27.96 -1.79
N ALA B 26 -4.47 -27.23 -2.17
CA ALA B 26 -5.84 -27.66 -1.89
C ALA B 26 -6.44 -28.40 -3.08
N MET B 27 -5.74 -28.36 -4.20
CA MET B 27 -6.22 -29.02 -5.42
C MET B 27 -5.37 -30.25 -5.71
N ALA B 28 -5.72 -31.37 -5.08
CA ALA B 28 -4.99 -32.61 -5.27
C ALA B 28 -5.73 -33.52 -6.23
#